data_7DME
#
_entry.id   7DME
#
_entity_poly.entity_id   1
_entity_poly.type   'polypeptide(L)'
_entity_poly.pdbx_seq_one_letter_code
;TERDASNWSTDKLKTLFLAVQVQNEEGKCEVTEVSKLDGEASINNRKGKLIFFYEWSVKLNWTGTSKSGVQYKGHVEIPN
LSDENSVDEVEISVSLAKDEPDTNLVALMKEEGVKLLREAMGIYISTLKTEFTQGMILPTMNGESVDPVGQPALKTEERK
AKPAPSKTQARPVGVKIPTCKITLKETFLTSPEELYRVFTTQELVQAFTHAPATLEADRGGKFHMVDGNVSGEFTDLVPE
KHIVMKWRFKSWPEGHFATITLTFIDKNGETELCMEGRGIPAPEEERTRQGWQRYYFEGIKQTFGYGA
;
_entity_poly.pdbx_strand_id   A
#
# COMPACT_ATOMS: atom_id res chain seq x y z
N THR A 1 -7.26 -9.83 24.23
CA THR A 1 -7.30 -8.38 24.35
C THR A 1 -6.03 -7.76 23.78
N GLU A 2 -6.18 -6.93 22.75
CA GLU A 2 -5.05 -6.27 22.13
C GLU A 2 -4.98 -4.80 22.54
N ARG A 3 -3.76 -4.27 22.61
CA ARG A 3 -3.58 -2.87 22.97
C ARG A 3 -3.08 -2.08 21.77
N ASP A 4 -3.57 -0.86 21.63
CA ASP A 4 -3.14 -0.03 20.52
C ASP A 4 -1.79 0.59 20.81
N ALA A 5 -0.74 -0.02 20.28
CA ALA A 5 0.61 0.47 20.49
C ALA A 5 0.77 1.88 19.94
N SER A 6 0.43 2.87 20.76
CA SER A 6 0.53 4.27 20.34
C SER A 6 1.97 4.76 20.46
N ASN A 7 2.77 4.09 21.29
CA ASN A 7 4.15 4.50 21.47
C ASN A 7 4.89 4.55 20.14
N TRP A 8 4.71 3.52 19.32
CA TRP A 8 5.35 3.49 18.01
C TRP A 8 4.67 4.45 17.05
N SER A 9 3.39 4.73 17.29
CA SER A 9 2.65 5.63 16.44
C SER A 9 3.30 7.00 16.42
N THR A 10 3.06 7.79 17.45
CA THR A 10 3.66 9.11 17.51
C THR A 10 5.13 9.03 17.13
N ASP A 11 5.83 8.05 17.68
CA ASP A 11 7.26 7.90 17.39
C ASP A 11 7.56 8.06 15.90
N LYS A 12 6.90 7.28 15.05
CA LYS A 12 7.13 7.35 13.62
C LYS A 12 6.31 8.47 12.99
N LEU A 13 5.01 8.47 13.26
CA LEU A 13 4.14 9.50 12.69
C LEU A 13 4.65 10.89 13.03
N LYS A 14 5.10 11.10 14.27
CA LYS A 14 5.61 12.42 14.65
C LYS A 14 6.89 12.70 13.87
N THR A 15 7.76 11.71 13.79
CA THR A 15 9.01 11.87 13.06
C THR A 15 8.72 12.12 11.59
N LEU A 16 7.85 11.29 11.04
CA LEU A 16 7.46 11.41 9.64
C LEU A 16 6.88 12.80 9.40
N PHE A 17 6.23 13.34 10.42
CA PHE A 17 5.65 14.68 10.32
C PHE A 17 6.75 15.73 10.46
N LEU A 18 7.68 15.49 11.37
CA LEU A 18 8.80 16.41 11.58
C LEU A 18 9.87 16.13 10.54
N ALA A 19 9.54 15.26 9.60
CA ALA A 19 10.47 14.90 8.55
C ALA A 19 9.96 15.39 7.21
N VAL A 20 8.97 16.27 7.25
CA VAL A 20 8.41 16.81 6.03
C VAL A 20 9.56 17.31 5.16
N GLN A 21 9.55 16.92 3.91
CA GLN A 21 10.61 17.32 3.00
C GLN A 21 10.21 18.42 2.05
N VAL A 22 11.21 19.15 1.60
CA VAL A 22 11.00 20.27 0.70
C VAL A 22 11.56 19.97 -0.69
N GLN A 23 10.88 20.53 -1.69
CA GLN A 23 11.30 20.38 -3.07
C GLN A 23 11.96 21.69 -3.51
N ASN A 24 11.39 22.32 -4.53
CA ASN A 24 11.92 23.58 -5.02
C ASN A 24 11.18 24.74 -4.38
N GLU A 25 11.76 25.94 -4.42
CA GLU A 25 11.12 27.10 -3.83
C GLU A 25 9.71 27.25 -4.37
N GLU A 26 9.48 26.75 -5.57
CA GLU A 26 8.17 26.81 -6.19
C GLU A 26 7.15 26.06 -5.34
N GLY A 27 7.54 24.87 -4.91
CA GLY A 27 6.68 24.04 -4.08
C GLY A 27 7.49 23.31 -3.03
N LYS A 28 8.03 24.08 -2.08
CA LYS A 28 8.84 23.50 -1.01
C LYS A 28 8.01 23.30 0.24
N CYS A 29 8.46 22.41 1.12
CA CYS A 29 7.74 22.15 2.36
C CYS A 29 8.70 21.90 3.50
N GLU A 30 8.43 22.52 4.64
CA GLU A 30 9.30 22.33 5.81
C GLU A 30 8.45 22.26 7.09
N VAL A 31 8.81 21.36 7.98
CA VAL A 31 8.07 21.25 9.25
C VAL A 31 8.70 22.12 10.32
N THR A 32 7.87 22.86 11.05
CA THR A 32 8.36 23.72 12.11
C THR A 32 8.17 23.06 13.47
N GLU A 33 7.08 22.32 13.61
CA GLU A 33 6.78 21.63 14.87
C GLU A 33 5.53 20.78 14.73
N VAL A 34 5.58 19.59 15.32
CA VAL A 34 4.45 18.67 15.27
C VAL A 34 4.07 18.21 16.68
N SER A 35 2.79 18.20 16.98
CA SER A 35 2.34 17.78 18.30
C SER A 35 2.34 16.26 18.40
N LYS A 36 1.21 15.64 18.06
CA LYS A 36 1.07 14.19 18.11
C LYS A 36 -0.41 13.83 18.05
N LEU A 37 -0.71 12.63 17.59
CA LEU A 37 -2.11 12.19 17.51
C LEU A 37 -2.72 12.14 18.90
N ASP A 38 -3.54 13.13 19.24
CA ASP A 38 -4.17 13.17 20.55
C ASP A 38 -5.58 12.60 20.48
N GLY A 39 -5.80 11.46 21.12
CA GLY A 39 -7.11 10.85 21.11
C GLY A 39 -7.07 9.46 21.72
N GLU A 40 -8.20 8.76 21.66
CA GLU A 40 -8.28 7.41 22.20
C GLU A 40 -8.46 6.40 21.06
N ALA A 41 -7.67 5.34 21.09
CA ALA A 41 -7.76 4.33 20.04
C ALA A 41 -7.67 2.91 20.62
N SER A 42 -8.28 1.96 19.92
CA SER A 42 -8.25 0.57 20.37
C SER A 42 -8.45 -0.40 19.20
N ILE A 43 -7.74 -1.51 19.24
CA ILE A 43 -7.83 -2.55 18.20
C ILE A 43 -7.95 -3.92 18.85
N ASN A 44 -8.56 -4.88 18.16
CA ASN A 44 -8.73 -6.22 18.71
C ASN A 44 -8.27 -7.29 17.74
N ASN A 45 -7.37 -8.17 18.20
CA ASN A 45 -6.88 -9.24 17.36
C ASN A 45 -6.01 -10.22 18.13
N ARG A 46 -5.76 -11.38 17.51
CA ARG A 46 -4.95 -12.40 18.15
C ARG A 46 -4.45 -13.41 17.11
N LYS A 47 -3.74 -12.91 16.11
CA LYS A 47 -3.19 -13.77 15.06
C LYS A 47 -4.27 -14.36 14.16
N GLY A 48 -4.99 -13.48 13.44
CA GLY A 48 -6.04 -13.95 12.54
C GLY A 48 -7.36 -13.22 12.75
N LYS A 49 -7.31 -12.02 13.30
CA LYS A 49 -8.52 -11.25 13.54
C LYS A 49 -8.18 -9.77 13.69
N LEU A 50 -7.96 -9.08 12.58
CA LEU A 50 -7.62 -7.66 12.65
C LEU A 50 -8.84 -6.77 12.45
N ILE A 51 -9.20 -6.04 13.49
CA ILE A 51 -10.31 -5.10 13.43
C ILE A 51 -9.85 -3.78 14.02
N PHE A 52 -10.09 -2.68 13.32
CA PHE A 52 -9.63 -1.40 13.81
C PHE A 52 -10.79 -0.45 14.10
N PHE A 53 -10.78 0.10 15.31
CA PHE A 53 -11.80 1.05 15.74
C PHE A 53 -11.15 2.12 16.62
N TYR A 54 -11.08 3.35 16.13
CA TYR A 54 -10.46 4.41 16.91
C TYR A 54 -11.01 5.79 16.54
N GLU A 55 -10.64 6.79 17.33
CA GLU A 55 -11.09 8.16 17.11
C GLU A 55 -10.06 9.14 17.69
N TRP A 56 -9.22 9.70 16.82
CA TRP A 56 -8.21 10.65 17.28
C TRP A 56 -7.91 11.71 16.22
N SER A 57 -7.21 12.76 16.63
CA SER A 57 -6.85 13.84 15.72
C SER A 57 -5.39 14.21 15.90
N VAL A 58 -4.79 14.77 14.86
CA VAL A 58 -3.38 15.18 14.92
C VAL A 58 -3.26 16.64 14.51
N LYS A 59 -2.36 17.37 15.17
CA LYS A 59 -2.19 18.78 14.89
C LYS A 59 -0.72 19.14 14.68
N LEU A 60 -0.41 19.73 13.52
CA LEU A 60 0.97 20.14 13.23
C LEU A 60 0.99 21.38 12.34
N ASN A 61 2.20 21.89 12.09
CA ASN A 61 2.34 23.09 11.25
C ASN A 61 3.60 23.00 10.38
N TRP A 62 3.58 23.64 9.21
CA TRP A 62 4.73 23.63 8.32
C TRP A 62 4.90 24.97 7.61
N THR A 63 6.00 25.10 6.86
CA THR A 63 6.28 26.33 6.13
C THR A 63 6.50 26.04 4.65
N GLY A 64 6.06 26.97 3.81
CA GLY A 64 6.21 26.81 2.36
C GLY A 64 6.67 28.13 1.72
N THR A 65 7.83 28.09 1.07
CA THR A 65 8.37 29.28 0.42
C THR A 65 8.02 29.28 -1.06
N SER A 66 7.90 30.48 -1.64
CA SER A 66 7.58 30.60 -3.05
C SER A 66 8.65 31.38 -3.80
N LYS A 67 8.81 31.09 -5.09
CA LYS A 67 9.80 31.79 -5.89
C LYS A 67 9.58 33.29 -5.81
N SER A 68 8.33 33.68 -5.56
CA SER A 68 8.00 35.09 -5.45
C SER A 68 8.79 35.71 -4.30
N GLY A 69 9.20 34.87 -3.35
CA GLY A 69 9.97 35.33 -2.21
C GLY A 69 9.10 35.42 -0.97
N VAL A 70 7.98 34.72 -0.97
CA VAL A 70 7.08 34.75 0.17
C VAL A 70 7.06 33.43 0.92
N GLN A 71 7.18 33.53 2.24
CA GLN A 71 7.14 32.35 3.11
C GLN A 71 5.89 32.44 3.98
N TYR A 72 5.23 31.31 4.19
CA TYR A 72 4.04 31.31 5.01
C TYR A 72 3.94 30.01 5.79
N LYS A 73 3.53 30.13 7.04
CA LYS A 73 3.39 28.97 7.88
C LYS A 73 1.92 28.63 8.05
N GLY A 74 1.51 27.53 7.43
CA GLY A 74 0.12 27.09 7.49
C GLY A 74 -0.11 26.11 8.61
N HIS A 75 -1.37 25.75 8.83
CA HIS A 75 -1.74 24.80 9.86
C HIS A 75 -2.52 23.65 9.27
N VAL A 76 -2.30 22.45 9.81
CA VAL A 76 -3.01 21.27 9.34
C VAL A 76 -3.51 20.46 10.52
N GLU A 77 -4.74 19.99 10.44
CA GLU A 77 -5.29 19.21 11.54
C GLU A 77 -6.43 18.31 11.05
N ILE A 78 -6.32 17.02 11.33
CA ILE A 78 -7.35 16.07 10.92
C ILE A 78 -8.19 15.67 12.13
N PRO A 79 -9.49 15.91 12.11
CA PRO A 79 -10.35 15.56 13.26
C PRO A 79 -10.31 14.07 13.64
N ASN A 80 -11.40 13.59 14.22
CA ASN A 80 -11.49 12.21 14.68
C ASN A 80 -11.75 11.22 13.53
N LEU A 81 -11.21 11.49 12.34
CA LEU A 81 -11.42 10.58 11.22
C LEU A 81 -11.00 9.17 11.62
N SER A 82 -11.74 8.18 11.13
CA SER A 82 -11.44 6.80 11.45
C SER A 82 -10.62 6.14 10.34
N ASP A 83 -9.49 5.57 10.72
CA ASP A 83 -8.61 4.90 9.77
C ASP A 83 -9.11 3.50 9.41
N GLU A 84 -10.28 3.14 9.94
CA GLU A 84 -10.85 1.82 9.66
C GLU A 84 -11.09 1.68 8.16
N ASN A 85 -11.31 2.82 7.53
CA ASN A 85 -11.52 2.89 6.09
C ASN A 85 -10.23 3.32 5.41
N SER A 86 -10.27 3.54 4.10
CA SER A 86 -9.08 3.96 3.41
C SER A 86 -8.44 5.12 4.17
N VAL A 87 -7.28 4.85 4.77
CA VAL A 87 -6.59 5.86 5.57
C VAL A 87 -6.16 7.04 4.72
N ASP A 88 -5.69 6.77 3.51
CA ASP A 88 -5.24 7.83 2.63
C ASP A 88 -6.37 8.79 2.28
N GLU A 89 -7.60 8.29 2.25
CA GLU A 89 -8.75 9.13 1.92
C GLU A 89 -9.15 9.98 3.13
N VAL A 90 -8.42 9.80 4.24
CA VAL A 90 -8.73 10.55 5.45
C VAL A 90 -8.73 12.04 5.19
N GLU A 91 -9.74 12.71 5.74
CA GLU A 91 -9.88 14.15 5.56
C GLU A 91 -8.86 14.90 6.41
N ILE A 92 -7.97 15.60 5.74
CA ILE A 92 -6.94 16.37 6.41
C ILE A 92 -7.18 17.86 6.17
N SER A 93 -7.09 18.66 7.23
CA SER A 93 -7.29 20.10 7.11
C SER A 93 -6.01 20.77 6.68
N VAL A 94 -6.12 21.74 5.79
CA VAL A 94 -4.93 22.45 5.30
C VAL A 94 -5.17 23.96 5.30
N SER A 95 -4.13 24.72 5.65
CA SER A 95 -4.21 26.17 5.67
C SER A 95 -2.86 26.78 5.32
N LEU A 96 -2.39 26.47 4.12
CA LEU A 96 -1.10 26.97 3.67
C LEU A 96 -1.22 27.61 2.29
N ALA A 97 -0.44 28.67 2.08
CA ALA A 97 -0.42 29.36 0.80
C ALA A 97 -1.75 30.05 0.50
N LYS A 98 -2.83 29.55 1.08
CA LYS A 98 -4.15 30.15 0.85
C LYS A 98 -4.15 31.62 1.26
N ASP A 99 -3.39 31.94 2.31
CA ASP A 99 -3.33 33.31 2.80
C ASP A 99 -2.30 34.14 2.03
N GLU A 100 -1.37 33.47 1.35
CA GLU A 100 -0.33 34.18 0.61
C GLU A 100 -0.38 33.86 -0.89
N PRO A 101 0.14 34.75 -1.71
CA PRO A 101 0.18 34.56 -3.19
C PRO A 101 0.72 33.19 -3.61
N ASP A 102 1.29 32.47 -2.64
CA ASP A 102 1.87 31.16 -2.93
C ASP A 102 0.80 30.18 -3.45
N THR A 103 -0.38 30.22 -2.83
CA THR A 103 -1.51 29.35 -3.21
C THR A 103 -1.06 28.05 -3.92
N ASN A 104 -0.68 28.17 -5.19
CA ASN A 104 -0.26 27.01 -5.96
C ASN A 104 0.69 26.13 -5.14
N LEU A 105 1.51 26.77 -4.31
CA LEU A 105 2.45 26.03 -3.49
C LEU A 105 1.75 24.92 -2.71
N VAL A 106 0.64 25.25 -2.05
CA VAL A 106 -0.10 24.26 -1.29
C VAL A 106 -0.63 23.16 -2.19
N ALA A 107 -0.95 23.51 -3.43
CA ALA A 107 -1.45 22.51 -4.37
C ALA A 107 -0.50 21.33 -4.39
N LEU A 108 0.79 21.62 -4.44
CA LEU A 108 1.79 20.58 -4.43
C LEU A 108 1.79 19.85 -3.10
N MET A 109 1.63 20.64 -2.02
CA MET A 109 1.60 20.06 -0.68
C MET A 109 0.44 19.08 -0.59
N LYS A 110 -0.64 19.40 -1.30
CA LYS A 110 -1.80 18.52 -1.30
C LYS A 110 -1.43 17.19 -1.95
N GLU A 111 -0.48 17.22 -2.87
CA GLU A 111 -0.06 15.99 -3.54
C GLU A 111 1.35 15.57 -3.08
N GLU A 112 1.90 16.30 -2.10
CA GLU A 112 3.23 15.97 -1.58
C GLU A 112 3.27 16.10 -0.06
N GLY A 113 2.61 17.12 0.46
CA GLY A 113 2.59 17.35 1.90
C GLY A 113 1.68 16.34 2.58
N VAL A 114 0.38 16.44 2.33
CA VAL A 114 -0.55 15.51 2.92
C VAL A 114 -0.18 14.11 2.47
N LYS A 115 0.42 14.02 1.29
CA LYS A 115 0.85 12.74 0.75
C LYS A 115 1.86 12.11 1.69
N LEU A 116 2.85 12.89 2.12
CA LEU A 116 3.85 12.37 3.04
C LEU A 116 3.16 11.71 4.21
N LEU A 117 2.06 12.31 4.65
CA LEU A 117 1.28 11.77 5.75
C LEU A 117 0.68 10.44 5.33
N ARG A 118 0.39 10.31 4.03
CA ARG A 118 -0.18 9.08 3.52
C ARG A 118 0.74 7.93 3.91
N GLU A 119 2.04 8.19 3.83
CA GLU A 119 3.02 7.18 4.21
C GLU A 119 2.96 6.97 5.72
N ALA A 120 2.63 8.05 6.45
CA ALA A 120 2.52 7.95 7.89
C ALA A 120 1.42 6.96 8.25
N MET A 121 0.42 6.88 7.38
CA MET A 121 -0.68 5.96 7.60
C MET A 121 -0.21 4.52 7.39
N GLY A 122 0.74 4.34 6.47
CA GLY A 122 1.26 3.01 6.16
C GLY A 122 1.83 2.33 7.41
N ILE A 123 2.76 3.00 8.08
CA ILE A 123 3.37 2.45 9.28
C ILE A 123 2.35 2.41 10.42
N TYR A 124 1.44 3.37 10.41
CA TYR A 124 0.43 3.42 11.45
C TYR A 124 -0.34 2.12 11.48
N ILE A 125 -0.71 1.65 10.31
CA ILE A 125 -1.43 0.40 10.18
C ILE A 125 -0.52 -0.78 10.42
N SER A 126 0.62 -0.77 9.72
CA SER A 126 1.58 -1.86 9.80
C SER A 126 2.30 -1.92 11.16
N THR A 127 3.00 -0.85 11.51
CA THR A 127 3.75 -0.84 12.77
C THR A 127 2.85 -1.11 13.96
N LEU A 128 1.68 -0.47 13.98
CA LEU A 128 0.76 -0.65 15.10
C LEU A 128 0.40 -2.13 15.29
N LYS A 129 0.21 -2.86 14.19
CA LYS A 129 -0.15 -4.28 14.30
C LYS A 129 1.01 -5.19 13.92
N THR A 130 2.11 -4.63 13.44
CA THR A 130 3.26 -5.44 13.06
C THR A 130 4.22 -5.62 14.23
N GLU A 131 3.66 -5.78 15.42
CA GLU A 131 4.46 -5.97 16.62
C GLU A 131 3.71 -6.84 17.62
N PHE A 132 2.52 -6.40 18.01
CA PHE A 132 1.71 -7.15 18.95
C PHE A 132 1.38 -8.54 18.40
N THR A 133 1.08 -8.59 17.11
CA THR A 133 0.74 -9.85 16.45
C THR A 133 1.53 -10.00 15.15
N GLN A 134 1.61 -11.22 14.64
CA GLN A 134 2.33 -11.48 13.40
C GLN A 134 1.38 -11.92 12.31
N GLY A 135 1.66 -11.49 11.07
CA GLY A 135 0.82 -11.84 9.94
C GLY A 135 1.37 -13.05 9.21
N MET A 136 2.26 -13.77 9.86
CA MET A 136 2.86 -14.96 9.25
C MET A 136 2.01 -16.19 9.52
N ILE A 137 1.41 -16.73 8.45
CA ILE A 137 0.57 -17.90 8.56
C ILE A 137 1.13 -19.04 7.72
N LEU A 138 0.72 -20.27 8.02
CA LEU A 138 1.20 -21.42 7.27
C LEU A 138 0.03 -22.27 6.77
N PRO A 139 0.23 -23.01 5.72
CA PRO A 139 -0.84 -23.88 5.13
C PRO A 139 -1.48 -24.77 6.19
N THR A 140 -2.75 -25.10 5.97
CA THR A 140 -3.47 -25.96 6.91
C THR A 140 -4.11 -27.11 6.14
N MET A 141 -4.29 -28.24 6.81
CA MET A 141 -4.88 -29.41 6.18
C MET A 141 -5.06 -30.55 7.17
N ASN A 142 -5.89 -31.52 6.81
CA ASN A 142 -6.14 -32.65 7.69
C ASN A 142 -5.27 -33.84 7.27
N GLY A 143 -4.76 -34.56 8.26
CA GLY A 143 -3.90 -35.72 7.98
C GLY A 143 -4.61 -36.71 7.07
N GLU A 144 -5.93 -36.84 7.25
CA GLU A 144 -6.71 -37.76 6.43
C GLU A 144 -8.01 -37.09 6.02
N SER A 145 -8.52 -37.46 4.86
CA SER A 145 -9.77 -36.88 4.38
C SER A 145 -10.82 -37.97 4.17
N VAL A 146 -12.09 -37.60 4.39
CA VAL A 146 -13.17 -38.56 4.22
C VAL A 146 -14.29 -37.96 3.37
N ASP A 147 -14.93 -38.81 2.56
CA ASP A 147 -16.01 -38.35 1.70
C ASP A 147 -17.33 -39.01 2.11
N PRO A 148 -18.43 -38.45 1.70
CA PRO A 148 -19.77 -39.00 2.01
C PRO A 148 -19.87 -40.48 1.68
N VAL A 149 -20.68 -41.20 2.46
CA VAL A 149 -20.87 -42.64 2.24
C VAL A 149 -22.27 -43.06 2.65
N GLY A 150 -22.39 -43.63 3.84
CA GLY A 150 -23.67 -44.07 4.34
C GLY A 150 -24.38 -42.92 5.05
N GLN A 151 -25.47 -42.44 4.45
CA GLN A 151 -26.21 -41.33 5.03
C GLN A 151 -27.70 -41.46 4.67
N PRO A 152 -28.58 -40.94 5.49
CA PRO A 152 -30.04 -41.01 5.23
C PRO A 152 -30.39 -40.60 3.80
N ALA A 153 -30.21 -41.52 2.87
CA ALA A 153 -30.50 -41.25 1.47
C ALA A 153 -31.75 -42.00 1.02
N LEU A 154 -32.50 -41.40 0.10
CA LEU A 154 -33.72 -42.02 -0.40
C LEU A 154 -33.44 -42.85 -1.65
N LYS A 155 -34.03 -44.04 -1.72
CA LYS A 155 -33.83 -44.91 -2.86
C LYS A 155 -35.17 -45.49 -3.33
N THR A 156 -35.41 -45.43 -4.64
CA THR A 156 -36.65 -45.95 -5.21
C THR A 156 -36.36 -46.74 -6.48
N GLU A 157 -37.29 -47.61 -6.85
CA GLU A 157 -37.13 -48.42 -8.06
C GLU A 157 -38.03 -47.91 -9.18
N GLU A 158 -37.58 -48.05 -10.41
CA GLU A 158 -38.35 -47.59 -11.56
C GLU A 158 -38.72 -48.77 -12.45
N ARG A 159 -39.82 -48.61 -13.20
CA ARG A 159 -40.28 -49.67 -14.09
C ARG A 159 -40.96 -49.05 -15.31
N LYS A 160 -41.05 -49.83 -16.39
CA LYS A 160 -41.68 -49.35 -17.61
C LYS A 160 -43.11 -49.88 -17.73
N ALA A 161 -44.05 -48.99 -18.00
CA ALA A 161 -45.45 -49.38 -18.14
C ALA A 161 -46.23 -48.27 -18.83
N LYS A 162 -47.26 -48.64 -19.58
CA LYS A 162 -48.07 -47.65 -20.28
C LYS A 162 -49.56 -47.90 -20.07
N PRO A 163 -50.06 -47.61 -18.91
CA PRO A 163 -51.50 -47.80 -18.58
C PRO A 163 -52.39 -46.76 -19.26
N ALA A 164 -53.58 -47.16 -19.66
CA ALA A 164 -54.50 -46.23 -20.31
C ALA A 164 -55.88 -46.30 -19.64
N PRO A 165 -56.65 -45.25 -19.76
CA PRO A 165 -58.00 -45.19 -19.15
C PRO A 165 -58.88 -46.36 -19.60
N SER A 166 -59.68 -46.88 -18.68
CA SER A 166 -60.57 -47.99 -19.00
C SER A 166 -61.99 -47.67 -18.55
N LYS A 167 -62.95 -47.93 -19.43
CA LYS A 167 -64.36 -47.66 -19.12
C LYS A 167 -64.82 -48.51 -17.93
N THR A 168 -64.35 -49.74 -17.88
CA THR A 168 -64.73 -50.66 -16.81
C THR A 168 -64.38 -50.10 -15.43
N GLN A 169 -63.20 -49.47 -15.33
CA GLN A 169 -62.77 -48.92 -14.05
C GLN A 169 -62.62 -47.41 -14.13
N ALA A 170 -62.75 -46.74 -12.98
CA ALA A 170 -62.63 -45.29 -12.92
C ALA A 170 -61.87 -44.87 -11.67
N ARG A 171 -61.18 -43.75 -11.74
CA ARG A 171 -60.41 -43.26 -10.61
C ARG A 171 -60.74 -41.79 -10.32
N PRO A 172 -61.85 -41.55 -9.69
CA PRO A 172 -62.29 -40.16 -9.34
C PRO A 172 -61.45 -39.56 -8.23
N VAL A 173 -61.20 -38.26 -8.32
CA VAL A 173 -60.39 -37.57 -7.32
C VAL A 173 -61.11 -36.32 -6.83
N GLY A 174 -60.74 -35.87 -5.63
CA GLY A 174 -61.36 -34.68 -5.05
C GLY A 174 -61.36 -34.75 -3.53
N VAL A 175 -61.28 -33.59 -2.89
CA VAL A 175 -61.27 -33.52 -1.43
C VAL A 175 -62.36 -32.56 -0.96
N LYS A 176 -62.81 -32.73 0.28
CA LYS A 176 -63.84 -31.85 0.83
C LYS A 176 -63.28 -30.44 0.92
N ILE A 177 -63.03 -29.85 -0.25
CA ILE A 177 -62.47 -28.52 -0.31
C ILE A 177 -63.54 -27.53 -0.79
N PRO A 178 -63.60 -26.33 -0.23
CA PRO A 178 -64.60 -25.31 -0.68
C PRO A 178 -64.57 -25.21 -2.19
N THR A 179 -65.62 -24.69 -2.81
CA THR A 179 -65.59 -24.54 -4.26
C THR A 179 -66.58 -23.50 -4.75
N CYS A 180 -66.36 -23.03 -5.97
CA CYS A 180 -67.23 -22.02 -6.57
C CYS A 180 -67.15 -22.07 -8.10
N LYS A 181 -68.00 -21.29 -8.76
CA LYS A 181 -68.00 -21.28 -10.22
C LYS A 181 -67.28 -20.06 -10.78
N ILE A 182 -66.55 -20.25 -11.88
CA ILE A 182 -65.82 -19.16 -12.51
C ILE A 182 -66.16 -19.07 -14.00
N THR A 183 -67.42 -18.80 -14.29
CA THR A 183 -67.87 -18.69 -15.67
C THR A 183 -67.46 -17.34 -16.26
N LEU A 184 -66.73 -17.38 -17.37
CA LEU A 184 -66.28 -16.15 -18.02
C LEU A 184 -66.68 -16.15 -19.49
N LYS A 185 -67.21 -15.02 -19.96
CA LYS A 185 -67.60 -14.90 -21.36
C LYS A 185 -66.87 -13.72 -21.99
N GLU A 186 -65.89 -14.02 -22.86
CA GLU A 186 -65.13 -12.95 -23.49
C GLU A 186 -65.14 -13.09 -25.01
N THR A 187 -65.10 -11.95 -25.71
CA THR A 187 -65.08 -11.95 -27.17
C THR A 187 -63.65 -11.80 -27.66
N PHE A 188 -63.29 -12.56 -28.69
CA PHE A 188 -61.94 -12.51 -29.24
C PHE A 188 -61.93 -11.94 -30.64
N LEU A 189 -60.96 -11.08 -30.89
CA LEU A 189 -60.80 -10.46 -32.20
C LEU A 189 -60.22 -11.46 -33.19
N THR A 190 -60.49 -12.74 -32.95
CA THR A 190 -60.01 -13.81 -33.82
C THR A 190 -61.11 -14.83 -34.07
N SER A 191 -60.87 -15.71 -35.05
CA SER A 191 -61.84 -16.74 -35.37
C SER A 191 -61.78 -17.87 -34.34
N PRO A 192 -62.87 -18.58 -34.14
CA PRO A 192 -62.90 -19.69 -33.16
C PRO A 192 -61.81 -20.73 -33.43
N GLU A 193 -61.56 -20.97 -34.70
CA GLU A 193 -60.53 -21.93 -35.10
C GLU A 193 -59.16 -21.47 -34.63
N GLU A 194 -58.91 -20.17 -34.72
CA GLU A 194 -57.62 -19.61 -34.32
C GLU A 194 -57.42 -19.70 -32.80
N LEU A 195 -58.41 -19.26 -32.04
CA LEU A 195 -58.32 -19.30 -30.58
C LEU A 195 -58.17 -20.73 -30.09
N TYR A 196 -58.84 -21.64 -30.79
CA TYR A 196 -58.81 -23.06 -30.44
C TYR A 196 -57.38 -23.57 -30.32
N ARG A 197 -56.56 -23.19 -31.28
CA ARG A 197 -55.16 -23.61 -31.31
C ARG A 197 -54.41 -23.09 -30.10
N VAL A 198 -54.74 -21.87 -29.70
CA VAL A 198 -54.08 -21.24 -28.57
C VAL A 198 -54.28 -22.08 -27.31
N PHE A 199 -55.45 -22.66 -27.19
CA PHE A 199 -55.75 -23.49 -26.04
C PHE A 199 -55.35 -24.94 -26.29
N THR A 200 -55.02 -25.28 -27.53
CA THR A 200 -54.64 -26.66 -27.83
C THR A 200 -53.28 -26.74 -28.53
N THR A 201 -52.53 -25.65 -28.49
CA THR A 201 -51.20 -25.67 -29.11
C THR A 201 -50.21 -25.12 -28.10
N GLN A 202 -49.26 -25.96 -27.72
CA GLN A 202 -48.28 -25.56 -26.73
C GLN A 202 -47.58 -24.27 -27.14
N GLU A 203 -46.86 -24.32 -28.25
CA GLU A 203 -46.13 -23.15 -28.72
C GLU A 203 -46.94 -21.89 -28.48
N LEU A 204 -48.22 -21.97 -28.80
CA LEU A 204 -49.12 -20.85 -28.63
C LEU A 204 -49.34 -20.56 -27.15
N VAL A 205 -49.40 -21.62 -26.35
CA VAL A 205 -49.60 -21.46 -24.91
C VAL A 205 -48.35 -20.85 -24.31
N GLN A 206 -47.21 -21.38 -24.72
CA GLN A 206 -45.94 -20.88 -24.26
C GLN A 206 -45.76 -19.44 -24.71
N ALA A 207 -46.62 -19.02 -25.63
CA ALA A 207 -46.56 -17.68 -26.17
C ALA A 207 -47.26 -16.67 -25.25
N PHE A 208 -48.54 -16.91 -24.95
CA PHE A 208 -49.27 -15.98 -24.10
C PHE A 208 -48.98 -16.22 -22.62
N THR A 209 -48.36 -17.35 -22.29
CA THR A 209 -48.03 -17.63 -20.90
C THR A 209 -46.71 -16.99 -20.54
N HIS A 210 -46.04 -16.46 -21.56
CA HIS A 210 -44.74 -15.81 -21.36
C HIS A 210 -43.89 -16.63 -20.41
N ALA A 211 -44.22 -17.90 -20.32
CA ALA A 211 -43.49 -18.81 -19.45
C ALA A 211 -43.43 -20.20 -20.08
N PRO A 212 -42.70 -21.09 -19.50
CA PRO A 212 -42.57 -22.48 -20.03
C PRO A 212 -43.82 -23.28 -19.75
N ALA A 213 -44.33 -23.92 -20.79
CA ALA A 213 -45.51 -24.75 -20.65
C ALA A 213 -45.37 -26.02 -21.45
N THR A 214 -46.28 -26.94 -21.18
CA THR A 214 -46.33 -28.23 -21.86
C THR A 214 -47.79 -28.54 -22.18
N LEU A 215 -48.12 -28.77 -23.45
CA LEU A 215 -49.51 -29.04 -23.80
C LEU A 215 -49.69 -30.22 -24.73
N GLU A 216 -50.66 -31.06 -24.39
CA GLU A 216 -50.99 -32.22 -25.18
C GLU A 216 -52.44 -32.08 -25.63
N ALA A 217 -52.65 -31.85 -26.91
CA ALA A 217 -54.02 -31.70 -27.40
C ALA A 217 -54.62 -33.03 -27.75
N ASP A 218 -55.20 -33.67 -26.75
CA ASP A 218 -55.84 -34.97 -26.92
C ASP A 218 -56.79 -35.23 -25.77
N ARG A 219 -57.76 -36.10 -25.97
CA ARG A 219 -58.69 -36.41 -24.89
C ARG A 219 -57.94 -37.07 -23.77
N GLY A 220 -57.67 -36.29 -22.75
CA GLY A 220 -56.92 -36.76 -21.61
C GLY A 220 -55.51 -36.18 -21.69
N GLY A 221 -55.29 -35.34 -22.70
CA GLY A 221 -54.01 -34.70 -22.89
C GLY A 221 -53.67 -33.90 -21.65
N LYS A 222 -52.40 -33.84 -21.31
CA LYS A 222 -51.99 -33.11 -20.13
C LYS A 222 -51.40 -31.77 -20.48
N PHE A 223 -51.96 -30.72 -19.90
CA PHE A 223 -51.46 -29.38 -20.14
C PHE A 223 -50.91 -28.78 -18.87
N HIS A 224 -49.70 -28.28 -18.97
CA HIS A 224 -48.98 -27.69 -17.85
C HIS A 224 -48.44 -26.34 -18.30
N MET A 225 -48.81 -25.26 -17.62
CA MET A 225 -48.36 -23.94 -18.04
C MET A 225 -47.92 -23.04 -16.90
N VAL A 226 -47.55 -21.81 -17.27
CA VAL A 226 -47.10 -20.83 -16.30
C VAL A 226 -46.04 -21.44 -15.41
N ASP A 227 -44.87 -21.71 -16.00
CA ASP A 227 -43.78 -22.33 -15.26
C ASP A 227 -44.30 -23.57 -14.56
N GLY A 228 -45.31 -24.16 -15.18
CA GLY A 228 -45.92 -25.37 -14.68
C GLY A 228 -46.78 -25.12 -13.45
N ASN A 229 -47.01 -23.85 -13.14
CA ASN A 229 -47.83 -23.51 -11.99
C ASN A 229 -49.28 -23.93 -12.25
N VAL A 230 -49.61 -24.07 -13.53
CA VAL A 230 -50.95 -24.47 -13.93
C VAL A 230 -50.89 -25.84 -14.59
N SER A 231 -51.77 -26.73 -14.17
CA SER A 231 -51.78 -28.07 -14.75
C SER A 231 -53.21 -28.61 -14.83
N GLY A 232 -53.39 -29.61 -15.70
CA GLY A 232 -54.71 -30.21 -15.88
C GLY A 232 -54.72 -31.16 -17.06
N GLU A 233 -55.89 -31.75 -17.33
CA GLU A 233 -56.03 -32.66 -18.45
C GLU A 233 -57.22 -32.29 -19.29
N PHE A 234 -57.22 -32.74 -20.54
CA PHE A 234 -58.33 -32.44 -21.42
C PHE A 234 -59.36 -33.56 -21.36
N THR A 235 -60.52 -33.25 -20.84
CA THR A 235 -61.59 -34.23 -20.75
C THR A 235 -62.32 -34.32 -22.08
N ASP A 236 -62.22 -33.26 -22.87
CA ASP A 236 -62.86 -33.21 -24.17
C ASP A 236 -62.20 -32.18 -25.05
N LEU A 237 -62.13 -32.47 -26.34
CA LEU A 237 -61.54 -31.54 -27.30
C LEU A 237 -62.28 -31.59 -28.62
N VAL A 238 -63.36 -30.84 -28.71
CA VAL A 238 -64.12 -30.79 -29.95
C VAL A 238 -63.43 -29.79 -30.88
N PRO A 239 -63.04 -30.17 -32.07
CA PRO A 239 -62.32 -29.25 -33.00
C PRO A 239 -62.95 -27.86 -33.10
N GLU A 240 -62.26 -26.87 -32.54
CA GLU A 240 -62.72 -25.49 -32.60
C GLU A 240 -64.17 -25.35 -32.16
N LYS A 241 -64.67 -26.33 -31.44
CA LYS A 241 -66.05 -26.30 -31.02
C LYS A 241 -66.23 -26.28 -29.51
N HIS A 242 -65.44 -27.09 -28.80
CA HIS A 242 -65.63 -27.16 -27.35
C HIS A 242 -64.53 -27.96 -26.68
N ILE A 243 -64.12 -27.50 -25.51
CA ILE A 243 -63.08 -28.18 -24.76
C ILE A 243 -63.43 -28.33 -23.29
N VAL A 244 -63.34 -29.56 -22.80
CA VAL A 244 -63.58 -29.82 -21.40
C VAL A 244 -62.27 -30.27 -20.80
N MET A 245 -61.80 -29.55 -19.79
CA MET A 245 -60.53 -29.90 -19.19
C MET A 245 -60.55 -29.67 -17.69
N LYS A 246 -59.72 -30.44 -17.02
CA LYS A 246 -59.56 -30.32 -15.59
C LYS A 246 -58.55 -29.22 -15.35
N TRP A 247 -58.71 -28.44 -14.29
CA TRP A 247 -57.79 -27.33 -14.09
C TRP A 247 -57.43 -27.11 -12.62
N ARG A 248 -56.22 -26.58 -12.41
CA ARG A 248 -55.76 -26.29 -11.06
C ARG A 248 -54.48 -25.45 -11.05
N PHE A 249 -54.16 -24.98 -9.85
CA PHE A 249 -52.96 -24.21 -9.62
C PHE A 249 -51.99 -25.10 -8.85
N LYS A 250 -50.71 -24.86 -9.01
CA LYS A 250 -49.71 -25.68 -8.31
C LYS A 250 -49.85 -25.51 -6.80
N SER A 251 -50.66 -24.54 -6.37
CA SER A 251 -50.87 -24.30 -4.95
C SER A 251 -52.14 -24.99 -4.46
N TRP A 252 -52.79 -25.74 -5.34
CA TRP A 252 -54.03 -26.42 -4.99
C TRP A 252 -53.75 -27.78 -4.36
N PRO A 253 -54.69 -28.29 -3.60
CA PRO A 253 -54.54 -29.62 -2.96
C PRO A 253 -54.33 -30.71 -4.01
N GLU A 254 -53.60 -31.75 -3.64
CA GLU A 254 -53.35 -32.84 -4.58
C GLU A 254 -54.65 -33.54 -4.92
N GLY A 255 -54.93 -33.67 -6.22
CA GLY A 255 -56.16 -34.32 -6.66
C GLY A 255 -57.33 -33.35 -6.64
N HIS A 256 -57.03 -32.05 -6.66
CA HIS A 256 -58.10 -31.05 -6.64
C HIS A 256 -58.07 -30.20 -7.90
N PHE A 257 -59.07 -30.38 -8.74
CA PHE A 257 -59.16 -29.62 -9.97
C PHE A 257 -60.53 -28.99 -10.10
N ALA A 258 -60.57 -27.97 -10.94
CA ALA A 258 -61.81 -27.28 -11.21
C ALA A 258 -62.31 -27.69 -12.58
N THR A 259 -63.57 -28.06 -12.69
CA THR A 259 -64.10 -28.48 -13.97
C THR A 259 -64.23 -27.26 -14.88
N ILE A 260 -63.46 -27.25 -15.97
CA ILE A 260 -63.49 -26.14 -16.89
C ILE A 260 -64.00 -26.59 -18.24
N THR A 261 -64.87 -25.78 -18.83
CA THR A 261 -65.40 -26.08 -20.14
C THR A 261 -65.40 -24.84 -21.01
N LEU A 262 -64.73 -24.95 -22.15
CA LEU A 262 -64.65 -23.83 -23.07
C LEU A 262 -65.43 -24.12 -24.34
N THR A 263 -66.16 -23.13 -24.83
CA THR A 263 -66.93 -23.29 -26.04
C THR A 263 -66.51 -22.24 -27.07
N PHE A 264 -66.49 -22.63 -28.33
CA PHE A 264 -66.08 -21.73 -29.39
C PHE A 264 -67.23 -21.32 -30.28
N ILE A 265 -67.35 -20.02 -30.50
CA ILE A 265 -68.42 -19.48 -31.32
C ILE A 265 -67.92 -18.47 -32.34
N ASP A 266 -68.38 -18.62 -33.57
CA ASP A 266 -68.00 -17.71 -34.64
C ASP A 266 -68.97 -16.54 -34.69
N LYS A 267 -68.44 -15.34 -34.48
CA LYS A 267 -69.23 -14.13 -34.46
C LYS A 267 -69.08 -13.33 -35.74
N ASN A 268 -68.55 -13.98 -36.77
CA ASN A 268 -68.38 -13.32 -38.05
C ASN A 268 -67.43 -12.14 -37.94
N GLY A 269 -66.23 -12.43 -37.49
CA GLY A 269 -65.22 -11.40 -37.32
C GLY A 269 -64.43 -11.67 -36.07
N GLU A 270 -65.14 -12.06 -35.03
CA GLU A 270 -64.52 -12.38 -33.76
C GLU A 270 -65.11 -13.66 -33.21
N THR A 271 -64.71 -14.02 -32.00
CA THR A 271 -65.22 -15.26 -31.40
C THR A 271 -65.64 -15.05 -29.95
N GLU A 272 -66.75 -15.67 -29.58
CA GLU A 272 -67.25 -15.58 -28.21
C GLU A 272 -66.93 -16.88 -27.48
N LEU A 273 -65.95 -16.82 -26.59
CA LEU A 273 -65.58 -18.00 -25.82
C LEU A 273 -66.45 -18.11 -24.60
N CYS A 274 -67.21 -19.18 -24.52
CA CYS A 274 -68.10 -19.40 -23.40
C CYS A 274 -67.45 -20.34 -22.39
N MET A 275 -66.91 -19.77 -21.32
CA MET A 275 -66.26 -20.57 -20.29
C MET A 275 -67.22 -20.93 -19.18
N GLU A 276 -66.95 -22.05 -18.54
CA GLU A 276 -67.77 -22.52 -17.44
C GLU A 276 -66.91 -23.30 -16.45
N GLY A 277 -66.35 -22.56 -15.51
CA GLY A 277 -65.48 -23.19 -14.51
C GLY A 277 -66.24 -23.51 -13.24
N ARG A 278 -66.06 -24.74 -12.76
CA ARG A 278 -66.71 -25.20 -11.54
C ARG A 278 -65.75 -26.04 -10.71
N GLY A 279 -65.87 -25.96 -9.40
CA GLY A 279 -65.00 -26.74 -8.51
C GLY A 279 -63.84 -25.90 -8.01
N ILE A 280 -63.72 -24.70 -8.53
CA ILE A 280 -62.66 -23.80 -8.13
C ILE A 280 -62.75 -23.55 -6.63
N PRO A 281 -61.72 -23.84 -5.87
CA PRO A 281 -61.76 -23.62 -4.41
C PRO A 281 -62.14 -22.19 -4.06
N ALA A 282 -63.11 -22.08 -3.17
CA ALA A 282 -63.59 -20.78 -2.74
C ALA A 282 -62.43 -19.88 -2.30
N PRO A 283 -61.49 -20.35 -1.52
CA PRO A 283 -60.35 -19.51 -1.07
C PRO A 283 -59.54 -19.03 -2.27
N GLU A 284 -59.47 -19.89 -3.28
CA GLU A 284 -58.71 -19.60 -4.48
C GLU A 284 -59.59 -19.02 -5.57
N GLU A 285 -60.88 -18.86 -5.27
CA GLU A 285 -61.81 -18.33 -6.24
C GLU A 285 -61.37 -16.99 -6.81
N GLU A 286 -61.10 -16.04 -5.94
CA GLU A 286 -60.67 -14.73 -6.41
C GLU A 286 -59.41 -14.88 -7.26
N ARG A 287 -58.50 -15.71 -6.81
CA ARG A 287 -57.25 -15.95 -7.52
C ARG A 287 -57.48 -16.57 -8.89
N THR A 288 -58.25 -17.64 -8.91
CA THR A 288 -58.52 -18.36 -10.15
C THR A 288 -59.06 -17.44 -11.23
N ARG A 289 -60.12 -16.73 -10.92
CA ARG A 289 -60.72 -15.84 -11.90
C ARG A 289 -59.72 -14.78 -12.34
N GLN A 290 -59.00 -14.21 -11.39
CA GLN A 290 -58.02 -13.18 -11.69
C GLN A 290 -56.86 -13.75 -12.50
N GLY A 291 -56.41 -14.94 -12.11
CA GLY A 291 -55.30 -15.58 -12.79
C GLY A 291 -55.75 -16.25 -14.08
N TRP A 292 -57.01 -16.08 -14.43
CA TRP A 292 -57.53 -16.68 -15.64
C TRP A 292 -57.37 -15.73 -16.83
N GLN A 293 -58.36 -14.90 -17.08
CA GLN A 293 -58.31 -13.96 -18.20
C GLN A 293 -56.94 -13.33 -18.34
N ARG A 294 -56.41 -12.81 -17.24
CA ARG A 294 -55.10 -12.17 -17.25
C ARG A 294 -54.07 -13.03 -17.99
N TYR A 295 -54.05 -14.33 -17.66
CA TYR A 295 -53.11 -15.23 -18.31
C TYR A 295 -53.80 -15.94 -19.49
N TYR A 296 -55.13 -15.91 -19.51
CA TYR A 296 -55.87 -16.57 -20.59
C TYR A 296 -56.26 -15.60 -21.68
N PHE A 297 -57.46 -15.05 -21.53
CA PHE A 297 -58.01 -14.12 -22.51
C PHE A 297 -57.19 -12.86 -22.62
N GLU A 298 -57.16 -12.09 -21.54
CA GLU A 298 -56.41 -10.86 -21.53
C GLU A 298 -54.97 -11.11 -21.97
N GLY A 299 -54.45 -12.29 -21.63
CA GLY A 299 -53.09 -12.65 -22.02
C GLY A 299 -53.01 -12.88 -23.52
N ILE A 300 -53.84 -13.80 -24.01
CA ILE A 300 -53.87 -14.11 -25.44
C ILE A 300 -54.20 -12.86 -26.25
N LYS A 301 -55.22 -12.15 -25.79
CA LYS A 301 -55.66 -10.94 -26.47
C LYS A 301 -54.51 -9.97 -26.65
N GLN A 302 -53.56 -9.99 -25.73
CA GLN A 302 -52.42 -9.09 -25.83
C GLN A 302 -51.29 -9.72 -26.62
N THR A 303 -50.99 -10.97 -26.32
CA THR A 303 -49.93 -11.69 -27.01
C THR A 303 -50.28 -11.92 -28.48
N PHE A 304 -51.50 -12.37 -28.72
CA PHE A 304 -51.95 -12.65 -30.06
C PHE A 304 -52.60 -11.43 -30.68
N GLY A 305 -53.15 -10.57 -29.83
CA GLY A 305 -53.80 -9.37 -30.32
C GLY A 305 -55.25 -9.64 -30.67
N TYR A 306 -55.86 -10.54 -29.92
CA TYR A 306 -57.24 -10.92 -30.15
C TYR A 306 -58.19 -10.16 -29.23
N GLY A 307 -57.77 -9.01 -28.72
CA GLY A 307 -58.63 -8.21 -27.86
C GLY A 307 -59.33 -7.11 -28.63
N ALA A 308 -60.18 -6.35 -27.94
CA ALA A 308 -60.91 -5.26 -28.57
C ALA A 308 -60.52 -3.92 -27.95
N THR A 1 -8.36 -8.96 23.11
CA THR A 1 -8.15 -7.65 23.71
C THR A 1 -6.69 -7.22 23.56
N GLU A 2 -6.36 -6.65 22.40
CA GLU A 2 -5.00 -6.20 22.14
C GLU A 2 -4.91 -4.69 22.24
N ARG A 3 -3.76 -4.20 22.69
CA ARG A 3 -3.56 -2.76 22.83
C ARG A 3 -2.88 -2.18 21.59
N ASP A 4 -3.24 -0.95 21.26
CA ASP A 4 -2.65 -0.29 20.10
C ASP A 4 -1.32 0.35 20.46
N ALA A 5 -0.24 -0.11 19.82
CA ALA A 5 1.08 0.42 20.11
C ALA A 5 1.16 1.90 19.77
N SER A 6 0.79 2.75 20.72
CA SER A 6 0.83 4.19 20.53
C SER A 6 2.27 4.68 20.48
N ASN A 7 3.14 4.03 21.24
CA ASN A 7 4.55 4.43 21.29
C ASN A 7 5.16 4.46 19.90
N TRP A 8 4.90 3.42 19.11
CA TRP A 8 5.45 3.37 17.76
C TRP A 8 4.72 4.37 16.85
N SER A 9 3.48 4.67 17.20
CA SER A 9 2.69 5.60 16.41
C SER A 9 3.32 6.99 16.40
N THR A 10 3.11 7.75 17.46
CA THR A 10 3.67 9.09 17.52
C THR A 10 5.14 9.07 17.11
N ASP A 11 5.87 8.12 17.65
CA ASP A 11 7.30 8.01 17.35
C ASP A 11 7.59 8.07 15.85
N LYS A 12 6.85 7.30 15.06
CA LYS A 12 7.07 7.28 13.63
C LYS A 12 6.28 8.41 12.96
N LEU A 13 4.99 8.48 13.24
CA LEU A 13 4.15 9.50 12.64
C LEU A 13 4.65 10.91 12.98
N LYS A 14 5.04 11.13 14.23
CA LYS A 14 5.53 12.45 14.63
C LYS A 14 6.84 12.75 13.91
N THR A 15 7.73 11.75 13.88
CA THR A 15 9.00 11.92 13.20
C THR A 15 8.76 12.13 11.72
N LEU A 16 7.94 11.27 11.15
CA LEU A 16 7.59 11.35 9.76
C LEU A 16 6.99 12.72 9.46
N PHE A 17 6.27 13.26 10.44
CA PHE A 17 5.68 14.58 10.28
C PHE A 17 6.77 15.63 10.40
N LEU A 18 7.72 15.39 11.32
CA LEU A 18 8.82 16.31 11.51
C LEU A 18 9.91 16.00 10.49
N ALA A 19 9.58 15.09 9.57
CA ALA A 19 10.51 14.71 8.52
C ALA A 19 10.00 15.19 7.18
N VAL A 20 9.00 16.05 7.21
CA VAL A 20 8.44 16.58 5.98
C VAL A 20 9.58 17.10 5.13
N GLN A 21 9.58 16.73 3.86
CA GLN A 21 10.65 17.14 2.98
C GLN A 21 10.24 18.24 2.01
N VAL A 22 11.25 18.98 1.58
CA VAL A 22 11.04 20.09 0.67
C VAL A 22 11.65 19.81 -0.69
N GLN A 23 11.03 20.40 -1.71
CA GLN A 23 11.50 20.27 -3.07
C GLN A 23 12.09 21.60 -3.52
N ASN A 24 11.51 22.19 -4.55
CA ASN A 24 11.98 23.48 -5.03
C ASN A 24 11.18 24.61 -4.39
N GLU A 25 11.72 25.82 -4.40
CA GLU A 25 11.03 26.95 -3.80
C GLU A 25 9.62 27.07 -4.37
N GLU A 26 9.44 26.57 -5.58
CA GLU A 26 8.14 26.60 -6.23
C GLU A 26 7.11 25.86 -5.40
N GLY A 27 7.48 24.68 -4.95
CA GLY A 27 6.61 23.85 -4.13
C GLY A 27 7.42 23.09 -3.08
N LYS A 28 7.96 23.84 -2.12
CA LYS A 28 8.77 23.24 -1.08
C LYS A 28 7.93 23.01 0.18
N CYS A 29 8.42 22.17 1.08
CA CYS A 29 7.71 21.89 2.31
C CYS A 29 8.67 21.68 3.46
N GLU A 30 8.37 22.30 4.60
CA GLU A 30 9.22 22.15 5.77
C GLU A 30 8.36 22.12 7.03
N VAL A 31 8.66 21.20 7.94
CA VAL A 31 7.88 21.12 9.17
C VAL A 31 8.45 22.07 10.22
N THR A 32 7.56 22.80 10.90
CA THR A 32 8.00 23.73 11.93
C THR A 32 7.90 23.09 13.30
N GLU A 33 6.88 22.24 13.49
CA GLU A 33 6.67 21.56 14.75
C GLU A 33 5.42 20.68 14.67
N VAL A 34 5.50 19.51 15.27
CA VAL A 34 4.37 18.58 15.27
C VAL A 34 4.06 18.14 16.69
N SER A 35 2.78 18.15 17.04
CA SER A 35 2.37 17.75 18.38
C SER A 35 2.41 16.23 18.51
N LYS A 36 1.35 15.60 18.03
CA LYS A 36 1.23 14.14 18.08
C LYS A 36 -0.23 13.79 17.86
N LEU A 37 -0.48 12.63 17.27
CA LEU A 37 -1.85 12.22 17.03
C LEU A 37 -2.60 12.16 18.36
N ASP A 38 -3.46 13.14 18.60
CA ASP A 38 -4.22 13.16 19.84
C ASP A 38 -5.57 12.54 19.60
N GLY A 39 -5.79 11.37 20.17
CA GLY A 39 -7.06 10.71 19.96
C GLY A 39 -7.18 9.38 20.69
N GLU A 40 -8.31 8.72 20.50
CA GLU A 40 -8.57 7.44 21.13
C GLU A 40 -8.39 6.31 20.12
N ALA A 41 -7.20 5.74 20.09
CA ALA A 41 -6.90 4.65 19.17
C ALA A 41 -6.93 3.31 19.89
N SER A 42 -7.61 2.34 19.30
CA SER A 42 -7.70 1.02 19.91
C SER A 42 -7.96 -0.06 18.88
N ILE A 43 -7.14 -1.11 18.89
CA ILE A 43 -7.30 -2.22 17.96
C ILE A 43 -7.31 -3.54 18.73
N ASN A 44 -7.96 -4.55 18.17
CA ASN A 44 -8.02 -5.85 18.82
C ASN A 44 -7.55 -6.94 17.85
N ASN A 45 -6.67 -7.81 18.34
CA ASN A 45 -6.16 -8.88 17.50
C ASN A 45 -5.46 -9.95 18.32
N ARG A 46 -5.36 -11.14 17.72
CA ARG A 46 -4.68 -12.25 18.36
C ARG A 46 -4.34 -13.32 17.32
N LYS A 47 -3.59 -12.90 16.30
CA LYS A 47 -3.16 -13.81 15.26
C LYS A 47 -4.35 -14.45 14.53
N GLY A 48 -5.15 -13.63 13.84
CA GLY A 48 -6.29 -14.16 13.10
C GLY A 48 -7.59 -13.41 13.40
N LYS A 49 -7.47 -12.16 13.85
CA LYS A 49 -8.66 -11.36 14.16
C LYS A 49 -8.29 -9.88 14.19
N LEU A 50 -7.85 -9.35 13.05
CA LEU A 50 -7.45 -7.95 12.99
C LEU A 50 -8.63 -7.02 12.76
N ILE A 51 -8.88 -6.16 13.75
CA ILE A 51 -9.93 -5.16 13.65
C ILE A 51 -9.37 -3.82 14.13
N PHE A 52 -9.87 -2.72 13.60
CA PHE A 52 -9.34 -1.43 14.02
C PHE A 52 -10.43 -0.36 14.12
N PHE A 53 -10.37 0.41 15.21
CA PHE A 53 -11.34 1.49 15.43
C PHE A 53 -10.69 2.64 16.19
N TYR A 54 -10.83 3.86 15.65
CA TYR A 54 -10.28 5.04 16.29
C TYR A 54 -11.22 6.23 16.09
N GLU A 55 -10.99 7.31 16.84
CA GLU A 55 -11.86 8.48 16.70
C GLU A 55 -11.26 9.70 17.40
N TRP A 56 -10.87 10.72 16.61
CA TRP A 56 -10.29 11.96 17.14
C TRP A 56 -9.50 12.71 16.06
N SER A 57 -8.62 13.63 16.47
CA SER A 57 -7.87 14.43 15.51
C SER A 57 -6.39 14.59 15.86
N VAL A 58 -5.59 14.88 14.83
CA VAL A 58 -4.16 15.10 15.01
C VAL A 58 -3.83 16.53 14.61
N LYS A 59 -2.82 17.15 15.23
CA LYS A 59 -2.49 18.54 14.94
C LYS A 59 -1.00 18.79 14.70
N LEU A 60 -0.71 19.55 13.64
CA LEU A 60 0.68 19.91 13.32
C LEU A 60 0.73 21.14 12.41
N ASN A 61 1.94 21.69 12.22
CA ASN A 61 2.10 22.87 11.37
C ASN A 61 3.33 22.72 10.45
N TRP A 62 3.32 23.47 9.34
CA TRP A 62 4.43 23.40 8.38
C TRP A 62 4.74 24.76 7.78
N THR A 63 5.75 24.81 6.91
CA THR A 63 6.15 26.05 6.24
C THR A 63 6.35 25.81 4.75
N GLY A 64 6.05 26.82 3.94
CA GLY A 64 6.21 26.70 2.51
C GLY A 64 6.76 28.00 1.91
N THR A 65 7.84 27.88 1.14
CA THR A 65 8.44 29.06 0.51
C THR A 65 8.10 29.10 -0.97
N SER A 66 7.92 30.31 -1.50
CA SER A 66 7.59 30.47 -2.91
C SER A 66 8.69 31.23 -3.64
N LYS A 67 8.85 30.95 -4.93
CA LYS A 67 9.87 31.64 -5.72
C LYS A 67 9.69 33.14 -5.62
N SER A 68 8.45 33.57 -5.36
CA SER A 68 8.17 34.99 -5.22
C SER A 68 8.98 35.57 -4.07
N GLY A 69 9.35 34.70 -3.14
CA GLY A 69 10.14 35.11 -1.98
C GLY A 69 9.27 35.20 -0.74
N VAL A 70 8.14 34.49 -0.75
CA VAL A 70 7.23 34.53 0.39
C VAL A 70 7.18 33.19 1.12
N GLN A 71 7.30 33.25 2.44
CA GLN A 71 7.23 32.07 3.27
C GLN A 71 5.99 32.18 4.15
N TYR A 72 5.30 31.08 4.38
CA TYR A 72 4.12 31.13 5.21
C TYR A 72 3.97 29.83 5.96
N LYS A 73 3.57 29.94 7.22
CA LYS A 73 3.39 28.76 8.04
C LYS A 73 1.90 28.48 8.21
N GLY A 74 1.45 27.40 7.58
CA GLY A 74 0.04 27.04 7.64
C GLY A 74 -0.21 26.05 8.77
N HIS A 75 -1.49 25.75 8.99
CA HIS A 75 -1.89 24.83 10.03
C HIS A 75 -2.78 23.74 9.45
N VAL A 76 -2.57 22.50 9.91
CA VAL A 76 -3.38 21.39 9.43
C VAL A 76 -3.90 20.56 10.59
N GLU A 77 -5.15 20.13 10.50
CA GLU A 77 -5.76 19.33 11.55
C GLU A 77 -6.83 18.42 10.98
N ILE A 78 -6.70 17.12 11.19
CA ILE A 78 -7.70 16.19 10.68
C ILE A 78 -8.73 15.93 11.79
N PRO A 79 -10.00 16.25 11.54
CA PRO A 79 -11.06 16.08 12.56
C PRO A 79 -11.19 14.64 13.10
N ASN A 80 -12.39 14.31 13.56
CA ASN A 80 -12.68 13.00 14.14
C ASN A 80 -12.62 11.87 13.11
N LEU A 81 -11.74 11.99 12.13
CA LEU A 81 -11.61 10.94 11.12
C LEU A 81 -10.99 9.69 11.76
N SER A 82 -11.53 8.53 11.41
CA SER A 82 -11.04 7.27 11.97
C SER A 82 -10.31 6.45 10.91
N ASP A 83 -9.22 5.82 11.33
CA ASP A 83 -8.43 4.99 10.42
C ASP A 83 -9.08 3.63 10.22
N GLU A 84 -10.29 3.46 10.76
CA GLU A 84 -11.01 2.20 10.62
C GLU A 84 -11.27 1.94 9.14
N ASN A 85 -10.98 2.95 8.33
CA ASN A 85 -11.17 2.87 6.90
C ASN A 85 -9.91 3.34 6.18
N SER A 86 -9.98 3.45 4.86
CA SER A 86 -8.83 3.89 4.10
C SER A 86 -8.28 5.18 4.72
N VAL A 87 -7.15 5.06 5.37
CA VAL A 87 -6.53 6.20 6.04
C VAL A 87 -6.24 7.32 5.05
N ASP A 88 -5.75 6.97 3.88
CA ASP A 88 -5.42 7.96 2.86
C ASP A 88 -6.64 8.80 2.48
N GLU A 89 -7.83 8.20 2.53
CA GLU A 89 -9.04 8.92 2.16
C GLU A 89 -9.50 9.84 3.29
N VAL A 90 -8.77 9.83 4.42
CA VAL A 90 -9.12 10.68 5.54
C VAL A 90 -9.14 12.15 5.14
N GLU A 91 -10.08 12.89 5.69
CA GLU A 91 -10.19 14.30 5.40
C GLU A 91 -9.22 15.10 6.25
N ILE A 92 -8.26 15.71 5.58
CA ILE A 92 -7.27 16.51 6.28
C ILE A 92 -7.49 17.99 6.00
N SER A 93 -7.48 18.78 7.06
CA SER A 93 -7.67 20.22 6.92
C SER A 93 -6.32 20.88 6.72
N VAL A 94 -6.28 21.85 5.81
CA VAL A 94 -5.03 22.54 5.54
C VAL A 94 -5.25 24.05 5.49
N SER A 95 -4.21 24.79 5.84
CA SER A 95 -4.27 26.24 5.83
C SER A 95 -2.88 26.80 5.50
N LEU A 96 -2.39 26.43 4.32
CA LEU A 96 -1.07 26.86 3.89
C LEU A 96 -1.13 27.53 2.52
N ALA A 97 -0.33 28.57 2.36
CA ALA A 97 -0.26 29.30 1.09
C ALA A 97 -1.57 30.00 0.77
N LYS A 98 -2.69 29.48 1.29
CA LYS A 98 -3.97 30.09 1.01
C LYS A 98 -4.00 31.55 1.45
N ASP A 99 -3.29 31.84 2.54
CA ASP A 99 -3.24 33.21 3.06
C ASP A 99 -2.21 34.07 2.33
N GLU A 100 -1.25 33.43 1.66
CA GLU A 100 -0.21 34.17 0.95
C GLU A 100 -0.21 33.85 -0.55
N PRO A 101 0.28 34.76 -1.36
CA PRO A 101 0.34 34.57 -2.85
C PRO A 101 0.92 33.20 -3.24
N ASP A 102 1.47 32.48 -2.28
CA ASP A 102 2.06 31.18 -2.57
C ASP A 102 1.00 30.21 -3.11
N THR A 103 -0.18 30.23 -2.51
CA THR A 103 -1.30 29.36 -2.92
C THR A 103 -0.85 28.11 -3.68
N ASN A 104 -0.48 28.28 -4.94
CA ASN A 104 -0.06 27.14 -5.76
C ASN A 104 0.86 26.22 -4.96
N LEU A 105 1.67 26.81 -4.09
CA LEU A 105 2.59 26.04 -3.27
C LEU A 105 1.87 24.91 -2.53
N VAL A 106 0.79 25.26 -1.82
CA VAL A 106 0.05 24.26 -1.06
C VAL A 106 -0.55 23.22 -1.99
N ALA A 107 -0.93 23.64 -3.20
CA ALA A 107 -1.50 22.69 -4.16
C ALA A 107 -0.60 21.47 -4.27
N LEU A 108 0.70 21.72 -4.35
CA LEU A 108 1.64 20.63 -4.43
C LEU A 108 1.65 19.86 -3.12
N MET A 109 1.57 20.59 -2.02
CA MET A 109 1.55 19.97 -0.69
C MET A 109 0.35 19.04 -0.60
N LYS A 110 -0.73 19.42 -1.26
CA LYS A 110 -1.92 18.58 -1.26
C LYS A 110 -1.60 17.27 -1.96
N GLU A 111 -0.65 17.33 -2.90
CA GLU A 111 -0.25 16.14 -3.64
C GLU A 111 1.10 15.62 -3.17
N GLU A 112 1.71 16.31 -2.23
CA GLU A 112 3.02 15.91 -1.71
C GLU A 112 3.10 16.03 -0.20
N GLY A 113 2.48 17.06 0.34
CA GLY A 113 2.48 17.30 1.78
C GLY A 113 1.57 16.30 2.49
N VAL A 114 0.28 16.45 2.28
CA VAL A 114 -0.67 15.53 2.90
C VAL A 114 -0.32 14.12 2.46
N LYS A 115 0.25 14.03 1.26
CA LYS A 115 0.67 12.74 0.74
C LYS A 115 1.71 12.11 1.65
N LEU A 116 2.71 12.90 2.03
CA LEU A 116 3.75 12.38 2.93
C LEU A 116 3.07 11.66 4.08
N LEU A 117 1.99 12.23 4.57
CA LEU A 117 1.25 11.62 5.66
C LEU A 117 0.76 10.25 5.21
N ARG A 118 0.47 10.14 3.92
CA ARG A 118 0.00 8.86 3.39
C ARG A 118 1.02 7.80 3.78
N GLU A 119 2.29 8.16 3.73
CA GLU A 119 3.33 7.24 4.12
C GLU A 119 3.21 6.94 5.60
N ALA A 120 2.74 7.94 6.35
CA ALA A 120 2.54 7.76 7.78
C ALA A 120 1.48 6.69 7.99
N MET A 121 0.61 6.55 6.98
CA MET A 121 -0.44 5.55 7.02
C MET A 121 0.15 4.16 6.88
N GLY A 122 1.21 4.04 6.09
CA GLY A 122 1.86 2.76 5.87
C GLY A 122 2.39 2.16 7.17
N ILE A 123 3.18 2.94 7.90
CA ILE A 123 3.75 2.47 9.16
C ILE A 123 2.68 2.32 10.24
N TYR A 124 1.77 3.27 10.31
CA TYR A 124 0.71 3.23 11.31
C TYR A 124 -0.01 1.89 11.23
N ILE A 125 -0.35 1.49 10.02
CA ILE A 125 -1.05 0.24 9.81
C ILE A 125 -0.10 -0.95 9.91
N SER A 126 1.09 -0.79 9.35
CA SER A 126 2.08 -1.86 9.35
C SER A 126 2.77 -2.01 10.71
N THR A 127 3.43 -0.95 11.17
CA THR A 127 4.14 -1.00 12.43
C THR A 127 3.22 -1.37 13.58
N LEU A 128 2.06 -0.74 13.64
CA LEU A 128 1.12 -1.01 14.71
C LEU A 128 0.66 -2.48 14.69
N LYS A 129 0.47 -3.02 13.49
CA LYS A 129 0.02 -4.40 13.35
C LYS A 129 1.17 -5.39 13.14
N THR A 130 2.39 -4.88 13.01
CA THR A 130 3.53 -5.76 12.80
C THR A 130 4.43 -5.82 14.03
N GLU A 131 3.82 -5.83 15.20
CA GLU A 131 4.58 -5.90 16.45
C GLU A 131 3.93 -6.89 17.41
N PHE A 132 2.87 -6.45 18.09
CA PHE A 132 2.17 -7.31 19.03
C PHE A 132 1.65 -8.58 18.36
N THR A 133 1.16 -8.43 17.13
CA THR A 133 0.64 -9.58 16.40
C THR A 133 1.09 -9.53 14.94
N GLN A 134 1.09 -10.70 14.29
CA GLN A 134 1.49 -10.77 12.90
C GLN A 134 0.35 -11.31 12.04
N GLY A 135 0.31 -10.87 10.78
CA GLY A 135 -0.74 -11.32 9.87
C GLY A 135 -0.27 -11.30 8.42
N MET A 136 1.05 -11.36 8.23
CA MET A 136 1.60 -11.35 6.88
C MET A 136 1.74 -12.76 6.35
N ILE A 137 0.94 -13.07 5.34
CA ILE A 137 0.96 -14.39 4.73
C ILE A 137 1.30 -14.31 3.24
N LEU A 138 1.91 -15.37 2.71
CA LEU A 138 2.28 -15.40 1.30
C LEU A 138 1.85 -16.73 0.66
N PRO A 139 0.59 -16.85 0.36
CA PRO A 139 0.03 -18.08 -0.27
C PRO A 139 0.43 -18.24 -1.73
N THR A 140 0.72 -19.46 -2.14
CA THR A 140 1.09 -19.73 -3.52
C THR A 140 0.29 -20.91 -4.05
N MET A 141 0.12 -20.97 -5.36
CA MET A 141 -0.63 -22.06 -5.96
C MET A 141 -0.60 -21.98 -7.48
N ASN A 142 -0.43 -23.13 -8.13
CA ASN A 142 -0.40 -23.18 -9.59
C ASN A 142 -1.60 -23.95 -10.13
N GLY A 143 -2.22 -23.41 -11.18
CA GLY A 143 -3.38 -24.05 -11.77
C GLY A 143 -3.08 -25.51 -12.10
N GLU A 144 -1.84 -25.78 -12.51
CA GLU A 144 -1.43 -27.12 -12.84
C GLU A 144 -0.06 -27.40 -12.23
N SER A 145 0.08 -28.54 -11.59
CA SER A 145 1.35 -28.90 -10.96
C SER A 145 1.90 -30.20 -11.53
N VAL A 146 3.22 -30.31 -11.53
CA VAL A 146 3.88 -31.52 -12.04
C VAL A 146 4.99 -31.95 -11.11
N ASP A 147 5.17 -33.27 -10.98
CA ASP A 147 6.20 -33.80 -10.10
C ASP A 147 7.22 -34.61 -10.91
N PRO A 148 8.43 -34.74 -10.41
CA PRO A 148 9.49 -35.51 -11.10
C PRO A 148 9.04 -36.92 -11.47
N VAL A 149 9.50 -37.40 -12.61
CA VAL A 149 9.14 -38.74 -13.08
C VAL A 149 10.38 -39.43 -13.62
N GLY A 150 10.19 -40.33 -14.58
CA GLY A 150 11.32 -41.01 -15.18
C GLY A 150 11.90 -40.15 -16.29
N GLN A 151 13.09 -39.62 -16.06
CA GLN A 151 13.73 -38.75 -17.05
C GLN A 151 15.24 -38.78 -16.88
N PRO A 152 15.98 -38.52 -17.93
CA PRO A 152 17.46 -38.51 -17.89
C PRO A 152 17.98 -37.73 -16.67
N ALA A 153 18.53 -36.53 -16.87
CA ALA A 153 19.03 -35.74 -15.76
C ALA A 153 17.88 -35.14 -14.95
N LEU A 154 18.14 -34.83 -13.69
CA LEU A 154 17.12 -34.26 -12.83
C LEU A 154 17.09 -32.75 -12.96
N LYS A 155 15.89 -32.17 -12.99
CA LYS A 155 15.74 -30.73 -13.12
C LYS A 155 15.62 -30.08 -11.75
N THR A 156 16.36 -28.99 -11.55
CA THR A 156 16.33 -28.28 -10.28
C THR A 156 15.93 -26.82 -10.50
N GLU A 157 15.48 -26.16 -9.43
CA GLU A 157 15.07 -24.77 -9.53
C GLU A 157 16.05 -23.86 -8.80
N GLU A 158 16.42 -22.75 -9.43
CA GLU A 158 17.36 -21.81 -8.83
C GLU A 158 16.75 -20.42 -8.77
N ARG A 159 17.20 -19.61 -7.81
CA ARG A 159 16.69 -18.26 -7.67
C ARG A 159 17.76 -17.35 -7.06
N LYS A 160 17.58 -16.04 -7.22
CA LYS A 160 18.52 -15.07 -6.69
C LYS A 160 17.85 -14.16 -5.67
N ALA A 161 18.59 -13.79 -4.64
CA ALA A 161 18.06 -12.92 -3.60
C ALA A 161 19.20 -12.14 -2.96
N LYS A 162 18.87 -10.97 -2.41
CA LYS A 162 19.89 -10.15 -1.76
C LYS A 162 19.45 -9.76 -0.35
N PRO A 163 19.60 -10.65 0.59
CA PRO A 163 19.22 -10.40 2.01
C PRO A 163 20.19 -9.44 2.69
N ALA A 164 19.67 -8.64 3.62
CA ALA A 164 20.50 -7.68 4.34
C ALA A 164 21.51 -8.42 5.22
N PRO A 165 22.61 -7.79 5.52
CA PRO A 165 23.67 -8.41 6.36
C PRO A 165 23.11 -9.01 7.65
N SER A 166 23.58 -10.20 7.99
CA SER A 166 23.12 -10.88 9.19
C SER A 166 24.22 -11.74 9.79
N LYS A 167 24.10 -12.06 11.08
CA LYS A 167 25.09 -12.89 11.74
C LYS A 167 26.47 -12.23 11.68
N THR A 168 26.53 -10.95 12.01
CA THR A 168 27.79 -10.22 11.97
C THR A 168 28.70 -10.68 13.10
N GLN A 169 29.97 -10.90 12.76
CA GLN A 169 30.95 -11.34 13.75
C GLN A 169 31.97 -10.24 14.03
N ALA A 170 32.38 -10.13 15.29
CA ALA A 170 33.34 -9.11 15.68
C ALA A 170 34.75 -9.70 15.70
N ARG A 171 35.71 -8.93 15.18
CA ARG A 171 37.10 -9.38 15.14
C ARG A 171 38.02 -8.35 15.77
N PRO A 172 38.09 -8.32 17.08
CA PRO A 172 38.96 -7.37 17.82
C PRO A 172 40.44 -7.67 17.59
N VAL A 173 41.26 -6.62 17.62
CA VAL A 173 42.69 -6.78 17.41
C VAL A 173 43.46 -6.48 18.69
N GLY A 174 44.56 -7.20 18.88
CA GLY A 174 45.38 -7.01 20.06
C GLY A 174 46.07 -8.32 20.44
N VAL A 175 47.24 -8.22 21.08
CA VAL A 175 47.97 -9.40 21.50
C VAL A 175 48.29 -9.31 22.98
N LYS A 176 48.42 -10.45 23.64
CA LYS A 176 48.74 -10.46 25.06
C LYS A 176 50.12 -9.85 25.25
N ILE A 177 50.22 -8.56 24.95
CA ILE A 177 51.48 -7.85 25.06
C ILE A 177 51.49 -7.02 26.34
N PRO A 178 52.59 -6.98 27.08
CA PRO A 178 52.69 -6.16 28.31
C PRO A 178 52.19 -4.76 28.02
N THR A 179 51.82 -4.00 29.04
CA THR A 179 51.38 -2.62 28.78
C THR A 179 51.48 -1.76 30.04
N CYS A 180 51.48 -0.44 29.83
CA CYS A 180 51.59 0.51 30.93
C CYS A 180 51.02 1.86 30.52
N LYS A 181 50.89 2.77 31.49
CA LYS A 181 50.34 4.09 31.21
C LYS A 181 51.45 5.13 31.04
N ILE A 182 51.24 6.06 30.10
CA ILE A 182 52.22 7.12 29.85
C ILE A 182 51.55 8.49 29.91
N THR A 183 51.03 8.83 31.07
CA THR A 183 50.38 10.12 31.26
C THR A 183 51.42 11.22 31.40
N LEU A 184 51.31 12.24 30.58
CA LEU A 184 52.25 13.36 30.61
C LEU A 184 51.50 14.69 30.72
N LYS A 185 51.77 15.46 31.76
CA LYS A 185 51.13 16.76 31.92
C LYS A 185 52.14 17.86 31.66
N GLU A 186 52.14 18.38 30.43
CA GLU A 186 53.07 19.43 30.06
C GLU A 186 52.36 20.74 29.75
N THR A 187 53.04 21.86 30.04
CA THR A 187 52.47 23.18 29.79
C THR A 187 53.10 23.77 28.53
N PHE A 188 52.27 24.41 27.71
CA PHE A 188 52.77 25.02 26.48
C PHE A 188 52.64 26.53 26.49
N LEU A 189 53.69 27.18 26.00
CA LEU A 189 53.71 28.63 25.94
C LEU A 189 52.82 29.13 24.80
N THR A 190 51.81 28.33 24.47
CA THR A 190 50.88 28.69 23.40
C THR A 190 49.45 28.39 23.84
N SER A 191 48.49 28.96 23.12
CA SER A 191 47.09 28.74 23.44
C SER A 191 46.67 27.34 23.01
N PRO A 192 45.66 26.78 23.63
CA PRO A 192 45.19 25.41 23.27
C PRO A 192 44.82 25.28 21.80
N GLU A 193 44.30 26.36 21.23
CA GLU A 193 43.91 26.36 19.83
C GLU A 193 45.11 26.16 18.91
N GLU A 194 46.22 26.82 19.24
CA GLU A 194 47.44 26.73 18.42
C GLU A 194 48.05 25.33 18.48
N LEU A 195 48.21 24.80 19.69
CA LEU A 195 48.79 23.48 19.86
C LEU A 195 47.95 22.42 19.14
N TYR A 196 46.65 22.62 19.18
CA TYR A 196 45.69 21.70 18.55
C TYR A 196 46.05 21.46 17.10
N ARG A 197 46.40 22.52 16.41
CA ARG A 197 46.76 22.43 14.99
C ARG A 197 48.02 21.60 14.81
N VAL A 198 48.94 21.75 15.74
CA VAL A 198 50.20 21.02 15.66
C VAL A 198 49.96 19.53 15.68
N PHE A 199 48.96 19.12 16.43
CA PHE A 199 48.63 17.71 16.51
C PHE A 199 47.62 17.31 15.44
N THR A 200 47.03 18.30 14.77
CA THR A 200 46.03 17.99 13.74
C THR A 200 46.39 18.63 12.40
N THR A 201 47.63 19.09 12.26
CA THR A 201 48.06 19.67 11.00
C THR A 201 49.38 19.04 10.60
N GLN A 202 49.38 18.36 9.47
CA GLN A 202 50.58 17.69 9.02
C GLN A 202 51.76 18.64 8.93
N GLU A 203 51.64 19.63 8.06
CA GLU A 203 52.70 20.61 7.89
C GLU A 203 53.35 20.94 9.23
N LEU A 204 52.51 21.12 10.22
CA LEU A 204 52.98 21.44 11.55
C LEU A 204 53.68 20.23 12.17
N VAL A 205 53.16 19.05 11.88
CA VAL A 205 53.76 17.82 12.41
C VAL A 205 55.09 17.59 11.74
N GLN A 206 55.11 17.77 10.43
CA GLN A 206 56.31 17.61 9.66
C GLN A 206 57.33 18.65 10.07
N ALA A 207 56.85 19.66 10.80
CA ALA A 207 57.72 20.73 11.27
C ALA A 207 58.50 20.33 12.51
N PHE A 208 57.79 19.94 13.57
CA PHE A 208 58.48 19.57 14.80
C PHE A 208 59.06 18.16 14.72
N THR A 209 58.64 17.38 13.74
CA THR A 209 59.17 16.04 13.59
C THR A 209 60.49 16.10 12.82
N HIS A 210 60.77 17.27 12.29
CA HIS A 210 62.00 17.48 11.51
C HIS A 210 62.21 16.30 10.58
N ALA A 211 61.12 15.60 10.30
CA ALA A 211 61.16 14.45 9.42
C ALA A 211 59.85 14.34 8.65
N PRO A 212 59.77 13.42 7.73
CA PRO A 212 58.53 13.22 6.94
C PRO A 212 57.42 12.61 7.78
N ALA A 213 56.23 13.17 7.62
CA ALA A 213 55.07 12.69 8.35
C ALA A 213 53.82 12.83 7.49
N THR A 214 52.78 12.12 7.88
CA THR A 214 51.50 12.16 7.19
C THR A 214 50.39 12.30 8.22
N LEU A 215 49.52 13.30 8.07
CA LEU A 215 48.46 13.48 9.07
C LEU A 215 47.09 13.78 8.46
N GLU A 216 46.09 13.04 8.94
CA GLU A 216 44.72 13.23 8.51
C GLU A 216 43.91 13.69 9.73
N ALA A 217 43.46 14.93 9.74
CA ALA A 217 42.72 15.41 10.88
C ALA A 217 41.23 15.13 10.71
N ASP A 218 40.83 13.93 11.11
CA ASP A 218 39.44 13.51 11.01
C ASP A 218 39.22 12.32 11.93
N ARG A 219 37.97 12.09 12.34
CA ARG A 219 37.70 10.95 13.21
C ARG A 219 38.01 9.68 12.46
N GLY A 220 39.15 9.11 12.79
CA GLY A 220 39.61 7.90 12.14
C GLY A 220 40.73 8.26 11.19
N GLY A 221 41.10 9.54 11.20
CA GLY A 221 42.18 10.02 10.35
C GLY A 221 43.43 9.23 10.65
N LYS A 222 44.28 9.05 9.66
CA LYS A 222 45.50 8.29 9.88
C LYS A 222 46.71 9.21 9.95
N PHE A 223 47.39 9.17 11.08
CA PHE A 223 48.57 10.00 11.25
C PHE A 223 49.82 9.17 11.39
N HIS A 224 50.82 9.53 10.59
CA HIS A 224 52.10 8.87 10.60
C HIS A 224 53.17 9.93 10.74
N MET A 225 54.20 9.66 11.54
CA MET A 225 55.23 10.67 11.74
C MET A 225 56.59 10.04 12.01
N VAL A 226 57.50 10.87 12.50
CA VAL A 226 58.86 10.41 12.79
C VAL A 226 59.34 9.51 11.66
N ASP A 227 59.35 10.06 10.44
CA ASP A 227 59.77 9.31 9.27
C ASP A 227 58.92 8.07 9.11
N GLY A 228 57.64 8.23 9.36
CA GLY A 228 56.69 7.14 9.23
C GLY A 228 56.92 6.05 10.26
N ASN A 229 57.50 6.41 11.41
CA ASN A 229 57.76 5.43 12.43
C ASN A 229 56.73 5.51 13.56
N VAL A 230 55.88 6.53 13.51
CA VAL A 230 54.84 6.70 14.52
C VAL A 230 53.48 6.76 13.84
N SER A 231 52.75 5.65 13.83
CA SER A 231 51.46 5.63 13.17
C SER A 231 50.32 5.43 14.14
N GLY A 232 49.13 5.80 13.71
CA GLY A 232 47.94 5.67 14.53
C GLY A 232 46.74 6.33 13.85
N GLU A 233 45.59 6.26 14.52
CA GLU A 233 44.39 6.86 13.97
C GLU A 233 43.73 7.73 15.01
N PHE A 234 42.93 8.67 14.54
CA PHE A 234 42.23 9.55 15.46
C PHE A 234 40.88 8.96 15.83
N THR A 235 40.75 8.56 17.08
CA THR A 235 39.50 7.99 17.56
C THR A 235 38.52 9.12 17.87
N ASP A 236 39.07 10.30 18.14
CA ASP A 236 38.25 11.46 18.45
C ASP A 236 39.03 12.74 18.21
N LEU A 237 38.32 13.76 17.77
CA LEU A 237 38.94 15.06 17.53
C LEU A 237 37.97 16.17 17.90
N VAL A 238 38.16 16.74 19.06
CA VAL A 238 37.31 17.83 19.50
C VAL A 238 38.06 19.15 19.26
N PRO A 239 37.49 20.09 18.54
CA PRO A 239 38.19 21.36 18.21
C PRO A 239 38.90 22.01 19.40
N GLU A 240 40.21 21.88 19.44
CA GLU A 240 41.02 22.50 20.50
C GLU A 240 40.56 22.09 21.88
N LYS A 241 39.86 20.98 21.98
CA LYS A 241 39.34 20.54 23.26
C LYS A 241 39.85 19.17 23.68
N HIS A 242 39.88 18.21 22.75
CA HIS A 242 40.29 16.87 23.13
C HIS A 242 40.48 15.98 21.92
N ILE A 243 41.51 15.14 21.99
CA ILE A 243 41.79 14.22 20.91
C ILE A 243 42.08 12.82 21.40
N VAL A 244 41.37 11.85 20.84
CA VAL A 244 41.60 10.47 21.18
C VAL A 244 42.18 9.78 19.96
N MET A 245 43.34 9.20 20.10
CA MET A 245 43.97 8.54 18.97
C MET A 245 44.73 7.31 19.38
N LYS A 246 44.86 6.41 18.43
CA LYS A 246 45.60 5.18 18.63
C LYS A 246 47.05 5.50 18.34
N TRP A 247 47.98 4.85 19.02
CA TRP A 247 49.39 5.20 18.80
C TRP A 247 50.32 4.00 18.88
N ARG A 248 51.39 4.05 18.09
CA ARG A 248 52.38 2.97 18.09
C ARG A 248 53.68 3.38 17.41
N PHE A 249 54.66 2.51 17.59
CA PHE A 249 55.97 2.69 16.99
C PHE A 249 56.12 1.66 15.88
N LYS A 250 56.90 1.97 14.87
CA LYS A 250 57.10 1.02 13.78
C LYS A 250 57.77 -0.25 14.30
N SER A 251 58.26 -0.19 15.53
CA SER A 251 58.92 -1.34 16.13
C SER A 251 57.95 -2.14 17.01
N TRP A 252 56.69 -1.72 17.03
CA TRP A 252 55.69 -2.40 17.83
C TRP A 252 55.02 -3.55 17.08
N PRO A 253 54.47 -4.50 17.79
CA PRO A 253 53.78 -5.64 17.16
C PRO A 253 52.65 -5.18 16.25
N GLU A 254 52.40 -5.93 15.19
CA GLU A 254 51.33 -5.56 14.27
C GLU A 254 49.99 -5.61 14.98
N GLY A 255 49.22 -4.53 14.88
CA GLY A 255 47.92 -4.47 15.51
C GLY A 255 48.04 -4.10 16.99
N HIS A 256 49.16 -3.50 17.36
CA HIS A 256 49.38 -3.11 18.76
C HIS A 256 49.53 -1.61 18.89
N PHE A 257 48.53 -0.98 19.48
CA PHE A 257 48.57 0.45 19.69
C PHE A 257 48.31 0.80 21.14
N ALA A 258 48.72 1.99 21.50
CA ALA A 258 48.50 2.49 22.84
C ALA A 258 47.39 3.52 22.79
N THR A 259 46.42 3.41 23.69
CA THR A 259 45.33 4.36 23.68
C THR A 259 45.83 5.69 24.19
N ILE A 260 45.83 6.69 23.31
CA ILE A 260 46.31 8.01 23.69
C ILE A 260 45.19 9.02 23.63
N THR A 261 45.07 9.80 24.68
CA THR A 261 44.05 10.83 24.75
C THR A 261 44.67 12.14 25.17
N LEU A 262 44.49 13.14 24.32
CA LEU A 262 45.03 14.46 24.59
C LEU A 262 43.91 15.44 24.89
N THR A 263 44.14 16.26 25.89
CA THR A 263 43.15 17.27 26.27
C THR A 263 43.79 18.65 26.23
N PHE A 264 43.02 19.62 25.75
CA PHE A 264 43.52 20.98 25.64
C PHE A 264 42.91 21.88 26.70
N ILE A 265 43.79 22.58 27.41
CA ILE A 265 43.35 23.48 28.47
C ILE A 265 43.97 24.86 28.34
N ASP A 266 43.14 25.87 28.47
CA ASP A 266 43.60 27.25 28.39
C ASP A 266 44.01 27.74 29.78
N LYS A 267 45.29 28.09 29.90
CA LYS A 267 45.84 28.55 31.16
C LYS A 267 46.01 30.06 31.19
N ASN A 268 45.35 30.73 30.27
CA ASN A 268 45.42 32.18 30.21
C ASN A 268 46.85 32.66 29.95
N GLY A 269 47.41 32.19 28.85
CA GLY A 269 48.76 32.55 28.48
C GLY A 269 49.44 31.34 27.87
N GLU A 270 49.20 30.20 28.48
CA GLU A 270 49.78 28.97 28.00
C GLU A 270 48.72 27.87 28.01
N THR A 271 49.12 26.64 27.69
CA THR A 271 48.16 25.55 27.64
C THR A 271 48.68 24.30 28.34
N GLU A 272 47.81 23.63 29.08
CA GLU A 272 48.18 22.40 29.77
C GLU A 272 47.63 21.20 29.02
N LEU A 273 48.50 20.55 28.25
CA LEU A 273 48.08 19.37 27.52
C LEU A 273 48.13 18.18 28.45
N CYS A 274 46.96 17.76 28.90
CA CYS A 274 46.87 16.63 29.80
C CYS A 274 46.80 15.32 29.01
N MET A 275 47.95 14.67 28.90
CA MET A 275 48.07 13.43 28.13
C MET A 275 47.79 12.20 28.99
N GLU A 276 47.01 11.27 28.44
CA GLU A 276 46.69 10.04 29.14
C GLU A 276 46.88 8.86 28.20
N GLY A 277 48.11 8.34 28.18
CA GLY A 277 48.43 7.21 27.31
C GLY A 277 48.32 5.89 28.04
N ARG A 278 47.65 4.93 27.41
CA ARG A 278 47.47 3.61 28.00
C ARG A 278 47.63 2.53 26.93
N GLY A 279 48.15 1.37 27.34
CA GLY A 279 48.34 0.26 26.40
C GLY A 279 49.78 0.21 25.90
N ILE A 280 50.56 1.21 26.26
CA ILE A 280 51.95 1.27 25.85
C ILE A 280 52.68 0.03 26.35
N PRO A 281 53.27 -0.75 25.48
CA PRO A 281 53.98 -1.97 25.90
C PRO A 281 55.02 -1.68 26.98
N ALA A 282 54.96 -2.45 28.04
CA ALA A 282 55.89 -2.30 29.15
C ALA A 282 57.35 -2.26 28.66
N PRO A 283 57.76 -3.17 27.79
CA PRO A 283 59.16 -3.17 27.30
C PRO A 283 59.49 -1.88 26.58
N GLU A 284 58.49 -1.35 25.89
CA GLU A 284 58.64 -0.14 25.11
C GLU A 284 58.23 1.09 25.93
N GLU A 285 57.77 0.85 27.15
CA GLU A 285 57.32 1.95 28.00
C GLU A 285 58.37 3.05 28.11
N GLU A 286 59.58 2.68 28.49
CA GLU A 286 60.63 3.68 28.61
C GLU A 286 60.82 4.39 27.29
N ARG A 287 60.79 3.63 26.20
CA ARG A 287 60.97 4.21 24.87
C ARG A 287 59.85 5.17 24.51
N THR A 288 58.61 4.68 24.60
CA THR A 288 57.45 5.49 24.25
C THR A 288 57.49 6.86 24.91
N ARG A 289 57.56 6.87 26.24
CA ARG A 289 57.58 8.12 26.96
C ARG A 289 58.75 9.00 26.52
N GLN A 290 59.91 8.38 26.38
CA GLN A 290 61.10 9.13 25.97
C GLN A 290 60.95 9.66 24.55
N GLY A 291 60.40 8.83 23.68
CA GLY A 291 60.22 9.21 22.28
C GLY A 291 58.97 10.06 22.10
N TRP A 292 58.32 10.41 23.20
CA TRP A 292 57.11 11.23 23.12
C TRP A 292 57.45 12.71 23.21
N GLN A 293 57.48 13.25 24.42
CA GLN A 293 57.77 14.67 24.62
C GLN A 293 58.92 15.14 23.72
N ARG A 294 60.01 14.37 23.70
CA ARG A 294 61.17 14.72 22.89
C ARG A 294 60.76 15.07 21.48
N TYR A 295 59.89 14.26 20.88
CA TYR A 295 59.44 14.51 19.53
C TYR A 295 58.08 15.22 19.55
N TYR A 296 57.40 15.16 20.68
CA TYR A 296 56.10 15.79 20.81
C TYR A 296 56.19 17.18 21.42
N PHE A 297 56.09 17.23 22.74
CA PHE A 297 56.13 18.48 23.47
C PHE A 297 57.47 19.17 23.35
N GLU A 298 58.49 18.55 23.90
CA GLU A 298 59.82 19.12 23.85
C GLU A 298 60.20 19.47 22.41
N GLY A 299 59.69 18.70 21.45
CA GLY A 299 59.96 18.97 20.05
C GLY A 299 59.22 20.21 19.59
N ILE A 300 57.90 20.19 19.77
CA ILE A 300 57.07 21.34 19.38
C ILE A 300 57.56 22.59 20.11
N LYS A 301 57.72 22.46 21.42
CA LYS A 301 58.20 23.56 22.23
C LYS A 301 59.49 24.11 21.66
N GLN A 302 60.26 23.23 21.05
CA GLN A 302 61.53 23.62 20.45
C GLN A 302 61.32 24.24 19.08
N THR A 303 60.64 23.49 18.21
CA THR A 303 60.37 23.94 16.85
C THR A 303 59.43 25.15 16.81
N PHE A 304 58.33 25.06 17.53
CA PHE A 304 57.35 26.13 17.56
C PHE A 304 57.74 27.20 18.56
N GLY A 305 58.40 26.78 19.63
CA GLY A 305 58.82 27.73 20.65
C GLY A 305 57.76 27.87 21.72
N TYR A 306 57.03 26.79 21.96
CA TYR A 306 55.98 26.78 22.94
C TYR A 306 56.45 26.25 24.30
N GLY A 307 57.75 26.35 24.57
CA GLY A 307 58.27 25.89 25.85
C GLY A 307 58.50 27.06 26.80
N ALA A 308 58.91 26.75 28.02
CA ALA A 308 59.16 27.78 29.03
C ALA A 308 60.65 27.86 29.34
N THR A 1 -9.63 -7.71 22.10
CA THR A 1 -9.27 -6.70 23.08
C THR A 1 -7.76 -6.45 23.08
N GLU A 2 -7.26 -5.89 21.99
CA GLU A 2 -5.84 -5.61 21.86
C GLU A 2 -5.57 -4.12 22.06
N ARG A 3 -4.45 -3.81 22.71
CA ARG A 3 -4.09 -2.42 22.95
C ARG A 3 -3.53 -1.79 21.68
N ASP A 4 -3.88 -0.53 21.45
CA ASP A 4 -3.39 0.16 20.27
C ASP A 4 -1.99 0.71 20.52
N ALA A 5 -1.01 0.15 19.83
CA ALA A 5 0.37 0.58 19.99
C ALA A 5 0.50 2.08 19.73
N SER A 6 0.28 2.87 20.78
CA SER A 6 0.37 4.32 20.65
C SER A 6 1.82 4.79 20.74
N ASN A 7 2.65 4.01 21.43
CA ASN A 7 4.05 4.37 21.58
C ASN A 7 4.74 4.51 20.23
N TRP A 8 4.54 3.54 19.35
CA TRP A 8 5.16 3.59 18.02
C TRP A 8 4.45 4.60 17.15
N SER A 9 3.18 4.86 17.45
CA SER A 9 2.40 5.81 16.66
C SER A 9 3.08 7.17 16.65
N THR A 10 2.94 7.91 17.74
CA THR A 10 3.54 9.22 17.81
C THR A 10 5.02 9.15 17.45
N ASP A 11 5.72 8.16 17.98
CA ASP A 11 7.15 8.02 17.71
C ASP A 11 7.46 8.15 16.22
N LYS A 12 6.74 7.41 15.39
CA LYS A 12 6.99 7.46 13.95
C LYS A 12 6.25 8.62 13.31
N LEU A 13 4.95 8.72 13.58
CA LEU A 13 4.15 9.79 13.01
C LEU A 13 4.74 11.16 13.35
N LYS A 14 5.18 11.32 14.61
CA LYS A 14 5.76 12.59 15.02
C LYS A 14 7.05 12.84 14.26
N THR A 15 7.87 11.80 14.15
CA THR A 15 9.13 11.91 13.43
C THR A 15 8.88 12.20 11.96
N LEU A 16 7.99 11.40 11.38
CA LEU A 16 7.63 11.56 9.99
C LEU A 16 7.06 12.95 9.76
N PHE A 17 6.40 13.48 10.76
CA PHE A 17 5.82 14.83 10.66
C PHE A 17 6.91 15.88 10.84
N LEU A 18 7.83 15.63 11.77
CA LEU A 18 8.92 16.57 12.00
C LEU A 18 10.03 16.31 10.98
N ALA A 19 9.74 15.40 10.06
CA ALA A 19 10.69 15.05 9.02
C ALA A 19 10.15 15.45 7.67
N VAL A 20 9.11 16.29 7.67
CA VAL A 20 8.53 16.74 6.42
C VAL A 20 9.65 17.24 5.52
N GLN A 21 9.64 16.79 4.29
CA GLN A 21 10.69 17.17 3.34
C GLN A 21 10.22 18.21 2.35
N VAL A 22 11.19 18.95 1.85
CA VAL A 22 10.94 20.01 0.90
C VAL A 22 11.49 19.66 -0.49
N GLN A 23 10.83 20.20 -1.50
CA GLN A 23 11.23 20.01 -2.88
C GLN A 23 11.83 21.30 -3.40
N ASN A 24 11.22 21.87 -4.44
CA ASN A 24 11.69 23.12 -5.00
C ASN A 24 10.93 24.29 -4.39
N GLU A 25 11.48 25.49 -4.51
CA GLU A 25 10.82 26.67 -3.95
C GLU A 25 9.39 26.77 -4.46
N GLU A 26 9.15 26.19 -5.63
CA GLU A 26 7.83 26.22 -6.22
C GLU A 26 6.84 25.52 -5.31
N GLY A 27 7.23 24.36 -4.81
CA GLY A 27 6.38 23.59 -3.91
C GLY A 27 7.24 22.89 -2.86
N LYS A 28 7.82 23.68 -1.96
CA LYS A 28 8.66 23.12 -0.91
C LYS A 28 7.87 22.98 0.38
N CYS A 29 8.35 22.14 1.28
CA CYS A 29 7.67 21.92 2.54
C CYS A 29 8.66 21.75 3.68
N GLU A 30 8.39 22.40 4.80
CA GLU A 30 9.27 22.29 5.96
C GLU A 30 8.44 22.24 7.24
N VAL A 31 8.83 21.38 8.18
CA VAL A 31 8.10 21.30 9.43
C VAL A 31 8.71 22.23 10.48
N THR A 32 7.86 22.95 11.19
CA THR A 32 8.33 23.86 12.23
C THR A 32 8.14 23.26 13.62
N GLU A 33 7.06 22.49 13.77
CA GLU A 33 6.76 21.85 15.06
C GLU A 33 5.52 20.97 14.95
N VAL A 34 5.59 19.80 15.55
CA VAL A 34 4.48 18.86 15.52
C VAL A 34 4.13 18.41 16.94
N SER A 35 2.84 18.42 17.25
CA SER A 35 2.40 18.00 18.57
C SER A 35 2.43 16.48 18.68
N LYS A 36 1.32 15.85 18.33
CA LYS A 36 1.18 14.40 18.38
C LYS A 36 -0.30 14.05 18.30
N LEU A 37 -0.60 12.86 17.79
CA LEU A 37 -1.99 12.44 17.69
C LEU A 37 -2.61 12.43 19.08
N ASP A 38 -3.63 13.27 19.28
CA ASP A 38 -4.29 13.35 20.58
C ASP A 38 -5.71 12.77 20.51
N GLY A 39 -5.93 11.65 21.21
CA GLY A 39 -7.23 11.01 21.21
C GLY A 39 -7.13 9.61 21.82
N GLU A 40 -8.13 8.78 21.52
CA GLU A 40 -8.13 7.42 22.04
C GLU A 40 -8.46 6.42 20.93
N ALA A 41 -7.64 5.40 20.78
CA ALA A 41 -7.87 4.39 19.75
C ALA A 41 -8.07 3.00 20.36
N SER A 42 -8.60 2.08 19.55
CA SER A 42 -8.84 0.72 20.03
C SER A 42 -8.94 -0.26 18.85
N ILE A 43 -8.02 -1.21 18.81
CA ILE A 43 -8.02 -2.22 17.75
C ILE A 43 -8.00 -3.61 18.36
N ASN A 44 -8.64 -4.56 17.70
CA ASN A 44 -8.67 -5.93 18.20
C ASN A 44 -8.00 -6.88 17.22
N ASN A 45 -6.95 -7.55 17.67
CA ASN A 45 -6.23 -8.47 16.80
C ASN A 45 -5.75 -9.69 17.58
N ARG A 46 -5.67 -10.82 16.88
CA ARG A 46 -5.20 -12.06 17.51
C ARG A 46 -4.66 -13.01 16.45
N LYS A 47 -3.69 -12.53 15.68
CA LYS A 47 -3.06 -13.36 14.65
C LYS A 47 -4.10 -14.01 13.73
N GLY A 48 -4.86 -13.19 13.00
CA GLY A 48 -5.85 -13.74 12.08
C GLY A 48 -7.23 -13.10 12.27
N LYS A 49 -7.27 -11.91 12.83
CA LYS A 49 -8.53 -11.21 13.05
C LYS A 49 -8.27 -9.73 13.28
N LEU A 50 -7.85 -9.03 12.23
CA LEU A 50 -7.54 -7.61 12.35
C LEU A 50 -8.74 -6.72 12.06
N ILE A 51 -9.08 -5.89 13.03
CA ILE A 51 -10.19 -4.94 12.88
C ILE A 51 -9.77 -3.61 13.47
N PHE A 52 -10.09 -2.51 12.80
CA PHE A 52 -9.69 -1.20 13.29
C PHE A 52 -10.88 -0.31 13.64
N PHE A 53 -10.87 0.19 14.87
CA PHE A 53 -11.90 1.11 15.33
C PHE A 53 -11.25 2.13 16.25
N TYR A 54 -11.18 3.38 15.81
CA TYR A 54 -10.54 4.39 16.63
C TYR A 54 -10.97 5.80 16.27
N GLU A 55 -10.61 6.74 17.14
CA GLU A 55 -10.92 8.14 16.95
C GLU A 55 -9.79 9.00 17.51
N TRP A 56 -8.86 9.40 16.65
CA TRP A 56 -7.72 10.20 17.09
C TRP A 56 -7.47 11.34 16.10
N SER A 57 -7.00 12.48 16.62
CA SER A 57 -6.74 13.65 15.78
C SER A 57 -5.29 14.08 15.90
N VAL A 58 -4.76 14.66 14.82
CA VAL A 58 -3.37 15.12 14.83
C VAL A 58 -3.32 16.61 14.52
N LYS A 59 -2.35 17.31 15.10
CA LYS A 59 -2.22 18.74 14.88
C LYS A 59 -0.77 19.15 14.72
N LEU A 60 -0.44 19.75 13.57
CA LEU A 60 0.93 20.19 13.32
C LEU A 60 0.97 21.41 12.40
N ASN A 61 2.16 21.95 12.18
CA ASN A 61 2.33 23.13 11.32
C ASN A 61 3.59 23.01 10.46
N TRP A 62 3.56 23.62 9.29
CA TRP A 62 4.72 23.59 8.39
C TRP A 62 4.88 24.91 7.65
N THR A 63 5.96 25.03 6.86
CA THR A 63 6.22 26.23 6.09
C THR A 63 6.47 25.91 4.63
N GLY A 64 5.96 26.76 3.75
CA GLY A 64 6.12 26.54 2.32
C GLY A 64 6.55 27.84 1.63
N THR A 65 7.72 27.80 1.00
CA THR A 65 8.23 28.97 0.29
C THR A 65 7.84 28.93 -1.18
N SER A 66 7.69 30.11 -1.78
CA SER A 66 7.31 30.18 -3.19
C SER A 66 8.37 30.92 -3.99
N LYS A 67 8.48 30.58 -5.28
CA LYS A 67 9.46 31.23 -6.14
C LYS A 67 9.24 32.74 -6.11
N SER A 68 8.01 33.16 -5.83
CA SER A 68 7.69 34.57 -5.76
C SER A 68 8.53 35.23 -4.68
N GLY A 69 8.96 34.42 -3.72
CA GLY A 69 9.79 34.92 -2.63
C GLY A 69 8.97 35.09 -1.36
N VAL A 70 7.85 34.37 -1.27
CA VAL A 70 7.00 34.46 -0.09
C VAL A 70 6.96 33.17 0.70
N GLN A 71 7.10 33.30 2.02
CA GLN A 71 7.05 32.16 2.91
C GLN A 71 5.80 32.25 3.76
N TYR A 72 5.15 31.12 3.99
CA TYR A 72 3.93 31.13 4.79
C TYR A 72 3.87 29.88 5.64
N LYS A 73 3.56 30.06 6.91
CA LYS A 73 3.45 28.93 7.80
C LYS A 73 1.98 28.62 8.06
N GLY A 74 1.54 27.50 7.50
CA GLY A 74 0.15 27.10 7.61
C GLY A 74 -0.05 26.09 8.74
N HIS A 75 -1.30 25.64 8.88
CA HIS A 75 -1.65 24.68 9.90
C HIS A 75 -2.43 23.51 9.29
N VAL A 76 -2.24 22.32 9.84
CA VAL A 76 -2.95 21.14 9.37
C VAL A 76 -3.47 20.37 10.56
N GLU A 77 -4.72 19.95 10.50
CA GLU A 77 -5.30 19.22 11.61
C GLU A 77 -6.48 18.36 11.14
N ILE A 78 -6.43 17.07 11.48
CA ILE A 78 -7.50 16.16 11.12
C ILE A 78 -8.28 15.76 12.37
N PRO A 79 -9.55 16.08 12.46
CA PRO A 79 -10.36 15.76 13.66
C PRO A 79 -10.41 14.26 13.99
N ASN A 80 -11.50 13.85 14.64
CA ASN A 80 -11.68 12.47 15.06
C ASN A 80 -11.90 11.51 13.89
N LEU A 81 -11.26 11.77 12.76
CA LEU A 81 -11.42 10.88 11.61
C LEU A 81 -10.84 9.51 11.94
N SER A 82 -11.50 8.46 11.46
CA SER A 82 -11.06 7.10 11.73
C SER A 82 -10.39 6.48 10.51
N ASP A 83 -9.33 5.73 10.77
CA ASP A 83 -8.58 5.06 9.71
C ASP A 83 -9.30 3.78 9.26
N GLU A 84 -10.51 3.57 9.77
CA GLU A 84 -11.26 2.37 9.39
C GLU A 84 -11.36 2.31 7.88
N ASN A 85 -11.23 3.49 7.28
CA ASN A 85 -11.28 3.62 5.83
C ASN A 85 -9.91 4.07 5.33
N SER A 86 -9.80 4.34 4.03
CA SER A 86 -8.52 4.78 3.48
C SER A 86 -7.98 5.93 4.32
N VAL A 87 -6.80 5.75 4.89
CA VAL A 87 -6.19 6.78 5.72
C VAL A 87 -5.93 8.05 4.92
N ASP A 88 -5.39 7.89 3.73
CA ASP A 88 -5.08 9.03 2.86
C ASP A 88 -6.31 9.87 2.57
N GLU A 89 -7.48 9.22 2.47
CA GLU A 89 -8.71 9.94 2.17
C GLU A 89 -9.23 10.66 3.42
N VAL A 90 -8.53 10.49 4.53
CA VAL A 90 -8.94 11.13 5.78
C VAL A 90 -9.07 12.64 5.58
N GLU A 91 -10.15 13.20 6.11
CA GLU A 91 -10.39 14.62 5.98
C GLU A 91 -9.32 15.42 6.72
N ILE A 92 -8.55 16.16 5.95
CA ILE A 92 -7.48 16.99 6.50
C ILE A 92 -7.78 18.45 6.24
N SER A 93 -7.48 19.30 7.22
CA SER A 93 -7.72 20.72 7.09
C SER A 93 -6.40 21.47 6.99
N VAL A 94 -5.92 21.65 5.77
CA VAL A 94 -4.66 22.34 5.54
C VAL A 94 -4.89 23.83 5.29
N SER A 95 -4.05 24.64 5.91
CA SER A 95 -4.14 26.09 5.76
C SER A 95 -2.76 26.66 5.45
N LEU A 96 -2.19 26.22 4.32
CA LEU A 96 -0.86 26.68 3.91
C LEU A 96 -0.89 27.30 2.53
N ALA A 97 -0.15 28.39 2.40
CA ALA A 97 -0.03 29.10 1.13
C ALA A 97 -1.38 29.62 0.63
N LYS A 98 -2.48 29.04 1.12
CA LYS A 98 -3.79 29.48 0.68
C LYS A 98 -3.97 30.97 0.94
N ASP A 99 -3.46 31.42 2.08
CA ASP A 99 -3.57 32.82 2.46
C ASP A 99 -2.62 33.71 1.66
N GLU A 100 -1.46 33.14 1.29
CA GLU A 100 -0.46 33.90 0.54
C GLU A 100 -0.48 33.53 -0.95
N PRO A 101 -0.02 34.42 -1.80
CA PRO A 101 0.02 34.16 -3.27
C PRO A 101 0.59 32.79 -3.61
N ASP A 102 1.15 32.12 -2.61
CA ASP A 102 1.74 30.81 -2.84
C ASP A 102 0.69 29.82 -3.33
N THR A 103 -0.47 29.81 -2.66
CA THR A 103 -1.59 28.93 -3.01
C THR A 103 -1.16 27.70 -3.79
N ASN A 104 -0.86 27.87 -5.07
CA ASN A 104 -0.44 26.74 -5.90
C ASN A 104 0.46 25.81 -5.11
N LEU A 105 1.30 26.39 -4.26
CA LEU A 105 2.20 25.62 -3.44
C LEU A 105 1.42 24.61 -2.59
N VAL A 106 0.30 25.07 -2.04
CA VAL A 106 -0.55 24.22 -1.21
C VAL A 106 -1.05 23.02 -2.01
N ALA A 107 -1.37 23.24 -3.28
CA ALA A 107 -1.87 22.17 -4.13
C ALA A 107 -0.88 21.01 -4.16
N LEU A 108 0.40 21.33 -4.28
CA LEU A 108 1.40 20.29 -4.30
C LEU A 108 1.46 19.57 -2.96
N MET A 109 1.35 20.35 -1.88
CA MET A 109 1.37 19.78 -0.54
C MET A 109 0.23 18.78 -0.40
N LYS A 110 -0.87 19.08 -1.06
CA LYS A 110 -2.02 18.19 -1.03
C LYS A 110 -1.66 16.87 -1.69
N GLU A 111 -0.71 16.93 -2.63
CA GLU A 111 -0.28 15.73 -3.35
C GLU A 111 1.12 15.29 -2.89
N GLU A 112 1.73 16.09 -2.03
CA GLU A 112 3.07 15.77 -1.55
C GLU A 112 3.20 15.97 -0.05
N GLY A 113 2.51 16.97 0.48
CA GLY A 113 2.55 17.25 1.92
C GLY A 113 1.66 16.26 2.66
N VAL A 114 0.35 16.42 2.52
CA VAL A 114 -0.57 15.52 3.18
C VAL A 114 -0.28 14.11 2.70
N LYS A 115 0.09 13.99 1.43
CA LYS A 115 0.43 12.69 0.89
C LYS A 115 1.57 12.11 1.71
N LEU A 116 2.52 12.97 2.07
CA LEU A 116 3.64 12.54 2.89
C LEU A 116 3.08 11.73 4.06
N LEU A 117 1.96 12.20 4.60
CA LEU A 117 1.30 11.52 5.70
C LEU A 117 0.90 10.13 5.24
N ARG A 118 0.54 10.02 3.95
CA ARG A 118 0.17 8.72 3.41
C ARG A 118 1.23 7.72 3.79
N GLU A 119 2.48 8.19 3.76
CA GLU A 119 3.59 7.34 4.14
C GLU A 119 3.45 7.02 5.62
N ALA A 120 2.93 8.00 6.37
CA ALA A 120 2.71 7.79 7.79
C ALA A 120 1.71 6.67 7.98
N MET A 121 0.81 6.53 7.01
CA MET A 121 -0.19 5.48 7.06
C MET A 121 0.49 4.12 6.90
N GLY A 122 1.59 4.10 6.14
CA GLY A 122 2.32 2.86 5.92
C GLY A 122 2.82 2.26 7.24
N ILE A 123 3.55 3.05 8.01
CA ILE A 123 4.08 2.57 9.29
C ILE A 123 2.95 2.41 10.30
N TYR A 124 2.00 3.34 10.27
CA TYR A 124 0.87 3.28 11.19
C TYR A 124 0.15 1.96 11.03
N ILE A 125 -0.06 1.56 9.79
CA ILE A 125 -0.75 0.30 9.53
C ILE A 125 0.20 -0.87 9.74
N SER A 126 1.40 -0.74 9.20
CA SER A 126 2.40 -1.80 9.31
C SER A 126 2.93 -1.97 10.72
N THR A 127 3.53 -0.92 11.27
CA THR A 127 4.11 -1.00 12.61
C THR A 127 3.06 -1.32 13.66
N LEU A 128 1.92 -0.66 13.61
CA LEU A 128 0.87 -0.90 14.59
C LEU A 128 0.40 -2.35 14.55
N LYS A 129 0.29 -2.89 13.33
CA LYS A 129 -0.16 -4.27 13.17
C LYS A 129 1.02 -5.24 13.08
N THR A 130 2.24 -4.73 13.19
CA THR A 130 3.42 -5.58 13.10
C THR A 130 4.13 -5.65 14.45
N GLU A 131 3.34 -5.73 15.52
CA GLU A 131 3.91 -5.81 16.87
C GLU A 131 3.08 -6.74 17.75
N PHE A 132 1.90 -6.26 18.15
CA PHE A 132 1.02 -7.05 19.00
C PHE A 132 0.64 -8.37 18.33
N THR A 133 0.50 -8.34 17.01
CA THR A 133 0.14 -9.54 16.26
C THR A 133 0.99 -9.66 14.99
N GLN A 134 1.12 -10.90 14.49
CA GLN A 134 1.91 -11.13 13.28
C GLN A 134 1.02 -11.73 12.19
N GLY A 135 1.39 -11.49 10.94
CA GLY A 135 0.63 -12.02 9.82
C GLY A 135 0.80 -13.53 9.70
N MET A 136 -0.32 -14.24 9.66
CA MET A 136 -0.28 -15.69 9.55
C MET A 136 -0.81 -16.13 8.18
N ILE A 137 0.09 -16.63 7.34
CA ILE A 137 -0.29 -17.08 6.01
C ILE A 137 0.01 -18.58 5.84
N LEU A 138 -0.78 -19.24 5.01
CA LEU A 138 -0.60 -20.66 4.76
C LEU A 138 -0.65 -20.97 3.26
N PRO A 139 0.43 -20.72 2.57
CA PRO A 139 0.52 -20.96 1.10
C PRO A 139 0.55 -22.45 0.76
N THR A 140 -0.18 -22.84 -0.28
CA THR A 140 -0.22 -24.23 -0.70
C THR A 140 -0.02 -24.31 -2.20
N MET A 141 0.48 -25.44 -2.68
CA MET A 141 0.71 -25.62 -4.10
C MET A 141 1.19 -27.04 -4.40
N ASN A 142 0.68 -27.62 -5.48
CA ASN A 142 1.06 -28.98 -5.86
C ASN A 142 1.91 -28.95 -7.14
N GLY A 143 3.05 -29.62 -7.09
CA GLY A 143 3.94 -29.67 -8.24
C GLY A 143 4.19 -31.11 -8.68
N GLU A 144 4.42 -31.99 -7.70
CA GLU A 144 4.66 -33.38 -7.98
C GLU A 144 3.78 -34.24 -7.08
N SER A 145 3.33 -35.38 -7.58
CA SER A 145 2.49 -36.26 -6.79
C SER A 145 3.21 -37.57 -6.47
N VAL A 146 2.93 -38.11 -5.30
CA VAL A 146 3.57 -39.36 -4.88
C VAL A 146 2.53 -40.33 -4.33
N ASP A 147 2.78 -41.62 -4.53
CA ASP A 147 1.86 -42.66 -4.04
C ASP A 147 2.61 -43.66 -3.17
N PRO A 148 2.83 -43.31 -1.92
CA PRO A 148 3.55 -44.20 -0.97
C PRO A 148 2.74 -45.42 -0.57
N VAL A 149 3.44 -46.51 -0.26
CA VAL A 149 2.77 -47.75 0.13
C VAL A 149 3.70 -48.57 1.02
N GLY A 150 4.21 -49.67 0.49
CA GLY A 150 5.12 -50.51 1.25
C GLY A 150 6.55 -49.99 1.08
N GLN A 151 7.10 -49.44 2.16
CA GLN A 151 8.45 -48.89 2.12
C GLN A 151 9.25 -49.33 3.35
N PRO A 152 9.77 -50.53 3.32
CA PRO A 152 10.57 -51.08 4.44
C PRO A 152 11.96 -50.45 4.50
N ALA A 153 12.02 -49.24 5.06
CA ALA A 153 13.29 -48.52 5.17
C ALA A 153 13.30 -47.65 6.43
N LEU A 154 14.49 -47.29 6.88
CA LEU A 154 14.62 -46.44 8.07
C LEU A 154 14.74 -44.98 7.66
N LYS A 155 13.91 -44.14 8.27
CA LYS A 155 13.93 -42.71 7.98
C LYS A 155 14.72 -41.95 9.04
N THR A 156 15.38 -40.86 8.61
CA THR A 156 16.17 -40.05 9.53
C THR A 156 15.90 -38.57 9.30
N GLU A 157 16.17 -37.76 10.31
CA GLU A 157 15.95 -36.32 10.21
C GLU A 157 17.28 -35.58 10.08
N GLU A 158 17.30 -34.57 9.21
CA GLU A 158 18.50 -33.78 8.99
C GLU A 158 18.28 -32.34 9.39
N ARG A 159 19.32 -31.70 9.93
CA ARG A 159 19.22 -30.31 10.35
C ARG A 159 20.20 -29.43 9.56
N LYS A 160 19.77 -28.21 9.26
CA LYS A 160 20.60 -27.29 8.51
C LYS A 160 20.62 -25.91 9.16
N ALA A 161 21.78 -25.28 9.19
CA ALA A 161 21.91 -23.95 9.78
C ALA A 161 22.89 -23.12 8.97
N LYS A 162 22.66 -21.81 8.91
CA LYS A 162 23.53 -20.92 8.16
C LYS A 162 24.27 -19.94 9.07
N PRO A 163 23.64 -19.47 10.13
CA PRO A 163 24.29 -18.52 11.06
C PRO A 163 25.42 -19.16 11.86
N ALA A 164 26.48 -18.39 12.10
CA ALA A 164 27.63 -18.89 12.84
C ALA A 164 28.01 -17.91 13.95
N PRO A 165 28.75 -18.36 14.93
CA PRO A 165 29.19 -17.52 16.06
C PRO A 165 29.79 -16.19 15.58
N SER A 166 30.31 -16.20 14.35
CA SER A 166 30.91 -14.99 13.79
C SER A 166 30.33 -14.71 12.40
N LYS A 167 30.43 -13.46 11.96
CA LYS A 167 29.91 -13.07 10.65
C LYS A 167 30.78 -13.66 9.54
N THR A 168 30.15 -14.20 8.52
CA THR A 168 30.87 -14.79 7.39
C THR A 168 30.44 -14.14 6.08
N GLN A 169 31.24 -14.34 5.04
CA GLN A 169 30.93 -13.77 3.73
C GLN A 169 30.50 -14.87 2.76
N ALA A 170 29.60 -14.52 1.85
CA ALA A 170 29.11 -15.49 0.87
C ALA A 170 28.85 -14.80 -0.48
N ARG A 171 28.93 -15.58 -1.55
CA ARG A 171 28.70 -15.04 -2.89
C ARG A 171 27.66 -15.88 -3.63
N PRO A 172 26.41 -15.68 -3.34
CA PRO A 172 25.31 -16.44 -3.99
C PRO A 172 25.14 -16.06 -5.46
N VAL A 173 24.84 -17.05 -6.28
CA VAL A 173 24.66 -16.82 -7.71
C VAL A 173 23.48 -15.88 -7.96
N GLY A 174 22.41 -16.07 -7.19
CA GLY A 174 21.22 -15.24 -7.33
C GLY A 174 20.02 -15.88 -6.65
N VAL A 175 18.86 -15.75 -7.28
CA VAL A 175 17.64 -16.33 -6.73
C VAL A 175 16.93 -17.17 -7.79
N LYS A 176 16.08 -18.09 -7.36
CA LYS A 176 15.35 -18.94 -8.29
C LYS A 176 14.50 -18.08 -9.20
N ILE A 177 15.15 -17.33 -10.07
CA ILE A 177 14.45 -16.46 -10.99
C ILE A 177 14.44 -17.08 -12.39
N PRO A 178 13.34 -17.00 -13.12
CA PRO A 178 13.29 -17.56 -14.51
C PRO A 178 14.50 -17.09 -15.29
N THR A 179 14.86 -17.77 -16.36
CA THR A 179 15.99 -17.31 -17.17
C THR A 179 15.93 -17.86 -18.59
N CYS A 180 16.70 -17.24 -19.48
CA CYS A 180 16.72 -17.66 -20.88
C CYS A 180 18.05 -17.29 -21.54
N LYS A 181 18.17 -17.60 -22.83
CA LYS A 181 19.40 -17.29 -23.55
C LYS A 181 19.20 -16.13 -24.53
N ILE A 182 20.19 -15.24 -24.59
CA ILE A 182 20.13 -14.10 -25.49
C ILE A 182 21.37 -14.05 -26.38
N THR A 183 21.56 -15.10 -27.17
CA THR A 183 22.71 -15.16 -28.07
C THR A 183 22.48 -14.26 -29.28
N LEU A 184 23.39 -13.33 -29.49
CA LEU A 184 23.30 -12.41 -30.61
C LEU A 184 24.56 -12.47 -31.47
N LYS A 185 24.38 -12.48 -32.78
CA LYS A 185 25.51 -12.50 -33.70
C LYS A 185 25.41 -11.33 -34.67
N GLU A 186 26.06 -10.23 -34.33
CA GLU A 186 26.00 -9.03 -35.17
C GLU A 186 27.36 -8.71 -35.77
N THR A 187 27.34 -8.16 -36.99
CA THR A 187 28.57 -7.78 -37.68
C THR A 187 28.81 -6.28 -37.53
N PHE A 188 30.06 -5.90 -37.31
CA PHE A 188 30.39 -4.49 -37.13
C PHE A 188 31.30 -3.99 -38.24
N LEU A 189 31.00 -2.78 -38.70
CA LEU A 189 31.77 -2.16 -39.76
C LEU A 189 33.09 -1.63 -39.21
N THR A 190 33.56 -2.26 -38.14
CA THR A 190 34.82 -1.86 -37.52
C THR A 190 35.65 -3.08 -37.19
N SER A 191 36.93 -2.87 -36.92
CA SER A 191 37.83 -3.96 -36.58
C SER A 191 37.53 -4.44 -35.16
N PRO A 192 37.80 -5.69 -34.86
CA PRO A 192 37.54 -6.24 -33.51
C PRO A 192 38.23 -5.44 -32.41
N GLU A 193 39.41 -4.93 -32.72
CA GLU A 193 40.17 -4.13 -31.77
C GLU A 193 39.42 -2.86 -31.39
N GLU A 194 38.81 -2.21 -32.38
CA GLU A 194 38.08 -0.96 -32.12
C GLU A 194 36.82 -1.21 -31.30
N LEU A 195 36.05 -2.23 -31.69
CA LEU A 195 34.82 -2.55 -30.98
C LEU A 195 35.12 -2.92 -29.53
N TYR A 196 36.25 -3.58 -29.34
CA TYR A 196 36.69 -4.02 -28.02
C TYR A 196 36.73 -2.85 -27.04
N ARG A 197 37.27 -1.74 -27.50
CA ARG A 197 37.40 -0.54 -26.66
C ARG A 197 36.02 -0.02 -26.27
N VAL A 198 35.08 -0.11 -27.20
CA VAL A 198 33.74 0.37 -26.95
C VAL A 198 33.12 -0.35 -25.77
N PHE A 199 33.45 -1.62 -25.63
CA PHE A 199 32.94 -2.41 -24.54
C PHE A 199 33.86 -2.38 -23.33
N THR A 200 35.06 -1.82 -23.50
CA THR A 200 36.00 -1.76 -22.38
C THR A 200 36.50 -0.33 -22.14
N THR A 201 35.83 0.65 -22.72
CA THR A 201 36.23 2.04 -22.50
C THR A 201 35.02 2.85 -22.06
N GLN A 202 35.09 3.35 -20.83
CA GLN A 202 33.99 4.11 -20.24
C GLN A 202 33.53 5.24 -21.14
N GLU A 203 34.47 6.04 -21.62
CA GLU A 203 34.14 7.17 -22.49
C GLU A 203 33.34 6.70 -23.69
N LEU A 204 33.80 5.64 -24.31
CA LEU A 204 33.16 5.10 -25.48
C LEU A 204 31.76 4.58 -25.13
N VAL A 205 31.64 4.02 -23.94
CA VAL A 205 30.35 3.51 -23.50
C VAL A 205 29.40 4.68 -23.31
N GLN A 206 29.94 5.72 -22.71
CA GLN A 206 29.19 6.93 -22.48
C GLN A 206 28.81 7.57 -23.81
N ALA A 207 29.49 7.14 -24.86
CA ALA A 207 29.25 7.67 -26.20
C ALA A 207 28.00 7.06 -26.83
N PHE A 208 27.96 5.73 -26.93
CA PHE A 208 26.81 5.10 -27.55
C PHE A 208 25.64 4.96 -26.58
N THR A 209 25.88 5.22 -25.29
CA THR A 209 24.80 5.14 -24.32
C THR A 209 24.10 6.48 -24.19
N HIS A 210 24.66 7.48 -24.86
CA HIS A 210 24.10 8.83 -24.83
C HIS A 210 23.67 9.19 -23.41
N ALA A 211 24.31 8.53 -22.45
CA ALA A 211 24.02 8.77 -21.05
C ALA A 211 25.29 8.59 -20.23
N PRO A 212 25.22 8.85 -18.95
CA PRO A 212 26.39 8.69 -18.06
C PRO A 212 26.71 7.23 -17.83
N ALA A 213 27.96 6.86 -18.04
CA ALA A 213 28.38 5.49 -17.85
C ALA A 213 29.68 5.39 -17.08
N THR A 214 29.81 4.32 -16.34
CA THR A 214 31.01 4.05 -15.56
C THR A 214 31.54 2.68 -15.96
N LEU A 215 32.80 2.62 -16.35
CA LEU A 215 33.35 1.34 -16.78
C LEU A 215 34.75 1.09 -16.29
N GLU A 216 34.96 -0.13 -15.79
CA GLU A 216 36.25 -0.56 -15.31
C GLU A 216 36.69 -1.74 -16.14
N ALA A 217 37.68 -1.55 -17.00
CA ALA A 217 38.15 -2.62 -17.84
C ALA A 217 39.18 -3.47 -17.12
N ASP A 218 38.68 -4.41 -16.32
CA ASP A 218 39.54 -5.30 -15.56
C ASP A 218 38.75 -6.53 -15.14
N ARG A 219 39.44 -7.63 -14.88
CA ARG A 219 38.73 -8.82 -14.45
C ARG A 219 38.03 -8.56 -13.15
N GLY A 220 36.72 -8.46 -13.23
CA GLY A 220 35.91 -8.17 -12.07
C GLY A 220 35.57 -6.69 -12.10
N GLY A 221 36.01 -6.03 -13.17
CA GLY A 221 35.74 -4.61 -13.33
C GLY A 221 34.25 -4.38 -13.32
N LYS A 222 33.83 -3.28 -12.74
CA LYS A 222 32.42 -2.98 -12.67
C LYS A 222 32.01 -1.96 -13.70
N PHE A 223 31.04 -2.34 -14.52
CA PHE A 223 30.54 -1.44 -15.54
C PHE A 223 29.10 -1.08 -15.28
N HIS A 224 28.84 0.21 -15.32
CA HIS A 224 27.53 0.77 -15.07
C HIS A 224 27.20 1.69 -16.24
N MET A 225 26.03 1.55 -16.83
CA MET A 225 25.72 2.38 -17.98
C MET A 225 24.25 2.82 -18.04
N VAL A 226 23.94 3.59 -19.08
CA VAL A 226 22.60 4.10 -19.28
C VAL A 226 22.06 4.71 -17.99
N ASP A 227 22.60 5.87 -17.62
CA ASP A 227 22.18 6.53 -16.39
C ASP A 227 22.24 5.55 -15.25
N GLY A 228 23.13 4.57 -15.41
CA GLY A 228 23.35 3.55 -14.41
C GLY A 228 22.22 2.53 -14.37
N ASN A 229 21.37 2.53 -15.39
CA ASN A 229 20.27 1.59 -15.44
C ASN A 229 20.81 0.18 -15.72
N VAL A 230 22.02 0.13 -16.26
CA VAL A 230 22.66 -1.14 -16.57
C VAL A 230 23.92 -1.28 -15.74
N SER A 231 24.10 -2.44 -15.14
CA SER A 231 25.28 -2.68 -14.32
C SER A 231 25.73 -4.13 -14.44
N GLY A 232 26.99 -4.37 -14.08
CA GLY A 232 27.54 -5.72 -14.15
C GLY A 232 29.03 -5.74 -13.88
N GLU A 233 29.64 -6.92 -14.01
CA GLU A 233 31.07 -7.06 -13.77
C GLU A 233 31.71 -7.84 -14.90
N PHE A 234 33.02 -7.66 -15.06
CA PHE A 234 33.74 -8.38 -16.07
C PHE A 234 34.34 -9.66 -15.50
N THR A 235 33.84 -10.79 -15.96
CA THR A 235 34.34 -12.07 -15.51
C THR A 235 35.60 -12.44 -16.27
N ASP A 236 35.73 -11.88 -17.48
CA ASP A 236 36.90 -12.13 -18.31
C ASP A 236 37.09 -11.02 -19.32
N LEU A 237 38.34 -10.71 -19.61
CA LEU A 237 38.65 -9.69 -20.60
C LEU A 237 39.89 -10.09 -21.38
N VAL A 238 39.67 -10.58 -22.59
CA VAL A 238 40.78 -10.97 -23.44
C VAL A 238 41.00 -9.86 -24.48
N PRO A 239 42.18 -9.30 -24.57
CA PRO A 239 42.44 -8.17 -25.52
C PRO A 239 41.88 -8.39 -26.92
N GLU A 240 40.77 -7.70 -27.21
CA GLU A 240 40.14 -7.78 -28.52
C GLU A 240 39.84 -9.21 -28.94
N LYS A 241 39.74 -10.11 -27.97
CA LYS A 241 39.49 -11.50 -28.30
C LYS A 241 38.21 -12.03 -27.66
N HIS A 242 37.97 -11.71 -26.40
CA HIS A 242 36.79 -12.26 -25.74
C HIS A 242 36.54 -11.61 -24.40
N ILE A 243 35.28 -11.41 -24.09
CA ILE A 243 34.91 -10.81 -22.81
C ILE A 243 33.76 -11.53 -22.15
N VAL A 244 33.95 -11.89 -20.89
CA VAL A 244 32.91 -12.53 -20.13
C VAL A 244 32.51 -11.58 -19.02
N MET A 245 31.24 -11.20 -19.01
CA MET A 245 30.79 -10.26 -18.00
C MET A 245 29.39 -10.60 -17.54
N LYS A 246 29.08 -10.18 -16.34
CA LYS A 246 27.77 -10.38 -15.77
C LYS A 246 26.94 -9.16 -16.13
N TRP A 247 25.64 -9.33 -16.35
CA TRP A 247 24.84 -8.19 -16.81
C TRP A 247 23.46 -8.13 -16.18
N ARG A 248 22.91 -6.92 -16.08
CA ARG A 248 21.57 -6.74 -15.52
C ARG A 248 20.99 -5.36 -15.79
N PHE A 249 19.71 -5.25 -15.48
CA PHE A 249 18.98 -3.99 -15.60
C PHE A 249 18.70 -3.48 -14.20
N LYS A 250 18.58 -2.19 -14.03
CA LYS A 250 18.30 -1.64 -12.72
C LYS A 250 16.94 -2.13 -12.21
N SER A 251 16.16 -2.72 -13.11
CA SER A 251 14.84 -3.22 -12.74
C SER A 251 14.90 -4.72 -12.38
N TRP A 252 16.10 -5.27 -12.35
CA TRP A 252 16.27 -6.68 -12.05
C TRP A 252 16.40 -6.91 -10.55
N PRO A 253 16.09 -8.11 -10.10
CA PRO A 253 16.22 -8.46 -8.65
C PRO A 253 17.65 -8.25 -8.16
N GLU A 254 17.78 -7.88 -6.89
CA GLU A 254 19.11 -7.66 -6.34
C GLU A 254 19.90 -8.96 -6.35
N GLY A 255 21.11 -8.91 -6.90
CA GLY A 255 21.95 -10.09 -6.96
C GLY A 255 21.58 -10.98 -8.14
N HIS A 256 20.92 -10.39 -9.14
CA HIS A 256 20.51 -11.16 -10.32
C HIS A 256 21.11 -10.59 -11.59
N PHE A 257 22.03 -11.35 -12.17
CA PHE A 257 22.66 -10.92 -13.40
C PHE A 257 22.60 -12.02 -14.44
N ALA A 258 22.90 -11.65 -15.66
CA ALA A 258 22.91 -12.59 -16.75
C ALA A 258 24.33 -12.79 -17.24
N THR A 259 24.73 -14.03 -17.43
CA THR A 259 26.08 -14.29 -17.90
C THR A 259 26.18 -13.94 -19.37
N ILE A 260 27.00 -12.95 -19.68
CA ILE A 260 27.17 -12.51 -21.06
C ILE A 260 28.60 -12.75 -21.50
N THR A 261 28.75 -13.33 -22.67
CA THR A 261 30.06 -13.59 -23.22
C THR A 261 30.16 -13.04 -24.62
N LEU A 262 31.13 -12.17 -24.82
CA LEU A 262 31.35 -11.56 -26.11
C LEU A 262 32.65 -12.04 -26.72
N THR A 263 32.60 -12.31 -28.02
CA THR A 263 33.78 -12.77 -28.74
C THR A 263 34.07 -11.85 -29.90
N PHE A 264 35.35 -11.60 -30.16
CA PHE A 264 35.73 -10.72 -31.24
C PHE A 264 36.36 -11.49 -32.39
N ILE A 265 35.85 -11.23 -33.59
CA ILE A 265 36.31 -11.92 -34.79
C ILE A 265 36.66 -10.97 -35.91
N ASP A 266 37.80 -11.26 -36.53
CA ASP A 266 38.29 -10.48 -37.63
C ASP A 266 37.68 -10.97 -38.94
N LYS A 267 36.89 -10.12 -39.59
CA LYS A 267 36.25 -10.48 -40.84
C LYS A 267 36.89 -9.79 -42.03
N ASN A 268 38.08 -9.26 -41.82
CA ASN A 268 38.80 -8.60 -42.90
C ASN A 268 38.04 -7.40 -43.43
N GLY A 269 37.73 -6.48 -42.54
CA GLY A 269 37.00 -5.28 -42.91
C GLY A 269 36.02 -4.92 -41.83
N GLU A 270 35.39 -5.95 -41.29
CA GLU A 270 34.42 -5.75 -40.22
C GLU A 270 34.65 -6.77 -39.13
N THR A 271 33.77 -6.80 -38.13
CA THR A 271 33.93 -7.74 -37.03
C THR A 271 32.62 -8.44 -36.69
N GLU A 272 32.70 -9.73 -36.40
CA GLU A 272 31.52 -10.48 -36.01
C GLU A 272 31.53 -10.73 -34.52
N LEU A 273 30.73 -9.96 -33.79
CA LEU A 273 30.66 -10.13 -32.35
C LEU A 273 29.70 -11.26 -32.04
N CYS A 274 30.25 -12.41 -31.71
CA CYS A 274 29.45 -13.58 -31.39
C CYS A 274 29.12 -13.58 -29.91
N MET A 275 27.90 -13.16 -29.58
CA MET A 275 27.47 -13.09 -28.19
C MET A 275 26.72 -14.34 -27.74
N GLU A 276 26.92 -14.69 -26.48
CA GLU A 276 26.26 -15.84 -25.89
C GLU A 276 25.75 -15.48 -24.50
N GLY A 277 24.60 -14.84 -24.48
CA GLY A 277 24.00 -14.39 -23.22
C GLY A 277 23.07 -15.44 -22.63
N ARG A 278 23.17 -15.60 -21.30
CA ARG A 278 22.32 -16.55 -20.60
C ARG A 278 22.10 -16.10 -19.16
N GLY A 279 21.00 -16.56 -18.57
CA GLY A 279 20.67 -16.18 -17.20
C GLY A 279 19.71 -15.02 -17.19
N ILE A 280 19.46 -14.48 -18.37
CA ILE A 280 18.55 -13.37 -18.53
C ILE A 280 17.15 -13.79 -18.07
N PRO A 281 16.55 -13.11 -17.12
CA PRO A 281 15.21 -13.48 -16.64
C PRO A 281 14.21 -13.59 -17.77
N ALA A 282 13.50 -14.71 -17.78
CA ALA A 282 12.50 -14.95 -18.81
C ALA A 282 11.53 -13.78 -18.94
N PRO A 283 11.01 -13.23 -17.85
CA PRO A 283 10.07 -12.09 -17.93
C PRO A 283 10.72 -10.88 -18.59
N GLU A 284 12.01 -10.74 -18.32
CA GLU A 284 12.78 -9.61 -18.85
C GLU A 284 13.48 -9.99 -20.14
N GLU A 285 13.34 -11.25 -20.54
CA GLU A 285 13.99 -11.72 -21.77
C GLU A 285 13.70 -10.82 -22.95
N GLU A 286 12.43 -10.59 -23.22
CA GLU A 286 12.08 -9.73 -24.35
C GLU A 286 12.73 -8.37 -24.18
N ARG A 287 12.70 -7.84 -22.96
CA ARG A 287 13.29 -6.55 -22.67
C ARG A 287 14.79 -6.54 -22.90
N THR A 288 15.48 -7.46 -22.25
CA THR A 288 16.94 -7.53 -22.36
C THR A 288 17.41 -7.48 -23.81
N ARG A 289 16.98 -8.46 -24.60
CA ARG A 289 17.39 -8.52 -25.99
C ARG A 289 17.05 -7.22 -26.72
N GLN A 290 15.84 -6.71 -26.48
CA GLN A 290 15.42 -5.49 -27.14
C GLN A 290 16.26 -4.30 -26.68
N GLY A 291 16.51 -4.23 -25.38
CA GLY A 291 17.29 -3.14 -24.81
C GLY A 291 18.77 -3.39 -24.96
N TRP A 292 19.12 -4.44 -25.70
CA TRP A 292 20.53 -4.78 -25.90
C TRP A 292 21.07 -4.10 -27.17
N GLN A 293 20.93 -4.78 -28.30
CA GLN A 293 21.43 -4.24 -29.56
C GLN A 293 21.11 -2.76 -29.72
N ARG A 294 19.86 -2.39 -29.44
CA ARG A 294 19.45 -0.99 -29.54
C ARG A 294 20.42 -0.08 -28.81
N TYR A 295 20.78 -0.45 -27.59
CA TYR A 295 21.72 0.35 -26.81
C TYR A 295 23.13 -0.17 -27.00
N TYR A 296 23.26 -1.39 -27.52
CA TYR A 296 24.58 -1.99 -27.72
C TYR A 296 25.06 -1.85 -29.14
N PHE A 297 24.78 -2.88 -29.92
CA PHE A 297 25.20 -2.94 -31.32
C PHE A 297 24.56 -1.83 -32.13
N GLU A 298 23.26 -1.89 -32.29
CA GLU A 298 22.55 -0.88 -33.04
C GLU A 298 22.91 0.51 -32.54
N GLY A 299 23.20 0.61 -31.24
CA GLY A 299 23.58 1.90 -30.66
C GLY A 299 24.98 2.28 -31.11
N ILE A 300 25.94 1.41 -30.84
CA ILE A 300 27.33 1.67 -31.25
C ILE A 300 27.38 1.90 -32.75
N LYS A 301 26.76 0.99 -33.48
CA LYS A 301 26.73 1.10 -34.93
C LYS A 301 26.20 2.46 -35.35
N GLN A 302 25.31 2.99 -34.52
CA GLN A 302 24.72 4.28 -34.80
C GLN A 302 25.66 5.41 -34.38
N THR A 303 26.07 5.37 -33.12
CA THR A 303 26.96 6.37 -32.56
C THR A 303 28.35 6.34 -33.19
N PHE A 304 28.94 5.17 -33.24
CA PHE A 304 30.28 5.01 -33.80
C PHE A 304 30.22 4.90 -35.31
N GLY A 305 29.14 4.34 -35.83
CA GLY A 305 28.99 4.20 -37.26
C GLY A 305 29.56 2.87 -37.73
N TYR A 306 29.46 1.88 -36.88
CA TYR A 306 29.96 0.56 -37.18
C TYR A 306 28.87 -0.36 -37.74
N GLY A 307 27.83 0.21 -38.32
CA GLY A 307 26.76 -0.60 -38.88
C GLY A 307 26.91 -0.72 -40.40
N ALA A 308 26.04 -1.51 -41.01
CA ALA A 308 26.08 -1.69 -42.47
C ALA A 308 24.87 -1.05 -43.12
N THR A 1 -9.31 -7.42 23.71
CA THR A 1 -8.98 -6.01 23.57
C THR A 1 -7.48 -5.79 23.68
N GLU A 2 -6.84 -5.45 22.57
CA GLU A 2 -5.41 -5.21 22.55
C GLU A 2 -5.11 -3.72 22.57
N ARG A 3 -4.05 -3.35 23.28
CA ARG A 3 -3.67 -1.94 23.37
C ARG A 3 -3.09 -1.48 22.04
N ASP A 4 -3.45 -0.27 21.63
CA ASP A 4 -2.96 0.27 20.38
C ASP A 4 -1.59 0.91 20.59
N ALA A 5 -0.56 0.28 20.05
CA ALA A 5 0.80 0.79 20.18
C ALA A 5 0.83 2.28 19.82
N SER A 6 0.57 3.13 20.81
CA SER A 6 0.57 4.56 20.58
C SER A 6 1.99 5.13 20.62
N ASN A 7 2.87 4.46 21.37
CA ASN A 7 4.25 4.92 21.49
C ASN A 7 4.95 4.95 20.15
N TRP A 8 4.75 3.92 19.33
CA TRP A 8 5.39 3.87 18.02
C TRP A 8 4.68 4.79 17.04
N SER A 9 3.39 5.04 17.29
CA SER A 9 2.62 5.90 16.41
C SER A 9 3.23 7.29 16.36
N THR A 10 3.05 8.06 17.42
CA THR A 10 3.60 9.40 17.45
C THR A 10 5.09 9.38 17.09
N ASP A 11 5.81 8.45 17.68
CA ASP A 11 7.25 8.35 17.42
C ASP A 11 7.58 8.37 15.93
N LYS A 12 6.86 7.58 15.14
CA LYS A 12 7.09 7.55 13.71
C LYS A 12 6.35 8.68 13.01
N LEU A 13 5.05 8.79 13.27
CA LEU A 13 4.26 9.84 12.63
C LEU A 13 4.87 11.21 12.91
N LYS A 14 5.25 11.46 14.16
CA LYS A 14 5.85 12.75 14.51
C LYS A 14 7.16 12.95 13.77
N THR A 15 7.98 11.91 13.74
CA THR A 15 9.27 11.97 13.07
C THR A 15 9.06 12.15 11.57
N LEU A 16 8.24 11.29 11.01
CA LEU A 16 7.96 11.34 9.58
C LEU A 16 7.40 12.71 9.24
N PHE A 17 6.67 13.30 10.18
CA PHE A 17 6.12 14.63 9.94
C PHE A 17 7.25 15.64 9.96
N LEU A 18 8.04 15.63 11.01
CA LEU A 18 9.18 16.53 11.11
C LEU A 18 10.14 16.26 9.97
N ALA A 19 10.02 15.06 9.40
CA ALA A 19 10.86 14.65 8.29
C ALA A 19 10.24 15.14 6.98
N VAL A 20 9.15 15.88 7.09
CA VAL A 20 8.49 16.40 5.91
C VAL A 20 9.54 16.97 4.99
N GLN A 21 9.47 16.59 3.72
CA GLN A 21 10.47 17.03 2.76
C GLN A 21 9.97 18.15 1.86
N VAL A 22 10.94 18.86 1.30
CA VAL A 22 10.67 19.98 0.43
C VAL A 22 11.14 19.71 -0.99
N GLN A 23 10.43 20.31 -1.93
CA GLN A 23 10.76 20.21 -3.35
C GLN A 23 11.35 21.54 -3.80
N ASN A 24 10.70 22.19 -4.76
CA ASN A 24 11.17 23.47 -5.25
C ASN A 24 10.49 24.60 -4.49
N GLU A 25 11.13 25.77 -4.46
CA GLU A 25 10.56 26.91 -3.75
C GLU A 25 9.12 27.12 -4.18
N GLU A 26 8.80 26.71 -5.39
CA GLU A 26 7.45 26.86 -5.92
C GLU A 26 6.49 26.00 -5.12
N GLY A 27 6.92 24.78 -4.83
CA GLY A 27 6.10 23.84 -4.08
C GLY A 27 6.95 23.09 -3.06
N LYS A 28 7.53 23.83 -2.12
CA LYS A 28 8.38 23.21 -1.11
C LYS A 28 7.61 22.97 0.18
N CYS A 29 8.15 22.11 1.03
CA CYS A 29 7.49 21.81 2.30
C CYS A 29 8.49 21.58 3.41
N GLU A 30 8.22 22.14 4.58
CA GLU A 30 9.10 21.96 5.72
C GLU A 30 8.28 21.98 7.00
N VAL A 31 8.50 21.00 7.89
CA VAL A 31 7.76 20.98 9.14
C VAL A 31 8.58 21.63 10.25
N THR A 32 7.93 22.50 11.04
CA THR A 32 8.63 23.18 12.12
C THR A 32 8.41 22.49 13.45
N GLU A 33 7.25 21.87 13.61
CA GLU A 33 6.93 21.18 14.85
C GLU A 33 5.61 20.43 14.74
N VAL A 34 5.56 19.27 15.38
CA VAL A 34 4.37 18.44 15.37
C VAL A 34 3.99 18.08 16.79
N SER A 35 2.70 18.15 17.10
CA SER A 35 2.25 17.81 18.43
C SER A 35 2.25 16.31 18.60
N LYS A 36 1.20 15.66 18.09
CA LYS A 36 1.07 14.22 18.18
C LYS A 36 -0.39 13.86 17.94
N LEU A 37 -0.63 12.70 17.35
CA LEU A 37 -2.00 12.28 17.09
C LEU A 37 -2.75 12.14 18.40
N ASP A 38 -3.63 13.10 18.67
CA ASP A 38 -4.41 13.07 19.90
C ASP A 38 -5.77 12.47 19.64
N GLY A 39 -6.02 11.29 20.20
CA GLY A 39 -7.30 10.66 19.97
C GLY A 39 -7.47 9.38 20.76
N GLU A 40 -8.61 8.71 20.54
CA GLU A 40 -8.89 7.46 21.23
C GLU A 40 -8.74 6.28 20.28
N ALA A 41 -7.62 5.58 20.38
CA ALA A 41 -7.36 4.44 19.53
C ALA A 41 -7.50 3.14 20.32
N SER A 42 -8.08 2.13 19.68
CA SER A 42 -8.26 0.84 20.32
C SER A 42 -8.43 -0.25 19.27
N ILE A 43 -7.50 -1.19 19.24
CA ILE A 43 -7.57 -2.28 18.28
C ILE A 43 -7.42 -3.63 18.97
N ASN A 44 -7.99 -4.66 18.37
CA ASN A 44 -7.90 -6.00 18.93
C ASN A 44 -7.39 -6.96 17.87
N ASN A 45 -6.15 -7.41 18.03
CA ASN A 45 -5.56 -8.31 17.05
C ASN A 45 -4.94 -9.53 17.74
N ARG A 46 -5.18 -10.70 17.18
CA ARG A 46 -4.63 -11.93 17.73
C ARG A 46 -4.40 -12.95 16.63
N LYS A 47 -3.64 -12.54 15.62
CA LYS A 47 -3.31 -13.43 14.51
C LYS A 47 -4.57 -14.04 13.89
N GLY A 48 -5.43 -13.21 13.32
CA GLY A 48 -6.65 -13.71 12.68
C GLY A 48 -7.90 -12.97 13.16
N LYS A 49 -7.70 -11.75 13.66
CA LYS A 49 -8.82 -10.95 14.14
C LYS A 49 -8.40 -9.49 14.23
N LEU A 50 -8.12 -8.88 13.08
CA LEU A 50 -7.68 -7.48 13.05
C LEU A 50 -8.85 -6.51 13.00
N ILE A 51 -8.97 -5.68 14.03
CA ILE A 51 -10.03 -4.67 14.07
C ILE A 51 -9.41 -3.33 14.46
N PHE A 52 -9.84 -2.26 13.80
CA PHE A 52 -9.30 -0.93 14.10
C PHE A 52 -10.41 0.04 14.49
N PHE A 53 -10.22 0.73 15.61
CA PHE A 53 -11.19 1.71 16.07
C PHE A 53 -10.49 2.98 16.59
N TYR A 54 -10.66 4.07 15.87
CA TYR A 54 -10.06 5.34 16.25
C TYR A 54 -11.02 6.49 15.99
N GLU A 55 -11.02 7.48 16.87
CA GLU A 55 -11.92 8.62 16.70
C GLU A 55 -11.37 9.87 17.39
N TRP A 56 -10.90 10.82 16.57
CA TRP A 56 -10.36 12.09 17.06
C TRP A 56 -9.57 12.82 15.96
N SER A 57 -8.66 13.72 16.37
CA SER A 57 -7.89 14.46 15.38
C SER A 57 -6.42 14.64 15.78
N VAL A 58 -5.59 14.88 14.77
CA VAL A 58 -4.16 15.10 14.98
C VAL A 58 -3.83 16.53 14.56
N LYS A 59 -2.84 17.15 15.20
CA LYS A 59 -2.53 18.54 14.88
C LYS A 59 -1.03 18.83 14.77
N LEU A 60 -0.62 19.41 13.64
CA LEU A 60 0.79 19.79 13.44
C LEU A 60 0.89 21.11 12.67
N ASN A 61 2.11 21.64 12.55
CA ASN A 61 2.33 22.90 11.84
C ASN A 61 3.55 22.84 10.93
N TRP A 62 3.50 23.55 9.80
CA TRP A 62 4.62 23.55 8.87
C TRP A 62 4.84 24.91 8.20
N THR A 63 5.88 24.98 7.37
CA THR A 63 6.22 26.21 6.64
C THR A 63 6.51 25.92 5.18
N GLY A 64 6.10 26.85 4.32
CA GLY A 64 6.32 26.70 2.88
C GLY A 64 6.90 27.98 2.30
N THR A 65 7.87 27.84 1.40
CA THR A 65 8.50 29.01 0.79
C THR A 65 7.97 29.24 -0.63
N SER A 66 7.93 30.50 -1.04
CA SER A 66 7.44 30.84 -2.36
C SER A 66 8.56 31.42 -3.23
N LYS A 67 8.52 31.13 -4.52
CA LYS A 67 9.53 31.66 -5.43
C LYS A 67 9.57 33.18 -5.33
N SER A 68 8.42 33.77 -5.00
CA SER A 68 8.34 35.22 -4.85
C SER A 68 9.30 35.68 -3.77
N GLY A 69 9.63 34.78 -2.86
CA GLY A 69 10.54 35.09 -1.76
C GLY A 69 9.78 35.27 -0.45
N VAL A 70 8.57 34.71 -0.39
CA VAL A 70 7.77 34.82 0.81
C VAL A 70 7.51 33.46 1.44
N GLN A 71 7.67 33.38 2.76
CA GLN A 71 7.42 32.16 3.49
C GLN A 71 6.14 32.31 4.30
N TYR A 72 5.43 31.21 4.50
CA TYR A 72 4.19 31.26 5.24
C TYR A 72 3.99 29.98 6.02
N LYS A 73 3.51 30.11 7.23
CA LYS A 73 3.27 28.96 8.07
C LYS A 73 1.79 28.66 8.11
N GLY A 74 1.44 27.40 7.90
CA GLY A 74 0.05 26.99 7.90
C GLY A 74 -0.19 25.89 8.92
N HIS A 75 -1.46 25.57 9.14
CA HIS A 75 -1.81 24.54 10.10
C HIS A 75 -2.60 23.43 9.41
N VAL A 76 -2.26 22.18 9.72
CA VAL A 76 -2.95 21.05 9.13
C VAL A 76 -3.44 20.10 10.21
N GLU A 77 -4.73 19.81 10.19
CA GLU A 77 -5.30 18.91 11.19
C GLU A 77 -6.35 18.01 10.54
N ILE A 78 -6.42 16.77 10.97
CA ILE A 78 -7.41 15.85 10.44
C ILE A 78 -8.52 15.67 11.49
N PRO A 79 -9.76 16.02 11.17
CA PRO A 79 -10.88 15.92 12.15
C PRO A 79 -11.08 14.53 12.74
N ASN A 80 -12.32 14.28 13.18
CA ASN A 80 -12.69 13.03 13.82
C ASN A 80 -12.68 11.84 12.86
N LEU A 81 -11.76 11.84 11.90
CA LEU A 81 -11.67 10.74 10.95
C LEU A 81 -11.21 9.48 11.68
N SER A 82 -11.78 8.35 11.29
CA SER A 82 -11.44 7.07 11.92
C SER A 82 -10.71 6.15 10.95
N ASP A 83 -9.84 5.31 11.49
CA ASP A 83 -9.08 4.38 10.67
C ASP A 83 -9.94 3.17 10.28
N GLU A 84 -11.23 3.24 10.57
CA GLU A 84 -12.13 2.15 10.23
C GLU A 84 -12.20 1.98 8.72
N ASN A 85 -11.89 3.06 8.02
CA ASN A 85 -11.90 3.06 6.56
C ASN A 85 -10.48 3.26 6.04
N SER A 86 -10.33 3.32 4.72
CA SER A 86 -9.01 3.51 4.13
C SER A 86 -8.32 4.70 4.79
N VAL A 87 -7.11 4.47 5.28
CA VAL A 87 -6.35 5.52 5.96
C VAL A 87 -5.98 6.65 5.00
N ASP A 88 -5.61 6.28 3.78
CA ASP A 88 -5.21 7.28 2.80
C ASP A 88 -6.37 8.18 2.41
N GLU A 89 -7.59 7.65 2.47
CA GLU A 89 -8.76 8.44 2.12
C GLU A 89 -9.13 9.39 3.25
N VAL A 90 -8.37 9.32 4.35
CA VAL A 90 -8.62 10.18 5.49
C VAL A 90 -8.57 11.65 5.08
N GLU A 91 -9.56 12.41 5.55
CA GLU A 91 -9.62 13.82 5.22
C GLU A 91 -8.72 14.63 6.13
N ILE A 92 -7.73 15.25 5.53
CA ILE A 92 -6.78 16.07 6.28
C ILE A 92 -6.99 17.54 5.94
N SER A 93 -7.01 18.38 6.98
CA SER A 93 -7.22 19.81 6.77
C SER A 93 -5.89 20.49 6.45
N VAL A 94 -5.93 21.46 5.54
CA VAL A 94 -4.74 22.18 5.15
C VAL A 94 -4.97 23.69 5.15
N SER A 95 -4.04 24.43 5.72
CA SER A 95 -4.17 25.89 5.76
C SER A 95 -2.81 26.54 5.56
N LEU A 96 -2.19 26.27 4.42
CA LEU A 96 -0.87 26.83 4.13
C LEU A 96 -0.85 27.53 2.77
N ALA A 97 -0.06 28.59 2.69
CA ALA A 97 0.09 29.35 1.45
C ALA A 97 -1.23 29.96 0.98
N LYS A 98 -2.35 29.41 1.44
CA LYS A 98 -3.65 29.94 1.02
C LYS A 98 -3.73 31.42 1.36
N ASP A 99 -3.13 31.80 2.47
CA ASP A 99 -3.14 33.20 2.90
C ASP A 99 -2.01 33.97 2.21
N GLU A 100 -1.03 33.24 1.69
CA GLU A 100 0.10 33.88 1.03
C GLU A 100 0.04 33.69 -0.49
N PRO A 101 0.65 34.57 -1.23
CA PRO A 101 0.65 34.53 -2.73
C PRO A 101 1.07 33.17 -3.33
N ASP A 102 1.69 32.32 -2.53
CA ASP A 102 2.15 31.03 -3.03
C ASP A 102 1.00 30.15 -3.51
N THR A 103 -0.09 30.12 -2.74
CA THR A 103 -1.28 29.33 -3.07
C THR A 103 -0.93 28.07 -3.86
N ASN A 104 -0.64 28.22 -5.15
CA ASN A 104 -0.31 27.07 -5.98
C ASN A 104 0.53 26.08 -5.18
N LEU A 105 1.35 26.61 -4.28
CA LEU A 105 2.19 25.78 -3.45
C LEU A 105 1.33 24.83 -2.60
N VAL A 106 0.25 25.36 -2.05
CA VAL A 106 -0.64 24.54 -1.22
C VAL A 106 -1.20 23.39 -2.05
N ALA A 107 -1.42 23.65 -3.33
CA ALA A 107 -1.96 22.63 -4.21
C ALA A 107 -1.03 21.43 -4.25
N LEU A 108 0.26 21.69 -4.45
CA LEU A 108 1.24 20.62 -4.49
C LEU A 108 1.32 19.94 -3.12
N MET A 109 1.20 20.75 -2.07
CA MET A 109 1.25 20.21 -0.71
C MET A 109 0.17 19.15 -0.56
N LYS A 110 -0.93 19.35 -1.27
CA LYS A 110 -2.03 18.40 -1.23
C LYS A 110 -1.62 17.11 -1.94
N GLU A 111 -0.72 17.25 -2.91
CA GLU A 111 -0.24 16.10 -3.67
C GLU A 111 1.13 15.66 -3.21
N GLU A 112 1.70 16.36 -2.25
CA GLU A 112 3.02 16.02 -1.74
C GLU A 112 3.09 16.13 -0.22
N GLY A 113 2.37 17.10 0.32
CA GLY A 113 2.35 17.30 1.77
C GLY A 113 1.53 16.23 2.45
N VAL A 114 0.22 16.28 2.24
CA VAL A 114 -0.66 15.30 2.82
C VAL A 114 -0.27 13.92 2.31
N LYS A 115 0.35 13.90 1.14
CA LYS A 115 0.78 12.64 0.56
C LYS A 115 1.82 12.00 1.46
N LEU A 116 2.81 12.79 1.88
CA LEU A 116 3.84 12.27 2.77
C LEU A 116 3.18 11.57 3.94
N LEU A 117 2.12 12.17 4.44
CA LEU A 117 1.38 11.60 5.55
C LEU A 117 0.84 10.23 5.15
N ARG A 118 0.52 10.08 3.87
CA ARG A 118 0.01 8.80 3.40
C ARG A 118 1.03 7.73 3.76
N GLU A 119 2.30 8.08 3.61
CA GLU A 119 3.36 7.14 3.96
C GLU A 119 3.33 6.91 5.46
N ALA A 120 2.95 7.95 6.21
CA ALA A 120 2.87 7.85 7.66
C ALA A 120 1.82 6.81 8.02
N MET A 121 0.83 6.66 7.16
CA MET A 121 -0.21 5.68 7.40
C MET A 121 0.37 4.28 7.21
N GLY A 122 1.37 4.18 6.33
CA GLY A 122 2.02 2.89 6.05
C GLY A 122 2.64 2.30 7.31
N ILE A 123 3.49 3.07 7.98
CA ILE A 123 4.13 2.59 9.21
C ILE A 123 3.09 2.43 10.32
N TYR A 124 2.13 3.34 10.33
CA TYR A 124 1.08 3.30 11.33
C TYR A 124 0.35 1.97 11.25
N ILE A 125 0.05 1.55 10.03
CA ILE A 125 -0.64 0.28 9.82
C ILE A 125 0.33 -0.88 9.99
N SER A 126 1.50 -0.74 9.38
CA SER A 126 2.52 -1.78 9.43
C SER A 126 3.12 -1.94 10.82
N THR A 127 3.77 -0.89 11.31
CA THR A 127 4.43 -0.96 12.62
C THR A 127 3.44 -1.27 13.74
N LEU A 128 2.32 -0.55 13.76
CA LEU A 128 1.33 -0.77 14.80
C LEU A 128 0.80 -2.19 14.74
N LYS A 129 0.67 -2.71 13.53
CA LYS A 129 0.16 -4.05 13.32
C LYS A 129 1.28 -5.08 13.16
N THR A 130 2.52 -4.61 13.07
CA THR A 130 3.66 -5.51 12.90
C THR A 130 4.40 -5.71 14.23
N GLU A 131 3.64 -5.81 15.31
CA GLU A 131 4.23 -6.00 16.62
C GLU A 131 3.34 -6.90 17.48
N PHE A 132 2.19 -6.37 17.88
CA PHE A 132 1.26 -7.15 18.69
C PHE A 132 0.83 -8.42 17.96
N THR A 133 0.76 -8.34 16.64
CA THR A 133 0.39 -9.50 15.82
C THR A 133 1.26 -9.58 14.58
N GLN A 134 1.36 -10.76 13.99
CA GLN A 134 2.17 -10.94 12.80
C GLN A 134 1.33 -11.48 11.64
N GLY A 135 1.66 -11.07 10.43
CA GLY A 135 0.93 -11.52 9.24
C GLY A 135 -0.16 -10.53 8.87
N MET A 136 -0.08 -10.00 7.65
CA MET A 136 -1.07 -9.05 7.17
C MET A 136 -2.14 -9.76 6.33
N ILE A 137 -3.34 -9.87 6.87
CA ILE A 137 -4.44 -10.52 6.17
C ILE A 137 -5.63 -9.59 6.04
N LEU A 138 -6.45 -9.84 5.02
CA LEU A 138 -7.65 -9.01 4.79
C LEU A 138 -8.86 -9.88 4.51
N PRO A 139 -9.40 -10.51 5.52
CA PRO A 139 -10.60 -11.39 5.40
C PRO A 139 -11.88 -10.59 5.23
N THR A 140 -12.85 -11.18 4.52
CA THR A 140 -14.12 -10.51 4.30
C THR A 140 -15.26 -11.44 4.70
N MET A 141 -16.35 -10.86 5.19
CA MET A 141 -17.49 -11.67 5.61
C MET A 141 -18.64 -10.78 6.09
N ASN A 142 -19.84 -11.32 6.08
CA ASN A 142 -21.01 -10.56 6.51
C ASN A 142 -21.47 -11.03 7.89
N GLY A 143 -21.75 -10.08 8.77
CA GLY A 143 -22.20 -10.42 10.12
C GLY A 143 -23.43 -11.33 10.08
N GLU A 144 -24.31 -11.07 9.12
CA GLU A 144 -25.52 -11.87 8.97
C GLU A 144 -25.86 -12.03 7.51
N SER A 145 -26.48 -13.15 7.16
CA SER A 145 -26.85 -13.40 5.77
C SER A 145 -28.36 -13.55 5.65
N VAL A 146 -28.93 -12.96 4.60
CA VAL A 146 -30.38 -13.04 4.38
C VAL A 146 -30.69 -13.37 2.93
N ASP A 147 -31.73 -14.16 2.72
CA ASP A 147 -32.14 -14.55 1.38
C ASP A 147 -32.89 -13.40 0.70
N PRO A 148 -32.98 -13.43 -0.60
CA PRO A 148 -33.69 -12.38 -1.37
C PRO A 148 -35.09 -12.12 -0.82
N VAL A 149 -35.54 -10.87 -0.91
CA VAL A 149 -36.87 -10.51 -0.41
C VAL A 149 -37.33 -9.21 -1.06
N GLY A 150 -37.22 -8.11 -0.33
CA GLY A 150 -37.62 -6.82 -0.87
C GLY A 150 -36.48 -6.21 -1.66
N GLN A 151 -36.65 -6.15 -2.97
CA GLN A 151 -35.62 -5.60 -3.84
C GLN A 151 -36.23 -4.63 -4.85
N PRO A 152 -36.47 -3.41 -4.45
CA PRO A 152 -37.07 -2.36 -5.32
C PRO A 152 -36.07 -1.87 -6.37
N ALA A 153 -35.64 -2.78 -7.24
CA ALA A 153 -34.70 -2.44 -8.30
C ALA A 153 -35.41 -2.35 -9.65
N LEU A 154 -34.90 -1.51 -10.54
CA LEU A 154 -35.50 -1.36 -11.86
C LEU A 154 -34.92 -2.37 -12.83
N LYS A 155 -35.79 -2.93 -13.67
CA LYS A 155 -35.36 -3.92 -14.66
C LYS A 155 -35.68 -3.44 -16.08
N THR A 156 -34.87 -3.88 -17.04
CA THR A 156 -35.08 -3.49 -18.43
C THR A 156 -35.28 -4.73 -19.29
N GLU A 157 -35.86 -4.53 -20.48
CA GLU A 157 -36.10 -5.65 -21.39
C GLU A 157 -35.20 -5.54 -22.62
N GLU A 158 -34.89 -6.68 -23.23
CA GLU A 158 -34.04 -6.69 -24.41
C GLU A 158 -34.81 -7.22 -25.62
N ARG A 159 -34.42 -6.78 -26.81
CA ARG A 159 -35.08 -7.20 -28.03
C ARG A 159 -34.07 -7.82 -29.00
N LYS A 160 -34.52 -8.79 -29.79
CA LYS A 160 -33.64 -9.45 -30.75
C LYS A 160 -33.87 -8.89 -32.15
N ALA A 161 -32.78 -8.77 -32.91
CA ALA A 161 -32.87 -8.25 -34.26
C ALA A 161 -31.76 -8.83 -35.12
N LYS A 162 -31.99 -8.92 -36.42
CA LYS A 162 -30.99 -9.47 -37.32
C LYS A 162 -30.64 -8.46 -38.42
N PRO A 163 -29.48 -8.57 -39.00
CA PRO A 163 -29.02 -7.66 -40.08
C PRO A 163 -30.08 -7.51 -41.18
N ALA A 164 -30.21 -6.30 -41.72
CA ALA A 164 -31.19 -6.04 -42.77
C ALA A 164 -30.53 -5.30 -43.93
N PRO A 165 -31.14 -5.35 -45.08
CA PRO A 165 -30.63 -4.67 -46.30
C PRO A 165 -30.32 -3.19 -46.04
N SER A 166 -30.96 -2.63 -45.02
CA SER A 166 -30.76 -1.23 -44.68
C SER A 166 -30.16 -1.10 -43.28
N LYS A 167 -29.38 -0.04 -43.07
CA LYS A 167 -28.74 0.19 -41.78
C LYS A 167 -29.69 0.96 -40.86
N THR A 168 -29.56 0.72 -39.56
CA THR A 168 -30.40 1.39 -38.58
C THR A 168 -29.88 2.80 -38.30
N GLN A 169 -30.73 3.63 -37.70
CA GLN A 169 -30.35 5.00 -37.39
C GLN A 169 -30.22 5.19 -35.88
N ALA A 170 -29.37 6.13 -35.47
CA ALA A 170 -29.16 6.41 -34.06
C ALA A 170 -29.88 7.68 -33.64
N ARG A 171 -30.27 7.75 -32.37
CA ARG A 171 -30.98 8.92 -31.85
C ARG A 171 -30.24 9.51 -30.66
N PRO A 172 -29.22 10.29 -30.90
CA PRO A 172 -28.42 10.94 -29.82
C PRO A 172 -29.20 12.04 -29.11
N VAL A 173 -28.85 12.29 -27.85
CA VAL A 173 -29.51 13.32 -27.06
C VAL A 173 -28.50 14.28 -26.47
N GLY A 174 -28.96 15.47 -26.12
CA GLY A 174 -28.08 16.49 -25.54
C GLY A 174 -27.97 16.31 -24.03
N VAL A 175 -27.30 17.26 -23.38
CA VAL A 175 -27.13 17.20 -21.93
C VAL A 175 -27.68 18.47 -21.30
N LYS A 176 -28.06 18.39 -20.03
CA LYS A 176 -28.60 19.55 -19.33
C LYS A 176 -27.54 20.63 -19.28
N ILE A 177 -27.21 21.17 -20.43
CA ILE A 177 -26.20 22.20 -20.53
C ILE A 177 -26.85 23.56 -20.83
N PRO A 178 -26.39 24.64 -20.24
CA PRO A 178 -26.96 25.98 -20.52
C PRO A 178 -27.07 26.19 -22.02
N THR A 179 -27.88 27.13 -22.47
CA THR A 179 -27.96 27.39 -23.90
C THR A 179 -28.51 28.78 -24.19
N CYS A 180 -28.32 29.23 -25.44
CA CYS A 180 -28.79 30.55 -25.85
C CYS A 180 -29.00 30.60 -27.36
N LYS A 181 -29.39 31.78 -27.87
CA LYS A 181 -29.63 31.93 -29.29
C LYS A 181 -28.57 32.79 -29.96
N ILE A 182 -28.12 32.36 -31.14
CA ILE A 182 -27.11 33.09 -31.90
C ILE A 182 -27.60 33.36 -33.33
N THR A 183 -28.70 34.10 -33.44
CA THR A 183 -29.25 34.42 -34.75
C THR A 183 -28.48 35.58 -35.37
N LEU A 184 -27.94 35.36 -36.56
CA LEU A 184 -27.18 36.39 -37.25
C LEU A 184 -27.76 36.67 -38.64
N LYS A 185 -27.84 37.93 -39.02
CA LYS A 185 -28.35 38.30 -40.34
C LYS A 185 -27.36 39.19 -41.07
N GLU A 186 -26.79 38.67 -42.15
CA GLU A 186 -25.81 39.44 -42.92
C GLU A 186 -26.11 39.42 -44.41
N THR A 187 -25.51 40.37 -45.13
CA THR A 187 -25.69 40.47 -46.56
C THR A 187 -24.39 40.07 -47.27
N PHE A 188 -24.51 39.28 -48.33
CA PHE A 188 -23.34 38.84 -49.07
C PHE A 188 -23.29 39.42 -50.46
N LEU A 189 -22.10 39.86 -50.85
CA LEU A 189 -21.89 40.44 -52.16
C LEU A 189 -21.90 39.35 -53.23
N THR A 190 -22.60 38.27 -52.94
CA THR A 190 -22.70 37.15 -53.87
C THR A 190 -24.14 36.66 -53.94
N SER A 191 -24.45 35.87 -54.97
CA SER A 191 -25.79 35.34 -55.13
C SER A 191 -26.02 34.21 -54.13
N PRO A 192 -27.25 33.95 -53.77
CA PRO A 192 -27.58 32.87 -52.80
C PRO A 192 -27.02 31.51 -53.23
N GLU A 193 -27.03 31.27 -54.53
CA GLU A 193 -26.53 30.01 -55.06
C GLU A 193 -25.04 29.84 -54.78
N GLU A 194 -24.27 30.91 -54.92
CA GLU A 194 -22.83 30.85 -54.69
C GLU A 194 -22.51 30.65 -53.21
N LEU A 195 -23.16 31.41 -52.34
CA LEU A 195 -22.92 31.30 -50.90
C LEU A 195 -23.29 29.90 -50.41
N TYR A 196 -24.33 29.35 -51.01
CA TYR A 196 -24.82 28.02 -50.66
C TYR A 196 -23.70 26.98 -50.75
N ARG A 197 -22.93 27.06 -51.81
CA ARG A 197 -21.84 26.12 -52.03
C ARG A 197 -20.79 26.24 -50.93
N VAL A 198 -20.56 27.47 -50.50
CA VAL A 198 -19.57 27.72 -49.47
C VAL A 198 -19.92 26.97 -48.20
N PHE A 199 -21.21 26.88 -47.93
CA PHE A 199 -21.68 26.18 -46.74
C PHE A 199 -21.91 24.71 -47.04
N THR A 200 -21.92 24.33 -48.31
CA THR A 200 -22.16 22.93 -48.66
C THR A 200 -21.04 22.35 -49.52
N THR A 201 -19.91 23.03 -49.59
CA THR A 201 -18.78 22.52 -50.36
C THR A 201 -17.52 22.51 -49.50
N GLN A 202 -17.01 21.31 -49.25
CA GLN A 202 -15.83 21.15 -48.40
C GLN A 202 -14.67 22.02 -48.84
N GLU A 203 -14.35 21.96 -50.12
CA GLU A 203 -13.25 22.75 -50.66
C GLU A 203 -13.42 24.22 -50.31
N LEU A 204 -14.62 24.71 -50.51
CA LEU A 204 -14.93 26.09 -50.24
C LEU A 204 -14.82 26.38 -48.74
N VAL A 205 -15.21 25.40 -47.93
CA VAL A 205 -15.13 25.55 -46.49
C VAL A 205 -13.66 25.61 -46.10
N GLN A 206 -12.90 24.75 -46.74
CA GLN A 206 -11.47 24.70 -46.51
C GLN A 206 -10.82 26.00 -46.97
N ALA A 207 -11.55 26.75 -47.79
CA ALA A 207 -11.06 28.01 -48.32
C ALA A 207 -11.15 29.14 -47.29
N PHE A 208 -12.35 29.39 -46.78
CA PHE A 208 -12.51 30.48 -45.82
C PHE A 208 -12.12 30.06 -44.41
N THR A 209 -11.89 28.76 -44.20
CA THR A 209 -11.49 28.29 -42.88
C THR A 209 -9.97 28.32 -42.77
N HIS A 210 -9.32 28.60 -43.90
CA HIS A 210 -7.86 28.68 -43.94
C HIS A 210 -7.27 27.51 -43.17
N ALA A 211 -8.05 26.46 -43.04
CA ALA A 211 -7.62 25.26 -42.35
C ALA A 211 -8.27 24.03 -42.97
N PRO A 212 -7.90 22.86 -42.53
CA PRO A 212 -8.46 21.61 -43.06
C PRO A 212 -9.89 21.41 -42.57
N ALA A 213 -10.78 21.17 -43.51
CA ALA A 213 -12.18 20.96 -43.17
C ALA A 213 -12.76 19.82 -43.98
N THR A 214 -13.74 19.15 -43.38
CA THR A 214 -14.42 18.03 -44.01
C THR A 214 -15.90 18.34 -44.09
N LEU A 215 -16.49 18.22 -45.27
CA LEU A 215 -17.90 18.54 -45.40
C LEU A 215 -18.65 17.56 -46.28
N GLU A 216 -19.81 17.15 -45.78
CA GLU A 216 -20.68 16.25 -46.50
C GLU A 216 -22.01 16.95 -46.74
N ALA A 217 -22.27 17.33 -47.98
CA ALA A 217 -23.51 18.03 -48.28
C ALA A 217 -24.65 17.05 -48.52
N ASP A 218 -25.27 16.63 -47.43
CA ASP A 218 -26.38 15.69 -47.48
C ASP A 218 -27.18 15.77 -46.20
N ARG A 219 -28.45 15.36 -46.26
CA ARG A 219 -29.27 15.40 -45.05
C ARG A 219 -28.68 14.44 -44.03
N GLY A 220 -28.01 15.01 -43.07
CA GLY A 220 -27.35 14.24 -42.04
C GLY A 220 -25.87 14.21 -42.33
N GLY A 221 -25.48 14.94 -43.37
CA GLY A 221 -24.09 15.03 -43.76
C GLY A 221 -23.29 15.56 -42.60
N LYS A 222 -22.08 15.07 -42.44
CA LYS A 222 -21.24 15.51 -41.33
C LYS A 222 -20.21 16.52 -41.80
N PHE A 223 -20.24 17.69 -41.19
CA PHE A 223 -19.29 18.73 -41.53
C PHE A 223 -18.38 19.02 -40.36
N HIS A 224 -17.10 18.98 -40.67
CA HIS A 224 -16.05 19.22 -39.71
C HIS A 224 -15.18 20.33 -40.30
N MET A 225 -14.84 21.34 -39.51
CA MET A 225 -14.06 22.44 -40.06
C MET A 225 -13.04 22.98 -39.08
N VAL A 226 -12.30 23.99 -39.54
CA VAL A 226 -11.26 24.62 -38.74
C VAL A 226 -10.42 23.56 -38.04
N ASP A 227 -9.59 22.87 -38.82
CA ASP A 227 -8.76 21.82 -38.27
C ASP A 227 -9.61 20.85 -37.49
N GLY A 228 -10.89 20.86 -37.82
CA GLY A 228 -11.86 19.97 -37.21
C GLY A 228 -12.31 20.47 -35.85
N ASN A 229 -11.96 21.71 -35.52
CA ASN A 229 -12.36 22.28 -34.25
C ASN A 229 -13.87 22.46 -34.21
N VAL A 230 -14.47 22.53 -35.39
CA VAL A 230 -15.90 22.69 -35.53
C VAL A 230 -16.49 21.47 -36.19
N SER A 231 -17.59 20.97 -35.64
CA SER A 231 -18.24 19.79 -36.20
C SER A 231 -19.75 19.88 -36.06
N GLY A 232 -20.45 19.08 -36.85
CA GLY A 232 -21.91 19.07 -36.81
C GLY A 232 -22.50 18.26 -37.95
N GLU A 233 -23.82 18.26 -38.05
CA GLU A 233 -24.49 17.52 -39.10
C GLU A 233 -25.55 18.38 -39.77
N PHE A 234 -25.91 18.02 -40.99
CA PHE A 234 -26.92 18.76 -41.71
C PHE A 234 -28.29 18.13 -41.49
N THR A 235 -29.17 18.85 -40.84
CA THR A 235 -30.50 18.36 -40.60
C THR A 235 -31.37 18.61 -41.83
N ASP A 236 -30.97 19.59 -42.63
CA ASP A 236 -31.70 19.92 -43.84
C ASP A 236 -30.80 20.66 -44.82
N LEU A 237 -31.02 20.40 -46.10
CA LEU A 237 -30.26 21.08 -47.14
C LEU A 237 -31.14 21.34 -48.35
N VAL A 238 -31.66 22.54 -48.42
CA VAL A 238 -32.50 22.91 -49.55
C VAL A 238 -31.63 23.65 -50.57
N PRO A 239 -31.58 23.22 -51.81
CA PRO A 239 -30.70 23.85 -52.84
C PRO A 239 -30.76 25.38 -52.85
N GLU A 240 -29.72 26.00 -52.30
CA GLU A 240 -29.62 27.46 -52.29
C GLU A 240 -30.83 28.11 -51.66
N LYS A 241 -31.57 27.36 -50.86
CA LYS A 241 -32.76 27.90 -50.24
C LYS A 241 -32.71 27.89 -48.71
N HIS A 242 -32.23 26.80 -48.12
CA HIS A 242 -32.24 26.72 -46.67
C HIS A 242 -31.47 25.52 -46.15
N ILE A 243 -30.78 25.72 -45.05
CA ILE A 243 -30.00 24.65 -44.45
C ILE A 243 -30.19 24.58 -42.94
N VAL A 244 -30.55 23.39 -42.47
CA VAL A 244 -30.70 23.18 -41.05
C VAL A 244 -29.58 22.25 -40.61
N MET A 245 -28.79 22.68 -39.65
CA MET A 245 -27.69 21.84 -39.22
C MET A 245 -27.42 21.98 -37.73
N LYS A 246 -26.77 20.96 -37.21
CA LYS A 246 -26.37 20.93 -35.81
C LYS A 246 -24.94 21.47 -35.76
N TRP A 247 -24.57 22.17 -34.70
CA TRP A 247 -23.24 22.77 -34.67
C TRP A 247 -22.58 22.71 -33.30
N ARG A 248 -21.24 22.66 -33.29
CA ARG A 248 -20.50 22.64 -32.04
C ARG A 248 -19.03 22.95 -32.21
N PHE A 249 -18.39 23.17 -31.08
CA PHE A 249 -16.96 23.43 -31.02
C PHE A 249 -16.29 22.19 -30.45
N LYS A 250 -15.05 21.96 -30.81
CA LYS A 250 -14.35 20.78 -30.30
C LYS A 250 -14.20 20.87 -28.79
N SER A 251 -14.49 22.04 -28.23
CA SER A 251 -14.39 22.23 -26.79
C SER A 251 -15.74 22.04 -26.10
N TRP A 252 -16.74 21.62 -26.86
CA TRP A 252 -18.07 21.42 -26.32
C TRP A 252 -18.24 20.02 -25.73
N PRO A 253 -19.17 19.85 -24.83
CA PRO A 253 -19.43 18.52 -24.22
C PRO A 253 -19.78 17.49 -25.29
N GLU A 254 -19.42 16.24 -25.05
CA GLU A 254 -19.71 15.19 -26.02
C GLU A 254 -21.22 15.02 -26.17
N GLY A 255 -21.70 15.05 -27.41
CA GLY A 255 -23.12 14.90 -27.67
C GLY A 255 -23.87 16.22 -27.48
N HIS A 256 -23.13 17.34 -27.53
CA HIS A 256 -23.76 18.65 -27.35
C HIS A 256 -23.57 19.51 -28.58
N PHE A 257 -24.67 19.78 -29.26
CA PHE A 257 -24.63 20.63 -30.44
C PHE A 257 -25.68 21.70 -30.37
N ALA A 258 -25.54 22.67 -31.24
CA ALA A 258 -26.47 23.76 -31.32
C ALA A 258 -27.23 23.66 -32.63
N THR A 259 -28.53 23.91 -32.58
CA THR A 259 -29.33 23.84 -33.79
C THR A 259 -29.19 25.14 -34.57
N ILE A 260 -28.68 25.05 -35.79
CA ILE A 260 -28.48 26.24 -36.61
C ILE A 260 -29.26 26.13 -37.91
N THR A 261 -29.87 27.24 -38.33
CA THR A 261 -30.63 27.23 -39.56
C THR A 261 -30.27 28.43 -40.42
N LEU A 262 -29.85 28.14 -41.65
CA LEU A 262 -29.46 29.18 -42.58
C LEU A 262 -30.47 29.27 -43.72
N THR A 263 -30.81 30.50 -44.10
CA THR A 263 -31.74 30.70 -45.20
C THR A 263 -31.09 31.57 -46.27
N PHE A 264 -31.37 31.25 -47.52
CA PHE A 264 -30.77 31.99 -48.62
C PHE A 264 -31.79 32.88 -49.34
N ILE A 265 -31.40 34.14 -49.52
CA ILE A 265 -32.27 35.10 -50.17
C ILE A 265 -31.54 35.89 -51.26
N ASP A 266 -32.18 36.01 -52.40
CA ASP A 266 -31.61 36.77 -53.52
C ASP A 266 -32.03 38.22 -53.42
N LYS A 267 -31.04 39.09 -53.28
CA LYS A 267 -31.28 40.52 -53.15
C LYS A 267 -30.98 41.26 -54.45
N ASN A 268 -30.89 40.52 -55.53
CA ASN A 268 -30.64 41.14 -56.83
C ASN A 268 -29.29 41.85 -56.85
N GLY A 269 -28.25 41.09 -56.56
CA GLY A 269 -26.90 41.64 -56.53
C GLY A 269 -26.13 41.00 -55.39
N GLU A 270 -26.82 40.86 -54.28
CA GLU A 270 -26.21 40.25 -53.11
C GLU A 270 -27.19 39.27 -52.48
N THR A 271 -26.82 38.70 -51.34
CA THR A 271 -27.68 37.73 -50.69
C THR A 271 -27.80 37.98 -49.20
N GLU A 272 -29.02 37.85 -48.67
CA GLU A 272 -29.23 38.03 -47.24
C GLU A 272 -29.36 36.67 -46.59
N LEU A 273 -28.33 36.29 -45.84
CA LEU A 273 -28.34 35.01 -45.16
C LEU A 273 -29.02 35.16 -43.80
N CYS A 274 -30.10 34.44 -43.62
CA CYS A 274 -30.85 34.49 -42.38
C CYS A 274 -30.50 33.31 -41.50
N MET A 275 -29.57 33.52 -40.57
CA MET A 275 -29.13 32.48 -39.66
C MET A 275 -30.02 32.43 -38.42
N GLU A 276 -30.00 31.30 -37.73
CA GLU A 276 -30.79 31.15 -36.52
C GLU A 276 -30.19 30.08 -35.62
N GLY A 277 -29.21 30.48 -34.85
CA GLY A 277 -28.52 29.56 -33.95
C GLY A 277 -29.21 29.47 -32.61
N ARG A 278 -29.37 28.25 -32.13
CA ARG A 278 -29.99 28.01 -30.83
C ARG A 278 -29.44 26.72 -30.24
N GLY A 279 -29.36 26.67 -28.92
CA GLY A 279 -28.83 25.50 -28.24
C GLY A 279 -27.37 25.72 -27.87
N ILE A 280 -26.82 26.84 -28.36
CA ILE A 280 -25.44 27.19 -28.08
C ILE A 280 -25.26 27.35 -26.58
N PRO A 281 -24.36 26.64 -25.98
CA PRO A 281 -24.14 26.76 -24.52
C PRO A 281 -23.93 28.20 -24.09
N ALA A 282 -24.68 28.60 -23.08
CA ALA A 282 -24.59 29.96 -22.57
C ALA A 282 -23.13 30.34 -22.29
N PRO A 283 -22.35 29.50 -21.65
CA PRO A 283 -20.93 29.86 -21.37
C PRO A 283 -20.18 30.09 -22.65
N GLU A 284 -20.57 29.36 -23.68
CA GLU A 284 -19.93 29.46 -24.99
C GLU A 284 -20.69 30.41 -25.91
N GLU A 285 -21.81 30.94 -25.42
CA GLU A 285 -22.63 31.85 -26.23
C GLU A 285 -21.79 32.80 -27.06
N GLU A 286 -21.21 33.78 -26.39
CA GLU A 286 -20.41 34.78 -27.08
C GLU A 286 -19.38 34.11 -27.99
N ARG A 287 -18.63 33.17 -27.44
CA ARG A 287 -17.61 32.48 -28.22
C ARG A 287 -18.15 32.03 -29.57
N THR A 288 -19.27 31.32 -29.53
CA THR A 288 -19.88 30.82 -30.76
C THR A 288 -20.16 31.95 -31.72
N ARG A 289 -20.78 33.01 -31.22
CA ARG A 289 -21.13 34.13 -32.05
C ARG A 289 -19.87 34.80 -32.62
N GLN A 290 -18.86 34.98 -31.76
CA GLN A 290 -17.62 35.59 -32.20
C GLN A 290 -16.90 34.69 -33.19
N GLY A 291 -16.88 33.40 -32.90
CA GLY A 291 -16.20 32.44 -33.77
C GLY A 291 -17.07 32.09 -34.96
N TRP A 292 -18.20 32.75 -35.10
CA TRP A 292 -19.09 32.47 -36.21
C TRP A 292 -18.77 33.38 -37.41
N GLN A 293 -19.40 34.55 -37.47
CA GLN A 293 -19.18 35.47 -38.59
C GLN A 293 -17.69 35.57 -38.95
N ARG A 294 -16.84 35.74 -37.94
CA ARG A 294 -15.41 35.84 -38.17
C ARG A 294 -14.92 34.72 -39.06
N TYR A 295 -15.33 33.50 -38.76
CA TYR A 295 -14.92 32.34 -39.56
C TYR A 295 -15.99 32.03 -40.61
N TYR A 296 -17.19 32.57 -40.41
CA TYR A 296 -18.27 32.32 -41.35
C TYR A 296 -18.40 33.42 -42.38
N PHE A 297 -19.24 34.39 -42.06
CA PHE A 297 -19.50 35.51 -42.95
C PHE A 297 -18.27 36.35 -43.17
N GLU A 298 -17.82 37.02 -42.12
CA GLU A 298 -16.66 37.86 -42.21
C GLU A 298 -15.49 37.10 -42.84
N GLY A 299 -15.45 35.78 -42.61
CA GLY A 299 -14.40 34.96 -43.20
C GLY A 299 -14.63 34.78 -44.69
N ILE A 300 -15.79 34.26 -45.05
CA ILE A 300 -16.12 34.06 -46.45
C ILE A 300 -16.04 35.39 -47.20
N LYS A 301 -16.67 36.40 -46.63
CA LYS A 301 -16.66 37.73 -47.22
C LYS A 301 -15.23 38.15 -47.49
N GLN A 302 -14.33 37.69 -46.63
CA GLN A 302 -12.92 38.02 -46.75
C GLN A 302 -12.25 37.13 -47.80
N THR A 303 -12.35 35.83 -47.59
CA THR A 303 -11.74 34.86 -48.49
C THR A 303 -12.36 34.88 -49.88
N PHE A 304 -13.68 34.83 -49.94
CA PHE A 304 -14.39 34.83 -51.21
C PHE A 304 -14.55 36.23 -51.74
N GLY A 305 -14.67 37.19 -50.84
CA GLY A 305 -14.83 38.57 -51.25
C GLY A 305 -16.30 38.93 -51.40
N TYR A 306 -17.13 38.30 -50.58
CA TYR A 306 -18.55 38.51 -50.61
C TYR A 306 -19.00 39.54 -49.57
N GLY A 307 -18.11 40.43 -49.18
CA GLY A 307 -18.45 41.46 -48.21
C GLY A 307 -18.75 42.79 -48.89
N ALA A 308 -19.14 43.78 -48.11
CA ALA A 308 -19.44 45.11 -48.66
C ALA A 308 -18.46 46.15 -48.12
N THR A 1 -9.95 -7.27 24.34
CA THR A 1 -9.53 -5.90 24.65
C THR A 1 -8.03 -5.75 24.48
N GLU A 2 -7.62 -5.24 23.32
CA GLU A 2 -6.20 -5.05 23.04
C GLU A 2 -5.87 -3.56 23.00
N ARG A 3 -4.60 -3.23 23.30
CA ARG A 3 -4.18 -1.84 23.29
C ARG A 3 -3.50 -1.51 21.96
N ASP A 4 -3.76 -0.30 21.46
CA ASP A 4 -3.16 0.13 20.21
C ASP A 4 -1.76 0.66 20.44
N ALA A 5 -0.75 -0.04 19.92
CA ALA A 5 0.63 0.38 20.10
C ALA A 5 0.78 1.86 19.73
N SER A 6 0.54 2.73 20.72
CA SER A 6 0.64 4.16 20.48
C SER A 6 2.10 4.64 20.59
N ASN A 7 2.91 3.88 21.32
CA ASN A 7 4.31 4.24 21.49
C ASN A 7 5.02 4.36 20.14
N TRP A 8 4.79 3.40 19.26
CA TRP A 8 5.41 3.42 17.95
C TRP A 8 4.71 4.43 17.06
N SER A 9 3.44 4.69 17.35
CA SER A 9 2.67 5.64 16.56
C SER A 9 3.33 7.00 16.57
N THR A 10 3.16 7.74 17.66
CA THR A 10 3.76 9.05 17.76
C THR A 10 5.23 8.99 17.35
N ASP A 11 5.94 8.00 17.86
CA ASP A 11 7.36 7.85 17.54
C ASP A 11 7.64 7.96 16.04
N LYS A 12 6.85 7.25 15.24
CA LYS A 12 7.03 7.28 13.80
C LYS A 12 6.32 8.47 13.17
N LEU A 13 5.05 8.64 13.52
CA LEU A 13 4.27 9.74 12.96
C LEU A 13 4.92 11.09 13.31
N LYS A 14 5.42 11.21 14.53
CA LYS A 14 6.05 12.46 14.96
C LYS A 14 7.32 12.69 14.16
N THR A 15 8.13 11.62 14.03
CA THR A 15 9.37 11.72 13.27
C THR A 15 9.05 11.96 11.81
N LEU A 16 8.16 11.13 11.29
CA LEU A 16 7.75 11.24 9.90
C LEU A 16 7.11 12.60 9.66
N PHE A 17 6.46 13.11 10.70
CA PHE A 17 5.81 14.41 10.59
C PHE A 17 6.86 15.53 10.64
N LEU A 18 7.83 15.38 11.55
CA LEU A 18 8.90 16.36 11.68
C LEU A 18 9.97 16.09 10.63
N ALA A 19 9.67 15.15 9.74
CA ALA A 19 10.60 14.80 8.68
C ALA A 19 10.06 15.29 7.35
N VAL A 20 9.06 16.15 7.41
CA VAL A 20 8.48 16.68 6.19
C VAL A 20 9.60 17.18 5.31
N GLN A 21 9.56 16.78 4.04
CA GLN A 21 10.61 17.17 3.11
C GLN A 21 10.17 18.25 2.15
N VAL A 22 11.16 19.00 1.69
CA VAL A 22 10.93 20.10 0.78
C VAL A 22 11.50 19.79 -0.60
N GLN A 23 10.82 20.32 -1.61
CA GLN A 23 11.24 20.16 -2.99
C GLN A 23 11.81 21.49 -3.48
N ASN A 24 11.20 22.06 -4.51
CA ASN A 24 11.66 23.33 -5.04
C ASN A 24 10.88 24.46 -4.39
N GLU A 25 11.43 25.68 -4.45
CA GLU A 25 10.76 26.82 -3.85
C GLU A 25 9.34 26.93 -4.37
N GLU A 26 9.12 26.41 -5.57
CA GLU A 26 7.79 26.44 -6.18
C GLU A 26 6.80 25.69 -5.30
N GLY A 27 7.21 24.52 -4.84
CA GLY A 27 6.36 23.70 -3.99
C GLY A 27 7.20 22.97 -2.95
N LYS A 28 7.76 23.75 -2.01
CA LYS A 28 8.59 23.16 -0.96
C LYS A 28 7.79 22.97 0.31
N CYS A 29 8.31 22.16 1.22
CA CYS A 29 7.63 21.90 2.47
C CYS A 29 8.61 21.68 3.61
N GLU A 30 8.34 22.30 4.75
CA GLU A 30 9.21 22.15 5.92
C GLU A 30 8.37 22.09 7.18
N VAL A 31 8.75 21.23 8.12
CA VAL A 31 8.01 21.13 9.38
C VAL A 31 8.57 22.09 10.41
N THR A 32 7.69 22.81 11.10
CA THR A 32 8.13 23.77 12.11
C THR A 32 7.92 23.20 13.52
N GLU A 33 6.89 22.36 13.67
CA GLU A 33 6.60 21.76 14.96
C GLU A 33 5.43 20.79 14.86
N VAL A 34 5.57 19.66 15.53
CA VAL A 34 4.53 18.64 15.53
C VAL A 34 4.18 18.23 16.95
N SER A 35 2.88 18.15 17.25
CA SER A 35 2.47 17.75 18.58
C SER A 35 2.52 16.23 18.72
N LYS A 36 1.46 15.59 18.25
CA LYS A 36 1.35 14.14 18.29
C LYS A 36 -0.11 13.77 18.07
N LEU A 37 -0.35 12.61 17.47
CA LEU A 37 -1.71 12.19 17.22
C LEU A 37 -2.45 12.07 18.54
N ASP A 38 -3.33 13.04 18.81
CA ASP A 38 -4.08 13.01 20.04
C ASP A 38 -5.44 12.39 19.78
N GLY A 39 -5.64 11.19 20.28
CA GLY A 39 -6.89 10.52 20.05
C GLY A 39 -7.00 9.17 20.75
N GLU A 40 -8.12 8.48 20.52
CA GLU A 40 -8.33 7.18 21.14
C GLU A 40 -8.24 6.08 20.10
N ALA A 41 -7.10 5.42 20.03
CA ALA A 41 -6.89 4.34 19.08
C ALA A 41 -6.96 2.99 19.78
N SER A 42 -7.87 2.14 19.34
CA SER A 42 -8.02 0.82 19.94
C SER A 42 -8.18 -0.24 18.85
N ILE A 43 -7.59 -1.41 19.08
CA ILE A 43 -7.68 -2.49 18.13
C ILE A 43 -8.19 -3.75 18.82
N ASN A 44 -8.83 -4.64 18.05
CA ASN A 44 -9.36 -5.86 18.64
C ASN A 44 -8.72 -7.09 18.01
N ASN A 45 -9.15 -8.25 18.51
CA ASN A 45 -8.66 -9.57 18.09
C ASN A 45 -7.49 -9.50 17.12
N ARG A 46 -6.43 -10.21 17.47
CA ARG A 46 -5.21 -10.25 16.68
C ARG A 46 -5.00 -11.62 16.07
N LYS A 47 -3.90 -11.74 15.33
CA LYS A 47 -3.54 -13.00 14.70
C LYS A 47 -4.46 -13.33 13.53
N GLY A 48 -4.95 -12.29 12.85
CA GLY A 48 -5.82 -12.50 11.69
C GLY A 48 -7.10 -11.68 11.77
N LYS A 49 -7.48 -11.27 12.98
CA LYS A 49 -8.70 -10.48 13.15
C LYS A 49 -8.35 -9.07 13.61
N LEU A 50 -7.24 -8.55 13.13
CA LEU A 50 -6.80 -7.22 13.53
C LEU A 50 -7.71 -6.14 12.97
N ILE A 51 -8.31 -5.35 13.86
CA ILE A 51 -9.18 -4.26 13.44
C ILE A 51 -8.72 -2.97 14.11
N PHE A 52 -8.95 -1.84 13.45
CA PHE A 52 -8.52 -0.56 14.00
C PHE A 52 -9.69 0.40 14.24
N PHE A 53 -9.79 0.89 15.47
CA PHE A 53 -10.83 1.86 15.82
C PHE A 53 -10.18 3.13 16.36
N TYR A 54 -10.33 4.23 15.64
CA TYR A 54 -9.75 5.49 16.07
C TYR A 54 -10.75 6.64 15.94
N GLU A 55 -10.81 7.48 16.96
CA GLU A 55 -11.73 8.61 16.94
C GLU A 55 -11.12 9.83 17.63
N TRP A 56 -10.76 10.84 16.85
CA TRP A 56 -10.17 12.07 17.38
C TRP A 56 -9.38 12.81 16.28
N SER A 57 -8.42 13.66 16.65
CA SER A 57 -7.69 14.42 15.65
C SER A 57 -6.20 14.59 15.99
N VAL A 58 -5.41 14.82 14.94
CA VAL A 58 -3.97 15.05 15.09
C VAL A 58 -3.67 16.48 14.64
N LYS A 59 -2.66 17.12 15.23
CA LYS A 59 -2.37 18.50 14.84
C LYS A 59 -0.88 18.81 14.71
N LEU A 60 -0.53 19.47 13.60
CA LEU A 60 0.86 19.87 13.35
C LEU A 60 0.88 21.09 12.42
N ASN A 61 2.08 21.58 12.11
CA ASN A 61 2.22 22.75 11.24
C ASN A 61 3.47 22.67 10.38
N TRP A 62 3.46 23.35 9.23
CA TRP A 62 4.62 23.36 8.34
C TRP A 62 4.78 24.72 7.65
N THR A 63 5.91 24.89 6.96
CA THR A 63 6.19 26.14 6.25
C THR A 63 6.41 25.87 4.77
N GLY A 64 5.92 26.77 3.93
CA GLY A 64 6.08 26.62 2.49
C GLY A 64 6.56 27.91 1.85
N THR A 65 7.67 27.82 1.13
CA THR A 65 8.22 29.01 0.47
C THR A 65 7.82 29.01 -1.00
N SER A 66 7.66 30.20 -1.57
CA SER A 66 7.27 30.31 -2.97
C SER A 66 8.29 31.11 -3.75
N LYS A 67 8.41 30.81 -5.05
CA LYS A 67 9.36 31.52 -5.90
C LYS A 67 9.06 33.02 -5.83
N SER A 68 7.82 33.36 -5.49
CA SER A 68 7.43 34.75 -5.38
C SER A 68 8.27 35.44 -4.32
N GLY A 69 8.81 34.63 -3.41
CA GLY A 69 9.64 35.15 -2.33
C GLY A 69 8.85 35.25 -1.04
N VAL A 70 7.76 34.50 -0.95
CA VAL A 70 6.91 34.55 0.23
C VAL A 70 6.88 33.21 0.97
N GLN A 71 7.03 33.29 2.29
CA GLN A 71 6.97 32.11 3.13
C GLN A 71 5.74 32.20 4.02
N TYR A 72 5.09 31.07 4.27
CA TYR A 72 3.90 31.08 5.10
C TYR A 72 3.82 29.80 5.89
N LYS A 73 3.44 29.92 7.14
CA LYS A 73 3.30 28.76 7.99
C LYS A 73 1.83 28.41 8.16
N GLY A 74 1.44 27.31 7.52
CA GLY A 74 0.06 26.87 7.57
C GLY A 74 -0.15 25.83 8.67
N HIS A 75 -1.39 25.37 8.79
CA HIS A 75 -1.73 24.37 9.79
C HIS A 75 -2.40 23.17 9.14
N VAL A 76 -2.24 22.00 9.73
CA VAL A 76 -2.84 20.80 9.20
C VAL A 76 -3.42 19.97 10.35
N GLU A 77 -4.73 19.84 10.37
CA GLU A 77 -5.38 19.09 11.42
C GLU A 77 -6.48 18.21 10.85
N ILE A 78 -6.48 16.94 11.23
CA ILE A 78 -7.49 16.01 10.74
C ILE A 78 -8.54 15.75 11.84
N PRO A 79 -9.81 16.06 11.58
CA PRO A 79 -10.89 15.87 12.58
C PRO A 79 -11.05 14.42 13.06
N ASN A 80 -12.27 14.08 13.46
CA ASN A 80 -12.58 12.75 13.98
C ASN A 80 -12.48 11.65 12.92
N LEU A 81 -11.55 11.79 11.98
CA LEU A 81 -11.39 10.77 10.96
C LEU A 81 -10.83 9.50 11.60
N SER A 82 -11.47 8.37 11.30
CA SER A 82 -11.05 7.10 11.87
C SER A 82 -10.31 6.25 10.84
N ASP A 83 -9.32 5.49 11.31
CA ASP A 83 -8.54 4.62 10.44
C ASP A 83 -9.32 3.34 10.10
N GLU A 84 -10.57 3.28 10.56
CA GLU A 84 -11.40 2.11 10.30
C GLU A 84 -11.61 1.97 8.80
N ASN A 85 -11.16 2.98 8.08
CA ASN A 85 -11.28 3.00 6.63
C ASN A 85 -9.97 3.43 6.00
N SER A 86 -9.96 3.59 4.68
CA SER A 86 -8.75 4.00 4.00
C SER A 86 -8.18 5.24 4.68
N VAL A 87 -7.08 5.06 5.40
CA VAL A 87 -6.45 6.16 6.11
C VAL A 87 -6.08 7.29 5.16
N ASP A 88 -5.62 6.94 3.98
CA ASP A 88 -5.22 7.95 3.00
C ASP A 88 -6.39 8.86 2.61
N GLU A 89 -7.61 8.32 2.65
CA GLU A 89 -8.78 9.11 2.28
C GLU A 89 -9.18 10.06 3.40
N VAL A 90 -8.49 9.98 4.54
CA VAL A 90 -8.80 10.85 5.67
C VAL A 90 -8.81 12.30 5.24
N GLU A 91 -9.77 13.04 5.77
CA GLU A 91 -9.90 14.45 5.44
C GLU A 91 -8.95 15.27 6.29
N ILE A 92 -8.01 15.93 5.62
CA ILE A 92 -7.04 16.76 6.30
C ILE A 92 -7.35 18.23 6.04
N SER A 93 -7.34 19.02 7.10
CA SER A 93 -7.63 20.45 6.98
C SER A 93 -6.33 21.24 6.89
N VAL A 94 -5.89 21.49 5.67
CA VAL A 94 -4.65 22.23 5.46
C VAL A 94 -4.92 23.72 5.31
N SER A 95 -4.08 24.52 5.97
CA SER A 95 -4.22 25.97 5.90
C SER A 95 -2.88 26.59 5.51
N LEU A 96 -2.40 26.23 4.33
CA LEU A 96 -1.12 26.73 3.84
C LEU A 96 -1.28 27.39 2.48
N ALA A 97 -0.52 28.46 2.27
CA ALA A 97 -0.55 29.18 1.01
C ALA A 97 -1.89 29.88 0.78
N LYS A 98 -2.95 29.34 1.37
CA LYS A 98 -4.27 29.92 1.20
C LYS A 98 -4.28 31.39 1.60
N ASP A 99 -3.49 31.72 2.63
CA ASP A 99 -3.43 33.10 3.11
C ASP A 99 -2.42 33.94 2.33
N GLU A 100 -1.49 33.28 1.64
CA GLU A 100 -0.46 34.02 0.89
C GLU A 100 -0.53 33.71 -0.61
N PRO A 101 -0.03 34.61 -1.42
CA PRO A 101 -0.02 34.46 -2.90
C PRO A 101 0.56 33.11 -3.35
N ASP A 102 1.15 32.38 -2.40
CA ASP A 102 1.75 31.09 -2.72
C ASP A 102 0.70 30.11 -3.26
N THR A 103 -0.49 30.14 -2.67
CA THR A 103 -1.60 29.26 -3.08
C THR A 103 -1.13 28.00 -3.82
N ASN A 104 -0.75 28.16 -5.08
CA ASN A 104 -0.31 27.03 -5.89
C ASN A 104 0.62 26.12 -5.08
N LEU A 105 1.40 26.71 -4.19
CA LEU A 105 2.33 25.95 -3.38
C LEU A 105 1.61 24.84 -2.63
N VAL A 106 0.47 25.16 -2.02
CA VAL A 106 -0.29 24.16 -1.27
C VAL A 106 -0.79 23.07 -2.21
N ALA A 107 -1.11 23.45 -3.45
CA ALA A 107 -1.59 22.48 -4.41
C ALA A 107 -0.63 21.30 -4.48
N LEU A 108 0.65 21.59 -4.71
CA LEU A 108 1.65 20.54 -4.77
C LEU A 108 1.81 19.91 -3.40
N MET A 109 1.77 20.75 -2.37
CA MET A 109 1.90 20.27 -0.99
C MET A 109 0.76 19.30 -0.69
N LYS A 110 -0.38 19.54 -1.31
CA LYS A 110 -1.52 18.66 -1.13
C LYS A 110 -1.24 17.31 -1.78
N GLU A 111 -0.36 17.32 -2.79
CA GLU A 111 -0.03 16.10 -3.51
C GLU A 111 1.34 15.58 -3.07
N GLU A 112 1.93 16.24 -2.09
CA GLU A 112 3.23 15.84 -1.59
C GLU A 112 3.29 15.93 -0.07
N GLY A 113 2.75 17.01 0.47
CA GLY A 113 2.73 17.21 1.91
C GLY A 113 1.85 16.17 2.59
N VAL A 114 0.55 16.33 2.43
CA VAL A 114 -0.38 15.39 3.01
C VAL A 114 -0.03 14.00 2.52
N LYS A 115 0.59 13.94 1.35
CA LYS A 115 1.00 12.67 0.78
C LYS A 115 1.99 11.99 1.71
N LEU A 116 3.01 12.74 2.11
CA LEU A 116 4.00 12.18 3.02
C LEU A 116 3.30 11.49 4.17
N LEU A 117 2.22 12.08 4.63
CA LEU A 117 1.44 11.49 5.71
C LEU A 117 0.91 10.15 5.27
N ARG A 118 0.64 10.01 3.98
CA ARG A 118 0.14 8.75 3.46
C ARG A 118 1.12 7.66 3.86
N GLU A 119 2.41 8.00 3.80
CA GLU A 119 3.43 7.06 4.19
C GLU A 119 3.28 6.78 5.68
N ALA A 120 2.84 7.80 6.42
CA ALA A 120 2.63 7.64 7.85
C ALA A 120 1.54 6.60 8.07
N MET A 121 0.71 6.42 7.05
CA MET A 121 -0.36 5.44 7.12
C MET A 121 0.22 4.04 7.00
N GLY A 122 1.29 3.93 6.21
CA GLY A 122 1.94 2.63 6.00
C GLY A 122 2.46 2.06 7.32
N ILE A 123 3.24 2.87 8.05
CA ILE A 123 3.81 2.42 9.32
C ILE A 123 2.72 2.27 10.38
N TYR A 124 1.80 3.21 10.40
CA TYR A 124 0.72 3.15 11.38
C TYR A 124 0.04 1.79 11.32
N ILE A 125 -0.27 1.36 10.12
CA ILE A 125 -0.92 0.07 9.92
C ILE A 125 0.08 -1.08 10.06
N SER A 126 1.25 -0.90 9.45
CA SER A 126 2.28 -1.93 9.48
C SER A 126 2.96 -2.03 10.85
N THR A 127 3.55 -0.94 11.31
CA THR A 127 4.24 -0.93 12.60
C THR A 127 3.31 -1.39 13.71
N LEU A 128 2.09 -0.88 13.70
CA LEU A 128 1.12 -1.24 14.73
C LEU A 128 0.80 -2.74 14.67
N LYS A 129 0.69 -3.28 13.45
CA LYS A 129 0.36 -4.70 13.29
C LYS A 129 1.59 -5.56 13.06
N THR A 130 2.77 -4.96 13.00
CA THR A 130 4.00 -5.73 12.77
C THR A 130 4.86 -5.76 14.03
N GLU A 131 4.21 -5.88 15.19
CA GLU A 131 4.92 -5.94 16.45
C GLU A 131 4.04 -6.56 17.52
N PHE A 132 2.93 -5.91 17.83
CA PHE A 132 2.00 -6.40 18.82
C PHE A 132 1.49 -7.79 18.43
N THR A 133 1.33 -8.00 17.13
CA THR A 133 0.85 -9.27 16.61
C THR A 133 1.76 -9.77 15.48
N GLN A 134 1.66 -11.05 15.16
CA GLN A 134 2.48 -11.64 14.11
C GLN A 134 1.59 -12.17 12.99
N GLY A 135 2.11 -12.13 11.76
CA GLY A 135 1.35 -12.62 10.61
C GLY A 135 1.20 -11.54 9.54
N MET A 136 2.28 -11.28 8.82
CA MET A 136 2.26 -10.28 7.76
C MET A 136 1.82 -10.90 6.44
N ILE A 137 0.64 -10.52 5.98
CA ILE A 137 0.12 -11.06 4.72
C ILE A 137 -0.11 -9.95 3.70
N LEU A 138 0.00 -10.29 2.43
CA LEU A 138 -0.20 -9.32 1.36
C LEU A 138 -1.12 -9.86 0.27
N PRO A 139 -2.40 -9.90 0.54
CA PRO A 139 -3.41 -10.43 -0.43
C PRO A 139 -3.64 -9.46 -1.58
N THR A 140 -3.88 -10.00 -2.78
CA THR A 140 -4.13 -9.17 -3.94
C THR A 140 -5.39 -9.64 -4.66
N MET A 141 -6.07 -8.73 -5.31
CA MET A 141 -7.30 -9.08 -6.04
C MET A 141 -7.85 -7.87 -6.78
N ASN A 142 -8.22 -8.06 -8.04
CA ASN A 142 -8.76 -6.97 -8.85
C ASN A 142 -9.89 -7.47 -9.74
N GLY A 143 -11.13 -7.14 -9.35
CA GLY A 143 -12.29 -7.57 -10.13
C GLY A 143 -12.38 -9.08 -10.22
N GLU A 144 -12.48 -9.59 -11.44
CA GLU A 144 -12.57 -11.02 -11.67
C GLU A 144 -11.57 -11.42 -12.74
N SER A 145 -10.93 -12.57 -12.56
CA SER A 145 -9.97 -13.04 -13.54
C SER A 145 -10.46 -14.30 -14.23
N VAL A 146 -10.12 -14.44 -15.51
CA VAL A 146 -10.53 -15.61 -16.28
C VAL A 146 -9.33 -16.24 -16.98
N ASP A 147 -9.34 -17.56 -17.07
CA ASP A 147 -8.25 -18.28 -17.72
C ASP A 147 -8.77 -19.21 -18.80
N PRO A 148 -9.08 -18.68 -19.95
CA PRO A 148 -9.60 -19.48 -21.09
C PRO A 148 -8.54 -20.40 -21.68
N VAL A 149 -8.98 -21.54 -22.22
CA VAL A 149 -8.04 -22.49 -22.82
C VAL A 149 -8.65 -23.13 -24.06
N GLY A 150 -8.89 -24.42 -24.00
CA GLY A 150 -9.48 -25.13 -25.13
C GLY A 150 -11.00 -25.04 -25.06
N GLN A 151 -11.58 -24.31 -26.00
CA GLN A 151 -13.03 -24.14 -26.04
C GLN A 151 -13.51 -24.02 -27.49
N PRO A 152 -14.73 -24.42 -27.77
CA PRO A 152 -15.30 -24.35 -29.13
C PRO A 152 -15.05 -22.97 -29.78
N ALA A 153 -13.84 -22.79 -30.31
CA ALA A 153 -13.49 -21.53 -30.94
C ALA A 153 -12.49 -21.77 -32.08
N LEU A 154 -12.48 -20.86 -33.05
CA LEU A 154 -11.57 -20.98 -34.18
C LEU A 154 -10.30 -20.17 -33.93
N LYS A 155 -9.16 -20.74 -34.33
CA LYS A 155 -7.88 -20.06 -34.14
C LYS A 155 -7.19 -19.85 -35.49
N THR A 156 -6.45 -18.74 -35.59
CA THR A 156 -5.73 -18.43 -36.83
C THR A 156 -4.25 -18.27 -36.56
N GLU A 157 -3.45 -18.35 -37.61
CA GLU A 157 -2.00 -18.23 -37.48
C GLU A 157 -1.51 -16.94 -38.15
N GLU A 158 -0.43 -16.38 -37.61
CA GLU A 158 0.13 -15.15 -38.17
C GLU A 158 1.54 -15.40 -38.69
N ARG A 159 1.87 -14.77 -39.81
CA ARG A 159 3.19 -14.93 -40.40
C ARG A 159 3.90 -13.58 -40.53
N LYS A 160 5.22 -13.60 -40.38
CA LYS A 160 6.00 -12.37 -40.47
C LYS A 160 6.65 -12.25 -41.86
N ALA A 161 6.80 -11.02 -42.33
CA ALA A 161 7.41 -10.78 -43.63
C ALA A 161 8.12 -9.43 -43.63
N LYS A 162 9.14 -9.31 -44.46
CA LYS A 162 9.89 -8.06 -44.54
C LYS A 162 9.95 -7.55 -45.98
N PRO A 163 8.90 -6.92 -46.43
CA PRO A 163 8.84 -6.38 -47.82
C PRO A 163 9.78 -5.19 -48.01
N ALA A 164 10.36 -5.09 -49.20
CA ALA A 164 11.28 -4.00 -49.51
C ALA A 164 10.86 -3.29 -50.78
N PRO A 165 9.92 -2.38 -50.69
CA PRO A 165 9.43 -1.62 -51.87
C PRO A 165 10.52 -0.74 -52.47
N SER A 166 11.48 -0.35 -51.65
CA SER A 166 12.59 0.49 -52.12
C SER A 166 13.92 -0.20 -51.86
N LYS A 167 14.87 0.01 -52.77
CA LYS A 167 16.19 -0.59 -52.62
C LYS A 167 16.84 -0.14 -51.30
N THR A 168 16.63 1.13 -50.95
CA THR A 168 17.19 1.67 -49.73
C THR A 168 16.19 2.59 -49.04
N GLN A 169 16.38 2.81 -47.74
CA GLN A 169 15.49 3.68 -46.99
C GLN A 169 16.21 4.93 -46.54
N ALA A 170 15.52 6.06 -46.57
CA ALA A 170 16.10 7.33 -46.15
C ALA A 170 15.03 8.28 -45.64
N ARG A 171 15.44 9.20 -44.76
CA ARG A 171 14.49 10.17 -44.20
C ARG A 171 15.07 11.58 -44.31
N PRO A 172 15.01 12.15 -45.48
CA PRO A 172 15.53 13.54 -45.72
C PRO A 172 14.64 14.60 -45.08
N VAL A 173 15.27 15.64 -44.55
CA VAL A 173 14.53 16.73 -43.92
C VAL A 173 13.64 17.44 -44.93
N GLY A 174 14.15 17.59 -46.14
CA GLY A 174 13.39 18.24 -47.21
C GLY A 174 13.71 17.62 -48.56
N VAL A 175 13.20 18.24 -49.63
CA VAL A 175 13.44 17.74 -50.97
C VAL A 175 14.10 18.82 -51.81
N LYS A 176 14.85 18.42 -52.84
CA LYS A 176 15.52 19.38 -53.70
C LYS A 176 14.46 20.23 -54.38
N ILE A 177 13.81 21.07 -53.59
CA ILE A 177 12.75 21.93 -54.10
C ILE A 177 13.27 23.36 -54.23
N PRO A 178 12.94 24.08 -55.28
CA PRO A 178 13.37 25.50 -55.44
C PRO A 178 13.10 26.25 -54.16
N THR A 179 13.75 27.39 -53.94
CA THR A 179 13.47 28.16 -52.74
C THR A 179 13.87 29.62 -52.89
N CYS A 180 13.33 30.46 -52.02
CA CYS A 180 13.60 31.89 -52.06
C CYS A 180 13.38 32.52 -50.68
N LYS A 181 13.73 33.79 -50.54
CA LYS A 181 13.56 34.48 -49.27
C LYS A 181 12.32 35.37 -49.29
N ILE A 182 11.61 35.42 -48.16
CA ILE A 182 10.40 36.25 -48.06
C ILE A 182 10.47 37.14 -46.82
N THR A 183 11.45 38.03 -46.81
CA THR A 183 11.61 38.95 -45.68
C THR A 183 10.60 40.09 -45.77
N LEU A 184 9.84 40.28 -44.70
CA LEU A 184 8.84 41.34 -44.67
C LEU A 184 9.05 42.22 -43.42
N LYS A 185 9.00 43.53 -43.61
CA LYS A 185 9.15 44.46 -42.50
C LYS A 185 7.92 45.36 -42.42
N GLU A 186 7.04 45.06 -41.47
CA GLU A 186 5.82 45.85 -41.31
C GLU A 186 5.69 46.42 -39.91
N THR A 187 5.02 47.57 -39.80
CA THR A 187 4.82 48.21 -38.50
C THR A 187 3.41 47.93 -37.99
N PHE A 188 3.29 47.68 -36.69
CA PHE A 188 2.00 47.39 -36.09
C PHE A 188 1.57 48.45 -35.10
N LEU A 189 0.29 48.80 -35.15
CA LEU A 189 -0.25 49.80 -34.26
C LEU A 189 -0.46 49.21 -32.87
N THR A 190 0.36 48.23 -32.53
CA THR A 190 0.27 47.57 -31.24
C THR A 190 1.66 47.36 -30.65
N SER A 191 1.71 47.05 -29.36
CA SER A 191 2.97 46.80 -28.68
C SER A 191 3.53 45.45 -29.09
N PRO A 192 4.83 45.27 -29.05
CA PRO A 192 5.46 43.96 -29.41
C PRO A 192 4.89 42.82 -28.58
N GLU A 193 4.60 43.10 -27.32
CA GLU A 193 4.05 42.10 -26.43
C GLU A 193 2.68 41.63 -26.91
N GLU A 194 1.88 42.58 -27.39
CA GLU A 194 0.53 42.27 -27.87
C GLU A 194 0.58 41.42 -29.14
N LEU A 195 1.38 41.83 -30.11
CA LEU A 195 1.49 41.10 -31.36
C LEU A 195 2.04 39.69 -31.12
N TYR A 196 2.94 39.60 -30.15
CA TYR A 196 3.57 38.33 -29.80
C TYR A 196 2.54 37.25 -29.53
N ARG A 197 1.51 37.62 -28.79
CA ARG A 197 0.44 36.69 -28.45
C ARG A 197 -0.30 36.24 -29.69
N VAL A 198 -0.48 37.15 -30.62
CA VAL A 198 -1.19 36.85 -31.85
C VAL A 198 -0.51 35.74 -32.61
N PHE A 199 0.81 35.71 -32.53
CA PHE A 199 1.58 34.69 -33.21
C PHE A 199 1.84 33.51 -32.29
N THR A 200 1.55 33.65 -31.00
CA THR A 200 1.80 32.55 -30.07
C THR A 200 0.54 32.17 -29.32
N THR A 201 -0.62 32.68 -29.74
CA THR A 201 -1.87 32.32 -29.09
C THR A 201 -2.84 31.78 -30.14
N GLN A 202 -3.27 30.54 -29.96
CA GLN A 202 -4.16 29.89 -30.91
C GLN A 202 -5.45 30.68 -31.13
N GLU A 203 -6.08 31.05 -30.03
CA GLU A 203 -7.34 31.80 -30.10
C GLU A 203 -7.15 33.03 -30.98
N LEU A 204 -6.08 33.74 -30.73
CA LEU A 204 -5.77 34.95 -31.47
C LEU A 204 -5.49 34.61 -32.92
N VAL A 205 -4.88 33.45 -33.14
CA VAL A 205 -4.58 33.01 -34.49
C VAL A 205 -5.88 32.71 -35.20
N GLN A 206 -6.79 32.11 -34.45
CA GLN A 206 -8.10 31.78 -34.96
C GLN A 206 -8.91 33.05 -35.21
N ALA A 207 -8.42 34.15 -34.64
CA ALA A 207 -9.09 35.43 -34.77
C ALA A 207 -8.79 36.09 -36.11
N PHE A 208 -7.51 36.33 -36.40
CA PHE A 208 -7.15 36.99 -37.65
C PHE A 208 -7.17 36.01 -38.82
N THR A 209 -7.26 34.71 -38.53
CA THR A 209 -7.30 33.73 -39.61
C THR A 209 -8.73 33.53 -40.06
N HIS A 210 -9.66 34.12 -39.32
CA HIS A 210 -11.08 34.00 -39.63
C HIS A 210 -11.42 32.57 -39.99
N ALA A 211 -10.57 31.67 -39.52
CA ALA A 211 -10.76 30.26 -39.76
C ALA A 211 -10.22 29.45 -38.59
N PRO A 212 -10.40 28.16 -38.59
CA PRO A 212 -9.91 27.28 -37.50
C PRO A 212 -8.40 27.13 -37.56
N ALA A 213 -7.77 27.33 -36.41
CA ALA A 213 -6.33 27.21 -36.34
C ALA A 213 -5.91 26.53 -35.04
N THR A 214 -4.75 25.88 -35.09
CA THR A 214 -4.21 25.19 -33.93
C THR A 214 -2.83 25.75 -33.63
N LEU A 215 -2.58 26.13 -32.39
CA LEU A 215 -1.27 26.69 -32.07
C LEU A 215 -0.74 26.24 -30.72
N GLU A 216 0.53 25.83 -30.74
CA GLU A 216 1.23 25.40 -29.55
C GLU A 216 2.41 26.32 -29.33
N ALA A 217 2.34 27.18 -28.32
CA ALA A 217 3.44 28.10 -28.08
C ALA A 217 4.51 27.44 -27.22
N ASP A 218 5.40 26.74 -27.89
CA ASP A 218 6.50 26.06 -27.22
C ASP A 218 7.60 25.75 -28.22
N ARG A 219 8.83 25.59 -27.75
CA ARG A 219 9.91 25.28 -28.66
C ARG A 219 9.65 23.93 -29.29
N GLY A 220 9.22 23.99 -30.54
CA GLY A 220 8.89 22.79 -31.28
C GLY A 220 7.38 22.67 -31.33
N GLY A 221 6.71 23.68 -30.78
CA GLY A 221 5.25 23.71 -30.77
C GLY A 221 4.75 23.63 -32.19
N LYS A 222 3.65 22.94 -32.39
CA LYS A 222 3.11 22.80 -33.72
C LYS A 222 1.94 23.74 -33.93
N PHE A 223 2.07 24.60 -34.93
CA PHE A 223 1.01 25.55 -35.22
C PHE A 223 0.43 25.29 -36.60
N HIS A 224 -0.90 25.27 -36.64
CA HIS A 224 -1.62 25.06 -37.87
C HIS A 224 -2.67 26.16 -37.97
N MET A 225 -2.86 26.70 -39.15
CA MET A 225 -3.80 27.79 -39.30
C MET A 225 -4.51 27.75 -40.65
N VAL A 226 -5.36 28.76 -40.87
CA VAL A 226 -6.10 28.85 -42.11
C VAL A 226 -6.71 27.51 -42.47
N ASP A 227 -7.74 27.11 -41.71
CA ASP A 227 -8.40 25.84 -41.94
C ASP A 227 -7.38 24.72 -42.05
N GLY A 228 -6.34 24.84 -41.24
CA GLY A 228 -5.29 23.84 -41.20
C GLY A 228 -4.51 23.78 -42.52
N ASN A 229 -4.39 24.92 -43.19
CA ASN A 229 -3.67 24.96 -44.45
C ASN A 229 -2.29 25.57 -44.29
N VAL A 230 -1.99 26.05 -43.09
CA VAL A 230 -0.68 26.64 -42.80
C VAL A 230 -0.10 25.97 -41.56
N SER A 231 0.81 25.02 -41.75
CA SER A 231 1.40 24.30 -40.62
C SER A 231 2.87 24.58 -40.49
N GLY A 232 3.40 24.28 -39.30
CA GLY A 232 4.80 24.50 -39.02
C GLY A 232 5.12 24.26 -37.56
N GLU A 233 6.38 24.49 -37.19
CA GLU A 233 6.80 24.28 -35.81
C GLU A 233 7.60 25.47 -35.33
N PHE A 234 7.63 25.66 -34.02
CA PHE A 234 8.38 26.76 -33.44
C PHE A 234 9.78 26.30 -33.08
N THR A 235 10.76 26.84 -33.80
CA THR A 235 12.14 26.51 -33.53
C THR A 235 12.66 27.35 -32.37
N ASP A 236 12.01 28.50 -32.15
CA ASP A 236 12.40 29.38 -31.07
C ASP A 236 11.25 30.31 -30.69
N LEU A 237 11.15 30.61 -29.40
CA LEU A 237 10.11 31.50 -28.92
C LEU A 237 10.64 32.35 -27.78
N VAL A 238 11.11 33.54 -28.13
CA VAL A 238 11.62 34.45 -27.13
C VAL A 238 10.48 35.38 -26.71
N PRO A 239 10.14 35.46 -25.44
CA PRO A 239 8.99 36.28 -24.98
C PRO A 239 8.94 37.68 -25.58
N GLU A 240 8.05 37.87 -26.55
CA GLU A 240 7.85 39.17 -27.18
C GLU A 240 9.14 39.72 -27.77
N LYS A 241 10.10 38.84 -28.01
CA LYS A 241 11.38 39.28 -28.54
C LYS A 241 11.71 38.67 -29.89
N HIS A 242 11.46 37.38 -30.06
CA HIS A 242 11.83 36.74 -31.31
C HIS A 242 11.28 35.33 -31.42
N ILE A 243 10.84 34.98 -32.62
CA ILE A 243 10.31 33.65 -32.85
C ILE A 243 10.87 33.03 -34.12
N VAL A 244 11.40 31.82 -33.97
CA VAL A 244 11.91 31.10 -35.12
C VAL A 244 10.99 29.90 -35.33
N MET A 245 10.38 29.83 -36.49
CA MET A 245 9.47 28.73 -36.77
C MET A 245 9.57 28.29 -38.20
N LYS A 246 9.20 27.05 -38.42
CA LYS A 246 9.18 26.48 -39.75
C LYS A 246 7.79 26.72 -40.32
N TRP A 247 7.65 26.88 -41.63
CA TRP A 247 6.35 27.22 -42.18
C TRP A 247 6.08 26.57 -43.53
N ARG A 248 4.79 26.32 -43.81
CA ARG A 248 4.42 25.74 -45.10
C ARG A 248 2.94 25.94 -45.41
N PHE A 249 2.60 25.57 -46.64
CA PHE A 249 1.23 25.64 -47.11
C PHE A 249 0.71 24.22 -47.29
N LYS A 250 -0.59 24.07 -47.25
CA LYS A 250 -1.20 22.76 -47.42
C LYS A 250 -0.91 22.21 -48.81
N SER A 251 -0.48 23.09 -49.70
CA SER A 251 -0.19 22.70 -51.07
C SER A 251 1.30 22.47 -51.29
N TRP A 252 2.08 22.52 -50.22
CA TRP A 252 3.51 22.33 -50.32
C TRP A 252 3.89 20.86 -50.22
N PRO A 253 5.03 20.48 -50.75
CA PRO A 253 5.50 19.07 -50.68
C PRO A 253 5.62 18.60 -49.24
N GLU A 254 5.36 17.32 -49.02
CA GLU A 254 5.45 16.77 -47.68
C GLU A 254 6.89 16.89 -47.17
N GLY A 255 7.04 17.44 -45.97
CA GLY A 255 8.38 17.60 -45.40
C GLY A 255 9.06 18.84 -45.95
N HIS A 256 8.28 19.78 -46.49
CA HIS A 256 8.85 21.00 -47.04
C HIS A 256 8.32 22.23 -46.33
N PHE A 257 9.20 22.88 -45.58
CA PHE A 257 8.83 24.08 -44.88
C PHE A 257 9.82 25.19 -45.16
N ALA A 258 9.42 26.40 -44.81
CA ALA A 258 10.26 27.55 -45.00
C ALA A 258 10.72 28.08 -43.66
N THR A 259 12.01 28.38 -43.54
CA THR A 259 12.53 28.89 -42.30
C THR A 259 12.04 30.32 -42.09
N ILE A 260 11.24 30.52 -41.05
CA ILE A 260 10.71 31.83 -40.77
C ILE A 260 11.18 32.33 -39.43
N THR A 261 11.55 33.60 -39.38
CA THR A 261 12.00 34.19 -38.14
C THR A 261 11.35 35.55 -37.95
N LEU A 262 10.64 35.68 -36.85
CA LEU A 262 9.96 36.92 -36.53
C LEU A 262 10.63 37.60 -35.35
N THR A 263 10.83 38.91 -35.47
CA THR A 263 11.44 39.68 -34.40
C THR A 263 10.50 40.78 -33.95
N PHE A 264 10.46 41.00 -32.65
CA PHE A 264 9.57 42.01 -32.09
C PHE A 264 10.34 43.23 -31.63
N ILE A 265 9.89 44.39 -32.09
CA ILE A 265 10.53 45.65 -31.75
C ILE A 265 9.54 46.68 -31.26
N ASP A 266 9.89 47.33 -30.17
CA ASP A 266 9.06 48.38 -29.61
C ASP A 266 9.41 49.73 -30.21
N LYS A 267 8.45 50.34 -30.88
CA LYS A 267 8.64 51.61 -31.54
C LYS A 267 8.03 52.76 -30.75
N ASN A 268 7.74 52.50 -29.49
CA ASN A 268 7.17 53.53 -28.64
C ASN A 268 5.82 54.00 -29.15
N GLY A 269 4.91 53.06 -29.32
CA GLY A 269 3.58 53.35 -29.81
C GLY A 269 3.13 52.22 -30.70
N GLU A 270 4.03 51.74 -31.52
CA GLU A 270 3.74 50.65 -32.42
C GLU A 270 4.88 49.64 -32.40
N THR A 271 4.81 48.62 -33.25
CA THR A 271 5.85 47.60 -33.26
C THR A 271 6.32 47.28 -34.68
N GLU A 272 7.62 47.10 -34.85
CA GLU A 272 8.17 46.75 -36.15
C GLU A 272 8.52 45.27 -36.19
N LEU A 273 7.65 44.48 -36.79
CA LEU A 273 7.92 43.06 -36.90
C LEU A 273 8.85 42.83 -38.08
N CYS A 274 10.09 42.52 -37.78
CA CYS A 274 11.07 42.29 -38.81
C CYS A 274 11.12 40.80 -39.16
N MET A 275 10.40 40.43 -40.20
CA MET A 275 10.31 39.04 -40.63
C MET A 275 11.48 38.65 -41.53
N GLU A 276 11.81 37.37 -41.52
CA GLU A 276 12.88 36.84 -42.34
C GLU A 276 12.55 35.40 -42.74
N GLY A 277 11.93 35.26 -43.90
CA GLY A 277 11.54 33.95 -44.38
C GLY A 277 12.51 33.40 -45.43
N ARG A 278 12.92 32.15 -45.23
CA ARG A 278 13.84 31.50 -46.15
C ARG A 278 13.42 30.05 -46.39
N GLY A 279 13.66 29.55 -47.60
CA GLY A 279 13.30 28.16 -47.92
C GLY A 279 11.97 28.10 -48.66
N ILE A 280 11.31 29.24 -48.77
CA ILE A 280 10.04 29.31 -49.45
C ILE A 280 10.21 28.86 -50.90
N PRO A 281 9.49 27.85 -51.35
CA PRO A 281 9.63 27.37 -52.73
C PRO A 281 9.44 28.49 -53.74
N ALA A 282 10.40 28.57 -54.66
CA ALA A 282 10.36 29.59 -55.69
C ALA A 282 9.00 29.62 -56.40
N PRO A 283 8.45 28.49 -56.79
CA PRO A 283 7.14 28.48 -57.50
C PRO A 283 6.04 29.05 -56.61
N GLU A 284 6.17 28.79 -55.33
CA GLU A 284 5.19 29.24 -54.35
C GLU A 284 5.61 30.57 -53.74
N GLU A 285 6.75 31.08 -54.16
CA GLU A 285 7.26 32.34 -53.62
C GLU A 285 6.22 33.45 -53.70
N GLU A 286 5.67 33.68 -54.87
CA GLU A 286 4.67 34.71 -55.02
C GLU A 286 3.49 34.44 -54.09
N ARG A 287 3.09 33.19 -54.03
CA ARG A 287 1.96 32.79 -53.17
C ARG A 287 2.25 33.04 -51.69
N THR A 288 3.35 32.48 -51.22
CA THR A 288 3.72 32.61 -49.82
C THR A 288 3.68 34.06 -49.35
N ARG A 289 4.44 34.92 -50.02
CA ARG A 289 4.48 36.31 -49.64
C ARG A 289 3.09 36.93 -49.67
N GLN A 290 2.33 36.63 -50.72
CA GLN A 290 0.99 37.19 -50.86
C GLN A 290 0.06 36.64 -49.78
N GLY A 291 0.18 35.34 -49.52
CA GLY A 291 -0.67 34.69 -48.51
C GLY A 291 -0.14 34.93 -47.11
N TRP A 292 0.89 35.76 -47.01
CA TRP A 292 1.47 36.05 -45.70
C TRP A 292 0.78 37.24 -45.05
N GLN A 293 1.29 38.45 -45.32
CA GLN A 293 0.73 39.66 -44.75
C GLN A 293 -0.80 39.64 -44.78
N ARG A 294 -1.37 39.27 -45.93
CA ARG A 294 -2.82 39.23 -46.06
C ARG A 294 -3.46 38.44 -44.92
N TYR A 295 -2.89 37.29 -44.61
CA TYR A 295 -3.42 36.48 -43.52
C TYR A 295 -2.63 36.73 -42.23
N TYR A 296 -1.47 37.36 -42.36
CA TYR A 296 -0.64 37.64 -41.20
C TYR A 296 -0.84 39.06 -40.72
N PHE A 297 -0.01 39.95 -41.25
CA PHE A 297 -0.05 41.36 -40.86
C PHE A 297 -1.34 42.02 -41.28
N GLU A 298 -1.52 42.19 -42.57
CA GLU A 298 -2.71 42.82 -43.08
C GLU A 298 -3.95 42.17 -42.46
N GLY A 299 -3.84 40.90 -42.11
CA GLY A 299 -4.95 40.18 -41.48
C GLY A 299 -5.13 40.65 -40.04
N ILE A 300 -4.07 40.50 -39.25
CA ILE A 300 -4.12 40.91 -37.85
C ILE A 300 -4.44 42.39 -37.75
N LYS A 301 -3.79 43.18 -38.57
CA LYS A 301 -3.99 44.62 -38.57
C LYS A 301 -5.46 44.96 -38.74
N GLN A 302 -6.18 44.14 -39.48
CA GLN A 302 -7.59 44.39 -39.71
C GLN A 302 -8.44 43.75 -38.62
N THR A 303 -8.12 42.51 -38.29
CA THR A 303 -8.85 41.78 -37.27
C THR A 303 -8.62 42.38 -35.89
N PHE A 304 -7.37 42.65 -35.57
CA PHE A 304 -7.01 43.22 -34.28
C PHE A 304 -7.05 44.74 -34.34
N GLY A 305 -6.82 45.29 -35.52
CA GLY A 305 -6.82 46.73 -35.67
C GLY A 305 -5.44 47.31 -35.40
N TYR A 306 -4.42 46.54 -35.73
CA TYR A 306 -3.05 46.96 -35.49
C TYR A 306 -2.41 47.56 -36.75
N GLY A 307 -3.23 48.07 -37.66
CA GLY A 307 -2.69 48.69 -38.87
C GLY A 307 -2.68 50.21 -38.74
N ALA A 308 -2.14 50.87 -39.76
CA ALA A 308 -2.06 52.33 -39.75
C ALA A 308 -2.98 52.90 -40.83
N THR A 1 -6.86 -9.72 23.98
CA THR A 1 -6.99 -8.28 24.03
C THR A 1 -5.73 -7.61 23.48
N GLU A 2 -5.87 -6.89 22.37
CA GLU A 2 -4.74 -6.20 21.76
C GLU A 2 -4.80 -4.71 22.05
N ARG A 3 -3.62 -4.09 22.18
CA ARG A 3 -3.56 -2.66 22.44
C ARG A 3 -3.03 -1.92 21.22
N ASP A 4 -3.52 -0.72 20.99
CA ASP A 4 -3.08 0.06 19.86
C ASP A 4 -1.73 0.69 20.16
N ALA A 5 -0.67 0.06 19.67
CA ALA A 5 0.68 0.55 19.90
C ALA A 5 0.79 2.02 19.52
N SER A 6 0.48 2.90 20.48
CA SER A 6 0.55 4.33 20.24
C SER A 6 1.98 4.84 20.38
N ASN A 7 2.80 4.08 21.09
CA ASN A 7 4.19 4.48 21.30
C ASN A 7 4.91 4.65 19.96
N TRP A 8 4.72 3.69 19.06
CA TRP A 8 5.36 3.77 17.75
C TRP A 8 4.64 4.78 16.88
N SER A 9 3.36 4.99 17.16
CA SER A 9 2.57 5.94 16.38
C SER A 9 3.19 7.32 16.43
N THR A 10 3.04 8.01 17.55
CA THR A 10 3.61 9.33 17.68
C THR A 10 5.09 9.32 17.30
N ASP A 11 5.81 8.33 17.79
CA ASP A 11 7.24 8.23 17.51
C ASP A 11 7.55 8.35 16.02
N LYS A 12 6.80 7.63 15.18
CA LYS A 12 7.03 7.68 13.75
C LYS A 12 6.30 8.86 13.12
N LEU A 13 5.02 9.00 13.46
CA LEU A 13 4.21 10.08 12.92
C LEU A 13 4.81 11.44 13.29
N LYS A 14 5.26 11.57 14.53
CA LYS A 14 5.85 12.83 14.98
C LYS A 14 7.15 13.09 14.22
N THR A 15 7.97 12.05 14.11
CA THR A 15 9.24 12.17 13.41
C THR A 15 8.99 12.46 11.93
N LEU A 16 8.11 11.65 11.36
CA LEU A 16 7.76 11.78 9.96
C LEU A 16 7.19 13.17 9.70
N PHE A 17 6.51 13.71 10.70
CA PHE A 17 5.94 15.05 10.57
C PHE A 17 7.01 16.09 10.83
N LEU A 18 7.90 15.81 11.78
CA LEU A 18 9.00 16.72 12.08
C LEU A 18 10.13 16.48 11.09
N ALA A 19 9.86 15.61 10.12
CA ALA A 19 10.84 15.27 9.11
C ALA A 19 10.31 15.66 7.74
N VAL A 20 9.26 16.47 7.72
CA VAL A 20 8.69 16.89 6.45
C VAL A 20 9.81 17.42 5.58
N GLN A 21 9.85 16.95 4.35
CA GLN A 21 10.91 17.35 3.43
C GLN A 21 10.46 18.40 2.43
N VAL A 22 11.43 19.20 2.03
CA VAL A 22 11.19 20.27 1.08
C VAL A 22 11.80 19.95 -0.28
N GLN A 23 11.12 20.38 -1.32
CA GLN A 23 11.58 20.19 -2.69
C GLN A 23 12.12 21.52 -3.20
N ASN A 24 11.53 22.02 -4.28
CA ASN A 24 11.97 23.29 -4.84
C ASN A 24 11.12 24.44 -4.27
N GLU A 25 11.64 25.65 -4.33
CA GLU A 25 10.90 26.81 -3.81
C GLU A 25 9.52 26.85 -4.43
N GLU A 26 9.39 26.24 -5.61
CA GLU A 26 8.12 26.20 -6.31
C GLU A 26 7.07 25.52 -5.46
N GLY A 27 7.45 24.41 -4.88
CA GLY A 27 6.56 23.64 -4.02
C GLY A 27 7.37 22.89 -2.97
N LYS A 28 7.88 23.63 -2.00
CA LYS A 28 8.68 23.04 -0.94
C LYS A 28 7.84 22.79 0.31
N CYS A 29 8.45 22.16 1.31
CA CYS A 29 7.76 21.86 2.55
C CYS A 29 8.74 21.78 3.71
N GLU A 30 8.39 22.42 4.82
CA GLU A 30 9.25 22.39 6.00
C GLU A 30 8.40 22.34 7.26
N VAL A 31 8.81 21.52 8.23
CA VAL A 31 8.06 21.41 9.48
C VAL A 31 8.67 22.33 10.54
N THR A 32 7.79 22.99 11.31
CA THR A 32 8.25 23.89 12.35
C THR A 32 7.98 23.30 13.74
N GLU A 33 6.93 22.50 13.85
CA GLU A 33 6.58 21.88 15.12
C GLU A 33 5.35 20.98 14.96
N VAL A 34 5.42 19.80 15.55
CA VAL A 34 4.31 18.84 15.48
C VAL A 34 3.92 18.37 16.87
N SER A 35 2.62 18.34 17.15
CA SER A 35 2.16 17.90 18.44
C SER A 35 2.20 16.39 18.56
N LYS A 36 1.09 15.74 18.21
CA LYS A 36 0.99 14.28 18.28
C LYS A 36 -0.50 13.89 18.21
N LEU A 37 -0.78 12.67 17.75
CA LEU A 37 -2.16 12.22 17.65
C LEU A 37 -2.78 12.17 19.04
N ASP A 38 -3.62 13.14 19.36
CA ASP A 38 -4.27 13.20 20.67
C ASP A 38 -5.65 12.60 20.59
N GLY A 39 -5.85 11.47 21.25
CA GLY A 39 -7.15 10.83 21.24
C GLY A 39 -7.07 9.44 21.84
N GLU A 40 -8.17 8.70 21.73
CA GLU A 40 -8.21 7.34 22.27
C GLU A 40 -8.35 6.34 21.13
N ALA A 41 -7.52 5.30 21.16
CA ALA A 41 -7.56 4.29 20.11
C ALA A 41 -7.42 2.88 20.68
N SER A 42 -7.98 1.90 19.98
CA SER A 42 -7.90 0.52 20.43
C SER A 42 -8.30 -0.45 19.31
N ILE A 43 -7.53 -1.51 19.16
CA ILE A 43 -7.80 -2.52 18.14
C ILE A 43 -7.75 -3.91 18.74
N ASN A 44 -8.51 -4.84 18.17
CA ASN A 44 -8.53 -6.22 18.67
C ASN A 44 -8.21 -7.21 17.56
N ASN A 45 -7.09 -7.90 17.70
CA ASN A 45 -6.70 -8.88 16.68
C ASN A 45 -5.84 -9.98 17.27
N ARG A 46 -5.70 -11.06 16.53
CA ARG A 46 -4.88 -12.18 16.98
C ARG A 46 -4.68 -13.20 15.85
N LYS A 47 -4.14 -12.73 14.73
CA LYS A 47 -3.86 -13.61 13.60
C LYS A 47 -5.12 -14.33 13.10
N GLY A 48 -6.08 -13.56 12.57
CA GLY A 48 -7.30 -14.17 12.04
C GLY A 48 -8.57 -13.47 12.52
N LYS A 49 -8.45 -12.20 12.90
CA LYS A 49 -9.61 -11.44 13.36
C LYS A 49 -9.22 -9.98 13.59
N LEU A 50 -8.90 -9.29 12.51
CA LEU A 50 -8.49 -7.89 12.61
C LEU A 50 -9.70 -6.94 12.59
N ILE A 51 -9.77 -6.10 13.62
CA ILE A 51 -10.84 -5.10 13.71
C ILE A 51 -10.24 -3.82 14.26
N PHE A 52 -10.42 -2.72 13.53
CA PHE A 52 -9.84 -1.45 13.97
C PHE A 52 -10.91 -0.44 14.39
N PHE A 53 -10.80 0.03 15.62
CA PHE A 53 -11.73 1.04 16.14
C PHE A 53 -10.96 2.12 16.89
N TYR A 54 -11.05 3.36 16.43
CA TYR A 54 -10.34 4.45 17.08
C TYR A 54 -10.95 5.80 16.73
N GLU A 55 -10.60 6.81 17.52
CA GLU A 55 -11.10 8.17 17.31
C GLU A 55 -10.08 9.17 17.84
N TRP A 56 -9.22 9.69 16.97
CA TRP A 56 -8.21 10.65 17.40
C TRP A 56 -7.93 11.70 16.33
N SER A 57 -7.25 12.77 16.73
CA SER A 57 -6.91 13.83 15.81
C SER A 57 -5.45 14.24 15.98
N VAL A 58 -4.85 14.79 14.93
CA VAL A 58 -3.47 15.22 14.99
C VAL A 58 -3.37 16.69 14.56
N LYS A 59 -2.51 17.45 15.25
CA LYS A 59 -2.38 18.87 14.95
C LYS A 59 -0.91 19.26 14.80
N LEU A 60 -0.56 19.81 13.63
CA LEU A 60 0.82 20.23 13.40
C LEU A 60 0.88 21.53 12.59
N ASN A 61 2.10 22.07 12.45
CA ASN A 61 2.31 23.30 11.70
C ASN A 61 3.50 23.16 10.75
N TRP A 62 3.43 23.83 9.60
CA TRP A 62 4.51 23.75 8.62
C TRP A 62 4.74 25.08 7.88
N THR A 63 5.76 25.09 7.03
CA THR A 63 6.10 26.29 6.25
C THR A 63 6.31 25.93 4.79
N GLY A 64 5.87 26.83 3.91
CA GLY A 64 6.02 26.59 2.48
C GLY A 64 6.50 27.85 1.76
N THR A 65 7.60 27.72 1.03
CA THR A 65 8.14 28.86 0.28
C THR A 65 7.74 28.78 -1.18
N SER A 66 7.53 29.93 -1.79
CA SER A 66 7.12 29.98 -3.18
C SER A 66 8.23 30.58 -4.04
N LYS A 67 8.27 30.17 -5.31
CA LYS A 67 9.29 30.68 -6.21
C LYS A 67 9.24 32.20 -6.23
N SER A 68 8.06 32.76 -5.93
CA SER A 68 7.89 34.20 -5.90
C SER A 68 8.81 34.81 -4.85
N GLY A 69 9.16 34.01 -3.85
CA GLY A 69 10.04 34.46 -2.78
C GLY A 69 9.25 34.73 -1.50
N VAL A 70 8.08 34.11 -1.39
CA VAL A 70 7.25 34.32 -0.22
C VAL A 70 7.14 33.06 0.63
N GLN A 71 7.32 33.23 1.94
CA GLN A 71 7.21 32.11 2.87
C GLN A 71 5.95 32.29 3.71
N TYR A 72 5.26 31.20 3.99
CA TYR A 72 4.05 31.29 4.78
C TYR A 72 3.88 30.04 5.60
N LYS A 73 3.43 30.22 6.84
CA LYS A 73 3.22 29.10 7.72
C LYS A 73 1.73 28.83 7.84
N GLY A 74 1.35 27.57 7.65
CA GLY A 74 -0.05 27.20 7.71
C GLY A 74 -0.29 26.14 8.77
N HIS A 75 -1.55 25.78 8.95
CA HIS A 75 -1.92 24.79 9.94
C HIS A 75 -2.70 23.65 9.30
N VAL A 76 -2.46 22.43 9.77
CA VAL A 76 -3.15 21.26 9.26
C VAL A 76 -3.64 20.44 10.43
N GLU A 77 -4.87 19.96 10.36
CA GLU A 77 -5.41 19.18 11.45
C GLU A 77 -6.53 18.26 10.97
N ILE A 78 -6.46 17.00 11.39
CA ILE A 78 -7.48 16.03 11.02
C ILE A 78 -8.29 15.63 12.26
N PRO A 79 -9.58 15.89 12.29
CA PRO A 79 -10.41 15.53 13.47
C PRO A 79 -10.36 14.05 13.83
N ASN A 80 -11.44 13.56 14.45
CA ASN A 80 -11.52 12.18 14.90
C ASN A 80 -11.86 11.20 13.77
N LEU A 81 -11.36 11.45 12.56
CA LEU A 81 -11.64 10.54 11.46
C LEU A 81 -11.20 9.13 11.83
N SER A 82 -11.96 8.15 11.37
CA SER A 82 -11.66 6.75 11.68
C SER A 82 -10.82 6.11 10.59
N ASP A 83 -9.73 5.48 11.00
CA ASP A 83 -8.83 4.80 10.06
C ASP A 83 -9.38 3.43 9.66
N GLU A 84 -10.61 3.14 10.07
CA GLU A 84 -11.22 1.87 9.75
C GLU A 84 -11.18 1.66 8.24
N ASN A 85 -11.10 2.77 7.53
CA ASN A 85 -11.04 2.74 6.07
C ASN A 85 -9.67 3.24 5.62
N SER A 86 -9.47 3.37 4.32
CA SER A 86 -8.19 3.83 3.82
C SER A 86 -7.79 5.11 4.55
N VAL A 87 -6.64 5.07 5.22
CA VAL A 87 -6.17 6.22 5.97
C VAL A 87 -5.94 7.43 5.05
N ASP A 88 -5.37 7.16 3.89
CA ASP A 88 -5.09 8.22 2.93
C ASP A 88 -6.35 9.03 2.60
N GLU A 89 -7.50 8.36 2.60
CA GLU A 89 -8.75 9.03 2.29
C GLU A 89 -9.25 9.85 3.48
N VAL A 90 -8.54 9.77 4.60
CA VAL A 90 -8.91 10.53 5.79
C VAL A 90 -8.98 12.01 5.50
N GLU A 91 -9.97 12.66 6.07
CA GLU A 91 -10.15 14.09 5.87
C GLU A 91 -9.09 14.88 6.61
N ILE A 92 -8.25 15.55 5.84
CA ILE A 92 -7.18 16.36 6.39
C ILE A 92 -7.44 17.83 6.11
N SER A 93 -7.14 18.68 7.07
CA SER A 93 -7.36 20.11 6.90
C SER A 93 -6.05 20.78 6.50
N VAL A 94 -6.13 21.73 5.58
CA VAL A 94 -4.95 22.43 5.11
C VAL A 94 -5.18 23.94 5.09
N SER A 95 -4.20 24.69 5.58
CA SER A 95 -4.31 26.14 5.60
C SER A 95 -2.93 26.76 5.38
N LEU A 96 -2.32 26.45 4.23
CA LEU A 96 -1.00 26.98 3.92
C LEU A 96 -0.97 27.61 2.53
N ALA A 97 -0.19 28.67 2.40
CA ALA A 97 -0.05 29.39 1.13
C ALA A 97 -1.37 29.98 0.65
N LYS A 98 -2.48 29.45 1.14
CA LYS A 98 -3.79 29.93 0.73
C LYS A 98 -3.91 31.43 1.02
N ASP A 99 -3.32 31.86 2.12
CA ASP A 99 -3.37 33.27 2.52
C ASP A 99 -2.37 34.11 1.72
N GLU A 100 -1.31 33.47 1.23
CA GLU A 100 -0.28 34.19 0.49
C GLU A 100 -0.30 33.82 -1.00
N PRO A 101 0.19 34.69 -1.85
CA PRO A 101 0.24 34.44 -3.32
C PRO A 101 0.79 33.06 -3.65
N ASP A 102 1.30 32.37 -2.64
CA ASP A 102 1.87 31.04 -2.84
C ASP A 102 0.81 30.07 -3.39
N THR A 103 -0.40 30.15 -2.83
CA THR A 103 -1.53 29.30 -3.24
C THR A 103 -1.07 28.04 -4.00
N ASN A 104 -0.69 28.21 -5.27
CA ASN A 104 -0.26 27.07 -6.07
C ASN A 104 0.55 26.10 -5.22
N LEU A 105 1.35 26.65 -4.32
CA LEU A 105 2.17 25.83 -3.44
C LEU A 105 1.31 24.87 -2.63
N VAL A 106 0.18 25.38 -2.13
CA VAL A 106 -0.73 24.57 -1.33
C VAL A 106 -1.21 23.36 -2.13
N ALA A 107 -1.37 23.55 -3.44
CA ALA A 107 -1.82 22.48 -4.31
C ALA A 107 -0.82 21.32 -4.32
N LEU A 108 0.43 21.63 -4.60
CA LEU A 108 1.45 20.57 -4.63
C LEU A 108 1.58 19.95 -3.25
N MET A 109 1.57 20.80 -2.23
CA MET A 109 1.64 20.33 -0.85
C MET A 109 0.51 19.36 -0.60
N LYS A 110 -0.59 19.62 -1.28
CA LYS A 110 -1.78 18.78 -1.18
C LYS A 110 -1.51 17.38 -1.70
N GLU A 111 -0.58 17.27 -2.66
CA GLU A 111 -0.26 15.97 -3.25
C GLU A 111 1.17 15.57 -2.96
N GLU A 112 1.85 16.32 -2.10
CA GLU A 112 3.24 16.00 -1.76
C GLU A 112 3.46 16.16 -0.26
N GLY A 113 2.75 17.12 0.34
CA GLY A 113 2.86 17.35 1.77
C GLY A 113 1.90 16.42 2.50
N VAL A 114 0.60 16.62 2.27
CA VAL A 114 -0.39 15.76 2.87
C VAL A 114 -0.08 14.33 2.49
N LYS A 115 0.25 14.15 1.22
CA LYS A 115 0.61 12.83 0.73
C LYS A 115 1.73 12.28 1.58
N LEU A 116 2.64 13.15 1.97
CA LEU A 116 3.75 12.75 2.82
C LEU A 116 3.18 11.95 3.98
N LEU A 117 2.04 12.42 4.48
CA LEU A 117 1.36 11.75 5.57
C LEU A 117 0.97 10.35 5.10
N ARG A 118 0.65 10.24 3.81
CA ARG A 118 0.29 8.95 3.24
C ARG A 118 1.35 7.94 3.63
N GLU A 119 2.59 8.42 3.69
CA GLU A 119 3.68 7.56 4.09
C GLU A 119 3.50 7.23 5.57
N ALA A 120 2.97 8.20 6.30
CA ALA A 120 2.72 8.00 7.72
C ALA A 120 1.68 6.90 7.90
N MET A 121 0.86 6.72 6.87
CA MET A 121 -0.17 5.70 6.89
C MET A 121 0.48 4.33 6.73
N GLY A 122 1.58 4.27 5.99
CA GLY A 122 2.28 3.01 5.76
C GLY A 122 2.76 2.40 7.08
N ILE A 123 3.45 3.20 7.88
CA ILE A 123 3.97 2.73 9.17
C ILE A 123 2.86 2.57 10.20
N TYR A 124 1.94 3.52 10.22
CA TYR A 124 0.85 3.49 11.18
C TYR A 124 0.15 2.13 11.13
N ILE A 125 -0.18 1.70 9.93
CA ILE A 125 -0.85 0.41 9.75
C ILE A 125 0.15 -0.74 9.85
N SER A 126 1.28 -0.58 9.18
CA SER A 126 2.30 -1.61 9.18
C SER A 126 2.93 -1.81 10.55
N THR A 127 3.55 -0.77 11.09
CA THR A 127 4.21 -0.87 12.39
C THR A 127 3.22 -1.27 13.48
N LEU A 128 2.06 -0.63 13.51
CA LEU A 128 1.06 -0.94 14.52
C LEU A 128 0.65 -2.42 14.44
N LYS A 129 0.51 -2.91 13.22
CA LYS A 129 0.09 -4.30 13.02
C LYS A 129 1.28 -5.23 12.75
N THR A 130 2.50 -4.69 12.80
CA THR A 130 3.67 -5.51 12.56
C THR A 130 4.46 -5.75 13.85
N GLU A 131 3.73 -5.95 14.95
CA GLU A 131 4.37 -6.20 16.23
C GLU A 131 3.48 -7.06 17.12
N PHE A 132 2.41 -6.47 17.64
CA PHE A 132 1.49 -7.20 18.50
C PHE A 132 0.88 -8.39 17.79
N THR A 133 0.68 -8.27 16.48
CA THR A 133 0.11 -9.36 15.70
C THR A 133 0.87 -9.56 14.39
N GLN A 134 0.70 -10.71 13.77
CA GLN A 134 1.36 -11.01 12.52
C GLN A 134 0.35 -11.10 11.38
N GLY A 135 0.75 -10.67 10.19
CA GLY A 135 -0.14 -10.72 9.04
C GLY A 135 0.59 -11.25 7.81
N MET A 136 1.45 -12.23 8.01
CA MET A 136 2.20 -12.83 6.91
C MET A 136 1.40 -13.98 6.29
N ILE A 137 0.92 -13.77 5.07
CA ILE A 137 0.15 -14.79 4.38
C ILE A 137 0.81 -15.19 3.06
N LEU A 138 0.56 -16.41 2.63
CA LEU A 138 1.14 -16.92 1.39
C LEU A 138 0.06 -17.55 0.50
N PRO A 139 -0.68 -16.74 -0.20
CA PRO A 139 -1.76 -17.23 -1.10
C PRO A 139 -1.21 -17.88 -2.37
N THR A 140 -1.93 -18.88 -2.88
CA THR A 140 -1.51 -19.58 -4.08
C THR A 140 -2.66 -19.62 -5.07
N MET A 141 -2.32 -19.70 -6.36
CA MET A 141 -3.35 -19.74 -7.38
C MET A 141 -2.72 -19.90 -8.76
N ASN A 142 -3.50 -20.35 -9.73
CA ASN A 142 -2.99 -20.54 -11.08
C ASN A 142 -3.39 -19.37 -11.98
N GLY A 143 -2.43 -18.51 -12.27
CA GLY A 143 -2.69 -17.34 -13.12
C GLY A 143 -2.22 -17.60 -14.55
N GLU A 144 -0.91 -17.61 -14.74
CA GLU A 144 -0.34 -17.86 -16.05
C GLU A 144 0.81 -18.84 -15.93
N SER A 145 1.16 -19.48 -17.04
CA SER A 145 2.27 -20.43 -17.02
C SER A 145 3.28 -20.07 -18.09
N VAL A 146 4.55 -20.13 -17.74
CA VAL A 146 5.62 -19.81 -18.68
C VAL A 146 6.81 -20.73 -18.48
N ASP A 147 7.45 -21.11 -19.59
CA ASP A 147 8.61 -21.98 -19.52
C ASP A 147 9.81 -21.25 -18.93
N PRO A 148 10.76 -21.97 -18.41
CA PRO A 148 11.97 -21.38 -17.79
C PRO A 148 12.63 -20.35 -18.71
N VAL A 149 13.16 -19.29 -18.10
CA VAL A 149 13.81 -18.23 -18.88
C VAL A 149 14.73 -17.41 -17.97
N GLY A 150 14.44 -16.11 -17.88
CA GLY A 150 15.23 -15.24 -17.03
C GLY A 150 14.71 -15.26 -15.60
N GLN A 151 15.50 -15.83 -14.70
CA GLN A 151 15.11 -15.91 -13.29
C GLN A 151 16.34 -15.80 -12.40
N PRO A 152 16.18 -15.30 -11.19
CA PRO A 152 17.31 -15.14 -10.24
C PRO A 152 18.16 -16.41 -10.14
N ALA A 153 19.05 -16.59 -11.13
CA ALA A 153 19.91 -17.76 -11.15
C ALA A 153 21.35 -17.38 -10.85
N LEU A 154 22.08 -18.27 -10.19
CA LEU A 154 23.48 -18.00 -9.86
C LEU A 154 24.40 -18.67 -10.88
N LYS A 155 25.45 -17.96 -11.26
CA LYS A 155 26.40 -18.48 -12.23
C LYS A 155 27.62 -19.07 -11.53
N THR A 156 28.18 -20.13 -12.09
CA THR A 156 29.35 -20.77 -11.50
C THR A 156 30.52 -20.76 -12.50
N GLU A 157 31.71 -20.45 -12.00
CA GLU A 157 32.89 -20.40 -12.85
C GLU A 157 33.91 -21.44 -12.42
N GLU A 158 34.72 -21.90 -13.37
CA GLU A 158 35.75 -22.89 -13.07
C GLU A 158 37.14 -22.32 -13.32
N ARG A 159 38.14 -22.89 -12.68
CA ARG A 159 39.51 -22.42 -12.86
C ARG A 159 40.40 -23.53 -13.42
N LYS A 160 41.36 -23.14 -14.24
CA LYS A 160 42.27 -24.10 -14.85
C LYS A 160 43.71 -23.62 -14.70
N ALA A 161 44.58 -24.50 -14.20
CA ALA A 161 45.98 -24.16 -14.02
C ALA A 161 46.83 -25.42 -14.05
N LYS A 162 48.11 -25.26 -14.35
CA LYS A 162 49.01 -26.40 -14.40
C LYS A 162 50.21 -26.18 -13.48
N PRO A 163 50.04 -26.44 -12.20
CA PRO A 163 51.12 -26.26 -11.21
C PRO A 163 52.23 -27.30 -11.37
N ALA A 164 53.47 -26.91 -11.07
CA ALA A 164 54.60 -27.82 -11.18
C ALA A 164 55.32 -27.94 -9.84
N PRO A 165 56.09 -28.97 -9.68
CA PRO A 165 56.85 -29.22 -8.42
C PRO A 165 57.64 -27.98 -7.98
N SER A 166 57.92 -27.09 -8.94
CA SER A 166 58.66 -25.88 -8.63
C SER A 166 57.82 -24.64 -8.98
N LYS A 167 58.02 -23.57 -8.22
CA LYS A 167 57.28 -22.33 -8.46
C LYS A 167 58.02 -21.44 -9.45
N THR A 168 57.26 -20.69 -10.24
CA THR A 168 57.86 -19.80 -11.23
C THR A 168 58.45 -18.55 -10.55
N GLN A 169 59.64 -18.16 -10.99
CA GLN A 169 60.30 -17.00 -10.42
C GLN A 169 60.54 -15.95 -11.49
N ALA A 170 60.64 -14.69 -11.06
CA ALA A 170 60.88 -13.60 -12.01
C ALA A 170 62.36 -13.26 -12.08
N ARG A 171 62.82 -12.93 -13.29
CA ARG A 171 64.23 -12.59 -13.48
C ARG A 171 64.37 -11.24 -14.18
N PRO A 172 64.25 -10.17 -13.44
CA PRO A 172 64.38 -8.80 -13.98
C PRO A 172 65.81 -8.47 -14.37
N VAL A 173 65.98 -7.63 -15.38
CA VAL A 173 67.31 -7.25 -15.83
C VAL A 173 67.47 -5.73 -15.88
N GLY A 174 68.71 -5.27 -15.74
CA GLY A 174 68.99 -3.83 -15.78
C GLY A 174 69.27 -3.37 -17.19
N VAL A 175 69.76 -2.14 -17.32
CA VAL A 175 70.08 -1.58 -18.62
C VAL A 175 71.56 -1.23 -18.68
N LYS A 176 72.14 -1.22 -19.88
CA LYS A 176 73.54 -0.89 -20.03
C LYS A 176 73.77 0.53 -19.54
N ILE A 177 73.66 0.71 -18.24
CA ILE A 177 73.82 2.01 -17.63
C ILE A 177 75.10 2.05 -16.80
N PRO A 178 75.86 3.12 -16.82
CA PRO A 178 77.10 3.24 -15.99
C PRO A 178 76.79 2.83 -14.56
N THR A 179 77.80 2.49 -13.77
CA THR A 179 77.55 2.15 -12.37
C THR A 179 78.80 2.29 -11.52
N CYS A 180 78.60 2.31 -10.20
CA CYS A 180 79.72 2.46 -9.26
C CYS A 180 79.34 1.91 -7.89
N LYS A 181 80.29 1.97 -6.96
CA LYS A 181 80.05 1.46 -5.61
C LYS A 181 79.84 2.59 -4.60
N ILE A 182 78.84 2.43 -3.73
CA ILE A 182 78.53 3.42 -2.71
C ILE A 182 78.55 2.78 -1.32
N THR A 183 79.68 2.23 -0.94
CA THR A 183 79.82 1.60 0.37
C THR A 183 79.98 2.66 1.45
N LEU A 184 79.11 2.59 2.46
CA LEU A 184 79.16 3.55 3.56
C LEU A 184 79.23 2.81 4.90
N LYS A 185 80.08 3.29 5.80
CA LYS A 185 80.22 2.68 7.12
C LYS A 185 80.09 3.74 8.21
N GLU A 186 79.00 3.68 8.97
CA GLU A 186 78.80 4.67 10.04
C GLU A 186 78.31 4.00 11.32
N THR A 187 78.66 4.60 12.46
CA THR A 187 78.25 4.06 13.75
C THR A 187 76.95 4.72 14.22
N PHE A 188 76.07 3.92 14.81
CA PHE A 188 74.80 4.43 15.31
C PHE A 188 74.72 4.36 16.82
N LEU A 189 74.18 5.43 17.40
CA LEU A 189 74.03 5.50 18.85
C LEU A 189 72.86 4.66 19.32
N THR A 190 72.56 3.61 18.57
CA THR A 190 71.45 2.71 18.91
C THR A 190 71.87 1.27 18.70
N SER A 191 71.11 0.35 19.29
CA SER A 191 71.41 -1.06 19.15
C SER A 191 71.07 -1.53 17.74
N PRO A 192 71.72 -2.55 17.25
CA PRO A 192 71.45 -3.07 15.87
C PRO A 192 69.98 -3.44 15.68
N GLU A 193 69.38 -3.95 16.73
CA GLU A 193 67.97 -4.35 16.66
C GLU A 193 67.07 -3.14 16.40
N GLU A 194 67.37 -2.02 17.04
CA GLU A 194 66.57 -0.81 16.87
C GLU A 194 66.73 -0.23 15.46
N LEU A 195 67.97 -0.11 15.00
CA LEU A 195 68.24 0.44 13.68
C LEU A 195 67.57 -0.41 12.60
N TYR A 196 67.57 -1.71 12.84
CA TYR A 196 66.98 -2.67 11.91
C TYR A 196 65.53 -2.32 11.59
N ARG A 197 64.79 -1.96 12.63
CA ARG A 197 63.38 -1.60 12.46
C ARG A 197 63.24 -0.38 11.57
N VAL A 198 64.16 0.56 11.73
CA VAL A 198 64.12 1.80 10.98
C VAL A 198 64.19 1.49 9.49
N PHE A 199 64.97 0.48 9.14
CA PHE A 199 65.11 0.10 7.76
C PHE A 199 64.06 -0.93 7.35
N THR A 200 63.35 -1.48 8.33
CA THR A 200 62.33 -2.48 8.02
C THR A 200 60.96 -2.13 8.59
N THR A 201 60.79 -0.88 8.99
CA THR A 201 59.49 -0.46 9.52
C THR A 201 59.05 0.81 8.79
N GLN A 202 57.96 0.69 8.05
CA GLN A 202 57.45 1.81 7.25
C GLN A 202 57.27 3.07 8.08
N GLU A 203 56.62 2.95 9.22
CA GLU A 203 56.38 4.11 10.08
C GLU A 203 57.68 4.80 10.42
N LEU A 204 58.67 4.00 10.79
CA LEU A 204 59.97 4.53 11.14
C LEU A 204 60.62 5.19 9.94
N VAL A 205 60.39 4.61 8.77
CA VAL A 205 60.95 5.16 7.54
C VAL A 205 60.29 6.50 7.28
N GLN A 206 59.00 6.52 7.51
CA GLN A 206 58.23 7.73 7.34
C GLN A 206 58.66 8.77 8.36
N ALA A 207 59.38 8.31 9.37
CA ALA A 207 59.86 9.19 10.42
C ALA A 207 61.10 9.96 10.00
N PHE A 208 62.16 9.25 9.62
CA PHE A 208 63.39 9.92 9.24
C PHE A 208 63.33 10.44 7.80
N THR A 209 62.32 10.02 7.05
CA THR A 209 62.18 10.49 5.67
C THR A 209 61.38 11.79 5.65
N HIS A 210 60.83 12.15 6.80
CA HIS A 210 60.04 13.36 6.93
C HIS A 210 59.10 13.48 5.75
N ALA A 211 58.80 12.35 5.13
CA ALA A 211 57.91 12.31 3.99
C ALA A 211 57.13 11.00 3.99
N PRO A 212 56.20 10.85 3.10
CA PRO A 212 55.39 9.60 3.01
C PRO A 212 56.21 8.47 2.40
N ALA A 213 56.21 7.35 3.08
CA ALA A 213 56.95 6.20 2.60
C ALA A 213 56.15 4.92 2.80
N THR A 214 56.45 3.95 1.95
CA THR A 214 55.79 2.65 1.99
C THR A 214 56.86 1.58 2.13
N LEU A 215 56.72 0.70 3.11
CA LEU A 215 57.73 -0.33 3.30
C LEU A 215 57.16 -1.70 3.62
N GLU A 216 57.69 -2.71 2.93
CA GLU A 216 57.30 -4.08 3.14
C GLU A 216 58.51 -4.85 3.66
N ALA A 217 58.49 -5.25 4.92
CA ALA A 217 59.63 -5.96 5.46
C ALA A 217 59.51 -7.45 5.21
N ASP A 218 59.92 -7.86 4.03
CA ASP A 218 59.86 -9.26 3.63
C ASP A 218 60.80 -9.49 2.46
N ARG A 219 61.23 -10.73 2.25
CA ARG A 219 62.13 -11.02 1.14
C ARG A 219 61.40 -10.72 -0.16
N GLY A 220 61.79 -9.61 -0.76
CA GLY A 220 61.18 -9.17 -1.99
C GLY A 220 60.20 -8.05 -1.68
N GLY A 221 60.17 -7.67 -0.39
CA GLY A 221 59.30 -6.61 0.05
C GLY A 221 59.61 -5.36 -0.74
N LYS A 222 58.62 -4.53 -0.97
CA LYS A 222 58.84 -3.30 -1.73
C LYS A 222 58.86 -2.09 -0.83
N PHE A 223 59.97 -1.36 -0.88
CA PHE A 223 60.09 -0.16 -0.08
C PHE A 223 60.16 1.06 -0.97
N HIS A 224 59.26 1.98 -0.68
CA HIS A 224 59.14 3.23 -1.42
C HIS A 224 59.19 4.37 -0.40
N MET A 225 60.12 5.29 -0.55
CA MET A 225 60.24 6.36 0.43
C MET A 225 60.45 7.74 -0.20
N VAL A 226 60.60 8.73 0.67
CA VAL A 226 60.82 10.10 0.23
C VAL A 226 59.78 10.48 -0.82
N ASP A 227 58.53 10.58 -0.37
CA ASP A 227 57.44 10.91 -1.28
C ASP A 227 57.48 9.95 -2.45
N GLY A 228 58.03 8.78 -2.19
CA GLY A 228 58.12 7.73 -3.18
C GLY A 228 59.23 7.99 -4.20
N ASN A 229 60.05 8.99 -3.95
CA ASN A 229 61.13 9.31 -4.85
C ASN A 229 62.16 8.17 -4.83
N VAL A 230 62.14 7.41 -3.74
CA VAL A 230 63.05 6.28 -3.58
C VAL A 230 62.26 4.99 -3.59
N SER A 231 62.74 4.00 -4.32
CA SER A 231 62.05 2.72 -4.39
C SER A 231 63.04 1.57 -4.53
N GLY A 232 62.56 0.37 -4.23
CA GLY A 232 63.42 -0.82 -4.33
C GLY A 232 62.76 -2.02 -3.67
N GLU A 233 63.49 -3.13 -3.63
CA GLU A 233 62.97 -4.35 -3.03
C GLU A 233 64.00 -4.97 -2.12
N PHE A 234 63.52 -5.80 -1.20
CA PHE A 234 64.41 -6.48 -0.28
C PHE A 234 64.81 -7.83 -0.82
N THR A 235 66.08 -8.00 -1.12
CA THR A 235 66.57 -9.27 -1.62
C THR A 235 66.84 -10.21 -0.45
N ASP A 236 67.07 -9.63 0.71
CA ASP A 236 67.33 -10.41 1.92
C ASP A 236 67.02 -9.59 3.16
N LEU A 237 66.54 -10.28 4.19
CA LEU A 237 66.24 -9.61 5.45
C LEU A 237 66.55 -10.54 6.60
N VAL A 238 67.71 -10.37 7.19
CA VAL A 238 68.09 -11.19 8.33
C VAL A 238 67.79 -10.40 9.61
N PRO A 239 67.01 -10.93 10.53
CA PRO A 239 66.62 -10.20 11.75
C PRO A 239 67.79 -9.49 12.45
N GLU A 240 67.83 -8.17 12.28
CA GLU A 240 68.86 -7.35 12.93
C GLU A 240 70.26 -7.82 12.60
N LYS A 241 70.42 -8.55 11.51
CA LYS A 241 71.70 -9.08 11.15
C LYS A 241 72.18 -8.60 9.79
N HIS A 242 71.31 -8.59 8.79
CA HIS A 242 71.74 -8.22 7.45
C HIS A 242 70.58 -8.06 6.49
N ILE A 243 70.70 -7.06 5.62
CA ILE A 243 69.65 -6.81 4.64
C ILE A 243 70.21 -6.56 3.26
N VAL A 244 69.70 -7.31 2.30
CA VAL A 244 70.11 -7.13 0.91
C VAL A 244 68.92 -6.57 0.17
N MET A 245 69.10 -5.43 -0.48
CA MET A 245 67.98 -4.83 -1.18
C MET A 245 68.42 -4.12 -2.44
N LYS A 246 67.48 -3.96 -3.35
CA LYS A 246 67.69 -3.25 -4.59
C LYS A 246 67.29 -1.81 -4.33
N TRP A 247 67.96 -0.86 -4.96
CA TRP A 247 67.65 0.54 -4.66
C TRP A 247 67.69 1.45 -5.89
N ARG A 248 66.88 2.51 -5.86
CA ARG A 248 66.86 3.47 -6.96
C ARG A 248 66.20 4.79 -6.59
N PHE A 249 66.35 5.73 -7.51
CA PHE A 249 65.75 7.05 -7.38
C PHE A 249 64.64 7.16 -8.42
N LYS A 250 63.66 8.00 -8.17
CA LYS A 250 62.58 8.16 -9.14
C LYS A 250 63.10 8.79 -10.42
N SER A 251 64.34 9.25 -10.38
CA SER A 251 64.94 9.88 -11.56
C SER A 251 65.81 8.88 -12.33
N TRP A 252 65.84 7.64 -11.85
CA TRP A 252 66.64 6.61 -12.49
C TRP A 252 65.89 5.95 -13.64
N PRO A 253 66.61 5.36 -14.57
CA PRO A 253 65.97 4.67 -15.72
C PRO A 253 65.03 3.57 -15.25
N GLU A 254 63.97 3.33 -16.00
CA GLU A 254 63.01 2.30 -15.63
C GLU A 254 63.70 0.93 -15.64
N GLY A 255 63.55 0.20 -14.54
CA GLY A 255 64.16 -1.13 -14.45
C GLY A 255 65.64 -1.02 -14.06
N HIS A 256 66.02 0.11 -13.46
CA HIS A 256 67.41 0.29 -13.05
C HIS A 256 67.53 0.51 -11.56
N PHE A 257 68.11 -0.46 -10.88
CA PHE A 257 68.31 -0.38 -9.45
C PHE A 257 69.74 -0.68 -9.09
N ALA A 258 70.08 -0.36 -7.86
CA ALA A 258 71.40 -0.60 -7.35
C ALA A 258 71.31 -1.66 -6.27
N THR A 259 72.27 -2.57 -6.25
CA THR A 259 72.28 -3.63 -5.25
C THR A 259 72.89 -3.09 -3.97
N ILE A 260 72.10 -3.05 -2.91
CA ILE A 260 72.57 -2.54 -1.63
C ILE A 260 72.51 -3.61 -0.56
N THR A 261 73.52 -3.62 0.31
CA THR A 261 73.55 -4.59 1.38
C THR A 261 73.94 -3.93 2.69
N LEU A 262 73.09 -4.11 3.69
CA LEU A 262 73.33 -3.54 5.00
C LEU A 262 73.60 -4.63 6.02
N THR A 263 74.57 -4.40 6.90
CA THR A 263 74.90 -5.36 7.93
C THR A 263 74.81 -4.70 9.30
N PHE A 264 74.32 -5.46 10.28
CA PHE A 264 74.15 -4.94 11.62
C PHE A 264 75.16 -5.54 12.59
N ILE A 265 75.80 -4.67 13.35
CA ILE A 265 76.82 -5.08 14.31
C ILE A 265 76.63 -4.49 15.69
N ASP A 266 76.79 -5.33 16.68
CA ASP A 266 76.67 -4.94 18.06
C ASP A 266 77.99 -4.39 18.58
N LYS A 267 78.01 -3.11 18.94
CA LYS A 267 79.21 -2.47 19.44
C LYS A 267 79.15 -2.23 20.94
N ASN A 268 78.20 -2.87 21.60
CA ASN A 268 78.06 -2.73 23.04
C ASN A 268 77.76 -1.30 23.43
N GLY A 269 76.68 -0.78 22.87
CA GLY A 269 76.27 0.59 23.16
C GLY A 269 75.74 1.24 21.90
N GLU A 270 76.41 0.96 20.81
CA GLU A 270 76.01 1.50 19.53
C GLU A 270 76.07 0.42 18.46
N THR A 271 75.85 0.80 17.21
CA THR A 271 75.86 -0.18 16.13
C THR A 271 76.65 0.31 14.92
N GLU A 272 77.41 -0.59 14.31
CA GLU A 272 78.17 -0.25 13.12
C GLU A 272 77.48 -0.82 11.90
N LEU A 273 76.79 0.03 11.16
CA LEU A 273 76.10 -0.40 9.97
C LEU A 273 77.07 -0.47 8.80
N CYS A 274 77.24 -1.67 8.28
CA CYS A 274 78.13 -1.87 7.16
C CYS A 274 77.36 -1.93 5.86
N MET A 275 77.36 -0.83 5.12
CA MET A 275 76.64 -0.76 3.86
C MET A 275 77.54 -1.13 2.70
N GLU A 276 76.94 -1.61 1.63
CA GLU A 276 77.68 -2.00 0.44
C GLU A 276 76.82 -1.78 -0.79
N GLY A 277 76.84 -0.54 -1.25
CA GLY A 277 76.05 -0.17 -2.43
C GLY A 277 76.83 -0.36 -3.72
N ARG A 278 76.17 -0.97 -4.69
CA ARG A 278 76.78 -1.19 -6.00
C ARG A 278 75.71 -1.21 -7.08
N GLY A 279 76.08 -0.79 -8.27
CA GLY A 279 75.14 -0.74 -9.38
C GLY A 279 74.59 0.67 -9.54
N ILE A 280 74.93 1.54 -8.59
CA ILE A 280 74.48 2.92 -8.62
C ILE A 280 75.03 3.58 -9.88
N PRO A 281 74.20 4.14 -10.71
CA PRO A 281 74.68 4.80 -11.95
C PRO A 281 75.77 5.80 -11.67
N ALA A 282 76.85 5.68 -12.43
CA ALA A 282 77.99 6.57 -12.28
C ALA A 282 77.54 8.04 -12.30
N PRO A 283 76.70 8.44 -13.23
CA PRO A 283 76.24 9.86 -13.28
C PRO A 283 75.53 10.25 -11.99
N GLU A 284 74.84 9.27 -11.43
CA GLU A 284 74.08 9.48 -10.21
C GLU A 284 74.88 9.08 -8.98
N GLU A 285 76.06 8.50 -9.21
CA GLU A 285 76.91 8.06 -8.10
C GLU A 285 76.83 9.00 -6.92
N GLU A 286 77.41 10.18 -7.07
CA GLU A 286 77.42 11.14 -5.99
C GLU A 286 76.02 11.37 -5.44
N ARG A 287 75.07 11.67 -6.31
CA ARG A 287 73.70 11.90 -5.88
C ARG A 287 73.24 10.82 -4.91
N THR A 288 73.35 9.58 -5.34
CA THR A 288 72.94 8.46 -4.51
C THR A 288 73.60 8.52 -3.15
N ARG A 289 74.92 8.67 -3.17
CA ARG A 289 75.68 8.73 -1.93
C ARG A 289 75.24 9.92 -1.07
N GLN A 290 75.09 11.08 -1.71
CA GLN A 290 74.67 12.27 -0.97
C GLN A 290 73.25 12.12 -0.45
N GLY A 291 72.37 11.58 -1.30
CA GLY A 291 70.98 11.39 -0.92
C GLY A 291 70.82 10.16 -0.03
N TRP A 292 71.94 9.55 0.34
CA TRP A 292 71.89 8.36 1.17
C TRP A 292 71.98 8.74 2.65
N GLN A 293 73.19 8.80 3.20
CA GLN A 293 73.39 9.13 4.61
C GLN A 293 72.51 10.31 5.04
N ARG A 294 72.42 11.32 4.19
CA ARG A 294 71.62 12.48 4.50
C ARG A 294 70.19 12.09 4.83
N TYR A 295 69.61 11.21 4.01
CA TYR A 295 68.24 10.76 4.23
C TYR A 295 68.25 9.44 5.00
N TYR A 296 69.40 8.78 5.04
CA TYR A 296 69.52 7.51 5.72
C TYR A 296 70.06 7.67 7.13
N PHE A 297 71.38 7.61 7.23
CA PHE A 297 72.06 7.70 8.50
C PHE A 297 71.88 9.06 9.16
N GLU A 298 72.46 10.08 8.54
CA GLU A 298 72.35 11.41 9.10
C GLU A 298 70.89 11.73 9.39
N GLY A 299 70.00 11.24 8.53
CA GLY A 299 68.57 11.46 8.72
C GLY A 299 68.07 10.76 9.97
N ILE A 300 68.27 9.45 10.02
CA ILE A 300 67.84 8.66 11.18
C ILE A 300 68.52 9.16 12.43
N LYS A 301 69.83 9.36 12.34
CA LYS A 301 70.60 9.84 13.47
C LYS A 301 70.02 11.10 14.05
N GLN A 302 69.41 11.92 13.22
CA GLN A 302 68.84 13.18 13.69
C GLN A 302 67.38 12.97 14.11
N THR A 303 66.63 12.25 13.29
CA THR A 303 65.24 11.97 13.57
C THR A 303 65.08 11.07 14.79
N PHE A 304 65.88 10.01 14.82
CA PHE A 304 65.82 9.06 15.92
C PHE A 304 66.80 9.46 17.01
N GLY A 305 67.86 10.14 16.63
CA GLY A 305 68.84 10.57 17.62
C GLY A 305 69.91 9.50 17.82
N TYR A 306 70.20 8.77 16.74
CA TYR A 306 71.17 7.70 16.79
C TYR A 306 72.55 8.14 16.28
N GLY A 307 72.83 9.44 16.35
CA GLY A 307 74.13 9.93 15.90
C GLY A 307 75.06 10.17 17.09
N ALA A 308 76.31 10.52 16.80
CA ALA A 308 77.29 10.80 17.85
C ALA A 308 77.67 12.27 17.86
N THR A 1 -9.50 -7.68 22.87
CA THR A 1 -9.12 -6.27 22.92
C THR A 1 -7.62 -6.12 23.08
N GLU A 2 -6.95 -5.71 22.00
CA GLU A 2 -5.51 -5.52 22.03
C GLU A 2 -5.15 -4.04 22.11
N ARG A 3 -4.07 -3.74 22.83
CA ARG A 3 -3.65 -2.35 22.99
C ARG A 3 -3.02 -1.83 21.69
N ASP A 4 -3.39 -0.62 21.31
CA ASP A 4 -2.85 -0.03 20.09
C ASP A 4 -1.50 0.62 20.41
N ALA A 5 -0.43 -0.05 20.01
CA ALA A 5 0.91 0.45 20.27
C ALA A 5 0.99 1.94 19.96
N SER A 6 0.64 2.76 20.95
CA SER A 6 0.68 4.21 20.80
C SER A 6 2.12 4.72 20.74
N ASN A 7 3.01 4.03 21.46
CA ASN A 7 4.40 4.43 21.50
C ASN A 7 5.00 4.54 20.09
N TRP A 8 4.76 3.55 19.25
CA TRP A 8 5.27 3.58 17.89
C TRP A 8 4.49 4.57 17.04
N SER A 9 3.24 4.80 17.41
CA SER A 9 2.39 5.71 16.66
C SER A 9 3.01 7.11 16.63
N THR A 10 2.84 7.86 17.70
CA THR A 10 3.38 9.20 17.76
C THR A 10 4.86 9.19 17.36
N ASP A 11 5.61 8.25 17.89
CA ASP A 11 7.03 8.17 17.59
C ASP A 11 7.33 8.25 16.10
N LYS A 12 6.62 7.46 15.29
CA LYS A 12 6.83 7.48 13.85
C LYS A 12 6.04 8.61 13.19
N LEU A 13 4.75 8.69 13.51
CA LEU A 13 3.91 9.73 12.93
C LEU A 13 4.47 11.11 13.24
N LYS A 14 4.94 11.31 14.47
CA LYS A 14 5.49 12.60 14.84
C LYS A 14 6.76 12.86 14.04
N THR A 15 7.61 11.85 13.96
CA THR A 15 8.85 11.96 13.21
C THR A 15 8.55 12.21 11.74
N LEU A 16 7.64 11.40 11.22
CA LEU A 16 7.24 11.50 9.83
C LEU A 16 6.70 12.90 9.56
N PHE A 17 6.07 13.48 10.58
CA PHE A 17 5.52 14.83 10.46
C PHE A 17 6.63 15.86 10.64
N LEU A 18 7.54 15.60 11.56
CA LEU A 18 8.66 16.51 11.79
C LEU A 18 9.76 16.21 10.78
N ALA A 19 9.44 15.32 9.85
CA ALA A 19 10.38 14.94 8.82
C ALA A 19 9.88 15.40 7.47
N VAL A 20 8.88 16.28 7.48
CA VAL A 20 8.35 16.78 6.23
C VAL A 20 9.50 17.30 5.39
N GLN A 21 9.54 16.87 4.14
CA GLN A 21 10.62 17.25 3.25
C GLN A 21 10.20 18.32 2.26
N VAL A 22 11.21 19.04 1.78
CA VAL A 22 11.00 20.12 0.84
C VAL A 22 11.58 19.78 -0.52
N GLN A 23 10.94 20.32 -1.55
CA GLN A 23 11.37 20.15 -2.92
C GLN A 23 11.97 21.46 -3.42
N ASN A 24 11.37 22.02 -4.46
CA ASN A 24 11.85 23.29 -5.00
C ASN A 24 11.08 24.44 -4.38
N GLU A 25 11.63 25.64 -4.45
CA GLU A 25 10.96 26.80 -3.89
C GLU A 25 9.54 26.91 -4.42
N GLU A 26 9.33 26.36 -5.60
CA GLU A 26 8.00 26.38 -6.22
C GLU A 26 7.00 25.67 -5.35
N GLY A 27 7.38 24.50 -4.87
CA GLY A 27 6.53 23.69 -4.02
C GLY A 27 7.35 22.98 -2.95
N LYS A 28 7.90 23.77 -2.03
CA LYS A 28 8.72 23.21 -0.96
C LYS A 28 7.90 23.04 0.32
N CYS A 29 8.40 22.23 1.23
CA CYS A 29 7.69 22.01 2.48
C CYS A 29 8.66 21.82 3.64
N GLU A 30 8.38 22.46 4.76
CA GLU A 30 9.23 22.34 5.93
C GLU A 30 8.39 22.28 7.20
N VAL A 31 8.73 21.39 8.12
CA VAL A 31 7.97 21.30 9.36
C VAL A 31 8.57 22.19 10.43
N THR A 32 7.71 22.92 11.14
CA THR A 32 8.18 23.81 12.20
C THR A 32 7.96 23.18 13.57
N GLU A 33 6.86 22.43 13.71
CA GLU A 33 6.55 21.77 14.97
C GLU A 33 5.30 20.91 14.82
N VAL A 34 5.35 19.71 15.41
CA VAL A 34 4.23 18.79 15.36
C VAL A 34 3.86 18.33 16.76
N SER A 35 2.56 18.32 17.06
CA SER A 35 2.11 17.90 18.38
C SER A 35 2.15 16.38 18.49
N LYS A 36 1.03 15.75 18.16
CA LYS A 36 0.90 14.29 18.23
C LYS A 36 -0.58 13.91 18.19
N LEU A 37 -0.86 12.69 17.75
CA LEU A 37 -2.25 12.24 17.68
C LEU A 37 -2.85 12.19 19.08
N ASP A 38 -3.70 13.17 19.39
CA ASP A 38 -4.33 13.23 20.70
C ASP A 38 -5.72 12.63 20.64
N GLY A 39 -5.91 11.51 21.31
CA GLY A 39 -7.20 10.85 21.32
C GLY A 39 -7.10 9.46 21.92
N GLU A 40 -8.21 8.72 21.82
CA GLU A 40 -8.24 7.36 22.35
C GLU A 40 -8.35 6.37 21.20
N ALA A 41 -7.52 5.34 21.22
CA ALA A 41 -7.56 4.34 20.15
C ALA A 41 -7.40 2.92 20.68
N SER A 42 -7.95 1.96 19.93
CA SER A 42 -7.86 0.56 20.32
C SER A 42 -8.08 -0.37 19.13
N ILE A 43 -7.25 -1.42 19.06
CA ILE A 43 -7.36 -2.41 17.99
C ILE A 43 -7.39 -3.81 18.59
N ASN A 44 -7.99 -4.76 17.88
CA ASN A 44 -8.07 -6.13 18.36
C ASN A 44 -7.57 -7.09 17.29
N ASN A 45 -6.36 -7.58 17.46
CA ASN A 45 -5.76 -8.50 16.50
C ASN A 45 -5.22 -9.74 17.19
N ARG A 46 -5.18 -10.85 16.45
CA ARG A 46 -4.67 -12.09 17.02
C ARG A 46 -4.50 -13.15 15.93
N LYS A 47 -3.70 -12.82 14.92
CA LYS A 47 -3.43 -13.76 13.83
C LYS A 47 -4.71 -14.22 13.12
N GLY A 48 -5.42 -13.29 12.48
CA GLY A 48 -6.63 -13.65 11.74
C GLY A 48 -7.83 -12.78 12.12
N LYS A 49 -7.80 -12.17 13.30
CA LYS A 49 -8.91 -11.32 13.73
C LYS A 49 -8.45 -9.88 13.88
N LEU A 50 -7.91 -9.32 12.81
CA LEU A 50 -7.43 -7.94 12.85
C LEU A 50 -8.52 -6.96 12.49
N ILE A 51 -8.88 -6.12 13.46
CA ILE A 51 -9.90 -5.10 13.25
C ILE A 51 -9.40 -3.77 13.83
N PHE A 52 -9.83 -2.66 13.23
CA PHE A 52 -9.40 -1.36 13.73
C PHE A 52 -10.57 -0.48 14.13
N PHE A 53 -10.48 0.06 15.33
CA PHE A 53 -11.52 0.97 15.84
C PHE A 53 -10.86 2.02 16.72
N TYR A 54 -10.86 3.27 16.26
CA TYR A 54 -10.23 4.34 17.03
C TYR A 54 -10.81 5.70 16.67
N GLU A 55 -10.57 6.68 17.54
CA GLU A 55 -11.04 8.04 17.33
C GLU A 55 -10.05 9.03 17.90
N TRP A 56 -9.29 9.69 17.02
CA TRP A 56 -8.30 10.66 17.47
C TRP A 56 -8.06 11.73 16.40
N SER A 57 -7.32 12.77 16.79
CA SER A 57 -7.00 13.86 15.88
C SER A 57 -5.53 14.25 16.03
N VAL A 58 -4.97 14.83 14.98
CA VAL A 58 -3.56 15.25 15.02
C VAL A 58 -3.46 16.71 14.60
N LYS A 59 -2.55 17.44 15.24
CA LYS A 59 -2.39 18.87 14.95
C LYS A 59 -0.92 19.22 14.74
N LEU A 60 -0.62 19.83 13.59
CA LEU A 60 0.76 20.23 13.30
C LEU A 60 0.79 21.46 12.39
N ASN A 61 2.00 22.00 12.16
CA ASN A 61 2.16 23.17 11.31
C ASN A 61 3.41 23.05 10.45
N TRP A 62 3.39 23.68 9.26
CA TRP A 62 4.55 23.62 8.37
C TRP A 62 4.75 24.96 7.65
N THR A 63 5.87 25.07 6.93
CA THR A 63 6.19 26.29 6.20
C THR A 63 6.43 25.98 4.72
N GLY A 64 6.03 26.90 3.86
CA GLY A 64 6.20 26.72 2.42
C GLY A 64 6.70 28.00 1.78
N THR A 65 7.82 27.91 1.07
CA THR A 65 8.40 29.07 0.40
C THR A 65 8.05 29.07 -1.08
N SER A 66 7.90 30.26 -1.66
CA SER A 66 7.56 30.36 -3.07
C SER A 66 8.67 31.09 -3.84
N LYS A 67 8.81 30.77 -5.12
CA LYS A 67 9.83 31.40 -5.94
C LYS A 67 9.68 32.92 -5.88
N SER A 68 8.47 33.38 -5.64
CA SER A 68 8.21 34.82 -5.55
C SER A 68 9.03 35.42 -4.41
N GLY A 69 9.39 34.56 -3.45
CA GLY A 69 10.18 35.01 -2.31
C GLY A 69 9.31 35.17 -1.08
N VAL A 70 8.19 34.46 -1.04
CA VAL A 70 7.28 34.56 0.10
C VAL A 70 7.19 33.25 0.87
N GLN A 71 7.28 33.36 2.19
CA GLN A 71 7.18 32.20 3.06
C GLN A 71 5.92 32.32 3.89
N TYR A 72 5.23 31.21 4.12
CA TYR A 72 4.02 31.25 4.90
C TYR A 72 3.87 29.98 5.73
N LYS A 73 3.54 30.16 6.98
CA LYS A 73 3.36 29.01 7.87
C LYS A 73 1.89 28.71 8.03
N GLY A 74 1.45 27.60 7.44
CA GLY A 74 0.06 27.20 7.50
C GLY A 74 -0.20 26.22 8.63
N HIS A 75 -1.47 25.86 8.80
CA HIS A 75 -1.86 24.93 9.84
C HIS A 75 -2.67 23.78 9.24
N VAL A 76 -2.48 22.59 9.79
CA VAL A 76 -3.20 21.41 9.31
C VAL A 76 -3.68 20.60 10.49
N GLU A 77 -4.92 20.11 10.41
CA GLU A 77 -5.46 19.33 11.51
C GLU A 77 -6.59 18.42 11.03
N ILE A 78 -6.53 17.16 11.45
CA ILE A 78 -7.57 16.19 11.06
C ILE A 78 -8.38 15.79 12.29
N PRO A 79 -9.68 16.06 12.31
CA PRO A 79 -10.51 15.71 13.49
C PRO A 79 -10.49 14.22 13.84
N ASN A 80 -11.56 13.76 14.47
CA ASN A 80 -11.67 12.36 14.91
C ASN A 80 -11.83 11.39 13.74
N LEU A 81 -11.21 11.67 12.61
CA LEU A 81 -11.32 10.76 11.48
C LEU A 81 -10.74 9.40 11.86
N SER A 82 -11.53 8.35 11.62
CA SER A 82 -11.10 6.99 11.96
C SER A 82 -10.47 6.31 10.75
N ASP A 83 -9.37 5.61 11.00
CA ASP A 83 -8.66 4.90 9.95
C ASP A 83 -9.35 3.58 9.60
N GLU A 84 -10.52 3.34 10.20
CA GLU A 84 -11.26 2.12 9.93
C GLU A 84 -11.45 1.98 8.42
N ASN A 85 -11.45 3.12 7.75
CA ASN A 85 -11.59 3.16 6.31
C ASN A 85 -10.27 3.59 5.68
N SER A 86 -10.25 3.78 4.37
CA SER A 86 -9.04 4.18 3.70
C SER A 86 -8.42 5.37 4.43
N VAL A 87 -7.21 5.17 4.96
CA VAL A 87 -6.52 6.23 5.69
C VAL A 87 -6.25 7.44 4.82
N ASP A 88 -5.82 7.19 3.58
CA ASP A 88 -5.50 8.27 2.66
C ASP A 88 -6.73 9.14 2.37
N GLU A 89 -7.91 8.55 2.41
CA GLU A 89 -9.14 9.30 2.14
C GLU A 89 -9.52 10.13 3.37
N VAL A 90 -8.73 10.00 4.43
CA VAL A 90 -9.00 10.74 5.67
C VAL A 90 -9.06 12.24 5.39
N GLU A 91 -10.03 12.89 6.02
CA GLU A 91 -10.21 14.31 5.83
C GLU A 91 -9.18 15.10 6.63
N ILE A 92 -8.31 15.78 5.91
CA ILE A 92 -7.26 16.58 6.53
C ILE A 92 -7.50 18.05 6.22
N SER A 93 -7.24 18.90 7.21
CA SER A 93 -7.42 20.34 7.02
C SER A 93 -6.11 20.97 6.58
N VAL A 94 -6.19 21.89 5.64
CA VAL A 94 -4.99 22.55 5.13
C VAL A 94 -5.19 24.06 5.05
N SER A 95 -4.18 24.80 5.51
CA SER A 95 -4.23 26.25 5.47
C SER A 95 -2.82 26.80 5.22
N LEU A 96 -2.26 26.42 4.08
CA LEU A 96 -0.91 26.87 3.74
C LEU A 96 -0.87 27.51 2.35
N ALA A 97 -0.11 28.59 2.26
CA ALA A 97 0.08 29.30 1.01
C ALA A 97 -1.24 29.87 0.46
N LYS A 98 -2.37 29.33 0.89
CA LYS A 98 -3.65 29.82 0.41
C LYS A 98 -3.78 31.31 0.72
N ASP A 99 -3.29 31.71 1.90
CA ASP A 99 -3.36 33.10 2.31
C ASP A 99 -2.35 33.96 1.56
N GLU A 100 -1.22 33.37 1.21
CA GLU A 100 -0.17 34.10 0.51
C GLU A 100 -0.16 33.77 -0.99
N PRO A 101 0.37 34.65 -1.79
CA PRO A 101 0.45 34.45 -3.27
C PRO A 101 1.01 33.07 -3.62
N ASP A 102 1.51 32.36 -2.63
CA ASP A 102 2.08 31.03 -2.86
C ASP A 102 1.04 30.08 -3.42
N THR A 103 -0.15 30.07 -2.82
CA THR A 103 -1.26 29.22 -3.24
C THR A 103 -0.80 28.00 -4.03
N ASN A 104 -0.44 28.19 -5.29
CA ASN A 104 0.00 27.08 -6.12
C ASN A 104 0.86 26.12 -5.30
N LEU A 105 1.63 26.68 -4.38
CA LEU A 105 2.48 25.86 -3.52
C LEU A 105 1.65 24.82 -2.77
N VAL A 106 0.50 25.25 -2.29
CA VAL A 106 -0.39 24.35 -1.55
C VAL A 106 -0.83 23.20 -2.45
N ALA A 107 -1.03 23.50 -3.73
CA ALA A 107 -1.46 22.49 -4.68
C ALA A 107 -0.52 21.29 -4.64
N LEU A 108 0.77 21.56 -4.78
CA LEU A 108 1.76 20.50 -4.73
C LEU A 108 1.81 19.92 -3.33
N MET A 109 1.70 20.80 -2.33
CA MET A 109 1.73 20.39 -0.94
C MET A 109 0.57 19.43 -0.68
N LYS A 110 -0.51 19.64 -1.40
CA LYS A 110 -1.68 18.77 -1.26
C LYS A 110 -1.39 17.40 -1.88
N GLU A 111 -0.47 17.37 -2.84
CA GLU A 111 -0.13 16.13 -3.51
C GLU A 111 1.22 15.59 -3.02
N GLU A 112 1.81 16.28 -2.05
CA GLU A 112 3.10 15.88 -1.51
C GLU A 112 3.13 16.01 0.01
N GLY A 113 2.43 17.01 0.52
CA GLY A 113 2.39 17.25 1.96
C GLY A 113 1.47 16.24 2.64
N VAL A 114 0.17 16.39 2.41
CA VAL A 114 -0.77 15.47 3.00
C VAL A 114 -0.43 14.06 2.52
N LYS A 115 0.08 13.97 1.30
CA LYS A 115 0.48 12.68 0.77
C LYS A 115 1.53 12.08 1.68
N LEU A 116 2.49 12.89 2.09
CA LEU A 116 3.52 12.43 2.99
C LEU A 116 2.87 11.64 4.11
N LEU A 117 1.76 12.15 4.60
CA LEU A 117 1.01 11.49 5.67
C LEU A 117 0.59 10.11 5.21
N ARG A 118 0.26 10.00 3.92
CA ARG A 118 -0.15 8.70 3.39
C ARG A 118 0.90 7.68 3.79
N GLU A 119 2.16 8.10 3.74
CA GLU A 119 3.24 7.21 4.15
C GLU A 119 3.06 6.89 5.62
N ALA A 120 2.52 7.87 6.36
CA ALA A 120 2.28 7.63 7.78
C ALA A 120 1.31 6.48 7.94
N MET A 121 0.42 6.31 6.96
CA MET A 121 -0.54 5.22 7.00
C MET A 121 0.20 3.89 6.86
N GLY A 122 1.31 3.91 6.14
CA GLY A 122 2.10 2.69 5.94
C GLY A 122 2.61 2.13 7.28
N ILE A 123 3.26 2.98 8.07
CA ILE A 123 3.78 2.54 9.36
C ILE A 123 2.68 2.40 10.41
N TYR A 124 1.71 3.30 10.38
CA TYR A 124 0.63 3.24 11.34
C TYR A 124 -0.06 1.88 11.29
N ILE A 125 -0.30 1.40 10.08
CA ILE A 125 -0.95 0.11 9.90
C ILE A 125 0.05 -1.01 10.12
N SER A 126 1.22 -0.87 9.51
CA SER A 126 2.26 -1.88 9.60
C SER A 126 2.88 -1.96 10.99
N THR A 127 3.44 -0.85 11.45
CA THR A 127 4.10 -0.85 12.76
C THR A 127 3.12 -1.18 13.88
N LEU A 128 1.96 -0.55 13.87
CA LEU A 128 0.98 -0.83 14.92
C LEU A 128 0.70 -2.32 14.97
N LYS A 129 0.74 -2.96 13.81
CA LYS A 129 0.49 -4.40 13.71
C LYS A 129 1.82 -5.16 13.68
N THR A 130 2.88 -4.53 14.20
CA THR A 130 4.19 -5.14 14.22
C THR A 130 4.22 -6.41 15.06
N GLU A 131 5.03 -6.40 16.10
CA GLU A 131 5.20 -7.54 16.99
C GLU A 131 3.89 -7.90 17.69
N PHE A 132 3.00 -6.93 17.86
CA PHE A 132 1.74 -7.20 18.52
C PHE A 132 1.04 -8.39 17.86
N THR A 133 1.10 -8.45 16.54
CA THR A 133 0.49 -9.55 15.80
C THR A 133 1.35 -9.94 14.60
N GLN A 134 1.16 -11.16 14.11
CA GLN A 134 1.92 -11.65 12.97
C GLN A 134 0.99 -12.22 11.91
N GLY A 135 1.50 -12.35 10.69
CA GLY A 135 0.71 -12.88 9.59
C GLY A 135 -0.11 -11.79 8.94
N MET A 136 0.43 -10.58 8.90
CA MET A 136 -0.27 -9.45 8.30
C MET A 136 0.05 -9.37 6.81
N ILE A 137 -0.96 -9.65 5.98
CA ILE A 137 -0.79 -9.62 4.55
C ILE A 137 -1.76 -8.62 3.90
N LEU A 138 -1.41 -8.15 2.71
CA LEU A 138 -2.24 -7.19 1.99
C LEU A 138 -2.59 -7.71 0.60
N PRO A 139 -3.59 -8.55 0.51
CA PRO A 139 -4.02 -9.13 -0.79
C PRO A 139 -4.76 -8.12 -1.66
N THR A 140 -4.54 -8.20 -2.97
CA THR A 140 -5.19 -7.30 -3.91
C THR A 140 -5.82 -8.09 -5.05
N MET A 141 -6.86 -7.54 -5.64
CA MET A 141 -7.55 -8.22 -6.73
C MET A 141 -8.65 -7.35 -7.31
N ASN A 142 -8.82 -7.39 -8.63
CA ASN A 142 -9.83 -6.60 -9.30
C ASN A 142 -10.98 -7.50 -9.77
N GLY A 143 -12.17 -7.27 -9.22
CA GLY A 143 -13.33 -8.05 -9.59
C GLY A 143 -14.00 -7.50 -10.83
N GLU A 144 -15.07 -8.16 -11.28
CA GLU A 144 -15.80 -7.72 -12.46
C GLU A 144 -17.29 -7.88 -12.22
N SER A 145 -18.10 -7.22 -13.02
CA SER A 145 -19.54 -7.31 -12.86
C SER A 145 -20.21 -7.45 -14.22
N VAL A 146 -20.96 -8.53 -14.39
CA VAL A 146 -21.67 -8.78 -15.64
C VAL A 146 -23.10 -9.23 -15.39
N ASP A 147 -24.03 -8.72 -16.17
CA ASP A 147 -25.43 -9.07 -16.01
C ASP A 147 -25.67 -10.50 -16.51
N PRO A 148 -26.66 -11.17 -15.97
CA PRO A 148 -26.98 -12.56 -16.38
C PRO A 148 -27.12 -12.70 -17.90
N VAL A 149 -26.67 -13.83 -18.42
CA VAL A 149 -26.76 -14.07 -19.86
C VAL A 149 -26.47 -15.54 -20.16
N GLY A 150 -25.54 -15.79 -21.07
CA GLY A 150 -25.18 -17.16 -21.41
C GLY A 150 -24.11 -17.67 -20.46
N GLN A 151 -24.48 -18.60 -19.59
CA GLN A 151 -23.55 -19.15 -18.63
C GLN A 151 -23.62 -20.67 -18.60
N PRO A 152 -23.05 -21.33 -19.57
CA PRO A 152 -23.03 -22.81 -19.66
C PRO A 152 -22.03 -23.43 -18.69
N ALA A 153 -22.14 -23.04 -17.42
CA ALA A 153 -21.23 -23.57 -16.41
C ALA A 153 -21.96 -24.54 -15.48
N LEU A 154 -21.24 -25.52 -14.98
CA LEU A 154 -21.82 -26.51 -14.08
C LEU A 154 -21.51 -26.16 -12.63
N LYS A 155 -22.53 -26.18 -11.78
CA LYS A 155 -22.35 -25.86 -10.37
C LYS A 155 -22.09 -27.13 -9.56
N THR A 156 -21.20 -27.01 -8.57
CA THR A 156 -20.87 -28.16 -7.73
C THR A 156 -21.10 -27.82 -6.26
N GLU A 157 -21.18 -28.85 -5.43
CA GLU A 157 -21.39 -28.66 -4.00
C GLU A 157 -20.10 -28.90 -3.23
N GLU A 158 -19.86 -28.07 -2.21
CA GLU A 158 -18.65 -28.21 -1.40
C GLU A 158 -18.99 -28.57 0.04
N ARG A 159 -18.08 -29.28 0.70
CA ARG A 159 -18.29 -29.68 2.08
C ARG A 159 -18.50 -28.46 2.97
N LYS A 160 -17.85 -27.36 2.62
CA LYS A 160 -17.98 -26.14 3.41
C LYS A 160 -18.98 -25.17 2.76
N ALA A 161 -19.70 -24.44 3.60
CA ALA A 161 -20.68 -23.49 3.10
C ALA A 161 -20.83 -22.33 4.09
N LYS A 162 -21.27 -21.19 3.58
CA LYS A 162 -21.44 -20.02 4.44
C LYS A 162 -22.87 -19.50 4.38
N PRO A 163 -23.76 -20.12 5.11
CA PRO A 163 -25.19 -19.72 5.13
C PRO A 163 -25.38 -18.33 5.71
N ALA A 164 -26.36 -17.60 5.18
CA ALA A 164 -26.64 -16.24 5.64
C ALA A 164 -28.10 -16.10 6.06
N PRO A 165 -28.42 -16.50 7.27
CA PRO A 165 -29.80 -16.43 7.80
C PRO A 165 -30.24 -14.99 8.05
N SER A 166 -31.54 -14.75 7.98
CA SER A 166 -32.07 -13.41 8.20
C SER A 166 -31.68 -12.89 9.57
N LYS A 167 -31.65 -13.79 10.56
CA LYS A 167 -31.30 -13.41 11.92
C LYS A 167 -32.26 -12.35 12.45
N THR A 168 -33.55 -12.61 12.34
CA THR A 168 -34.56 -11.66 12.82
C THR A 168 -34.64 -11.69 14.34
N GLN A 169 -35.22 -10.65 14.92
CA GLN A 169 -35.35 -10.56 16.37
C GLN A 169 -36.74 -10.99 16.81
N ALA A 170 -36.79 -11.90 17.78
CA ALA A 170 -38.06 -12.38 18.30
C ALA A 170 -37.98 -12.63 19.80
N ARG A 171 -39.11 -12.54 20.49
CA ARG A 171 -39.13 -12.75 21.93
C ARG A 171 -38.85 -14.21 22.26
N PRO A 172 -38.23 -14.47 23.39
CA PRO A 172 -37.90 -15.87 23.80
C PRO A 172 -39.13 -16.78 23.75
N VAL A 173 -38.92 -18.04 23.38
CA VAL A 173 -40.01 -19.00 23.30
C VAL A 173 -40.65 -19.17 24.68
N GLY A 174 -39.81 -19.21 25.71
CA GLY A 174 -40.29 -19.38 27.07
C GLY A 174 -40.66 -18.02 27.68
N VAL A 175 -40.88 -18.01 29.00
CA VAL A 175 -41.24 -16.77 29.68
C VAL A 175 -40.18 -16.46 30.73
N LYS A 176 -40.04 -15.18 31.07
CA LYS A 176 -39.06 -14.78 32.07
C LYS A 176 -39.42 -15.40 33.40
N ILE A 177 -39.35 -16.73 33.45
CA ILE A 177 -39.68 -17.46 34.65
C ILE A 177 -38.40 -17.82 35.41
N PRO A 178 -38.38 -17.77 36.72
CA PRO A 178 -37.18 -18.14 37.51
C PRO A 178 -36.65 -19.47 37.01
N THR A 179 -35.38 -19.76 37.25
CA THR A 179 -34.85 -21.05 36.82
C THR A 179 -33.61 -21.43 37.61
N CYS A 180 -33.27 -22.73 37.55
CA CYS A 180 -32.11 -23.24 38.27
C CYS A 180 -31.59 -24.50 37.59
N LYS A 181 -30.53 -25.08 38.15
CA LYS A 181 -29.95 -26.29 37.58
C LYS A 181 -30.23 -27.51 38.46
N ILE A 182 -30.50 -28.64 37.80
CA ILE A 182 -30.77 -29.89 38.53
C ILE A 182 -29.89 -31.01 38.02
N THR A 183 -28.59 -30.87 38.19
CA THR A 183 -27.64 -31.89 37.74
C THR A 183 -27.59 -33.03 38.74
N LEU A 184 -27.86 -34.25 38.26
CA LEU A 184 -27.85 -35.43 39.12
C LEU A 184 -26.93 -36.51 38.54
N LYS A 185 -26.12 -37.12 39.40
CA LYS A 185 -25.23 -38.18 38.97
C LYS A 185 -25.49 -39.43 39.79
N GLU A 186 -26.12 -40.43 39.15
CA GLU A 186 -26.44 -41.66 39.86
C GLU A 186 -25.90 -42.89 39.12
N THR A 187 -25.56 -43.92 39.89
CA THR A 187 -25.04 -45.16 39.31
C THR A 187 -26.16 -46.20 39.23
N PHE A 188 -26.19 -46.93 38.12
CA PHE A 188 -27.23 -47.94 37.93
C PHE A 188 -26.63 -49.34 37.88
N LEU A 189 -27.32 -50.28 38.53
CA LEU A 189 -26.88 -51.65 38.56
C LEU A 189 -27.19 -52.34 37.23
N THR A 190 -27.24 -51.54 36.17
CA THR A 190 -27.52 -52.06 34.84
C THR A 190 -26.56 -51.44 33.83
N SER A 191 -26.48 -52.04 32.65
CA SER A 191 -25.62 -51.52 31.61
C SER A 191 -26.23 -50.27 30.98
N PRO A 192 -25.42 -49.40 30.43
CA PRO A 192 -25.94 -48.15 29.80
C PRO A 192 -26.99 -48.43 28.73
N GLU A 193 -26.81 -49.52 28.00
CA GLU A 193 -27.75 -49.90 26.95
C GLU A 193 -29.14 -50.19 27.52
N GLU A 194 -29.17 -50.87 28.67
CA GLU A 194 -30.45 -51.22 29.29
C GLU A 194 -31.19 -49.99 29.81
N LEU A 195 -30.48 -49.14 30.55
CA LEU A 195 -31.10 -47.93 31.10
C LEU A 195 -31.62 -47.04 29.98
N TYR A 196 -30.87 -47.02 28.89
CA TYR A 196 -31.23 -46.21 27.73
C TYR A 196 -32.66 -46.48 27.28
N ARG A 197 -33.00 -47.75 27.24
CA ARG A 197 -34.34 -48.16 26.80
C ARG A 197 -35.40 -47.64 27.77
N VAL A 198 -35.07 -47.64 29.05
CA VAL A 198 -36.00 -47.19 30.06
C VAL A 198 -36.39 -45.75 29.82
N PHE A 199 -35.45 -44.96 29.36
CA PHE A 199 -35.70 -43.56 29.08
C PHE A 199 -36.19 -43.37 27.65
N THR A 200 -36.08 -44.42 26.81
CA THR A 200 -36.52 -44.30 25.42
C THR A 200 -37.53 -45.36 25.05
N THR A 201 -38.11 -46.04 26.04
CA THR A 201 -39.11 -47.05 25.74
C THR A 201 -40.35 -46.78 26.58
N GLN A 202 -41.45 -46.47 25.91
CA GLN A 202 -42.70 -46.13 26.58
C GLN A 202 -43.11 -47.18 27.61
N GLU A 203 -43.14 -48.44 27.19
CA GLU A 203 -43.54 -49.52 28.08
C GLU A 203 -42.71 -49.50 29.35
N LEU A 204 -41.41 -49.36 29.18
CA LEU A 204 -40.49 -49.32 30.30
C LEU A 204 -40.77 -48.09 31.18
N VAL A 205 -41.14 -47.00 30.53
CA VAL A 205 -41.46 -45.77 31.26
C VAL A 205 -42.72 -46.01 32.06
N GLN A 206 -43.68 -46.67 31.42
CA GLN A 206 -44.92 -47.00 32.05
C GLN A 206 -44.68 -47.98 33.20
N ALA A 207 -43.50 -48.59 33.18
CA ALA A 207 -43.14 -49.57 34.20
C ALA A 207 -42.71 -48.89 35.50
N PHE A 208 -41.69 -48.03 35.42
CA PHE A 208 -41.21 -47.38 36.63
C PHE A 208 -42.06 -46.17 37.01
N THR A 209 -42.94 -45.73 36.11
CA THR A 209 -43.80 -44.60 36.41
C THR A 209 -45.05 -45.08 37.11
N HIS A 210 -45.19 -46.40 37.17
CA HIS A 210 -46.36 -47.01 37.82
C HIS A 210 -47.62 -46.27 37.41
N ALA A 211 -47.55 -45.61 36.27
CA ALA A 211 -48.69 -44.86 35.75
C ALA A 211 -48.66 -44.90 34.23
N PRO A 212 -49.67 -44.37 33.59
CA PRO A 212 -49.75 -44.34 32.11
C PRO A 212 -48.80 -43.30 31.54
N ALA A 213 -47.98 -43.72 30.60
CA ALA A 213 -47.04 -42.82 29.97
C ALA A 213 -46.97 -43.06 28.48
N THR A 214 -46.62 -42.00 27.77
CA THR A 214 -46.48 -42.04 26.32
C THR A 214 -45.08 -41.59 25.94
N LEU A 215 -44.38 -42.37 25.14
CA LEU A 215 -43.02 -42.00 24.78
C LEU A 215 -42.69 -42.25 23.33
N GLU A 216 -42.07 -41.24 22.72
CA GLU A 216 -41.63 -41.32 21.33
C GLU A 216 -40.12 -41.23 21.31
N ALA A 217 -39.45 -42.32 20.99
CA ALA A 217 -37.99 -42.28 20.98
C ALA A 217 -37.47 -41.82 19.62
N ASP A 218 -37.43 -40.51 19.45
CA ASP A 218 -36.96 -39.92 18.21
C ASP A 218 -36.57 -38.47 18.47
N ARG A 219 -35.71 -37.91 17.62
CA ARG A 219 -35.32 -36.51 17.80
C ARG A 219 -36.54 -35.62 17.65
N GLY A 220 -37.02 -35.15 18.78
CA GLY A 220 -38.20 -34.32 18.81
C GLY A 220 -39.38 -35.15 19.28
N GLY A 221 -39.07 -36.41 19.62
CA GLY A 221 -40.10 -37.32 20.11
C GLY A 221 -40.76 -36.72 21.32
N LYS A 222 -42.03 -37.00 21.52
CA LYS A 222 -42.74 -36.45 22.66
C LYS A 222 -42.95 -37.49 23.74
N PHE A 223 -42.44 -37.19 24.93
CA PHE A 223 -42.60 -38.11 26.04
C PHE A 223 -43.47 -37.49 27.11
N HIS A 224 -44.50 -38.23 27.44
CA HIS A 224 -45.48 -37.83 28.42
C HIS A 224 -45.59 -38.94 29.46
N MET A 225 -45.35 -38.64 30.73
CA MET A 225 -45.39 -39.71 31.74
C MET A 225 -46.12 -39.30 33.00
N VAL A 226 -46.13 -40.22 33.97
CA VAL A 226 -46.78 -39.98 35.24
C VAL A 226 -48.19 -39.46 35.01
N ASP A 227 -49.05 -40.31 34.48
CA ASP A 227 -50.42 -39.91 34.20
C ASP A 227 -50.41 -38.65 33.36
N GLY A 228 -49.31 -38.49 32.64
CA GLY A 228 -49.13 -37.35 31.75
C GLY A 228 -48.77 -36.08 32.52
N ASN A 229 -48.50 -36.21 33.81
CA ASN A 229 -48.14 -35.06 34.61
C ASN A 229 -46.79 -34.52 34.16
N VAL A 230 -46.01 -35.38 33.50
CA VAL A 230 -44.71 -35.01 33.00
C VAL A 230 -44.72 -35.05 31.48
N SER A 231 -44.16 -34.03 30.86
CA SER A 231 -44.13 -33.96 29.41
C SER A 231 -42.86 -33.29 28.92
N GLY A 232 -42.51 -33.52 27.65
CA GLY A 232 -41.31 -32.92 27.08
C GLY A 232 -41.00 -33.50 25.71
N GLU A 233 -39.87 -33.07 25.14
CA GLU A 233 -39.46 -33.56 23.83
C GLU A 233 -38.00 -33.95 23.84
N PHE A 234 -37.63 -34.80 22.90
CA PHE A 234 -36.25 -35.24 22.79
C PHE A 234 -35.49 -34.35 21.82
N THR A 235 -34.55 -33.61 22.34
CA THR A 235 -33.73 -32.73 21.49
C THR A 235 -32.61 -33.54 20.86
N ASP A 236 -32.24 -34.63 21.52
CA ASP A 236 -31.18 -35.50 21.02
C ASP A 236 -31.32 -36.90 21.58
N LEU A 237 -30.96 -37.88 20.78
CA LEU A 237 -31.02 -39.27 21.22
C LEU A 237 -29.87 -40.05 20.61
N VAL A 238 -28.81 -40.19 21.38
CA VAL A 238 -27.66 -40.95 20.92
C VAL A 238 -27.77 -42.37 21.47
N PRO A 239 -27.76 -43.39 20.64
CA PRO A 239 -27.93 -44.80 21.11
C PRO A 239 -27.10 -45.15 22.34
N GLU A 240 -27.77 -45.23 23.48
CA GLU A 240 -27.11 -45.61 24.73
C GLU A 240 -25.92 -44.72 25.04
N LYS A 241 -25.87 -43.54 24.45
CA LYS A 241 -24.74 -42.67 24.66
C LYS A 241 -25.14 -41.33 25.28
N HIS A 242 -26.22 -40.73 24.81
CA HIS A 242 -26.59 -39.42 25.32
C HIS A 242 -27.96 -38.98 24.84
N ILE A 243 -28.70 -38.34 25.73
CA ILE A 243 -30.03 -37.86 25.38
C ILE A 243 -30.27 -36.44 25.85
N VAL A 244 -30.70 -35.60 24.92
CA VAL A 244 -31.03 -34.24 25.26
C VAL A 244 -32.51 -34.07 25.08
N MET A 245 -33.21 -33.70 26.14
CA MET A 245 -34.64 -33.55 26.05
C MET A 245 -35.12 -32.39 26.88
N LYS A 246 -36.26 -31.86 26.49
CA LYS A 246 -36.87 -30.76 27.20
C LYS A 246 -37.81 -31.38 28.23
N TRP A 247 -37.97 -30.75 29.38
CA TRP A 247 -38.76 -31.38 30.43
C TRP A 247 -39.63 -30.39 31.22
N ARG A 248 -40.75 -30.90 31.75
CA ARG A 248 -41.64 -30.07 32.55
C ARG A 248 -42.67 -30.88 33.32
N PHE A 249 -43.36 -30.17 34.20
CA PHE A 249 -44.43 -30.74 35.00
C PHE A 249 -45.74 -30.17 34.48
N LYS A 250 -46.83 -30.90 34.63
CA LYS A 250 -48.12 -30.42 34.15
C LYS A 250 -48.53 -29.15 34.90
N SER A 251 -47.80 -28.83 35.96
CA SER A 251 -48.10 -27.64 36.74
C SER A 251 -47.23 -26.46 36.31
N TRP A 252 -46.43 -26.66 35.29
CA TRP A 252 -45.54 -25.62 34.80
C TRP A 252 -46.24 -24.69 33.81
N PRO A 253 -45.75 -23.49 33.66
CA PRO A 253 -46.33 -22.51 32.71
C PRO A 253 -46.31 -23.07 31.29
N GLU A 254 -47.29 -22.68 30.49
CA GLU A 254 -47.35 -23.16 29.11
C GLU A 254 -46.13 -22.66 28.34
N GLY A 255 -45.46 -23.59 27.66
CA GLY A 255 -44.28 -23.23 26.89
C GLY A 255 -43.05 -23.10 27.79
N HIS A 256 -43.09 -23.75 28.95
CA HIS A 256 -41.96 -23.68 29.88
C HIS A 256 -41.41 -25.05 30.18
N PHE A 257 -40.20 -25.30 29.71
CA PHE A 257 -39.56 -26.58 29.94
C PHE A 257 -38.15 -26.37 30.45
N ALA A 258 -37.57 -27.44 30.96
CA ALA A 258 -36.22 -27.40 31.48
C ALA A 258 -35.30 -28.21 30.59
N THR A 259 -34.16 -27.65 30.24
CA THR A 259 -33.22 -28.36 29.40
C THR A 259 -32.58 -29.49 30.18
N ILE A 260 -32.83 -30.72 29.75
CA ILE A 260 -32.28 -31.87 30.42
C ILE A 260 -31.37 -32.65 29.49
N THR A 261 -30.24 -33.09 30.01
CA THR A 261 -29.31 -33.86 29.22
C THR A 261 -28.82 -35.07 30.00
N LEU A 262 -29.04 -36.23 29.44
CA LEU A 262 -28.62 -37.47 30.08
C LEU A 262 -27.48 -38.11 29.31
N THR A 263 -26.49 -38.60 30.03
CA THR A 263 -25.35 -39.26 29.41
C THR A 263 -25.22 -40.67 29.96
N PHE A 264 -24.84 -41.60 29.09
CA PHE A 264 -24.71 -42.99 29.48
C PHE A 264 -23.26 -43.43 29.51
N ILE A 265 -22.87 -44.05 30.62
CA ILE A 265 -21.51 -44.52 30.81
C ILE A 265 -21.46 -45.96 31.31
N ASP A 266 -20.61 -46.75 30.67
CA ASP A 266 -20.44 -48.15 31.07
C ASP A 266 -19.36 -48.25 32.14
N LYS A 267 -19.76 -48.72 33.32
CA LYS A 267 -18.86 -48.85 34.44
C LYS A 267 -18.42 -50.30 34.65
N ASN A 268 -18.63 -51.12 33.64
CA ASN A 268 -18.22 -52.51 33.72
C ASN A 268 -18.96 -53.24 34.83
N GLY A 269 -20.27 -53.21 34.75
CA GLY A 269 -21.12 -53.85 35.74
C GLY A 269 -22.33 -53.00 35.99
N GLU A 270 -22.11 -51.70 36.05
CA GLU A 270 -23.19 -50.77 36.26
C GLU A 270 -23.04 -49.58 35.32
N THR A 271 -23.90 -48.58 35.47
CA THR A 271 -23.83 -47.42 34.60
C THR A 271 -23.94 -46.12 35.37
N GLU A 272 -23.14 -45.13 34.97
CA GLU A 272 -23.18 -43.83 35.61
C GLU A 272 -23.93 -42.85 34.71
N LEU A 273 -25.14 -42.50 35.11
CA LEU A 273 -25.93 -41.57 34.33
C LEU A 273 -25.59 -40.15 34.74
N CYS A 274 -25.05 -39.40 33.79
CA CYS A 274 -24.68 -38.02 34.06
C CYS A 274 -25.78 -37.09 33.58
N MET A 275 -26.59 -36.63 34.53
CA MET A 275 -27.69 -35.72 34.20
C MET A 275 -27.27 -34.27 34.32
N GLU A 276 -27.93 -33.42 33.53
CA GLU A 276 -27.64 -32.01 33.54
C GLU A 276 -28.91 -31.23 33.22
N GLY A 277 -29.64 -30.89 34.26
CA GLY A 277 -30.90 -30.17 34.08
C GLY A 277 -30.73 -28.68 34.30
N ARG A 278 -31.25 -27.91 33.35
CA ARG A 278 -31.17 -26.45 33.42
C ARG A 278 -32.48 -25.84 32.93
N GLY A 279 -32.88 -24.72 33.52
CA GLY A 279 -34.12 -24.05 33.13
C GLY A 279 -35.26 -24.39 34.06
N ILE A 280 -35.00 -25.32 34.96
CA ILE A 280 -36.01 -25.74 35.93
C ILE A 280 -36.45 -24.53 36.75
N PRO A 281 -37.71 -24.20 36.77
CA PRO A 281 -38.18 -23.03 37.55
C PRO A 281 -37.75 -23.11 39.00
N ALA A 282 -37.18 -22.01 39.47
CA ALA A 282 -36.72 -21.92 40.85
C ALA A 282 -37.81 -22.36 41.83
N PRO A 283 -39.04 -21.88 41.69
CA PRO A 283 -40.11 -22.28 42.63
C PRO A 283 -40.35 -23.77 42.60
N GLU A 284 -40.16 -24.35 41.42
CA GLU A 284 -40.37 -25.76 41.22
C GLU A 284 -39.07 -26.54 41.32
N GLU A 285 -37.97 -25.83 41.59
CA GLU A 285 -36.67 -26.48 41.69
C GLU A 285 -36.66 -27.61 42.70
N GLU A 286 -37.06 -27.33 43.92
CA GLU A 286 -37.08 -28.37 44.93
C GLU A 286 -37.94 -29.54 44.47
N ARG A 287 -39.09 -29.22 43.88
CA ARG A 287 -40.01 -30.23 43.38
C ARG A 287 -39.40 -31.07 42.27
N THR A 288 -38.85 -30.39 41.28
CA THR A 288 -38.26 -31.08 40.13
C THR A 288 -37.23 -32.10 40.55
N ARG A 289 -36.24 -31.68 41.33
CA ARG A 289 -35.20 -32.58 41.76
C ARG A 289 -35.79 -33.73 42.56
N GLN A 290 -36.71 -33.41 43.46
CA GLN A 290 -37.33 -34.44 44.29
C GLN A 290 -38.17 -35.38 43.44
N GLY A 291 -38.92 -34.82 42.49
CA GLY A 291 -39.78 -35.61 41.62
C GLY A 291 -38.99 -36.27 40.50
N TRP A 292 -37.67 -36.12 40.54
CA TRP A 292 -36.84 -36.71 39.50
C TRP A 292 -36.39 -38.12 39.90
N GLN A 293 -35.24 -38.23 40.56
CA GLN A 293 -34.70 -39.52 40.97
C GLN A 293 -35.78 -40.43 41.53
N ARG A 294 -36.67 -39.87 42.34
CA ARG A 294 -37.73 -40.64 42.94
C ARG A 294 -38.56 -41.36 41.88
N TYR A 295 -38.92 -40.64 40.83
CA TYR A 295 -39.70 -41.23 39.75
C TYR A 295 -38.78 -41.71 38.63
N TYR A 296 -37.56 -41.19 38.63
CA TYR A 296 -36.60 -41.56 37.60
C TYR A 296 -35.69 -42.69 38.05
N PHE A 297 -34.57 -42.30 38.65
CA PHE A 297 -33.57 -43.26 39.10
C PHE A 297 -34.10 -44.17 40.18
N GLU A 298 -34.35 -43.61 41.36
CA GLU A 298 -34.84 -44.41 42.46
C GLU A 298 -36.03 -45.26 42.00
N GLY A 299 -36.87 -44.69 41.14
CA GLY A 299 -38.03 -45.43 40.63
C GLY A 299 -37.58 -46.60 39.79
N ILE A 300 -36.78 -46.32 38.75
CA ILE A 300 -36.29 -47.38 37.88
C ILE A 300 -35.51 -48.40 38.70
N LYS A 301 -34.60 -47.91 39.52
CA LYS A 301 -33.80 -48.77 40.36
C LYS A 301 -34.71 -49.68 41.18
N GLN A 302 -35.87 -49.14 41.53
CA GLN A 302 -36.83 -49.89 42.32
C GLN A 302 -37.61 -50.86 41.44
N THR A 303 -38.21 -50.33 40.39
CA THR A 303 -39.01 -51.13 39.46
C THR A 303 -38.16 -52.12 38.68
N PHE A 304 -37.08 -51.64 38.09
CA PHE A 304 -36.21 -52.49 37.29
C PHE A 304 -35.22 -53.23 38.17
N GLY A 305 -34.84 -52.62 39.28
CA GLY A 305 -33.92 -53.27 40.18
C GLY A 305 -32.48 -52.89 39.84
N TYR A 306 -32.32 -51.69 39.31
CA TYR A 306 -31.01 -51.20 38.91
C TYR A 306 -30.35 -50.37 40.01
N GLY A 307 -30.74 -50.60 41.26
CA GLY A 307 -30.14 -49.86 42.37
C GLY A 307 -29.10 -50.71 43.08
N ALA A 308 -28.42 -50.12 44.05
CA ALA A 308 -27.40 -50.83 44.82
C ALA A 308 -27.89 -51.11 46.23
N THR A 1 -9.28 -7.38 25.14
CA THR A 1 -9.08 -5.95 24.86
C THR A 1 -7.60 -5.66 24.60
N GLU A 2 -7.28 -5.38 23.34
CA GLU A 2 -5.90 -5.08 22.96
C GLU A 2 -5.72 -3.58 22.75
N ARG A 3 -4.55 -3.08 23.12
CA ARG A 3 -4.25 -1.66 22.97
C ARG A 3 -3.42 -1.41 21.72
N ASP A 4 -3.70 -0.29 21.06
CA ASP A 4 -2.97 0.05 19.84
C ASP A 4 -1.65 0.74 20.19
N ALA A 5 -0.54 0.11 19.80
CA ALA A 5 0.77 0.66 20.08
C ALA A 5 0.83 2.15 19.76
N SER A 6 0.53 2.98 20.75
CA SER A 6 0.56 4.43 20.56
C SER A 6 2.00 4.94 20.63
N ASN A 7 2.83 4.25 21.40
CA ASN A 7 4.23 4.66 21.55
C ASN A 7 4.94 4.66 20.20
N TRP A 8 4.75 3.60 19.43
CA TRP A 8 5.38 3.51 18.11
C TRP A 8 4.68 4.46 17.14
N SER A 9 3.42 4.75 17.42
CA SER A 9 2.64 5.62 16.56
C SER A 9 3.28 7.01 16.47
N THR A 10 3.13 7.79 17.53
CA THR A 10 3.71 9.12 17.54
C THR A 10 5.17 9.08 17.16
N ASP A 11 5.90 8.13 17.72
CA ASP A 11 7.32 8.01 17.44
C ASP A 11 7.63 8.08 15.94
N LYS A 12 6.93 7.28 15.14
CA LYS A 12 7.17 7.27 13.70
C LYS A 12 6.37 8.37 13.03
N LEU A 13 5.07 8.44 13.32
CA LEU A 13 4.21 9.45 12.72
C LEU A 13 4.72 10.86 13.02
N LYS A 14 5.16 11.09 14.26
CA LYS A 14 5.66 12.42 14.62
C LYS A 14 6.95 12.70 13.85
N THR A 15 7.83 11.71 13.81
CA THR A 15 9.08 11.86 13.09
C THR A 15 8.78 12.07 11.62
N LEU A 16 7.93 11.21 11.11
CA LEU A 16 7.52 11.27 9.71
C LEU A 16 6.89 12.63 9.43
N PHE A 17 6.24 13.20 10.43
CA PHE A 17 5.63 14.51 10.28
C PHE A 17 6.70 15.59 10.33
N LEU A 18 7.66 15.42 11.24
CA LEU A 18 8.75 16.37 11.39
C LEU A 18 9.81 16.07 10.34
N ALA A 19 9.49 15.15 9.45
CA ALA A 19 10.41 14.76 8.39
C ALA A 19 9.90 15.26 7.06
N VAL A 20 8.93 16.16 7.10
CA VAL A 20 8.36 16.71 5.88
C VAL A 20 9.50 17.19 4.99
N GLN A 21 9.44 16.81 3.73
CA GLN A 21 10.50 17.18 2.79
C GLN A 21 10.09 18.35 1.92
N VAL A 22 11.12 19.04 1.40
CA VAL A 22 10.93 20.19 0.54
C VAL A 22 11.58 19.97 -0.81
N GLN A 23 11.00 20.59 -1.82
CA GLN A 23 11.51 20.51 -3.18
C GLN A 23 12.14 21.86 -3.54
N ASN A 24 11.62 22.51 -4.58
CA ASN A 24 12.14 23.80 -4.99
C ASN A 24 11.33 24.92 -4.34
N GLU A 25 11.88 26.12 -4.32
CA GLU A 25 11.18 27.25 -3.72
C GLU A 25 9.81 27.40 -4.34
N GLU A 26 9.67 26.94 -5.58
CA GLU A 26 8.39 27.01 -6.28
C GLU A 26 7.34 26.20 -5.53
N GLY A 27 7.72 25.01 -5.13
CA GLY A 27 6.82 24.13 -4.40
C GLY A 27 7.58 23.35 -3.33
N LYS A 28 8.04 24.06 -2.30
CA LYS A 28 8.78 23.43 -1.23
C LYS A 28 7.87 23.12 -0.05
N CYS A 29 8.36 22.30 0.87
CA CYS A 29 7.58 21.93 2.03
C CYS A 29 8.49 21.61 3.21
N GLU A 30 8.26 22.27 4.34
CA GLU A 30 9.08 22.03 5.51
C GLU A 30 8.21 21.99 6.77
N VAL A 31 8.63 21.21 7.76
CA VAL A 31 7.87 21.13 9.01
C VAL A 31 8.44 22.10 10.04
N THR A 32 7.56 22.83 10.71
CA THR A 32 8.01 23.78 11.73
C THR A 32 7.91 23.16 13.12
N GLU A 33 6.87 22.35 13.32
CA GLU A 33 6.66 21.69 14.60
C GLU A 33 5.43 20.79 14.54
N VAL A 34 5.55 19.62 15.15
CA VAL A 34 4.44 18.67 15.19
C VAL A 34 4.16 18.25 16.63
N SER A 35 2.89 18.25 17.00
CA SER A 35 2.51 17.86 18.35
C SER A 35 2.57 16.34 18.49
N LYS A 36 1.52 15.68 18.02
CA LYS A 36 1.41 14.23 18.10
C LYS A 36 -0.05 13.86 17.87
N LEU A 37 -0.29 12.70 17.28
CA LEU A 37 -1.66 12.29 17.05
C LEU A 37 -2.40 12.22 18.37
N ASP A 38 -3.29 13.19 18.60
CA ASP A 38 -4.03 13.21 19.85
C ASP A 38 -5.38 12.56 19.62
N GLY A 39 -5.57 11.38 20.20
CA GLY A 39 -6.82 10.68 20.00
C GLY A 39 -6.90 9.38 20.76
N GLU A 40 -8.00 8.66 20.54
CA GLU A 40 -8.20 7.38 21.20
C GLU A 40 -8.02 6.24 20.21
N ALA A 41 -6.84 5.65 20.21
CA ALA A 41 -6.54 4.55 19.30
C ALA A 41 -6.60 3.22 20.04
N SER A 42 -7.09 2.19 19.35
CA SER A 42 -7.20 0.87 19.96
C SER A 42 -7.43 -0.19 18.89
N ILE A 43 -6.86 -1.36 19.09
CA ILE A 43 -7.03 -2.46 18.15
C ILE A 43 -7.66 -3.65 18.84
N ASN A 44 -8.35 -4.48 18.08
CA ASN A 44 -9.00 -5.65 18.66
C ASN A 44 -8.41 -6.94 18.10
N ASN A 45 -8.90 -8.07 18.65
CA ASN A 45 -8.47 -9.42 18.29
C ASN A 45 -7.32 -9.47 17.30
N ARG A 46 -6.38 -10.36 17.56
CA ARG A 46 -5.22 -10.53 16.72
C ARG A 46 -5.08 -11.98 16.29
N LYS A 47 -4.23 -12.21 15.30
CA LYS A 47 -4.00 -13.56 14.81
C LYS A 47 -5.21 -14.07 14.02
N GLY A 48 -5.73 -13.24 13.14
CA GLY A 48 -6.87 -13.63 12.31
C GLY A 48 -7.98 -12.58 12.28
N LYS A 49 -8.01 -11.68 13.25
CA LYS A 49 -9.04 -10.65 13.26
C LYS A 49 -8.48 -9.31 13.75
N LEU A 50 -7.51 -8.77 13.04
CA LEU A 50 -6.91 -7.50 13.42
C LEU A 50 -7.76 -6.32 12.93
N ILE A 51 -8.24 -5.51 13.87
CA ILE A 51 -9.05 -4.36 13.49
C ILE A 51 -8.56 -3.09 14.18
N PHE A 52 -8.76 -1.95 13.51
CA PHE A 52 -8.31 -0.67 14.06
C PHE A 52 -9.49 0.22 14.46
N PHE A 53 -9.42 0.72 15.70
CA PHE A 53 -10.46 1.62 16.20
C PHE A 53 -9.84 2.94 16.65
N TYR A 54 -10.15 4.01 15.93
CA TYR A 54 -9.61 5.33 16.26
C TYR A 54 -10.66 6.41 16.11
N GLU A 55 -10.62 7.40 16.98
CA GLU A 55 -11.58 8.50 16.92
C GLU A 55 -11.02 9.75 17.60
N TRP A 56 -10.69 10.76 16.78
CA TRP A 56 -10.14 12.03 17.28
C TRP A 56 -9.37 12.77 16.18
N SER A 57 -8.46 13.68 16.56
CA SER A 57 -7.73 14.45 15.56
C SER A 57 -6.25 14.65 15.90
N VAL A 58 -5.46 14.89 14.86
CA VAL A 58 -4.02 15.13 15.03
C VAL A 58 -3.72 16.56 14.61
N LYS A 59 -2.70 17.18 15.21
CA LYS A 59 -2.39 18.57 14.89
C LYS A 59 -0.90 18.84 14.67
N LEU A 60 -0.60 19.51 13.56
CA LEU A 60 0.78 19.90 13.22
C LEU A 60 0.79 21.12 12.31
N ASN A 61 1.99 21.60 11.99
CA ASN A 61 2.12 22.77 11.11
C ASN A 61 3.37 22.67 10.22
N TRP A 62 3.35 23.40 9.11
CA TRP A 62 4.49 23.39 8.19
C TRP A 62 4.71 24.76 7.56
N THR A 63 5.86 24.93 6.90
CA THR A 63 6.19 26.20 6.25
C THR A 63 6.44 25.97 4.77
N GLY A 64 6.02 26.92 3.95
CA GLY A 64 6.21 26.83 2.52
C GLY A 64 6.74 28.14 1.96
N THR A 65 7.76 28.04 1.10
CA THR A 65 8.36 29.23 0.50
C THR A 65 8.04 29.29 -0.99
N SER A 66 7.87 30.51 -1.49
CA SER A 66 7.56 30.69 -2.91
C SER A 66 8.63 31.52 -3.60
N LYS A 67 8.84 31.26 -4.88
CA LYS A 67 9.85 32.00 -5.64
C LYS A 67 9.58 33.50 -5.54
N SER A 68 8.33 33.85 -5.30
CA SER A 68 7.96 35.27 -5.18
C SER A 68 8.74 35.88 -4.02
N GLY A 69 9.16 35.03 -3.09
CA GLY A 69 9.92 35.48 -1.93
C GLY A 69 9.05 35.52 -0.69
N VAL A 70 7.95 34.77 -0.71
CA VAL A 70 7.05 34.75 0.45
C VAL A 70 7.02 33.39 1.13
N GLN A 71 7.16 33.43 2.46
CA GLN A 71 7.11 32.22 3.27
C GLN A 71 5.91 32.32 4.18
N TYR A 72 5.24 31.20 4.42
CA TYR A 72 4.08 31.23 5.28
C TYR A 72 3.97 29.93 6.05
N LYS A 73 3.54 30.04 7.29
CA LYS A 73 3.39 28.85 8.13
C LYS A 73 1.92 28.55 8.34
N GLY A 74 1.45 27.48 7.71
CA GLY A 74 0.06 27.08 7.83
C GLY A 74 -0.13 26.01 8.88
N HIS A 75 -1.38 25.59 9.08
CA HIS A 75 -1.70 24.57 10.05
C HIS A 75 -2.55 23.47 9.44
N VAL A 76 -2.34 22.24 9.89
CA VAL A 76 -3.10 21.10 9.38
C VAL A 76 -3.67 20.29 10.55
N GLU A 77 -4.92 19.87 10.41
CA GLU A 77 -5.58 19.09 11.44
C GLU A 77 -6.60 18.14 10.82
N ILE A 78 -6.51 16.86 11.13
CA ILE A 78 -7.47 15.90 10.60
C ILE A 78 -8.53 15.59 11.66
N PRO A 79 -9.81 15.86 11.39
CA PRO A 79 -10.89 15.62 12.39
C PRO A 79 -10.99 14.17 12.87
N ASN A 80 -12.21 13.79 13.28
CA ASN A 80 -12.49 12.46 13.81
C ASN A 80 -12.35 11.36 12.77
N LEU A 81 -11.41 11.51 11.84
CA LEU A 81 -11.22 10.47 10.84
C LEU A 81 -10.72 9.19 11.49
N SER A 82 -11.39 8.08 11.21
CA SER A 82 -11.03 6.80 11.80
C SER A 82 -10.35 5.90 10.77
N ASP A 83 -9.43 5.07 11.24
CA ASP A 83 -8.70 4.17 10.37
C ASP A 83 -9.54 2.95 10.01
N GLU A 84 -10.77 2.90 10.53
CA GLU A 84 -11.66 1.79 10.24
C GLU A 84 -11.89 1.68 8.73
N ASN A 85 -11.65 2.79 8.04
CA ASN A 85 -11.81 2.84 6.60
C ASN A 85 -10.46 3.16 5.95
N SER A 86 -10.46 3.33 4.64
CA SER A 86 -9.21 3.65 3.95
C SER A 86 -8.51 4.79 4.68
N VAL A 87 -7.32 4.50 5.21
CA VAL A 87 -6.57 5.50 5.96
C VAL A 87 -6.11 6.64 5.07
N ASP A 88 -5.74 6.32 3.83
CA ASP A 88 -5.28 7.34 2.90
C ASP A 88 -6.39 8.30 2.51
N GLU A 89 -7.63 7.82 2.53
CA GLU A 89 -8.77 8.66 2.16
C GLU A 89 -9.13 9.61 3.29
N VAL A 90 -8.45 9.46 4.43
CA VAL A 90 -8.72 10.32 5.58
C VAL A 90 -8.73 11.78 5.17
N GLU A 91 -9.67 12.52 5.75
CA GLU A 91 -9.80 13.93 5.45
C GLU A 91 -8.84 14.75 6.29
N ILE A 92 -7.92 15.42 5.63
CA ILE A 92 -6.93 16.24 6.29
C ILE A 92 -7.22 17.72 6.04
N SER A 93 -7.05 18.54 7.07
CA SER A 93 -7.29 19.97 6.94
C SER A 93 -6.00 20.69 6.56
N VAL A 94 -6.10 21.63 5.65
CA VAL A 94 -4.92 22.37 5.21
C VAL A 94 -5.18 23.88 5.26
N SER A 95 -4.20 24.61 5.78
CA SER A 95 -4.30 26.06 5.87
C SER A 95 -2.96 26.70 5.57
N LEU A 96 -2.46 26.46 4.36
CA LEU A 96 -1.18 27.02 3.94
C LEU A 96 -1.28 27.63 2.56
N ALA A 97 -0.52 28.68 2.34
CA ALA A 97 -0.49 29.37 1.06
C ALA A 97 -1.82 30.05 0.76
N LYS A 98 -2.90 29.56 1.36
CA LYS A 98 -4.21 30.14 1.13
C LYS A 98 -4.22 31.62 1.52
N ASP A 99 -3.46 31.95 2.56
CA ASP A 99 -3.40 33.33 3.04
C ASP A 99 -2.34 34.13 2.28
N GLU A 100 -1.43 33.45 1.61
CA GLU A 100 -0.37 34.14 0.88
C GLU A 100 -0.42 33.84 -0.62
N PRO A 101 0.12 34.72 -1.44
CA PRO A 101 0.14 34.55 -2.91
C PRO A 101 0.66 33.18 -3.34
N ASP A 102 1.24 32.44 -2.40
CA ASP A 102 1.80 31.13 -2.69
C ASP A 102 0.72 30.17 -3.20
N THR A 103 -0.45 30.19 -2.58
CA THR A 103 -1.58 29.32 -2.96
C THR A 103 -1.14 28.05 -3.69
N ASN A 104 -0.79 28.18 -4.97
CA ASN A 104 -0.38 27.03 -5.76
C ASN A 104 0.58 26.14 -4.97
N LEU A 105 1.40 26.76 -4.12
CA LEU A 105 2.35 26.00 -3.32
C LEU A 105 1.66 24.91 -2.53
N VAL A 106 0.55 25.25 -1.89
CA VAL A 106 -0.19 24.26 -1.10
C VAL A 106 -0.70 23.15 -2.00
N ALA A 107 -0.98 23.48 -3.26
CA ALA A 107 -1.46 22.46 -4.18
C ALA A 107 -0.49 21.30 -4.20
N LEU A 108 0.77 21.61 -4.43
CA LEU A 108 1.82 20.59 -4.45
C LEU A 108 1.87 19.88 -3.11
N MET A 109 1.78 20.66 -2.03
CA MET A 109 1.81 20.10 -0.70
C MET A 109 0.67 19.09 -0.54
N LYS A 110 -0.42 19.37 -1.23
CA LYS A 110 -1.59 18.49 -1.19
C LYS A 110 -1.26 17.16 -1.85
N GLU A 111 -0.31 17.17 -2.77
CA GLU A 111 0.07 15.93 -3.45
C GLU A 111 1.45 15.47 -2.98
N GLU A 112 1.98 16.13 -1.96
CA GLU A 112 3.29 15.76 -1.42
C GLU A 112 3.30 15.82 0.11
N GLY A 113 2.79 16.91 0.66
CA GLY A 113 2.75 17.06 2.12
C GLY A 113 1.78 16.07 2.74
N VAL A 114 0.50 16.24 2.45
CA VAL A 114 -0.48 15.33 2.98
C VAL A 114 -0.16 13.93 2.50
N LYS A 115 0.50 13.86 1.35
CA LYS A 115 0.90 12.59 0.78
C LYS A 115 1.82 11.86 1.74
N LEU A 116 2.86 12.55 2.20
CA LEU A 116 3.80 11.95 3.13
C LEU A 116 3.03 11.37 4.31
N LEU A 117 2.00 12.07 4.75
CA LEU A 117 1.18 11.61 5.86
C LEU A 117 0.57 10.27 5.50
N ARG A 118 0.24 10.09 4.22
CA ARG A 118 -0.34 8.83 3.77
C ARG A 118 0.61 7.72 4.17
N GLU A 119 1.90 7.99 4.04
CA GLU A 119 2.92 7.02 4.40
C GLU A 119 2.89 6.83 5.92
N ALA A 120 2.54 7.89 6.64
CA ALA A 120 2.46 7.82 8.09
C ALA A 120 1.40 6.80 8.47
N MET A 121 0.42 6.61 7.60
CA MET A 121 -0.63 5.64 7.85
C MET A 121 -0.11 4.24 7.59
N GLY A 122 0.83 4.12 6.66
CA GLY A 122 1.41 2.82 6.32
C GLY A 122 2.04 2.16 7.54
N ILE A 123 2.93 2.88 8.21
CA ILE A 123 3.59 2.35 9.41
C ILE A 123 2.57 2.16 10.52
N TYR A 124 1.61 3.07 10.58
CA TYR A 124 0.57 2.98 11.58
C TYR A 124 -0.10 1.62 11.49
N ILE A 125 -0.43 1.24 10.26
CA ILE A 125 -1.08 -0.04 10.02
C ILE A 125 -0.09 -1.19 10.13
N SER A 126 1.10 -0.98 9.59
CA SER A 126 2.13 -2.03 9.61
C SER A 126 2.81 -2.15 10.97
N THR A 127 3.44 -1.07 11.42
CA THR A 127 4.15 -1.10 12.70
C THR A 127 3.26 -1.55 13.85
N LEU A 128 2.09 -0.96 13.99
CA LEU A 128 1.21 -1.37 15.10
C LEU A 128 0.71 -2.79 14.89
N LYS A 129 0.52 -3.19 13.64
CA LYS A 129 0.03 -4.53 13.35
C LYS A 129 1.18 -5.52 13.14
N THR A 130 2.41 -5.04 13.12
CA THR A 130 3.55 -5.91 12.91
C THR A 130 4.36 -6.06 14.21
N GLU A 131 3.67 -6.14 15.34
CA GLU A 131 4.33 -6.30 16.62
C GLU A 131 3.47 -7.13 17.58
N PHE A 132 2.26 -6.64 17.84
CA PHE A 132 1.35 -7.35 18.74
C PHE A 132 0.95 -8.71 18.17
N THR A 133 1.05 -8.86 16.85
CA THR A 133 0.68 -10.12 16.22
C THR A 133 1.81 -10.63 15.34
N GLN A 134 1.86 -11.94 15.13
CA GLN A 134 2.89 -12.56 14.30
C GLN A 134 2.27 -13.19 13.06
N GLY A 135 1.46 -12.42 12.35
CA GLY A 135 0.81 -12.92 11.14
C GLY A 135 1.84 -13.53 10.18
N MET A 136 3.02 -12.95 10.14
CA MET A 136 4.06 -13.44 9.26
C MET A 136 4.91 -14.49 9.98
N ILE A 137 4.76 -15.75 9.59
CA ILE A 137 5.50 -16.83 10.22
C ILE A 137 6.39 -17.54 9.19
N LEU A 138 7.50 -18.10 9.68
CA LEU A 138 8.42 -18.81 8.79
C LEU A 138 8.79 -20.17 9.39
N PRO A 139 7.94 -21.14 9.23
CA PRO A 139 8.16 -22.51 9.77
C PRO A 139 9.22 -23.27 8.97
N THR A 140 10.00 -24.09 9.66
CA THR A 140 11.04 -24.87 9.01
C THR A 140 10.95 -26.33 9.45
N MET A 141 11.40 -27.24 8.62
CA MET A 141 11.34 -28.65 8.95
C MET A 141 12.01 -29.49 7.86
N ASN A 142 12.55 -30.64 8.25
CA ASN A 142 13.22 -31.53 7.31
C ASN A 142 12.36 -32.76 7.04
N GLY A 143 12.32 -33.19 5.78
CA GLY A 143 11.54 -34.36 5.41
C GLY A 143 12.03 -35.60 6.14
N GLU A 144 11.10 -36.46 6.54
CA GLU A 144 11.45 -37.69 7.24
C GLU A 144 10.62 -38.84 6.70
N SER A 145 11.13 -40.05 6.84
CA SER A 145 10.42 -41.22 6.35
C SER A 145 10.09 -42.16 7.51
N VAL A 146 8.98 -42.88 7.39
CA VAL A 146 8.56 -43.82 8.43
C VAL A 146 8.24 -45.18 7.84
N ASP A 147 8.59 -46.22 8.58
CA ASP A 147 8.34 -47.59 8.13
C ASP A 147 6.85 -47.92 8.21
N PRO A 148 6.43 -48.93 7.49
CA PRO A 148 5.01 -49.37 7.47
C PRO A 148 4.46 -49.55 8.88
N VAL A 149 3.15 -49.38 9.03
CA VAL A 149 2.51 -49.54 10.33
C VAL A 149 1.26 -50.40 10.19
N GLY A 150 0.09 -49.77 10.37
CA GLY A 150 -1.16 -50.49 10.26
C GLY A 150 -1.61 -50.52 8.80
N GLN A 151 -1.58 -51.69 8.20
CA GLN A 151 -1.97 -51.83 6.80
C GLN A 151 -2.54 -53.23 6.54
N PRO A 152 -3.41 -53.37 5.58
CA PRO A 152 -4.02 -54.68 5.24
C PRO A 152 -2.96 -55.78 5.12
N ALA A 153 -2.55 -56.34 6.25
CA ALA A 153 -1.55 -57.38 6.25
C ALA A 153 -1.95 -58.51 7.20
N LEU A 154 -1.41 -59.70 6.95
CA LEU A 154 -1.72 -60.86 7.79
C LEU A 154 -0.67 -61.02 8.88
N LYS A 155 -1.10 -61.45 10.06
CA LYS A 155 -0.20 -61.65 11.17
C LYS A 155 -0.40 -63.03 11.79
N THR A 156 0.70 -63.74 12.00
CA THR A 156 0.64 -65.07 12.59
C THR A 156 1.50 -65.15 13.85
N GLU A 157 1.22 -66.15 14.69
CA GLU A 157 1.98 -66.31 15.92
C GLU A 157 2.83 -67.58 15.87
N GLU A 158 4.05 -67.50 16.37
CA GLU A 158 4.95 -68.65 16.38
C GLU A 158 5.28 -69.05 17.81
N ARG A 159 5.56 -70.35 18.00
CA ARG A 159 5.89 -70.84 19.33
C ARG A 159 7.08 -70.09 19.91
N LYS A 160 8.05 -69.78 19.06
CA LYS A 160 9.24 -69.06 19.50
C LYS A 160 9.58 -67.96 18.50
N ALA A 161 9.78 -66.74 19.00
CA ALA A 161 10.13 -65.62 18.14
C ALA A 161 10.89 -64.57 18.95
N LYS A 162 11.68 -63.77 18.26
CA LYS A 162 12.44 -62.73 18.93
C LYS A 162 12.21 -61.37 18.28
N PRO A 163 11.12 -60.73 18.58
CA PRO A 163 10.77 -59.41 18.00
C PRO A 163 11.62 -58.29 18.59
N ALA A 164 11.88 -57.26 17.78
CA ALA A 164 12.68 -56.13 18.23
C ALA A 164 11.84 -54.86 18.21
N PRO A 165 12.27 -53.85 18.93
CA PRO A 165 11.54 -52.55 19.00
C PRO A 165 11.18 -52.03 17.62
N SER A 166 9.92 -51.63 17.46
CA SER A 166 9.46 -51.11 16.18
C SER A 166 10.15 -49.79 15.86
N LYS A 167 10.54 -49.06 16.90
CA LYS A 167 11.21 -47.79 16.71
C LYS A 167 10.31 -46.83 15.93
N THR A 168 9.01 -46.96 16.15
CA THR A 168 8.04 -46.12 15.47
C THR A 168 7.12 -45.43 16.47
N GLN A 169 6.74 -44.19 16.18
CA GLN A 169 5.85 -43.45 17.07
C GLN A 169 4.40 -43.58 16.62
N ALA A 170 3.50 -43.75 17.57
CA ALA A 170 2.09 -43.90 17.25
C ALA A 170 1.32 -42.63 17.62
N ARG A 171 0.30 -42.32 16.84
CA ARG A 171 -0.51 -41.13 17.09
C ARG A 171 -1.99 -41.50 17.16
N PRO A 172 -2.43 -42.02 18.28
CA PRO A 172 -3.85 -42.42 18.49
C PRO A 172 -4.78 -41.21 18.58
N VAL A 173 -6.02 -41.39 18.14
CA VAL A 173 -7.00 -40.32 18.18
C VAL A 173 -8.28 -40.78 18.87
N GLY A 174 -9.04 -39.82 19.40
CA GLY A 174 -10.28 -40.14 20.09
C GLY A 174 -11.44 -40.25 19.12
N VAL A 175 -12.64 -40.45 19.66
CA VAL A 175 -13.83 -40.57 18.83
C VAL A 175 -14.92 -39.63 19.34
N LYS A 176 -15.88 -39.30 18.49
CA LYS A 176 -16.96 -38.41 18.89
C LYS A 176 -17.73 -39.03 20.04
N ILE A 177 -17.09 -39.10 21.20
CA ILE A 177 -17.70 -39.68 22.38
C ILE A 177 -18.11 -38.56 23.35
N PRO A 178 -19.26 -38.65 23.98
CA PRO A 178 -19.68 -37.62 24.96
C PRO A 178 -18.55 -37.34 25.93
N THR A 179 -18.55 -36.20 26.60
CA THR A 179 -17.49 -35.95 27.57
C THR A 179 -17.90 -34.90 28.59
N CYS A 180 -17.16 -34.88 29.71
CA CYS A 180 -17.45 -33.94 30.78
C CYS A 180 -16.18 -33.66 31.59
N LYS A 181 -16.31 -32.83 32.62
CA LYS A 181 -15.15 -32.49 33.45
C LYS A 181 -15.26 -33.11 34.84
N ILE A 182 -14.13 -33.59 35.35
CA ILE A 182 -14.09 -34.20 36.67
C ILE A 182 -13.03 -33.53 37.54
N THR A 183 -13.24 -32.25 37.81
CA THR A 183 -12.30 -31.49 38.64
C THR A 183 -12.51 -31.84 40.11
N LEU A 184 -11.45 -32.30 40.75
CA LEU A 184 -11.52 -32.65 42.15
C LEU A 184 -10.47 -31.88 42.96
N LYS A 185 -10.86 -31.43 44.15
CA LYS A 185 -9.93 -30.71 45.02
C LYS A 185 -9.94 -31.34 46.40
N GLU A 186 -9.03 -32.27 46.63
CA GLU A 186 -8.97 -32.96 47.92
C GLU A 186 -7.68 -32.62 48.67
N THR A 187 -7.78 -32.58 50.00
CA THR A 187 -6.61 -32.28 50.83
C THR A 187 -6.02 -33.58 51.38
N PHE A 188 -4.70 -33.68 51.37
CA PHE A 188 -4.03 -34.88 51.84
C PHE A 188 -3.25 -34.62 53.12
N LEU A 189 -3.35 -35.55 54.04
CA LEU A 189 -2.65 -35.45 55.31
C LEU A 189 -1.17 -35.73 55.13
N THR A 190 -0.69 -35.50 53.92
CA THR A 190 0.72 -35.72 53.60
C THR A 190 1.27 -34.55 52.80
N SER A 191 2.59 -34.47 52.74
CA SER A 191 3.24 -33.39 51.99
C SER A 191 3.10 -33.65 50.49
N PRO A 192 3.17 -32.63 49.67
CA PRO A 192 3.06 -32.80 48.19
C PRO A 192 4.10 -33.77 47.67
N GLU A 193 5.26 -33.76 48.31
CA GLU A 193 6.36 -34.66 47.94
C GLU A 193 5.93 -36.12 48.06
N GLU A 194 5.37 -36.47 49.20
CA GLU A 194 4.95 -37.85 49.47
C GLU A 194 3.83 -38.30 48.52
N LEU A 195 2.81 -37.46 48.36
CA LEU A 195 1.69 -37.80 47.48
C LEU A 195 2.17 -38.00 46.04
N TYR A 196 3.13 -37.18 45.65
CA TYR A 196 3.68 -37.22 44.31
C TYR A 196 4.18 -38.61 43.96
N ARG A 197 4.86 -39.23 44.91
CA ARG A 197 5.41 -40.58 44.70
C ARG A 197 4.29 -41.58 44.48
N VAL A 198 3.19 -41.38 45.20
CA VAL A 198 2.07 -42.30 45.11
C VAL A 198 1.53 -42.34 43.68
N PHE A 199 1.58 -41.19 43.03
CA PHE A 199 1.11 -41.10 41.66
C PHE A 199 2.24 -41.36 40.66
N THR A 200 3.47 -41.41 41.15
CA THR A 200 4.60 -41.63 40.26
C THR A 200 5.46 -42.80 40.72
N THR A 201 4.93 -43.65 41.59
CA THR A 201 5.67 -44.81 42.03
C THR A 201 4.79 -46.05 41.88
N GLN A 202 5.22 -46.94 40.99
CA GLN A 202 4.45 -48.15 40.69
C GLN A 202 4.08 -48.92 41.96
N GLU A 203 5.05 -49.14 42.82
CA GLU A 203 4.82 -49.88 44.06
C GLU A 203 3.72 -49.22 44.88
N LEU A 204 3.82 -47.92 45.02
CA LEU A 204 2.85 -47.16 45.79
C LEU A 204 1.47 -47.24 45.15
N VAL A 205 1.45 -47.27 43.83
CA VAL A 205 0.18 -47.38 43.12
C VAL A 205 -0.42 -48.73 43.41
N GLN A 206 0.44 -49.72 43.40
CA GLN A 206 0.04 -51.08 43.69
C GLN A 206 -0.42 -51.19 45.14
N ALA A 207 -0.07 -50.19 45.93
CA ALA A 207 -0.42 -50.18 47.34
C ALA A 207 -1.86 -49.74 47.56
N PHE A 208 -2.22 -48.56 47.08
CA PHE A 208 -3.57 -48.07 47.28
C PHE A 208 -4.55 -48.68 46.28
N THR A 209 -4.03 -49.35 45.26
CA THR A 209 -4.90 -49.99 44.27
C THR A 209 -5.25 -51.40 44.72
N HIS A 210 -4.59 -51.84 45.79
CA HIS A 210 -4.81 -53.18 46.31
C HIS A 210 -4.88 -54.17 45.17
N ALA A 211 -4.26 -53.80 44.07
CA ALA A 211 -4.23 -54.66 42.89
C ALA A 211 -2.91 -54.48 42.16
N PRO A 212 -2.68 -55.23 41.11
CA PRO A 212 -1.43 -55.13 40.32
C PRO A 212 -1.42 -53.86 39.49
N ALA A 213 -0.32 -53.14 39.56
CA ALA A 213 -0.21 -51.90 38.80
C ALA A 213 1.17 -51.78 38.15
N THR A 214 1.20 -51.06 37.05
CA THR A 214 2.43 -50.80 36.31
C THR A 214 2.57 -49.31 36.09
N LEU A 215 3.71 -48.75 36.47
CA LEU A 215 3.89 -47.32 36.33
C LEU A 215 5.29 -46.95 35.87
N GLU A 216 5.35 -46.03 34.90
CA GLU A 216 6.62 -45.57 34.34
C GLU A 216 6.78 -44.07 34.52
N ALA A 217 6.87 -43.62 35.75
CA ALA A 217 7.01 -42.19 36.01
C ALA A 217 8.00 -41.54 35.07
N ASP A 218 7.49 -41.09 33.92
CA ASP A 218 8.31 -40.43 32.92
C ASP A 218 7.41 -39.73 31.91
N ARG A 219 7.92 -38.69 31.25
CA ARG A 219 7.11 -38.00 30.26
C ARG A 219 6.77 -38.96 29.14
N GLY A 220 5.52 -39.34 29.11
CA GLY A 220 5.05 -40.30 28.13
C GLY A 220 5.02 -41.66 28.78
N GLY A 221 5.35 -41.66 30.06
CA GLY A 221 5.36 -42.89 30.83
C GLY A 221 4.01 -43.53 30.78
N LYS A 222 3.97 -44.85 30.76
CA LYS A 222 2.70 -45.55 30.71
C LYS A 222 2.35 -46.11 32.07
N PHE A 223 1.20 -45.72 32.57
CA PHE A 223 0.74 -46.23 33.84
C PHE A 223 -0.51 -47.05 33.67
N HIS A 224 -0.48 -48.22 34.27
CA HIS A 224 -1.55 -49.18 34.21
C HIS A 224 -1.88 -49.60 35.63
N MET A 225 -3.15 -49.59 36.00
CA MET A 225 -3.50 -49.92 37.38
C MET A 225 -4.82 -50.66 37.49
N VAL A 226 -5.22 -50.89 38.74
CA VAL A 226 -6.47 -51.58 39.04
C VAL A 226 -6.61 -52.82 38.16
N ASP A 227 -5.78 -53.82 38.43
CA ASP A 227 -5.82 -55.04 37.65
C ASP A 227 -5.80 -54.71 36.17
N GLY A 228 -5.11 -53.62 35.87
CA GLY A 228 -4.96 -53.15 34.51
C GLY A 228 -6.26 -52.58 33.95
N ASN A 229 -7.20 -52.28 34.82
CA ASN A 229 -8.47 -51.73 34.37
C ASN A 229 -8.33 -50.23 34.14
N VAL A 230 -7.23 -49.67 34.61
CA VAL A 230 -6.96 -48.25 34.43
C VAL A 230 -5.63 -48.09 33.71
N SER A 231 -5.63 -47.32 32.65
CA SER A 231 -4.39 -47.11 31.89
C SER A 231 -4.30 -45.69 31.37
N GLY A 232 -3.10 -45.28 31.02
CA GLY A 232 -2.88 -43.93 30.50
C GLY A 232 -1.39 -43.61 30.38
N GLU A 233 -1.09 -42.41 29.94
CA GLU A 233 0.29 -41.99 29.80
C GLU A 233 0.51 -40.66 30.49
N PHE A 234 1.75 -40.37 30.83
CA PHE A 234 2.07 -39.12 31.48
C PHE A 234 2.45 -38.09 30.45
N THR A 235 1.61 -37.08 30.30
CA THR A 235 1.89 -36.01 29.36
C THR A 235 2.85 -35.01 29.98
N ASP A 236 2.92 -35.02 31.32
CA ASP A 236 3.81 -34.13 32.03
C ASP A 236 4.04 -34.62 33.45
N LEU A 237 5.26 -34.39 33.93
CA LEU A 237 5.60 -34.78 35.29
C LEU A 237 6.54 -33.77 35.91
N VAL A 238 5.99 -32.88 36.71
CA VAL A 238 6.80 -31.87 37.37
C VAL A 238 7.05 -32.34 38.81
N PRO A 239 8.29 -32.45 39.24
CA PRO A 239 8.61 -32.95 40.61
C PRO A 239 7.75 -32.33 41.71
N GLU A 240 6.79 -33.12 42.21
CA GLU A 240 5.94 -32.67 43.31
C GLU A 240 5.24 -31.37 43.00
N LYS A 241 5.13 -31.03 41.73
CA LYS A 241 4.52 -29.78 41.35
C LYS A 241 3.30 -29.95 40.46
N HIS A 242 3.39 -30.82 39.46
CA HIS A 242 2.26 -30.96 38.54
C HIS A 242 2.42 -32.16 37.62
N ILE A 243 1.31 -32.81 37.35
CA ILE A 243 1.34 -33.98 36.48
C ILE A 243 0.20 -33.95 35.48
N VAL A 244 0.54 -34.08 34.21
CA VAL A 244 -0.47 -34.13 33.16
C VAL A 244 -0.44 -35.53 32.58
N MET A 245 -1.56 -36.21 32.63
CA MET A 245 -1.60 -37.57 32.11
C MET A 245 -2.93 -37.88 31.47
N LYS A 246 -2.88 -38.81 30.55
CA LYS A 246 -4.05 -39.28 29.85
C LYS A 246 -4.68 -40.36 30.71
N TRP A 247 -5.99 -40.47 30.74
CA TRP A 247 -6.61 -41.45 31.63
C TRP A 247 -7.82 -42.14 31.01
N ARG A 248 -8.05 -43.39 31.41
CA ARG A 248 -9.20 -44.14 30.91
C ARG A 248 -9.50 -45.38 31.75
N PHE A 249 -10.64 -45.98 31.46
CA PHE A 249 -11.07 -47.19 32.12
C PHE A 249 -11.02 -48.34 31.12
N LYS A 250 -11.00 -49.56 31.64
CA LYS A 250 -10.96 -50.74 30.78
C LYS A 250 -12.24 -50.85 29.96
N SER A 251 -13.28 -50.16 30.41
CA SER A 251 -14.56 -50.20 29.72
C SER A 251 -14.74 -49.05 28.76
N TRP A 252 -13.69 -48.24 28.60
CA TRP A 252 -13.77 -47.09 27.71
C TRP A 252 -13.41 -47.46 26.29
N PRO A 253 -13.89 -46.69 25.33
CA PRO A 253 -13.59 -46.96 23.90
C PRO A 253 -12.09 -46.95 23.64
N GLU A 254 -11.65 -47.73 22.67
CA GLU A 254 -10.23 -47.78 22.34
C GLU A 254 -9.78 -46.43 21.80
N GLY A 255 -8.73 -45.88 22.41
CA GLY A 255 -8.21 -44.59 21.97
C GLY A 255 -8.99 -43.44 22.62
N HIS A 256 -9.68 -43.74 23.71
CA HIS A 256 -10.47 -42.72 24.40
C HIS A 256 -9.94 -42.48 25.81
N PHE A 257 -9.36 -41.31 26.01
CA PHE A 257 -8.82 -40.96 27.31
C PHE A 257 -9.35 -39.63 27.77
N ALA A 258 -9.29 -39.42 29.07
CA ALA A 258 -9.71 -38.17 29.66
C ALA A 258 -8.48 -37.37 30.04
N THR A 259 -8.45 -36.09 29.68
CA THR A 259 -7.30 -35.28 30.02
C THR A 259 -7.29 -35.02 31.51
N ILE A 260 -6.30 -35.58 32.19
CA ILE A 260 -6.19 -35.40 33.63
C ILE A 260 -4.95 -34.61 33.99
N THR A 261 -5.14 -33.61 34.82
CA THR A 261 -4.02 -32.79 35.26
C THR A 261 -4.05 -32.65 36.76
N LEU A 262 -2.96 -33.04 37.40
CA LEU A 262 -2.85 -32.97 38.83
C LEU A 262 -1.83 -31.94 39.25
N THR A 263 -2.17 -31.18 40.28
CA THR A 263 -1.26 -30.16 40.79
C THR A 263 -1.00 -30.40 42.26
N PHE A 264 0.23 -30.17 42.68
CA PHE A 264 0.62 -30.40 44.06
C PHE A 264 0.85 -29.08 44.80
N ILE A 265 0.23 -28.99 45.96
CA ILE A 265 0.34 -27.79 46.78
C ILE A 265 0.67 -28.12 48.23
N ASP A 266 1.63 -27.40 48.77
CA ASP A 266 2.04 -27.58 50.15
C ASP A 266 1.21 -26.68 51.06
N LYS A 267 0.45 -27.32 51.95
CA LYS A 267 -0.41 -26.59 52.88
C LYS A 267 0.19 -26.51 54.26
N ASN A 268 1.47 -26.79 54.36
CA ASN A 268 2.16 -26.71 55.65
C ASN A 268 1.58 -27.71 56.63
N GLY A 269 1.61 -28.97 56.24
CA GLY A 269 1.09 -30.04 57.08
C GLY A 269 0.40 -31.06 56.21
N GLU A 270 -0.33 -30.56 55.22
CA GLU A 270 -1.04 -31.42 54.30
C GLU A 270 -0.86 -30.90 52.89
N THR A 271 -1.52 -31.54 51.92
CA THR A 271 -1.38 -31.11 50.53
C THR A 271 -2.73 -31.02 49.83
N GLU A 272 -2.89 -29.98 49.02
CA GLU A 272 -4.12 -29.80 48.26
C GLU A 272 -3.91 -30.21 46.82
N LEU A 273 -4.35 -31.41 46.46
CA LEU A 273 -4.20 -31.87 45.10
C LEU A 273 -5.33 -31.30 44.27
N CYS A 274 -5.01 -30.26 43.51
CA CYS A 274 -6.00 -29.61 42.67
C CYS A 274 -6.06 -30.31 41.31
N MET A 275 -7.09 -31.15 41.14
CA MET A 275 -7.24 -31.91 39.91
C MET A 275 -8.13 -31.20 38.89
N GLU A 276 -7.90 -31.51 37.62
CA GLU A 276 -8.68 -30.94 36.53
C GLU A 276 -8.83 -31.97 35.42
N GLY A 277 -9.83 -32.82 35.57
CA GLY A 277 -10.09 -33.88 34.59
C GLY A 277 -11.08 -33.44 33.53
N ARG A 278 -10.72 -33.65 32.26
CA ARG A 278 -11.57 -33.27 31.15
C ARG A 278 -11.55 -34.37 30.08
N GLY A 279 -12.67 -34.53 29.37
CA GLY A 279 -12.74 -35.54 28.31
C GLY A 279 -13.41 -36.82 28.80
N ILE A 280 -13.68 -36.86 30.10
CA ILE A 280 -14.32 -38.02 30.70
C ILE A 280 -15.67 -38.25 30.03
N PRO A 281 -15.91 -39.41 29.45
CA PRO A 281 -17.20 -39.68 28.79
C PRO A 281 -18.38 -39.42 29.70
N ALA A 282 -19.33 -38.65 29.19
CA ALA A 282 -20.52 -38.33 29.94
C ALA A 282 -21.19 -39.58 30.52
N PRO A 283 -21.36 -40.64 29.77
CA PRO A 283 -22.01 -41.87 30.29
C PRO A 283 -21.20 -42.45 31.44
N GLU A 284 -19.89 -42.32 31.32
CA GLU A 284 -18.98 -42.85 32.32
C GLU A 284 -18.62 -41.79 33.36
N GLU A 285 -19.13 -40.58 33.17
CA GLU A 285 -18.82 -39.49 34.09
C GLU A 285 -19.08 -39.88 35.53
N GLU A 286 -20.27 -40.36 35.81
CA GLU A 286 -20.59 -40.75 37.17
C GLU A 286 -19.60 -41.81 37.65
N ARG A 287 -19.30 -42.76 36.77
CA ARG A 287 -18.37 -43.84 37.11
C ARG A 287 -16.97 -43.30 37.39
N THR A 288 -16.43 -42.56 36.43
CA THR A 288 -15.07 -42.03 36.56
C THR A 288 -14.86 -41.36 37.92
N ARG A 289 -15.63 -40.32 38.19
CA ARG A 289 -15.48 -39.59 39.44
C ARG A 289 -15.62 -40.53 40.64
N GLN A 290 -16.61 -41.42 40.59
CA GLN A 290 -16.84 -42.35 41.68
C GLN A 290 -15.68 -43.33 41.82
N GLY A 291 -15.21 -43.84 40.69
CA GLY A 291 -14.11 -44.80 40.68
C GLY A 291 -12.78 -44.09 40.79
N TRP A 292 -12.82 -42.78 40.98
CA TRP A 292 -11.59 -42.02 41.10
C TRP A 292 -11.14 -41.93 42.55
N GLN A 293 -11.62 -40.93 43.27
CA GLN A 293 -11.25 -40.73 44.67
C GLN A 293 -11.23 -42.06 45.43
N ARG A 294 -12.27 -42.85 45.26
CA ARG A 294 -12.37 -44.14 45.94
C ARG A 294 -11.09 -44.96 45.74
N TYR A 295 -10.62 -45.01 44.49
CA TYR A 295 -9.41 -45.74 44.19
C TYR A 295 -8.20 -44.81 44.21
N TYR A 296 -8.46 -43.50 44.17
CA TYR A 296 -7.38 -42.53 44.16
C TYR A 296 -7.15 -41.93 45.54
N PHE A 297 -7.79 -40.80 45.78
CA PHE A 297 -7.65 -40.07 47.03
C PHE A 297 -8.16 -40.87 48.20
N GLU A 298 -9.46 -41.12 48.22
CA GLU A 298 -10.04 -41.88 49.30
C GLU A 298 -9.30 -43.20 49.47
N GLY A 299 -8.75 -43.72 48.38
CA GLY A 299 -7.99 -44.97 48.43
C GLY A 299 -6.65 -44.72 49.11
N ILE A 300 -5.87 -43.82 48.54
CA ILE A 300 -4.57 -43.49 49.10
C ILE A 300 -4.72 -43.06 50.54
N LYS A 301 -5.66 -42.13 50.76
CA LYS A 301 -5.92 -41.63 52.10
C LYS A 301 -6.20 -42.80 53.03
N GLN A 302 -6.78 -43.85 52.49
CA GLN A 302 -7.11 -45.03 53.26
C GLN A 302 -5.89 -45.92 53.43
N THR A 303 -5.31 -46.30 52.30
CA THR A 303 -4.14 -47.16 52.27
C THR A 303 -2.91 -46.51 52.91
N PHE A 304 -2.62 -45.29 52.50
CA PHE A 304 -1.46 -44.57 53.02
C PHE A 304 -1.79 -43.88 54.32
N GLY A 305 -3.05 -43.47 54.47
CA GLY A 305 -3.47 -42.81 55.69
C GLY A 305 -3.30 -41.31 55.57
N TYR A 306 -3.48 -40.80 54.36
CA TYR A 306 -3.33 -39.39 54.09
C TYR A 306 -4.67 -38.66 54.10
N GLY A 307 -5.65 -39.21 54.81
CA GLY A 307 -6.95 -38.56 54.89
C GLY A 307 -7.11 -37.79 56.21
N ALA A 308 -8.23 -37.11 56.36
CA ALA A 308 -8.50 -36.34 57.57
C ALA A 308 -9.66 -36.96 58.35
N THR A 1 -8.12 -9.19 24.96
CA THR A 1 -7.97 -7.74 24.97
C THR A 1 -6.62 -7.34 24.38
N GLU A 2 -6.65 -6.70 23.22
CA GLU A 2 -5.42 -6.27 22.57
C GLU A 2 -5.22 -4.76 22.75
N ARG A 3 -3.96 -4.34 22.83
CA ARG A 3 -3.65 -2.94 23.01
C ARG A 3 -3.08 -2.34 21.72
N ASP A 4 -3.39 -1.08 21.47
CA ASP A 4 -2.91 -0.40 20.28
C ASP A 4 -1.52 0.16 20.52
N ALA A 5 -0.53 -0.36 19.79
CA ALA A 5 0.84 0.13 19.94
C ALA A 5 0.93 1.57 19.48
N SER A 6 0.65 2.49 20.39
CA SER A 6 0.70 3.92 20.06
C SER A 6 2.14 4.42 20.06
N ASN A 7 3.02 3.70 20.73
CA ASN A 7 4.42 4.10 20.79
C ASN A 7 4.99 4.27 19.38
N TRP A 8 4.64 3.35 18.48
CA TRP A 8 5.12 3.42 17.12
C TRP A 8 4.44 4.55 16.36
N SER A 9 3.23 4.89 16.77
CA SER A 9 2.48 5.93 16.09
C SER A 9 3.19 7.28 16.21
N THR A 10 3.04 7.93 17.35
CA THR A 10 3.67 9.22 17.54
C THR A 10 5.14 9.16 17.12
N ASP A 11 5.84 8.16 17.62
CA ASP A 11 7.26 8.02 17.31
C ASP A 11 7.55 8.11 15.81
N LYS A 12 6.78 7.38 15.02
CA LYS A 12 6.97 7.39 13.58
C LYS A 12 6.32 8.60 12.94
N LEU A 13 5.01 8.76 13.17
CA LEU A 13 4.29 9.88 12.58
C LEU A 13 4.91 11.21 12.98
N LYS A 14 5.32 11.35 14.24
CA LYS A 14 5.92 12.60 14.69
C LYS A 14 7.22 12.84 13.94
N THR A 15 8.05 11.81 13.83
CA THR A 15 9.31 11.93 13.12
C THR A 15 9.06 12.14 11.65
N LEU A 16 8.21 11.27 11.10
CA LEU A 16 7.86 11.34 9.70
C LEU A 16 7.19 12.67 9.40
N PHE A 17 6.48 13.20 10.39
CA PHE A 17 5.80 14.48 10.22
C PHE A 17 6.82 15.61 10.27
N LEU A 18 7.77 15.49 11.20
CA LEU A 18 8.82 16.50 11.34
C LEU A 18 9.91 16.23 10.32
N ALA A 19 9.62 15.28 9.43
CA ALA A 19 10.56 14.92 8.38
C ALA A 19 10.08 15.45 7.04
N VAL A 20 9.07 16.30 7.08
CA VAL A 20 8.53 16.86 5.86
C VAL A 20 9.70 17.39 5.02
N GLN A 21 9.70 17.01 3.75
CA GLN A 21 10.79 17.41 2.87
C GLN A 21 10.42 18.53 1.93
N VAL A 22 11.40 19.36 1.65
CA VAL A 22 11.24 20.51 0.78
C VAL A 22 11.96 20.29 -0.56
N GLN A 23 11.41 20.91 -1.59
CA GLN A 23 11.98 20.85 -2.93
C GLN A 23 12.55 22.22 -3.27
N ASN A 24 12.04 22.82 -4.33
CA ASN A 24 12.50 24.15 -4.73
C ASN A 24 11.56 25.21 -4.18
N GLU A 25 12.02 26.46 -4.14
CA GLU A 25 11.20 27.55 -3.61
C GLU A 25 9.87 27.63 -4.36
N GLU A 26 9.85 27.13 -5.58
CA GLU A 26 8.64 27.16 -6.39
C GLU A 26 7.55 26.33 -5.73
N GLY A 27 7.97 25.29 -5.02
CA GLY A 27 7.04 24.42 -4.32
C GLY A 27 7.78 23.58 -3.28
N LYS A 28 8.22 24.24 -2.22
CA LYS A 28 8.95 23.56 -1.16
C LYS A 28 8.03 23.24 0.00
N CYS A 29 8.54 22.47 0.97
CA CYS A 29 7.74 22.10 2.13
C CYS A 29 8.63 21.83 3.33
N GLU A 30 8.31 22.42 4.47
CA GLU A 30 9.11 22.22 5.67
C GLU A 30 8.21 22.15 6.89
N VAL A 31 8.62 21.35 7.88
CA VAL A 31 7.85 21.23 9.11
C VAL A 31 8.39 22.19 10.16
N THR A 32 7.49 22.91 10.85
CA THR A 32 7.92 23.84 11.89
C THR A 32 7.76 23.22 13.26
N GLU A 33 6.74 22.39 13.43
CA GLU A 33 6.49 21.74 14.71
C GLU A 33 5.30 20.79 14.60
N VAL A 34 5.42 19.64 15.26
CA VAL A 34 4.36 18.65 15.25
C VAL A 34 4.00 18.24 16.67
N SER A 35 2.70 18.18 16.96
CA SER A 35 2.26 17.79 18.29
C SER A 35 2.31 16.28 18.45
N LYS A 36 1.25 15.62 18.00
CA LYS A 36 1.14 14.17 18.08
C LYS A 36 -0.33 13.81 17.93
N LEU A 37 -0.60 12.63 17.39
CA LEU A 37 -1.98 12.21 17.21
C LEU A 37 -2.66 12.09 18.56
N ASP A 38 -3.52 13.04 18.88
CA ASP A 38 -4.22 13.02 20.15
C ASP A 38 -5.59 12.41 19.92
N GLY A 39 -5.78 11.19 20.41
CA GLY A 39 -7.06 10.54 20.21
C GLY A 39 -7.18 9.22 20.94
N GLU A 40 -8.31 8.54 20.70
CA GLU A 40 -8.55 7.25 21.34
C GLU A 40 -8.44 6.13 20.32
N ALA A 41 -7.29 5.46 20.31
CA ALA A 41 -7.06 4.35 19.40
C ALA A 41 -7.13 3.02 20.13
N SER A 42 -7.74 2.04 19.50
CA SER A 42 -7.87 0.72 20.11
C SER A 42 -8.05 -0.36 19.05
N ILE A 43 -7.35 -1.48 19.24
CA ILE A 43 -7.44 -2.60 18.31
C ILE A 43 -7.89 -3.84 19.06
N ASN A 44 -8.53 -4.77 18.37
CA ASN A 44 -9.01 -5.99 19.03
C ASN A 44 -8.48 -7.24 18.34
N ASN A 45 -8.85 -8.38 18.91
CA ASN A 45 -8.45 -9.71 18.45
C ASN A 45 -7.46 -9.67 17.29
N ARG A 46 -6.34 -10.34 17.50
CA ARG A 46 -5.28 -10.38 16.51
C ARG A 46 -5.13 -11.78 15.94
N LYS A 47 -4.14 -11.93 15.06
CA LYS A 47 -3.88 -13.20 14.43
C LYS A 47 -4.95 -13.54 13.40
N GLY A 48 -5.51 -12.52 12.77
CA GLY A 48 -6.54 -12.72 11.75
C GLY A 48 -7.76 -11.85 11.99
N LYS A 49 -7.95 -11.41 13.22
CA LYS A 49 -9.10 -10.56 13.54
C LYS A 49 -8.66 -9.14 13.88
N LEU A 50 -7.54 -8.72 13.30
CA LEU A 50 -7.02 -7.38 13.58
C LEU A 50 -7.99 -6.30 13.13
N ILE A 51 -8.54 -5.58 14.10
CA ILE A 51 -9.45 -4.49 13.79
C ILE A 51 -8.93 -3.20 14.42
N PHE A 52 -9.21 -2.06 13.78
CA PHE A 52 -8.72 -0.79 14.28
C PHE A 52 -9.83 0.20 14.57
N PHE A 53 -9.85 0.71 15.81
CA PHE A 53 -10.85 1.69 16.21
C PHE A 53 -10.17 2.98 16.67
N TYR A 54 -10.42 4.08 15.97
CA TYR A 54 -9.82 5.37 16.33
C TYR A 54 -10.82 6.50 16.13
N GLU A 55 -10.78 7.49 17.02
CA GLU A 55 -11.69 8.62 16.91
C GLU A 55 -11.13 9.85 17.63
N TRP A 56 -10.68 10.84 16.84
CA TRP A 56 -10.13 12.10 17.36
C TRP A 56 -9.39 12.87 16.27
N SER A 57 -8.46 13.74 16.67
CA SER A 57 -7.73 14.55 15.69
C SER A 57 -6.25 14.75 16.05
N VAL A 58 -5.46 15.05 15.03
CA VAL A 58 -4.03 15.32 15.21
C VAL A 58 -3.72 16.76 14.79
N LYS A 59 -2.75 17.40 15.42
CA LYS A 59 -2.44 18.79 15.11
C LYS A 59 -0.94 19.02 14.86
N LEU A 60 -0.64 19.62 13.70
CA LEU A 60 0.73 19.94 13.34
C LEU A 60 0.76 21.19 12.46
N ASN A 61 1.96 21.64 12.08
CA ASN A 61 2.10 22.83 11.24
C ASN A 61 3.34 22.74 10.36
N TRP A 62 3.34 23.50 9.26
CA TRP A 62 4.47 23.50 8.34
C TRP A 62 4.68 24.88 7.71
N THR A 63 5.84 25.06 7.07
CA THR A 63 6.15 26.31 6.40
C THR A 63 6.46 26.07 4.94
N GLY A 64 6.08 27.00 4.09
CA GLY A 64 6.32 26.86 2.66
C GLY A 64 6.76 28.17 2.03
N THR A 65 7.78 28.09 1.18
CA THR A 65 8.29 29.28 0.49
C THR A 65 7.87 29.24 -0.96
N SER A 66 7.54 30.39 -1.51
CA SER A 66 7.12 30.47 -2.90
C SER A 66 8.16 31.17 -3.76
N LYS A 67 8.17 30.83 -5.04
CA LYS A 67 9.12 31.44 -5.95
C LYS A 67 9.00 32.96 -5.89
N SER A 68 7.79 33.44 -5.54
CA SER A 68 7.56 34.86 -5.42
C SER A 68 8.45 35.45 -4.34
N GLY A 69 8.84 34.60 -3.39
CA GLY A 69 9.70 35.04 -2.29
C GLY A 69 8.91 35.21 -1.01
N VAL A 70 7.77 34.53 -0.91
CA VAL A 70 6.94 34.64 0.28
C VAL A 70 6.90 33.33 1.06
N GLN A 71 7.06 33.43 2.38
CA GLN A 71 7.01 32.27 3.25
C GLN A 71 5.78 32.38 4.14
N TYR A 72 5.14 31.26 4.42
CA TYR A 72 3.97 31.29 5.26
C TYR A 72 3.87 30.01 6.06
N LYS A 73 3.41 30.14 7.29
CA LYS A 73 3.27 28.98 8.15
C LYS A 73 1.80 28.67 8.37
N GLY A 74 1.34 27.58 7.78
CA GLY A 74 -0.05 27.18 7.89
C GLY A 74 -0.24 26.11 8.95
N HIS A 75 -1.49 25.73 9.18
CA HIS A 75 -1.80 24.71 10.17
C HIS A 75 -2.67 23.61 9.56
N VAL A 76 -2.41 22.37 9.99
CA VAL A 76 -3.16 21.23 9.49
C VAL A 76 -3.72 20.41 10.65
N GLU A 77 -4.99 20.03 10.54
CA GLU A 77 -5.63 19.24 11.59
C GLU A 77 -6.65 18.28 10.99
N ILE A 78 -6.50 16.99 11.28
CA ILE A 78 -7.46 16.02 10.76
C ILE A 78 -8.55 15.78 11.82
N PRO A 79 -9.80 16.08 11.51
CA PRO A 79 -10.91 15.92 12.49
C PRO A 79 -11.06 14.51 13.05
N ASN A 80 -12.29 14.21 13.49
CA ASN A 80 -12.62 12.91 14.09
C ASN A 80 -12.54 11.75 13.10
N LEU A 81 -11.61 11.82 12.15
CA LEU A 81 -11.49 10.73 11.20
C LEU A 81 -11.06 9.47 11.93
N SER A 82 -11.77 8.38 11.67
CA SER A 82 -11.46 7.11 12.34
C SER A 82 -10.75 6.14 11.40
N ASP A 83 -9.88 5.33 11.97
CA ASP A 83 -9.13 4.36 11.20
C ASP A 83 -9.98 3.13 10.88
N GLU A 84 -11.26 3.20 11.24
CA GLU A 84 -12.18 2.10 10.98
C GLU A 84 -12.34 1.92 9.47
N ASN A 85 -12.00 2.96 8.75
CA ASN A 85 -12.09 2.95 7.29
C ASN A 85 -10.71 3.19 6.69
N SER A 86 -10.63 3.21 5.36
CA SER A 86 -9.35 3.45 4.69
C SER A 86 -8.69 4.69 5.28
N VAL A 87 -7.45 4.51 5.75
CA VAL A 87 -6.71 5.62 6.35
C VAL A 87 -6.41 6.70 5.30
N ASP A 88 -6.07 6.28 4.10
CA ASP A 88 -5.73 7.22 3.04
C ASP A 88 -6.90 8.16 2.74
N GLU A 89 -8.12 7.68 2.94
CA GLU A 89 -9.31 8.49 2.67
C GLU A 89 -9.52 9.51 3.79
N VAL A 90 -8.69 9.46 4.82
CA VAL A 90 -8.83 10.39 5.93
C VAL A 90 -8.72 11.83 5.45
N GLU A 91 -9.63 12.68 5.93
CA GLU A 91 -9.62 14.07 5.54
C GLU A 91 -8.63 14.85 6.39
N ILE A 92 -7.63 15.40 5.72
CA ILE A 92 -6.62 16.19 6.41
C ILE A 92 -6.82 17.67 6.11
N SER A 93 -7.07 18.45 7.15
CA SER A 93 -7.28 19.88 6.99
C SER A 93 -5.97 20.58 6.66
N VAL A 94 -6.03 21.52 5.74
CA VAL A 94 -4.84 22.27 5.34
C VAL A 94 -5.13 23.77 5.34
N SER A 95 -4.23 24.53 5.95
CA SER A 95 -4.40 25.99 6.01
C SER A 95 -3.09 26.66 5.66
N LEU A 96 -2.60 26.40 4.46
CA LEU A 96 -1.35 26.98 4.00
C LEU A 96 -1.48 27.53 2.59
N ALA A 97 -0.78 28.62 2.33
CA ALA A 97 -0.79 29.24 1.02
C ALA A 97 -2.14 29.86 0.71
N LYS A 98 -3.19 29.36 1.36
CA LYS A 98 -4.53 29.86 1.13
C LYS A 98 -4.59 31.37 1.39
N ASP A 99 -3.82 31.82 2.37
CA ASP A 99 -3.81 33.23 2.72
C ASP A 99 -2.71 34.00 1.96
N GLU A 100 -1.76 33.27 1.39
CA GLU A 100 -0.66 33.92 0.67
C GLU A 100 -0.66 33.54 -0.82
N PRO A 101 -0.09 34.39 -1.65
CA PRO A 101 0.00 34.14 -3.12
C PRO A 101 0.68 32.83 -3.45
N ASP A 102 1.20 32.15 -2.43
CA ASP A 102 1.90 30.89 -2.63
C ASP A 102 0.97 29.85 -3.25
N THR A 103 -0.27 29.82 -2.78
CA THR A 103 -1.29 28.88 -3.28
C THR A 103 -0.70 27.64 -3.94
N ASN A 104 -0.20 27.79 -5.17
CA ASN A 104 0.36 26.66 -5.89
C ASN A 104 1.23 25.81 -4.96
N LEU A 105 1.87 26.46 -4.01
CA LEU A 105 2.73 25.76 -3.07
C LEU A 105 1.96 24.66 -2.33
N VAL A 106 0.77 25.00 -1.83
CA VAL A 106 -0.02 24.01 -1.11
C VAL A 106 -0.40 22.85 -2.03
N ALA A 107 -0.55 23.16 -3.32
CA ALA A 107 -0.89 22.13 -4.29
C ALA A 107 0.11 20.98 -4.21
N LEU A 108 1.39 21.34 -4.21
CA LEU A 108 2.44 20.33 -4.12
C LEU A 108 2.36 19.59 -2.79
N MET A 109 2.13 20.34 -1.71
CA MET A 109 2.03 19.72 -0.40
C MET A 109 0.91 18.69 -0.40
N LYS A 110 -0.15 18.98 -1.13
CA LYS A 110 -1.26 18.06 -1.22
C LYS A 110 -0.79 16.79 -1.91
N GLU A 111 0.26 16.92 -2.72
CA GLU A 111 0.80 15.78 -3.45
C GLU A 111 2.13 15.32 -2.84
N GLU A 112 2.61 16.07 -1.86
CA GLU A 112 3.88 15.75 -1.22
C GLU A 112 3.80 15.89 0.30
N GLY A 113 3.13 16.93 0.75
CA GLY A 113 2.97 17.16 2.19
C GLY A 113 1.93 16.21 2.74
N VAL A 114 0.68 16.44 2.37
CA VAL A 114 -0.39 15.59 2.82
C VAL A 114 -0.06 14.15 2.40
N LYS A 115 0.48 14.04 1.20
CA LYS A 115 0.88 12.76 0.67
C LYS A 115 1.85 12.07 1.63
N LEU A 116 2.85 12.80 2.09
CA LEU A 116 3.81 12.21 3.02
C LEU A 116 3.05 11.49 4.12
N LEU A 117 1.94 12.08 4.56
CA LEU A 117 1.14 11.46 5.59
C LEU A 117 0.69 10.09 5.09
N ARG A 118 0.43 10.00 3.79
CA ARG A 118 0.03 8.73 3.23
C ARG A 118 1.06 7.70 3.65
N GLU A 119 2.32 8.12 3.63
CA GLU A 119 3.39 7.24 4.06
C GLU A 119 3.14 6.85 5.50
N ALA A 120 2.50 7.76 6.24
CA ALA A 120 2.17 7.47 7.64
C ALA A 120 1.32 6.22 7.70
N MET A 121 0.44 6.07 6.72
CA MET A 121 -0.42 4.90 6.68
C MET A 121 0.41 3.65 6.53
N GLY A 122 1.53 3.76 5.80
CA GLY A 122 2.41 2.63 5.59
C GLY A 122 2.92 2.06 6.92
N ILE A 123 3.52 2.93 7.73
CA ILE A 123 4.06 2.51 9.03
C ILE A 123 2.95 2.31 10.06
N TYR A 124 1.94 3.17 10.00
CA TYR A 124 0.84 3.09 10.94
C TYR A 124 0.19 1.72 10.87
N ILE A 125 -0.03 1.24 9.66
CA ILE A 125 -0.64 -0.07 9.47
C ILE A 125 0.37 -1.17 9.70
N SER A 126 1.52 -1.02 9.05
CA SER A 126 2.58 -2.02 9.15
C SER A 126 3.21 -2.10 10.53
N THR A 127 3.71 -0.98 11.03
CA THR A 127 4.38 -0.98 12.32
C THR A 127 3.41 -1.29 13.46
N LEU A 128 2.25 -0.65 13.46
CA LEU A 128 1.29 -0.91 14.54
C LEU A 128 1.01 -2.40 14.63
N LYS A 129 1.00 -3.07 13.48
CA LYS A 129 0.73 -4.50 13.44
C LYS A 129 2.02 -5.31 13.31
N THR A 130 3.15 -4.71 13.70
CA THR A 130 4.44 -5.38 13.62
C THR A 130 4.47 -6.62 14.51
N GLU A 131 5.37 -6.58 15.49
CA GLU A 131 5.56 -7.67 16.42
C GLU A 131 4.30 -7.96 17.23
N PHE A 132 3.50 -6.94 17.45
CA PHE A 132 2.26 -7.12 18.21
C PHE A 132 1.40 -8.23 17.62
N THR A 133 1.39 -8.33 16.30
CA THR A 133 0.60 -9.37 15.63
C THR A 133 1.32 -9.88 14.38
N GLN A 134 1.00 -11.11 13.98
CA GLN A 134 1.62 -11.70 12.80
C GLN A 134 0.55 -12.27 11.88
N GLY A 135 0.88 -12.41 10.60
CA GLY A 135 -0.06 -12.96 9.63
C GLY A 135 0.36 -12.63 8.21
N MET A 136 0.87 -13.63 7.49
CA MET A 136 1.30 -13.43 6.12
C MET A 136 0.22 -13.92 5.16
N ILE A 137 -0.37 -12.98 4.42
CA ILE A 137 -1.41 -13.32 3.47
C ILE A 137 -0.97 -13.02 2.04
N LEU A 138 -1.50 -13.79 1.10
CA LEU A 138 -1.17 -13.60 -0.32
C LEU A 138 -2.42 -13.56 -1.17
N PRO A 139 -3.08 -12.44 -1.23
CA PRO A 139 -4.34 -12.28 -2.02
C PRO A 139 -4.06 -12.32 -3.53
N THR A 140 -4.99 -12.91 -4.27
CA THR A 140 -4.85 -13.00 -5.72
C THR A 140 -6.14 -12.56 -6.39
N MET A 141 -6.05 -12.14 -7.64
CA MET A 141 -7.23 -11.69 -8.36
C MET A 141 -6.89 -11.35 -9.80
N ASN A 142 -7.87 -11.54 -10.69
CA ASN A 142 -7.66 -11.26 -12.11
C ASN A 142 -8.39 -9.98 -12.52
N GLY A 143 -7.80 -9.23 -13.44
CA GLY A 143 -8.41 -7.99 -13.92
C GLY A 143 -9.84 -8.23 -14.38
N GLU A 144 -10.10 -9.42 -14.91
CA GLU A 144 -11.42 -9.78 -15.38
C GLU A 144 -11.87 -11.08 -14.73
N SER A 145 -13.12 -11.14 -14.32
CA SER A 145 -13.62 -12.34 -13.67
C SER A 145 -14.75 -12.96 -14.52
N VAL A 146 -14.93 -14.26 -14.36
CA VAL A 146 -15.97 -14.97 -15.10
C VAL A 146 -16.80 -15.85 -14.17
N ASP A 147 -18.09 -15.95 -14.45
CA ASP A 147 -18.98 -16.76 -13.63
C ASP A 147 -19.18 -18.13 -14.25
N PRO A 148 -19.61 -19.09 -13.47
CA PRO A 148 -19.84 -20.48 -13.95
C PRO A 148 -20.71 -20.51 -15.20
N VAL A 149 -20.42 -21.44 -16.10
CA VAL A 149 -21.17 -21.57 -17.33
C VAL A 149 -21.61 -23.02 -17.51
N GLY A 150 -21.48 -23.54 -18.72
CA GLY A 150 -21.86 -24.92 -18.97
C GLY A 150 -20.68 -25.83 -18.62
N GLN A 151 -20.82 -26.59 -17.55
CA GLN A 151 -19.76 -27.47 -17.11
C GLN A 151 -20.32 -28.86 -16.77
N PRO A 152 -20.61 -29.64 -17.77
CA PRO A 152 -21.17 -31.01 -17.60
C PRO A 152 -20.09 -32.00 -17.15
N ALA A 153 -19.39 -31.67 -16.08
CA ALA A 153 -18.34 -32.54 -15.55
C ALA A 153 -18.26 -32.45 -14.04
N LEU A 154 -17.85 -33.53 -13.39
CA LEU A 154 -17.74 -33.56 -11.94
C LEU A 154 -16.27 -33.47 -11.52
N LYS A 155 -16.00 -32.72 -10.46
CA LYS A 155 -14.64 -32.56 -9.97
C LYS A 155 -14.38 -33.54 -8.82
N THR A 156 -13.18 -34.10 -8.79
CA THR A 156 -12.81 -35.04 -7.74
C THR A 156 -11.54 -34.59 -7.02
N GLU A 157 -11.33 -35.11 -5.82
CA GLU A 157 -10.16 -34.75 -5.04
C GLU A 157 -9.19 -35.93 -4.95
N GLU A 158 -7.91 -35.65 -5.05
CA GLU A 158 -6.89 -36.69 -4.97
C GLU A 158 -5.99 -36.48 -3.76
N ARG A 159 -5.50 -37.57 -3.19
CA ARG A 159 -4.62 -37.49 -2.03
C ARG A 159 -3.41 -36.64 -2.33
N LYS A 160 -2.87 -36.78 -3.54
CA LYS A 160 -1.70 -36.02 -3.95
C LYS A 160 -1.95 -35.34 -5.29
N ALA A 161 -1.32 -34.19 -5.50
CA ALA A 161 -1.47 -33.45 -6.73
C ALA A 161 -0.21 -32.67 -7.04
N LYS A 162 0.08 -32.46 -8.31
CA LYS A 162 1.26 -31.73 -8.71
C LYS A 162 0.90 -30.64 -9.71
N PRO A 163 1.72 -29.61 -9.83
CA PRO A 163 1.48 -28.50 -10.77
C PRO A 163 1.17 -29.00 -12.17
N ALA A 164 0.29 -28.29 -12.88
CA ALA A 164 -0.09 -28.68 -14.23
C ALA A 164 1.11 -28.56 -15.18
N PRO A 165 1.11 -29.31 -16.25
CA PRO A 165 2.22 -29.29 -17.25
C PRO A 165 2.58 -27.87 -17.66
N SER A 166 3.86 -27.64 -17.92
CA SER A 166 4.32 -26.32 -18.34
C SER A 166 5.08 -26.40 -19.66
N LYS A 167 5.10 -25.31 -20.40
CA LYS A 167 5.79 -25.28 -21.68
C LYS A 167 7.20 -24.71 -21.52
N THR A 168 8.17 -25.31 -22.20
CA THR A 168 9.54 -24.85 -22.14
C THR A 168 9.72 -23.55 -22.91
N GLN A 169 8.74 -23.21 -23.73
CA GLN A 169 8.79 -21.98 -24.52
C GLN A 169 7.83 -20.94 -23.98
N ALA A 170 8.14 -19.68 -24.23
CA ALA A 170 7.29 -18.58 -23.76
C ALA A 170 6.40 -18.08 -24.89
N ARG A 171 5.21 -17.59 -24.52
CA ARG A 171 4.27 -17.09 -25.51
C ARG A 171 4.87 -15.91 -26.28
N PRO A 172 4.39 -15.67 -27.47
CA PRO A 172 4.90 -14.55 -28.32
C PRO A 172 4.90 -13.22 -27.57
N VAL A 173 5.82 -12.33 -27.94
CA VAL A 173 5.91 -11.03 -27.30
C VAL A 173 5.90 -9.92 -28.36
N GLY A 174 5.49 -8.73 -27.94
CA GLY A 174 5.43 -7.59 -28.86
C GLY A 174 6.76 -6.88 -28.94
N VAL A 175 6.83 -5.85 -29.79
CA VAL A 175 8.05 -5.08 -29.96
C VAL A 175 7.74 -3.59 -29.81
N LYS A 176 8.76 -2.80 -29.49
CA LYS A 176 8.57 -1.36 -29.34
C LYS A 176 8.16 -0.78 -30.68
N ILE A 177 6.98 -1.16 -31.13
CA ILE A 177 6.47 -0.69 -32.41
C ILE A 177 5.40 0.38 -32.19
N PRO A 178 5.35 1.42 -33.00
CA PRO A 178 4.31 2.47 -32.86
C PRO A 178 2.96 1.82 -32.73
N THR A 179 1.97 2.53 -32.19
CA THR A 179 0.63 1.93 -32.10
C THR A 179 -0.45 3.01 -31.95
N CYS A 180 -1.68 2.61 -32.23
CA CYS A 180 -2.81 3.53 -32.14
C CYS A 180 -4.10 2.75 -31.89
N LYS A 181 -5.22 3.47 -31.79
CA LYS A 181 -6.50 2.83 -31.55
C LYS A 181 -7.36 2.80 -32.80
N ILE A 182 -8.07 1.68 -33.01
CA ILE A 182 -8.93 1.53 -34.18
C ILE A 182 -10.34 1.12 -33.74
N THR A 183 -10.99 2.00 -33.01
CA THR A 183 -12.35 1.73 -32.54
C THR A 183 -13.36 2.00 -33.65
N LEU A 184 -14.19 1.00 -33.93
CA LEU A 184 -15.19 1.12 -34.98
C LEU A 184 -16.57 0.72 -34.44
N LYS A 185 -17.61 1.41 -34.88
CA LYS A 185 -18.96 1.10 -34.44
C LYS A 185 -19.90 1.01 -35.63
N GLU A 186 -20.25 -0.22 -36.01
CA GLU A 186 -21.14 -0.42 -37.17
C GLU A 186 -22.39 -1.19 -36.78
N THR A 187 -23.50 -0.85 -37.45
CA THR A 187 -24.77 -1.53 -37.19
C THR A 187 -24.97 -2.63 -38.22
N PHE A 188 -25.43 -3.79 -37.78
CA PHE A 188 -25.65 -4.91 -38.68
C PHE A 188 -27.12 -5.26 -38.80
N LEU A 189 -27.53 -5.51 -40.04
CA LEU A 189 -28.90 -5.87 -40.31
C LEU A 189 -29.18 -7.31 -39.88
N THR A 190 -28.43 -7.75 -38.88
CA THR A 190 -28.58 -9.11 -38.37
C THR A 190 -28.58 -9.10 -36.84
N SER A 191 -29.03 -10.19 -36.26
CA SER A 191 -29.05 -10.29 -34.80
C SER A 191 -27.64 -10.52 -34.28
N PRO A 192 -27.35 -10.12 -33.06
CA PRO A 192 -26.00 -10.29 -32.48
C PRO A 192 -25.54 -11.75 -32.50
N GLU A 193 -26.48 -12.65 -32.33
CA GLU A 193 -26.18 -14.08 -32.34
C GLU A 193 -25.64 -14.52 -33.69
N GLU A 194 -26.24 -14.01 -34.76
CA GLU A 194 -25.82 -14.37 -36.12
C GLU A 194 -24.43 -13.81 -36.44
N LEU A 195 -24.24 -12.53 -36.15
CA LEU A 195 -22.95 -11.87 -36.42
C LEU A 195 -21.84 -12.57 -35.66
N TYR A 196 -22.17 -13.01 -34.46
CA TYR A 196 -21.22 -13.69 -33.58
C TYR A 196 -20.57 -14.88 -34.29
N ARG A 197 -21.41 -15.65 -34.99
CA ARG A 197 -20.93 -16.82 -35.70
C ARG A 197 -19.95 -16.43 -36.80
N VAL A 198 -20.24 -15.30 -37.44
CA VAL A 198 -19.41 -14.83 -38.53
C VAL A 198 -17.99 -14.59 -38.03
N PHE A 199 -17.87 -14.15 -36.80
CA PHE A 199 -16.58 -13.89 -36.20
C PHE A 199 -16.04 -15.11 -35.47
N THR A 200 -16.89 -16.13 -35.29
CA THR A 200 -16.45 -17.32 -34.58
C THR A 200 -16.70 -18.59 -35.39
N THR A 201 -16.97 -18.45 -36.69
CA THR A 201 -17.19 -19.62 -37.52
C THR A 201 -16.29 -19.53 -38.75
N GLN A 202 -15.36 -20.47 -38.86
CA GLN A 202 -14.40 -20.49 -39.96
C GLN A 202 -15.08 -20.40 -41.33
N GLU A 203 -16.08 -21.23 -41.53
CA GLU A 203 -16.80 -21.24 -42.81
C GLU A 203 -17.33 -19.86 -43.14
N LEU A 204 -17.95 -19.24 -42.15
CA LEU A 204 -18.52 -17.92 -42.32
C LEU A 204 -17.44 -16.90 -42.60
N VAL A 205 -16.29 -17.07 -41.96
CA VAL A 205 -15.18 -16.15 -42.19
C VAL A 205 -14.70 -16.31 -43.62
N GLN A 206 -14.63 -17.55 -44.03
CA GLN A 206 -14.22 -17.87 -45.38
C GLN A 206 -15.24 -17.33 -46.38
N ALA A 207 -16.42 -17.01 -45.87
CA ALA A 207 -17.49 -16.50 -46.72
C ALA A 207 -17.30 -15.03 -47.06
N PHE A 208 -17.18 -14.18 -46.04
CA PHE A 208 -17.02 -12.76 -46.29
C PHE A 208 -15.58 -12.40 -46.66
N THR A 209 -14.66 -13.34 -46.48
CA THR A 209 -13.26 -13.08 -46.83
C THR A 209 -13.00 -13.47 -48.27
N HIS A 210 -14.00 -14.11 -48.87
CA HIS A 210 -13.87 -14.56 -50.25
C HIS A 210 -12.51 -15.19 -50.47
N ALA A 211 -11.93 -15.66 -49.39
CA ALA A 211 -10.62 -16.30 -49.44
C ALA A 211 -10.57 -17.43 -48.41
N PRO A 212 -9.49 -18.16 -48.38
CA PRO A 212 -9.32 -19.28 -47.42
C PRO A 212 -9.08 -18.75 -46.02
N ALA A 213 -9.82 -19.29 -45.07
CA ALA A 213 -9.67 -18.85 -43.69
C ALA A 213 -9.69 -20.03 -42.73
N THR A 214 -8.99 -19.86 -41.62
CA THR A 214 -8.92 -20.87 -40.57
C THR A 214 -9.35 -20.22 -39.26
N LEU A 215 -10.32 -20.80 -38.60
CA LEU A 215 -10.79 -20.20 -37.36
C LEU A 215 -11.09 -21.21 -36.27
N GLU A 216 -10.61 -20.88 -35.07
CA GLU A 216 -10.82 -21.70 -33.90
C GLU A 216 -11.58 -20.88 -32.87
N ALA A 217 -12.84 -21.21 -32.66
CA ALA A 217 -13.64 -20.45 -31.70
C ALA A 217 -13.46 -21.01 -30.30
N ASP A 218 -12.40 -20.54 -29.65
CA ASP A 218 -12.08 -20.97 -28.31
C ASP A 218 -11.13 -19.97 -27.67
N ARG A 219 -11.11 -19.89 -26.35
CA ARG A 219 -10.21 -18.96 -25.69
C ARG A 219 -8.78 -19.32 -26.02
N GLY A 220 -8.19 -18.48 -26.83
CA GLY A 220 -6.83 -18.71 -27.28
C GLY A 220 -6.88 -19.33 -28.66
N GLY A 221 -8.10 -19.44 -29.18
CA GLY A 221 -8.31 -20.01 -30.50
C GLY A 221 -7.55 -19.19 -31.50
N LYS A 222 -7.01 -19.85 -32.51
CA LYS A 222 -6.24 -19.13 -33.52
C LYS A 222 -7.05 -18.95 -34.80
N PHE A 223 -7.18 -17.70 -35.21
CA PHE A 223 -7.91 -17.41 -36.43
C PHE A 223 -6.97 -16.82 -37.46
N HIS A 224 -7.06 -17.38 -38.64
CA HIS A 224 -6.24 -16.98 -39.76
C HIS A 224 -7.18 -16.71 -40.94
N MET A 225 -7.00 -15.59 -41.62
CA MET A 225 -7.93 -15.28 -42.71
C MET A 225 -7.25 -14.55 -43.86
N VAL A 226 -8.08 -14.17 -44.84
CA VAL A 226 -7.61 -13.47 -46.02
C VAL A 226 -6.35 -14.12 -46.58
N ASP A 227 -6.52 -15.30 -47.16
CA ASP A 227 -5.40 -16.03 -47.72
C ASP A 227 -4.28 -16.09 -46.69
N GLY A 228 -4.68 -16.14 -45.44
CA GLY A 228 -3.76 -16.22 -44.32
C GLY A 228 -3.00 -14.92 -44.11
N ASN A 229 -3.49 -13.83 -44.70
CA ASN A 229 -2.82 -12.56 -44.55
C ASN A 229 -3.24 -11.89 -43.24
N VAL A 230 -4.24 -12.48 -42.60
CA VAL A 230 -4.73 -11.98 -41.32
C VAL A 230 -4.67 -13.11 -40.30
N SER A 231 -4.11 -12.83 -39.14
CA SER A 231 -4.00 -13.85 -38.10
C SER A 231 -4.14 -13.25 -36.71
N GLY A 232 -4.41 -14.12 -35.74
CA GLY A 232 -4.56 -13.65 -34.37
C GLY A 232 -5.12 -14.75 -33.47
N GLU A 233 -5.38 -14.39 -32.22
CA GLU A 233 -5.92 -15.34 -31.26
C GLU A 233 -7.08 -14.74 -30.50
N PHE A 234 -7.93 -15.60 -29.96
CA PHE A 234 -9.05 -15.14 -29.19
C PHE A 234 -8.70 -15.09 -27.71
N THR A 235 -8.67 -13.89 -27.16
CA THR A 235 -8.36 -13.73 -25.75
C THR A 235 -9.62 -13.97 -24.92
N ASP A 236 -10.77 -13.77 -25.55
CA ASP A 236 -12.05 -13.98 -24.88
C ASP A 236 -13.15 -14.24 -25.88
N LEU A 237 -14.10 -15.08 -25.51
CA LEU A 237 -15.21 -15.38 -26.37
C LEU A 237 -16.47 -15.58 -25.55
N VAL A 238 -17.29 -14.54 -25.48
CA VAL A 238 -18.52 -14.61 -24.74
C VAL A 238 -19.66 -14.88 -25.73
N PRO A 239 -20.44 -15.93 -25.55
CA PRO A 239 -21.53 -16.28 -26.52
C PRO A 239 -22.38 -15.08 -26.95
N GLU A 240 -22.14 -14.61 -28.18
CA GLU A 240 -22.92 -13.51 -28.74
C GLU A 240 -22.91 -12.29 -27.85
N LYS A 241 -21.93 -12.18 -26.98
CA LYS A 241 -21.86 -11.06 -26.07
C LYS A 241 -20.60 -10.23 -26.21
N HIS A 242 -19.45 -10.88 -26.33
CA HIS A 242 -18.21 -10.13 -26.40
C HIS A 242 -17.02 -11.02 -26.76
N ILE A 243 -16.13 -10.46 -27.57
CA ILE A 243 -14.95 -11.20 -27.98
C ILE A 243 -13.69 -10.35 -27.87
N VAL A 244 -12.70 -10.89 -27.19
CA VAL A 244 -11.41 -10.21 -27.08
C VAL A 244 -10.42 -11.03 -27.86
N MET A 245 -9.76 -10.40 -28.83
CA MET A 245 -8.81 -11.13 -29.65
C MET A 245 -7.64 -10.26 -30.05
N LYS A 246 -6.56 -10.94 -30.40
CA LYS A 246 -5.36 -10.28 -30.87
C LYS A 246 -5.41 -10.30 -32.39
N TRP A 247 -4.87 -9.29 -33.06
CA TRP A 247 -5.00 -9.22 -34.51
C TRP A 247 -3.75 -8.68 -35.20
N ARG A 248 -3.55 -9.10 -36.46
CA ARG A 248 -2.41 -8.61 -37.23
C ARG A 248 -2.57 -8.84 -38.73
N PHE A 249 -1.63 -8.26 -39.47
CA PHE A 249 -1.59 -8.39 -40.92
C PHE A 249 -0.35 -9.18 -41.30
N LYS A 250 -0.35 -9.72 -42.50
CA LYS A 250 0.79 -10.49 -42.98
C LYS A 250 2.02 -9.59 -43.14
N SER A 251 1.77 -8.29 -43.18
CA SER A 251 2.86 -7.33 -43.35
C SER A 251 3.33 -6.77 -42.02
N TRP A 252 2.78 -7.27 -40.92
CA TRP A 252 3.14 -6.80 -39.60
C TRP A 252 4.37 -7.53 -39.06
N PRO A 253 5.09 -6.90 -38.16
CA PRO A 253 6.29 -7.53 -37.56
C PRO A 253 5.93 -8.85 -36.87
N GLU A 254 6.87 -9.79 -36.87
CA GLU A 254 6.62 -11.07 -36.23
C GLU A 254 6.42 -10.88 -34.74
N GLY A 255 5.30 -11.39 -34.22
CA GLY A 255 5.00 -11.26 -32.80
C GLY A 255 4.33 -9.93 -32.50
N HIS A 256 3.77 -9.29 -33.53
CA HIS A 256 3.11 -8.01 -33.34
C HIS A 256 1.63 -8.08 -33.68
N PHE A 257 0.80 -7.96 -32.67
CA PHE A 257 -0.63 -7.99 -32.86
C PHE A 257 -1.29 -6.80 -32.20
N ALA A 258 -2.53 -6.58 -32.57
CA ALA A 258 -3.31 -5.50 -32.01
C ALA A 258 -4.40 -6.06 -31.11
N THR A 259 -4.61 -5.43 -29.96
CA THR A 259 -5.63 -5.91 -29.05
C THR A 259 -6.99 -5.44 -29.55
N ILE A 260 -7.81 -6.38 -29.97
CA ILE A 260 -9.14 -6.04 -30.48
C ILE A 260 -10.24 -6.64 -29.62
N THR A 261 -11.26 -5.84 -29.35
CA THR A 261 -12.37 -6.30 -28.55
C THR A 261 -13.69 -5.96 -29.24
N LEU A 262 -14.49 -6.99 -29.45
CA LEU A 262 -15.78 -6.84 -30.09
C LEU A 262 -16.91 -7.08 -29.11
N THR A 263 -17.94 -6.25 -29.18
CA THR A 263 -19.09 -6.40 -28.30
C THR A 263 -20.35 -6.51 -29.12
N PHE A 264 -21.27 -7.36 -28.67
CA PHE A 264 -22.51 -7.58 -29.40
C PHE A 264 -23.70 -6.96 -28.68
N ILE A 265 -24.50 -6.22 -29.45
CA ILE A 265 -25.66 -5.54 -28.90
C ILE A 265 -26.93 -5.78 -29.70
N ASP A 266 -27.99 -6.03 -28.97
CA ASP A 266 -29.29 -6.27 -29.56
C ASP A 266 -30.02 -4.95 -29.79
N LYS A 267 -30.27 -4.62 -31.05
CA LYS A 267 -30.94 -3.38 -31.40
C LYS A 267 -32.38 -3.62 -31.83
N ASN A 268 -32.89 -4.81 -31.55
CA ASN A 268 -34.26 -5.13 -31.89
C ASN A 268 -34.49 -5.08 -33.40
N GLY A 269 -33.70 -5.87 -34.12
CA GLY A 269 -33.81 -5.92 -35.57
C GLY A 269 -32.42 -6.01 -36.17
N GLU A 270 -31.51 -5.27 -35.59
CA GLU A 270 -30.14 -5.27 -36.06
C GLU A 270 -29.18 -5.35 -34.88
N THR A 271 -27.89 -5.25 -35.14
CA THR A 271 -26.91 -5.35 -34.08
C THR A 271 -25.84 -4.27 -34.18
N GLU A 272 -25.46 -3.71 -33.04
CA GLU A 272 -24.42 -2.70 -33.01
C GLU A 272 -23.14 -3.32 -32.47
N LEU A 273 -22.19 -3.54 -33.35
CA LEU A 273 -20.91 -4.13 -32.94
C LEU A 273 -19.98 -3.04 -32.48
N CYS A 274 -19.57 -3.12 -31.22
CA CYS A 274 -18.67 -2.14 -30.66
C CYS A 274 -17.24 -2.67 -30.69
N MET A 275 -16.46 -2.13 -31.60
CA MET A 275 -15.06 -2.54 -31.78
C MET A 275 -14.10 -1.58 -31.08
N GLU A 276 -13.20 -2.15 -30.30
CA GLU A 276 -12.20 -1.36 -29.61
C GLU A 276 -10.81 -1.89 -29.92
N GLY A 277 -10.27 -1.43 -31.03
CA GLY A 277 -8.96 -1.87 -31.48
C GLY A 277 -7.84 -1.02 -30.89
N ARG A 278 -6.84 -1.70 -30.32
CA ARG A 278 -5.70 -1.02 -29.73
C ARG A 278 -4.41 -1.80 -30.00
N GLY A 279 -3.31 -1.08 -30.19
CA GLY A 279 -2.02 -1.74 -30.45
C GLY A 279 -1.70 -1.75 -31.93
N ILE A 280 -2.65 -1.32 -32.75
CA ILE A 280 -2.47 -1.27 -34.18
C ILE A 280 -1.29 -0.36 -34.50
N PRO A 281 -0.28 -0.83 -35.20
CA PRO A 281 0.89 0.00 -35.53
C PRO A 281 0.48 1.29 -36.22
N ALA A 282 1.01 2.39 -35.71
CA ALA A 282 0.72 3.70 -36.27
C ALA A 282 0.94 3.71 -37.78
N PRO A 283 2.05 3.19 -38.29
CA PRO A 283 2.30 3.21 -39.75
C PRO A 283 1.23 2.43 -40.50
N GLU A 284 0.75 1.37 -39.86
CA GLU A 284 -0.26 0.52 -40.46
C GLU A 284 -1.66 0.92 -40.01
N GLU A 285 -1.74 1.94 -39.17
CA GLU A 285 -3.04 2.39 -38.67
C GLU A 285 -4.02 2.65 -39.79
N GLU A 286 -3.63 3.46 -40.76
CA GLU A 286 -4.53 3.75 -41.85
C GLU A 286 -4.93 2.45 -42.56
N ARG A 287 -3.97 1.57 -42.75
CA ARG A 287 -4.23 0.29 -43.41
C ARG A 287 -5.19 -0.58 -42.62
N THR A 288 -4.86 -0.84 -41.37
CA THR A 288 -5.68 -1.69 -40.52
C THR A 288 -7.15 -1.30 -40.57
N ARG A 289 -7.43 -0.04 -40.25
CA ARG A 289 -8.80 0.42 -40.24
C ARG A 289 -9.46 0.26 -41.61
N GLN A 290 -8.72 0.63 -42.66
CA GLN A 290 -9.25 0.54 -44.01
C GLN A 290 -9.47 -0.92 -44.41
N GLY A 291 -8.50 -1.77 -44.06
CA GLY A 291 -8.59 -3.19 -44.39
C GLY A 291 -9.46 -3.93 -43.38
N TRP A 292 -10.11 -3.18 -42.50
CA TRP A 292 -10.96 -3.81 -41.50
C TRP A 292 -12.40 -3.91 -41.98
N GLN A 293 -13.20 -2.87 -41.75
CA GLN A 293 -14.60 -2.87 -42.16
C GLN A 293 -14.77 -3.44 -43.57
N ARG A 294 -13.93 -2.99 -44.50
CA ARG A 294 -14.00 -3.46 -45.87
C ARG A 294 -14.04 -4.98 -45.92
N TYR A 295 -13.15 -5.61 -45.16
CA TYR A 295 -13.10 -7.07 -45.13
C TYR A 295 -13.93 -7.59 -43.96
N TYR A 296 -14.24 -6.72 -43.02
CA TYR A 296 -15.01 -7.12 -41.84
C TYR A 296 -16.49 -6.79 -41.98
N PHE A 297 -16.85 -5.62 -41.47
CA PHE A 297 -18.23 -5.18 -41.48
C PHE A 297 -18.75 -4.96 -42.89
N GLU A 298 -18.13 -4.04 -43.59
CA GLU A 298 -18.56 -3.77 -44.95
C GLU A 298 -18.53 -5.04 -45.78
N GLY A 299 -17.63 -5.95 -45.42
CA GLY A 299 -17.53 -7.23 -46.13
C GLY A 299 -18.71 -8.13 -45.76
N ILE A 300 -18.86 -8.39 -44.46
CA ILE A 300 -19.96 -9.23 -44.01
C ILE A 300 -21.29 -8.64 -44.45
N LYS A 301 -21.45 -7.34 -44.21
CA LYS A 301 -22.66 -6.65 -44.60
C LYS A 301 -22.94 -6.87 -46.07
N GLN A 302 -21.86 -7.05 -46.83
CA GLN A 302 -21.95 -7.29 -48.25
C GLN A 302 -22.21 -8.76 -48.55
N THR A 303 -21.31 -9.60 -48.07
CA THR A 303 -21.39 -11.04 -48.28
C THR A 303 -22.63 -11.66 -47.63
N PHE A 304 -22.84 -11.34 -46.37
CA PHE A 304 -23.98 -11.88 -45.63
C PHE A 304 -25.23 -11.06 -45.89
N GLY A 305 -25.03 -9.78 -46.15
CA GLY A 305 -26.15 -8.90 -46.42
C GLY A 305 -26.68 -8.30 -45.13
N TYR A 306 -25.77 -8.07 -44.20
CA TYR A 306 -26.11 -7.51 -42.91
C TYR A 306 -25.91 -6.00 -42.87
N GLY A 307 -26.00 -5.35 -44.03
CA GLY A 307 -25.85 -3.91 -44.09
C GLY A 307 -27.19 -3.22 -44.29
N ALA A 308 -27.18 -1.89 -44.25
CA ALA A 308 -28.42 -1.12 -44.44
C ALA A 308 -28.39 -0.40 -45.78
N THR A 1 -9.96 -7.69 25.68
CA THR A 1 -9.53 -6.33 25.39
C THR A 1 -8.07 -6.29 25.02
N GLU A 2 -7.77 -5.86 23.80
CA GLU A 2 -6.40 -5.77 23.33
C GLU A 2 -5.92 -4.33 23.31
N ARG A 3 -4.63 -4.13 23.57
CA ARG A 3 -4.07 -2.79 23.58
C ARG A 3 -3.41 -2.46 22.25
N ASP A 4 -3.70 -1.28 21.72
CA ASP A 4 -3.13 -0.85 20.45
C ASP A 4 -1.78 -0.17 20.67
N ALA A 5 -0.74 -0.71 20.05
CA ALA A 5 0.58 -0.14 20.19
C ALA A 5 0.62 1.27 19.59
N SER A 6 0.26 2.26 20.40
CA SER A 6 0.25 3.64 19.96
C SER A 6 1.66 4.24 20.02
N ASN A 7 2.54 3.62 20.79
CA ASN A 7 3.90 4.11 20.93
C ASN A 7 4.56 4.25 19.56
N TRP A 8 4.32 3.28 18.69
CA TRP A 8 4.89 3.33 17.35
C TRP A 8 4.24 4.44 16.54
N SER A 9 2.99 4.74 16.85
CA SER A 9 2.26 5.77 16.13
C SER A 9 2.93 7.12 16.26
N THR A 10 2.71 7.80 17.38
CA THR A 10 3.31 9.09 17.59
C THR A 10 4.79 9.07 17.23
N ASP A 11 5.49 8.08 17.72
CA ASP A 11 6.93 7.96 17.46
C ASP A 11 7.26 8.08 15.98
N LYS A 12 6.53 7.37 15.14
CA LYS A 12 6.79 7.41 13.71
C LYS A 12 6.08 8.59 13.06
N LEU A 13 4.77 8.70 13.27
CA LEU A 13 4.01 9.79 12.68
C LEU A 13 4.61 11.14 13.07
N LYS A 14 5.05 11.28 14.32
CA LYS A 14 5.64 12.53 14.76
C LYS A 14 6.94 12.78 14.02
N THR A 15 7.75 11.73 13.91
CA THR A 15 9.02 11.83 13.21
C THR A 15 8.80 12.10 11.74
N LEU A 16 7.97 11.26 11.13
CA LEU A 16 7.65 11.40 9.72
C LEU A 16 6.98 12.75 9.47
N PHE A 17 6.25 13.23 10.47
CA PHE A 17 5.58 14.51 10.35
C PHE A 17 6.61 15.63 10.37
N LEU A 18 7.60 15.50 11.24
CA LEU A 18 8.67 16.48 11.34
C LEU A 18 9.70 16.18 10.27
N ALA A 19 9.35 15.25 9.39
CA ALA A 19 10.22 14.85 8.30
C ALA A 19 9.72 15.43 7.00
N VAL A 20 8.74 16.32 7.10
CA VAL A 20 8.18 16.93 5.90
C VAL A 20 9.34 17.37 5.01
N GLN A 21 9.27 17.01 3.75
CA GLN A 21 10.34 17.34 2.82
C GLN A 21 10.00 18.51 1.92
N VAL A 22 11.03 19.26 1.58
CA VAL A 22 10.90 20.41 0.73
C VAL A 22 11.51 20.16 -0.65
N GLN A 23 10.86 20.70 -1.66
CA GLN A 23 11.33 20.58 -3.04
C GLN A 23 12.00 21.90 -3.43
N ASN A 24 11.46 22.54 -4.47
CA ASN A 24 12.00 23.81 -4.92
C ASN A 24 11.20 24.96 -4.30
N GLU A 25 11.76 26.16 -4.34
CA GLU A 25 11.06 27.31 -3.77
C GLU A 25 9.66 27.42 -4.36
N GLU A 26 9.50 26.92 -5.58
CA GLU A 26 8.21 26.95 -6.24
C GLU A 26 7.17 26.20 -5.42
N GLY A 27 7.56 25.02 -4.96
CA GLY A 27 6.68 24.18 -4.16
C GLY A 27 7.48 23.45 -3.10
N LYS A 28 7.98 24.20 -2.12
CA LYS A 28 8.78 23.61 -1.05
C LYS A 28 7.92 23.35 0.17
N CYS A 29 8.44 22.55 1.09
CA CYS A 29 7.70 22.22 2.30
C CYS A 29 8.65 21.87 3.45
N GLU A 30 8.50 22.56 4.56
CA GLU A 30 9.34 22.30 5.73
C GLU A 30 8.49 22.33 7.00
N VAL A 31 8.75 21.41 7.92
CA VAL A 31 7.99 21.36 9.17
C VAL A 31 8.59 22.28 10.23
N THR A 32 7.74 22.96 10.97
CA THR A 32 8.20 23.85 12.02
C THR A 32 7.99 23.20 13.39
N GLU A 33 6.91 22.44 13.54
CA GLU A 33 6.62 21.78 14.80
C GLU A 33 5.41 20.87 14.68
N VAL A 34 5.49 19.71 15.30
CA VAL A 34 4.38 18.75 15.27
C VAL A 34 4.01 18.31 16.67
N SER A 35 2.71 18.27 16.95
CA SER A 35 2.26 17.85 18.26
C SER A 35 2.30 16.33 18.36
N LYS A 36 1.16 15.70 18.03
CA LYS A 36 1.03 14.24 18.05
C LYS A 36 -0.45 13.87 18.06
N LEU A 37 -0.78 12.70 17.51
CA LEU A 37 -2.18 12.26 17.46
C LEU A 37 -2.75 12.15 18.88
N ASP A 38 -3.54 13.14 19.26
CA ASP A 38 -4.14 13.15 20.59
C ASP A 38 -5.55 12.60 20.54
N GLY A 39 -5.75 11.47 21.18
CA GLY A 39 -7.07 10.85 21.20
C GLY A 39 -6.99 9.41 21.70
N GLU A 40 -8.06 8.65 21.48
CA GLU A 40 -8.09 7.26 21.92
C GLU A 40 -8.05 6.31 20.72
N ALA A 41 -7.18 5.31 20.80
CA ALA A 41 -7.06 4.33 19.74
C ALA A 41 -7.09 2.92 20.33
N SER A 42 -7.76 1.99 19.66
CA SER A 42 -7.84 0.62 20.18
C SER A 42 -8.14 -0.40 19.08
N ILE A 43 -7.53 -1.58 19.22
CA ILE A 43 -7.74 -2.69 18.28
C ILE A 43 -8.26 -3.90 19.04
N ASN A 44 -8.99 -4.77 18.36
CA ASN A 44 -9.54 -5.95 19.02
C ASN A 44 -8.87 -7.23 18.53
N ASN A 45 -9.21 -8.32 19.22
CA ASN A 45 -8.70 -9.69 18.96
C ASN A 45 -7.64 -9.74 17.87
N ARG A 46 -6.57 -10.46 18.18
CA ARG A 46 -5.45 -10.64 17.26
C ARG A 46 -5.36 -12.07 16.76
N LYS A 47 -4.37 -12.31 15.92
CA LYS A 47 -4.12 -13.65 15.37
C LYS A 47 -5.19 -14.08 14.37
N GLY A 48 -5.76 -13.12 13.64
CA GLY A 48 -6.76 -13.45 12.63
C GLY A 48 -8.02 -12.61 12.78
N LYS A 49 -8.25 -12.10 13.98
CA LYS A 49 -9.43 -11.27 14.22
C LYS A 49 -9.02 -9.83 14.44
N LEU A 50 -7.96 -9.42 13.76
CA LEU A 50 -7.46 -8.06 13.90
C LEU A 50 -8.42 -7.05 13.30
N ILE A 51 -8.99 -6.21 14.16
CA ILE A 51 -9.89 -5.17 13.70
C ILE A 51 -9.38 -3.82 14.17
N PHE A 52 -9.61 -2.78 13.39
CA PHE A 52 -9.11 -1.46 13.75
C PHE A 52 -10.23 -0.47 14.04
N PHE A 53 -10.11 0.21 15.17
CA PHE A 53 -11.09 1.22 15.56
C PHE A 53 -10.40 2.33 16.38
N TYR A 54 -10.31 3.52 15.81
CA TYR A 54 -9.67 4.63 16.50
C TYR A 54 -10.46 5.92 16.34
N GLU A 55 -10.15 6.91 17.18
CA GLU A 55 -10.81 8.20 17.14
C GLU A 55 -9.91 9.28 17.72
N TRP A 56 -9.03 9.85 16.88
CA TRP A 56 -8.12 10.89 17.36
C TRP A 56 -7.92 11.98 16.31
N SER A 57 -7.34 13.09 16.75
CA SER A 57 -7.06 14.20 15.85
C SER A 57 -5.61 14.64 16.07
N VAL A 58 -4.96 15.03 14.99
CA VAL A 58 -3.56 15.46 15.09
C VAL A 58 -3.41 16.89 14.59
N LYS A 59 -2.57 17.67 15.25
CA LYS A 59 -2.39 19.07 14.87
C LYS A 59 -0.91 19.41 14.69
N LEU A 60 -0.56 19.91 13.51
CA LEU A 60 0.82 20.28 13.23
C LEU A 60 0.86 21.56 12.39
N ASN A 61 2.07 22.02 12.08
CA ASN A 61 2.24 23.23 11.28
C ASN A 61 3.48 23.14 10.40
N TRP A 62 3.46 23.85 9.27
CA TRP A 62 4.61 23.84 8.36
C TRP A 62 4.78 25.20 7.68
N THR A 63 5.91 25.36 6.99
CA THR A 63 6.19 26.61 6.27
C THR A 63 6.42 26.33 4.80
N GLY A 64 5.98 27.26 3.96
CA GLY A 64 6.15 27.12 2.53
C GLY A 64 6.69 28.41 1.91
N THR A 65 7.75 28.29 1.11
CA THR A 65 8.33 29.47 0.46
C THR A 65 8.01 29.47 -1.02
N SER A 66 7.84 30.66 -1.58
CA SER A 66 7.52 30.78 -3.01
C SER A 66 8.59 31.58 -3.74
N LYS A 67 8.78 31.29 -5.02
CA LYS A 67 9.77 32.01 -5.81
C LYS A 67 9.50 33.51 -5.75
N SER A 68 8.25 33.87 -5.52
CA SER A 68 7.88 35.27 -5.42
C SER A 68 8.65 35.93 -4.29
N GLY A 69 9.07 35.11 -3.33
CA GLY A 69 9.83 35.59 -2.19
C GLY A 69 8.95 35.67 -0.94
N VAL A 70 7.84 34.93 -0.95
CA VAL A 70 6.94 34.94 0.19
C VAL A 70 6.93 33.62 0.94
N GLN A 71 7.06 33.72 2.25
CA GLN A 71 7.03 32.55 3.11
C GLN A 71 5.82 32.66 4.03
N TYR A 72 5.16 31.54 4.29
CA TYR A 72 4.00 31.57 5.14
C TYR A 72 3.91 30.29 5.94
N LYS A 73 3.41 30.40 7.16
CA LYS A 73 3.28 29.25 8.01
C LYS A 73 1.81 28.92 8.19
N GLY A 74 1.38 27.81 7.59
CA GLY A 74 0.00 27.39 7.67
C GLY A 74 -0.21 26.35 8.76
N HIS A 75 -1.48 25.95 8.93
CA HIS A 75 -1.82 24.96 9.94
C HIS A 75 -2.58 23.80 9.30
N VAL A 76 -2.40 22.60 9.85
CA VAL A 76 -3.06 21.41 9.35
C VAL A 76 -3.57 20.57 10.50
N GLU A 77 -4.81 20.11 10.40
CA GLU A 77 -5.38 19.31 11.47
C GLU A 77 -6.46 18.37 10.95
N ILE A 78 -6.36 17.09 11.29
CA ILE A 78 -7.35 16.11 10.86
C ILE A 78 -8.22 15.72 12.06
N PRO A 79 -9.53 15.90 11.99
CA PRO A 79 -10.42 15.56 13.13
C PRO A 79 -10.30 14.09 13.56
N ASN A 80 -11.39 13.57 14.14
CA ASN A 80 -11.42 12.20 14.64
C ASN A 80 -11.48 11.16 13.53
N LEU A 81 -10.84 11.44 12.40
CA LEU A 81 -10.85 10.49 11.29
C LEU A 81 -10.42 9.12 11.79
N SER A 82 -11.10 8.09 11.31
CA SER A 82 -10.78 6.73 11.72
C SER A 82 -10.16 5.95 10.56
N ASP A 83 -9.12 5.18 10.87
CA ASP A 83 -8.43 4.39 9.86
C ASP A 83 -9.20 3.11 9.55
N GLU A 84 -10.38 2.96 10.15
CA GLU A 84 -11.20 1.78 9.91
C GLU A 84 -11.49 1.68 8.41
N ASN A 85 -11.44 2.84 7.77
CA ASN A 85 -11.67 2.93 6.33
C ASN A 85 -10.34 3.21 5.64
N SER A 86 -10.38 3.44 4.33
CA SER A 86 -9.15 3.72 3.62
C SER A 86 -8.37 4.80 4.37
N VAL A 87 -7.22 4.42 4.90
CA VAL A 87 -6.39 5.35 5.67
C VAL A 87 -5.91 6.51 4.81
N ASP A 88 -5.56 6.23 3.57
CA ASP A 88 -5.08 7.27 2.67
C ASP A 88 -6.15 8.31 2.37
N GLU A 89 -7.41 7.88 2.39
CA GLU A 89 -8.51 8.81 2.11
C GLU A 89 -8.82 9.68 3.32
N VAL A 90 -8.09 9.45 4.41
CA VAL A 90 -8.32 10.24 5.62
C VAL A 90 -8.37 11.72 5.30
N GLU A 91 -9.39 12.39 5.82
CA GLU A 91 -9.56 13.81 5.58
C GLU A 91 -8.57 14.63 6.39
N ILE A 92 -7.70 15.32 5.68
CA ILE A 92 -6.70 16.17 6.31
C ILE A 92 -6.99 17.63 5.99
N SER A 93 -6.94 18.48 7.00
CA SER A 93 -7.21 19.90 6.80
C SER A 93 -5.90 20.65 6.58
N VAL A 94 -5.91 21.61 5.67
CA VAL A 94 -4.70 22.38 5.38
C VAL A 94 -5.03 23.87 5.33
N SER A 95 -4.06 24.69 5.68
CA SER A 95 -4.23 26.14 5.65
C SER A 95 -2.91 26.83 5.36
N LEU A 96 -2.34 26.52 4.20
CA LEU A 96 -1.08 27.12 3.80
C LEU A 96 -1.16 27.69 2.40
N ALA A 97 -0.40 28.75 2.18
CA ALA A 97 -0.35 29.40 0.88
C ALA A 97 -1.68 30.03 0.51
N LYS A 98 -2.78 29.51 1.04
CA LYS A 98 -4.09 30.05 0.73
C LYS A 98 -4.15 31.53 1.09
N ASP A 99 -3.51 31.88 2.20
CA ASP A 99 -3.49 33.26 2.67
C ASP A 99 -2.51 34.13 1.87
N GLU A 100 -1.43 33.51 1.38
CA GLU A 100 -0.43 34.27 0.63
C GLU A 100 -0.45 33.90 -0.86
N PRO A 101 0.03 34.78 -1.70
CA PRO A 101 0.10 34.56 -3.18
C PRO A 101 0.71 33.21 -3.54
N ASP A 102 1.28 32.53 -2.56
CA ASP A 102 1.92 31.24 -2.81
C ASP A 102 0.91 30.22 -3.32
N THR A 103 -0.28 30.21 -2.70
CA THR A 103 -1.36 29.30 -3.08
C THR A 103 -0.87 28.03 -3.78
N ASN A 104 -0.51 28.16 -5.06
CA ASN A 104 -0.04 27.00 -5.81
C ASN A 104 0.91 26.16 -4.99
N LEU A 105 1.68 26.80 -4.13
CA LEU A 105 2.64 26.10 -3.29
C LEU A 105 1.96 24.98 -2.51
N VAL A 106 0.87 25.30 -1.82
CA VAL A 106 0.16 24.29 -1.04
C VAL A 106 -0.41 23.22 -1.95
N ALA A 107 -0.75 23.59 -3.18
CA ALA A 107 -1.30 22.63 -4.12
C ALA A 107 -0.38 21.42 -4.21
N LEU A 108 0.91 21.69 -4.32
CA LEU A 108 1.89 20.60 -4.40
C LEU A 108 1.90 19.83 -3.08
N MET A 109 1.86 20.56 -1.97
CA MET A 109 1.85 19.94 -0.66
C MET A 109 0.67 18.99 -0.54
N LYS A 110 -0.41 19.35 -1.18
CA LYS A 110 -1.61 18.53 -1.16
C LYS A 110 -1.37 17.25 -1.94
N GLU A 111 -0.40 17.31 -2.87
CA GLU A 111 -0.08 16.13 -3.69
C GLU A 111 1.27 15.56 -3.31
N GLU A 112 1.93 16.20 -2.35
CA GLU A 112 3.24 15.76 -1.92
C GLU A 112 3.37 15.83 -0.40
N GLY A 113 2.79 16.85 0.20
CA GLY A 113 2.85 17.02 1.66
C GLY A 113 1.88 16.06 2.34
N VAL A 114 0.59 16.30 2.15
CA VAL A 114 -0.40 15.43 2.74
C VAL A 114 -0.13 14.01 2.27
N LYS A 115 0.54 13.92 1.13
CA LYS A 115 0.91 12.64 0.56
C LYS A 115 1.83 11.90 1.53
N LEU A 116 2.80 12.62 2.07
CA LEU A 116 3.73 12.03 3.02
C LEU A 116 2.95 11.40 4.16
N LEU A 117 1.88 12.07 4.57
CA LEU A 117 1.05 11.55 5.64
C LEU A 117 0.49 10.19 5.25
N ARG A 118 0.21 10.03 3.96
CA ARG A 118 -0.31 8.75 3.48
C ARG A 118 0.69 7.65 3.84
N GLU A 119 1.97 7.97 3.68
CA GLU A 119 3.01 7.01 4.01
C GLU A 119 3.00 6.79 5.52
N ALA A 120 2.65 7.85 6.25
CA ALA A 120 2.58 7.76 7.70
C ALA A 120 1.54 6.75 8.10
N MET A 121 0.56 6.52 7.22
CA MET A 121 -0.48 5.55 7.50
C MET A 121 0.08 4.14 7.29
N GLY A 122 1.03 4.03 6.36
CA GLY A 122 1.63 2.73 6.05
C GLY A 122 2.27 2.12 7.31
N ILE A 123 3.14 2.89 7.97
CA ILE A 123 3.81 2.41 9.18
C ILE A 123 2.78 2.21 10.29
N TYR A 124 1.80 3.09 10.31
CA TYR A 124 0.75 3.02 11.30
C TYR A 124 0.07 1.66 11.24
N ILE A 125 -0.21 1.22 10.02
CA ILE A 125 -0.86 -0.06 9.82
C ILE A 125 0.13 -1.20 10.00
N SER A 126 1.29 -1.05 9.38
CA SER A 126 2.32 -2.08 9.43
C SER A 126 2.96 -2.21 10.81
N THR A 127 3.54 -1.12 11.31
CA THR A 127 4.20 -1.17 12.60
C THR A 127 3.23 -1.51 13.71
N LEU A 128 2.09 -0.84 13.75
CA LEU A 128 1.11 -1.12 14.79
C LEU A 128 0.82 -2.61 14.84
N LYS A 129 0.82 -3.25 13.68
CA LYS A 129 0.55 -4.68 13.59
C LYS A 129 1.87 -5.48 13.53
N THR A 130 2.95 -4.87 13.98
CA THR A 130 4.26 -5.54 13.96
C THR A 130 4.26 -6.79 14.84
N GLU A 131 5.13 -6.76 15.83
CA GLU A 131 5.28 -7.88 16.76
C GLU A 131 4.00 -8.16 17.54
N PHE A 132 3.20 -7.12 17.76
CA PHE A 132 1.96 -7.27 18.50
C PHE A 132 1.11 -8.40 17.92
N THR A 133 1.09 -8.52 16.60
CA THR A 133 0.31 -9.57 15.95
C THR A 133 1.08 -10.15 14.76
N GLN A 134 0.72 -11.37 14.38
CA GLN A 134 1.38 -12.03 13.25
C GLN A 134 0.36 -12.38 12.17
N GLY A 135 0.82 -12.42 10.92
CA GLY A 135 -0.07 -12.75 9.82
C GLY A 135 0.62 -13.65 8.80
N MET A 136 -0.17 -14.26 7.93
CA MET A 136 0.38 -15.14 6.91
C MET A 136 0.36 -14.45 5.55
N ILE A 137 1.54 -14.12 5.05
CA ILE A 137 1.65 -13.45 3.76
C ILE A 137 2.32 -14.35 2.73
N LEU A 138 1.97 -14.15 1.46
CA LEU A 138 2.54 -14.95 0.38
C LEU A 138 3.06 -14.05 -0.74
N PRO A 139 4.27 -13.55 -0.61
CA PRO A 139 4.86 -12.65 -1.64
C PRO A 139 5.03 -13.36 -2.98
N THR A 140 4.84 -12.60 -4.06
CA THR A 140 4.98 -13.15 -5.40
C THR A 140 5.84 -12.23 -6.24
N MET A 141 6.43 -12.77 -7.31
CA MET A 141 7.27 -11.96 -8.17
C MET A 141 7.72 -12.76 -9.39
N ASN A 142 7.92 -12.05 -10.50
CA ASN A 142 8.35 -12.70 -11.74
C ASN A 142 9.71 -12.17 -12.18
N GLY A 143 10.27 -12.78 -13.22
CA GLY A 143 11.56 -12.36 -13.73
C GLY A 143 12.68 -13.26 -13.21
N GLU A 144 12.30 -14.33 -12.51
CA GLU A 144 13.27 -15.27 -11.97
C GLU A 144 12.85 -16.69 -12.32
N SER A 145 13.83 -17.55 -12.54
CA SER A 145 13.53 -18.93 -12.88
C SER A 145 14.12 -19.89 -11.86
N VAL A 146 13.46 -21.03 -11.66
CA VAL A 146 13.92 -22.02 -10.71
C VAL A 146 13.96 -23.41 -11.34
N ASP A 147 14.95 -24.20 -10.97
CA ASP A 147 15.09 -25.54 -11.51
C ASP A 147 15.19 -26.57 -10.37
N PRO A 148 14.07 -26.94 -9.82
CA PRO A 148 14.02 -27.92 -8.70
C PRO A 148 14.37 -29.33 -9.16
N VAL A 149 15.07 -30.07 -8.30
CA VAL A 149 15.47 -31.44 -8.62
C VAL A 149 15.69 -32.22 -7.33
N GLY A 150 16.94 -32.57 -7.06
CA GLY A 150 17.26 -33.30 -5.84
C GLY A 150 17.48 -32.32 -4.69
N GLN A 151 16.56 -32.32 -3.74
CA GLN A 151 16.66 -31.41 -2.61
C GLN A 151 16.45 -32.15 -1.29
N PRO A 152 17.46 -32.84 -0.83
CA PRO A 152 17.41 -33.62 0.44
C PRO A 152 17.46 -32.70 1.66
N ALA A 153 16.43 -31.87 1.81
CA ALA A 153 16.36 -30.94 2.93
C ALA A 153 15.37 -31.44 3.97
N LEU A 154 15.63 -31.11 5.23
CA LEU A 154 14.75 -31.52 6.32
C LEU A 154 13.75 -30.42 6.65
N LYS A 155 12.48 -30.80 6.77
CA LYS A 155 11.43 -29.83 7.08
C LYS A 155 11.20 -29.75 8.58
N THR A 156 11.23 -28.54 9.11
CA THR A 156 11.02 -28.34 10.55
C THR A 156 9.91 -27.34 10.79
N GLU A 157 9.36 -27.35 12.00
CA GLU A 157 8.28 -26.43 12.35
C GLU A 157 8.72 -25.47 13.45
N GLU A 158 8.12 -24.28 13.47
CA GLU A 158 8.46 -23.29 14.48
C GLU A 158 7.24 -22.98 15.35
N ARG A 159 7.51 -22.61 16.61
CA ARG A 159 6.43 -22.29 17.55
C ARG A 159 5.19 -23.12 17.25
N LYS A 160 5.17 -24.35 17.76
CA LYS A 160 4.03 -25.24 17.54
C LYS A 160 3.10 -25.24 18.76
N ALA A 161 1.80 -25.09 18.50
CA ALA A 161 0.82 -25.07 19.57
C ALA A 161 -0.50 -25.59 19.05
N LYS A 162 -1.30 -26.19 19.94
CA LYS A 162 -2.60 -26.71 19.53
C LYS A 162 -3.70 -26.19 20.45
N PRO A 163 -4.15 -24.99 20.22
CA PRO A 163 -5.22 -24.36 21.02
C PRO A 163 -6.58 -25.00 20.77
N ALA A 164 -7.38 -25.15 21.82
CA ALA A 164 -8.69 -25.76 21.69
C ALA A 164 -9.66 -24.80 21.00
N PRO A 165 -10.68 -25.31 20.35
CA PRO A 165 -11.69 -24.49 19.66
C PRO A 165 -12.22 -23.37 20.54
N SER A 166 -12.58 -22.24 19.93
CA SER A 166 -13.10 -21.11 20.67
C SER A 166 -14.54 -20.83 20.29
N LYS A 167 -15.32 -20.31 21.24
CA LYS A 167 -16.73 -20.01 20.98
C LYS A 167 -17.05 -18.58 21.40
N THR A 168 -18.01 -17.97 20.70
CA THR A 168 -18.40 -16.60 21.01
C THR A 168 -19.89 -16.54 21.36
N GLN A 169 -20.28 -15.50 22.09
CA GLN A 169 -21.67 -15.35 22.48
C GLN A 169 -22.29 -14.12 21.81
N ALA A 170 -23.44 -14.30 21.18
CA ALA A 170 -24.13 -13.21 20.51
C ALA A 170 -25.64 -13.39 20.59
N ARG A 171 -26.36 -12.28 20.75
CA ARG A 171 -27.81 -12.33 20.84
C ARG A 171 -28.45 -11.24 19.98
N PRO A 172 -28.46 -11.44 18.69
CA PRO A 172 -29.06 -10.47 17.74
C PRO A 172 -30.59 -10.44 17.83
N VAL A 173 -31.15 -9.24 17.90
CA VAL A 173 -32.60 -9.10 17.99
C VAL A 173 -33.11 -8.07 16.99
N GLY A 174 -34.38 -8.18 16.63
CA GLY A 174 -34.99 -7.24 15.68
C GLY A 174 -35.52 -6.01 16.41
N VAL A 175 -36.22 -5.15 15.67
CA VAL A 175 -36.78 -3.94 16.26
C VAL A 175 -38.28 -3.92 16.04
N LYS A 176 -39.01 -3.25 16.93
CA LYS A 176 -40.45 -3.15 16.81
C LYS A 176 -40.79 -2.41 15.52
N ILE A 177 -40.46 -3.04 14.40
CA ILE A 177 -40.69 -2.44 13.10
C ILE A 177 -41.89 -3.12 12.43
N PRO A 178 -42.76 -2.37 11.77
CA PRO A 178 -43.92 -2.97 11.06
C PRO A 178 -43.45 -4.13 10.21
N THR A 179 -44.35 -5.02 9.81
CA THR A 179 -43.95 -6.11 8.94
C THR A 179 -45.13 -6.71 8.19
N CYS A 180 -44.83 -7.46 7.13
CA CYS A 180 -45.88 -8.07 6.31
C CYS A 180 -45.34 -9.28 5.54
N LYS A 181 -46.22 -9.94 4.79
CA LYS A 181 -45.82 -11.12 4.02
C LYS A 181 -45.67 -10.80 2.53
N ILE A 182 -44.61 -11.34 1.93
CA ILE A 182 -44.36 -11.13 0.51
C ILE A 182 -44.22 -12.46 -0.22
N THR A 183 -45.28 -13.25 -0.19
CA THR A 183 -45.27 -14.55 -0.85
C THR A 183 -45.44 -14.37 -2.36
N LEU A 184 -44.51 -14.96 -3.12
CA LEU A 184 -44.54 -14.87 -4.58
C LEU A 184 -44.44 -16.27 -5.19
N LYS A 185 -45.10 -16.49 -6.31
CA LYS A 185 -45.03 -17.78 -6.99
C LYS A 185 -44.83 -17.58 -8.49
N GLU A 186 -43.60 -17.81 -8.94
CA GLU A 186 -43.30 -17.63 -10.35
C GLU A 186 -42.77 -18.91 -10.99
N THR A 187 -43.09 -19.11 -12.26
CA THR A 187 -42.62 -20.28 -13.00
C THR A 187 -41.38 -19.92 -13.80
N PHE A 188 -40.39 -20.80 -13.79
CA PHE A 188 -39.16 -20.55 -14.52
C PHE A 188 -38.96 -21.52 -15.67
N LEU A 189 -38.54 -20.98 -16.80
CA LEU A 189 -38.30 -21.78 -17.98
C LEU A 189 -37.02 -22.59 -17.83
N THR A 190 -36.68 -22.89 -16.57
CA THR A 190 -35.49 -23.66 -16.28
C THR A 190 -35.79 -24.73 -15.24
N SER A 191 -34.90 -25.70 -15.10
CA SER A 191 -35.09 -26.76 -14.12
C SER A 191 -34.78 -26.23 -12.72
N PRO A 192 -35.35 -26.82 -11.70
CA PRO A 192 -35.12 -26.37 -10.30
C PRO A 192 -33.64 -26.34 -9.94
N GLU A 193 -32.90 -27.29 -10.47
CA GLU A 193 -31.46 -27.38 -10.21
C GLU A 193 -30.72 -26.15 -10.73
N GLU A 194 -31.10 -25.69 -11.92
CA GLU A 194 -30.44 -24.52 -12.52
C GLU A 194 -30.74 -23.24 -11.75
N LEU A 195 -32.02 -23.02 -11.45
CA LEU A 195 -32.42 -21.82 -10.71
C LEU A 195 -31.75 -21.78 -9.35
N TYR A 196 -31.61 -22.96 -8.75
CA TYR A 196 -30.99 -23.10 -7.44
C TYR A 196 -29.62 -22.44 -7.40
N ARG A 197 -28.83 -22.67 -8.44
CA ARG A 197 -27.50 -22.10 -8.52
C ARG A 197 -27.56 -20.59 -8.58
N VAL A 198 -28.57 -20.07 -9.27
CA VAL A 198 -28.73 -18.65 -9.42
C VAL A 198 -28.87 -17.98 -8.07
N PHE A 199 -29.55 -18.67 -7.16
CA PHE A 199 -29.76 -18.13 -5.83
C PHE A 199 -28.64 -18.56 -4.89
N THR A 200 -27.79 -19.50 -5.32
CA THR A 200 -26.70 -19.95 -4.47
C THR A 200 -25.34 -19.83 -5.15
N THR A 201 -25.28 -19.06 -6.24
CA THR A 201 -24.00 -18.87 -6.92
C THR A 201 -23.77 -17.37 -7.12
N GLN A 202 -22.73 -16.88 -6.47
CA GLN A 202 -22.39 -15.45 -6.51
C GLN A 202 -22.31 -14.91 -7.93
N GLU A 203 -21.56 -15.59 -8.78
CA GLU A 203 -21.40 -15.15 -10.17
C GLU A 203 -22.76 -15.00 -10.84
N LEU A 204 -23.60 -15.99 -10.65
CA LEU A 204 -24.92 -15.99 -11.24
C LEU A 204 -25.76 -14.85 -10.69
N VAL A 205 -25.57 -14.55 -9.41
CA VAL A 205 -26.30 -13.45 -8.79
C VAL A 205 -25.86 -12.15 -9.41
N GLN A 206 -24.56 -12.06 -9.63
CA GLN A 206 -23.97 -10.90 -10.23
C GLN A 206 -24.44 -10.75 -11.67
N ALA A 207 -25.02 -11.82 -12.20
CA ALA A 207 -25.50 -11.80 -13.57
C ALA A 207 -26.87 -11.16 -13.68
N PHE A 208 -27.86 -11.69 -12.95
CA PHE A 208 -29.20 -11.13 -13.04
C PHE A 208 -29.31 -9.84 -12.23
N THR A 209 -28.31 -9.54 -11.40
CA THR A 209 -28.34 -8.31 -10.62
C THR A 209 -27.67 -7.18 -11.39
N HIS A 210 -27.08 -7.54 -12.53
CA HIS A 210 -26.40 -6.55 -13.36
C HIS A 210 -25.59 -5.61 -12.49
N ALA A 211 -25.21 -6.10 -11.33
CA ALA A 211 -24.41 -5.32 -10.39
C ALA A 211 -23.49 -6.23 -9.61
N PRO A 212 -22.63 -5.69 -8.79
CA PRO A 212 -21.69 -6.47 -7.97
C PRO A 212 -22.42 -7.20 -6.86
N ALA A 213 -22.15 -8.49 -6.73
CA ALA A 213 -22.80 -9.28 -5.69
C ALA A 213 -21.81 -10.21 -5.01
N THR A 214 -22.10 -10.49 -3.76
CA THR A 214 -21.29 -11.39 -2.95
C THR A 214 -22.20 -12.46 -2.38
N LEU A 215 -21.85 -13.73 -2.59
CA LEU A 215 -22.72 -14.79 -2.10
C LEU A 215 -21.96 -15.98 -1.52
N GLU A 216 -22.42 -16.43 -0.36
CA GLU A 216 -21.86 -17.58 0.30
C GLU A 216 -22.92 -18.66 0.38
N ALA A 217 -22.76 -19.73 -0.38
CA ALA A 217 -23.76 -20.78 -0.37
C ALA A 217 -23.48 -21.79 0.73
N ASP A 218 -23.91 -21.45 1.93
CA ASP A 218 -23.73 -22.29 3.10
C ASP A 218 -24.69 -21.86 4.19
N ARG A 219 -25.02 -22.77 5.11
CA ARG A 219 -25.94 -22.40 6.18
C ARG A 219 -25.32 -21.29 6.99
N GLY A 220 -25.93 -20.13 6.86
CA GLY A 220 -25.45 -18.95 7.55
C GLY A 220 -24.61 -18.13 6.59
N GLY A 221 -24.56 -18.62 5.34
CA GLY A 221 -23.80 -17.94 4.31
C GLY A 221 -24.31 -16.53 4.18
N LYS A 222 -23.43 -15.60 3.83
CA LYS A 222 -23.85 -14.22 3.70
C LYS A 222 -23.94 -13.81 2.24
N PHE A 223 -25.12 -13.35 1.84
CA PHE A 223 -25.31 -12.92 0.48
C PHE A 223 -25.60 -11.43 0.44
N HIS A 224 -24.83 -10.76 -0.39
CA HIS A 224 -24.92 -9.33 -0.58
C HIS A 224 -25.08 -9.08 -2.07
N MET A 225 -26.05 -8.26 -2.47
CA MET A 225 -26.27 -8.07 -3.89
C MET A 225 -26.68 -6.64 -4.23
N VAL A 226 -26.92 -6.43 -5.53
CA VAL A 226 -27.31 -5.13 -6.03
C VAL A 226 -26.43 -4.03 -5.46
N ASP A 227 -25.20 -3.97 -5.91
CA ASP A 227 -24.25 -2.97 -5.42
C ASP A 227 -24.24 -2.99 -3.91
N GLY A 228 -24.57 -4.16 -3.37
CA GLY A 228 -24.58 -4.38 -1.94
C GLY A 228 -25.79 -3.74 -1.27
N ASN A 229 -26.77 -3.34 -2.07
CA ASN A 229 -27.97 -2.73 -1.53
C ASN A 229 -28.84 -3.79 -0.85
N VAL A 230 -28.60 -5.05 -1.21
CA VAL A 230 -29.33 -6.16 -0.64
C VAL A 230 -28.39 -7.07 0.12
N SER A 231 -28.78 -7.46 1.33
CA SER A 231 -27.95 -8.34 2.14
C SER A 231 -28.79 -9.29 2.97
N GLY A 232 -28.18 -10.36 3.43
CA GLY A 232 -28.89 -11.34 4.24
C GLY A 232 -28.05 -12.59 4.49
N GLU A 233 -28.65 -13.59 5.13
CA GLU A 233 -27.95 -14.83 5.43
C GLU A 233 -28.81 -16.02 5.07
N PHE A 234 -28.16 -17.15 4.85
CA PHE A 234 -28.88 -18.37 4.53
C PHE A 234 -29.16 -19.17 5.79
N THR A 235 -30.44 -19.27 6.12
CA THR A 235 -30.84 -20.04 7.29
C THR A 235 -30.93 -21.52 6.93
N ASP A 236 -31.15 -21.79 5.65
CA ASP A 236 -31.24 -23.17 5.17
C ASP A 236 -30.94 -23.24 3.69
N LEU A 237 -30.29 -24.33 3.29
CA LEU A 237 -29.97 -24.53 1.89
C LEU A 237 -30.10 -26.00 1.54
N VAL A 238 -31.22 -26.37 0.98
CA VAL A 238 -31.44 -27.75 0.57
C VAL A 238 -31.12 -27.86 -0.92
N PRO A 239 -30.23 -28.75 -1.32
CA PRO A 239 -29.83 -28.87 -2.75
C PRO A 239 -31.00 -28.86 -3.73
N GLU A 240 -31.20 -27.73 -4.39
CA GLU A 240 -32.26 -27.60 -5.40
C GLU A 240 -33.62 -27.95 -4.85
N LYS A 241 -33.77 -27.90 -3.54
CA LYS A 241 -35.03 -28.26 -2.93
C LYS A 241 -35.66 -27.11 -2.13
N HIS A 242 -34.87 -26.40 -1.35
CA HIS A 242 -35.44 -25.35 -0.52
C HIS A 242 -34.37 -24.49 0.14
N ILE A 243 -34.64 -23.21 0.21
CA ILE A 243 -33.70 -22.28 0.82
C ILE A 243 -34.39 -21.32 1.77
N VAL A 244 -33.87 -21.25 2.98
CA VAL A 244 -34.38 -20.31 3.96
C VAL A 244 -33.31 -19.29 4.22
N MET A 245 -33.61 -18.04 3.97
CA MET A 245 -32.63 -16.99 4.18
C MET A 245 -33.27 -15.73 4.71
N LYS A 246 -32.44 -14.95 5.38
CA LYS A 246 -32.89 -13.68 5.93
C LYS A 246 -32.63 -12.64 4.85
N TRP A 247 -33.47 -11.61 4.77
CA TRP A 247 -33.32 -10.64 3.68
C TRP A 247 -33.57 -9.20 4.09
N ARG A 248 -32.94 -8.26 3.39
CA ARG A 248 -33.14 -6.85 3.68
C ARG A 248 -32.60 -5.94 2.59
N PHE A 249 -32.95 -4.67 2.73
CA PHE A 249 -32.48 -3.62 1.83
C PHE A 249 -31.49 -2.76 2.60
N LYS A 250 -30.58 -2.12 1.91
CA LYS A 250 -29.59 -1.28 2.58
C LYS A 250 -30.28 -0.09 3.25
N SER A 251 -31.56 0.09 2.95
CA SER A 251 -32.31 1.20 3.55
C SER A 251 -33.10 0.74 4.77
N TRP A 252 -32.92 -0.52 5.14
CA TRP A 252 -33.64 -1.08 6.27
C TRP A 252 -32.92 -0.81 7.59
N PRO A 253 -33.63 -0.82 8.69
CA PRO A 253 -33.04 -0.60 10.03
C PRO A 253 -31.94 -1.63 10.30
N GLU A 254 -30.94 -1.24 11.08
CA GLU A 254 -29.86 -2.15 11.40
C GLU A 254 -30.39 -3.31 12.22
N GLY A 255 -30.09 -4.54 11.78
CA GLY A 255 -30.54 -5.72 12.48
C GLY A 255 -31.99 -6.06 12.11
N HIS A 256 -32.44 -5.57 10.96
CA HIS A 256 -33.81 -5.85 10.52
C HIS A 256 -33.83 -6.58 9.19
N PHE A 257 -34.26 -7.83 9.22
CA PHE A 257 -34.34 -8.62 8.01
C PHE A 257 -35.70 -9.28 7.90
N ALA A 258 -35.98 -9.78 6.72
CA ALA A 258 -37.23 -10.46 6.47
C ALA A 258 -36.97 -11.93 6.23
N THR A 259 -37.73 -12.79 6.89
CA THR A 259 -37.54 -14.22 6.71
C THR A 259 -38.06 -14.63 5.34
N ILE A 260 -37.16 -15.10 4.49
CA ILE A 260 -37.55 -15.53 3.16
C ILE A 260 -37.29 -17.00 2.97
N THR A 261 -38.26 -17.68 2.39
CA THR A 261 -38.12 -19.11 2.14
C THR A 261 -38.46 -19.42 0.70
N LEU A 262 -37.50 -20.02 0.02
CA LEU A 262 -37.68 -20.39 -1.36
C LEU A 262 -37.75 -21.89 -1.52
N THR A 263 -38.67 -22.34 -2.35
CA THR A 263 -38.83 -23.77 -2.59
C THR A 263 -38.70 -24.06 -4.07
N PHE A 264 -38.06 -25.18 -4.40
CA PHE A 264 -37.85 -25.54 -5.78
C PHE A 264 -38.71 -26.73 -6.21
N ILE A 265 -39.38 -26.56 -7.34
CA ILE A 265 -40.26 -27.59 -7.86
C ILE A 265 -40.03 -27.86 -9.34
N ASP A 266 -39.93 -29.14 -9.67
CA ASP A 266 -39.73 -29.54 -11.06
C ASP A 266 -41.08 -29.71 -11.75
N LYS A 267 -41.30 -28.90 -12.78
CA LYS A 267 -42.55 -28.93 -13.52
C LYS A 267 -42.40 -29.65 -14.85
N ASN A 268 -41.33 -30.41 -14.98
CA ASN A 268 -41.10 -31.17 -16.20
C ASN A 268 -40.94 -30.25 -17.40
N GLY A 269 -39.97 -29.36 -17.31
CA GLY A 269 -39.71 -28.41 -18.37
C GLY A 269 -39.35 -27.08 -17.77
N GLU A 270 -40.07 -26.72 -16.72
CA GLU A 270 -39.83 -25.47 -16.04
C GLU A 270 -39.85 -25.69 -14.53
N THR A 271 -39.74 -24.62 -13.76
CA THR A 271 -39.72 -24.75 -12.31
C THR A 271 -40.63 -23.74 -11.64
N GLU A 272 -41.34 -24.18 -10.62
CA GLU A 272 -42.20 -23.29 -9.87
C GLU A 272 -41.55 -22.94 -8.54
N LEU A 273 -41.07 -21.72 -8.42
CA LEU A 273 -40.43 -21.29 -7.19
C LEU A 273 -41.47 -20.76 -6.23
N CYS A 274 -41.59 -21.41 -5.08
CA CYS A 274 -42.55 -21.00 -4.09
C CYS A 274 -41.87 -20.12 -3.03
N MET A 275 -42.18 -18.83 -3.07
CA MET A 275 -41.59 -17.87 -2.16
C MET A 275 -42.55 -17.51 -1.03
N GLU A 276 -42.06 -17.56 0.20
CA GLU A 276 -42.86 -17.21 1.36
C GLU A 276 -42.08 -16.22 2.22
N GLY A 277 -42.16 -14.96 1.83
CA GLY A 277 -41.46 -13.90 2.55
C GLY A 277 -42.31 -13.31 3.67
N ARG A 278 -41.67 -13.08 4.80
CA ARG A 278 -42.34 -12.50 5.96
C ARG A 278 -41.35 -11.72 6.80
N GLY A 279 -41.86 -10.71 7.52
CA GLY A 279 -41.01 -9.88 8.35
C GLY A 279 -40.65 -8.61 7.60
N ILE A 280 -41.03 -8.57 6.32
CA ILE A 280 -40.76 -7.42 5.49
C ILE A 280 -41.46 -6.20 6.06
N PRO A 281 -40.75 -5.14 6.36
CA PRO A 281 -41.38 -3.92 6.92
C PRO A 281 -42.54 -3.44 6.07
N ALA A 282 -43.66 -3.23 6.74
CA ALA A 282 -44.87 -2.77 6.07
C ALA A 282 -44.58 -1.55 5.18
N PRO A 283 -43.85 -0.56 5.66
CA PRO A 283 -43.56 0.64 4.82
C PRO A 283 -42.78 0.26 3.58
N GLU A 284 -41.94 -0.76 3.74
CA GLU A 284 -41.09 -1.22 2.66
C GLU A 284 -41.73 -2.41 1.93
N GLU A 285 -42.92 -2.79 2.37
CA GLU A 285 -43.61 -3.93 1.76
C GLU A 285 -43.78 -3.76 0.26
N GLU A 286 -44.38 -2.66 -0.15
CA GLU A 286 -44.58 -2.44 -1.58
C GLU A 286 -43.24 -2.46 -2.31
N ARG A 287 -42.24 -1.85 -1.69
CA ARG A 287 -40.90 -1.80 -2.27
C ARG A 287 -40.28 -3.18 -2.40
N THR A 288 -40.29 -3.93 -1.32
CA THR A 288 -39.69 -5.26 -1.29
C THR A 288 -40.26 -6.15 -2.39
N ARG A 289 -41.58 -6.23 -2.46
CA ARG A 289 -42.21 -7.07 -3.46
C ARG A 289 -41.84 -6.61 -4.87
N GLN A 290 -41.87 -5.29 -5.07
CA GLN A 290 -41.54 -4.73 -6.38
C GLN A 290 -40.06 -4.94 -6.71
N GLY A 291 -39.20 -4.67 -5.72
CA GLY A 291 -37.77 -4.81 -5.91
C GLY A 291 -37.34 -6.27 -5.86
N TRP A 292 -38.31 -7.16 -5.73
CA TRP A 292 -37.98 -8.58 -5.68
C TRP A 292 -37.97 -9.19 -7.08
N GLN A 293 -39.13 -9.66 -7.54
CA GLN A 293 -39.22 -10.28 -8.86
C GLN A 293 -38.42 -9.52 -9.89
N ARG A 294 -38.59 -8.19 -9.93
CA ARG A 294 -37.87 -7.36 -10.89
C ARG A 294 -36.38 -7.66 -10.86
N TYR A 295 -35.81 -7.74 -9.66
CA TYR A 295 -34.39 -8.03 -9.53
C TYR A 295 -34.18 -9.53 -9.32
N TYR A 296 -35.26 -10.24 -9.00
CA TYR A 296 -35.15 -11.67 -8.75
C TYR A 296 -35.62 -12.49 -9.95
N PHE A 297 -36.89 -12.85 -9.91
CA PHE A 297 -37.49 -13.68 -10.95
C PHE A 297 -37.50 -12.97 -12.29
N GLU A 298 -38.21 -11.87 -12.36
CA GLU A 298 -38.28 -11.12 -13.61
C GLU A 298 -36.87 -10.78 -14.09
N GLY A 299 -35.94 -10.67 -13.14
CA GLY A 299 -34.55 -10.37 -13.48
C GLY A 299 -33.88 -11.58 -14.12
N ILE A 300 -33.82 -12.67 -13.36
CA ILE A 300 -33.21 -13.91 -13.84
C ILE A 300 -33.91 -14.37 -15.12
N LYS A 301 -35.22 -14.34 -15.11
CA LYS A 301 -36.00 -14.76 -16.26
C LYS A 301 -35.56 -14.02 -17.51
N GLN A 302 -35.08 -12.79 -17.33
CA GLN A 302 -34.63 -12.00 -18.46
C GLN A 302 -33.13 -12.16 -18.68
N THR A 303 -32.37 -12.10 -17.59
CA THR A 303 -30.93 -12.24 -17.67
C THR A 303 -30.53 -13.66 -18.08
N PHE A 304 -31.15 -14.64 -17.43
CA PHE A 304 -30.85 -16.03 -17.73
C PHE A 304 -31.75 -16.53 -18.84
N GLY A 305 -32.92 -15.92 -18.96
CA GLY A 305 -33.85 -16.31 -20.00
C GLY A 305 -34.75 -17.45 -19.51
N TYR A 306 -35.05 -17.42 -18.22
CA TYR A 306 -35.87 -18.45 -17.62
C TYR A 306 -37.32 -18.00 -17.49
N GLY A 307 -37.74 -17.10 -18.36
CA GLY A 307 -39.12 -16.63 -18.34
C GLY A 307 -39.92 -17.23 -19.49
N ALA A 308 -41.22 -16.94 -19.53
CA ALA A 308 -42.08 -17.44 -20.58
C ALA A 308 -42.54 -16.30 -21.49
N THR A 1 -7.96 -9.22 25.15
CA THR A 1 -7.73 -7.79 25.36
C THR A 1 -6.42 -7.35 24.71
N GLU A 2 -6.53 -6.75 23.53
CA GLU A 2 -5.34 -6.29 22.82
C GLU A 2 -5.21 -4.77 22.91
N ARG A 3 -3.98 -4.29 22.93
CA ARG A 3 -3.74 -2.84 23.02
C ARG A 3 -3.18 -2.31 21.71
N ASP A 4 -3.54 -1.07 21.38
CA ASP A 4 -3.06 -0.45 20.15
C ASP A 4 -1.69 0.17 20.38
N ALA A 5 -0.69 -0.32 19.65
CA ALA A 5 0.67 0.19 19.79
C ALA A 5 0.74 1.66 19.37
N SER A 6 0.44 2.55 20.30
CA SER A 6 0.50 3.98 20.02
C SER A 6 1.92 4.52 20.14
N ASN A 7 2.75 3.83 20.93
CA ASN A 7 4.13 4.26 21.15
C ASN A 7 4.87 4.40 19.82
N TRP A 8 4.74 3.39 18.96
CA TRP A 8 5.40 3.42 17.67
C TRP A 8 4.68 4.39 16.74
N SER A 9 3.40 4.60 16.99
CA SER A 9 2.61 5.50 16.17
C SER A 9 3.21 6.89 16.17
N THR A 10 2.96 7.65 17.24
CA THR A 10 3.49 8.99 17.31
C THR A 10 4.98 8.99 16.99
N ASP A 11 5.71 8.06 17.58
CA ASP A 11 7.16 7.98 17.35
C ASP A 11 7.49 8.10 15.86
N LYS A 12 6.81 7.30 15.03
CA LYS A 12 7.06 7.34 13.60
C LYS A 12 6.28 8.46 12.93
N LEU A 13 4.98 8.47 13.14
CA LEU A 13 4.13 9.49 12.54
C LEU A 13 4.65 10.89 12.88
N LYS A 14 5.02 11.11 14.15
CA LYS A 14 5.52 12.42 14.55
C LYS A 14 6.83 12.73 13.81
N THR A 15 7.72 11.74 13.77
CA THR A 15 8.99 11.91 13.09
C THR A 15 8.76 12.16 11.62
N LEU A 16 7.95 11.31 11.03
CA LEU A 16 7.63 11.41 9.62
C LEU A 16 7.01 12.78 9.35
N PHE A 17 6.27 13.29 10.33
CA PHE A 17 5.64 14.60 10.18
C PHE A 17 6.71 15.70 10.30
N LEU A 18 7.66 15.49 11.21
CA LEU A 18 8.74 16.46 11.38
C LEU A 18 9.81 16.19 10.34
N ALA A 19 9.49 15.26 9.43
CA ALA A 19 10.42 14.90 8.37
C ALA A 19 9.90 15.38 7.04
N VAL A 20 8.87 16.22 7.08
CA VAL A 20 8.31 16.74 5.84
C VAL A 20 9.45 17.29 5.01
N GLN A 21 9.48 16.92 3.74
CA GLN A 21 10.56 17.36 2.86
C GLN A 21 10.17 18.49 1.94
N VAL A 22 11.19 19.23 1.55
CA VAL A 22 11.05 20.37 0.68
C VAL A 22 11.69 20.10 -0.68
N GLN A 23 11.16 20.77 -1.70
CA GLN A 23 11.69 20.63 -3.05
C GLN A 23 12.30 21.96 -3.50
N ASN A 24 11.78 22.52 -4.59
CA ASN A 24 12.29 23.78 -5.11
C ASN A 24 11.46 24.95 -4.58
N GLU A 25 11.99 26.16 -4.72
CA GLU A 25 11.30 27.36 -4.26
C GLU A 25 9.91 27.46 -4.89
N GLU A 26 9.72 26.77 -6.01
CA GLU A 26 8.44 26.80 -6.70
C GLU A 26 7.35 26.20 -5.81
N GLY A 27 7.76 25.28 -4.96
CA GLY A 27 6.82 24.63 -4.05
C GLY A 27 7.57 23.74 -3.06
N LYS A 28 8.24 24.38 -2.11
CA LYS A 28 8.98 23.63 -1.10
C LYS A 28 8.17 23.49 0.17
N CYS A 29 8.60 22.60 1.06
CA CYS A 29 7.88 22.38 2.31
C CYS A 29 8.81 22.03 3.45
N GLU A 30 8.67 22.73 4.55
CA GLU A 30 9.48 22.46 5.72
C GLU A 30 8.59 22.40 6.96
N VAL A 31 8.78 21.40 7.80
CA VAL A 31 7.97 21.28 9.01
C VAL A 31 8.46 22.25 10.08
N THR A 32 7.53 22.90 10.76
CA THR A 32 7.90 23.84 11.82
C THR A 32 7.75 23.19 13.19
N GLU A 33 6.74 22.36 13.35
CA GLU A 33 6.49 21.68 14.61
C GLU A 33 5.28 20.76 14.49
N VAL A 34 5.40 19.58 15.09
CA VAL A 34 4.31 18.61 15.06
C VAL A 34 3.99 18.14 16.46
N SER A 35 2.70 18.09 16.78
CA SER A 35 2.28 17.67 18.11
C SER A 35 2.34 16.14 18.22
N LYS A 36 1.25 15.49 17.84
CA LYS A 36 1.15 14.05 17.90
C LYS A 36 -0.33 13.68 17.75
N LEU A 37 -0.60 12.49 17.23
CA LEU A 37 -1.97 12.06 17.07
C LEU A 37 -2.64 11.95 18.43
N ASP A 38 -3.50 12.91 18.76
CA ASP A 38 -4.19 12.89 20.04
C ASP A 38 -5.56 12.26 19.84
N GLY A 39 -5.74 11.06 20.38
CA GLY A 39 -7.02 10.40 20.22
C GLY A 39 -7.12 9.10 21.00
N GLU A 40 -8.27 8.43 20.84
CA GLU A 40 -8.50 7.17 21.53
C GLU A 40 -8.42 6.00 20.55
N ALA A 41 -7.30 5.30 20.56
CA ALA A 41 -7.10 4.16 19.67
C ALA A 41 -7.16 2.86 20.47
N SER A 42 -7.77 1.83 19.87
CA SER A 42 -7.87 0.53 20.54
C SER A 42 -8.10 -0.57 19.52
N ILE A 43 -7.48 -1.72 19.76
CA ILE A 43 -7.63 -2.86 18.87
C ILE A 43 -7.95 -4.12 19.66
N ASN A 44 -8.63 -5.08 19.04
CA ASN A 44 -8.99 -6.31 19.72
C ASN A 44 -8.54 -7.53 18.94
N ASN A 45 -8.70 -8.71 19.56
CA ASN A 45 -8.32 -10.01 18.98
C ASN A 45 -7.67 -9.87 17.61
N ARG A 46 -6.49 -10.45 17.47
CA ARG A 46 -5.77 -10.41 16.21
C ARG A 46 -5.65 -11.81 15.64
N LYS A 47 -4.87 -11.94 14.58
CA LYS A 47 -4.68 -13.23 13.94
C LYS A 47 -5.94 -13.68 13.21
N GLY A 48 -6.69 -12.72 12.70
CA GLY A 48 -7.92 -13.02 11.97
C GLY A 48 -9.09 -12.18 12.46
N LYS A 49 -9.01 -11.71 13.71
CA LYS A 49 -10.07 -10.89 14.26
C LYS A 49 -9.53 -9.48 14.54
N LEU A 50 -8.42 -9.15 13.89
CA LEU A 50 -7.80 -7.85 14.12
C LEU A 50 -8.72 -6.72 13.71
N ILE A 51 -9.04 -5.88 14.67
CA ILE A 51 -9.90 -4.74 14.42
C ILE A 51 -9.28 -3.49 15.04
N PHE A 52 -9.46 -2.34 14.38
CA PHE A 52 -8.87 -1.10 14.89
C PHE A 52 -9.92 0.01 15.02
N PHE A 53 -10.07 0.51 16.25
CA PHE A 53 -11.03 1.59 16.49
C PHE A 53 -10.30 2.85 16.95
N TYR A 54 -10.50 3.94 16.22
CA TYR A 54 -9.88 5.21 16.57
C TYR A 54 -10.85 6.36 16.35
N GLU A 55 -10.90 7.29 17.29
CA GLU A 55 -11.80 8.43 17.18
C GLU A 55 -11.20 9.67 17.83
N TRP A 56 -10.79 10.63 16.99
CA TRP A 56 -10.21 11.91 17.47
C TRP A 56 -9.51 12.66 16.33
N SER A 57 -8.56 13.53 16.69
CA SER A 57 -7.86 14.32 15.67
C SER A 57 -6.36 14.47 15.96
N VAL A 58 -5.61 14.73 14.90
CA VAL A 58 -4.16 14.96 15.01
C VAL A 58 -3.86 16.38 14.55
N LYS A 59 -2.84 17.03 15.10
CA LYS A 59 -2.57 18.41 14.71
C LYS A 59 -1.08 18.70 14.50
N LEU A 60 -0.77 19.41 13.42
CA LEU A 60 0.62 19.80 13.12
C LEU A 60 0.65 21.04 12.21
N ASN A 61 1.86 21.57 11.97
CA ASN A 61 2.01 22.75 11.13
C ASN A 61 3.29 22.68 10.29
N TRP A 62 3.30 23.38 9.16
CA TRP A 62 4.48 23.39 8.28
C TRP A 62 4.70 24.78 7.69
N THR A 63 5.76 24.91 6.87
CA THR A 63 6.07 26.19 6.24
C THR A 63 5.99 26.09 4.72
N GLY A 64 5.49 27.16 4.10
CA GLY A 64 5.35 27.20 2.65
C GLY A 64 6.10 28.40 2.07
N THR A 65 7.30 28.16 1.57
CA THR A 65 8.12 29.21 0.97
C THR A 65 7.93 29.22 -0.54
N SER A 66 7.91 30.42 -1.14
CA SER A 66 7.69 30.52 -2.58
C SER A 66 8.78 31.35 -3.27
N LYS A 67 8.92 31.15 -4.57
CA LYS A 67 9.91 31.89 -5.36
C LYS A 67 9.69 33.38 -5.21
N SER A 68 8.44 33.77 -4.99
CA SER A 68 8.10 35.18 -4.82
C SER A 68 8.86 35.73 -3.62
N GLY A 69 9.23 34.83 -2.71
CA GLY A 69 9.96 35.22 -1.52
C GLY A 69 9.03 35.27 -0.31
N VAL A 70 7.88 34.63 -0.44
CA VAL A 70 6.91 34.64 0.66
C VAL A 70 6.93 33.33 1.44
N GLN A 71 7.03 33.46 2.75
CA GLN A 71 7.04 32.32 3.64
C GLN A 71 5.79 32.39 4.51
N TYR A 72 5.10 31.28 4.64
CA TYR A 72 3.89 31.26 5.44
C TYR A 72 3.74 29.91 6.13
N LYS A 73 3.35 29.96 7.38
CA LYS A 73 3.18 28.73 8.13
C LYS A 73 1.70 28.42 8.26
N GLY A 74 1.27 27.37 7.56
CA GLY A 74 -0.12 26.97 7.59
C GLY A 74 -0.36 25.91 8.66
N HIS A 75 -1.63 25.56 8.84
CA HIS A 75 -2.00 24.57 9.84
C HIS A 75 -2.79 23.44 9.20
N VAL A 76 -2.57 22.22 9.69
CA VAL A 76 -3.28 21.06 9.18
C VAL A 76 -3.80 20.25 10.35
N GLU A 77 -5.03 19.79 10.25
CA GLU A 77 -5.63 19.02 11.33
C GLU A 77 -6.76 18.15 10.81
N ILE A 78 -6.73 16.87 11.18
CA ILE A 78 -7.78 15.96 10.75
C ILE A 78 -8.79 15.75 11.89
N PRO A 79 -10.03 16.11 11.70
CA PRO A 79 -11.07 15.98 12.77
C PRO A 79 -11.24 14.56 13.30
N ASN A 80 -12.46 14.26 13.78
CA ASN A 80 -12.78 12.96 14.35
C ASN A 80 -12.74 11.83 13.33
N LEU A 81 -11.87 11.95 12.32
CA LEU A 81 -11.78 10.89 11.32
C LEU A 81 -11.13 9.67 11.95
N SER A 82 -11.81 8.53 11.84
CA SER A 82 -11.30 7.29 12.42
C SER A 82 -10.16 6.71 11.59
N ASP A 83 -9.10 6.30 12.28
CA ASP A 83 -7.94 5.72 11.62
C ASP A 83 -8.19 4.25 11.29
N GLU A 84 -9.39 3.77 11.59
CA GLU A 84 -9.73 2.37 11.32
C GLU A 84 -9.61 2.10 9.83
N ASN A 85 -9.72 3.17 9.05
CA ASN A 85 -9.62 3.07 7.61
C ASN A 85 -8.31 3.67 7.13
N SER A 86 -7.97 3.46 5.87
CA SER A 86 -6.72 3.99 5.33
C SER A 86 -6.64 5.49 5.58
N VAL A 87 -5.46 5.95 5.98
CA VAL A 87 -5.25 7.37 6.24
C VAL A 87 -5.44 8.20 4.97
N ASP A 88 -4.97 7.67 3.86
CA ASP A 88 -5.09 8.37 2.58
C ASP A 88 -6.52 8.82 2.37
N GLU A 89 -7.48 7.99 2.76
CA GLU A 89 -8.89 8.31 2.59
C GLU A 89 -9.35 9.30 3.65
N VAL A 90 -8.64 9.34 4.78
CA VAL A 90 -9.01 10.26 5.86
C VAL A 90 -8.95 11.70 5.40
N GLU A 91 -9.95 12.46 5.82
CA GLU A 91 -10.03 13.87 5.45
C GLU A 91 -9.05 14.69 6.26
N ILE A 92 -8.12 15.31 5.56
CA ILE A 92 -7.11 16.15 6.21
C ILE A 92 -7.39 17.61 5.93
N SER A 93 -7.23 18.44 6.94
CA SER A 93 -7.48 19.87 6.78
C SER A 93 -6.19 20.58 6.39
N VAL A 94 -6.29 21.53 5.49
CA VAL A 94 -5.12 22.28 5.03
C VAL A 94 -5.37 23.77 5.07
N SER A 95 -4.36 24.51 5.53
CA SER A 95 -4.46 25.96 5.63
C SER A 95 -3.11 26.60 5.31
N LEU A 96 -2.63 26.36 4.09
CA LEU A 96 -1.35 26.90 3.68
C LEU A 96 -1.44 27.54 2.29
N ALA A 97 -0.73 28.64 2.12
CA ALA A 97 -0.71 29.34 0.84
C ALA A 97 -2.07 29.94 0.49
N LYS A 98 -3.13 29.40 1.08
CA LYS A 98 -4.47 29.90 0.78
C LYS A 98 -4.56 31.40 1.08
N ASP A 99 -3.86 31.84 2.11
CA ASP A 99 -3.88 33.24 2.49
C ASP A 99 -2.75 34.02 1.85
N GLU A 100 -1.78 33.32 1.28
CA GLU A 100 -0.63 33.98 0.66
C GLU A 100 -0.55 33.68 -0.85
N PRO A 101 0.00 34.60 -1.62
CA PRO A 101 0.14 34.45 -3.10
C PRO A 101 0.79 33.12 -3.50
N ASP A 102 1.33 32.41 -2.52
CA ASP A 102 1.99 31.14 -2.80
C ASP A 102 1.01 30.14 -3.41
N THR A 103 -0.22 30.14 -2.90
CA THR A 103 -1.29 29.25 -3.39
C THR A 103 -0.76 27.99 -4.07
N ASN A 104 -0.29 28.13 -5.30
CA ASN A 104 0.22 26.98 -6.05
C ASN A 104 1.09 26.10 -5.15
N LEU A 105 1.81 26.74 -4.24
CA LEU A 105 2.67 26.00 -3.32
C LEU A 105 1.91 24.90 -2.60
N VAL A 106 0.76 25.25 -2.01
CA VAL A 106 -0.03 24.25 -1.29
C VAL A 106 -0.51 23.16 -2.24
N ALA A 107 -0.74 23.53 -3.51
CA ALA A 107 -1.18 22.54 -4.47
C ALA A 107 -0.22 21.36 -4.42
N LEU A 108 1.07 21.66 -4.30
CA LEU A 108 2.08 20.63 -4.20
C LEU A 108 1.94 19.88 -2.88
N MET A 109 1.67 20.63 -1.82
CA MET A 109 1.50 20.03 -0.50
C MET A 109 0.39 19.00 -0.56
N LYS A 110 -0.61 19.29 -1.38
CA LYS A 110 -1.73 18.38 -1.56
C LYS A 110 -1.26 17.11 -2.25
N GLU A 111 -0.24 17.23 -3.10
CA GLU A 111 0.27 16.09 -3.83
C GLU A 111 1.60 15.62 -3.24
N GLU A 112 2.08 16.31 -2.22
CA GLU A 112 3.34 15.93 -1.59
C GLU A 112 3.27 16.03 -0.07
N GLY A 113 2.51 16.99 0.42
CA GLY A 113 2.38 17.19 1.86
C GLY A 113 1.51 16.10 2.48
N VAL A 114 0.21 16.18 2.24
CA VAL A 114 -0.70 15.18 2.76
C VAL A 114 -0.27 13.81 2.25
N LYS A 115 0.34 13.80 1.07
CA LYS A 115 0.83 12.56 0.50
C LYS A 115 1.87 11.93 1.42
N LEU A 116 2.81 12.75 1.89
CA LEU A 116 3.83 12.23 2.79
C LEU A 116 3.16 11.44 3.91
N LEU A 117 2.02 11.95 4.36
CA LEU A 117 1.28 11.28 5.41
C LEU A 117 0.89 9.89 4.93
N ARG A 118 0.64 9.77 3.63
CA ARG A 118 0.28 8.49 3.06
C ARG A 118 1.35 7.48 3.44
N GLU A 119 2.60 7.93 3.40
CA GLU A 119 3.70 7.07 3.79
C GLU A 119 3.57 6.76 5.27
N ALA A 120 3.06 7.72 6.03
CA ALA A 120 2.86 7.51 7.45
C ALA A 120 1.88 6.36 7.63
N MET A 121 1.00 6.20 6.64
CA MET A 121 0.03 5.13 6.68
C MET A 121 0.75 3.78 6.58
N GLY A 122 1.83 3.77 5.79
CA GLY A 122 2.60 2.54 5.60
C GLY A 122 3.10 1.98 6.92
N ILE A 123 3.81 2.81 7.70
CA ILE A 123 4.33 2.36 8.99
C ILE A 123 3.22 2.18 10.01
N TYR A 124 2.25 3.10 9.99
CA TYR A 124 1.14 3.01 10.92
C TYR A 124 0.43 1.68 10.77
N ILE A 125 0.20 1.28 9.53
CA ILE A 125 -0.47 0.01 9.27
C ILE A 125 0.51 -1.14 9.46
N SER A 126 1.71 -0.97 8.92
CA SER A 126 2.73 -2.00 9.00
C SER A 126 3.28 -2.18 10.42
N THR A 127 3.89 -1.12 10.96
CA THR A 127 4.48 -1.22 12.30
C THR A 127 3.46 -1.57 13.37
N LEU A 128 2.32 -0.90 13.34
CA LEU A 128 1.29 -1.17 14.34
C LEU A 128 0.85 -2.63 14.30
N LYS A 129 0.75 -3.18 13.08
CA LYS A 129 0.30 -4.55 12.92
C LYS A 129 1.47 -5.51 12.66
N THR A 130 2.70 -5.00 12.73
CA THR A 130 3.87 -5.86 12.52
C THR A 130 4.61 -6.09 13.82
N GLU A 131 3.85 -6.28 14.90
CA GLU A 131 4.45 -6.52 16.20
C GLU A 131 3.55 -7.43 17.04
N PHE A 132 2.48 -6.86 17.57
CA PHE A 132 1.55 -7.63 18.40
C PHE A 132 0.93 -8.80 17.61
N THR A 133 0.62 -8.55 16.34
CA THR A 133 0.03 -9.59 15.50
C THR A 133 0.67 -9.58 14.12
N GLN A 134 0.49 -10.67 13.38
CA GLN A 134 1.06 -10.78 12.05
C GLN A 134 -0.05 -10.82 11.00
N GLY A 135 0.17 -10.14 9.88
CA GLY A 135 -0.81 -10.10 8.81
C GLY A 135 -0.17 -9.67 7.50
N MET A 136 1.03 -10.20 7.23
CA MET A 136 1.74 -9.85 6.00
C MET A 136 1.34 -10.78 4.87
N ILE A 137 0.67 -10.21 3.86
CA ILE A 137 0.23 -11.00 2.72
C ILE A 137 0.91 -10.50 1.45
N LEU A 138 1.13 -11.41 0.50
CA LEU A 138 1.77 -11.05 -0.75
C LEU A 138 1.00 -11.60 -1.95
N PRO A 139 -0.07 -10.95 -2.31
CA PRO A 139 -0.92 -11.37 -3.45
C PRO A 139 -0.25 -11.08 -4.79
N THR A 140 -0.51 -11.94 -5.78
CA THR A 140 0.07 -11.76 -7.10
C THR A 140 -1.02 -11.82 -8.16
N MET A 141 -0.82 -11.11 -9.27
CA MET A 141 -1.80 -11.08 -10.34
C MET A 141 -1.29 -10.25 -11.51
N ASN A 142 -1.85 -10.47 -12.69
CA ASN A 142 -1.44 -9.74 -13.87
C ASN A 142 -2.41 -8.59 -14.17
N GLY A 143 -2.03 -7.39 -13.78
CA GLY A 143 -2.88 -6.21 -14.01
C GLY A 143 -3.12 -6.00 -15.49
N GLU A 144 -2.10 -6.24 -16.30
CA GLU A 144 -2.22 -6.08 -17.75
C GLU A 144 -1.47 -7.19 -18.46
N SER A 145 -1.91 -7.52 -19.66
CA SER A 145 -1.26 -8.57 -20.43
C SER A 145 -0.58 -7.99 -21.67
N VAL A 146 0.55 -8.58 -22.05
CA VAL A 146 1.29 -8.11 -23.22
C VAL A 146 1.59 -9.28 -24.16
N ASP A 147 1.55 -9.00 -25.46
CA ASP A 147 1.81 -10.03 -26.46
C ASP A 147 2.89 -9.54 -27.44
N PRO A 148 4.14 -9.63 -27.05
CA PRO A 148 5.27 -9.20 -27.90
C PRO A 148 5.38 -10.05 -29.16
N VAL A 149 5.81 -9.42 -30.25
CA VAL A 149 5.96 -10.12 -31.52
C VAL A 149 6.83 -9.31 -32.47
N GLY A 150 6.21 -8.71 -33.48
CA GLY A 150 6.97 -7.90 -34.43
C GLY A 150 7.10 -6.48 -33.90
N GLN A 151 8.32 -6.09 -33.53
CA GLN A 151 8.55 -4.76 -33.00
C GLN A 151 9.76 -4.12 -33.69
N PRO A 152 9.56 -3.62 -34.88
CA PRO A 152 10.65 -2.96 -35.67
C PRO A 152 10.98 -1.58 -35.12
N ALA A 153 11.74 -1.55 -34.02
CA ALA A 153 12.13 -0.29 -33.40
C ALA A 153 13.22 0.38 -34.22
N LEU A 154 13.20 1.71 -34.24
CA LEU A 154 14.21 2.47 -34.99
C LEU A 154 15.37 2.84 -34.09
N LYS A 155 16.58 2.74 -34.62
CA LYS A 155 17.78 3.07 -33.86
C LYS A 155 18.18 4.53 -34.08
N THR A 156 18.58 5.19 -32.99
CA THR A 156 18.98 6.59 -33.08
C THR A 156 20.51 6.69 -33.16
N GLU A 157 20.99 7.86 -33.54
CA GLU A 157 22.43 8.08 -33.66
C GLU A 157 22.95 8.91 -32.49
N GLU A 158 24.19 8.63 -32.08
CA GLU A 158 24.80 9.35 -30.97
C GLU A 158 26.02 10.12 -31.46
N ARG A 159 26.50 11.06 -30.63
CA ARG A 159 27.66 11.85 -30.98
C ARG A 159 28.82 11.55 -30.04
N LYS A 160 30.02 11.50 -30.60
CA LYS A 160 31.21 11.22 -29.80
C LYS A 160 32.34 12.18 -30.15
N ALA A 161 32.99 12.71 -29.12
CA ALA A 161 34.09 13.65 -29.33
C ALA A 161 35.10 13.51 -28.20
N LYS A 162 36.36 13.81 -28.50
CA LYS A 162 37.41 13.70 -27.49
C LYS A 162 38.20 15.00 -27.40
N PRO A 163 37.66 15.99 -26.72
CA PRO A 163 38.33 17.31 -26.56
C PRO A 163 39.56 17.21 -25.65
N ALA A 164 40.58 17.99 -25.98
CA ALA A 164 41.82 17.98 -25.19
C ALA A 164 42.18 19.39 -24.75
N PRO A 165 41.57 19.87 -23.69
CA PRO A 165 41.84 21.23 -23.15
C PRO A 165 43.21 21.32 -22.48
N SER A 166 43.82 22.49 -22.56
CA SER A 166 45.14 22.70 -21.97
C SER A 166 45.06 23.76 -20.87
N LYS A 167 45.79 23.51 -19.78
CA LYS A 167 45.81 24.46 -18.66
C LYS A 167 46.31 25.82 -19.12
N THR A 168 47.25 25.82 -20.06
CA THR A 168 47.81 27.06 -20.56
C THR A 168 47.61 27.17 -22.07
N GLN A 169 47.31 28.38 -22.54
CA GLN A 169 47.09 28.61 -23.96
C GLN A 169 48.22 29.47 -24.55
N ALA A 170 48.44 29.32 -25.84
CA ALA A 170 49.49 30.08 -26.51
C ALA A 170 48.91 31.30 -27.21
N ARG A 171 49.68 32.39 -27.23
CA ARG A 171 49.23 33.62 -27.86
C ARG A 171 50.22 34.08 -28.92
N PRO A 172 50.19 33.49 -30.08
CA PRO A 172 51.11 33.84 -31.19
C PRO A 172 50.88 35.27 -31.69
N VAL A 173 51.95 35.91 -32.14
CA VAL A 173 51.86 37.28 -32.64
C VAL A 173 52.25 37.34 -34.11
N GLY A 174 51.64 38.28 -34.83
CA GLY A 174 51.92 38.45 -36.25
C GLY A 174 51.41 39.80 -36.74
N VAL A 175 51.50 40.01 -38.05
CA VAL A 175 51.05 41.27 -38.64
C VAL A 175 50.03 40.98 -39.73
N LYS A 176 49.15 41.94 -40.00
CA LYS A 176 48.14 41.76 -41.05
C LYS A 176 48.85 41.62 -42.39
N ILE A 177 49.58 40.52 -42.52
CA ILE A 177 50.32 40.25 -43.74
C ILE A 177 49.56 39.25 -44.61
N PRO A 178 49.52 39.44 -45.92
CA PRO A 178 48.83 38.47 -46.82
C PRO A 178 49.25 37.06 -46.48
N THR A 179 48.49 36.06 -46.89
CA THR A 179 48.89 34.68 -46.63
C THR A 179 48.21 33.69 -47.57
N CYS A 180 48.78 32.49 -47.65
CA CYS A 180 48.22 31.45 -48.54
C CYS A 180 48.61 30.06 -48.06
N LYS A 181 48.15 29.03 -48.77
CA LYS A 181 48.45 27.65 -48.40
C LYS A 181 49.48 27.01 -49.33
N ILE A 182 50.42 26.28 -48.72
CA ILE A 182 51.47 25.60 -49.49
C ILE A 182 51.51 24.12 -49.14
N THR A 183 50.41 23.42 -49.39
CA THR A 183 50.34 21.99 -49.10
C THR A 183 51.04 21.20 -50.19
N LEU A 184 52.05 20.43 -49.79
CA LEU A 184 52.81 19.61 -50.73
C LEU A 184 52.76 18.15 -50.31
N LYS A 185 52.61 17.25 -51.29
CA LYS A 185 52.58 15.82 -50.99
C LYS A 185 53.45 15.06 -51.98
N GLU A 186 54.52 14.47 -51.46
CA GLU A 186 55.45 13.73 -52.32
C GLU A 186 55.85 12.39 -51.70
N THR A 187 56.21 11.44 -52.55
CA THR A 187 56.63 10.12 -52.08
C THR A 187 58.15 10.07 -51.96
N PHE A 188 58.63 9.44 -50.89
CA PHE A 188 60.07 9.33 -50.66
C PHE A 188 60.54 7.90 -50.77
N LEU A 189 61.69 7.73 -51.41
CA LEU A 189 62.27 6.42 -51.59
C LEU A 189 62.94 5.94 -50.31
N THR A 190 62.43 6.43 -49.19
CA THR A 190 62.97 6.06 -47.88
C THR A 190 61.84 5.78 -46.91
N SER A 191 62.17 5.14 -45.80
CA SER A 191 61.16 4.83 -44.78
C SER A 191 60.79 6.11 -44.03
N PRO A 192 59.59 6.17 -43.48
CA PRO A 192 59.14 7.36 -42.72
C PRO A 192 60.10 7.70 -41.58
N GLU A 193 60.64 6.67 -40.95
CA GLU A 193 61.58 6.86 -39.87
C GLU A 193 62.84 7.56 -40.36
N GLU A 194 63.31 7.15 -41.54
CA GLU A 194 64.51 7.72 -42.14
C GLU A 194 64.31 9.17 -42.54
N LEU A 195 63.16 9.47 -43.14
CA LEU A 195 62.86 10.83 -43.57
C LEU A 195 62.68 11.75 -42.36
N TYR A 196 62.10 11.18 -41.31
CA TYR A 196 61.83 11.90 -40.07
C TYR A 196 63.09 12.56 -39.51
N ARG A 197 64.16 11.81 -39.52
CA ARG A 197 65.44 12.30 -38.99
C ARG A 197 65.93 13.49 -39.81
N VAL A 198 65.71 13.44 -41.11
CA VAL A 198 66.16 14.50 -41.99
C VAL A 198 65.52 15.82 -41.59
N PHE A 199 64.28 15.75 -41.15
CA PHE A 199 63.56 16.93 -40.73
C PHE A 199 63.77 17.22 -39.26
N THR A 200 64.35 16.26 -38.53
CA THR A 200 64.56 16.45 -37.10
C THR A 200 66.01 16.25 -36.70
N THR A 201 66.92 16.22 -37.67
CA THR A 201 68.32 16.05 -37.36
C THR A 201 69.12 17.15 -38.05
N GLN A 202 69.74 18.00 -37.24
CA GLN A 202 70.50 19.14 -37.76
C GLN A 202 71.53 18.73 -38.81
N GLU A 203 72.34 17.75 -38.48
CA GLU A 203 73.37 17.28 -39.41
C GLU A 203 72.76 16.93 -40.76
N LEU A 204 71.66 16.21 -40.70
CA LEU A 204 70.97 15.79 -41.90
C LEU A 204 70.43 17.00 -42.65
N VAL A 205 69.97 17.99 -41.90
CA VAL A 205 69.46 19.22 -42.51
C VAL A 205 70.60 19.93 -43.19
N GLN A 206 71.73 19.92 -42.51
CA GLN A 206 72.93 20.53 -43.03
C GLN A 206 73.40 19.78 -44.27
N ALA A 207 72.90 18.56 -44.43
CA ALA A 207 73.29 17.73 -45.57
C ALA A 207 72.54 18.13 -46.83
N PHE A 208 71.22 18.13 -46.80
CA PHE A 208 70.45 18.48 -47.99
C PHE A 208 70.37 19.99 -48.19
N THR A 209 70.76 20.76 -47.18
CA THR A 209 70.73 22.21 -47.32
C THR A 209 72.06 22.69 -47.90
N HIS A 210 73.00 21.77 -48.02
CA HIS A 210 74.32 22.10 -48.56
C HIS A 210 74.81 23.41 -47.98
N ALA A 211 74.28 23.74 -46.80
CA ALA A 211 74.67 24.95 -46.11
C ALA A 211 74.58 24.73 -44.61
N PRO A 212 75.00 25.70 -43.83
CA PRO A 212 74.96 25.59 -42.36
C PRO A 212 73.54 25.71 -41.84
N ALA A 213 73.14 24.76 -41.02
CA ALA A 213 71.80 24.78 -40.46
C ALA A 213 71.83 24.37 -38.99
N THR A 214 70.88 24.91 -38.26
CA THR A 214 70.75 24.62 -36.83
C THR A 214 69.38 24.02 -36.57
N LEU A 215 69.33 22.89 -35.91
CA LEU A 215 68.04 22.26 -35.66
C LEU A 215 67.91 21.68 -34.26
N GLU A 216 66.76 21.97 -33.65
CA GLU A 216 66.45 21.47 -32.33
C GLU A 216 65.20 20.61 -32.43
N ALA A 217 65.36 19.30 -32.29
CA ALA A 217 64.21 18.42 -32.40
C ALA A 217 63.50 18.30 -31.07
N ASP A 218 62.60 19.24 -30.81
CA ASP A 218 61.85 19.27 -29.58
C ASP A 218 60.61 20.14 -29.76
N ARG A 219 59.58 19.91 -28.95
CA ARG A 219 58.39 20.73 -29.06
C ARG A 219 58.73 22.17 -28.73
N GLY A 220 58.82 22.96 -29.77
CA GLY A 220 59.18 24.35 -29.63
C GLY A 220 60.63 24.52 -30.02
N GLY A 221 61.22 23.42 -30.49
CA GLY A 221 62.60 23.42 -30.92
C GLY A 221 62.77 24.44 -32.02
N LYS A 222 63.90 25.11 -32.05
CA LYS A 222 64.12 26.12 -33.06
C LYS A 222 65.01 25.58 -34.17
N PHE A 223 64.50 25.63 -35.38
CA PHE A 223 65.26 25.17 -36.52
C PHE A 223 65.57 26.31 -37.45
N HIS A 224 66.85 26.42 -37.75
CA HIS A 224 67.38 27.45 -38.63
C HIS A 224 68.15 26.73 -39.72
N MET A 225 67.92 27.09 -40.98
CA MET A 225 68.58 26.37 -42.05
C MET A 225 69.02 27.28 -43.18
N VAL A 226 69.64 26.66 -44.19
CA VAL A 226 70.12 27.39 -45.36
C VAL A 226 70.87 28.65 -44.93
N ASP A 227 72.06 28.48 -44.37
CA ASP A 227 72.84 29.60 -43.91
C ASP A 227 71.99 30.45 -42.98
N GLY A 228 70.97 29.82 -42.44
CA GLY A 228 70.07 30.46 -41.49
C GLY A 228 69.03 31.33 -42.21
N ASN A 229 68.93 31.20 -43.52
CA ASN A 229 67.97 31.97 -44.27
C ASN A 229 66.56 31.52 -43.93
N VAL A 230 66.46 30.29 -43.42
CA VAL A 230 65.19 29.72 -43.03
C VAL A 230 65.17 29.50 -41.53
N SER A 231 64.07 29.86 -40.90
CA SER A 231 63.94 29.69 -39.46
C SER A 231 62.51 29.36 -39.07
N GLY A 232 62.35 28.79 -37.88
CA GLY A 232 61.02 28.43 -37.38
C GLY A 232 61.11 27.60 -36.12
N GLU A 233 59.96 27.15 -35.62
CA GLU A 233 59.92 26.35 -34.42
C GLU A 233 59.03 25.14 -34.62
N PHE A 234 59.26 24.12 -33.80
CA PHE A 234 58.47 22.91 -33.88
C PHE A 234 57.30 22.99 -32.92
N THR A 235 56.10 23.03 -33.46
CA THR A 235 54.90 23.08 -32.64
C THR A 235 54.54 21.67 -32.17
N ASP A 236 54.99 20.68 -32.93
CA ASP A 236 54.73 19.28 -32.60
C ASP A 236 55.75 18.38 -33.25
N LEU A 237 56.10 17.31 -32.56
CA LEU A 237 57.04 16.34 -33.10
C LEU A 237 56.66 14.93 -32.67
N VAL A 238 55.92 14.24 -33.52
CA VAL A 238 55.52 12.89 -33.23
C VAL A 238 56.56 11.95 -33.87
N PRO A 239 57.18 11.06 -33.12
CA PRO A 239 58.24 10.17 -33.66
C PRO A 239 57.86 9.51 -35.00
N GLU A 240 58.44 10.02 -36.08
CA GLU A 240 58.22 9.45 -37.40
C GLU A 240 56.75 9.39 -37.76
N LYS A 241 55.94 10.19 -37.10
CA LYS A 241 54.51 10.17 -37.34
C LYS A 241 53.96 11.51 -37.82
N HIS A 242 54.39 12.60 -37.20
CA HIS A 242 53.84 13.89 -37.57
C HIS A 242 54.59 15.04 -36.93
N ILE A 243 54.76 16.11 -37.71
CA ILE A 243 55.46 17.28 -37.21
C ILE A 243 54.73 18.56 -37.53
N VAL A 244 54.49 19.37 -36.51
CA VAL A 244 53.85 20.66 -36.71
C VAL A 244 54.89 21.72 -36.40
N MET A 245 55.15 22.60 -37.34
CA MET A 245 56.16 23.62 -37.12
C MET A 245 55.81 24.92 -37.79
N LYS A 246 56.41 25.98 -37.27
CA LYS A 246 56.24 27.31 -37.81
C LYS A 246 57.38 27.53 -38.79
N TRP A 247 57.16 28.27 -39.86
CA TRP A 247 58.22 28.42 -40.86
C TRP A 247 58.30 29.82 -41.46
N ARG A 248 59.51 30.20 -41.87
CA ARG A 248 59.71 31.51 -42.50
C ARG A 248 61.04 31.64 -43.20
N PHE A 249 61.14 32.71 -43.97
CA PHE A 249 62.37 33.05 -44.69
C PHE A 249 63.00 34.24 -43.98
N LYS A 250 64.30 34.35 -44.05
CA LYS A 250 65.00 35.45 -43.39
C LYS A 250 64.54 36.79 -43.98
N SER A 251 63.81 36.74 -45.08
CA SER A 251 63.34 37.96 -45.72
C SER A 251 61.90 38.29 -45.31
N TRP A 252 61.36 37.49 -44.40
CA TRP A 252 59.99 37.69 -43.94
C TRP A 252 59.91 38.72 -42.82
N PRO A 253 58.76 39.32 -42.63
CA PRO A 253 58.57 40.31 -41.54
C PRO A 253 58.87 39.70 -40.19
N GLU A 254 59.35 40.51 -39.26
CA GLU A 254 59.67 40.02 -37.93
C GLU A 254 58.40 39.53 -37.24
N GLY A 255 58.44 38.32 -36.71
CA GLY A 255 57.30 37.75 -36.02
C GLY A 255 56.27 37.20 -37.02
N HIS A 256 56.72 36.88 -38.23
CA HIS A 256 55.82 36.34 -39.25
C HIS A 256 56.28 34.97 -39.71
N PHE A 257 55.49 33.95 -39.38
CA PHE A 257 55.80 32.61 -39.78
C PHE A 257 54.59 31.95 -40.41
N ALA A 258 54.85 30.83 -41.05
CA ALA A 258 53.80 30.06 -41.68
C ALA A 258 53.65 28.75 -40.93
N THR A 259 52.42 28.33 -40.71
CA THR A 259 52.19 27.08 -40.00
C THR A 259 52.33 25.91 -40.97
N ILE A 260 53.28 25.02 -40.68
CA ILE A 260 53.51 23.88 -41.55
C ILE A 260 53.33 22.58 -40.78
N THR A 261 52.70 21.60 -41.42
CA THR A 261 52.48 20.32 -40.77
C THR A 261 52.87 19.18 -41.70
N LEU A 262 53.78 18.34 -41.21
CA LEU A 262 54.26 17.20 -41.98
C LEU A 262 53.76 15.90 -41.37
N THR A 263 53.35 14.97 -42.21
CA THR A 263 52.88 13.68 -41.74
C THR A 263 53.68 12.57 -42.41
N PHE A 264 53.98 11.53 -41.64
CA PHE A 264 54.77 10.42 -42.15
C PHE A 264 53.93 9.18 -42.36
N ILE A 265 54.08 8.58 -43.54
CA ILE A 265 53.32 7.39 -43.89
C ILE A 265 54.18 6.28 -44.45
N ASP A 266 53.89 5.08 -43.99
CA ASP A 266 54.60 3.90 -44.42
C ASP A 266 53.96 3.32 -45.68
N LYS A 267 54.71 3.32 -46.78
CA LYS A 267 54.20 2.82 -48.04
C LYS A 267 54.82 1.47 -48.40
N ASN A 268 55.45 0.84 -47.43
CA ASN A 268 56.05 -0.47 -47.65
C ASN A 268 57.15 -0.40 -48.70
N GLY A 269 58.13 0.44 -48.45
CA GLY A 269 59.24 0.61 -49.38
C GLY A 269 59.64 2.06 -49.45
N GLU A 270 58.62 2.92 -49.45
CA GLU A 270 58.86 4.34 -49.51
C GLU A 270 57.95 5.05 -48.51
N THR A 271 57.95 6.38 -48.52
CA THR A 271 57.13 7.13 -47.59
C THR A 271 56.38 8.26 -48.27
N GLU A 272 55.13 8.46 -47.87
CA GLU A 272 54.34 9.55 -48.43
C GLU A 272 54.25 10.67 -47.41
N LEU A 273 55.00 11.73 -47.65
CA LEU A 273 55.00 12.87 -46.75
C LEU A 273 53.85 13.79 -47.09
N CYS A 274 52.99 14.04 -46.11
CA CYS A 274 51.85 14.90 -46.31
C CYS A 274 52.08 16.25 -45.64
N MET A 275 52.51 17.23 -46.43
CA MET A 275 52.78 18.57 -45.91
C MET A 275 51.51 19.41 -45.95
N GLU A 276 51.48 20.47 -45.14
CA GLU A 276 50.32 21.35 -45.11
C GLU A 276 50.75 22.73 -44.63
N GLY A 277 51.24 23.54 -45.56
CA GLY A 277 51.71 24.87 -45.24
C GLY A 277 50.60 25.90 -45.34
N ARG A 278 50.55 26.79 -44.35
CA ARG A 278 49.56 27.85 -44.33
C ARG A 278 50.10 29.04 -43.56
N GLY A 279 49.65 30.24 -43.93
CA GLY A 279 50.12 31.45 -43.28
C GLY A 279 51.25 32.06 -44.10
N ILE A 280 51.67 31.32 -45.12
CA ILE A 280 52.73 31.76 -46.00
C ILE A 280 52.32 33.06 -46.68
N PRO A 281 53.08 34.12 -46.55
CA PRO A 281 52.71 35.40 -47.20
C PRO A 281 52.46 35.24 -48.68
N ALA A 282 51.32 35.75 -49.11
CA ALA A 282 50.93 35.69 -50.51
C ALA A 282 52.06 36.16 -51.43
N PRO A 283 52.70 37.29 -51.14
CA PRO A 283 53.80 37.77 -52.01
C PRO A 283 54.93 36.78 -52.07
N GLU A 284 55.12 36.08 -50.96
CA GLU A 284 56.20 35.11 -50.84
C GLU A 284 55.69 33.70 -51.13
N GLU A 285 54.40 33.58 -51.45
CA GLU A 285 53.82 32.27 -51.72
C GLU A 285 54.55 31.53 -52.82
N GLU A 286 54.70 32.16 -53.97
CA GLU A 286 55.40 31.49 -55.06
C GLU A 286 56.80 31.10 -54.62
N ARG A 287 57.45 32.00 -53.89
CA ARG A 287 58.80 31.75 -53.40
C ARG A 287 58.86 30.59 -52.42
N THR A 288 58.00 30.64 -51.42
CA THR A 288 57.97 29.61 -50.39
C THR A 288 57.84 28.21 -50.98
N ARG A 289 56.87 28.03 -51.86
CA ARG A 289 56.65 26.73 -52.47
C ARG A 289 57.85 26.32 -53.31
N GLN A 290 58.36 27.26 -54.09
CA GLN A 290 59.51 26.97 -54.94
C GLN A 290 60.75 26.68 -54.11
N GLY A 291 60.94 27.45 -53.05
CA GLY A 291 62.09 27.28 -52.18
C GLY A 291 61.86 26.15 -51.17
N TRP A 292 60.76 25.44 -51.35
CA TRP A 292 60.45 24.34 -50.44
C TRP A 292 61.01 23.01 -50.97
N GLN A 293 60.22 22.30 -51.78
CA GLN A 293 60.65 21.02 -52.33
C GLN A 293 62.11 21.08 -52.80
N ARG A 294 62.44 22.09 -53.59
CA ARG A 294 63.79 22.25 -54.11
C ARG A 294 64.82 22.06 -53.00
N TYR A 295 64.59 22.71 -51.87
CA TYR A 295 65.51 22.59 -50.73
C TYR A 295 65.03 21.51 -49.77
N TYR A 296 63.75 21.14 -49.89
CA TYR A 296 63.19 20.13 -49.00
C TYR A 296 63.21 18.74 -49.62
N PHE A 297 62.12 18.40 -50.28
CA PHE A 297 61.97 17.10 -50.90
C PHE A 297 62.97 16.89 -52.02
N GLU A 298 62.85 17.69 -53.06
CA GLU A 298 63.74 17.58 -54.18
C GLU A 298 65.19 17.65 -53.72
N GLY A 299 65.44 18.41 -52.66
CA GLY A 299 66.80 18.51 -52.12
C GLY A 299 67.19 17.21 -51.43
N ILE A 300 66.39 16.81 -50.44
CA ILE A 300 66.66 15.57 -49.72
C ILE A 300 66.72 14.40 -50.70
N LYS A 301 65.70 14.32 -51.54
CA LYS A 301 65.64 13.27 -52.54
C LYS A 301 66.92 13.25 -53.36
N GLN A 302 67.52 14.42 -53.51
CA GLN A 302 68.75 14.54 -54.27
C GLN A 302 69.95 14.20 -53.41
N THR A 303 70.08 14.91 -52.29
CA THR A 303 71.18 14.72 -51.36
C THR A 303 71.18 13.33 -50.74
N PHE A 304 70.03 12.92 -50.23
CA PHE A 304 69.91 11.62 -49.58
C PHE A 304 69.64 10.53 -50.60
N GLY A 305 68.96 10.89 -51.67
CA GLY A 305 68.66 9.92 -52.70
C GLY A 305 67.33 9.23 -52.44
N TYR A 306 66.40 9.99 -51.86
CA TYR A 306 65.09 9.47 -51.53
C TYR A 306 64.05 9.82 -52.60
N GLY A 307 64.48 10.08 -53.82
CA GLY A 307 63.54 10.41 -54.88
C GLY A 307 63.25 9.18 -55.75
N ALA A 308 62.35 9.35 -56.71
CA ALA A 308 61.99 8.27 -57.61
C ALA A 308 62.41 8.58 -59.04
N THR A 1 -9.28 -8.12 23.19
CA THR A 1 -9.05 -6.68 23.31
C THR A 1 -7.55 -6.39 23.35
N GLU A 2 -7.02 -5.90 22.23
CA GLU A 2 -5.61 -5.57 22.14
C GLU A 2 -5.40 -4.06 22.22
N ARG A 3 -4.30 -3.65 22.85
CA ARG A 3 -4.00 -2.24 22.98
C ARG A 3 -3.36 -1.72 21.69
N ASP A 4 -3.71 -0.49 21.33
CA ASP A 4 -3.16 0.11 20.12
C ASP A 4 -1.76 0.67 20.41
N ALA A 5 -0.75 0.09 19.76
CA ALA A 5 0.61 0.53 19.97
C ALA A 5 0.75 2.03 19.70
N SER A 6 0.47 2.83 20.71
CA SER A 6 0.56 4.29 20.57
C SER A 6 2.01 4.75 20.54
N ASN A 7 2.87 4.02 21.24
CA ASN A 7 4.28 4.39 21.31
C ASN A 7 4.89 4.55 19.91
N TRP A 8 4.64 3.57 19.04
CA TRP A 8 5.18 3.64 17.69
C TRP A 8 4.40 4.66 16.86
N SER A 9 3.15 4.89 17.24
CA SER A 9 2.32 5.83 16.51
C SER A 9 2.94 7.22 16.52
N THR A 10 2.75 7.94 17.61
CA THR A 10 3.31 9.28 17.71
C THR A 10 4.78 9.29 17.33
N ASP A 11 5.52 8.35 17.86
CA ASP A 11 6.96 8.26 17.59
C ASP A 11 7.27 8.31 16.09
N LYS A 12 6.54 7.53 15.31
CA LYS A 12 6.78 7.51 13.87
C LYS A 12 6.03 8.64 13.17
N LEU A 13 4.75 8.78 13.46
CA LEU A 13 3.97 9.84 12.83
C LEU A 13 4.58 11.22 13.14
N LYS A 14 4.94 11.44 14.41
CA LYS A 14 5.52 12.72 14.80
C LYS A 14 6.82 12.94 14.04
N THR A 15 7.67 11.92 14.00
CA THR A 15 8.93 12.02 13.30
C THR A 15 8.67 12.22 11.81
N LEU A 16 7.79 11.37 11.29
CA LEU A 16 7.42 11.44 9.89
C LEU A 16 6.78 12.79 9.59
N PHE A 17 6.11 13.35 10.59
CA PHE A 17 5.49 14.66 10.42
C PHE A 17 6.60 15.70 10.29
N LEU A 18 7.62 15.56 11.12
CA LEU A 18 8.76 16.47 11.12
C LEU A 18 9.71 16.08 9.99
N ALA A 19 9.36 15.00 9.30
CA ALA A 19 10.18 14.51 8.21
C ALA A 19 9.68 15.07 6.89
N VAL A 20 8.70 15.96 6.97
CA VAL A 20 8.16 16.56 5.77
C VAL A 20 9.32 17.08 4.92
N GLN A 21 9.33 16.70 3.65
CA GLN A 21 10.42 17.10 2.76
C GLN A 21 10.07 18.29 1.89
N VAL A 22 11.10 19.00 1.50
CA VAL A 22 10.97 20.17 0.66
C VAL A 22 11.66 19.95 -0.69
N GLN A 23 11.05 20.54 -1.72
CA GLN A 23 11.61 20.45 -3.07
C GLN A 23 12.26 21.79 -3.43
N ASN A 24 11.75 22.43 -4.46
CA ASN A 24 12.29 23.72 -4.88
C ASN A 24 11.47 24.85 -4.25
N GLU A 25 12.02 26.05 -4.22
CA GLU A 25 11.32 27.19 -3.64
C GLU A 25 9.93 27.30 -4.24
N GLU A 26 9.79 26.84 -5.47
CA GLU A 26 8.49 26.88 -6.14
C GLU A 26 7.47 26.07 -5.38
N GLY A 27 7.87 24.88 -4.98
CA GLY A 27 6.99 23.99 -4.22
C GLY A 27 7.77 23.28 -3.13
N LYS A 28 8.24 24.04 -2.15
CA LYS A 28 9.00 23.47 -1.06
C LYS A 28 8.11 23.24 0.15
N CYS A 29 8.49 22.30 1.01
CA CYS A 29 7.69 22.01 2.19
C CYS A 29 8.57 21.59 3.36
N GLU A 30 8.34 22.21 4.49
CA GLU A 30 9.11 21.87 5.70
C GLU A 30 8.24 22.02 6.93
N VAL A 31 8.31 21.05 7.84
CA VAL A 31 7.53 21.11 9.07
C VAL A 31 8.36 21.71 10.20
N THR A 32 7.75 22.62 10.95
CA THR A 32 8.45 23.27 12.05
C THR A 32 8.22 22.54 13.37
N GLU A 33 7.02 21.98 13.54
CA GLU A 33 6.71 21.26 14.76
C GLU A 33 5.46 20.41 14.63
N VAL A 34 5.43 19.30 15.34
CA VAL A 34 4.29 18.39 15.32
C VAL A 34 3.82 18.10 16.74
N SER A 35 2.51 18.14 16.94
CA SER A 35 1.99 17.84 18.26
C SER A 35 2.05 16.34 18.49
N LYS A 36 0.99 15.65 18.06
CA LYS A 36 0.87 14.19 18.18
C LYS A 36 -0.61 13.80 18.15
N LEU A 37 -0.91 12.60 17.65
CA LEU A 37 -2.30 12.15 17.59
C LEU A 37 -2.91 12.11 18.98
N ASP A 38 -3.73 13.11 19.29
CA ASP A 38 -4.36 13.20 20.59
C ASP A 38 -5.77 12.64 20.55
N GLY A 39 -5.99 11.55 21.26
CA GLY A 39 -7.31 10.94 21.27
C GLY A 39 -7.26 9.54 21.88
N GLU A 40 -8.35 8.81 21.75
CA GLU A 40 -8.42 7.46 22.28
C GLU A 40 -8.51 6.46 21.14
N ALA A 41 -7.68 5.44 21.18
CA ALA A 41 -7.69 4.43 20.12
C ALA A 41 -7.53 3.02 20.69
N SER A 42 -8.06 2.04 19.95
CA SER A 42 -7.97 0.65 20.39
C SER A 42 -8.28 -0.30 19.23
N ILE A 43 -7.48 -1.36 19.12
CA ILE A 43 -7.67 -2.35 18.08
C ILE A 43 -7.72 -3.75 18.70
N ASN A 44 -8.45 -4.66 18.06
CA ASN A 44 -8.55 -6.02 18.58
C ASN A 44 -7.90 -7.00 17.61
N ASN A 45 -6.77 -7.57 18.02
CA ASN A 45 -6.05 -8.50 17.17
C ASN A 45 -5.69 -9.77 17.94
N ARG A 46 -5.51 -10.86 17.21
CA ARG A 46 -5.14 -12.13 17.83
C ARG A 46 -4.75 -13.15 16.77
N LYS A 47 -3.77 -12.80 15.95
CA LYS A 47 -3.28 -13.69 14.92
C LYS A 47 -4.42 -14.32 14.11
N GLY A 48 -5.20 -13.50 13.41
CA GLY A 48 -6.30 -14.01 12.60
C GLY A 48 -7.60 -13.28 12.88
N LYS A 49 -7.51 -12.06 13.39
CA LYS A 49 -8.70 -11.27 13.70
C LYS A 49 -8.31 -9.80 13.84
N LEU A 50 -7.87 -9.19 12.74
CA LEU A 50 -7.45 -7.80 12.77
C LEU A 50 -8.59 -6.85 12.46
N ILE A 51 -8.95 -6.03 13.44
CA ILE A 51 -10.00 -5.04 13.27
C ILE A 51 -9.54 -3.73 13.88
N PHE A 52 -9.92 -2.60 13.27
CA PHE A 52 -9.48 -1.31 13.77
C PHE A 52 -10.65 -0.43 14.20
N PHE A 53 -10.58 0.08 15.42
CA PHE A 53 -11.60 0.98 15.94
C PHE A 53 -10.92 2.08 16.77
N TYR A 54 -10.94 3.30 16.27
CA TYR A 54 -10.31 4.39 16.99
C TYR A 54 -10.86 5.75 16.56
N GLU A 55 -10.54 6.78 17.35
CA GLU A 55 -10.99 8.14 17.07
C GLU A 55 -10.04 9.16 17.70
N TRP A 56 -9.23 9.82 16.88
CA TRP A 56 -8.29 10.81 17.40
C TRP A 56 -8.04 11.92 16.37
N SER A 57 -7.36 12.96 16.82
CA SER A 57 -7.03 14.08 15.95
C SER A 57 -5.56 14.44 16.12
N VAL A 58 -4.94 14.91 15.05
CA VAL A 58 -3.52 15.28 15.10
C VAL A 58 -3.35 16.74 14.69
N LYS A 59 -2.43 17.43 15.35
CA LYS A 59 -2.22 18.84 15.05
C LYS A 59 -0.75 19.14 14.76
N LEU A 60 -0.50 19.78 13.62
CA LEU A 60 0.87 20.14 13.26
C LEU A 60 0.88 21.40 12.38
N ASN A 61 2.07 21.95 12.14
CA ASN A 61 2.19 23.15 11.33
C ASN A 61 3.42 23.10 10.44
N TRP A 62 3.38 23.78 9.30
CA TRP A 62 4.53 23.78 8.39
C TRP A 62 4.72 25.12 7.71
N THR A 63 5.83 25.25 6.99
CA THR A 63 6.15 26.47 6.27
C THR A 63 6.42 26.18 4.80
N GLY A 64 6.01 27.10 3.95
CA GLY A 64 6.22 26.92 2.51
C GLY A 64 6.75 28.22 1.89
N THR A 65 7.87 28.10 1.17
CA THR A 65 8.47 29.27 0.53
C THR A 65 8.15 29.27 -0.96
N SER A 66 8.00 30.46 -1.53
CA SER A 66 7.70 30.58 -2.95
C SER A 66 8.77 31.38 -3.67
N LYS A 67 8.98 31.07 -4.95
CA LYS A 67 9.98 31.77 -5.74
C LYS A 67 9.70 33.27 -5.72
N SER A 68 8.43 33.63 -5.51
CA SER A 68 8.05 35.03 -5.44
C SER A 68 8.81 35.71 -4.30
N GLY A 69 9.22 34.91 -3.33
CA GLY A 69 9.97 35.42 -2.20
C GLY A 69 9.07 35.52 -0.97
N VAL A 70 7.99 34.74 -0.96
CA VAL A 70 7.07 34.77 0.18
C VAL A 70 7.03 33.45 0.92
N GLN A 71 7.14 33.55 2.24
CA GLN A 71 7.08 32.38 3.10
C GLN A 71 5.85 32.49 3.99
N TYR A 72 5.19 31.38 4.24
CA TYR A 72 4.00 31.43 5.07
C TYR A 72 3.89 30.16 5.89
N LYS A 73 3.44 30.30 7.12
CA LYS A 73 3.28 29.15 7.98
C LYS A 73 1.80 28.85 8.16
N GLY A 74 1.37 27.74 7.56
CA GLY A 74 -0.03 27.35 7.64
C GLY A 74 -0.27 26.33 8.73
N HIS A 75 -1.54 25.98 8.93
CA HIS A 75 -1.92 25.02 9.95
C HIS A 75 -2.71 23.88 9.32
N VAL A 76 -2.51 22.67 9.85
CA VAL A 76 -3.22 21.50 9.36
C VAL A 76 -3.68 20.67 10.54
N GLU A 77 -4.90 20.16 10.47
CA GLU A 77 -5.42 19.37 11.56
C GLU A 77 -6.55 18.46 11.09
N ILE A 78 -6.48 17.18 11.49
CA ILE A 78 -7.51 16.23 11.11
C ILE A 78 -8.34 15.85 12.35
N PRO A 79 -9.62 16.12 12.35
CA PRO A 79 -10.48 15.81 13.52
C PRO A 79 -10.46 14.33 13.92
N ASN A 80 -11.55 13.87 14.52
CA ASN A 80 -11.66 12.49 14.99
C ASN A 80 -11.89 11.48 13.87
N LEU A 81 -11.31 11.73 12.69
CA LEU A 81 -11.48 10.80 11.58
C LEU A 81 -10.97 9.42 12.00
N SER A 82 -11.66 8.38 11.54
CA SER A 82 -11.27 7.01 11.88
C SER A 82 -10.57 6.33 10.72
N ASP A 83 -9.47 5.66 11.02
CA ASP A 83 -8.70 4.95 10.00
C ASP A 83 -9.34 3.61 9.66
N GLU A 84 -10.58 3.40 10.13
CA GLU A 84 -11.28 2.16 9.85
C GLU A 84 -11.34 1.97 8.35
N ASN A 85 -11.21 3.08 7.64
CA ASN A 85 -11.22 3.09 6.19
C ASN A 85 -9.84 3.53 5.69
N SER A 86 -9.68 3.64 4.38
CA SER A 86 -8.40 4.06 3.83
C SER A 86 -7.93 5.32 4.54
N VAL A 87 -6.73 5.27 5.10
CA VAL A 87 -6.19 6.42 5.81
C VAL A 87 -6.04 7.63 4.89
N ASP A 88 -5.57 7.36 3.68
CA ASP A 88 -5.36 8.41 2.69
C ASP A 88 -6.64 9.21 2.45
N GLU A 89 -7.78 8.54 2.55
CA GLU A 89 -9.06 9.20 2.32
C GLU A 89 -9.45 10.05 3.53
N VAL A 90 -8.64 9.98 4.59
CA VAL A 90 -8.92 10.75 5.78
C VAL A 90 -8.99 12.24 5.47
N GLU A 91 -9.95 12.91 6.09
CA GLU A 91 -10.12 14.34 5.87
C GLU A 91 -9.11 15.12 6.67
N ILE A 92 -8.21 15.78 5.95
CA ILE A 92 -7.17 16.58 6.57
C ILE A 92 -7.43 18.05 6.28
N SER A 93 -7.21 18.90 7.29
CA SER A 93 -7.42 20.32 7.12
C SER A 93 -6.13 20.97 6.64
N VAL A 94 -6.24 21.86 5.66
CA VAL A 94 -5.07 22.53 5.13
C VAL A 94 -5.27 24.04 5.13
N SER A 95 -4.27 24.77 5.58
CA SER A 95 -4.34 26.22 5.61
C SER A 95 -2.98 26.84 5.32
N LEU A 96 -2.46 26.55 4.14
CA LEU A 96 -1.17 27.08 3.74
C LEU A 96 -1.22 27.64 2.34
N ALA A 97 -0.46 28.69 2.11
CA ALA A 97 -0.40 29.32 0.79
C ALA A 97 -1.73 29.98 0.43
N LYS A 98 -2.82 29.48 0.99
CA LYS A 98 -4.13 30.04 0.68
C LYS A 98 -4.18 31.52 1.06
N ASP A 99 -3.48 31.87 2.13
CA ASP A 99 -3.46 33.25 2.59
C ASP A 99 -2.40 34.08 1.86
N GLU A 100 -1.44 33.40 1.23
CA GLU A 100 -0.37 34.11 0.53
C GLU A 100 -0.36 33.77 -0.97
N PRO A 101 0.17 34.64 -1.78
CA PRO A 101 0.26 34.44 -3.26
C PRO A 101 0.85 33.08 -3.62
N ASP A 102 1.40 32.38 -2.64
CA ASP A 102 2.02 31.08 -2.88
C ASP A 102 0.99 30.09 -3.43
N THR A 103 -0.21 30.09 -2.83
CA THR A 103 -1.30 29.20 -3.25
C THR A 103 -0.81 27.92 -3.95
N ASN A 104 -0.41 28.05 -5.20
CA ASN A 104 0.07 26.89 -5.95
C ASN A 104 0.98 26.02 -5.09
N LEU A 105 1.71 26.66 -4.19
CA LEU A 105 2.62 25.94 -3.32
C LEU A 105 1.89 24.83 -2.56
N VAL A 106 0.75 25.18 -1.95
CA VAL A 106 -0.02 24.18 -1.20
C VAL A 106 -0.52 23.09 -2.14
N ALA A 107 -0.77 23.47 -3.40
CA ALA A 107 -1.24 22.49 -4.37
C ALA A 107 -0.30 21.29 -4.35
N LEU A 108 0.99 21.57 -4.32
CA LEU A 108 1.99 20.51 -4.29
C LEU A 108 1.88 19.71 -3.00
N MET A 109 1.70 20.43 -1.89
CA MET A 109 1.56 19.77 -0.59
C MET A 109 0.37 18.83 -0.61
N LYS A 110 -0.66 19.22 -1.34
CA LYS A 110 -1.84 18.38 -1.45
C LYS A 110 -1.48 17.11 -2.18
N GLU A 111 -0.44 17.19 -3.02
CA GLU A 111 0.00 16.03 -3.79
C GLU A 111 1.31 15.48 -3.23
N GLU A 112 1.86 16.15 -2.22
CA GLU A 112 3.13 15.72 -1.63
C GLU A 112 3.10 15.84 -0.11
N GLY A 113 2.43 16.86 0.40
CA GLY A 113 2.35 17.08 1.84
C GLY A 113 1.43 16.07 2.48
N VAL A 114 0.12 16.24 2.25
CA VAL A 114 -0.84 15.30 2.81
C VAL A 114 -0.49 13.90 2.35
N LYS A 115 0.12 13.83 1.17
CA LYS A 115 0.54 12.55 0.62
C LYS A 115 1.57 11.89 1.55
N LEU A 116 2.57 12.67 1.95
CA LEU A 116 3.58 12.12 2.84
C LEU A 116 2.89 11.39 3.98
N LEU A 117 1.81 11.98 4.47
CA LEU A 117 1.06 11.37 5.54
C LEU A 117 0.61 9.99 5.09
N ARG A 118 0.34 9.86 3.78
CA ARG A 118 -0.06 8.56 3.27
C ARG A 118 0.99 7.56 3.72
N GLU A 119 2.24 8.01 3.71
CA GLU A 119 3.32 7.16 4.17
C GLU A 119 3.07 6.81 5.62
N ALA A 120 2.43 7.75 6.34
CA ALA A 120 2.11 7.51 7.74
C ALA A 120 1.23 6.27 7.84
N MET A 121 0.40 6.06 6.82
CA MET A 121 -0.46 4.88 6.80
C MET A 121 0.39 3.63 6.71
N GLY A 122 1.50 3.73 6.00
CA GLY A 122 2.40 2.58 5.83
C GLY A 122 2.86 2.02 7.17
N ILE A 123 3.45 2.88 8.01
CA ILE A 123 3.94 2.45 9.31
C ILE A 123 2.79 2.21 10.28
N TYR A 124 1.80 3.08 10.24
CA TYR A 124 0.67 2.95 11.14
C TYR A 124 0.00 1.59 10.97
N ILE A 125 -0.18 1.17 9.72
CA ILE A 125 -0.79 -0.13 9.45
C ILE A 125 0.20 -1.24 9.67
N SER A 126 1.43 -1.02 9.22
CA SER A 126 2.47 -2.02 9.34
C SER A 126 3.01 -2.15 10.77
N THR A 127 3.55 -1.07 11.30
CA THR A 127 4.12 -1.11 12.66
C THR A 127 3.08 -1.47 13.70
N LEU A 128 1.90 -0.87 13.62
CA LEU A 128 0.86 -1.15 14.60
C LEU A 128 0.47 -2.63 14.58
N LYS A 129 0.39 -3.20 13.38
CA LYS A 129 0.00 -4.60 13.24
C LYS A 129 1.23 -5.51 13.16
N THR A 130 2.42 -4.92 13.22
CA THR A 130 3.65 -5.70 13.14
C THR A 130 4.35 -5.74 14.49
N GLU A 131 3.55 -5.83 15.56
CA GLU A 131 4.10 -5.87 16.91
C GLU A 131 3.29 -6.83 17.79
N PHE A 132 2.15 -6.36 18.26
CA PHE A 132 1.29 -7.17 19.10
C PHE A 132 0.84 -8.43 18.36
N THR A 133 0.65 -8.31 17.04
CA THR A 133 0.24 -9.44 16.23
C THR A 133 1.03 -9.47 14.93
N GLN A 134 1.12 -10.65 14.32
CA GLN A 134 1.85 -10.81 13.06
C GLN A 134 1.15 -11.82 12.16
N GLY A 135 1.50 -11.81 10.88
CA GLY A 135 0.90 -12.73 9.93
C GLY A 135 -0.51 -12.29 9.57
N MET A 136 -0.61 -11.41 8.57
CA MET A 136 -1.92 -10.91 8.14
C MET A 136 -2.51 -11.83 7.08
N ILE A 137 -3.60 -12.50 7.45
CA ILE A 137 -4.27 -13.42 6.52
C ILE A 137 -5.70 -12.98 6.25
N LEU A 138 -6.24 -13.40 5.12
CA LEU A 138 -7.60 -13.03 4.73
C LEU A 138 -8.43 -14.28 4.45
N PRO A 139 -8.98 -14.89 5.47
CA PRO A 139 -9.81 -16.12 5.33
C PRO A 139 -11.18 -15.81 4.73
N THR A 140 -11.73 -16.76 3.99
CA THR A 140 -13.03 -16.59 3.36
C THR A 140 -13.92 -17.79 3.68
N MET A 141 -15.23 -17.58 3.69
CA MET A 141 -16.15 -18.66 3.99
C MET A 141 -17.60 -18.19 3.85
N ASN A 142 -18.51 -19.13 3.66
CA ASN A 142 -19.92 -18.80 3.52
C ASN A 142 -20.68 -19.14 4.79
N GLY A 143 -21.42 -18.17 5.31
CA GLY A 143 -22.20 -18.37 6.53
C GLY A 143 -23.57 -18.96 6.22
N GLU A 144 -24.36 -19.19 7.26
CA GLU A 144 -25.69 -19.75 7.10
C GLU A 144 -26.65 -19.03 8.04
N SER A 145 -27.87 -18.77 7.55
CA SER A 145 -28.85 -18.09 8.38
C SER A 145 -30.03 -19.01 8.69
N VAL A 146 -30.64 -18.80 9.85
CA VAL A 146 -31.78 -19.61 10.27
C VAL A 146 -32.89 -18.74 10.82
N ASP A 147 -34.14 -19.14 10.57
CA ASP A 147 -35.29 -18.39 11.03
C ASP A 147 -36.25 -19.29 11.80
N PRO A 148 -35.94 -19.58 13.03
CA PRO A 148 -36.80 -20.45 13.89
C PRO A 148 -38.09 -19.74 14.32
N VAL A 149 -39.17 -20.50 14.43
CA VAL A 149 -40.45 -19.94 14.83
C VAL A 149 -41.47 -21.05 15.04
N GLY A 150 -42.55 -21.03 14.26
CA GLY A 150 -43.57 -22.05 14.37
C GLY A 150 -43.20 -23.26 13.53
N GLN A 151 -42.89 -24.37 14.20
CA GLN A 151 -42.50 -25.58 13.51
C GLN A 151 -43.26 -26.78 14.08
N PRO A 152 -43.48 -27.81 13.29
CA PRO A 152 -44.21 -29.02 13.75
C PRO A 152 -43.68 -29.53 15.09
N ALA A 153 -44.13 -28.91 16.16
CA ALA A 153 -43.70 -29.30 17.50
C ALA A 153 -44.83 -29.11 18.50
N LEU A 154 -44.81 -29.90 19.57
CA LEU A 154 -45.84 -29.82 20.60
C LEU A 154 -45.36 -28.98 21.77
N LYS A 155 -46.25 -28.15 22.32
CA LYS A 155 -45.90 -27.30 23.45
C LYS A 155 -46.75 -27.65 24.66
N THR A 156 -46.15 -27.56 25.85
CA THR A 156 -46.86 -27.87 27.08
C THR A 156 -46.82 -26.69 28.03
N GLU A 157 -47.76 -26.66 28.97
CA GLU A 157 -47.82 -25.58 29.95
C GLU A 157 -47.66 -26.12 31.36
N GLU A 158 -46.93 -25.38 32.19
CA GLU A 158 -46.71 -25.80 33.57
C GLU A 158 -47.31 -24.79 34.54
N ARG A 159 -47.81 -25.28 35.68
CA ARG A 159 -48.42 -24.40 36.67
C ARG A 159 -47.44 -23.33 37.11
N LYS A 160 -46.18 -23.72 37.28
CA LYS A 160 -45.16 -22.77 37.70
C LYS A 160 -43.94 -22.85 36.79
N ALA A 161 -43.31 -21.70 36.53
CA ALA A 161 -42.14 -21.65 35.67
C ALA A 161 -41.31 -20.42 36.00
N LYS A 162 -40.00 -20.54 35.86
CA LYS A 162 -39.12 -19.41 36.15
C LYS A 162 -38.13 -19.20 35.02
N PRO A 163 -38.57 -18.60 33.94
CA PRO A 163 -37.71 -18.34 32.75
C PRO A 163 -36.71 -17.22 33.03
N ALA A 164 -35.46 -17.44 32.65
CA ALA A 164 -34.41 -16.44 32.85
C ALA A 164 -33.32 -16.61 31.80
N PRO A 165 -32.56 -15.58 31.56
CA PRO A 165 -31.45 -15.62 30.58
C PRO A 165 -30.53 -16.82 30.80
N SER A 166 -30.42 -17.24 32.05
CA SER A 166 -29.59 -18.37 32.41
C SER A 166 -30.41 -19.43 33.14
N LYS A 167 -30.01 -20.69 32.99
CA LYS A 167 -30.72 -21.79 33.65
C LYS A 167 -29.75 -22.61 34.50
N THR A 168 -30.09 -22.77 35.77
CA THR A 168 -29.25 -23.54 36.69
C THR A 168 -30.07 -24.62 37.38
N GLN A 169 -29.38 -25.60 37.95
CA GLN A 169 -30.05 -26.69 38.65
C GLN A 169 -29.65 -26.71 40.11
N ALA A 170 -30.54 -27.23 40.96
CA ALA A 170 -30.26 -27.29 42.39
C ALA A 170 -30.79 -28.60 42.98
N ARG A 171 -30.16 -29.06 44.05
CA ARG A 171 -30.56 -30.30 44.70
C ARG A 171 -30.76 -30.08 46.20
N PRO A 172 -31.88 -29.52 46.58
CA PRO A 172 -32.19 -29.26 48.01
C PRO A 172 -32.34 -30.56 48.80
N VAL A 173 -31.95 -30.52 50.07
CA VAL A 173 -32.05 -31.70 50.92
C VAL A 173 -32.76 -31.37 52.23
N GLY A 174 -33.34 -32.40 52.85
CA GLY A 174 -34.05 -32.21 54.12
C GLY A 174 -35.17 -33.25 54.25
N VAL A 175 -35.70 -33.38 55.46
CA VAL A 175 -36.77 -34.33 55.71
C VAL A 175 -37.93 -33.63 56.41
N LYS A 176 -39.14 -34.15 56.23
CA LYS A 176 -40.30 -33.56 56.87
C LYS A 176 -40.15 -33.70 58.37
N ILE A 177 -39.16 -33.01 58.90
CA ILE A 177 -38.88 -33.06 60.32
C ILE A 177 -39.53 -31.88 61.05
N PRO A 178 -40.11 -32.06 62.21
CA PRO A 178 -40.73 -30.94 62.96
C PRO A 178 -39.76 -29.78 63.03
N THR A 179 -40.24 -28.57 63.31
CA THR A 179 -39.33 -27.44 63.43
C THR A 179 -39.96 -26.30 64.22
N CYS A 180 -39.11 -25.37 64.69
CA CYS A 180 -39.59 -24.24 65.48
C CYS A 180 -38.63 -23.06 65.36
N LYS A 181 -38.94 -21.97 66.06
CA LYS A 181 -38.10 -20.78 66.00
C LYS A 181 -37.30 -20.59 67.29
N ILE A 182 -36.04 -20.23 67.16
CA ILE A 182 -35.17 -20.00 68.31
C ILE A 182 -34.56 -18.61 68.25
N THR A 183 -35.41 -17.59 68.27
CA THR A 183 -34.94 -16.21 68.23
C THR A 183 -34.42 -15.79 69.59
N LEU A 184 -33.17 -15.38 69.62
CA LEU A 184 -32.54 -14.95 70.87
C LEU A 184 -31.99 -13.53 70.74
N LYS A 185 -32.25 -12.70 71.73
CA LYS A 185 -31.75 -11.33 71.73
C LYS A 185 -30.90 -11.10 72.97
N GLU A 186 -29.60 -11.29 72.84
CA GLU A 186 -28.70 -11.12 73.97
C GLU A 186 -27.76 -9.93 73.78
N THR A 187 -27.43 -9.27 74.88
CA THR A 187 -26.52 -8.12 74.83
C THR A 187 -25.12 -8.56 75.24
N PHE A 188 -24.12 -8.04 74.53
CA PHE A 188 -22.73 -8.40 74.82
C PHE A 188 -21.93 -7.21 75.31
N LEU A 189 -21.11 -7.45 76.32
CA LEU A 189 -20.27 -6.41 76.89
C LEU A 189 -19.09 -6.13 75.97
N THR A 190 -19.29 -6.37 74.68
CA THR A 190 -18.24 -6.14 73.70
C THR A 190 -18.82 -5.45 72.48
N SER A 191 -17.95 -4.89 71.64
CA SER A 191 -18.40 -4.21 70.43
C SER A 191 -18.83 -5.25 69.39
N PRO A 192 -19.70 -4.89 68.48
CA PRO A 192 -20.18 -5.82 67.43
C PRO A 192 -19.02 -6.42 66.62
N GLU A 193 -17.99 -5.62 66.39
CA GLU A 193 -16.84 -6.07 65.63
C GLU A 193 -16.12 -7.23 66.34
N GLU A 194 -15.99 -7.12 67.66
CA GLU A 194 -15.30 -8.16 68.43
C GLU A 194 -16.10 -9.46 68.46
N LEU A 195 -17.40 -9.35 68.74
CA LEU A 195 -18.26 -10.53 68.80
C LEU A 195 -18.29 -11.24 67.45
N TYR A 196 -18.23 -10.45 66.40
CA TYR A 196 -18.25 -10.96 65.03
C TYR A 196 -17.15 -11.99 64.81
N ARG A 197 -15.97 -11.67 65.30
CA ARG A 197 -14.81 -12.57 65.15
C ARG A 197 -15.06 -13.87 65.86
N VAL A 198 -15.72 -13.79 67.01
CA VAL A 198 -15.98 -14.98 67.80
C VAL A 198 -16.82 -15.96 67.02
N PHE A 199 -17.70 -15.44 66.18
CA PHE A 199 -18.54 -16.28 65.36
C PHE A 199 -17.93 -16.55 64.00
N THR A 200 -16.85 -15.85 63.68
CA THR A 200 -16.21 -16.05 62.38
C THR A 200 -14.73 -16.36 62.51
N THR A 201 -14.28 -16.70 63.72
CA THR A 201 -12.88 -17.04 63.92
C THR A 201 -12.79 -18.38 64.65
N GLN A 202 -12.21 -19.36 63.95
CA GLN A 202 -12.09 -20.71 64.50
C GLN A 202 -11.45 -20.73 65.88
N GLU A 203 -10.33 -20.06 66.00
CA GLU A 203 -9.61 -20.02 67.29
C GLU A 203 -10.53 -19.53 68.39
N LEU A 204 -11.25 -18.46 68.11
CA LEU A 204 -12.15 -17.88 69.07
C LEU A 204 -13.29 -18.83 69.40
N VAL A 205 -13.72 -19.58 68.40
CA VAL A 205 -14.80 -20.55 68.62
C VAL A 205 -14.28 -21.65 69.52
N GLN A 206 -13.06 -22.06 69.24
CA GLN A 206 -12.40 -23.08 70.02
C GLN A 206 -12.17 -22.57 71.44
N ALA A 207 -12.28 -21.26 71.61
CA ALA A 207 -12.06 -20.65 72.92
C ALA A 207 -13.28 -20.81 73.82
N PHE A 208 -14.44 -20.32 73.35
CA PHE A 208 -15.63 -20.40 74.18
C PHE A 208 -16.27 -21.78 74.11
N THR A 209 -15.83 -22.62 73.18
CA THR A 209 -16.38 -23.96 73.07
C THR A 209 -15.58 -24.92 73.95
N HIS A 210 -14.50 -24.41 74.52
CA HIS A 210 -13.64 -25.22 75.37
C HIS A 210 -13.45 -26.60 74.77
N ALA A 211 -13.61 -26.67 73.46
CA ALA A 211 -13.45 -27.92 72.74
C ALA A 211 -12.86 -27.65 71.36
N PRO A 212 -12.57 -28.67 70.61
CA PRO A 212 -12.00 -28.52 69.25
C PRO A 212 -13.06 -28.01 68.28
N ALA A 213 -12.71 -26.98 67.55
CA ALA A 213 -13.65 -26.41 66.59
C ALA A 213 -12.96 -26.09 65.27
N THR A 214 -13.75 -26.17 64.21
CA THR A 214 -13.28 -25.87 62.87
C THR A 214 -14.18 -24.82 62.26
N LEU A 215 -13.61 -23.71 61.80
CA LEU A 215 -14.45 -22.66 61.25
C LEU A 215 -13.89 -22.03 59.99
N GLU A 216 -14.77 -21.86 59.03
CA GLU A 216 -14.41 -21.24 57.77
C GLU A 216 -15.26 -19.99 57.60
N ALA A 217 -14.67 -18.82 57.71
CA ALA A 217 -15.42 -17.59 57.58
C ALA A 217 -15.53 -17.17 56.13
N ASP A 218 -16.51 -17.74 55.45
CA ASP A 218 -16.75 -17.45 54.05
C ASP A 218 -18.18 -17.83 53.69
N ARG A 219 -18.72 -17.24 52.63
CA ARG A 219 -20.07 -17.57 52.23
C ARG A 219 -20.12 -19.03 51.81
N GLY A 220 -20.67 -19.83 52.69
CA GLY A 220 -20.76 -21.26 52.46
C GLY A 220 -19.68 -21.93 53.29
N GLY A 221 -18.97 -21.14 54.07
CA GLY A 221 -17.93 -21.66 54.93
C GLY A 221 -18.50 -22.69 55.86
N LYS A 222 -17.74 -23.71 56.16
CA LYS A 222 -18.22 -24.77 57.04
C LYS A 222 -17.67 -24.62 58.43
N PHE A 223 -18.57 -24.53 59.40
CA PHE A 223 -18.17 -24.41 60.79
C PHE A 223 -18.59 -25.64 61.56
N HIS A 224 -17.63 -26.19 62.28
CA HIS A 224 -17.82 -27.38 63.08
C HIS A 224 -17.33 -27.06 64.48
N MET A 225 -18.10 -27.40 65.51
CA MET A 225 -17.69 -27.05 66.86
C MET A 225 -18.12 -28.09 67.89
N VAL A 226 -17.83 -27.78 69.15
CA VAL A 226 -18.17 -28.65 70.26
C VAL A 226 -17.78 -30.09 69.95
N ASP A 227 -16.48 -30.36 69.92
CA ASP A 227 -15.99 -31.69 69.63
C ASP A 227 -16.67 -32.21 68.37
N GLY A 228 -16.97 -31.26 67.49
CA GLY A 228 -17.59 -31.57 66.22
C GLY A 228 -19.05 -31.99 66.38
N ASN A 229 -19.63 -31.70 67.55
CA ASN A 229 -21.02 -32.06 67.78
C ASN A 229 -21.94 -31.00 67.19
N VAL A 230 -21.34 -29.89 66.75
CA VAL A 230 -22.09 -28.82 66.14
C VAL A 230 -21.50 -28.53 64.77
N SER A 231 -22.35 -28.46 63.76
CA SER A 231 -21.87 -28.20 62.41
C SER A 231 -22.87 -27.36 61.62
N GLY A 232 -22.39 -26.80 60.52
CA GLY A 232 -23.26 -25.97 59.67
C GLY A 232 -22.45 -25.19 58.65
N GLU A 233 -23.13 -24.33 57.90
CA GLU A 233 -22.48 -23.53 56.88
C GLU A 233 -22.93 -22.08 56.97
N PHE A 234 -22.11 -21.20 56.44
CA PHE A 234 -22.44 -19.79 56.44
C PHE A 234 -23.14 -19.41 55.14
N THR A 235 -24.39 -19.05 55.24
CA THR A 235 -25.14 -18.64 54.06
C THR A 235 -24.83 -17.19 53.73
N ASP A 236 -24.40 -16.44 54.75
CA ASP A 236 -24.06 -15.04 54.56
C ASP A 236 -23.12 -14.57 55.66
N LEU A 237 -22.23 -13.67 55.30
CA LEU A 237 -21.30 -13.12 56.28
C LEU A 237 -21.03 -11.66 55.96
N VAL A 238 -21.73 -10.78 56.67
CA VAL A 238 -21.53 -9.36 56.48
C VAL A 238 -20.57 -8.86 57.57
N PRO A 239 -19.47 -8.22 57.21
CA PRO A 239 -18.48 -7.76 58.22
C PRO A 239 -19.08 -7.07 59.44
N GLU A 240 -19.12 -7.79 60.55
CA GLU A 240 -19.62 -7.24 61.81
C GLU A 240 -21.03 -6.69 61.66
N LYS A 241 -21.75 -7.12 60.64
CA LYS A 241 -23.08 -6.61 60.41
C LYS A 241 -24.15 -7.69 60.46
N HIS A 242 -23.89 -8.84 59.84
CA HIS A 242 -24.93 -9.86 59.79
C HIS A 242 -24.40 -11.19 59.25
N ILE A 243 -24.88 -12.26 59.84
CA ILE A 243 -24.47 -13.59 59.41
C ILE A 243 -25.64 -14.54 59.27
N VAL A 244 -25.74 -15.15 58.10
CA VAL A 244 -26.77 -16.14 57.86
C VAL A 244 -26.09 -17.48 57.76
N MET A 245 -26.49 -18.42 58.60
CA MET A 245 -25.86 -19.72 58.58
C MET A 245 -26.83 -20.84 58.90
N LYS A 246 -26.45 -22.02 58.47
CA LYS A 246 -27.22 -23.22 58.72
C LYS A 246 -26.64 -23.86 59.96
N TRP A 247 -27.45 -24.51 60.78
CA TRP A 247 -26.93 -25.06 62.03
C TRP A 247 -27.53 -26.41 62.40
N ARG A 248 -26.77 -27.22 63.14
CA ARG A 248 -27.27 -28.52 63.58
C ARG A 248 -26.47 -29.11 64.73
N PHE A 249 -27.02 -30.20 65.27
CA PHE A 249 -26.39 -30.93 66.36
C PHE A 249 -25.94 -32.29 65.84
N LYS A 250 -25.03 -32.93 66.55
CA LYS A 250 -24.55 -34.23 66.16
C LYS A 250 -25.66 -35.26 66.25
N SER A 251 -26.71 -34.92 66.98
CA SER A 251 -27.84 -35.84 67.17
C SER A 251 -28.97 -35.55 66.17
N TRP A 252 -28.74 -34.60 65.28
CA TRP A 252 -29.76 -34.24 64.31
C TRP A 252 -29.68 -35.13 63.06
N PRO A 253 -30.78 -35.26 62.35
CA PRO A 253 -30.79 -36.08 61.11
C PRO A 253 -29.74 -35.59 60.12
N GLU A 254 -29.06 -36.53 59.48
CA GLU A 254 -28.00 -36.22 58.52
C GLU A 254 -28.17 -34.85 57.86
N GLY A 255 -29.06 -34.77 56.88
CA GLY A 255 -29.28 -33.52 56.15
C GLY A 255 -30.32 -32.64 56.82
N HIS A 256 -30.10 -32.33 58.10
CA HIS A 256 -31.05 -31.47 58.81
C HIS A 256 -30.36 -30.36 59.56
N PHE A 257 -30.59 -29.14 59.09
CA PHE A 257 -30.01 -27.97 59.73
C PHE A 257 -31.07 -26.94 60.00
N ALA A 258 -30.72 -25.99 60.84
CA ALA A 258 -31.62 -24.91 61.18
C ALA A 258 -31.09 -23.61 60.57
N THR A 259 -31.99 -22.80 60.02
CA THR A 259 -31.57 -21.55 59.43
C THR A 259 -31.39 -20.51 60.53
N ILE A 260 -30.14 -20.15 60.79
CA ILE A 260 -29.86 -19.18 61.83
C ILE A 260 -29.30 -17.90 61.24
N THR A 261 -29.82 -16.78 61.69
CA THR A 261 -29.36 -15.49 61.23
C THR A 261 -29.00 -14.61 62.40
N LEU A 262 -27.77 -14.13 62.37
CA LEU A 262 -27.28 -13.27 63.43
C LEU A 262 -27.04 -11.86 62.92
N THR A 263 -27.41 -10.89 63.74
CA THR A 263 -27.22 -9.50 63.38
C THR A 263 -26.40 -8.80 64.45
N PHE A 264 -25.52 -7.90 64.02
CA PHE A 264 -24.66 -7.20 64.95
C PHE A 264 -25.08 -5.74 65.09
N ILE A 265 -25.24 -5.33 66.34
CA ILE A 265 -25.66 -3.97 66.64
C ILE A 265 -24.76 -3.31 67.68
N ASP A 266 -24.35 -2.09 67.39
CA ASP A 266 -23.52 -1.33 68.32
C ASP A 266 -24.39 -0.54 69.28
N LYS A 267 -24.25 -0.85 70.56
CA LYS A 267 -25.03 -0.21 71.60
C LYS A 267 -24.23 0.84 72.35
N ASN A 268 -23.11 1.24 71.77
CA ASN A 268 -22.28 2.26 72.39
C ASN A 268 -21.74 1.78 73.73
N GLY A 269 -21.05 0.66 73.71
CA GLY A 269 -20.48 0.09 74.92
C GLY A 269 -20.60 -1.41 74.85
N GLU A 270 -21.75 -1.87 74.37
CA GLU A 270 -22.00 -3.29 74.24
C GLU A 270 -22.64 -3.57 72.89
N THR A 271 -23.03 -4.82 72.67
CA THR A 271 -23.62 -5.18 71.39
C THR A 271 -24.86 -6.04 71.58
N GLU A 272 -25.89 -5.77 70.77
CA GLU A 272 -27.12 -6.55 70.83
C GLU A 272 -27.17 -7.52 69.66
N LEU A 273 -26.87 -8.78 69.93
CA LEU A 273 -26.91 -9.78 68.89
C LEU A 273 -28.34 -10.26 68.73
N CYS A 274 -28.99 -9.78 67.68
CA CYS A 274 -30.36 -10.14 67.42
C CYS A 274 -30.41 -11.40 66.55
N MET A 275 -30.66 -12.53 67.21
CA MET A 275 -30.69 -13.82 66.52
C MET A 275 -32.10 -14.22 66.10
N GLU A 276 -32.19 -14.83 64.91
CA GLU A 276 -33.46 -15.30 64.39
C GLU A 276 -33.30 -16.73 63.89
N GLY A 277 -33.37 -17.66 64.84
CA GLY A 277 -33.21 -19.07 64.53
C GLY A 277 -34.52 -19.73 64.12
N ARG A 278 -34.46 -20.55 63.08
CA ARG A 278 -35.65 -21.26 62.61
C ARG A 278 -35.25 -22.56 61.92
N GLY A 279 -36.16 -23.53 61.93
CA GLY A 279 -35.89 -24.81 61.32
C GLY A 279 -35.43 -25.82 62.36
N ILE A 280 -35.19 -25.31 63.57
CA ILE A 280 -34.76 -26.15 64.66
C ILE A 280 -35.83 -27.21 64.93
N PRO A 281 -35.50 -28.47 64.91
CA PRO A 281 -36.49 -29.54 65.15
C PRO A 281 -37.22 -29.34 66.47
N ALA A 282 -38.54 -29.42 66.39
CA ALA A 282 -39.37 -29.25 67.56
C ALA A 282 -38.91 -30.15 68.71
N PRO A 283 -38.63 -31.41 68.47
CA PRO A 283 -38.19 -32.32 69.57
C PRO A 283 -36.89 -31.83 70.18
N GLU A 284 -36.04 -31.25 69.33
CA GLU A 284 -34.75 -30.76 69.76
C GLU A 284 -34.80 -29.28 70.09
N GLU A 285 -35.98 -28.68 69.92
CA GLU A 285 -36.12 -27.25 70.19
C GLU A 285 -35.62 -26.88 71.58
N GLU A 286 -36.12 -27.56 72.59
CA GLU A 286 -35.69 -27.26 73.94
C GLU A 286 -34.18 -27.41 74.04
N ARG A 287 -33.65 -28.46 73.43
CA ARG A 287 -32.21 -28.71 73.45
C ARG A 287 -31.42 -27.61 72.77
N THR A 288 -31.77 -27.34 71.52
CA THR A 288 -31.08 -26.33 70.73
C THR A 288 -30.92 -25.03 71.50
N ARG A 289 -32.03 -24.44 71.90
CA ARG A 289 -31.99 -23.18 72.61
C ARG A 289 -31.14 -23.29 73.88
N GLN A 290 -31.33 -24.38 74.62
CA GLN A 290 -30.59 -24.57 75.86
C GLN A 290 -29.09 -24.76 75.57
N GLY A 291 -28.79 -25.55 74.55
CA GLY A 291 -27.41 -25.81 74.18
C GLY A 291 -26.84 -24.69 73.34
N TRP A 292 -27.61 -23.62 73.21
CA TRP A 292 -27.16 -22.48 72.41
C TRP A 292 -26.43 -21.46 73.27
N GLN A 293 -27.16 -20.52 73.86
CA GLN A 293 -26.57 -19.49 74.70
C GLN A 293 -25.49 -20.06 75.61
N ARG A 294 -25.81 -21.16 76.29
CA ARG A 294 -24.88 -21.80 77.19
C ARG A 294 -23.52 -22.00 76.52
N TYR A 295 -23.54 -22.52 75.30
CA TYR A 295 -22.30 -22.74 74.57
C TYR A 295 -21.99 -21.55 73.68
N TYR A 296 -23.00 -20.71 73.43
CA TYR A 296 -22.82 -19.55 72.57
C TYR A 296 -22.57 -18.29 73.36
N PHE A 297 -23.65 -17.57 73.63
CA PHE A 297 -23.60 -16.31 74.35
C PHE A 297 -23.06 -16.50 75.76
N GLU A 298 -23.82 -17.17 76.59
CA GLU A 298 -23.41 -17.40 77.96
C GLU A 298 -21.98 -17.94 77.98
N GLY A 299 -21.63 -18.73 76.96
CA GLY A 299 -20.29 -19.30 76.87
C GLY A 299 -19.28 -18.20 76.56
N ILE A 300 -19.49 -17.51 75.45
CA ILE A 300 -18.60 -16.43 75.06
C ILE A 300 -18.51 -15.40 76.18
N LYS A 301 -19.67 -15.00 76.66
CA LYS A 301 -19.73 -14.04 77.75
C LYS A 301 -18.89 -14.52 78.92
N GLN A 302 -18.82 -15.82 79.08
CA GLN A 302 -18.06 -16.43 80.15
C GLN A 302 -16.58 -16.49 79.79
N THR A 303 -16.31 -17.11 78.66
CA THR A 303 -14.94 -17.29 78.16
C THR A 303 -14.28 -15.96 77.80
N PHE A 304 -14.98 -15.16 77.00
CA PHE A 304 -14.45 -13.88 76.57
C PHE A 304 -14.68 -12.81 77.62
N GLY A 305 -15.76 -12.95 78.36
CA GLY A 305 -16.07 -12.00 79.40
C GLY A 305 -16.95 -10.87 78.85
N TYR A 306 -17.78 -11.22 77.89
CA TYR A 306 -18.66 -10.26 77.26
C TYR A 306 -20.07 -10.27 77.89
N GLY A 307 -20.17 -10.69 79.13
CA GLY A 307 -21.47 -10.71 79.79
C GLY A 307 -21.62 -9.52 80.73
N ALA A 308 -22.80 -9.37 81.32
CA ALA A 308 -23.07 -8.26 82.24
C ALA A 308 -23.20 -8.78 83.67
N THR A 1 -10.30 -6.55 22.43
CA THR A 1 -9.79 -5.20 22.52
C THR A 1 -8.33 -5.19 22.96
N GLU A 2 -7.43 -4.96 22.01
CA GLU A 2 -6.00 -4.93 22.32
C GLU A 2 -5.49 -3.50 22.35
N ARG A 3 -4.46 -3.26 23.14
CA ARG A 3 -3.89 -1.93 23.25
C ARG A 3 -3.32 -1.47 21.92
N ASP A 4 -3.54 -0.20 21.59
CA ASP A 4 -3.03 0.34 20.35
C ASP A 4 -1.64 0.92 20.56
N ALA A 5 -0.62 0.16 20.20
CA ALA A 5 0.75 0.62 20.37
C ALA A 5 0.92 2.02 19.81
N SER A 6 0.62 3.03 20.63
CA SER A 6 0.74 4.42 20.21
C SER A 6 2.18 4.91 20.33
N ASN A 7 2.97 4.21 21.15
CA ASN A 7 4.37 4.61 21.35
C ASN A 7 5.11 4.68 20.02
N TRP A 8 4.90 3.69 19.18
CA TRP A 8 5.56 3.67 17.87
C TRP A 8 4.90 4.67 16.94
N SER A 9 3.64 4.96 17.19
CA SER A 9 2.92 5.90 16.35
C SER A 9 3.58 7.27 16.40
N THR A 10 3.31 8.04 17.44
CA THR A 10 3.91 9.34 17.57
C THR A 10 5.38 9.27 17.18
N ASP A 11 6.08 8.30 17.73
CA ASP A 11 7.50 8.14 17.45
C ASP A 11 7.78 8.19 15.94
N LYS A 12 6.97 7.48 15.16
CA LYS A 12 7.15 7.45 13.72
C LYS A 12 6.47 8.65 13.06
N LEU A 13 5.19 8.84 13.34
CA LEU A 13 4.46 9.95 12.74
C LEU A 13 5.14 11.28 13.06
N LYS A 14 5.58 11.44 14.31
CA LYS A 14 6.24 12.68 14.70
C LYS A 14 7.54 12.85 13.93
N THR A 15 8.33 11.79 13.85
CA THR A 15 9.59 11.83 13.12
C THR A 15 9.32 12.02 11.64
N LEU A 16 8.42 11.20 11.13
CA LEU A 16 8.03 11.26 9.73
C LEU A 16 7.49 12.63 9.41
N PHE A 17 6.86 13.26 10.40
CA PHE A 17 6.29 14.59 10.21
C PHE A 17 7.42 15.61 10.14
N LEU A 18 8.24 15.63 11.18
CA LEU A 18 9.37 16.55 11.23
C LEU A 18 10.32 16.25 10.09
N ALA A 19 10.24 15.03 9.57
CA ALA A 19 11.10 14.61 8.47
C ALA A 19 10.47 15.02 7.15
N VAL A 20 9.33 15.70 7.23
CA VAL A 20 8.66 16.15 6.02
C VAL A 20 9.70 16.76 5.10
N GLN A 21 9.66 16.34 3.84
CA GLN A 21 10.64 16.82 2.88
C GLN A 21 10.11 17.91 1.97
N VAL A 22 11.04 18.69 1.47
CA VAL A 22 10.75 19.80 0.60
C VAL A 22 11.28 19.56 -0.81
N GLN A 23 10.63 20.17 -1.78
CA GLN A 23 11.04 20.08 -3.17
C GLN A 23 11.76 21.37 -3.54
N ASN A 24 11.23 22.08 -4.53
CA ASN A 24 11.83 23.34 -4.95
C ASN A 24 11.05 24.51 -4.34
N GLU A 25 11.64 25.69 -4.35
CA GLU A 25 10.98 26.88 -3.78
C GLU A 25 9.60 27.08 -4.39
N GLU A 26 9.40 26.61 -5.61
CA GLU A 26 8.11 26.75 -6.27
C GLU A 26 7.05 25.99 -5.51
N GLY A 27 7.46 24.88 -4.91
CA GLY A 27 6.56 24.05 -4.14
C GLY A 27 7.34 23.21 -3.13
N LYS A 28 7.90 23.88 -2.13
CA LYS A 28 8.67 23.19 -1.11
C LYS A 28 7.82 22.94 0.13
N CYS A 29 8.24 21.98 0.94
CA CYS A 29 7.49 21.67 2.15
C CYS A 29 8.44 21.38 3.31
N GLU A 30 8.14 21.94 4.46
CA GLU A 30 8.97 21.72 5.64
C GLU A 30 8.10 21.75 6.91
N VAL A 31 8.34 20.81 7.82
CA VAL A 31 7.57 20.80 9.05
C VAL A 31 8.33 21.51 10.15
N THR A 32 7.65 22.43 10.84
CA THR A 32 8.30 23.19 11.91
C THR A 32 8.12 22.49 13.25
N GLU A 33 7.03 21.74 13.38
CA GLU A 33 6.77 21.05 14.63
C GLU A 33 5.55 20.14 14.51
N VAL A 34 5.58 19.05 15.27
CA VAL A 34 4.47 18.10 15.27
C VAL A 34 3.99 17.90 16.70
N SER A 35 2.68 17.92 16.89
CA SER A 35 2.16 17.71 18.23
C SER A 35 2.17 16.23 18.53
N LYS A 36 1.23 15.53 17.93
CA LYS A 36 1.08 14.08 18.11
C LYS A 36 -0.37 13.72 17.85
N LEU A 37 -0.60 12.57 17.24
CA LEU A 37 -1.96 12.14 16.95
C LEU A 37 -2.73 12.03 18.26
N ASP A 38 -3.62 12.99 18.51
CA ASP A 38 -4.40 12.97 19.74
C ASP A 38 -5.75 12.36 19.46
N GLY A 39 -5.99 11.18 20.03
CA GLY A 39 -7.26 10.54 19.78
C GLY A 39 -7.42 9.24 20.56
N GLU A 40 -8.53 8.55 20.31
CA GLU A 40 -8.81 7.29 20.97
C GLU A 40 -8.69 6.14 19.99
N ALA A 41 -7.54 5.47 20.03
CA ALA A 41 -7.31 4.34 19.14
C ALA A 41 -7.46 3.02 19.89
N SER A 42 -8.25 2.12 19.34
CA SER A 42 -8.46 0.82 19.96
C SER A 42 -8.54 -0.26 18.89
N ILE A 43 -7.63 -1.23 18.97
CA ILE A 43 -7.61 -2.31 18.00
C ILE A 43 -7.59 -3.66 18.70
N ASN A 44 -8.11 -4.68 18.03
CA ASN A 44 -8.11 -6.02 18.60
C ASN A 44 -7.41 -6.98 17.66
N ASN A 45 -6.24 -7.46 18.09
CA ASN A 45 -5.46 -8.37 17.26
C ASN A 45 -5.03 -9.60 18.06
N ARG A 46 -4.87 -10.71 17.36
CA ARG A 46 -4.43 -11.93 18.01
C ARG A 46 -4.07 -12.98 16.96
N LYS A 47 -3.15 -12.60 16.07
CA LYS A 47 -2.67 -13.50 15.03
C LYS A 47 -3.83 -14.10 14.22
N GLY A 48 -4.60 -13.26 13.52
CA GLY A 48 -5.71 -13.76 12.71
C GLY A 48 -7.01 -13.01 12.96
N LYS A 49 -6.91 -11.78 13.43
CA LYS A 49 -8.11 -10.98 13.69
C LYS A 49 -7.74 -9.52 13.93
N LEU A 50 -7.33 -8.84 12.85
CA LEU A 50 -6.93 -7.44 12.97
C LEU A 50 -8.10 -6.50 12.70
N ILE A 51 -8.39 -5.63 13.67
CA ILE A 51 -9.46 -4.65 13.52
C ILE A 51 -8.96 -3.29 13.98
N PHE A 52 -9.36 -2.23 13.27
CA PHE A 52 -8.93 -0.89 13.63
C PHE A 52 -10.11 0.04 13.94
N PHE A 53 -10.02 0.71 15.08
CA PHE A 53 -11.05 1.65 15.49
C PHE A 53 -10.42 2.91 16.10
N TYR A 54 -10.56 4.04 15.40
CA TYR A 54 -10.00 5.30 15.87
C TYR A 54 -10.98 6.43 15.65
N GLU A 55 -11.03 7.37 16.60
CA GLU A 55 -11.93 8.50 16.48
C GLU A 55 -11.37 9.73 17.20
N TRP A 56 -10.99 10.75 16.40
CA TRP A 56 -10.43 11.99 16.95
C TRP A 56 -9.62 12.74 15.89
N SER A 57 -8.70 13.62 16.32
CA SER A 57 -7.92 14.41 15.35
C SER A 57 -6.46 14.58 15.76
N VAL A 58 -5.63 14.85 14.75
CA VAL A 58 -4.20 15.07 14.96
C VAL A 58 -3.89 16.53 14.60
N LYS A 59 -2.90 17.14 15.26
CA LYS A 59 -2.59 18.54 14.97
C LYS A 59 -1.10 18.81 14.79
N LEU A 60 -0.74 19.45 13.68
CA LEU A 60 0.66 19.80 13.42
C LEU A 60 0.76 21.14 12.68
N ASN A 61 2.00 21.59 12.43
CA ASN A 61 2.24 22.86 11.74
C ASN A 61 3.37 22.71 10.72
N TRP A 62 3.32 23.49 9.64
CA TRP A 62 4.37 23.41 8.62
C TRP A 62 4.68 24.76 7.96
N THR A 63 5.67 24.74 7.07
CA THR A 63 6.08 25.95 6.35
C THR A 63 6.26 25.65 4.86
N GLY A 64 6.02 26.65 4.03
CA GLY A 64 6.16 26.47 2.59
C GLY A 64 6.63 27.76 1.93
N THR A 65 7.76 27.68 1.22
CA THR A 65 8.28 28.86 0.52
C THR A 65 7.86 28.85 -0.94
N SER A 66 7.67 30.03 -1.51
CA SER A 66 7.26 30.15 -2.90
C SER A 66 8.37 30.78 -3.74
N LYS A 67 8.38 30.47 -5.02
CA LYS A 67 9.40 31.03 -5.91
C LYS A 67 9.37 32.54 -5.82
N SER A 68 8.20 33.09 -5.49
CA SER A 68 8.06 34.53 -5.36
C SER A 68 8.97 35.05 -4.26
N GLY A 69 9.31 34.17 -3.32
CA GLY A 69 10.18 34.53 -2.22
C GLY A 69 9.40 34.73 -0.93
N VAL A 70 8.20 34.16 -0.86
CA VAL A 70 7.38 34.31 0.33
C VAL A 70 7.26 33.01 1.11
N GLN A 71 7.44 33.10 2.43
CA GLN A 71 7.33 31.95 3.30
C GLN A 71 6.09 32.11 4.17
N TYR A 72 5.39 31.03 4.42
CA TYR A 72 4.20 31.11 5.24
C TYR A 72 4.01 29.83 6.03
N LYS A 73 3.68 29.97 7.30
CA LYS A 73 3.49 28.82 8.14
C LYS A 73 2.01 28.58 8.39
N GLY A 74 1.49 27.50 7.80
CA GLY A 74 0.09 27.16 7.93
C GLY A 74 -0.13 26.09 8.99
N HIS A 75 -1.37 25.66 9.10
CA HIS A 75 -1.73 24.62 10.07
C HIS A 75 -2.53 23.53 9.36
N VAL A 76 -2.30 22.28 9.74
CA VAL A 76 -3.02 21.17 9.13
C VAL A 76 -3.45 20.17 10.19
N GLU A 77 -4.75 19.89 10.24
CA GLU A 77 -5.28 18.94 11.21
C GLU A 77 -6.36 18.07 10.58
N ILE A 78 -6.45 16.82 11.01
CA ILE A 78 -7.47 15.93 10.48
C ILE A 78 -8.57 15.76 11.54
N PRO A 79 -9.80 16.14 11.23
CA PRO A 79 -10.92 16.06 12.21
C PRO A 79 -11.15 14.65 12.77
N ASN A 80 -12.38 14.41 13.22
CA ASN A 80 -12.76 13.14 13.83
C ASN A 80 -12.77 11.98 12.84
N LEU A 81 -11.86 11.99 11.87
CA LEU A 81 -11.80 10.91 10.90
C LEU A 81 -11.33 9.63 11.60
N SER A 82 -11.93 8.51 11.23
CA SER A 82 -11.58 7.23 11.85
C SER A 82 -10.86 6.32 10.88
N ASP A 83 -9.96 5.49 11.41
CA ASP A 83 -9.19 4.56 10.60
C ASP A 83 -10.02 3.32 10.26
N GLU A 84 -11.30 3.34 10.63
CA GLU A 84 -12.17 2.22 10.35
C GLU A 84 -12.30 2.01 8.85
N ASN A 85 -11.97 3.07 8.11
CA ASN A 85 -12.02 3.03 6.66
C ASN A 85 -10.62 3.28 6.10
N SER A 86 -10.51 3.36 4.79
CA SER A 86 -9.21 3.60 4.18
C SER A 86 -8.55 4.79 4.85
N VAL A 87 -7.36 4.57 5.39
CA VAL A 87 -6.63 5.63 6.08
C VAL A 87 -6.22 6.75 5.12
N ASP A 88 -5.79 6.35 3.93
CA ASP A 88 -5.35 7.33 2.94
C ASP A 88 -6.50 8.25 2.52
N GLU A 89 -7.73 7.74 2.58
CA GLU A 89 -8.89 8.54 2.20
C GLU A 89 -9.25 9.52 3.31
N VAL A 90 -8.49 9.46 4.41
CA VAL A 90 -8.75 10.35 5.54
C VAL A 90 -8.71 11.80 5.08
N GLU A 91 -9.65 12.58 5.58
CA GLU A 91 -9.73 13.98 5.19
C GLU A 91 -8.74 14.82 5.98
N ILE A 92 -7.79 15.41 5.26
CA ILE A 92 -6.79 16.26 5.88
C ILE A 92 -7.14 17.72 5.65
N SER A 93 -7.01 18.54 6.69
CA SER A 93 -7.31 19.96 6.56
C SER A 93 -6.02 20.73 6.43
N VAL A 94 -6.03 21.75 5.59
CA VAL A 94 -4.84 22.56 5.37
C VAL A 94 -5.14 24.04 5.44
N SER A 95 -4.13 24.79 5.84
CA SER A 95 -4.25 26.24 5.94
C SER A 95 -2.89 26.87 5.76
N LEU A 96 -2.28 26.63 4.60
CA LEU A 96 -0.96 27.17 4.31
C LEU A 96 -0.96 27.87 2.97
N ALA A 97 -0.18 28.93 2.88
CA ALA A 97 -0.06 29.71 1.65
C ALA A 97 -1.39 30.32 1.21
N LYS A 98 -2.49 29.81 1.77
CA LYS A 98 -3.81 30.33 1.42
C LYS A 98 -3.87 31.83 1.66
N ASP A 99 -3.22 32.28 2.72
CA ASP A 99 -3.22 33.70 3.07
C ASP A 99 -2.15 34.46 2.28
N GLU A 100 -1.18 33.74 1.73
CA GLU A 100 -0.11 34.39 0.99
C GLU A 100 -0.18 34.06 -0.51
N PRO A 101 0.34 34.92 -1.35
CA PRO A 101 0.34 34.72 -2.83
C PRO A 101 0.83 33.33 -3.21
N ASP A 102 1.37 32.62 -2.23
CA ASP A 102 1.91 31.28 -2.47
C ASP A 102 0.83 30.33 -2.97
N THR A 103 -0.36 30.41 -2.36
CA THR A 103 -1.51 29.57 -2.73
C THR A 103 -1.11 28.31 -3.50
N ASN A 104 -0.78 28.47 -4.78
CA ASN A 104 -0.42 27.33 -5.61
C ASN A 104 0.50 26.37 -4.84
N LEU A 105 1.34 26.93 -3.98
CA LEU A 105 2.25 26.12 -3.19
C LEU A 105 1.50 25.06 -2.41
N VAL A 106 0.40 25.45 -1.75
CA VAL A 106 -0.38 24.50 -0.98
C VAL A 106 -0.92 23.38 -1.88
N ALA A 107 -1.21 23.73 -3.14
CA ALA A 107 -1.73 22.75 -4.07
C ALA A 107 -0.77 21.56 -4.17
N LEU A 108 0.52 21.85 -4.28
CA LEU A 108 1.50 20.79 -4.35
C LEU A 108 1.56 20.04 -3.02
N MET A 109 1.49 20.80 -1.93
CA MET A 109 1.51 20.22 -0.59
C MET A 109 0.39 19.20 -0.47
N LYS A 110 -0.72 19.48 -1.13
CA LYS A 110 -1.86 18.58 -1.10
C LYS A 110 -1.52 17.30 -1.85
N GLU A 111 -0.60 17.41 -2.80
CA GLU A 111 -0.20 16.24 -3.60
C GLU A 111 1.17 15.75 -3.17
N GLU A 112 1.77 16.42 -2.20
CA GLU A 112 3.10 16.05 -1.75
C GLU A 112 3.21 16.11 -0.22
N GLY A 113 2.58 17.12 0.38
CA GLY A 113 2.62 17.30 1.83
C GLY A 113 1.72 16.27 2.51
N VAL A 114 0.41 16.40 2.31
CA VAL A 114 -0.52 15.47 2.90
C VAL A 114 -0.18 14.08 2.41
N LYS A 115 0.51 14.03 1.28
CA LYS A 115 0.93 12.77 0.70
C LYS A 115 1.87 12.07 1.65
N LEU A 116 2.82 12.82 2.19
CA LEU A 116 3.78 12.27 3.13
C LEU A 116 3.02 11.66 4.30
N LEU A 117 1.93 12.30 4.69
CA LEU A 117 1.12 11.81 5.79
C LEU A 117 0.52 10.47 5.43
N ARG A 118 0.16 10.30 4.16
CA ARG A 118 -0.39 9.04 3.71
C ARG A 118 0.57 7.92 4.07
N GLU A 119 1.86 8.22 3.93
CA GLU A 119 2.88 7.25 4.28
C GLU A 119 2.87 7.03 5.78
N ALA A 120 2.55 8.11 6.51
CA ALA A 120 2.48 8.03 7.96
C ALA A 120 1.40 7.03 8.37
N MET A 121 0.42 6.86 7.49
CA MET A 121 -0.65 5.92 7.76
C MET A 121 -0.14 4.49 7.56
N GLY A 122 0.79 4.33 6.62
CA GLY A 122 1.36 3.02 6.33
C GLY A 122 2.00 2.41 7.57
N ILE A 123 2.86 3.18 8.24
CA ILE A 123 3.53 2.69 9.44
C ILE A 123 2.53 2.60 10.58
N TYR A 124 1.63 3.56 10.65
CA TYR A 124 0.63 3.57 11.71
C TYR A 124 -0.09 2.23 11.72
N ILE A 125 -0.48 1.77 10.55
CA ILE A 125 -1.17 0.49 10.42
C ILE A 125 -0.18 -0.66 10.52
N SER A 126 0.88 -0.57 9.72
CA SER A 126 1.90 -1.63 9.68
C SER A 126 2.65 -1.75 11.00
N THR A 127 3.27 -0.66 11.46
CA THR A 127 4.03 -0.69 12.69
C THR A 127 3.14 -1.13 13.85
N LEU A 128 1.95 -0.56 13.92
CA LEU A 128 1.02 -0.93 14.98
C LEU A 128 0.69 -2.42 14.93
N LYS A 129 0.52 -2.94 13.72
CA LYS A 129 0.19 -4.36 13.53
C LYS A 129 1.44 -5.20 13.31
N THR A 130 2.61 -4.56 13.30
CA THR A 130 3.86 -5.29 13.09
C THR A 130 4.70 -5.30 14.36
N GLU A 131 4.03 -5.47 15.50
CA GLU A 131 4.73 -5.52 16.78
C GLU A 131 4.01 -6.43 17.76
N PHE A 132 2.84 -5.99 18.22
CA PHE A 132 2.05 -6.78 19.16
C PHE A 132 1.72 -8.16 18.58
N THR A 133 1.44 -8.20 17.28
CA THR A 133 1.09 -9.45 16.62
C THR A 133 1.90 -9.62 15.34
N GLN A 134 2.04 -10.87 14.90
CA GLN A 134 2.78 -11.17 13.68
C GLN A 134 1.92 -11.96 12.70
N GLY A 135 2.24 -11.85 11.41
CA GLY A 135 1.49 -12.56 10.39
C GLY A 135 2.23 -12.56 9.06
N MET A 136 1.65 -13.22 8.06
CA MET A 136 2.26 -13.28 6.74
C MET A 136 1.56 -12.32 5.79
N ILE A 137 2.24 -11.25 5.42
CA ILE A 137 1.67 -10.27 4.51
C ILE A 137 2.47 -10.21 3.21
N LEU A 138 1.77 -9.91 2.12
CA LEU A 138 2.43 -9.84 0.81
C LEU A 138 2.00 -8.56 0.08
N PRO A 139 2.61 -7.45 0.42
CA PRO A 139 2.29 -6.15 -0.23
C PRO A 139 2.70 -6.12 -1.69
N THR A 140 1.95 -5.38 -2.50
CA THR A 140 2.24 -5.26 -3.92
C THR A 140 2.26 -3.79 -4.32
N MET A 141 2.97 -3.49 -5.39
CA MET A 141 3.07 -2.11 -5.86
C MET A 141 3.85 -2.03 -7.16
N ASN A 142 3.65 -0.94 -7.91
CA ASN A 142 4.34 -0.77 -9.18
C ASN A 142 4.86 0.67 -9.30
N GLY A 143 5.32 1.02 -10.50
CA GLY A 143 5.85 2.36 -10.74
C GLY A 143 7.36 2.39 -10.61
N GLU A 144 7.94 1.22 -10.36
CA GLU A 144 9.39 1.12 -10.23
C GLU A 144 9.88 -0.09 -11.00
N SER A 145 11.13 -0.03 -11.47
CA SER A 145 11.69 -1.14 -12.23
C SER A 145 12.92 -1.70 -11.54
N VAL A 146 13.19 -2.99 -11.77
CA VAL A 146 14.34 -3.64 -11.17
C VAL A 146 15.13 -4.42 -12.23
N ASP A 147 16.45 -4.44 -12.08
CA ASP A 147 17.30 -5.16 -13.02
C ASP A 147 18.23 -6.12 -12.29
N PRO A 148 17.73 -7.26 -11.91
CA PRO A 148 18.54 -8.29 -11.20
C PRO A 148 19.54 -8.96 -12.12
N VAL A 149 20.69 -9.35 -11.56
CA VAL A 149 21.73 -10.00 -12.35
C VAL A 149 22.69 -10.75 -11.45
N GLY A 150 23.93 -10.28 -11.37
CA GLY A 150 24.92 -10.94 -10.52
C GLY A 150 24.83 -10.41 -9.09
N GLN A 151 24.40 -11.28 -8.18
CA GLN A 151 24.26 -10.90 -6.79
C GLN A 151 24.68 -12.05 -5.87
N PRO A 152 25.17 -11.76 -4.69
CA PRO A 152 25.59 -12.82 -3.74
C PRO A 152 24.54 -13.92 -3.59
N ALA A 153 24.53 -14.84 -4.55
CA ALA A 153 23.57 -15.94 -4.53
C ALA A 153 24.26 -17.24 -4.14
N LEU A 154 23.56 -18.07 -3.36
CA LEU A 154 24.11 -19.35 -2.94
C LEU A 154 23.51 -20.50 -3.74
N LYS A 155 24.36 -21.34 -4.30
CA LYS A 155 23.89 -22.48 -5.09
C LYS A 155 24.07 -23.78 -4.31
N THR A 156 23.17 -24.74 -4.55
CA THR A 156 23.24 -26.03 -3.87
C THR A 156 23.40 -27.15 -4.89
N GLU A 157 24.25 -28.12 -4.58
CA GLU A 157 24.48 -29.24 -5.49
C GLU A 157 23.88 -30.52 -4.92
N GLU A 158 23.33 -31.35 -5.80
CA GLU A 158 22.73 -32.61 -5.37
C GLU A 158 23.32 -33.77 -6.16
N ARG A 159 23.31 -34.96 -5.56
CA ARG A 159 23.85 -36.15 -6.22
C ARG A 159 23.07 -36.43 -7.50
N LYS A 160 23.78 -36.93 -8.51
CA LYS A 160 23.14 -37.24 -9.79
C LYS A 160 23.53 -38.65 -10.27
N ALA A 161 22.53 -39.40 -10.72
CA ALA A 161 22.77 -40.75 -11.21
C ALA A 161 21.77 -41.09 -12.30
N LYS A 162 22.19 -41.92 -13.25
CA LYS A 162 21.30 -42.30 -14.35
C LYS A 162 21.06 -43.80 -14.36
N PRO A 163 22.09 -44.58 -14.17
CA PRO A 163 22.01 -46.07 -14.17
C PRO A 163 21.35 -46.60 -12.90
N ALA A 164 20.59 -47.68 -13.05
CA ALA A 164 19.91 -48.30 -11.91
C ALA A 164 20.23 -49.78 -11.83
N PRO A 165 20.04 -50.37 -10.69
CA PRO A 165 20.31 -51.82 -10.48
C PRO A 165 19.67 -52.68 -11.57
N SER A 166 18.52 -52.26 -12.05
CA SER A 166 17.82 -52.99 -13.09
C SER A 166 18.68 -53.08 -14.36
N LYS A 167 19.43 -52.02 -14.61
CA LYS A 167 20.30 -51.98 -15.79
C LYS A 167 21.71 -52.42 -15.44
N THR A 168 22.35 -53.10 -16.39
CA THR A 168 23.71 -53.58 -16.18
C THR A 168 24.64 -53.06 -17.27
N GLN A 169 25.94 -53.14 -17.04
CA GLN A 169 26.91 -52.66 -18.02
C GLN A 169 27.38 -53.81 -18.90
N ALA A 170 27.18 -53.68 -20.21
CA ALA A 170 27.59 -54.71 -21.14
C ALA A 170 28.78 -54.23 -21.98
N ARG A 171 29.57 -55.18 -22.46
CA ARG A 171 30.74 -54.85 -23.28
C ARG A 171 30.30 -54.14 -24.55
N PRO A 172 31.14 -53.30 -25.11
CA PRO A 172 30.81 -52.56 -26.36
C PRO A 172 30.29 -53.49 -27.45
N VAL A 173 29.28 -53.03 -28.18
CA VAL A 173 28.70 -53.81 -29.26
C VAL A 173 29.72 -54.07 -30.36
N GLY A 174 30.53 -53.05 -30.64
CA GLY A 174 31.55 -53.18 -31.69
C GLY A 174 32.61 -52.09 -31.56
N VAL A 175 33.39 -51.91 -32.61
CA VAL A 175 34.44 -50.89 -32.62
C VAL A 175 34.14 -49.84 -33.69
N LYS A 176 34.66 -48.64 -33.50
CA LYS A 176 34.44 -47.57 -34.47
C LYS A 176 35.05 -47.98 -35.79
N ILE A 177 34.43 -48.97 -36.42
CA ILE A 177 34.91 -49.49 -37.69
C ILE A 177 33.92 -49.11 -38.80
N PRO A 178 34.38 -48.79 -39.99
CA PRO A 178 33.47 -48.44 -41.12
C PRO A 178 32.38 -49.48 -41.22
N THR A 179 31.26 -49.16 -41.85
CA THR A 179 30.21 -50.17 -42.01
C THR A 179 29.27 -49.82 -43.16
N CYS A 180 28.51 -50.83 -43.60
CA CYS A 180 27.57 -50.64 -44.71
C CYS A 180 26.46 -51.68 -44.67
N LYS A 181 25.53 -51.60 -45.62
CA LYS A 181 24.41 -52.53 -45.66
C LYS A 181 24.59 -53.57 -46.77
N ILE A 182 24.26 -54.82 -46.45
CA ILE A 182 24.36 -55.92 -47.42
C ILE A 182 23.03 -56.64 -47.55
N THR A 183 22.00 -55.91 -47.95
CA THR A 183 20.68 -56.50 -48.12
C THR A 183 20.63 -57.32 -49.41
N LEU A 184 20.25 -58.59 -49.28
CA LEU A 184 20.15 -59.47 -50.43
C LEU A 184 18.77 -60.12 -50.49
N LYS A 185 18.17 -60.15 -51.68
CA LYS A 185 16.86 -60.77 -51.85
C LYS A 185 16.94 -61.86 -52.92
N GLU A 186 16.94 -63.12 -52.48
CA GLU A 186 17.03 -64.23 -53.42
C GLU A 186 15.86 -65.20 -53.25
N THR A 187 15.44 -65.81 -54.35
CA THR A 187 14.33 -66.77 -54.32
C THR A 187 14.89 -68.19 -54.25
N PHE A 188 14.28 -69.02 -53.42
CA PHE A 188 14.74 -70.40 -53.28
C PHE A 188 13.73 -71.39 -53.81
N LEU A 189 14.22 -72.40 -54.50
CA LEU A 189 13.38 -73.43 -55.06
C LEU A 189 12.92 -74.40 -53.97
N THR A 190 12.86 -73.88 -52.75
CA THR A 190 12.43 -74.68 -51.61
C THR A 190 11.47 -73.89 -50.74
N SER A 191 10.76 -74.59 -49.87
CA SER A 191 9.81 -73.94 -48.98
C SER A 191 10.57 -73.21 -47.87
N PRO A 192 9.97 -72.20 -47.27
CA PRO A 192 10.64 -71.45 -46.17
C PRO A 192 11.05 -72.38 -45.03
N GLU A 193 10.23 -73.39 -44.80
CA GLU A 193 10.50 -74.38 -43.75
C GLU A 193 11.85 -75.07 -43.97
N GLU A 194 12.05 -75.56 -45.18
CA GLU A 194 13.28 -76.28 -45.51
C GLU A 194 14.51 -75.38 -45.44
N LEU A 195 14.43 -74.19 -46.01
CA LEU A 195 15.57 -73.26 -45.99
C LEU A 195 15.93 -72.89 -44.56
N TYR A 196 14.90 -72.75 -43.74
CA TYR A 196 15.08 -72.38 -42.33
C TYR A 196 16.05 -73.32 -41.64
N ARG A 197 15.92 -74.60 -41.91
CA ARG A 197 16.78 -75.62 -41.30
C ARG A 197 18.22 -75.43 -41.74
N VAL A 198 18.39 -75.04 -43.00
CA VAL A 198 19.72 -74.87 -43.56
C VAL A 198 20.47 -73.79 -42.81
N PHE A 199 19.75 -72.80 -42.32
CA PHE A 199 20.36 -71.73 -41.57
C PHE A 199 20.33 -72.01 -40.07
N THR A 200 19.58 -73.04 -39.66
CA THR A 200 19.48 -73.36 -38.24
C THR A 200 19.88 -74.80 -37.95
N THR A 201 20.44 -75.49 -38.93
CA THR A 201 20.88 -76.86 -38.71
C THR A 201 22.36 -76.98 -39.07
N GLN A 202 23.15 -77.35 -38.08
CA GLN A 202 24.60 -77.47 -38.25
C GLN A 202 24.97 -78.40 -39.40
N GLU A 203 24.38 -79.58 -39.41
CA GLU A 203 24.66 -80.55 -40.47
C GLU A 203 24.43 -79.95 -41.84
N LEU A 204 23.30 -79.27 -41.98
CA LEU A 204 22.94 -78.64 -43.22
C LEU A 204 23.91 -77.52 -43.56
N VAL A 205 24.38 -76.84 -42.53
CA VAL A 205 25.33 -75.77 -42.72
C VAL A 205 26.63 -76.35 -43.23
N GLN A 206 27.00 -77.48 -42.65
CA GLN A 206 28.19 -78.19 -43.04
C GLN A 206 28.04 -78.76 -44.44
N ALA A 207 26.80 -78.81 -44.91
CA ALA A 207 26.51 -79.35 -46.23
C ALA A 207 26.83 -78.35 -47.32
N PHE A 208 26.22 -77.17 -47.26
CA PHE A 208 26.47 -76.17 -48.30
C PHE A 208 27.78 -75.43 -48.09
N THR A 209 28.41 -75.61 -46.92
CA THR A 209 29.67 -74.96 -46.65
C THR A 209 30.82 -75.84 -47.11
N HIS A 210 30.49 -77.06 -47.51
CA HIS A 210 31.49 -78.02 -47.96
C HIS A 210 32.71 -77.97 -47.04
N ALA A 211 32.46 -77.51 -45.83
CA ALA A 211 33.52 -77.41 -44.83
C ALA A 211 32.94 -77.70 -43.44
N PRO A 212 33.77 -77.73 -42.43
CA PRO A 212 33.33 -78.00 -41.06
C PRO A 212 32.58 -76.80 -40.49
N ALA A 213 31.42 -77.06 -39.92
CA ALA A 213 30.62 -75.98 -39.35
C ALA A 213 30.03 -76.38 -38.01
N THR A 214 29.81 -75.37 -37.19
CA THR A 214 29.21 -75.56 -35.86
C THR A 214 28.03 -74.63 -35.74
N LEU A 215 26.87 -75.16 -35.38
CA LEU A 215 25.69 -74.30 -35.28
C LEU A 215 24.79 -74.64 -34.10
N GLU A 216 24.39 -73.58 -33.40
CA GLU A 216 23.47 -73.69 -32.27
C GLU A 216 22.21 -72.94 -32.61
N ALA A 217 21.11 -73.64 -32.81
CA ALA A 217 19.87 -72.97 -33.16
C ALA A 217 19.11 -72.56 -31.90
N ASP A 218 19.48 -71.40 -31.37
CA ASP A 218 18.85 -70.88 -30.17
C ASP A 218 19.13 -69.39 -30.06
N ARG A 219 18.29 -68.66 -29.33
CA ARG A 219 18.52 -67.23 -29.18
C ARG A 219 19.83 -67.01 -28.47
N GLY A 220 20.83 -66.63 -29.25
CA GLY A 220 22.16 -66.41 -28.72
C GLY A 220 23.03 -67.59 -29.11
N GLY A 221 22.44 -68.51 -29.87
CA GLY A 221 23.17 -69.68 -30.33
C GLY A 221 24.40 -69.24 -31.08
N LYS A 222 25.46 -70.03 -31.04
CA LYS A 222 26.67 -69.66 -31.74
C LYS A 222 26.87 -70.47 -33.00
N PHE A 223 26.98 -69.78 -34.11
CA PHE A 223 27.21 -70.46 -35.37
C PHE A 223 28.57 -70.12 -35.94
N HIS A 224 29.30 -71.17 -36.26
CA HIS A 224 30.63 -71.07 -36.79
C HIS A 224 30.67 -71.88 -38.08
N MET A 225 31.18 -71.32 -39.17
CA MET A 225 31.16 -72.05 -40.42
C MET A 225 32.40 -71.79 -41.28
N VAL A 226 32.40 -72.42 -42.46
CA VAL A 226 33.49 -72.29 -43.41
C VAL A 226 34.82 -72.46 -42.70
N ASP A 227 35.13 -73.70 -42.31
CA ASP A 227 36.38 -73.98 -41.62
C ASP A 227 36.55 -73.00 -40.47
N GLY A 228 35.40 -72.57 -39.95
CA GLY A 228 35.37 -71.65 -38.83
C GLY A 228 35.77 -70.24 -39.23
N ASN A 229 35.80 -69.96 -40.53
CA ASN A 229 36.16 -68.65 -40.99
C ASN A 229 35.02 -67.67 -40.76
N VAL A 230 33.83 -68.23 -40.54
CA VAL A 230 32.64 -67.42 -40.29
C VAL A 230 32.08 -67.74 -38.92
N SER A 231 31.75 -66.72 -38.16
CA SER A 231 31.21 -66.93 -36.83
C SER A 231 30.19 -65.85 -36.48
N GLY A 232 29.35 -66.14 -35.50
CA GLY A 232 28.33 -65.17 -35.09
C GLY A 232 27.35 -65.78 -34.09
N GLU A 233 26.33 -65.02 -33.74
CA GLU A 233 25.32 -65.50 -32.79
C GLU A 233 23.92 -65.19 -33.30
N PHE A 234 22.96 -65.95 -32.80
CA PHE A 234 21.58 -65.73 -33.18
C PHE A 234 20.90 -64.79 -32.20
N THR A 235 20.54 -63.61 -32.70
CA THR A 235 19.85 -62.63 -31.88
C THR A 235 18.36 -62.95 -31.83
N ASP A 236 17.89 -63.63 -32.86
CA ASP A 236 16.48 -64.01 -32.94
C ASP A 236 16.29 -65.20 -33.85
N LEU A 237 15.34 -66.04 -33.50
CA LEU A 237 15.03 -67.21 -34.32
C LEU A 237 13.54 -67.49 -34.30
N VAL A 238 12.87 -67.07 -35.36
CA VAL A 238 11.44 -67.29 -35.47
C VAL A 238 11.21 -68.50 -36.39
N PRO A 239 10.52 -69.54 -35.95
CA PRO A 239 10.33 -70.76 -36.78
C PRO A 239 9.94 -70.48 -38.23
N GLU A 240 10.89 -70.66 -39.14
CA GLU A 240 10.63 -70.47 -40.57
C GLU A 240 10.05 -69.11 -40.88
N LYS A 241 10.24 -68.16 -39.98
CA LYS A 241 9.68 -66.85 -40.18
C LYS A 241 10.72 -65.75 -40.22
N HIS A 242 11.69 -65.79 -39.31
CA HIS A 242 12.67 -64.71 -39.27
C HIS A 242 13.83 -65.02 -38.34
N ILE A 243 15.02 -64.63 -38.76
CA ILE A 243 16.20 -64.87 -37.95
C ILE A 243 17.10 -63.64 -37.88
N VAL A 244 17.44 -63.25 -36.67
CA VAL A 244 18.34 -62.14 -36.47
C VAL A 244 19.61 -62.68 -35.87
N MET A 245 20.72 -62.47 -36.55
CA MET A 245 21.99 -62.99 -36.06
C MET A 245 23.11 -62.03 -36.34
N LYS A 246 24.14 -62.13 -35.53
CA LYS A 246 25.32 -61.31 -35.69
C LYS A 246 26.27 -62.09 -36.60
N TRP A 247 27.04 -61.40 -37.42
CA TRP A 247 27.88 -62.12 -38.38
C TRP A 247 29.26 -61.49 -38.58
N ARG A 248 30.23 -62.33 -38.95
CA ARG A 248 31.58 -61.83 -39.21
C ARG A 248 32.46 -62.84 -39.92
N PHE A 249 33.61 -62.35 -40.33
CA PHE A 249 34.63 -63.15 -40.99
C PHE A 249 35.78 -63.31 -40.02
N LYS A 250 36.52 -64.39 -40.12
CA LYS A 250 37.64 -64.60 -39.21
C LYS A 250 38.72 -63.54 -39.42
N SER A 251 38.56 -62.74 -40.46
CA SER A 251 39.51 -61.68 -40.76
C SER A 251 39.03 -60.33 -40.22
N TRP A 252 37.91 -60.35 -39.52
CA TRP A 252 37.33 -59.13 -38.97
C TRP A 252 37.92 -58.78 -37.62
N PRO A 253 37.87 -57.53 -37.23
CA PRO A 253 38.38 -57.10 -35.91
C PRO A 253 37.71 -57.85 -34.78
N GLU A 254 38.42 -58.05 -33.69
CA GLU A 254 37.85 -58.76 -32.56
C GLU A 254 36.69 -57.97 -31.97
N GLY A 255 35.55 -58.63 -31.82
CA GLY A 255 34.37 -57.98 -31.28
C GLY A 255 33.64 -57.16 -32.34
N HIS A 256 33.84 -57.51 -33.61
CA HIS A 256 33.19 -56.80 -34.70
C HIS A 256 32.33 -57.73 -35.53
N PHE A 257 31.02 -57.51 -35.47
CA PHE A 257 30.09 -58.32 -36.24
C PHE A 257 29.13 -57.44 -36.99
N ALA A 258 28.43 -58.05 -37.93
CA ALA A 258 27.44 -57.34 -38.72
C ALA A 258 26.06 -57.85 -38.37
N THR A 259 25.13 -56.94 -38.12
CA THR A 259 23.78 -57.35 -37.79
C THR A 259 23.09 -57.87 -39.03
N ILE A 260 22.73 -59.14 -39.01
CA ILE A 260 22.06 -59.75 -40.14
C ILE A 260 20.68 -60.20 -39.77
N THR A 261 19.73 -59.95 -40.66
CA THR A 261 18.37 -60.34 -40.42
C THR A 261 17.81 -61.05 -41.63
N LEU A 262 17.39 -62.29 -41.43
CA LEU A 262 16.83 -63.09 -42.50
C LEU A 262 15.36 -63.30 -42.29
N THR A 263 14.59 -63.14 -43.37
CA THR A 263 13.15 -63.34 -43.28
C THR A 263 12.73 -64.43 -44.26
N PHE A 264 11.80 -65.26 -43.82
CA PHE A 264 11.34 -66.36 -44.64
C PHE A 264 9.95 -66.10 -45.20
N ILE A 265 9.82 -66.27 -46.50
CA ILE A 265 8.55 -66.06 -47.17
C ILE A 265 8.16 -67.21 -48.07
N ASP A 266 6.92 -67.63 -47.96
CA ASP A 266 6.40 -68.72 -48.78
C ASP A 266 5.83 -68.16 -50.08
N LYS A 267 6.43 -68.58 -51.19
CA LYS A 267 6.01 -68.13 -52.51
C LYS A 267 5.17 -69.17 -53.23
N ASN A 268 4.68 -70.14 -52.49
CA ASN A 268 3.85 -71.18 -53.07
C ASN A 268 4.62 -71.99 -54.11
N GLY A 269 5.72 -72.56 -53.67
CA GLY A 269 6.56 -73.35 -54.55
C GLY A 269 8.01 -73.10 -54.22
N GLU A 270 8.31 -71.84 -53.96
CA GLU A 270 9.65 -71.45 -53.60
C GLU A 270 9.61 -70.48 -52.42
N THR A 271 10.77 -69.96 -52.03
CA THR A 271 10.82 -69.05 -50.89
C THR A 271 11.67 -67.82 -51.19
N GLU A 272 11.20 -66.67 -50.73
CA GLU A 272 11.95 -65.43 -50.92
C GLU A 272 12.61 -65.03 -49.63
N LEU A 273 13.90 -65.33 -49.53
CA LEU A 273 14.65 -64.96 -48.34
C LEU A 273 15.05 -63.50 -48.46
N CYS A 274 14.40 -62.66 -47.67
CA CYS A 274 14.70 -61.25 -47.69
C CYS A 274 15.72 -60.90 -46.61
N MET A 275 16.99 -60.85 -47.02
CA MET A 275 18.07 -60.57 -46.09
C MET A 275 18.24 -59.07 -45.88
N GLU A 276 18.78 -58.72 -44.72
CA GLU A 276 19.01 -57.34 -44.36
C GLU A 276 20.25 -57.24 -43.49
N GLY A 277 21.40 -57.17 -44.14
CA GLY A 277 22.67 -57.10 -43.43
C GLY A 277 23.14 -55.67 -43.24
N ARG A 278 23.63 -55.37 -42.04
CA ARG A 278 24.14 -54.05 -41.73
C ARG A 278 25.24 -54.15 -40.67
N GLY A 279 26.15 -53.20 -40.69
CA GLY A 279 27.26 -53.21 -39.75
C GLY A 279 28.50 -53.81 -40.41
N ILE A 280 28.29 -54.37 -41.59
CA ILE A 280 29.37 -54.97 -42.35
C ILE A 280 30.44 -53.93 -42.62
N PRO A 281 31.67 -54.15 -42.22
CA PRO A 281 32.74 -53.17 -42.47
C PRO A 281 32.84 -52.78 -43.93
N ALA A 282 32.85 -51.47 -44.15
CA ALA A 282 32.94 -50.94 -45.50
C ALA A 282 34.09 -51.58 -46.29
N PRO A 283 35.27 -51.70 -45.71
CA PRO A 283 36.41 -52.32 -46.44
C PRO A 283 36.09 -53.76 -46.83
N GLU A 284 35.32 -54.41 -45.97
CA GLU A 284 34.96 -55.80 -46.17
C GLU A 284 33.59 -55.92 -46.83
N GLU A 285 32.96 -54.78 -47.12
CA GLU A 285 31.63 -54.79 -47.73
C GLU A 285 31.60 -55.61 -49.01
N GLU A 286 32.47 -55.29 -49.94
CA GLU A 286 32.48 -56.03 -51.20
C GLU A 286 32.70 -57.52 -50.93
N ARG A 287 33.61 -57.81 -49.99
CA ARG A 287 33.91 -59.19 -49.63
C ARG A 287 32.70 -59.91 -49.03
N THR A 288 32.11 -59.29 -48.03
CA THR A 288 30.97 -59.88 -47.33
C THR A 288 29.87 -60.28 -48.30
N ARG A 289 29.45 -59.34 -49.14
CA ARG A 289 28.39 -59.61 -50.08
C ARG A 289 28.79 -60.74 -51.03
N GLN A 290 30.02 -60.67 -51.51
CA GLN A 290 30.51 -61.69 -52.44
C GLN A 290 30.64 -63.04 -51.75
N GLY A 291 31.10 -63.02 -50.50
CA GLY A 291 31.28 -64.25 -49.74
C GLY A 291 29.97 -64.69 -49.08
N TRP A 292 28.88 -64.02 -49.41
CA TRP A 292 27.59 -64.36 -48.83
C TRP A 292 26.85 -65.38 -49.71
N GLN A 293 26.08 -64.88 -50.67
CA GLN A 293 25.30 -65.75 -51.56
C GLN A 293 26.12 -66.94 -52.02
N ARG A 294 27.37 -66.69 -52.44
CA ARG A 294 28.24 -67.75 -52.91
C ARG A 294 28.28 -68.91 -51.92
N TYR A 295 28.45 -68.59 -50.64
CA TYR A 295 28.50 -69.63 -49.62
C TYR A 295 27.12 -69.80 -48.99
N TYR A 296 26.27 -68.79 -49.17
CA TYR A 296 24.93 -68.84 -48.58
C TYR A 296 23.91 -69.37 -49.57
N PHE A 297 23.31 -68.45 -50.30
CA PHE A 297 22.28 -68.80 -51.28
C PHE A 297 22.84 -69.61 -52.42
N GLU A 298 23.66 -68.99 -53.24
CA GLU A 298 24.24 -69.68 -54.37
C GLU A 298 24.84 -71.00 -53.93
N GLY A 299 25.33 -71.05 -52.69
CA GLY A 299 25.90 -72.29 -52.16
C GLY A 299 24.81 -73.30 -51.88
N ILE A 300 23.85 -72.91 -51.04
CA ILE A 300 22.74 -73.80 -50.71
C ILE A 300 22.02 -74.22 -51.98
N LYS A 301 21.69 -73.22 -52.80
CA LYS A 301 21.01 -73.49 -54.05
C LYS A 301 21.78 -74.52 -54.85
N GLN A 302 23.09 -74.50 -54.70
CA GLN A 302 23.95 -75.43 -55.40
C GLN A 302 23.97 -76.79 -54.69
N THR A 303 24.34 -76.76 -53.42
CA THR A 303 24.44 -77.96 -52.61
C THR A 303 23.08 -78.63 -52.40
N PHE A 304 22.09 -77.86 -51.99
CA PHE A 304 20.76 -78.38 -51.74
C PHE A 304 19.97 -78.48 -53.03
N GLY A 305 20.24 -77.57 -53.96
CA GLY A 305 19.54 -77.58 -55.22
C GLY A 305 18.30 -76.72 -55.16
N TYR A 306 18.37 -75.66 -54.36
CA TYR A 306 17.25 -74.75 -54.19
C TYR A 306 17.37 -73.52 -55.10
N GLY A 307 18.08 -73.66 -56.21
CA GLY A 307 18.21 -72.55 -57.14
C GLY A 307 17.27 -72.72 -58.34
N ALA A 308 17.27 -71.74 -59.23
CA ALA A 308 16.42 -71.81 -60.41
C ALA A 308 17.25 -72.10 -61.66
N THR A 1 -8.92 -8.03 24.35
CA THR A 1 -8.62 -6.62 24.54
C THR A 1 -7.18 -6.31 24.16
N GLU A 2 -7.00 -5.67 23.01
CA GLU A 2 -5.66 -5.33 22.55
C GLU A 2 -5.44 -3.82 22.61
N ARG A 3 -4.19 -3.41 22.74
CA ARG A 3 -3.86 -2.00 22.81
C ARG A 3 -3.20 -1.53 21.52
N ASP A 4 -3.48 -0.30 21.11
CA ASP A 4 -2.91 0.25 19.89
C ASP A 4 -1.52 0.79 20.17
N ALA A 5 -0.52 0.16 19.57
CA ALA A 5 0.87 0.60 19.75
C ALA A 5 1.00 2.09 19.51
N SER A 6 0.78 2.88 20.57
CA SER A 6 0.86 4.33 20.46
C SER A 6 2.31 4.80 20.55
N ASN A 7 3.13 4.05 21.27
CA ASN A 7 4.54 4.42 21.44
C ASN A 7 5.24 4.54 20.09
N TRP A 8 5.05 3.55 19.23
CA TRP A 8 5.67 3.57 17.91
C TRP A 8 4.96 4.56 16.99
N SER A 9 3.69 4.81 17.27
CA SER A 9 2.90 5.72 16.47
C SER A 9 3.54 7.10 16.47
N THR A 10 3.33 7.86 17.52
CA THR A 10 3.90 9.19 17.61
C THR A 10 5.38 9.15 17.25
N ASP A 11 6.09 8.19 17.80
CA ASP A 11 7.53 8.09 17.53
C ASP A 11 7.85 8.20 16.04
N LYS A 12 7.17 7.43 15.20
CA LYS A 12 7.41 7.47 13.78
C LYS A 12 6.63 8.60 13.11
N LEU A 13 5.33 8.65 13.38
CA LEU A 13 4.47 9.68 12.80
C LEU A 13 4.96 11.08 13.17
N LYS A 14 5.35 11.27 14.42
CA LYS A 14 5.83 12.59 14.85
C LYS A 14 7.15 12.91 14.17
N THR A 15 8.05 11.93 14.13
CA THR A 15 9.33 12.13 13.49
C THR A 15 9.13 12.38 12.02
N LEU A 16 8.29 11.54 11.41
CA LEU A 16 7.98 11.65 10.01
C LEU A 16 7.38 13.02 9.73
N PHE A 17 6.65 13.55 10.70
CA PHE A 17 6.05 14.87 10.54
C PHE A 17 7.11 15.94 10.75
N LEU A 18 8.00 15.72 11.72
CA LEU A 18 9.06 16.68 11.98
C LEU A 18 10.20 16.45 11.01
N ALA A 19 9.97 15.52 10.09
CA ALA A 19 10.97 15.18 9.08
C ALA A 19 10.44 15.56 7.70
N VAL A 20 9.39 16.37 7.68
CA VAL A 20 8.81 16.78 6.41
C VAL A 20 9.90 17.34 5.52
N GLN A 21 9.92 16.88 4.28
CA GLN A 21 10.95 17.31 3.33
C GLN A 21 10.44 18.39 2.39
N VAL A 22 11.40 19.09 1.80
CA VAL A 22 11.10 20.16 0.88
C VAL A 22 11.67 19.88 -0.50
N GLN A 23 10.96 20.36 -1.52
CA GLN A 23 11.39 20.20 -2.89
C GLN A 23 11.98 21.52 -3.37
N ASN A 24 11.38 22.12 -4.40
CA ASN A 24 11.85 23.39 -4.92
C ASN A 24 11.05 24.53 -4.30
N GLU A 25 11.59 25.74 -4.37
CA GLU A 25 10.90 26.89 -3.81
C GLU A 25 9.48 26.97 -4.35
N GLU A 26 9.28 26.43 -5.55
CA GLU A 26 7.97 26.44 -6.16
C GLU A 26 6.98 25.68 -5.31
N GLY A 27 7.39 24.52 -4.85
CA GLY A 27 6.55 23.69 -3.99
C GLY A 27 7.39 22.98 -2.95
N LYS A 28 7.92 23.75 -2.00
CA LYS A 28 8.75 23.20 -0.94
C LYS A 28 7.92 22.97 0.32
N CYS A 29 8.45 22.13 1.21
CA CYS A 29 7.73 21.84 2.45
C CYS A 29 8.70 21.67 3.61
N GLU A 30 8.40 22.33 4.72
CA GLU A 30 9.25 22.22 5.90
C GLU A 30 8.39 22.16 7.16
N VAL A 31 8.80 21.38 8.14
CA VAL A 31 8.04 21.28 9.38
C VAL A 31 8.54 22.29 10.41
N THR A 32 7.61 22.95 11.10
CA THR A 32 7.97 23.93 12.10
C THR A 32 7.83 23.34 13.50
N GLU A 33 6.82 22.48 13.67
CA GLU A 33 6.57 21.84 14.96
C GLU A 33 5.37 20.90 14.87
N VAL A 34 5.51 19.73 15.48
CA VAL A 34 4.44 18.74 15.48
C VAL A 34 4.14 18.31 16.91
N SER A 35 2.86 18.25 17.25
CA SER A 35 2.47 17.84 18.59
C SER A 35 2.54 16.33 18.71
N LYS A 36 1.50 15.67 18.22
CA LYS A 36 1.40 14.22 18.26
C LYS A 36 -0.06 13.84 18.02
N LEU A 37 -0.29 12.69 17.41
CA LEU A 37 -1.65 12.27 17.14
C LEU A 37 -2.39 12.14 18.48
N ASP A 38 -3.28 13.09 18.74
CA ASP A 38 -4.03 13.07 19.98
C ASP A 38 -5.38 12.43 19.73
N GLY A 39 -5.56 11.22 20.23
CA GLY A 39 -6.82 10.54 20.01
C GLY A 39 -6.89 9.20 20.70
N GLU A 40 -8.02 8.50 20.49
CA GLU A 40 -8.20 7.19 21.11
C GLU A 40 -8.16 6.10 20.05
N ALA A 41 -7.02 5.43 19.95
CA ALA A 41 -6.84 4.36 18.97
C ALA A 41 -6.87 3.00 19.67
N SER A 42 -7.62 2.07 19.10
CA SER A 42 -7.71 0.73 19.67
C SER A 42 -7.95 -0.30 18.58
N ILE A 43 -7.35 -1.47 18.74
CA ILE A 43 -7.53 -2.54 17.77
C ILE A 43 -8.06 -3.78 18.49
N ASN A 44 -8.78 -4.62 17.77
CA ASN A 44 -9.34 -5.84 18.39
C ASN A 44 -8.81 -7.09 17.71
N ASN A 45 -9.17 -8.25 18.28
CA ASN A 45 -8.75 -9.56 17.79
C ASN A 45 -7.83 -9.46 16.58
N ARG A 46 -6.64 -10.05 16.72
CA ARG A 46 -5.67 -10.03 15.66
C ARG A 46 -5.49 -11.42 15.07
N LYS A 47 -4.52 -11.54 14.17
CA LYS A 47 -4.22 -12.81 13.53
C LYS A 47 -5.35 -13.22 12.58
N GLY A 48 -5.97 -12.22 11.95
CA GLY A 48 -7.04 -12.49 10.99
C GLY A 48 -8.28 -11.64 11.26
N LYS A 49 -8.43 -11.17 12.49
CA LYS A 49 -9.58 -10.33 12.83
C LYS A 49 -9.13 -8.94 13.22
N LEU A 50 -7.90 -8.57 12.85
CA LEU A 50 -7.38 -7.26 13.20
C LEU A 50 -8.27 -6.16 12.67
N ILE A 51 -8.78 -5.35 13.59
CA ILE A 51 -9.64 -4.23 13.21
C ILE A 51 -9.12 -2.95 13.85
N PHE A 52 -9.34 -1.82 13.21
CA PHE A 52 -8.86 -0.55 13.74
C PHE A 52 -10.00 0.37 14.18
N PHE A 53 -9.93 0.82 15.42
CA PHE A 53 -10.93 1.74 15.96
C PHE A 53 -10.25 3.01 16.45
N TYR A 54 -10.51 4.12 15.77
CA TYR A 54 -9.92 5.40 16.15
C TYR A 54 -10.94 6.52 16.07
N GLU A 55 -10.82 7.49 16.97
CA GLU A 55 -11.74 8.63 16.99
C GLU A 55 -11.11 9.82 17.69
N TRP A 56 -10.76 10.85 16.88
CA TRP A 56 -10.15 12.07 17.43
C TRP A 56 -9.38 12.82 16.33
N SER A 57 -8.45 13.70 16.71
CA SER A 57 -7.70 14.48 15.71
C SER A 57 -6.22 14.66 16.06
N VAL A 58 -5.42 14.91 15.03
CA VAL A 58 -3.99 15.14 15.19
C VAL A 58 -3.69 16.59 14.78
N LYS A 59 -2.67 17.21 15.38
CA LYS A 59 -2.38 18.60 15.05
C LYS A 59 -0.89 18.88 14.81
N LEU A 60 -0.59 19.55 13.70
CA LEU A 60 0.78 19.94 13.36
C LEU A 60 0.79 21.11 12.39
N ASN A 61 1.98 21.67 12.14
CA ASN A 61 2.10 22.81 11.22
C ASN A 61 3.38 22.74 10.39
N TRP A 62 3.38 23.41 9.23
CA TRP A 62 4.56 23.41 8.36
C TRP A 62 4.73 24.77 7.67
N THR A 63 5.83 24.89 6.90
CA THR A 63 6.12 26.13 6.17
C THR A 63 6.30 25.84 4.69
N GLY A 64 5.85 26.76 3.85
CA GLY A 64 5.98 26.60 2.42
C GLY A 64 6.44 27.89 1.76
N THR A 65 7.58 27.83 1.07
CA THR A 65 8.12 29.01 0.40
C THR A 65 7.76 29.00 -1.08
N SER A 66 7.63 30.19 -1.66
CA SER A 66 7.28 30.30 -3.07
C SER A 66 8.34 31.08 -3.83
N LYS A 67 8.50 30.78 -5.11
CA LYS A 67 9.48 31.49 -5.93
C LYS A 67 9.25 32.98 -5.87
N SER A 68 8.00 33.36 -5.60
CA SER A 68 7.64 34.77 -5.50
C SER A 68 8.45 35.42 -4.38
N GLY A 69 8.88 34.59 -3.44
CA GLY A 69 9.68 35.07 -2.31
C GLY A 69 8.84 35.18 -1.06
N VAL A 70 7.73 34.43 -1.02
CA VAL A 70 6.85 34.48 0.15
C VAL A 70 6.85 33.15 0.91
N GLN A 71 6.98 33.27 2.23
CA GLN A 71 6.96 32.11 3.10
C GLN A 71 5.73 32.20 3.99
N TYR A 72 5.08 31.08 4.22
CA TYR A 72 3.89 31.10 5.06
C TYR A 72 3.79 29.82 5.85
N LYS A 73 3.42 29.95 7.11
CA LYS A 73 3.29 28.79 7.97
C LYS A 73 1.82 28.48 8.18
N GLY A 74 1.36 27.38 7.57
CA GLY A 74 -0.02 26.99 7.66
C GLY A 74 -0.24 25.95 8.76
N HIS A 75 -1.50 25.62 8.99
CA HIS A 75 -1.85 24.63 10.00
C HIS A 75 -2.64 23.49 9.37
N VAL A 76 -2.33 22.26 9.77
CA VAL A 76 -3.03 21.10 9.23
C VAL A 76 -3.47 20.17 10.35
N GLU A 77 -4.76 19.91 10.42
CA GLU A 77 -5.29 19.01 11.44
C GLU A 77 -6.39 18.13 10.87
N ILE A 78 -6.39 16.86 11.26
CA ILE A 78 -7.43 15.95 10.79
C ILE A 78 -8.49 15.79 11.88
N PRO A 79 -9.73 16.17 11.62
CA PRO A 79 -10.80 16.09 12.64
C PRO A 79 -11.02 14.69 13.22
N ASN A 80 -12.24 14.46 13.72
CA ASN A 80 -12.61 13.19 14.34
C ASN A 80 -12.66 12.03 13.35
N LEU A 81 -11.79 12.03 12.35
CA LEU A 81 -11.77 10.95 11.38
C LEU A 81 -11.43 9.65 12.09
N SER A 82 -12.07 8.56 11.69
CA SER A 82 -11.83 7.27 12.31
C SER A 82 -11.11 6.31 11.37
N ASP A 83 -10.35 5.40 11.96
CA ASP A 83 -9.59 4.41 11.19
C ASP A 83 -10.50 3.28 10.72
N GLU A 84 -11.81 3.42 10.97
CA GLU A 84 -12.75 2.39 10.56
C GLU A 84 -12.69 2.22 9.05
N ASN A 85 -12.27 3.28 8.38
CA ASN A 85 -12.12 3.27 6.93
C ASN A 85 -10.65 3.34 6.56
N SER A 86 -10.35 3.31 5.27
CA SER A 86 -8.96 3.37 4.84
C SER A 86 -8.25 4.53 5.54
N VAL A 87 -7.21 4.22 6.29
CA VAL A 87 -6.47 5.24 7.02
C VAL A 87 -5.89 6.28 6.07
N ASP A 88 -5.33 5.81 4.97
CA ASP A 88 -4.71 6.69 3.99
C ASP A 88 -5.71 7.70 3.41
N GLU A 89 -6.95 7.26 3.24
CA GLU A 89 -7.98 8.14 2.68
C GLU A 89 -8.51 9.12 3.73
N VAL A 90 -7.97 9.05 4.94
CA VAL A 90 -8.40 9.95 6.01
C VAL A 90 -8.37 11.40 5.54
N GLU A 91 -9.47 12.10 5.82
CA GLU A 91 -9.59 13.48 5.43
C GLU A 91 -8.66 14.36 6.26
N ILE A 92 -7.78 15.06 5.55
CA ILE A 92 -6.84 15.95 6.19
C ILE A 92 -7.13 17.39 5.82
N SER A 93 -7.12 18.27 6.82
CA SER A 93 -7.38 19.68 6.58
C SER A 93 -6.06 20.45 6.54
N VAL A 94 -5.98 21.41 5.62
CA VAL A 94 -4.76 22.19 5.48
C VAL A 94 -5.07 23.69 5.37
N SER A 95 -4.21 24.48 5.99
CA SER A 95 -4.35 25.94 5.93
C SER A 95 -3.02 26.55 5.57
N LEU A 96 -2.50 26.17 4.40
CA LEU A 96 -1.22 26.66 3.93
C LEU A 96 -1.34 27.26 2.55
N ALA A 97 -0.56 28.31 2.31
CA ALA A 97 -0.56 28.99 1.02
C ALA A 97 -1.89 29.65 0.72
N LYS A 98 -2.97 29.14 1.28
CA LYS A 98 -4.29 29.70 1.03
C LYS A 98 -4.33 31.18 1.43
N ASP A 99 -3.61 31.51 2.49
CA ASP A 99 -3.57 32.89 2.98
C ASP A 99 -2.57 33.74 2.20
N GLU A 100 -1.61 33.10 1.53
CA GLU A 100 -0.60 33.84 0.77
C GLU A 100 -0.64 33.50 -0.71
N PRO A 101 -0.15 34.39 -1.55
CA PRO A 101 -0.12 34.19 -3.03
C PRO A 101 0.42 32.82 -3.43
N ASP A 102 1.03 32.12 -2.48
CA ASP A 102 1.60 30.82 -2.75
C ASP A 102 0.54 29.82 -3.22
N THR A 103 -0.63 29.84 -2.57
CA THR A 103 -1.76 28.95 -2.91
C THR A 103 -1.32 27.69 -3.66
N ASN A 104 -1.01 27.83 -4.93
CA ASN A 104 -0.61 26.68 -5.75
C ASN A 104 0.38 25.80 -4.98
N LEU A 105 1.21 26.42 -4.16
CA LEU A 105 2.19 25.68 -3.39
C LEU A 105 1.54 24.56 -2.57
N VAL A 106 0.47 24.90 -1.86
CA VAL A 106 -0.22 23.90 -1.05
C VAL A 106 -0.79 22.78 -1.91
N ALA A 107 -1.15 23.12 -3.15
CA ALA A 107 -1.69 22.12 -4.05
C ALA A 107 -0.70 20.96 -4.19
N LEU A 108 0.55 21.30 -4.48
CA LEU A 108 1.58 20.30 -4.62
C LEU A 108 1.74 19.54 -3.32
N MET A 109 1.72 20.28 -2.21
CA MET A 109 1.82 19.66 -0.89
C MET A 109 0.67 18.70 -0.72
N LYS A 110 -0.45 19.05 -1.32
CA LYS A 110 -1.64 18.21 -1.26
C LYS A 110 -1.36 16.90 -2.00
N GLU A 111 -0.33 16.93 -2.85
CA GLU A 111 0.06 15.74 -3.60
C GLU A 111 1.45 15.25 -3.17
N GLU A 112 2.12 16.04 -2.32
CA GLU A 112 3.45 15.69 -1.89
C GLU A 112 3.61 15.87 -0.37
N GLY A 113 2.95 16.89 0.16
CA GLY A 113 3.00 17.16 1.60
C GLY A 113 2.02 16.30 2.34
N VAL A 114 0.73 16.60 2.18
CA VAL A 114 -0.30 15.80 2.81
C VAL A 114 -0.04 14.35 2.50
N LYS A 115 0.32 14.10 1.25
CA LYS A 115 0.64 12.76 0.82
C LYS A 115 1.76 12.22 1.68
N LEU A 116 2.73 13.07 1.98
CA LEU A 116 3.85 12.69 2.82
C LEU A 116 3.30 11.96 4.03
N LEU A 117 2.20 12.47 4.55
CA LEU A 117 1.54 11.87 5.71
C LEU A 117 1.03 10.51 5.31
N ARG A 118 0.63 10.37 4.05
CA ARG A 118 0.13 9.09 3.57
C ARG A 118 1.16 8.03 3.92
N GLU A 119 2.43 8.40 3.80
CA GLU A 119 3.51 7.48 4.13
C GLU A 119 3.50 7.24 5.64
N ALA A 120 3.11 8.28 6.39
CA ALA A 120 3.04 8.17 7.84
C ALA A 120 2.00 7.12 8.20
N MET A 121 1.04 6.93 7.32
CA MET A 121 0.00 5.94 7.54
C MET A 121 0.56 4.54 7.29
N GLY A 122 1.51 4.44 6.36
CA GLY A 122 2.11 3.16 6.02
C GLY A 122 2.74 2.51 7.25
N ILE A 123 3.59 3.26 7.95
CA ILE A 123 4.24 2.73 9.15
C ILE A 123 3.23 2.54 10.26
N TYR A 124 2.29 3.47 10.35
CA TYR A 124 1.25 3.41 11.36
C TYR A 124 0.55 2.06 11.29
N ILE A 125 0.20 1.65 10.08
CA ILE A 125 -0.45 0.37 9.88
C ILE A 125 0.56 -0.76 9.93
N SER A 126 1.62 -0.61 9.14
CA SER A 126 2.66 -1.63 9.08
C SER A 126 3.35 -1.87 10.41
N THR A 127 3.95 -0.83 10.98
CA THR A 127 4.65 -0.98 12.25
C THR A 127 3.71 -1.43 13.36
N LEU A 128 2.56 -0.76 13.46
CA LEU A 128 1.60 -1.12 14.50
C LEU A 128 1.10 -2.54 14.29
N LYS A 129 0.94 -2.92 13.03
CA LYS A 129 0.44 -4.26 12.70
C LYS A 129 1.59 -5.24 12.49
N THR A 130 2.82 -4.76 12.61
CA THR A 130 3.99 -5.61 12.43
C THR A 130 4.67 -5.85 13.78
N GLU A 131 3.86 -6.03 14.82
CA GLU A 131 4.39 -6.27 16.17
C GLU A 131 3.39 -7.07 17.00
N PHE A 132 2.23 -6.46 17.25
CA PHE A 132 1.19 -7.13 18.05
C PHE A 132 0.74 -8.43 17.40
N THR A 133 0.87 -8.53 16.08
CA THR A 133 0.45 -9.74 15.38
C THR A 133 1.55 -10.22 14.44
N GLN A 134 1.53 -11.51 14.12
CA GLN A 134 2.54 -12.08 13.23
C GLN A 134 1.90 -12.67 11.99
N GLY A 135 1.29 -11.81 11.17
CA GLY A 135 0.64 -12.27 9.95
C GLY A 135 1.63 -12.28 8.79
N MET A 136 1.96 -11.10 8.29
CA MET A 136 2.90 -11.00 7.19
C MET A 136 4.34 -10.93 7.72
N ILE A 137 5.08 -12.00 7.51
CA ILE A 137 6.46 -12.06 7.98
C ILE A 137 7.42 -12.19 6.81
N LEU A 138 8.61 -11.63 6.95
CA LEU A 138 9.61 -11.69 5.89
C LEU A 138 10.99 -12.01 6.47
N PRO A 139 11.26 -13.27 6.73
CA PRO A 139 12.55 -13.70 7.30
C PRO A 139 13.71 -13.43 6.34
N THR A 140 14.84 -13.02 6.89
CA THR A 140 16.02 -12.73 6.08
C THR A 140 17.24 -13.40 6.70
N MET A 141 18.25 -13.66 5.87
CA MET A 141 19.46 -14.30 6.37
C MET A 141 20.51 -14.40 5.27
N ASN A 142 21.77 -14.18 5.64
CA ASN A 142 22.86 -14.24 4.67
C ASN A 142 23.70 -15.49 4.90
N GLY A 143 24.07 -16.16 3.81
CA GLY A 143 24.88 -17.37 3.91
C GLY A 143 26.17 -17.11 4.67
N GLU A 144 26.71 -15.90 4.50
CA GLU A 144 27.94 -15.52 5.17
C GLU A 144 27.82 -14.11 5.70
N SER A 145 28.57 -13.81 6.76
CA SER A 145 28.52 -12.47 7.34
C SER A 145 29.87 -11.79 7.23
N VAL A 146 29.85 -10.49 6.95
CA VAL A 146 31.09 -9.72 6.80
C VAL A 146 30.99 -8.42 7.59
N ASP A 147 32.12 -8.00 8.17
CA ASP A 147 32.17 -6.77 8.94
C ASP A 147 33.30 -5.86 8.44
N PRO A 148 33.06 -5.15 7.38
CA PRO A 148 34.06 -4.23 6.79
C PRO A 148 34.27 -2.98 7.64
N VAL A 149 35.48 -2.43 7.59
CA VAL A 149 35.79 -1.23 8.36
C VAL A 149 36.84 -0.40 7.63
N GLY A 150 37.95 -0.13 8.30
CA GLY A 150 39.02 0.65 7.67
C GLY A 150 39.92 -0.27 6.88
N GLN A 151 39.87 -0.15 5.56
CA GLN A 151 40.69 -0.98 4.69
C GLN A 151 41.39 -0.15 3.62
N PRO A 152 42.44 0.54 4.00
CA PRO A 152 43.21 1.40 3.07
C PRO A 152 44.10 0.57 2.13
N ALA A 153 43.46 -0.11 1.18
CA ALA A 153 44.19 -0.93 0.22
C ALA A 153 43.50 -0.92 -1.14
N LEU A 154 44.26 -1.21 -2.18
CA LEU A 154 43.71 -1.23 -3.54
C LEU A 154 43.18 -2.61 -3.88
N LYS A 155 42.06 -2.65 -4.59
CA LYS A 155 41.45 -3.91 -4.98
C LYS A 155 41.94 -4.34 -6.36
N THR A 156 42.35 -5.60 -6.47
CA THR A 156 42.83 -6.12 -7.74
C THR A 156 42.04 -7.36 -8.14
N GLU A 157 41.72 -7.46 -9.43
CA GLU A 157 40.96 -8.59 -9.93
C GLU A 157 41.87 -9.57 -10.68
N GLU A 158 41.67 -10.86 -10.43
CA GLU A 158 42.47 -11.88 -11.09
C GLU A 158 41.60 -12.79 -11.95
N ARG A 159 42.20 -13.42 -12.94
CA ARG A 159 41.46 -14.31 -13.83
C ARG A 159 42.05 -15.71 -13.80
N LYS A 160 41.20 -16.71 -13.97
CA LYS A 160 41.64 -18.10 -13.95
C LYS A 160 41.08 -18.86 -15.16
N ALA A 161 41.96 -19.60 -15.84
CA ALA A 161 41.55 -20.36 -17.00
C ALA A 161 42.41 -21.61 -17.13
N LYS A 162 41.87 -22.65 -17.75
CA LYS A 162 42.60 -23.89 -17.92
C LYS A 162 43.03 -24.06 -19.37
N PRO A 163 42.15 -23.77 -20.29
CA PRO A 163 42.43 -23.89 -21.75
C PRO A 163 43.41 -22.82 -22.23
N ALA A 164 44.22 -23.18 -23.23
CA ALA A 164 45.20 -22.24 -23.78
C ALA A 164 45.00 -22.10 -25.29
N PRO A 165 44.08 -21.26 -25.69
CA PRO A 165 43.79 -21.03 -27.13
C PRO A 165 44.93 -20.30 -27.83
N SER A 166 45.18 -20.65 -29.09
CA SER A 166 46.23 -20.03 -29.87
C SER A 166 46.01 -18.52 -29.97
N LYS A 167 44.75 -18.12 -30.00
CA LYS A 167 44.42 -16.70 -30.10
C LYS A 167 44.44 -16.04 -28.73
N THR A 168 44.86 -14.78 -28.70
CA THR A 168 44.94 -14.04 -27.44
C THR A 168 44.10 -12.77 -27.52
N GLN A 169 43.83 -12.18 -26.36
CA GLN A 169 43.02 -10.96 -26.32
C GLN A 169 43.89 -9.76 -25.98
N ALA A 170 43.52 -8.60 -26.52
CA ALA A 170 44.28 -7.38 -26.28
C ALA A 170 43.35 -6.18 -26.24
N ARG A 171 43.80 -5.10 -25.60
CA ARG A 171 42.99 -3.89 -25.51
C ARG A 171 42.69 -3.34 -26.89
N PRO A 172 41.58 -2.65 -27.05
CA PRO A 172 41.19 -2.06 -28.37
C PRO A 172 42.32 -1.25 -28.98
N VAL A 173 42.44 -1.32 -30.31
CA VAL A 173 43.48 -0.59 -31.02
C VAL A 173 42.90 0.13 -32.23
N GLY A 174 43.56 1.22 -32.60
CA GLY A 174 43.12 2.02 -33.72
C GLY A 174 43.70 1.50 -35.03
N VAL A 175 43.34 2.13 -36.14
CA VAL A 175 43.82 1.72 -37.44
C VAL A 175 44.28 2.94 -38.23
N LYS A 176 45.10 2.72 -39.26
CA LYS A 176 45.59 3.83 -40.07
C LYS A 176 44.43 4.51 -40.76
N ILE A 177 43.58 5.14 -39.96
CA ILE A 177 42.41 5.83 -40.49
C ILE A 177 42.74 7.31 -40.69
N PRO A 178 42.23 7.94 -41.74
CA PRO A 178 42.48 9.38 -41.99
C PRO A 178 42.22 10.16 -40.71
N THR A 179 42.75 11.37 -40.59
CA THR A 179 42.47 12.16 -39.39
C THR A 179 42.70 13.65 -39.65
N CYS A 180 42.16 14.48 -38.75
CA CYS A 180 42.29 15.94 -38.89
C CYS A 180 42.15 16.62 -37.53
N LYS A 181 42.31 17.95 -37.52
CA LYS A 181 42.21 18.70 -36.28
C LYS A 181 40.87 19.44 -36.17
N ILE A 182 40.27 19.38 -34.98
CA ILE A 182 38.98 20.04 -34.73
C ILE A 182 39.11 21.01 -33.57
N THR A 183 40.01 21.98 -33.70
CA THR A 183 40.22 22.97 -32.66
C THR A 183 39.07 23.98 -32.66
N LEU A 184 38.42 24.09 -31.51
CA LEU A 184 37.30 25.02 -31.38
C LEU A 184 37.57 25.98 -30.22
N LYS A 185 37.26 27.26 -30.42
CA LYS A 185 37.46 28.26 -29.37
C LYS A 185 36.17 29.04 -29.16
N GLU A 186 35.36 28.59 -28.20
CA GLU A 186 34.10 29.26 -27.92
C GLU A 186 34.10 29.91 -26.54
N THR A 187 33.21 30.89 -26.38
CA THR A 187 33.08 31.61 -25.12
C THR A 187 31.77 31.20 -24.45
N PHE A 188 31.82 30.96 -23.15
CA PHE A 188 30.63 30.56 -22.41
C PHE A 188 30.19 31.62 -21.42
N LEU A 189 28.89 31.85 -21.38
CA LEU A 189 28.32 32.83 -20.47
C LEU A 189 28.33 32.30 -19.05
N THR A 190 29.27 31.42 -18.77
CA THR A 190 29.40 30.83 -17.44
C THR A 190 30.86 30.81 -17.02
N SER A 191 31.09 30.61 -15.72
CA SER A 191 32.46 30.56 -15.21
C SER A 191 33.10 29.23 -15.59
N PRO A 192 34.40 29.18 -15.68
CA PRO A 192 35.11 27.92 -16.04
C PRO A 192 34.74 26.76 -15.12
N GLU A 193 34.52 27.06 -13.86
CA GLU A 193 34.15 26.04 -12.89
C GLU A 193 32.81 25.39 -13.25
N GLU A 194 31.85 26.22 -13.65
CA GLU A 194 30.52 25.74 -14.00
C GLU A 194 30.55 24.85 -15.25
N LEU A 195 31.24 25.32 -16.28
CA LEU A 195 31.34 24.57 -17.53
C LEU A 195 32.05 23.24 -17.31
N TYR A 196 33.02 23.26 -16.40
CA TYR A 196 33.81 22.08 -16.09
C TYR A 196 32.93 20.92 -15.66
N ARG A 197 31.96 21.22 -14.81
CA ARG A 197 31.05 20.19 -14.31
C ARG A 197 30.24 19.59 -15.44
N VAL A 198 29.86 20.44 -16.39
CA VAL A 198 29.06 20.01 -17.51
C VAL A 198 29.78 18.92 -18.29
N PHE A 199 31.10 19.04 -18.35
CA PHE A 199 31.91 18.07 -19.06
C PHE A 199 32.37 16.95 -18.14
N THR A 200 32.19 17.13 -16.83
CA THR A 200 32.62 16.11 -15.88
C THR A 200 31.49 15.65 -14.97
N THR A 201 30.25 15.98 -15.34
CA THR A 201 29.12 15.53 -14.53
C THR A 201 28.10 14.85 -15.44
N GLN A 202 27.89 13.57 -15.19
CA GLN A 202 26.98 12.76 -15.99
C GLN A 202 25.60 13.39 -16.12
N GLU A 203 25.04 13.79 -14.99
CA GLU A 203 23.71 14.41 -14.99
C GLU A 203 23.67 15.61 -15.93
N LEU A 204 24.69 16.44 -15.81
CA LEU A 204 24.77 17.64 -16.63
C LEU A 204 24.93 17.27 -18.10
N VAL A 205 25.65 16.19 -18.36
CA VAL A 205 25.85 15.74 -19.74
C VAL A 205 24.51 15.26 -20.28
N GLN A 206 23.80 14.54 -19.44
CA GLN A 206 22.50 14.02 -19.79
C GLN A 206 21.53 15.18 -19.99
N ALA A 207 21.92 16.35 -19.50
CA ALA A 207 21.08 17.54 -19.60
C ALA A 207 21.16 18.17 -20.99
N PHE A 208 22.37 18.51 -21.43
CA PHE A 208 22.52 19.14 -22.73
C PHE A 208 22.51 18.12 -23.86
N THR A 209 22.59 16.84 -23.53
CA THR A 209 22.56 15.80 -24.56
C THR A 209 21.13 15.38 -24.83
N HIS A 210 20.21 15.90 -24.01
CA HIS A 210 18.80 15.57 -24.15
C HIS A 210 18.63 14.09 -24.41
N ALA A 211 19.61 13.33 -23.98
CA ALA A 211 19.59 11.88 -24.14
C ALA A 211 20.29 11.21 -22.97
N PRO A 212 20.28 9.91 -22.92
CA PRO A 212 20.94 9.16 -21.82
C PRO A 212 22.44 9.22 -21.95
N ALA A 213 23.09 9.57 -20.87
CA ALA A 213 24.55 9.67 -20.87
C ALA A 213 25.16 9.04 -19.62
N THR A 214 26.36 8.55 -19.80
CA THR A 214 27.12 7.94 -18.71
C THR A 214 28.47 8.62 -18.62
N LEU A 215 28.81 9.13 -17.45
CA LEU A 215 30.07 9.83 -17.32
C LEU A 215 30.83 9.52 -16.03
N GLU A 216 32.12 9.28 -16.19
CA GLU A 216 32.99 8.99 -15.08
C GLU A 216 34.07 10.07 -15.03
N ALA A 217 33.99 10.95 -14.06
CA ALA A 217 34.98 12.02 -13.97
C ALA A 217 36.20 11.56 -13.22
N ASP A 218 37.10 10.90 -13.94
CA ASP A 218 38.33 10.39 -13.37
C ASP A 218 39.34 10.12 -14.48
N ARG A 219 40.61 10.12 -14.14
CA ARG A 219 41.62 9.86 -15.15
C ARG A 219 41.42 8.45 -15.70
N GLY A 220 40.96 8.42 -16.92
CA GLY A 220 40.67 7.16 -17.58
C GLY A 220 39.18 6.90 -17.47
N GLY A 221 38.48 7.87 -16.89
CA GLY A 221 37.05 7.76 -16.73
C GLY A 221 36.40 7.57 -18.08
N LYS A 222 35.35 6.78 -18.12
CA LYS A 222 34.68 6.53 -19.39
C LYS A 222 33.40 7.33 -19.51
N PHE A 223 33.32 8.12 -20.57
CA PHE A 223 32.12 8.91 -20.79
C PHE A 223 31.42 8.44 -22.05
N HIS A 224 30.13 8.22 -21.91
CA HIS A 224 29.28 7.75 -22.98
C HIS A 224 28.09 8.70 -23.06
N MET A 225 27.75 9.17 -24.26
CA MET A 225 26.66 10.12 -24.36
C MET A 225 25.85 9.95 -25.64
N VAL A 226 24.88 10.85 -25.82
CA VAL A 226 24.01 10.85 -26.99
C VAL A 226 23.51 9.44 -27.26
N ASP A 227 22.62 8.96 -26.40
CA ASP A 227 22.08 7.61 -26.56
C ASP A 227 23.21 6.63 -26.78
N GLY A 228 24.34 6.94 -26.17
CA GLY A 228 25.51 6.11 -26.24
C GLY A 228 26.16 6.16 -27.62
N ASN A 229 25.81 7.16 -28.41
CA ASN A 229 26.38 7.29 -29.74
C ASN A 229 27.73 7.98 -29.66
N VAL A 230 28.04 8.51 -28.48
CA VAL A 230 29.31 9.17 -28.25
C VAL A 230 30.00 8.51 -27.07
N SER A 231 31.27 8.17 -27.24
CA SER A 231 32.00 7.52 -26.16
C SER A 231 33.47 7.93 -26.16
N GLY A 232 34.14 7.70 -25.04
CA GLY A 232 35.54 8.04 -24.92
C GLY A 232 36.03 7.92 -23.49
N GLU A 233 37.28 8.31 -23.26
CA GLU A 233 37.87 8.24 -21.93
C GLU A 233 38.58 9.54 -21.60
N PHE A 234 38.75 9.78 -20.31
CA PHE A 234 39.44 10.97 -19.87
C PHE A 234 40.91 10.68 -19.66
N THR A 235 41.75 11.27 -20.47
CA THR A 235 43.19 11.08 -20.34
C THR A 235 43.74 12.00 -19.26
N ASP A 236 43.00 13.08 -18.99
CA ASP A 236 43.39 14.04 -17.97
C ASP A 236 42.20 14.84 -17.50
N LEU A 237 42.21 15.18 -16.22
CA LEU A 237 41.14 15.99 -15.66
C LEU A 237 41.69 16.93 -14.61
N VAL A 238 41.92 18.17 -15.01
CA VAL A 238 42.43 19.16 -14.09
C VAL A 238 41.24 19.99 -13.58
N PRO A 239 41.02 20.09 -12.29
CA PRO A 239 39.84 20.82 -11.75
C PRO A 239 39.61 22.19 -12.39
N GLU A 240 38.60 22.25 -13.26
CA GLU A 240 38.23 23.50 -13.92
C GLU A 240 39.41 24.15 -14.63
N LYS A 241 40.42 23.36 -14.94
CA LYS A 241 41.59 23.89 -15.59
C LYS A 241 41.86 23.27 -16.95
N HIS A 242 41.74 21.96 -17.06
CA HIS A 242 42.06 21.31 -18.32
C HIS A 242 41.65 19.85 -18.35
N ILE A 243 41.16 19.41 -19.49
CA ILE A 243 40.74 18.03 -19.64
C ILE A 243 41.24 17.42 -20.94
N VAL A 244 41.91 16.28 -20.81
CA VAL A 244 42.38 15.57 -21.98
C VAL A 244 41.57 14.30 -22.09
N MET A 245 40.90 14.10 -23.21
CA MET A 245 40.07 12.92 -23.36
C MET A 245 40.08 12.40 -24.79
N LYS A 246 39.74 11.14 -24.90
CA LYS A 246 39.63 10.48 -26.18
C LYS A 246 38.17 10.55 -26.59
N TRP A 247 37.88 10.64 -27.89
CA TRP A 247 36.49 10.81 -28.30
C TRP A 247 36.15 10.07 -29.59
N ARG A 248 34.87 9.68 -29.73
CA ARG A 248 34.43 9.01 -30.95
C ARG A 248 32.92 9.02 -31.12
N PHE A 249 32.50 8.56 -32.29
CA PHE A 249 31.08 8.45 -32.64
C PHE A 249 30.73 6.98 -32.75
N LYS A 250 29.44 6.68 -32.67
CA LYS A 250 28.98 5.31 -32.78
C LYS A 250 29.25 4.76 -34.18
N SER A 251 29.49 5.65 -35.11
CA SER A 251 29.73 5.24 -36.50
C SER A 251 31.22 5.15 -36.80
N TRP A 252 32.06 5.35 -35.79
CA TRP A 252 33.49 5.30 -35.99
C TRP A 252 34.03 3.88 -35.90
N PRO A 253 35.16 3.61 -36.50
CA PRO A 253 35.79 2.27 -36.46
C PRO A 253 36.04 1.84 -35.02
N GLU A 254 35.96 0.54 -34.75
CA GLU A 254 36.20 0.05 -33.41
C GLU A 254 37.65 0.33 -33.01
N GLY A 255 37.82 0.97 -31.85
CA GLY A 255 39.15 1.29 -31.38
C GLY A 255 39.67 2.58 -31.99
N HIS A 256 38.75 3.40 -32.54
CA HIS A 256 39.16 4.66 -33.17
C HIS A 256 38.57 5.84 -32.43
N PHE A 257 39.45 6.60 -31.80
CA PHE A 257 39.03 7.79 -31.08
C PHE A 257 39.86 8.98 -31.49
N ALA A 258 39.39 10.14 -31.11
CA ALA A 258 40.08 11.37 -31.39
C ALA A 258 40.60 11.97 -30.10
N THR A 259 41.83 12.46 -30.12
CA THR A 259 42.41 13.05 -28.93
C THR A 259 41.89 14.47 -28.75
N ILE A 260 41.06 14.67 -27.74
CA ILE A 260 40.50 15.99 -27.49
C ILE A 260 41.00 16.58 -26.19
N THR A 261 41.41 17.84 -26.25
CA THR A 261 41.90 18.51 -25.07
C THR A 261 41.15 19.80 -24.86
N LEU A 262 40.58 19.94 -23.68
CA LEU A 262 39.81 21.12 -23.33
C LEU A 262 40.50 21.92 -22.25
N THR A 263 40.50 23.23 -22.40
CA THR A 263 41.10 24.10 -21.40
C THR A 263 40.08 25.10 -20.91
N PHE A 264 40.14 25.40 -19.62
CA PHE A 264 39.20 26.32 -19.01
C PHE A 264 39.85 27.65 -18.67
N ILE A 265 39.20 28.72 -19.12
CA ILE A 265 39.71 30.06 -18.90
C ILE A 265 38.65 31.00 -18.34
N ASP A 266 39.01 31.73 -17.31
CA ASP A 266 38.09 32.69 -16.70
C ASP A 266 38.23 34.04 -17.39
N LYS A 267 37.14 34.48 -17.99
CA LYS A 267 37.11 35.74 -18.72
C LYS A 267 36.43 36.84 -17.91
N ASN A 268 36.26 36.60 -16.62
CA ASN A 268 35.64 37.59 -15.77
C ASN A 268 34.20 37.86 -16.18
N GLY A 269 33.41 36.82 -16.21
CA GLY A 269 32.02 36.92 -16.61
C GLY A 269 31.64 35.71 -17.42
N GLU A 270 32.54 35.31 -18.29
CA GLU A 270 32.32 34.15 -19.13
C GLU A 270 33.57 33.29 -19.16
N THR A 271 33.55 32.23 -19.97
CA THR A 271 34.70 31.35 -20.04
C THR A 271 35.06 31.00 -21.48
N GLU A 272 36.35 30.98 -21.77
CA GLU A 272 36.81 30.64 -23.11
C GLU A 272 37.33 29.21 -23.12
N LEU A 273 36.50 28.29 -23.60
CA LEU A 273 36.91 26.90 -23.68
C LEU A 273 37.76 26.71 -24.92
N CYS A 274 39.06 26.66 -24.72
CA CYS A 274 39.99 26.50 -25.82
C CYS A 274 40.18 25.01 -26.11
N MET A 275 39.51 24.52 -27.15
CA MET A 275 39.58 23.11 -27.52
C MET A 275 40.63 22.84 -28.58
N GLU A 276 41.26 21.67 -28.48
CA GLU A 276 42.25 21.26 -29.45
C GLU A 276 42.02 19.79 -29.82
N GLY A 277 41.08 19.59 -30.72
CA GLY A 277 40.72 18.24 -31.16
C GLY A 277 41.61 17.74 -32.29
N ARG A 278 42.02 16.48 -32.19
CA ARG A 278 42.86 15.88 -33.22
C ARG A 278 42.66 14.37 -33.26
N GLY A 279 42.89 13.78 -34.43
CA GLY A 279 42.71 12.35 -34.60
C GLY A 279 41.34 12.06 -35.21
N ILE A 280 40.53 13.09 -35.29
CA ILE A 280 39.20 12.98 -35.85
C ILE A 280 39.30 12.51 -37.30
N PRO A 281 38.68 11.41 -37.66
CA PRO A 281 38.76 10.90 -39.05
C PRO A 281 38.36 11.96 -40.06
N ALA A 282 39.23 12.12 -41.06
CA ALA A 282 38.99 13.09 -42.11
C ALA A 282 37.58 12.94 -42.71
N PRO A 283 37.14 11.73 -43.03
CA PRO A 283 35.79 11.55 -43.61
C PRO A 283 34.70 12.03 -42.65
N GLU A 284 34.96 11.82 -41.38
CA GLU A 284 34.01 12.20 -40.33
C GLU A 284 34.32 13.59 -39.78
N GLU A 285 35.39 14.20 -40.29
CA GLU A 285 35.78 15.53 -39.82
C GLU A 285 34.62 16.51 -39.86
N GLU A 286 33.99 16.64 -41.00
CA GLU A 286 32.87 17.55 -41.11
C GLU A 286 31.79 17.18 -40.10
N ARG A 287 31.54 15.90 -39.95
CA ARG A 287 30.53 15.42 -39.01
C ARG A 287 30.90 15.74 -37.57
N THR A 288 32.09 15.32 -37.16
CA THR A 288 32.54 15.53 -35.79
C THR A 288 32.36 16.98 -35.36
N ARG A 289 32.97 17.89 -36.08
CA ARG A 289 32.89 19.30 -35.73
C ARG A 289 31.43 19.77 -35.69
N GLN A 290 30.65 19.36 -36.69
CA GLN A 290 29.25 19.76 -36.75
C GLN A 290 28.46 19.16 -35.60
N GLY A 291 28.71 17.89 -35.32
CA GLY A 291 28.02 17.19 -34.25
C GLY A 291 28.65 17.50 -32.90
N TRP A 292 29.59 18.44 -32.90
CA TRP A 292 30.25 18.80 -31.67
C TRP A 292 29.54 19.97 -30.97
N GLN A 293 29.91 21.19 -31.33
CA GLN A 293 29.30 22.38 -30.73
C GLN A 293 27.79 22.23 -30.59
N ARG A 294 27.14 21.77 -31.67
CA ARG A 294 25.70 21.59 -31.65
C ARG A 294 25.26 20.78 -30.43
N TYR A 295 25.96 19.69 -30.17
CA TYR A 295 25.63 18.86 -29.02
C TYR A 295 26.49 19.25 -27.82
N TYR A 296 27.56 19.99 -28.08
CA TYR A 296 28.47 20.40 -27.01
C TYR A 296 28.18 21.82 -26.54
N PHE A 297 28.91 22.76 -27.13
CA PHE A 297 28.80 24.16 -26.78
C PHE A 297 27.42 24.71 -27.07
N GLU A 298 27.08 24.76 -28.35
CA GLU A 298 25.78 25.26 -28.75
C GLU A 298 24.67 24.55 -27.96
N GLY A 299 24.92 23.29 -27.61
CA GLY A 299 23.95 22.52 -26.83
C GLY A 299 23.91 23.02 -25.40
N ILE A 300 25.06 22.99 -24.73
CA ILE A 300 25.14 23.46 -23.35
C ILE A 300 24.66 24.90 -23.26
N LYS A 301 25.18 25.72 -24.15
CA LYS A 301 24.80 27.12 -24.19
C LYS A 301 23.28 27.23 -24.29
N GLN A 302 22.67 26.26 -24.94
CA GLN A 302 21.24 26.23 -25.12
C GLN A 302 20.55 25.69 -23.86
N THR A 303 20.95 24.49 -23.47
CA THR A 303 20.37 23.82 -22.31
C THR A 303 20.68 24.56 -21.01
N PHE A 304 21.94 24.89 -20.80
CA PHE A 304 22.38 25.57 -19.59
C PHE A 304 22.15 27.07 -19.72
N GLY A 305 22.26 27.59 -20.92
CA GLY A 305 22.07 29.00 -21.14
C GLY A 305 23.39 29.75 -21.02
N TYR A 306 24.46 29.08 -21.41
CA TYR A 306 25.78 29.65 -21.33
C TYR A 306 26.22 30.27 -22.66
N GLY A 307 25.26 30.66 -23.49
CA GLY A 307 25.60 31.27 -24.77
C GLY A 307 25.47 32.79 -24.71
N ALA A 308 25.81 33.46 -25.80
CA ALA A 308 25.72 34.91 -25.87
C ALA A 308 24.67 35.34 -26.88
N THR A 1 -9.12 -7.68 23.30
CA THR A 1 -8.89 -6.30 23.71
C THR A 1 -7.40 -6.00 23.80
N GLU A 2 -6.81 -5.62 22.67
CA GLU A 2 -5.38 -5.32 22.63
C GLU A 2 -5.16 -3.81 22.60
N ARG A 3 -4.11 -3.35 23.30
CA ARG A 3 -3.79 -1.94 23.34
C ARG A 3 -3.24 -1.48 22.00
N ASP A 4 -3.60 -0.27 21.59
CA ASP A 4 -3.12 0.27 20.32
C ASP A 4 -1.71 0.83 20.50
N ALA A 5 -0.75 0.22 19.80
CA ALA A 5 0.63 0.65 19.91
C ALA A 5 0.76 2.13 19.56
N SER A 6 0.58 2.98 20.56
CA SER A 6 0.68 4.43 20.36
C SER A 6 2.12 4.88 20.38
N ASN A 7 2.99 4.11 21.04
CA ASN A 7 4.40 4.46 21.13
C ASN A 7 5.02 4.60 19.74
N TRP A 8 4.77 3.64 18.87
CA TRP A 8 5.31 3.68 17.52
C TRP A 8 4.56 4.71 16.68
N SER A 9 3.31 4.96 17.05
CA SER A 9 2.50 5.91 16.30
C SER A 9 3.12 7.30 16.30
N THR A 10 3.01 8.00 17.42
CA THR A 10 3.57 9.34 17.49
C THR A 10 5.04 9.31 17.08
N ASP A 11 5.77 8.35 17.61
CA ASP A 11 7.19 8.22 17.30
C ASP A 11 7.48 8.25 15.80
N LYS A 12 6.71 7.48 15.03
CA LYS A 12 6.93 7.44 13.59
C LYS A 12 6.19 8.59 12.90
N LEU A 13 4.89 8.72 13.18
CA LEU A 13 4.11 9.78 12.56
C LEU A 13 4.69 11.15 12.89
N LYS A 14 5.04 11.39 14.14
CA LYS A 14 5.60 12.68 14.53
C LYS A 14 6.94 12.91 13.83
N THR A 15 7.77 11.87 13.81
CA THR A 15 9.06 11.96 13.15
C THR A 15 8.86 12.17 11.66
N LEU A 16 8.02 11.32 11.09
CA LEU A 16 7.70 11.39 9.68
C LEU A 16 7.16 12.78 9.37
N PHE A 17 6.45 13.36 10.33
CA PHE A 17 5.91 14.70 10.15
C PHE A 17 7.05 15.70 10.23
N LEU A 18 7.98 15.47 11.16
CA LEU A 18 9.13 16.34 11.32
C LEU A 18 10.18 15.98 10.28
N ALA A 19 9.83 15.03 9.43
CA ALA A 19 10.74 14.58 8.38
C ALA A 19 10.28 15.12 7.05
N VAL A 20 9.33 16.03 7.08
CA VAL A 20 8.82 16.62 5.85
C VAL A 20 9.98 17.18 5.04
N GLN A 21 9.99 16.86 3.76
CA GLN A 21 11.08 17.30 2.89
C GLN A 21 10.69 18.54 2.08
N VAL A 22 11.69 19.08 1.41
CA VAL A 22 11.51 20.27 0.60
C VAL A 22 12.17 20.09 -0.77
N GLN A 23 11.48 20.56 -1.79
CA GLN A 23 11.99 20.51 -3.15
C GLN A 23 12.51 21.88 -3.54
N ASN A 24 11.94 22.46 -4.59
CA ASN A 24 12.36 23.78 -5.02
C ASN A 24 11.43 24.83 -4.41
N GLU A 25 11.91 26.07 -4.31
CA GLU A 25 11.11 27.14 -3.73
C GLU A 25 9.76 27.24 -4.43
N GLU A 26 9.71 26.76 -5.67
CA GLU A 26 8.48 26.79 -6.44
C GLU A 26 7.40 25.94 -5.78
N GLY A 27 7.85 24.90 -5.08
CA GLY A 27 6.94 24.00 -4.39
C GLY A 27 7.71 23.13 -3.41
N LYS A 28 8.17 23.75 -2.33
CA LYS A 28 8.94 23.04 -1.33
C LYS A 28 8.07 22.65 -0.15
N CYS A 29 8.67 22.03 0.86
CA CYS A 29 7.93 21.62 2.05
C CYS A 29 8.87 21.51 3.25
N GLU A 30 8.44 22.03 4.39
CA GLU A 30 9.26 21.97 5.59
C GLU A 30 8.39 21.88 6.84
N VAL A 31 8.85 21.13 7.83
CA VAL A 31 8.10 21.01 9.08
C VAL A 31 8.62 22.00 10.11
N THR A 32 7.71 22.59 10.89
CA THR A 32 8.14 23.54 11.92
C THR A 32 8.01 22.93 13.31
N GLU A 33 6.97 22.12 13.51
CA GLU A 33 6.73 21.47 14.80
C GLU A 33 5.45 20.66 14.74
N VAL A 34 5.46 19.48 15.34
CA VAL A 34 4.30 18.61 15.36
C VAL A 34 3.96 18.22 16.79
N SER A 35 2.67 18.24 17.11
CA SER A 35 2.26 17.88 18.45
C SER A 35 2.30 16.37 18.62
N LYS A 36 1.25 15.71 18.13
CA LYS A 36 1.13 14.26 18.21
C LYS A 36 -0.33 13.90 17.99
N LEU A 37 -0.58 12.73 17.42
CA LEU A 37 -1.95 12.31 17.19
C LEU A 37 -2.69 12.27 18.52
N ASP A 38 -3.56 13.25 18.74
CA ASP A 38 -4.33 13.30 19.97
C ASP A 38 -5.68 12.66 19.74
N GLY A 39 -5.89 11.50 20.35
CA GLY A 39 -7.14 10.82 20.15
C GLY A 39 -7.25 9.52 20.92
N GLU A 40 -8.38 8.84 20.74
CA GLU A 40 -8.61 7.56 21.40
C GLU A 40 -8.48 6.44 20.39
N ALA A 41 -7.56 5.53 20.64
CA ALA A 41 -7.34 4.39 19.74
C ALA A 41 -7.75 3.09 20.41
N SER A 42 -8.30 2.17 19.61
CA SER A 42 -8.72 0.89 20.14
C SER A 42 -8.72 -0.18 19.06
N ILE A 43 -7.84 -1.16 19.19
CA ILE A 43 -7.76 -2.26 18.23
C ILE A 43 -7.64 -3.58 18.96
N ASN A 44 -8.08 -4.65 18.31
CA ASN A 44 -8.00 -5.98 18.92
C ASN A 44 -7.40 -6.97 17.94
N ASN A 45 -6.16 -7.37 18.21
CA ASN A 45 -5.46 -8.30 17.33
C ASN A 45 -5.08 -9.57 18.08
N ARG A 46 -5.00 -10.68 17.36
CA ARG A 46 -4.64 -11.95 17.96
C ARG A 46 -4.39 -13.02 16.90
N LYS A 47 -3.46 -12.72 15.99
CA LYS A 47 -3.11 -13.66 14.94
C LYS A 47 -4.35 -14.28 14.27
N GLY A 48 -5.16 -13.45 13.61
CA GLY A 48 -6.34 -13.95 12.94
C GLY A 48 -7.60 -13.15 13.28
N LYS A 49 -7.41 -12.00 13.92
CA LYS A 49 -8.54 -11.15 14.28
C LYS A 49 -8.09 -9.70 14.41
N LEU A 50 -7.73 -9.10 13.27
CA LEU A 50 -7.28 -7.71 13.28
C LEU A 50 -8.43 -6.75 13.06
N ILE A 51 -8.68 -5.89 14.05
CA ILE A 51 -9.74 -4.90 13.93
C ILE A 51 -9.19 -3.52 14.27
N PHE A 52 -9.64 -2.51 13.55
CA PHE A 52 -9.16 -1.15 13.78
C PHE A 52 -10.30 -0.20 14.15
N PHE A 53 -10.13 0.51 15.27
CA PHE A 53 -11.15 1.46 15.72
C PHE A 53 -10.53 2.62 16.48
N TYR A 54 -10.58 3.81 15.89
CA TYR A 54 -10.06 5.02 16.55
C TYR A 54 -11.01 6.18 16.29
N GLU A 55 -10.92 7.23 17.10
CA GLU A 55 -11.81 8.38 16.91
C GLU A 55 -11.26 9.64 17.59
N TRP A 56 -10.89 10.63 16.76
CA TRP A 56 -10.36 11.91 17.27
C TRP A 56 -9.58 12.66 16.19
N SER A 57 -8.73 13.62 16.58
CA SER A 57 -7.99 14.40 15.60
C SER A 57 -6.51 14.57 15.96
N VAL A 58 -5.71 14.83 14.92
CA VAL A 58 -4.28 15.07 15.10
C VAL A 58 -3.95 16.50 14.68
N LYS A 59 -2.94 17.12 15.29
CA LYS A 59 -2.63 18.50 14.96
C LYS A 59 -1.12 18.78 14.83
N LEU A 60 -0.75 19.40 13.70
CA LEU A 60 0.65 19.77 13.47
C LEU A 60 0.75 21.04 12.61
N ASN A 61 1.97 21.52 12.39
CA ASN A 61 2.19 22.74 11.59
C ASN A 61 3.41 22.60 10.68
N TRP A 62 3.34 23.20 9.49
CA TRP A 62 4.47 23.14 8.55
C TRP A 62 4.74 24.51 7.90
N THR A 63 5.91 24.62 7.27
CA THR A 63 6.31 25.84 6.59
C THR A 63 6.65 25.55 5.14
N GLY A 64 6.28 26.47 4.26
CA GLY A 64 6.56 26.31 2.84
C GLY A 64 7.01 27.62 2.21
N THR A 65 7.90 27.53 1.23
CA THR A 65 8.40 28.72 0.55
C THR A 65 7.91 28.73 -0.89
N SER A 66 7.61 29.91 -1.39
CA SER A 66 7.11 30.04 -2.76
C SER A 66 8.12 30.74 -3.65
N LYS A 67 8.06 30.45 -4.94
CA LYS A 67 8.96 31.06 -5.90
C LYS A 67 8.87 32.57 -5.78
N SER A 68 7.72 33.07 -5.33
CA SER A 68 7.52 34.50 -5.16
C SER A 68 8.51 35.04 -4.14
N GLY A 69 8.99 34.15 -3.27
CA GLY A 69 9.95 34.52 -2.25
C GLY A 69 9.26 34.70 -0.90
N VAL A 70 8.07 34.11 -0.76
CA VAL A 70 7.33 34.23 0.49
C VAL A 70 7.22 32.90 1.22
N GLN A 71 7.47 32.95 2.53
CA GLN A 71 7.37 31.76 3.36
C GLN A 71 6.21 31.95 4.32
N TYR A 72 5.53 30.87 4.65
CA TYR A 72 4.41 30.98 5.57
C TYR A 72 4.25 29.69 6.34
N LYS A 73 3.64 29.80 7.50
CA LYS A 73 3.43 28.64 8.34
C LYS A 73 1.95 28.41 8.56
N GLY A 74 1.43 27.35 7.95
CA GLY A 74 0.03 27.03 8.05
C GLY A 74 -0.21 25.95 9.10
N HIS A 75 -1.49 25.66 9.34
CA HIS A 75 -1.86 24.65 10.33
C HIS A 75 -2.74 23.57 9.69
N VAL A 76 -2.54 22.33 10.12
CA VAL A 76 -3.32 21.21 9.60
C VAL A 76 -3.88 20.37 10.75
N GLU A 77 -5.16 20.01 10.63
CA GLU A 77 -5.80 19.20 11.65
C GLU A 77 -6.87 18.30 11.03
N ILE A 78 -6.80 17.01 11.30
CA ILE A 78 -7.80 16.09 10.76
C ILE A 78 -8.85 15.80 11.84
N PRO A 79 -10.11 16.09 11.59
CA PRO A 79 -11.19 15.87 12.61
C PRO A 79 -11.27 14.44 13.13
N ASN A 80 -12.47 14.06 13.57
CA ASN A 80 -12.72 12.74 14.14
C ASN A 80 -12.60 11.62 13.11
N LEU A 81 -11.71 11.77 12.14
CA LEU A 81 -11.54 10.75 11.12
C LEU A 81 -10.84 9.54 11.74
N SER A 82 -11.29 8.34 11.37
CA SER A 82 -10.72 7.11 11.89
C SER A 82 -10.03 6.31 10.79
N ASP A 83 -8.93 5.67 11.15
CA ASP A 83 -8.17 4.86 10.18
C ASP A 83 -8.85 3.51 9.96
N GLU A 84 -10.05 3.35 10.50
CA GLU A 84 -10.78 2.09 10.33
C GLU A 84 -11.09 1.89 8.84
N ASN A 85 -10.91 2.96 8.09
CA ASN A 85 -11.16 2.95 6.66
C ASN A 85 -9.92 3.43 5.93
N SER A 86 -10.01 3.58 4.61
CA SER A 86 -8.87 4.05 3.85
C SER A 86 -8.30 5.30 4.52
N VAL A 87 -7.17 5.14 5.17
CA VAL A 87 -6.54 6.25 5.87
C VAL A 87 -6.26 7.42 4.94
N ASP A 88 -5.78 7.11 3.74
CA ASP A 88 -5.47 8.16 2.78
C ASP A 88 -6.69 9.00 2.43
N GLU A 89 -7.87 8.39 2.47
CA GLU A 89 -9.10 9.11 2.15
C GLU A 89 -9.55 9.99 3.31
N VAL A 90 -8.82 9.92 4.43
CA VAL A 90 -9.18 10.73 5.58
C VAL A 90 -9.17 12.21 5.24
N GLU A 91 -10.14 12.93 5.78
CA GLU A 91 -10.24 14.35 5.52
C GLU A 91 -9.20 15.11 6.34
N ILE A 92 -8.27 15.73 5.63
CA ILE A 92 -7.22 16.49 6.29
C ILE A 92 -7.45 17.98 6.08
N SER A 93 -7.30 18.76 7.15
CA SER A 93 -7.50 20.19 7.07
C SER A 93 -6.19 20.87 6.75
N VAL A 94 -6.22 21.83 5.84
CA VAL A 94 -5.00 22.54 5.46
C VAL A 94 -5.21 24.05 5.52
N SER A 95 -4.27 24.74 6.12
CA SER A 95 -4.34 26.19 6.23
C SER A 95 -3.01 26.81 5.88
N LEU A 96 -2.55 26.56 4.64
CA LEU A 96 -1.29 27.09 4.17
C LEU A 96 -1.44 27.67 2.77
N ALA A 97 -0.76 28.77 2.54
CA ALA A 97 -0.78 29.40 1.23
C ALA A 97 -2.12 30.10 0.96
N LYS A 98 -3.16 29.69 1.66
CA LYS A 98 -4.47 30.29 1.47
C LYS A 98 -4.41 31.80 1.74
N ASP A 99 -3.59 32.18 2.71
CA ASP A 99 -3.46 33.59 3.07
C ASP A 99 -2.32 34.26 2.30
N GLU A 100 -1.45 33.46 1.68
CA GLU A 100 -0.32 34.01 0.94
C GLU A 100 -0.37 33.65 -0.54
N PRO A 101 0.18 34.51 -1.39
CA PRO A 101 0.21 34.28 -2.87
C PRO A 101 0.80 32.92 -3.23
N ASP A 102 1.30 32.21 -2.24
CA ASP A 102 1.91 30.91 -2.48
C ASP A 102 0.91 29.93 -3.11
N THR A 103 -0.31 29.93 -2.59
CA THR A 103 -1.39 29.07 -3.09
C THR A 103 -0.89 27.85 -3.84
N ASN A 104 -0.45 28.04 -5.08
CA ASN A 104 0.03 26.93 -5.89
C ASN A 104 0.88 25.98 -5.04
N LEU A 105 1.59 26.56 -4.07
CA LEU A 105 2.45 25.76 -3.20
C LEU A 105 1.64 24.68 -2.48
N VAL A 106 0.50 25.07 -1.89
CA VAL A 106 -0.32 24.10 -1.17
C VAL A 106 -0.80 22.99 -2.09
N ALA A 107 -1.11 23.32 -3.34
CA ALA A 107 -1.57 22.31 -4.28
C ALA A 107 -0.56 21.17 -4.33
N LEU A 108 0.72 21.52 -4.37
CA LEU A 108 1.76 20.52 -4.40
C LEU A 108 1.79 19.76 -3.08
N MET A 109 1.58 20.50 -1.98
CA MET A 109 1.57 19.87 -0.67
C MET A 109 0.47 18.83 -0.62
N LYS A 110 -0.63 19.12 -1.29
CA LYS A 110 -1.75 18.20 -1.32
C LYS A 110 -1.32 16.91 -2.00
N GLU A 111 -0.33 17.03 -2.90
CA GLU A 111 0.17 15.88 -3.62
C GLU A 111 1.55 15.46 -3.12
N GLU A 112 2.10 16.22 -2.18
CA GLU A 112 3.42 15.93 -1.65
C GLU A 112 3.48 16.10 -0.13
N GLY A 113 2.81 17.13 0.37
CA GLY A 113 2.80 17.38 1.80
C GLY A 113 1.83 16.44 2.49
N VAL A 114 0.55 16.67 2.26
CA VAL A 114 -0.47 15.81 2.84
C VAL A 114 -0.14 14.38 2.45
N LYS A 115 0.24 14.22 1.19
CA LYS A 115 0.60 12.90 0.69
C LYS A 115 1.69 12.31 1.57
N LEU A 116 2.66 13.12 1.94
CA LEU A 116 3.74 12.65 2.79
C LEU A 116 3.12 11.86 3.94
N LEU A 117 2.00 12.38 4.45
CA LEU A 117 1.29 11.72 5.54
C LEU A 117 0.82 10.37 5.06
N ARG A 118 0.45 10.28 3.79
CA ARG A 118 -0.01 9.01 3.23
C ARG A 118 1.01 7.96 3.60
N GLU A 119 2.28 8.33 3.54
CA GLU A 119 3.34 7.40 3.90
C GLU A 119 3.20 7.09 5.39
N ALA A 120 2.77 8.09 6.14
CA ALA A 120 2.56 7.91 7.57
C ALA A 120 1.47 6.88 7.79
N MET A 121 0.66 6.69 6.76
CA MET A 121 -0.42 5.72 6.81
C MET A 121 0.16 4.32 6.68
N GLY A 122 1.24 4.22 5.91
CA GLY A 122 1.90 2.93 5.69
C GLY A 122 2.39 2.33 7.01
N ILE A 123 3.15 3.11 7.78
CA ILE A 123 3.67 2.64 9.06
C ILE A 123 2.55 2.46 10.08
N TYR A 124 1.61 3.40 10.06
CA TYR A 124 0.49 3.34 11.00
C TYR A 124 -0.20 1.98 10.92
N ILE A 125 -0.45 1.55 9.70
CA ILE A 125 -1.11 0.27 9.47
C ILE A 125 -0.15 -0.89 9.68
N SER A 126 1.05 -0.76 9.12
CA SER A 126 2.05 -1.81 9.21
C SER A 126 2.68 -1.91 10.61
N THR A 127 3.26 -0.81 11.07
CA THR A 127 3.91 -0.82 12.39
C THR A 127 2.92 -1.17 13.50
N LEU A 128 1.75 -0.57 13.46
CA LEU A 128 0.76 -0.84 14.49
C LEU A 128 0.39 -2.32 14.53
N LYS A 129 0.26 -2.93 13.36
CA LYS A 129 -0.11 -4.34 13.28
C LYS A 129 1.12 -5.24 13.12
N THR A 130 2.31 -4.64 13.13
CA THR A 130 3.53 -5.41 12.99
C THR A 130 4.33 -5.42 14.29
N GLU A 131 3.61 -5.51 15.41
CA GLU A 131 4.26 -5.54 16.72
C GLU A 131 3.51 -6.48 17.67
N PHE A 132 2.38 -6.02 18.17
CA PHE A 132 1.57 -6.82 19.08
C PHE A 132 1.12 -8.12 18.41
N THR A 133 0.93 -8.06 17.10
CA THR A 133 0.50 -9.24 16.35
C THR A 133 1.36 -9.43 15.10
N GLN A 134 1.34 -10.64 14.55
CA GLN A 134 2.12 -10.95 13.36
C GLN A 134 1.20 -11.21 12.18
N GLY A 135 1.63 -10.81 10.99
CA GLY A 135 0.84 -11.01 9.79
C GLY A 135 1.64 -11.79 8.74
N MET A 136 2.47 -12.72 9.20
CA MET A 136 3.27 -13.52 8.28
C MET A 136 2.50 -14.76 7.85
N ILE A 137 2.15 -14.79 6.57
CA ILE A 137 1.41 -15.93 6.02
C ILE A 137 2.22 -16.63 4.94
N LEU A 138 2.00 -17.93 4.78
CA LEU A 138 2.73 -18.71 3.79
C LEU A 138 1.76 -19.56 2.97
N PRO A 139 1.09 -18.97 2.03
CA PRO A 139 0.11 -19.67 1.15
C PRO A 139 0.82 -20.56 0.12
N THR A 140 0.17 -21.67 -0.25
CA THR A 140 0.74 -22.57 -1.22
C THR A 140 -0.27 -22.85 -2.33
N MET A 141 0.22 -23.12 -3.53
CA MET A 141 -0.67 -23.40 -4.65
C MET A 141 0.14 -23.76 -5.89
N ASN A 142 -0.38 -24.69 -6.69
CA ASN A 142 0.31 -25.11 -7.91
C ASN A 142 -0.41 -24.59 -9.14
N GLY A 143 0.33 -23.92 -10.02
CA GLY A 143 -0.25 -23.37 -11.23
C GLY A 143 -0.92 -24.47 -12.05
N GLU A 144 -0.38 -25.67 -11.96
CA GLU A 144 -0.93 -26.81 -12.68
C GLU A 144 -1.07 -27.99 -11.74
N SER A 145 -1.87 -28.98 -12.14
CA SER A 145 -2.07 -30.15 -11.29
C SER A 145 -1.50 -31.40 -11.96
N VAL A 146 -1.01 -32.32 -11.14
CA VAL A 146 -0.43 -33.56 -11.66
C VAL A 146 -1.02 -34.77 -10.94
N ASP A 147 -1.14 -35.87 -11.67
CA ASP A 147 -1.69 -37.10 -11.10
C ASP A 147 -0.68 -38.24 -11.23
N PRO A 148 0.27 -38.32 -10.34
CA PRO A 148 1.31 -39.38 -10.35
C PRO A 148 0.73 -40.76 -10.05
N VAL A 149 1.41 -41.79 -10.53
CA VAL A 149 0.95 -43.17 -10.31
C VAL A 149 2.17 -44.08 -10.13
N GLY A 150 2.48 -44.83 -11.18
CA GLY A 150 3.63 -45.72 -11.14
C GLY A 150 4.88 -44.95 -11.53
N GLN A 151 5.76 -44.72 -10.57
CA GLN A 151 6.98 -43.97 -10.82
C GLN A 151 8.17 -44.61 -10.11
N PRO A 152 8.73 -45.64 -10.69
CA PRO A 152 9.90 -46.35 -10.10
C PRO A 152 11.18 -45.53 -10.21
N ALA A 153 11.44 -44.71 -9.18
CA ALA A 153 12.63 -43.88 -9.17
C ALA A 153 13.17 -43.74 -7.75
N LEU A 154 14.46 -43.43 -7.63
CA LEU A 154 15.08 -43.28 -6.33
C LEU A 154 15.04 -41.82 -5.88
N LYS A 155 14.75 -41.59 -4.61
CA LYS A 155 14.69 -40.24 -4.07
C LYS A 155 15.93 -39.94 -3.22
N THR A 156 16.36 -38.68 -3.23
CA THR A 156 17.54 -38.30 -2.46
C THR A 156 17.18 -37.19 -1.47
N GLU A 157 17.72 -37.29 -0.27
CA GLU A 157 17.45 -36.29 0.77
C GLU A 157 18.72 -35.52 1.12
N GLU A 158 18.55 -34.28 1.58
CA GLU A 158 19.70 -33.45 1.94
C GLU A 158 19.67 -33.12 3.43
N ARG A 159 20.85 -32.97 4.01
CA ARG A 159 20.95 -32.65 5.44
C ARG A 159 20.43 -31.24 5.70
N LYS A 160 19.85 -31.04 6.88
CA LYS A 160 19.32 -29.74 7.26
C LYS A 160 19.84 -29.31 8.62
N ALA A 161 20.28 -28.06 8.71
CA ALA A 161 20.81 -27.53 9.97
C ALA A 161 20.56 -26.04 10.04
N LYS A 162 20.51 -25.52 11.26
CA LYS A 162 20.28 -24.09 11.46
C LYS A 162 21.38 -23.48 12.29
N PRO A 163 22.51 -23.19 11.69
CA PRO A 163 23.67 -22.58 12.39
C PRO A 163 23.36 -21.18 12.91
N ALA A 164 23.91 -20.84 14.06
CA ALA A 164 23.69 -19.52 14.65
C ALA A 164 25.02 -18.83 14.94
N PRO A 165 25.62 -18.22 13.95
CA PRO A 165 26.92 -17.52 14.11
C PRO A 165 26.80 -16.27 14.99
N SER A 166 27.83 -16.00 15.77
CA SER A 166 27.82 -14.84 16.65
C SER A 166 29.15 -14.08 16.55
N LYS A 167 29.13 -12.82 16.98
CA LYS A 167 30.33 -12.00 16.93
C LYS A 167 31.16 -12.19 18.20
N THR A 168 32.48 -12.14 18.04
CA THR A 168 33.38 -12.32 19.18
C THR A 168 34.49 -11.26 19.15
N GLN A 169 35.12 -11.05 20.31
CA GLN A 169 36.20 -10.06 20.40
C GLN A 169 37.55 -10.76 20.27
N ALA A 170 38.38 -10.25 19.35
CA ALA A 170 39.70 -10.81 19.13
C ALA A 170 40.77 -9.92 19.77
N ARG A 171 41.88 -10.54 20.17
CA ARG A 171 42.97 -9.79 20.79
C ARG A 171 44.28 -10.04 20.05
N PRO A 172 44.49 -9.34 18.97
CA PRO A 172 45.73 -9.48 18.14
C PRO A 172 46.94 -8.88 18.84
N VAL A 173 48.13 -9.34 18.47
CA VAL A 173 49.36 -8.84 19.06
C VAL A 173 50.32 -8.36 17.98
N GLY A 174 51.23 -7.47 18.37
CA GLY A 174 52.20 -6.93 17.42
C GLY A 174 53.44 -7.82 17.34
N VAL A 175 54.47 -7.34 16.64
CA VAL A 175 55.70 -8.09 16.49
C VAL A 175 56.86 -7.30 17.07
N LYS A 176 57.94 -7.98 17.43
CA LYS A 176 59.10 -7.32 17.98
C LYS A 176 59.67 -6.37 16.95
N ILE A 177 58.91 -5.32 16.65
CA ILE A 177 59.33 -4.35 15.66
C ILE A 177 59.69 -3.03 16.34
N PRO A 178 60.74 -2.36 15.92
CA PRO A 178 61.12 -1.04 16.52
C PRO A 178 59.89 -0.16 16.60
N THR A 179 59.90 0.86 17.44
CA THR A 179 58.75 1.77 17.50
C THR A 179 59.12 3.12 18.12
N CYS A 180 58.26 4.11 17.87
CA CYS A 180 58.49 5.46 18.37
C CYS A 180 57.18 6.23 18.51
N LYS A 181 57.25 7.49 18.93
CA LYS A 181 56.06 8.30 19.11
C LYS A 181 55.94 9.36 18.01
N ILE A 182 54.71 9.59 17.56
CA ILE A 182 54.44 10.59 16.52
C ILE A 182 53.31 11.51 16.95
N THR A 183 53.53 12.26 18.02
CA THR A 183 52.51 13.18 18.51
C THR A 183 52.48 14.44 17.64
N LEU A 184 51.32 14.72 17.08
CA LEU A 184 51.14 15.91 16.23
C LEU A 184 49.89 16.65 16.64
N LYS A 185 50.01 17.95 16.90
CA LYS A 185 48.84 18.73 17.27
C LYS A 185 48.88 20.10 16.60
N GLU A 186 47.88 20.36 15.76
CA GLU A 186 47.84 21.62 15.03
C GLU A 186 46.44 22.25 15.08
N THR A 187 46.39 23.57 14.88
CA THR A 187 45.13 24.29 14.90
C THR A 187 44.45 24.20 13.53
N PHE A 188 43.14 23.95 13.55
CA PHE A 188 42.37 23.84 12.31
C PHE A 188 41.41 25.01 12.17
N LEU A 189 41.33 25.53 10.96
CA LEU A 189 40.46 26.66 10.69
C LEU A 189 39.01 26.21 10.59
N THR A 190 38.70 25.12 11.28
CA THR A 190 37.35 24.59 11.30
C THR A 190 36.96 24.17 12.71
N SER A 191 35.67 23.97 12.94
CA SER A 191 35.20 23.56 14.26
C SER A 191 35.51 22.09 14.50
N PRO A 192 35.58 21.65 15.73
CA PRO A 192 35.89 20.23 16.03
C PRO A 192 34.89 19.29 15.38
N GLU A 193 33.66 19.76 15.27
CA GLU A 193 32.60 18.98 14.64
C GLU A 193 32.96 18.67 13.18
N GLU A 194 33.30 19.72 12.44
CA GLU A 194 33.64 19.58 11.03
C GLU A 194 34.84 18.67 10.82
N LEU A 195 35.90 18.88 11.57
CA LEU A 195 37.10 18.07 11.43
C LEU A 195 36.82 16.61 11.78
N TYR A 196 35.96 16.42 12.78
CA TYR A 196 35.60 15.09 13.24
C TYR A 196 35.07 14.23 12.10
N ARG A 197 34.23 14.83 11.27
CA ARG A 197 33.64 14.12 10.14
C ARG A 197 34.73 13.71 9.15
N VAL A 198 35.71 14.57 8.97
CA VAL A 198 36.78 14.31 8.04
C VAL A 198 37.51 13.03 8.41
N PHE A 199 37.64 12.81 9.70
CA PHE A 199 38.31 11.61 10.18
C PHE A 199 37.31 10.47 10.37
N THR A 200 36.02 10.78 10.30
CA THR A 200 35.01 9.74 10.50
C THR A 200 34.04 9.66 9.33
N THR A 201 34.38 10.29 8.20
CA THR A 201 33.50 10.21 7.04
C THR A 201 34.32 9.77 5.83
N GLN A 202 33.96 8.60 5.30
CA GLN A 202 34.67 8.03 4.16
C GLN A 202 34.81 9.00 3.00
N GLU A 203 33.71 9.62 2.63
CA GLU A 203 33.71 10.58 1.51
C GLU A 203 34.73 11.68 1.75
N LEU A 204 34.71 12.22 2.95
CA LEU A 204 35.61 13.28 3.31
C LEU A 204 37.05 12.80 3.30
N VAL A 205 37.26 11.57 3.70
CA VAL A 205 38.60 11.00 3.70
C VAL A 205 39.06 10.89 2.27
N GLN A 206 38.15 10.45 1.42
CA GLN A 206 38.43 10.31 0.02
C GLN A 206 38.69 11.68 -0.60
N ALA A 207 38.31 12.72 0.13
CA ALA A 207 38.49 14.09 -0.34
C ALA A 207 39.92 14.57 -0.14
N PHE A 208 40.41 14.53 1.10
CA PHE A 208 41.77 15.01 1.36
C PHE A 208 42.81 13.96 1.00
N THR A 209 42.37 12.74 0.70
CA THR A 209 43.31 11.69 0.33
C THR A 209 43.48 11.66 -1.19
N HIS A 210 42.67 12.46 -1.87
CA HIS A 210 42.72 12.52 -3.33
C HIS A 210 42.86 11.13 -3.90
N ALA A 211 42.40 10.15 -3.14
CA ALA A 211 42.46 8.76 -3.57
C ALA A 211 41.25 8.00 -3.03
N PRO A 212 41.10 6.76 -3.38
CA PRO A 212 39.98 5.93 -2.91
C PRO A 212 40.16 5.56 -1.44
N ALA A 213 39.12 5.79 -0.66
CA ALA A 213 39.20 5.48 0.75
C ALA A 213 37.93 4.78 1.23
N THR A 214 38.11 3.95 2.24
CA THR A 214 37.01 3.22 2.84
C THR A 214 37.00 3.50 4.34
N LEU A 215 35.87 3.95 4.87
CA LEU A 215 35.84 4.28 6.29
C LEU A 215 34.56 3.88 6.98
N GLU A 216 34.72 3.26 8.15
CA GLU A 216 33.60 2.84 8.98
C GLU A 216 33.68 3.62 10.28
N ALA A 217 32.75 4.53 10.51
CA ALA A 217 32.79 5.30 11.74
C ALA A 217 32.05 4.61 12.85
N ASP A 218 32.75 3.69 13.51
CA ASP A 218 32.18 2.93 14.62
C ASP A 218 33.30 2.33 15.44
N ARG A 219 33.03 2.02 16.70
CA ARG A 219 34.06 1.42 17.54
C ARG A 219 34.47 0.08 16.95
N GLY A 220 35.63 0.09 16.33
CA GLY A 220 36.15 -1.10 15.69
C GLY A 220 35.96 -0.96 14.20
N GLY A 221 35.45 0.20 13.79
CA GLY A 221 35.21 0.46 12.38
C GLY A 221 36.53 0.32 11.64
N LYS A 222 36.47 -0.07 10.38
CA LYS A 222 37.70 -0.24 9.62
C LYS A 222 37.88 0.90 8.62
N PHE A 223 39.03 1.56 8.72
CA PHE A 223 39.32 2.65 7.81
C PHE A 223 40.53 2.32 6.95
N HIS A 224 40.33 2.47 5.66
CA HIS A 224 41.33 2.19 4.65
C HIS A 224 41.43 3.43 3.77
N MET A 225 42.64 3.92 3.52
CA MET A 225 42.76 5.14 2.74
C MET A 225 43.96 5.13 1.81
N VAL A 226 44.09 6.24 1.08
CA VAL A 226 45.20 6.41 0.14
C VAL A 226 45.35 5.16 -0.71
N ASP A 227 44.41 4.95 -1.62
CA ASP A 227 44.46 3.77 -2.46
C ASP A 227 44.62 2.54 -1.60
N GLY A 228 44.19 2.69 -0.36
CA GLY A 228 44.24 1.62 0.61
C GLY A 228 45.66 1.41 1.16
N ASN A 229 46.54 2.36 0.93
CA ASN A 229 47.89 2.25 1.42
C ASN A 229 47.90 2.36 2.94
N VAL A 230 46.84 2.98 3.47
CA VAL A 230 46.70 3.16 4.90
C VAL A 230 45.48 2.40 5.39
N SER A 231 45.65 1.68 6.48
CA SER A 231 44.54 0.91 7.04
C SER A 231 44.60 0.88 8.55
N GLY A 232 43.46 0.60 9.18
CA GLY A 232 43.40 0.55 10.63
C GLY A 232 41.96 0.43 11.12
N GLU A 233 41.78 0.42 12.43
CA GLU A 233 40.45 0.32 13.01
C GLU A 233 40.25 1.36 14.08
N PHE A 234 39.01 1.67 14.38
CA PHE A 234 38.72 2.65 15.40
C PHE A 234 38.55 1.98 16.76
N THR A 235 39.47 2.27 17.66
CA THR A 235 39.40 1.71 18.99
C THR A 235 38.44 2.53 19.85
N ASP A 236 38.24 3.78 19.45
CA ASP A 236 37.34 4.67 20.17
C ASP A 236 36.89 5.81 19.27
N LEU A 237 35.65 6.22 19.46
CA LEU A 237 35.10 7.33 18.69
C LEU A 237 34.17 8.16 19.55
N VAL A 238 34.69 9.23 20.11
CA VAL A 238 33.88 10.11 20.92
C VAL A 238 33.38 11.26 20.04
N PRO A 239 32.09 11.50 19.95
CA PRO A 239 31.55 12.55 19.05
C PRO A 239 32.29 13.89 19.15
N GLU A 240 33.11 14.17 18.13
CA GLU A 240 33.84 15.43 18.06
C GLU A 240 34.66 15.68 19.31
N LYS A 241 34.98 14.63 20.03
CA LYS A 241 35.73 14.79 21.26
C LYS A 241 37.05 14.02 21.26
N HIS A 242 37.04 12.78 20.79
CA HIS A 242 38.26 11.99 20.83
C HIS A 242 38.14 10.71 20.05
N ILE A 243 39.21 10.35 19.37
CA ILE A 243 39.22 9.13 18.58
C ILE A 243 40.49 8.31 18.79
N VAL A 244 40.30 7.04 19.10
CA VAL A 244 41.43 6.14 19.27
C VAL A 244 41.34 5.12 18.16
N MET A 245 42.39 5.03 17.36
CA MET A 245 42.38 4.09 16.25
C MET A 245 43.74 3.49 16.02
N LYS A 246 43.70 2.29 15.46
CA LYS A 246 44.91 1.57 15.12
C LYS A 246 45.34 2.08 13.76
N TRP A 247 46.64 2.20 13.51
CA TRP A 247 47.08 2.76 12.24
C TRP A 247 48.30 2.05 11.66
N ARG A 248 48.38 2.04 10.33
CA ARG A 248 49.52 1.42 9.66
C ARG A 248 49.60 1.79 8.20
N PHE A 249 50.74 1.43 7.61
CA PHE A 249 50.99 1.64 6.20
C PHE A 249 50.94 0.29 5.50
N LYS A 250 50.61 0.28 4.23
CA LYS A 250 50.55 -0.98 3.51
C LYS A 250 51.93 -1.63 3.43
N SER A 251 52.95 -0.86 3.81
CA SER A 251 54.32 -1.38 3.78
C SER A 251 54.75 -1.88 5.16
N TRP A 252 53.82 -1.83 6.12
CA TRP A 252 54.13 -2.27 7.47
C TRP A 252 53.89 -3.77 7.64
N PRO A 253 54.51 -4.37 8.61
CA PRO A 253 54.33 -5.82 8.88
C PRO A 253 52.85 -6.14 9.12
N GLU A 254 52.41 -7.27 8.57
CA GLU A 254 51.02 -7.70 8.69
C GLU A 254 50.33 -7.17 9.95
N GLY A 255 50.59 -7.80 11.08
CA GLY A 255 49.95 -7.41 12.33
C GLY A 255 50.73 -6.32 13.06
N HIS A 256 50.99 -5.21 12.37
CA HIS A 256 51.71 -4.11 13.00
C HIS A 256 51.02 -2.78 12.80
N PHE A 257 50.52 -2.24 13.90
CA PHE A 257 49.85 -0.95 13.85
C PHE A 257 50.40 -0.02 14.91
N ALA A 258 50.19 1.26 14.68
CA ALA A 258 50.61 2.27 15.62
C ALA A 258 49.39 2.79 16.35
N THR A 259 49.43 2.83 17.67
CA THR A 259 48.29 3.31 18.42
C THR A 259 48.18 4.82 18.24
N ILE A 260 47.08 5.24 17.61
CA ILE A 260 46.87 6.67 17.37
C ILE A 260 45.67 7.17 18.14
N THR A 261 45.83 8.33 18.75
CA THR A 261 44.73 8.93 19.48
C THR A 261 44.59 10.39 19.12
N LEU A 262 43.41 10.74 18.64
CA LEU A 262 43.13 12.11 18.25
C LEU A 262 42.14 12.75 19.21
N THR A 263 42.41 14.00 19.57
CA THR A 263 41.51 14.72 20.46
C THR A 263 41.01 15.99 19.79
N PHE A 264 39.75 16.30 20.02
CA PHE A 264 39.15 17.48 19.40
C PHE A 264 38.87 18.58 20.42
N ILE A 265 39.25 19.80 20.05
CA ILE A 265 39.07 20.95 20.92
C ILE A 265 38.48 22.14 20.18
N ASP A 266 37.49 22.76 20.79
CA ASP A 266 36.85 23.94 20.21
C ASP A 266 37.57 25.21 20.67
N LYS A 267 38.13 25.92 19.70
CA LYS A 267 38.86 27.14 19.99
C LYS A 267 38.06 28.39 19.66
N ASN A 268 36.75 28.22 19.49
CA ASN A 268 35.88 29.34 19.20
C ASN A 268 36.25 30.00 17.88
N GLY A 269 36.20 29.21 16.82
CA GLY A 269 36.54 29.68 15.50
C GLY A 269 37.32 28.63 14.76
N GLU A 270 38.22 27.99 15.49
CA GLU A 270 39.04 26.93 14.93
C GLU A 270 39.09 25.76 15.90
N THR A 271 39.86 24.74 15.56
CA THR A 271 39.96 23.57 16.42
C THR A 271 41.40 23.13 16.61
N GLU A 272 41.73 22.76 17.84
CA GLU A 272 43.09 22.29 18.13
C GLU A 272 43.09 20.78 18.26
N LEU A 273 43.46 20.11 17.19
CA LEU A 273 43.53 18.65 17.21
C LEU A 273 44.79 18.22 17.92
N CYS A 274 44.64 17.31 18.86
CA CYS A 274 45.77 16.83 19.62
C CYS A 274 46.00 15.35 19.34
N MET A 275 47.00 15.05 18.49
CA MET A 275 47.30 13.67 18.16
C MET A 275 48.34 13.08 19.10
N GLU A 276 48.31 11.77 19.25
CA GLU A 276 49.25 11.07 20.10
C GLU A 276 49.51 9.69 19.54
N GLY A 277 50.43 9.64 18.59
CA GLY A 277 50.76 8.39 17.94
C GLY A 277 51.94 7.68 18.59
N ARG A 278 51.80 6.37 18.74
CA ARG A 278 52.84 5.55 19.34
C ARG A 278 52.78 4.15 18.76
N GLY A 279 53.93 3.49 18.71
CA GLY A 279 54.00 2.15 18.15
C GLY A 279 54.50 2.22 16.71
N ILE A 280 54.62 3.45 16.22
CA ILE A 280 55.09 3.69 14.87
C ILE A 280 56.50 3.11 14.71
N PRO A 281 56.72 2.20 13.80
CA PRO A 281 58.05 1.60 13.62
C PRO A 281 59.12 2.65 13.42
N ALA A 282 60.18 2.52 14.20
CA ALA A 282 61.29 3.44 14.14
C ALA A 282 61.78 3.64 12.70
N PRO A 283 61.96 2.58 11.93
CA PRO A 283 62.44 2.74 10.52
C PRO A 283 61.45 3.54 9.70
N GLU A 284 60.17 3.36 10.02
CA GLU A 284 59.11 4.04 9.30
C GLU A 284 58.71 5.33 10.01
N GLU A 285 59.36 5.61 11.13
CA GLU A 285 59.03 6.81 11.90
C GLU A 285 59.07 8.06 11.04
N GLU A 286 60.16 8.29 10.35
CA GLU A 286 60.26 9.46 9.52
C GLU A 286 59.13 9.47 8.49
N ARG A 287 58.86 8.30 7.92
CA ARG A 287 57.81 8.16 6.92
C ARG A 287 56.43 8.48 7.50
N THR A 288 56.09 7.78 8.57
CA THR A 288 54.78 7.95 9.19
C THR A 288 54.46 9.41 9.45
N ARG A 289 55.33 10.09 10.20
CA ARG A 289 55.10 11.48 10.52
C ARG A 289 54.97 12.32 9.25
N GLN A 290 55.86 12.07 8.29
CA GLN A 290 55.83 12.82 7.04
C GLN A 290 54.56 12.52 6.27
N GLY A 291 54.16 11.25 6.24
CA GLY A 291 52.98 10.83 5.51
C GLY A 291 51.73 11.10 6.34
N TRP A 292 51.89 11.75 7.48
CA TRP A 292 50.75 12.05 8.33
C TRP A 292 50.13 13.40 7.97
N GLN A 293 50.60 14.47 8.62
CA GLN A 293 50.08 15.81 8.36
C GLN A 293 49.88 16.07 6.87
N ARG A 294 50.88 15.71 6.07
CA ARG A 294 50.79 15.91 4.63
C ARG A 294 49.50 15.32 4.08
N TYR A 295 49.18 14.11 4.49
CA TYR A 295 47.96 13.45 4.04
C TYR A 295 46.83 13.69 5.04
N TYR A 296 47.19 14.13 6.25
CA TYR A 296 46.20 14.36 7.29
C TYR A 296 45.85 15.84 7.40
N PHE A 297 46.56 16.52 8.30
CA PHE A 297 46.31 17.93 8.56
C PHE A 297 46.63 18.78 7.36
N GLU A 298 47.90 18.84 7.01
CA GLU A 298 48.31 19.63 5.86
C GLU A 298 47.47 19.25 4.65
N GLY A 299 47.00 18.00 4.63
CA GLY A 299 46.15 17.52 3.54
C GLY A 299 44.76 18.12 3.65
N ILE A 300 44.09 17.82 4.77
CA ILE A 300 42.75 18.34 5.01
C ILE A 300 42.75 19.86 4.96
N LYS A 301 43.71 20.46 5.64
CA LYS A 301 43.83 21.90 5.68
C LYS A 301 43.85 22.50 4.28
N GLN A 302 44.38 21.76 3.32
CA GLN A 302 44.45 22.26 1.96
C GLN A 302 43.22 21.85 1.17
N THR A 303 42.82 20.59 1.30
CA THR A 303 41.66 20.07 0.60
C THR A 303 40.38 20.73 1.10
N PHE A 304 40.26 20.80 2.43
CA PHE A 304 39.08 21.39 3.04
C PHE A 304 39.28 22.88 3.26
N GLY A 305 40.53 23.27 3.43
CA GLY A 305 40.83 24.68 3.65
C GLY A 305 40.76 25.02 5.14
N TYR A 306 41.14 24.06 5.96
CA TYR A 306 41.11 24.24 7.40
C TYR A 306 42.47 24.61 7.97
N GLY A 307 43.35 25.18 7.16
CA GLY A 307 44.67 25.58 7.64
C GLY A 307 44.72 27.07 7.96
N ALA A 308 45.87 27.53 8.42
CA ALA A 308 46.04 28.94 8.76
C ALA A 308 47.15 29.56 7.92
N THR A 1 -9.39 -7.68 21.16
CA THR A 1 -9.02 -6.92 22.35
C THR A 1 -7.49 -6.83 22.47
N GLU A 2 -6.86 -6.29 21.43
CA GLU A 2 -5.41 -6.14 21.44
C GLU A 2 -5.01 -4.69 21.69
N ARG A 3 -3.91 -4.50 22.41
CA ARG A 3 -3.44 -3.15 22.72
C ARG A 3 -3.02 -2.43 21.45
N ASP A 4 -3.35 -1.14 21.40
CA ASP A 4 -2.97 -0.34 20.25
C ASP A 4 -1.60 0.29 20.47
N ALA A 5 -0.58 -0.32 19.88
CA ALA A 5 0.77 0.19 20.03
C ALA A 5 0.85 1.66 19.61
N SER A 6 0.55 2.55 20.56
CA SER A 6 0.58 3.98 20.28
C SER A 6 2.01 4.53 20.41
N ASN A 7 2.83 3.81 21.18
CA ASN A 7 4.21 4.25 21.39
C ASN A 7 4.95 4.41 20.07
N TRP A 8 4.80 3.44 19.18
CA TRP A 8 5.46 3.50 17.88
C TRP A 8 4.77 4.50 16.97
N SER A 9 3.48 4.72 17.23
CA SER A 9 2.71 5.65 16.41
C SER A 9 3.32 7.04 16.48
N THR A 10 3.05 7.76 17.54
CA THR A 10 3.61 9.09 17.69
C THR A 10 5.10 9.09 17.39
N ASP A 11 5.82 8.14 17.96
CA ASP A 11 7.26 8.06 17.76
C ASP A 11 7.66 8.15 16.28
N LYS A 12 7.01 7.37 15.44
CA LYS A 12 7.33 7.38 14.02
C LYS A 12 6.60 8.52 13.31
N LEU A 13 5.30 8.60 13.51
CA LEU A 13 4.51 9.65 12.87
C LEU A 13 5.04 11.03 13.25
N LYS A 14 5.34 11.23 14.54
CA LYS A 14 5.86 12.53 14.99
C LYS A 14 7.16 12.83 14.28
N THR A 15 8.05 11.84 14.21
CA THR A 15 9.32 12.03 13.55
C THR A 15 9.08 12.25 12.07
N LEU A 16 8.29 11.37 11.48
CA LEU A 16 7.95 11.46 10.08
C LEU A 16 7.26 12.78 9.80
N PHE A 17 6.53 13.28 10.80
CA PHE A 17 5.84 14.55 10.66
C PHE A 17 6.84 15.70 10.65
N LEU A 18 7.80 15.62 11.57
CA LEU A 18 8.84 16.65 11.68
C LEU A 18 9.93 16.36 10.65
N ALA A 19 9.63 15.42 9.76
CA ALA A 19 10.57 15.04 8.72
C ALA A 19 10.08 15.52 7.38
N VAL A 20 9.04 16.35 7.39
CA VAL A 20 8.51 16.88 6.16
C VAL A 20 9.67 17.38 5.31
N GLN A 21 9.70 16.95 4.07
CA GLN A 21 10.79 17.33 3.18
C GLN A 21 10.39 18.41 2.20
N VAL A 22 11.38 19.21 1.83
CA VAL A 22 11.20 20.31 0.92
C VAL A 22 11.86 20.01 -0.43
N GLN A 23 11.18 20.42 -1.49
CA GLN A 23 11.70 20.23 -2.84
C GLN A 23 12.27 21.54 -3.35
N ASN A 24 11.73 22.04 -4.46
CA ASN A 24 12.20 23.29 -5.02
C ASN A 24 11.33 24.45 -4.55
N GLU A 25 11.81 25.68 -4.74
CA GLU A 25 11.06 26.85 -4.33
C GLU A 25 9.66 26.84 -4.93
N GLU A 26 9.51 26.11 -6.03
CA GLU A 26 8.23 26.01 -6.71
C GLU A 26 7.18 25.39 -5.78
N GLY A 27 7.57 24.31 -5.12
CA GLY A 27 6.66 23.62 -4.20
C GLY A 27 7.45 22.88 -3.14
N LYS A 28 8.03 23.63 -2.21
CA LYS A 28 8.82 23.04 -1.14
C LYS A 28 8.00 22.92 0.14
N CYS A 29 8.56 22.27 1.15
CA CYS A 29 7.85 22.08 2.40
C CYS A 29 8.80 21.84 3.57
N GLU A 30 8.67 22.64 4.62
CA GLU A 30 9.51 22.47 5.80
C GLU A 30 8.63 22.45 7.06
N VAL A 31 8.91 21.54 7.98
CA VAL A 31 8.11 21.46 9.21
C VAL A 31 8.64 22.41 10.28
N THR A 32 7.72 23.00 11.04
CA THR A 32 8.09 23.92 12.11
C THR A 32 7.89 23.25 13.46
N GLU A 33 6.78 22.53 13.62
CA GLU A 33 6.49 21.85 14.88
C GLU A 33 5.24 20.98 14.74
N VAL A 34 5.31 19.78 15.32
CA VAL A 34 4.21 18.84 15.29
C VAL A 34 3.88 18.34 16.68
N SER A 35 2.60 18.31 17.03
CA SER A 35 2.19 17.84 18.34
C SER A 35 2.29 16.32 18.40
N LYS A 36 1.18 15.66 18.09
CA LYS A 36 1.11 14.20 18.10
C LYS A 36 -0.35 13.77 18.05
N LEU A 37 -0.61 12.61 17.48
CA LEU A 37 -1.98 12.12 17.37
C LEU A 37 -2.60 11.98 18.75
N ASP A 38 -3.42 12.94 19.12
CA ASP A 38 -4.09 12.89 20.40
C ASP A 38 -5.48 12.33 20.20
N GLY A 39 -5.69 11.10 20.64
CA GLY A 39 -6.99 10.49 20.44
C GLY A 39 -7.13 9.14 21.12
N GLU A 40 -8.28 8.51 20.88
CA GLU A 40 -8.56 7.21 21.46
C GLU A 40 -8.49 6.13 20.39
N ALA A 41 -7.35 5.45 20.32
CA ALA A 41 -7.17 4.38 19.35
C ALA A 41 -7.24 3.01 20.01
N SER A 42 -7.98 2.11 19.40
CA SER A 42 -8.12 0.76 19.93
C SER A 42 -8.32 -0.23 18.79
N ILE A 43 -7.48 -1.25 18.73
CA ILE A 43 -7.58 -2.26 17.68
C ILE A 43 -7.61 -3.66 18.27
N ASN A 44 -8.23 -4.58 17.54
CA ASN A 44 -8.28 -5.97 17.98
C ASN A 44 -7.72 -6.88 16.89
N ASN A 45 -6.58 -7.50 17.19
CA ASN A 45 -5.94 -8.37 16.21
C ASN A 45 -5.64 -9.73 16.80
N ARG A 46 -5.54 -10.74 15.93
CA ARG A 46 -5.24 -12.09 16.37
C ARG A 46 -4.94 -12.98 15.17
N LYS A 47 -3.96 -12.56 14.39
CA LYS A 47 -3.53 -13.32 13.21
C LYS A 47 -4.72 -13.78 12.37
N GLY A 48 -5.47 -12.83 11.82
CA GLY A 48 -6.62 -13.17 10.99
C GLY A 48 -7.89 -12.42 11.40
N LYS A 49 -7.71 -11.29 12.06
CA LYS A 49 -8.84 -10.48 12.50
C LYS A 49 -8.38 -9.07 12.83
N LEU A 50 -7.94 -8.34 11.81
CA LEU A 50 -7.45 -6.98 12.03
C LEU A 50 -8.55 -5.94 11.87
N ILE A 51 -8.78 -5.20 12.95
CA ILE A 51 -9.79 -4.14 12.94
C ILE A 51 -9.21 -2.90 13.63
N PHE A 52 -9.62 -1.72 13.18
CA PHE A 52 -9.08 -0.49 13.77
C PHE A 52 -10.18 0.50 14.14
N PHE A 53 -10.13 0.98 15.40
CA PHE A 53 -11.10 1.96 15.87
C PHE A 53 -10.38 3.18 16.44
N TYR A 54 -10.73 4.37 15.93
CA TYR A 54 -10.10 5.60 16.39
C TYR A 54 -11.10 6.75 16.36
N GLU A 55 -10.93 7.71 17.27
CA GLU A 55 -11.83 8.85 17.31
C GLU A 55 -11.18 10.04 18.01
N TRP A 56 -10.72 11.02 17.22
CA TRP A 56 -10.08 12.24 17.73
C TRP A 56 -9.36 12.99 16.60
N SER A 57 -8.36 13.81 16.97
CA SER A 57 -7.65 14.59 15.96
C SER A 57 -6.17 14.81 16.28
N VAL A 58 -5.39 15.09 15.23
CA VAL A 58 -3.96 15.36 15.37
C VAL A 58 -3.70 16.77 14.83
N LYS A 59 -2.77 17.50 15.43
CA LYS A 59 -2.50 18.87 14.98
C LYS A 59 -1.01 19.16 14.79
N LEU A 60 -0.68 19.76 13.65
CA LEU A 60 0.70 20.13 13.36
C LEU A 60 0.77 21.40 12.52
N ASN A 61 1.98 21.90 12.29
CA ASN A 61 2.16 23.11 11.49
C ASN A 61 3.47 23.04 10.71
N TRP A 62 3.51 23.75 9.57
CA TRP A 62 4.71 23.76 8.74
C TRP A 62 4.85 25.09 8.01
N THR A 63 5.92 25.21 7.21
CA THR A 63 6.18 26.43 6.45
C THR A 63 6.42 26.11 4.99
N GLY A 64 5.97 27.01 4.11
CA GLY A 64 6.15 26.81 2.68
C GLY A 64 6.63 28.09 2.01
N THR A 65 7.86 28.07 1.51
CA THR A 65 8.41 29.23 0.83
C THR A 65 8.17 29.12 -0.67
N SER A 66 7.88 30.24 -1.33
CA SER A 66 7.59 30.23 -2.76
C SER A 66 8.60 31.02 -3.57
N LYS A 67 8.69 30.70 -4.85
CA LYS A 67 9.61 31.40 -5.76
C LYS A 67 9.34 32.90 -5.72
N SER A 68 8.10 33.26 -5.48
CA SER A 68 7.73 34.68 -5.41
C SER A 68 8.51 35.35 -4.29
N GLY A 69 8.94 34.54 -3.32
CA GLY A 69 9.70 35.06 -2.19
C GLY A 69 8.81 35.20 -0.97
N VAL A 70 7.68 34.51 -0.98
CA VAL A 70 6.76 34.59 0.14
C VAL A 70 6.78 33.31 0.98
N GLN A 71 6.85 33.50 2.30
CA GLN A 71 6.84 32.40 3.22
C GLN A 71 5.55 32.43 4.03
N TYR A 72 4.97 31.27 4.29
CA TYR A 72 3.74 31.23 5.04
C TYR A 72 3.69 29.98 5.89
N LYS A 73 3.19 30.11 7.11
CA LYS A 73 3.10 28.99 8.00
C LYS A 73 1.64 28.60 8.19
N GLY A 74 1.28 27.46 7.63
CA GLY A 74 -0.09 26.97 7.71
C GLY A 74 -0.23 25.92 8.79
N HIS A 75 -1.43 25.34 8.89
CA HIS A 75 -1.69 24.31 9.88
C HIS A 75 -2.32 23.08 9.24
N VAL A 76 -2.11 21.93 9.86
CA VAL A 76 -2.68 20.68 9.36
C VAL A 76 -3.34 19.95 10.51
N GLU A 77 -4.65 19.86 10.47
CA GLU A 77 -5.36 19.19 11.54
C GLU A 77 -6.48 18.31 10.99
N ILE A 78 -6.52 17.06 11.43
CA ILE A 78 -7.55 16.15 10.99
C ILE A 78 -8.57 15.95 12.12
N PRO A 79 -9.82 16.33 11.91
CA PRO A 79 -10.88 16.20 12.96
C PRO A 79 -11.08 14.77 13.48
N ASN A 80 -12.30 14.52 13.95
CA ASN A 80 -12.67 13.22 14.52
C ASN A 80 -12.68 12.10 13.47
N LEU A 81 -11.78 12.17 12.50
CA LEU A 81 -11.73 11.13 11.49
C LEU A 81 -11.45 9.79 12.16
N SER A 82 -12.29 8.80 11.87
CA SER A 82 -12.14 7.48 12.48
C SER A 82 -11.35 6.54 11.57
N ASP A 83 -10.53 5.70 12.19
CA ASP A 83 -9.72 4.75 11.45
C ASP A 83 -10.55 3.54 11.03
N GLU A 84 -11.86 3.62 11.24
CA GLU A 84 -12.74 2.53 10.87
C GLU A 84 -12.72 2.34 9.36
N ASN A 85 -12.28 3.38 8.66
CA ASN A 85 -12.18 3.34 7.21
C ASN A 85 -10.72 3.49 6.79
N SER A 86 -10.48 3.51 5.49
CA SER A 86 -9.11 3.64 5.00
C SER A 86 -8.43 4.82 5.69
N VAL A 87 -7.38 4.52 6.44
CA VAL A 87 -6.65 5.56 7.16
C VAL A 87 -6.04 6.57 6.21
N ASP A 88 -5.49 6.08 5.11
CA ASP A 88 -4.86 6.95 4.12
C ASP A 88 -5.84 7.96 3.55
N GLU A 89 -7.10 7.55 3.40
CA GLU A 89 -8.12 8.43 2.83
C GLU A 89 -8.61 9.45 3.87
N VAL A 90 -8.08 9.39 5.09
CA VAL A 90 -8.49 10.31 6.13
C VAL A 90 -8.50 11.74 5.63
N GLU A 91 -9.50 12.50 6.07
CA GLU A 91 -9.62 13.88 5.65
C GLU A 91 -8.68 14.76 6.45
N ILE A 92 -7.80 15.44 5.72
CA ILE A 92 -6.83 16.33 6.34
C ILE A 92 -7.20 17.78 6.11
N SER A 93 -7.06 18.60 7.15
CA SER A 93 -7.40 20.02 7.05
C SER A 93 -6.13 20.85 6.91
N VAL A 94 -5.72 21.09 5.67
CA VAL A 94 -4.52 21.87 5.40
C VAL A 94 -4.85 23.35 5.22
N SER A 95 -4.05 24.21 5.84
CA SER A 95 -4.26 25.64 5.74
C SER A 95 -2.94 26.36 5.47
N LEU A 96 -2.31 26.04 4.34
CA LEU A 96 -1.05 26.65 3.99
C LEU A 96 -1.08 27.28 2.60
N ALA A 97 -0.34 28.36 2.44
CA ALA A 97 -0.25 29.09 1.17
C ALA A 97 -1.60 29.63 0.72
N LYS A 98 -2.70 29.06 1.24
CA LYS A 98 -4.02 29.53 0.85
C LYS A 98 -4.17 31.02 1.14
N ASP A 99 -3.56 31.46 2.23
CA ASP A 99 -3.63 32.86 2.63
C ASP A 99 -2.64 33.71 1.85
N GLU A 100 -1.62 33.08 1.29
CA GLU A 100 -0.60 33.81 0.53
C GLU A 100 -0.64 33.45 -0.96
N PRO A 101 -0.13 34.32 -1.79
CA PRO A 101 -0.09 34.10 -3.27
C PRO A 101 0.48 32.73 -3.63
N ASP A 102 1.05 32.04 -2.64
CA ASP A 102 1.64 30.74 -2.87
C ASP A 102 0.60 29.74 -3.39
N THR A 103 -0.58 29.77 -2.79
CA THR A 103 -1.70 28.89 -3.17
C THR A 103 -1.23 27.62 -3.91
N ASN A 104 -0.87 27.78 -5.18
CA ASN A 104 -0.42 26.65 -5.98
C ASN A 104 0.52 25.76 -5.17
N LEU A 105 1.29 26.37 -4.27
CA LEU A 105 2.22 25.63 -3.45
C LEU A 105 1.50 24.52 -2.70
N VAL A 106 0.33 24.84 -2.13
CA VAL A 106 -0.44 23.85 -1.40
C VAL A 106 -0.89 22.73 -2.33
N ALA A 107 -1.09 23.08 -3.61
CA ALA A 107 -1.51 22.10 -4.60
C ALA A 107 -0.54 20.93 -4.64
N LEU A 108 0.75 21.25 -4.72
CA LEU A 108 1.76 20.19 -4.74
C LEU A 108 1.79 19.46 -3.41
N MET A 109 1.67 20.21 -2.32
CA MET A 109 1.67 19.60 -1.00
C MET A 109 0.49 18.65 -0.88
N LYS A 110 -0.60 18.99 -1.53
CA LYS A 110 -1.77 18.14 -1.52
C LYS A 110 -1.46 16.83 -2.21
N GLU A 111 -0.50 16.88 -3.14
CA GLU A 111 -0.11 15.68 -3.88
C GLU A 111 1.25 15.17 -3.41
N GLU A 112 1.89 15.91 -2.51
CA GLU A 112 3.21 15.53 -2.01
C GLU A 112 3.33 15.74 -0.50
N GLY A 113 2.70 16.81 -0.02
CA GLY A 113 2.74 17.13 1.40
C GLY A 113 1.84 16.20 2.19
N VAL A 114 0.53 16.37 2.02
CA VAL A 114 -0.42 15.51 2.72
C VAL A 114 -0.10 14.08 2.35
N LYS A 115 0.34 13.88 1.12
CA LYS A 115 0.71 12.56 0.65
C LYS A 115 1.82 12.01 1.53
N LEU A 116 2.80 12.86 1.80
CA LEU A 116 3.93 12.45 2.65
C LEU A 116 3.36 11.77 3.88
N LEU A 117 2.28 12.33 4.41
CA LEU A 117 1.63 11.77 5.58
C LEU A 117 1.11 10.38 5.23
N ARG A 118 0.72 10.20 3.97
CA ARG A 118 0.22 8.90 3.55
C ARG A 118 1.23 7.86 3.97
N GLU A 119 2.50 8.23 3.85
CA GLU A 119 3.59 7.35 4.26
C GLU A 119 3.54 7.17 5.77
N ALA A 120 3.12 8.25 6.46
CA ALA A 120 3.01 8.19 7.91
C ALA A 120 1.96 7.16 8.29
N MET A 121 1.00 6.96 7.39
CA MET A 121 -0.05 5.99 7.62
C MET A 121 0.47 4.58 7.38
N GLY A 122 1.44 4.46 6.46
CA GLY A 122 2.01 3.16 6.13
C GLY A 122 2.59 2.49 7.37
N ILE A 123 3.44 3.21 8.10
CA ILE A 123 4.03 2.67 9.31
C ILE A 123 2.98 2.49 10.40
N TYR A 124 2.04 3.43 10.43
CA TYR A 124 0.97 3.36 11.41
C TYR A 124 0.24 2.05 11.29
N ILE A 125 -0.06 1.66 10.06
CA ILE A 125 -0.76 0.40 9.82
C ILE A 125 0.22 -0.76 9.92
N SER A 126 1.36 -0.62 9.26
CA SER A 126 2.38 -1.67 9.24
C SER A 126 3.01 -1.89 10.62
N THR A 127 3.66 -0.85 11.16
CA THR A 127 4.32 -0.99 12.45
C THR A 127 3.35 -1.41 13.54
N LEU A 128 2.19 -0.78 13.58
CA LEU A 128 1.20 -1.11 14.60
C LEU A 128 0.78 -2.57 14.47
N LYS A 129 0.63 -3.04 13.23
CA LYS A 129 0.22 -4.43 12.99
C LYS A 129 1.41 -5.34 12.74
N THR A 130 2.63 -4.80 12.75
CA THR A 130 3.81 -5.61 12.51
C THR A 130 4.56 -5.87 13.81
N GLU A 131 3.82 -6.12 14.89
CA GLU A 131 4.43 -6.39 16.18
C GLU A 131 3.53 -7.32 16.99
N PHE A 132 2.46 -6.77 17.54
CA PHE A 132 1.53 -7.56 18.34
C PHE A 132 0.95 -8.71 17.52
N THR A 133 0.78 -8.48 16.22
CA THR A 133 0.24 -9.50 15.34
C THR A 133 1.00 -9.52 14.01
N GLN A 134 0.94 -10.64 13.30
CA GLN A 134 1.64 -10.76 12.02
C GLN A 134 0.64 -10.93 10.88
N GLY A 135 1.01 -10.45 9.70
CA GLY A 135 0.15 -10.55 8.54
C GLY A 135 0.72 -11.51 7.50
N MET A 136 0.81 -12.79 7.86
CA MET A 136 1.34 -13.79 6.96
C MET A 136 0.23 -14.35 6.07
N ILE A 137 0.31 -14.07 4.78
CA ILE A 137 -0.69 -14.55 3.83
C ILE A 137 -0.07 -15.48 2.80
N LEU A 138 -0.87 -16.40 2.27
CA LEU A 138 -0.40 -17.35 1.28
C LEU A 138 -1.33 -17.36 0.06
N PRO A 139 -1.15 -16.45 -0.84
CA PRO A 139 -1.99 -16.35 -2.07
C PRO A 139 -1.70 -17.47 -3.06
N THR A 140 -2.73 -17.94 -3.75
CA THR A 140 -2.57 -19.00 -4.72
C THR A 140 -3.25 -18.61 -6.03
N MET A 141 -2.78 -19.17 -7.14
CA MET A 141 -3.37 -18.86 -8.43
C MET A 141 -2.72 -19.69 -9.53
N ASN A 142 -3.51 -20.08 -10.51
CA ASN A 142 -3.00 -20.88 -11.62
C ASN A 142 -2.87 -20.03 -12.88
N GLY A 143 -1.65 -19.93 -13.40
CA GLY A 143 -1.40 -19.15 -14.61
C GLY A 143 0.09 -18.82 -14.74
N GLU A 144 0.59 -18.90 -15.97
CA GLU A 144 1.99 -18.60 -16.22
C GLU A 144 2.11 -17.74 -17.47
N SER A 145 3.02 -16.77 -17.43
CA SER A 145 3.20 -15.87 -18.56
C SER A 145 4.59 -16.06 -19.17
N VAL A 146 4.71 -15.77 -20.46
CA VAL A 146 5.99 -15.91 -21.15
C VAL A 146 6.30 -14.66 -21.96
N ASP A 147 7.58 -14.30 -21.99
CA ASP A 147 8.01 -13.12 -22.74
C ASP A 147 9.13 -13.49 -23.71
N PRO A 148 9.36 -12.65 -24.69
CA PRO A 148 10.42 -12.88 -25.71
C PRO A 148 11.76 -13.22 -25.06
N VAL A 149 12.57 -14.02 -25.75
CA VAL A 149 13.88 -14.39 -25.22
C VAL A 149 14.90 -14.40 -26.35
N GLY A 150 15.65 -15.50 -26.45
CA GLY A 150 16.64 -15.61 -27.51
C GLY A 150 15.99 -16.13 -28.79
N GLN A 151 15.88 -15.27 -29.78
CA GLN A 151 15.26 -15.64 -31.05
C GLN A 151 16.11 -15.16 -32.22
N PRO A 152 17.18 -15.83 -32.49
CA PRO A 152 18.10 -15.48 -33.61
C PRO A 152 17.52 -15.86 -34.98
N ALA A 153 16.30 -15.41 -35.24
CA ALA A 153 15.66 -15.70 -36.52
C ALA A 153 14.73 -14.56 -36.92
N LEU A 154 14.65 -14.30 -38.22
CA LEU A 154 13.79 -13.24 -38.73
C LEU A 154 12.66 -13.82 -39.57
N LYS A 155 11.43 -13.46 -39.25
CA LYS A 155 10.27 -13.95 -39.98
C LYS A 155 9.27 -12.83 -40.20
N THR A 156 8.92 -12.58 -41.46
CA THR A 156 7.95 -11.53 -41.78
C THR A 156 6.82 -12.08 -42.65
N GLU A 157 5.59 -11.71 -42.32
CA GLU A 157 4.43 -12.16 -43.07
C GLU A 157 3.68 -10.99 -43.67
N GLU A 158 3.28 -11.12 -44.93
CA GLU A 158 2.55 -10.04 -45.60
C GLU A 158 1.16 -10.52 -46.02
N ARG A 159 0.17 -9.63 -45.90
CA ARG A 159 -1.19 -9.97 -46.28
C ARG A 159 -1.25 -10.38 -47.74
N LYS A 160 -0.47 -9.72 -48.57
CA LYS A 160 -0.44 -10.02 -50.00
C LYS A 160 0.99 -10.11 -50.51
N ALA A 161 1.14 -10.52 -51.76
CA ALA A 161 2.47 -10.64 -52.36
C ALA A 161 2.43 -10.16 -53.80
N LYS A 162 3.55 -9.67 -54.29
CA LYS A 162 3.60 -9.17 -55.65
C LYS A 162 4.28 -10.17 -56.58
N PRO A 163 5.34 -10.78 -56.14
CA PRO A 163 6.10 -11.78 -56.95
C PRO A 163 5.32 -13.07 -57.15
N ALA A 164 5.27 -13.54 -58.39
CA ALA A 164 4.55 -14.78 -58.71
C ALA A 164 5.41 -15.68 -59.59
N PRO A 165 6.30 -16.43 -59.00
CA PRO A 165 7.19 -17.35 -59.76
C PRO A 165 6.41 -18.49 -60.42
N SER A 166 6.76 -18.79 -61.66
CA SER A 166 6.09 -19.86 -62.39
C SER A 166 6.24 -21.19 -61.66
N LYS A 167 7.40 -21.40 -61.05
CA LYS A 167 7.65 -22.64 -60.32
C LYS A 167 7.08 -22.56 -58.91
N THR A 168 6.38 -23.61 -58.51
CA THR A 168 5.78 -23.66 -57.18
C THR A 168 6.28 -24.89 -56.41
N GLN A 169 6.07 -24.89 -55.10
CA GLN A 169 6.50 -26.00 -54.28
C GLN A 169 5.32 -26.91 -53.94
N ALA A 170 5.55 -28.22 -53.93
CA ALA A 170 4.50 -29.17 -53.63
C ALA A 170 5.08 -30.41 -52.93
N ARG A 171 4.23 -31.12 -52.22
CA ARG A 171 4.66 -32.31 -51.51
C ARG A 171 3.78 -33.52 -51.87
N PRO A 172 4.05 -34.12 -53.00
CA PRO A 172 3.27 -35.30 -53.48
C PRO A 172 3.56 -36.55 -52.66
N VAL A 173 2.53 -37.37 -52.46
CA VAL A 173 2.68 -38.60 -51.69
C VAL A 173 3.69 -39.53 -52.37
N GLY A 174 3.65 -39.56 -53.70
CA GLY A 174 4.56 -40.42 -54.45
C GLY A 174 4.68 -39.94 -55.89
N VAL A 175 5.28 -40.77 -56.74
CA VAL A 175 5.47 -40.42 -58.14
C VAL A 175 4.93 -41.55 -59.02
N LYS A 176 4.64 -41.22 -60.28
CA LYS A 176 4.11 -42.23 -61.20
C LYS A 176 5.15 -43.33 -61.39
N ILE A 177 5.36 -44.10 -60.33
CA ILE A 177 6.33 -45.17 -60.37
C ILE A 177 5.59 -46.51 -60.48
N PRO A 178 6.07 -47.45 -61.28
CA PRO A 178 5.42 -48.78 -61.39
C PRO A 178 5.14 -49.32 -60.01
N THR A 179 4.23 -50.29 -59.88
CA THR A 179 3.98 -50.87 -58.57
C THR A 179 3.34 -52.26 -58.67
N CYS A 180 3.40 -53.01 -57.58
CA CYS A 180 2.84 -54.36 -57.55
C CYS A 180 2.49 -54.79 -56.13
N LYS A 181 1.93 -55.99 -55.99
CA LYS A 181 1.54 -56.48 -54.67
C LYS A 181 2.50 -57.56 -54.16
N ILE A 182 2.84 -57.47 -52.87
CA ILE A 182 3.74 -58.43 -52.25
C ILE A 182 3.09 -59.03 -50.99
N THR A 183 1.96 -59.69 -51.17
CA THR A 183 1.27 -60.31 -50.05
C THR A 183 1.93 -61.64 -49.69
N LEU A 184 2.34 -61.77 -48.45
CA LEU A 184 2.99 -62.99 -47.97
C LEU A 184 2.24 -63.57 -46.77
N LYS A 185 2.10 -64.89 -46.76
CA LYS A 185 1.42 -65.57 -45.66
C LYS A 185 2.28 -66.71 -45.13
N GLU A 186 2.82 -66.55 -43.91
CA GLU A 186 3.65 -67.59 -43.35
C GLU A 186 3.30 -67.85 -41.88
N THR A 187 3.54 -69.08 -41.43
CA THR A 187 3.25 -69.45 -40.05
C THR A 187 4.50 -69.33 -39.19
N PHE A 188 4.31 -68.84 -37.96
CA PHE A 188 5.44 -68.66 -37.05
C PHE A 188 5.35 -69.59 -35.86
N LEU A 189 6.48 -70.15 -35.48
CA LEU A 189 6.54 -71.05 -34.34
C LEU A 189 6.49 -70.27 -33.03
N THR A 190 5.87 -69.11 -33.07
CA THR A 190 5.74 -68.27 -31.89
C THR A 190 4.31 -67.71 -31.79
N SER A 191 3.96 -67.20 -30.63
CA SER A 191 2.64 -66.63 -30.43
C SER A 191 2.56 -65.27 -31.12
N PRO A 192 1.38 -64.83 -31.48
CA PRO A 192 1.20 -63.52 -32.17
C PRO A 192 1.76 -62.37 -31.35
N GLU A 193 1.65 -62.46 -30.04
CA GLU A 193 2.16 -61.42 -29.16
C GLU A 193 3.68 -61.28 -29.27
N GLU A 194 4.37 -62.41 -29.34
CA GLU A 194 5.83 -62.39 -29.43
C GLU A 194 6.31 -61.83 -30.76
N LEU A 195 5.72 -62.30 -31.86
CA LEU A 195 6.10 -61.84 -33.19
C LEU A 195 5.86 -60.34 -33.32
N TYR A 196 4.79 -59.89 -32.69
CA TYR A 196 4.40 -58.47 -32.71
C TYR A 196 5.55 -57.58 -32.25
N ARG A 197 6.21 -57.99 -31.18
CA ARG A 197 7.32 -57.22 -30.63
C ARG A 197 8.46 -57.13 -31.63
N VAL A 198 8.68 -58.22 -32.35
CA VAL A 198 9.74 -58.26 -33.33
C VAL A 198 9.56 -57.19 -34.38
N PHE A 199 8.32 -56.92 -34.71
CA PHE A 199 8.01 -55.91 -35.70
C PHE A 199 7.80 -54.55 -35.05
N THR A 200 7.70 -54.52 -33.72
CA THR A 200 7.48 -53.25 -33.04
C THR A 200 8.52 -53.00 -31.95
N THR A 201 9.63 -53.75 -31.98
CA THR A 201 10.68 -53.52 -31.00
C THR A 201 12.00 -53.36 -31.72
N GLN A 202 12.58 -52.17 -31.59
CA GLN A 202 13.83 -51.84 -32.27
C GLN A 202 14.92 -52.88 -32.00
N GLU A 203 15.11 -53.22 -30.74
CA GLU A 203 16.14 -54.19 -30.36
C GLU A 203 15.93 -55.50 -31.11
N LEU A 204 14.70 -55.96 -31.12
CA LEU A 204 14.36 -57.21 -31.77
C LEU A 204 14.59 -57.09 -33.27
N VAL A 205 14.32 -55.93 -33.83
CA VAL A 205 14.54 -55.71 -35.25
C VAL A 205 16.03 -55.78 -35.52
N GLN A 206 16.77 -55.16 -34.64
CA GLN A 206 18.21 -55.16 -34.74
C GLN A 206 18.76 -56.57 -34.57
N ALA A 207 17.91 -57.45 -34.05
CA ALA A 207 18.29 -58.83 -33.83
C ALA A 207 18.26 -59.64 -35.11
N PHE A 208 17.10 -59.67 -35.77
CA PHE A 208 16.98 -60.46 -36.99
C PHE A 208 17.53 -59.72 -38.21
N THR A 209 17.83 -58.43 -38.05
CA THR A 209 18.38 -57.66 -39.16
C THR A 209 19.90 -57.75 -39.13
N HIS A 210 20.43 -58.36 -38.08
CA HIS A 210 21.87 -58.51 -37.92
C HIS A 210 22.58 -57.22 -38.31
N ALA A 211 21.85 -56.12 -38.19
CA ALA A 211 22.40 -54.81 -38.50
C ALA A 211 21.76 -53.76 -37.61
N PRO A 212 22.21 -52.54 -37.70
CA PRO A 212 21.66 -51.42 -36.89
C PRO A 212 20.27 -51.06 -37.36
N ALA A 213 19.34 -51.00 -36.42
CA ALA A 213 17.97 -50.66 -36.76
C ALA A 213 17.39 -49.63 -35.79
N THR A 214 16.49 -48.84 -36.31
CA THR A 214 15.80 -47.82 -35.53
C THR A 214 14.31 -48.01 -35.67
N LEU A 215 13.60 -48.16 -34.56
CA LEU A 215 12.17 -48.41 -34.65
C LEU A 215 11.35 -47.65 -33.62
N GLU A 216 10.27 -47.04 -34.10
CA GLU A 216 9.35 -46.30 -33.26
C GLU A 216 8.01 -47.01 -33.30
N ALA A 217 7.62 -47.65 -32.21
CA ALA A 217 6.36 -48.36 -32.20
C ALA A 217 5.22 -47.43 -31.82
N ASP A 218 4.74 -46.68 -32.79
CA ASP A 218 3.66 -45.74 -32.59
C ASP A 218 3.04 -45.39 -33.93
N ARG A 219 1.79 -44.93 -33.92
CA ARG A 219 1.15 -44.56 -35.16
C ARG A 219 1.91 -43.42 -35.80
N GLY A 220 2.56 -43.74 -36.90
CA GLY A 220 3.37 -42.78 -37.61
C GLY A 220 4.82 -42.97 -37.19
N GLY A 221 5.03 -43.99 -36.36
CA GLY A 221 6.37 -44.30 -35.88
C GLY A 221 7.27 -44.54 -37.08
N LYS A 222 8.54 -44.20 -36.95
CA LYS A 222 9.45 -44.39 -38.07
C LYS A 222 10.38 -45.56 -37.81
N PHE A 223 10.36 -46.52 -38.73
CA PHE A 223 11.22 -47.67 -38.60
C PHE A 223 12.23 -47.69 -39.71
N HIS A 224 13.48 -47.81 -39.30
CA HIS A 224 14.62 -47.84 -40.19
C HIS A 224 15.42 -49.09 -39.85
N MET A 225 15.76 -49.89 -40.85
CA MET A 225 16.47 -51.13 -40.55
C MET A 225 17.54 -51.47 -41.57
N VAL A 226 18.23 -52.59 -41.31
CA VAL A 226 19.28 -53.06 -42.20
C VAL A 226 20.23 -51.92 -42.53
N ASP A 227 21.03 -51.51 -41.53
CA ASP A 227 21.96 -50.42 -41.74
C ASP A 227 21.21 -49.23 -42.32
N GLY A 228 19.92 -49.23 -42.06
CA GLY A 228 19.04 -48.16 -42.51
C GLY A 228 18.69 -48.29 -43.98
N ASN A 229 18.98 -49.45 -44.57
CA ASN A 229 18.68 -49.65 -45.97
C ASN A 229 17.16 -49.70 -46.17
N VAL A 230 16.46 -50.03 -45.08
CA VAL A 230 15.02 -50.11 -45.11
C VAL A 230 14.42 -49.04 -44.21
N SER A 231 13.40 -48.37 -44.70
CA SER A 231 12.75 -47.33 -43.92
C SER A 231 11.25 -47.27 -44.20
N GLY A 232 10.51 -46.66 -43.29
CA GLY A 232 9.07 -46.54 -43.46
C GLY A 232 8.41 -46.01 -42.20
N GLU A 233 7.08 -45.96 -42.21
CA GLU A 233 6.33 -45.47 -41.06
C GLU A 233 5.17 -46.39 -40.75
N PHE A 234 4.72 -46.33 -39.51
CA PHE A 234 3.59 -47.15 -39.09
C PHE A 234 2.29 -46.39 -39.26
N THR A 235 1.45 -46.87 -40.16
CA THR A 235 0.17 -46.23 -40.38
C THR A 235 -0.83 -46.72 -39.35
N ASP A 236 -0.56 -47.89 -38.79
CA ASP A 236 -1.43 -48.47 -37.77
C ASP A 236 -0.67 -49.48 -36.94
N LEU A 237 -1.01 -49.54 -35.67
CA LEU A 237 -0.39 -50.51 -34.77
C LEU A 237 -1.40 -51.01 -33.76
N VAL A 238 -1.96 -52.17 -34.03
CA VAL A 238 -2.93 -52.76 -33.12
C VAL A 238 -2.19 -53.79 -32.26
N PRO A 239 -2.24 -53.69 -30.94
CA PRO A 239 -1.49 -54.62 -30.05
C PRO A 239 -1.63 -56.09 -30.44
N GLU A 240 -0.57 -56.63 -31.05
CA GLU A 240 -0.55 -58.04 -31.43
C GLU A 240 -1.72 -58.43 -32.31
N LYS A 241 -2.33 -57.45 -32.93
CA LYS A 241 -3.48 -57.72 -33.77
C LYS A 241 -3.29 -57.33 -35.22
N HIS A 242 -2.72 -56.16 -35.47
CA HIS A 242 -2.58 -55.70 -36.85
C HIS A 242 -1.70 -54.47 -36.97
N ILE A 243 -0.90 -54.44 -38.03
CA ILE A 243 -0.02 -53.32 -38.26
C ILE A 243 -0.06 -52.85 -39.71
N VAL A 244 -0.30 -51.56 -39.89
CA VAL A 244 -0.29 -50.98 -41.22
C VAL A 244 0.89 -50.05 -41.29
N MET A 245 1.77 -50.27 -42.25
CA MET A 245 2.95 -49.43 -42.35
C MET A 245 3.37 -49.20 -43.79
N LYS A 246 4.11 -48.14 -43.98
CA LYS A 246 4.63 -47.79 -45.28
C LYS A 246 6.04 -48.38 -45.35
N TRP A 247 6.48 -48.81 -46.52
CA TRP A 247 7.77 -49.48 -46.59
C TRP A 247 8.57 -49.12 -47.84
N ARG A 248 9.90 -49.18 -47.72
CA ARG A 248 10.77 -48.89 -48.86
C ARG A 248 12.20 -49.31 -48.63
N PHE A 249 12.95 -49.27 -49.73
CA PHE A 249 14.36 -49.60 -49.72
C PHE A 249 15.14 -48.29 -49.89
N LYS A 250 16.34 -48.24 -49.39
CA LYS A 250 17.14 -47.02 -49.51
C LYS A 250 17.45 -46.71 -50.97
N SER A 251 17.15 -47.67 -51.85
CA SER A 251 17.40 -47.49 -53.28
C SER A 251 16.14 -47.03 -54.01
N TRP A 252 15.07 -46.79 -53.26
CA TRP A 252 13.81 -46.37 -53.85
C TRP A 252 13.76 -44.86 -54.06
N PRO A 253 12.93 -44.41 -54.97
CA PRO A 253 12.77 -42.96 -55.24
C PRO A 253 12.36 -42.21 -53.97
N GLU A 254 12.78 -40.96 -53.86
CA GLU A 254 12.44 -40.18 -52.69
C GLU A 254 10.93 -39.96 -52.62
N GLY A 255 10.34 -40.27 -51.47
CA GLY A 255 8.90 -40.11 -51.30
C GLY A 255 8.13 -41.28 -51.90
N HIS A 256 8.80 -42.43 -52.05
CA HIS A 256 8.15 -43.60 -52.62
C HIS A 256 8.18 -44.77 -51.65
N PHE A 257 7.01 -45.13 -51.16
CA PHE A 257 6.90 -46.25 -50.25
C PHE A 257 5.82 -47.21 -50.69
N ALA A 258 5.83 -48.36 -50.08
CA ALA A 258 4.85 -49.37 -50.38
C ALA A 258 3.97 -49.56 -49.15
N THR A 259 2.67 -49.70 -49.36
CA THR A 259 1.76 -49.88 -48.23
C THR A 259 1.77 -51.35 -47.82
N ILE A 260 2.16 -51.60 -46.58
CA ILE A 260 2.21 -52.96 -46.06
C ILE A 260 1.31 -53.13 -44.86
N THR A 261 0.60 -54.25 -44.80
CA THR A 261 -0.28 -54.51 -43.68
C THR A 261 -0.06 -55.91 -43.14
N LEU A 262 0.25 -55.98 -41.85
CA LEU A 262 0.48 -57.25 -41.19
C LEU A 262 -0.64 -57.55 -40.19
N THR A 263 -1.08 -58.80 -40.18
CA THR A 263 -2.12 -59.21 -39.25
C THR A 263 -1.62 -60.37 -38.40
N PHE A 264 -1.98 -60.37 -37.13
CA PHE A 264 -1.54 -61.39 -36.22
C PHE A 264 -2.66 -62.35 -35.84
N ILE A 265 -2.36 -63.64 -35.95
CA ILE A 265 -3.33 -64.68 -35.65
C ILE A 265 -2.76 -65.76 -34.75
N ASP A 266 -3.51 -66.10 -33.72
CA ASP A 266 -3.10 -67.16 -32.80
C ASP A 266 -3.58 -68.52 -33.30
N LYS A 267 -2.63 -69.39 -33.57
CA LYS A 267 -2.93 -70.72 -34.08
C LYS A 267 -2.80 -71.78 -33.00
N ASN A 268 -2.78 -71.34 -31.75
CA ASN A 268 -2.69 -72.28 -30.64
C ASN A 268 -1.39 -73.06 -30.69
N GLY A 269 -0.29 -72.34 -30.67
CA GLY A 269 1.02 -72.96 -30.73
C GLY A 269 1.93 -72.12 -31.59
N GLU A 270 1.38 -71.65 -32.69
CA GLU A 270 2.14 -70.82 -33.61
C GLU A 270 1.27 -69.65 -34.06
N THR A 271 1.79 -68.84 -34.98
CA THR A 271 1.03 -67.68 -35.44
C THR A 271 1.05 -67.55 -36.96
N GLU A 272 -0.10 -67.18 -37.52
CA GLU A 272 -0.18 -67.00 -38.97
C GLU A 272 -0.17 -65.51 -39.27
N LEU A 273 0.96 -65.02 -39.77
CA LEU A 273 1.08 -63.62 -40.10
C LEU A 273 0.54 -63.38 -41.50
N CYS A 274 -0.46 -62.53 -41.59
CA CYS A 274 -1.06 -62.22 -42.86
C CYS A 274 -0.57 -60.87 -43.37
N MET A 275 0.42 -60.90 -44.26
CA MET A 275 0.99 -59.68 -44.82
C MET A 275 0.24 -59.26 -46.07
N GLU A 276 0.36 -57.99 -46.43
CA GLU A 276 -0.30 -57.49 -47.63
C GLU A 276 0.44 -56.26 -48.14
N GLY A 277 1.46 -56.52 -48.95
CA GLY A 277 2.27 -55.44 -49.50
C GLY A 277 1.73 -54.95 -50.84
N ARG A 278 1.69 -53.64 -51.01
CA ARG A 278 1.23 -53.05 -52.25
C ARG A 278 1.89 -51.69 -52.44
N GLY A 279 2.07 -51.30 -53.69
CA GLY A 279 2.72 -50.04 -54.01
C GLY A 279 4.19 -50.27 -54.28
N ILE A 280 4.62 -51.50 -54.04
CA ILE A 280 6.00 -51.90 -54.26
C ILE A 280 6.36 -51.71 -55.73
N PRO A 281 7.36 -50.93 -56.05
CA PRO A 281 7.74 -50.71 -57.45
C PRO A 281 7.95 -52.01 -58.20
N ALA A 282 7.31 -52.10 -59.35
CA ALA A 282 7.41 -53.29 -60.19
C ALA A 282 8.88 -53.68 -60.42
N PRO A 283 9.76 -52.76 -60.75
CA PRO A 283 11.18 -53.11 -60.99
C PRO A 283 11.81 -53.69 -59.73
N GLU A 284 11.33 -53.20 -58.59
CA GLU A 284 11.86 -53.64 -57.30
C GLU A 284 10.98 -54.74 -56.70
N GLU A 285 9.93 -55.12 -57.41
CA GLU A 285 9.02 -56.14 -56.91
C GLU A 285 9.75 -57.43 -56.56
N GLU A 286 10.50 -57.98 -57.49
CA GLU A 286 11.20 -59.21 -57.22
C GLU A 286 12.13 -59.03 -56.02
N ARG A 287 12.77 -57.87 -55.97
CA ARG A 287 13.69 -57.55 -54.88
C ARG A 287 12.98 -57.46 -53.54
N THR A 288 11.91 -56.67 -53.52
CA THR A 288 11.16 -56.45 -52.28
C THR A 288 10.72 -57.77 -51.65
N ARG A 289 10.11 -58.63 -52.45
CA ARG A 289 9.63 -59.89 -51.93
C ARG A 289 10.79 -60.75 -51.45
N GLN A 290 11.85 -60.80 -52.25
CA GLN A 290 13.02 -61.59 -51.90
C GLN A 290 13.70 -61.03 -50.65
N GLY A 291 13.80 -59.71 -50.59
CA GLY A 291 14.43 -59.05 -49.46
C GLY A 291 13.48 -58.93 -48.28
N TRP A 292 12.31 -59.55 -48.41
CA TRP A 292 11.33 -59.50 -47.34
C TRP A 292 11.50 -60.68 -46.38
N GLN A 293 10.83 -61.79 -46.66
CA GLN A 293 10.90 -62.97 -45.80
C GLN A 293 12.33 -63.23 -45.36
N ARG A 294 13.26 -63.25 -46.31
CA ARG A 294 14.67 -63.49 -46.00
C ARG A 294 15.11 -62.66 -44.80
N TYR A 295 14.78 -61.38 -44.82
CA TYR A 295 15.14 -60.49 -43.72
C TYR A 295 13.99 -60.39 -42.71
N TYR A 296 12.79 -60.77 -43.14
CA TYR A 296 11.63 -60.68 -42.28
C TYR A 296 11.35 -62.00 -41.57
N PHE A 297 10.49 -62.79 -42.19
CA PHE A 297 10.09 -64.07 -41.64
C PHE A 297 11.25 -65.03 -41.54
N GLU A 298 11.79 -65.40 -42.68
CA GLU A 298 12.91 -66.32 -42.72
C GLU A 298 14.03 -65.85 -41.81
N GLY A 299 14.18 -64.52 -41.70
CA GLY A 299 15.21 -63.96 -40.84
C GLY A 299 14.83 -64.15 -39.37
N ILE A 300 13.65 -63.67 -39.00
CA ILE A 300 13.18 -63.80 -37.63
C ILE A 300 13.12 -65.27 -37.26
N LYS A 301 12.50 -66.06 -38.11
CA LYS A 301 12.38 -67.48 -37.89
C LYS A 301 13.76 -68.08 -37.64
N GLN A 302 14.76 -67.48 -38.25
CA GLN A 302 16.13 -67.94 -38.10
C GLN A 302 16.74 -67.40 -36.80
N THR A 303 16.72 -66.08 -36.67
CA THR A 303 17.28 -65.42 -35.51
C THR A 303 16.53 -65.76 -34.22
N PHE A 304 15.21 -65.63 -34.26
CA PHE A 304 14.38 -65.91 -33.11
C PHE A 304 14.09 -67.39 -32.99
N GLY A 305 14.02 -68.07 -34.12
CA GLY A 305 13.75 -69.50 -34.10
C GLY A 305 12.26 -69.77 -34.17
N TYR A 306 11.55 -68.90 -34.88
CA TYR A 306 10.11 -69.02 -35.01
C TYR A 306 9.71 -69.71 -36.32
N GLY A 307 10.61 -70.51 -36.88
CA GLY A 307 10.29 -71.22 -38.12
C GLY A 307 9.91 -72.66 -37.84
N ALA A 308 9.52 -73.39 -38.88
CA ALA A 308 9.14 -74.79 -38.74
C ALA A 308 10.18 -75.69 -39.38
N THR A 1 -9.73 -7.18 24.80
CA THR A 1 -9.37 -5.79 24.56
C THR A 1 -7.88 -5.65 24.30
N GLU A 2 -7.53 -5.13 23.12
CA GLU A 2 -6.13 -4.96 22.76
C GLU A 2 -5.78 -3.48 22.73
N ARG A 3 -4.50 -3.18 22.93
CA ARG A 3 -4.04 -1.79 22.91
C ARG A 3 -3.29 -1.49 21.62
N ASP A 4 -3.53 -0.32 21.06
CA ASP A 4 -2.87 0.08 19.82
C ASP A 4 -1.49 0.64 20.13
N ALA A 5 -0.45 -0.06 19.69
CA ALA A 5 0.91 0.39 19.93
C ALA A 5 1.06 1.86 19.57
N SER A 6 0.76 2.72 20.54
CA SER A 6 0.85 4.16 20.32
C SER A 6 2.29 4.64 20.44
N ASN A 7 3.09 3.91 21.20
CA ASN A 7 4.49 4.31 21.40
C ASN A 7 5.23 4.40 20.07
N TRP A 8 5.05 3.40 19.22
CA TRP A 8 5.70 3.40 17.91
C TRP A 8 5.01 4.37 16.97
N SER A 9 3.72 4.62 17.22
CA SER A 9 2.96 5.52 16.37
C SER A 9 3.55 6.92 16.42
N THR A 10 3.25 7.66 17.47
CA THR A 10 3.79 9.00 17.58
C THR A 10 5.27 9.00 17.23
N ASP A 11 6.00 8.07 17.80
CA ASP A 11 7.44 7.99 17.54
C ASP A 11 7.76 8.07 16.06
N LYS A 12 7.03 7.31 15.25
CA LYS A 12 7.27 7.31 13.81
C LYS A 12 6.53 8.45 13.12
N LEU A 13 5.22 8.56 13.36
CA LEU A 13 4.44 9.62 12.73
C LEU A 13 4.99 11.00 13.11
N LYS A 14 5.40 11.17 14.36
CA LYS A 14 5.95 12.45 14.79
C LYS A 14 7.26 12.73 14.07
N THR A 15 8.13 11.72 14.01
CA THR A 15 9.40 11.86 13.32
C THR A 15 9.15 12.07 11.84
N LEU A 16 8.33 11.19 11.29
CA LEU A 16 7.97 11.27 9.88
C LEU A 16 7.30 12.59 9.60
N PHE A 17 6.59 13.10 10.60
CA PHE A 17 5.88 14.38 10.44
C PHE A 17 6.88 15.53 10.53
N LEU A 18 7.82 15.42 11.46
CA LEU A 18 8.85 16.45 11.64
C LEU A 18 9.95 16.24 10.63
N ALA A 19 9.71 15.29 9.73
CA ALA A 19 10.68 14.96 8.70
C ALA A 19 10.14 15.40 7.35
N VAL A 20 9.10 16.22 7.37
CA VAL A 20 8.51 16.71 6.14
C VAL A 20 9.61 17.28 5.26
N GLN A 21 9.65 16.85 4.02
CA GLN A 21 10.69 17.30 3.10
C GLN A 21 10.18 18.35 2.13
N VAL A 22 11.12 19.15 1.65
CA VAL A 22 10.83 20.22 0.74
C VAL A 22 11.34 19.92 -0.67
N GLN A 23 10.63 20.45 -1.65
CA GLN A 23 11.00 20.30 -3.04
C GLN A 23 11.63 21.61 -3.52
N ASN A 24 11.01 22.23 -4.52
CA ASN A 24 11.52 23.50 -5.04
C ASN A 24 10.78 24.66 -4.38
N GLU A 25 11.37 25.84 -4.42
CA GLU A 25 10.73 27.01 -3.82
C GLU A 25 9.30 27.14 -4.33
N GLU A 26 9.07 26.65 -5.53
CA GLU A 26 7.74 26.71 -6.13
C GLU A 26 6.74 25.94 -5.26
N GLY A 27 7.15 24.75 -4.86
CA GLY A 27 6.31 23.91 -4.03
C GLY A 27 7.14 23.19 -2.97
N LYS A 28 7.71 23.97 -2.05
CA LYS A 28 8.54 23.40 -1.01
C LYS A 28 7.74 23.21 0.27
N CYS A 29 8.22 22.33 1.14
CA CYS A 29 7.53 22.06 2.39
C CYS A 29 8.51 21.85 3.53
N GLU A 30 8.20 22.44 4.68
CA GLU A 30 9.06 22.28 5.86
C GLU A 30 8.21 22.20 7.12
N VAL A 31 8.57 21.31 8.04
CA VAL A 31 7.81 21.19 9.28
C VAL A 31 8.35 22.15 10.34
N THR A 32 7.44 22.85 11.01
CA THR A 32 7.85 23.79 12.05
C THR A 32 7.66 23.17 13.43
N GLU A 33 6.64 22.33 13.56
CA GLU A 33 6.36 21.69 14.84
C GLU A 33 5.20 20.71 14.70
N VAL A 34 5.33 19.57 15.36
CA VAL A 34 4.29 18.54 15.31
C VAL A 34 3.90 18.12 16.71
N SER A 35 2.60 18.01 16.96
CA SER A 35 2.13 17.60 18.27
C SER A 35 2.22 16.09 18.42
N LYS A 36 1.16 15.41 17.98
CA LYS A 36 1.08 13.95 18.06
C LYS A 36 -0.39 13.57 17.89
N LEU A 37 -0.64 12.36 17.40
CA LEU A 37 -2.01 11.91 17.23
C LEU A 37 -2.74 11.96 18.56
N ASP A 38 -3.56 12.99 18.74
CA ASP A 38 -4.31 13.12 19.98
C ASP A 38 -5.69 12.55 19.77
N GLY A 39 -5.92 11.37 20.31
CA GLY A 39 -7.21 10.73 20.13
C GLY A 39 -7.31 9.40 20.84
N GLU A 40 -8.41 8.70 20.60
CA GLU A 40 -8.62 7.39 21.20
C GLU A 40 -8.36 6.29 20.17
N ALA A 41 -7.14 5.78 20.15
CA ALA A 41 -6.78 4.73 19.21
C ALA A 41 -6.76 3.36 19.87
N SER A 42 -7.41 2.40 19.24
CA SER A 42 -7.46 1.04 19.77
C SER A 42 -7.70 0.05 18.64
N ILE A 43 -7.23 -1.18 18.84
CA ILE A 43 -7.41 -2.22 17.83
C ILE A 43 -8.08 -3.43 18.45
N ASN A 44 -8.80 -4.20 17.65
CA ASN A 44 -9.49 -5.38 18.17
C ASN A 44 -8.83 -6.66 17.70
N ASN A 45 -9.30 -7.77 18.29
CA ASN A 45 -8.81 -9.13 18.02
C ASN A 45 -7.65 -9.16 17.04
N ARG A 46 -6.59 -9.85 17.47
CA ARG A 46 -5.39 -9.98 16.67
C ARG A 46 -5.21 -11.39 16.13
N LYS A 47 -4.12 -11.57 15.40
CA LYS A 47 -3.80 -12.86 14.82
C LYS A 47 -4.74 -13.19 13.66
N GLY A 48 -5.17 -12.17 12.93
CA GLY A 48 -6.04 -12.36 11.79
C GLY A 48 -7.26 -11.45 11.81
N LYS A 49 -7.63 -10.96 13.00
CA LYS A 49 -8.78 -10.08 13.12
C LYS A 49 -8.35 -8.67 13.50
N LEU A 50 -7.17 -8.27 13.04
CA LEU A 50 -6.66 -6.94 13.36
C LEU A 50 -7.50 -5.86 12.71
N ILE A 51 -8.18 -5.07 13.54
CA ILE A 51 -8.98 -3.97 13.03
C ILE A 51 -8.58 -2.66 13.70
N PHE A 52 -8.74 -1.56 12.99
CA PHE A 52 -8.34 -0.27 13.51
C PHE A 52 -9.53 0.55 13.99
N PHE A 53 -9.45 1.05 15.22
CA PHE A 53 -10.51 1.88 15.78
C PHE A 53 -9.92 3.18 16.34
N TYR A 54 -10.24 4.29 15.69
CA TYR A 54 -9.73 5.59 16.13
C TYR A 54 -10.80 6.67 16.01
N GLU A 55 -10.85 7.58 16.97
CA GLU A 55 -11.82 8.67 16.94
C GLU A 55 -11.29 9.92 17.63
N TRP A 56 -10.86 10.90 16.81
CA TRP A 56 -10.34 12.19 17.32
C TRP A 56 -9.51 12.90 16.23
N SER A 57 -8.61 13.81 16.64
CA SER A 57 -7.82 14.56 15.66
C SER A 57 -6.35 14.75 16.07
N VAL A 58 -5.52 15.01 15.06
CA VAL A 58 -4.09 15.25 15.27
C VAL A 58 -3.77 16.67 14.82
N LYS A 59 -2.79 17.32 15.46
CA LYS A 59 -2.48 18.70 15.12
C LYS A 59 -0.99 18.93 14.82
N LEU A 60 -0.72 19.57 13.68
CA LEU A 60 0.66 19.90 13.29
C LEU A 60 0.67 21.12 12.37
N ASN A 61 1.86 21.68 12.13
CA ASN A 61 1.99 22.86 11.28
C ASN A 61 3.24 22.75 10.39
N TRP A 62 3.23 23.49 9.27
CA TRP A 62 4.37 23.48 8.35
C TRP A 62 4.64 24.86 7.75
N THR A 63 5.71 24.96 6.97
CA THR A 63 6.07 26.22 6.33
C THR A 63 6.31 25.99 4.84
N GLY A 64 5.94 26.96 4.03
CA GLY A 64 6.12 26.84 2.59
C GLY A 64 6.62 28.13 1.97
N THR A 65 7.73 28.04 1.24
CA THR A 65 8.30 29.21 0.58
C THR A 65 7.90 29.23 -0.89
N SER A 66 7.74 30.43 -1.43
CA SER A 66 7.36 30.57 -2.84
C SER A 66 8.42 31.32 -3.62
N LYS A 67 8.51 31.03 -4.91
CA LYS A 67 9.49 31.70 -5.75
C LYS A 67 9.32 33.21 -5.65
N SER A 68 8.10 33.64 -5.33
CA SER A 68 7.83 35.06 -5.18
C SER A 68 8.70 35.64 -4.09
N GLY A 69 9.12 34.78 -3.17
CA GLY A 69 9.97 35.19 -2.05
C GLY A 69 9.17 35.32 -0.77
N VAL A 70 8.03 34.62 -0.70
CA VAL A 70 7.19 34.69 0.48
C VAL A 70 7.11 33.36 1.22
N GLN A 71 7.30 33.43 2.54
CA GLN A 71 7.21 32.25 3.38
C GLN A 71 5.97 32.37 4.25
N TYR A 72 5.28 31.27 4.44
CA TYR A 72 4.08 31.29 5.25
C TYR A 72 3.97 30.00 6.04
N LYS A 73 3.50 30.12 7.27
CA LYS A 73 3.36 28.96 8.12
C LYS A 73 1.88 28.69 8.39
N GLY A 74 1.37 27.64 7.79
CA GLY A 74 -0.04 27.28 7.93
C GLY A 74 -0.24 26.20 8.98
N HIS A 75 -1.49 25.78 9.13
CA HIS A 75 -1.83 24.73 10.08
C HIS A 75 -2.58 23.61 9.39
N VAL A 76 -2.31 22.37 9.79
CA VAL A 76 -2.98 21.22 9.19
C VAL A 76 -3.36 20.22 10.26
N GLU A 77 -4.65 19.90 10.33
CA GLU A 77 -5.13 18.95 11.33
C GLU A 77 -6.22 18.07 10.72
N ILE A 78 -6.28 16.81 11.17
CA ILE A 78 -7.31 15.91 10.67
C ILE A 78 -8.41 15.78 11.74
N PRO A 79 -9.64 16.18 11.45
CA PRO A 79 -10.73 16.13 12.44
C PRO A 79 -10.99 14.73 13.02
N ASN A 80 -12.23 14.50 13.46
CA ASN A 80 -12.63 13.24 14.09
C ASN A 80 -12.62 12.07 13.10
N LEU A 81 -11.70 12.08 12.15
CA LEU A 81 -11.62 10.98 11.20
C LEU A 81 -11.24 9.70 11.93
N SER A 82 -11.84 8.59 11.54
CA SER A 82 -11.57 7.32 12.17
C SER A 82 -10.90 6.33 11.22
N ASP A 83 -10.08 5.45 11.78
CA ASP A 83 -9.38 4.45 10.98
C ASP A 83 -10.31 3.30 10.61
N GLU A 84 -11.59 3.43 10.97
CA GLU A 84 -12.57 2.39 10.66
C GLU A 84 -12.67 2.21 9.15
N ASN A 85 -12.32 3.28 8.44
CA ASN A 85 -12.35 3.27 6.98
C ASN A 85 -10.93 3.35 6.44
N SER A 86 -10.80 3.34 5.12
CA SER A 86 -9.46 3.41 4.52
C SER A 86 -8.70 4.58 5.13
N VAL A 87 -7.61 4.26 5.81
CA VAL A 87 -6.80 5.29 6.46
C VAL A 87 -6.30 6.32 5.45
N ASP A 88 -5.98 5.87 4.24
CA ASP A 88 -5.48 6.78 3.22
C ASP A 88 -6.53 7.82 2.82
N GLU A 89 -7.80 7.46 2.90
CA GLU A 89 -8.87 8.36 2.53
C GLU A 89 -9.13 9.38 3.64
N VAL A 90 -8.39 9.27 4.74
CA VAL A 90 -8.56 10.20 5.85
C VAL A 90 -8.48 11.63 5.37
N GLU A 91 -9.43 12.44 5.84
CA GLU A 91 -9.47 13.83 5.45
C GLU A 91 -8.57 14.67 6.34
N ILE A 92 -7.55 15.24 5.73
CA ILE A 92 -6.60 16.07 6.45
C ILE A 92 -6.86 17.54 6.13
N SER A 93 -6.97 18.36 7.17
CA SER A 93 -7.22 19.78 6.98
C SER A 93 -5.92 20.49 6.62
N VAL A 94 -6.00 21.42 5.68
CA VAL A 94 -4.82 22.15 5.26
C VAL A 94 -5.11 23.65 5.22
N SER A 95 -4.14 24.43 5.68
CA SER A 95 -4.30 25.89 5.68
C SER A 95 -2.95 26.56 5.50
N LEU A 96 -2.30 26.28 4.38
CA LEU A 96 -0.99 26.85 4.10
C LEU A 96 -0.95 27.46 2.70
N ALA A 97 -0.24 28.57 2.61
CA ALA A 97 -0.06 29.28 1.34
C ALA A 97 -1.39 29.78 0.77
N LYS A 98 -2.49 29.21 1.23
CA LYS A 98 -3.80 29.64 0.73
C LYS A 98 -4.00 31.12 0.97
N ASP A 99 -3.54 31.59 2.12
CA ASP A 99 -3.67 33.00 2.49
C ASP A 99 -2.66 33.87 1.74
N GLU A 100 -1.49 33.30 1.46
CA GLU A 100 -0.44 34.05 0.77
C GLU A 100 -0.40 33.70 -0.72
N PRO A 101 0.10 34.60 -1.54
CA PRO A 101 0.20 34.37 -3.01
C PRO A 101 0.79 33.00 -3.34
N ASP A 102 1.30 32.33 -2.33
CA ASP A 102 1.92 31.02 -2.52
C ASP A 102 0.91 30.02 -3.09
N THR A 103 -0.28 29.99 -2.48
CA THR A 103 -1.37 29.10 -2.90
C THR A 103 -0.88 27.89 -3.70
N ASN A 104 -0.55 28.13 -4.97
CA ASN A 104 -0.08 27.03 -5.83
C ASN A 104 0.81 26.09 -5.04
N LEU A 105 1.56 26.64 -4.10
CA LEU A 105 2.44 25.83 -3.27
C LEU A 105 1.63 24.80 -2.49
N VAL A 106 0.50 25.24 -1.96
CA VAL A 106 -0.37 24.35 -1.19
C VAL A 106 -0.86 23.19 -2.05
N ALA A 107 -1.12 23.48 -3.32
CA ALA A 107 -1.60 22.46 -4.24
C ALA A 107 -0.63 21.28 -4.30
N LEU A 108 0.65 21.57 -4.49
CA LEU A 108 1.65 20.51 -4.56
C LEU A 108 1.70 19.77 -3.23
N MET A 109 1.64 20.54 -2.15
CA MET A 109 1.67 19.95 -0.81
C MET A 109 0.55 18.96 -0.63
N LYS A 110 -0.57 19.24 -1.28
CA LYS A 110 -1.71 18.34 -1.21
C LYS A 110 -1.40 17.06 -1.96
N GLU A 111 -0.44 17.14 -2.88
CA GLU A 111 -0.05 15.97 -3.67
C GLU A 111 1.32 15.48 -3.25
N GLU A 112 1.92 16.14 -2.28
CA GLU A 112 3.25 15.77 -1.83
C GLU A 112 3.36 15.81 -0.30
N GLY A 113 2.69 16.79 0.31
CA GLY A 113 2.71 16.93 1.75
C GLY A 113 1.77 15.93 2.41
N VAL A 114 0.48 16.12 2.22
CA VAL A 114 -0.47 15.20 2.78
C VAL A 114 -0.13 13.81 2.28
N LYS A 115 0.60 13.77 1.18
CA LYS A 115 1.04 12.50 0.61
C LYS A 115 1.93 11.79 1.61
N LEU A 116 2.86 12.53 2.20
CA LEU A 116 3.77 11.96 3.19
C LEU A 116 2.95 11.29 4.28
N LEU A 117 1.82 11.89 4.62
CA LEU A 117 0.95 11.31 5.64
C LEU A 117 0.55 9.91 5.23
N ARG A 118 0.29 9.72 3.93
CA ARG A 118 -0.07 8.40 3.45
C ARG A 118 1.05 7.44 3.84
N GLU A 119 2.27 7.95 3.83
CA GLU A 119 3.40 7.13 4.23
C GLU A 119 3.22 6.76 5.69
N ALA A 120 2.64 7.68 6.46
CA ALA A 120 2.40 7.42 7.87
C ALA A 120 1.52 6.19 8.02
N MET A 121 0.62 5.99 7.07
CA MET A 121 -0.25 4.83 7.10
C MET A 121 0.58 3.57 6.92
N GLY A 122 1.67 3.69 6.14
CA GLY A 122 2.53 2.54 5.89
C GLY A 122 3.08 1.96 7.18
N ILE A 123 3.73 2.80 7.99
CA ILE A 123 4.30 2.36 9.25
C ILE A 123 3.22 2.11 10.28
N TYR A 124 2.21 2.96 10.29
CA TYR A 124 1.11 2.83 11.23
C TYR A 124 0.51 1.44 11.12
N ILE A 125 0.31 0.98 9.88
CA ILE A 125 -0.25 -0.34 9.64
C ILE A 125 0.81 -1.42 9.85
N SER A 126 1.97 -1.20 9.25
CA SER A 126 3.07 -2.16 9.34
C SER A 126 3.66 -2.24 10.75
N THR A 127 4.14 -1.12 11.27
CA THR A 127 4.75 -1.11 12.59
C THR A 127 3.78 -1.57 13.67
N LEU A 128 2.56 -1.04 13.63
CA LEU A 128 1.56 -1.42 14.63
C LEU A 128 1.28 -2.92 14.58
N LYS A 129 1.20 -3.46 13.36
CA LYS A 129 0.91 -4.89 13.19
C LYS A 129 2.20 -5.70 13.14
N THR A 130 3.35 -5.04 13.24
CA THR A 130 4.62 -5.74 13.20
C THR A 130 5.27 -5.74 14.58
N GLU A 131 4.44 -5.89 15.61
CA GLU A 131 4.94 -5.90 16.98
C GLU A 131 4.08 -6.83 17.84
N PHE A 132 2.97 -6.31 18.35
CA PHE A 132 2.06 -7.10 19.18
C PHE A 132 1.54 -8.32 18.44
N THR A 133 1.40 -8.20 17.13
CA THR A 133 0.88 -9.30 16.32
C THR A 133 1.78 -9.58 15.11
N GLN A 134 1.74 -10.81 14.64
CA GLN A 134 2.54 -11.21 13.49
C GLN A 134 1.71 -12.05 12.52
N GLY A 135 2.12 -12.08 11.26
CA GLY A 135 1.39 -12.85 10.26
C GLY A 135 1.55 -12.26 8.87
N MET A 136 2.66 -11.58 8.64
CA MET A 136 2.92 -10.97 7.35
C MET A 136 3.64 -11.96 6.43
N ILE A 137 2.94 -12.42 5.41
CA ILE A 137 3.51 -13.38 4.47
C ILE A 137 3.51 -12.83 3.04
N LEU A 138 4.45 -13.30 2.23
CA LEU A 138 4.56 -12.86 0.85
C LEU A 138 4.70 -14.06 -0.09
N PRO A 139 3.61 -14.70 -0.40
CA PRO A 139 3.61 -15.89 -1.30
C PRO A 139 3.86 -15.52 -2.76
N THR A 140 4.59 -16.39 -3.46
CA THR A 140 4.89 -16.16 -4.86
C THR A 140 4.58 -17.41 -5.66
N MET A 141 4.30 -17.24 -6.96
CA MET A 141 3.98 -18.39 -7.80
C MET A 141 3.81 -17.97 -9.25
N ASN A 142 3.98 -18.93 -10.16
CA ASN A 142 3.85 -18.65 -11.58
C ASN A 142 2.54 -19.24 -12.12
N GLY A 143 2.08 -18.71 -13.25
CA GLY A 143 0.85 -19.19 -13.85
C GLY A 143 1.06 -20.52 -14.57
N GLU A 144 0.00 -21.07 -15.14
CA GLU A 144 0.08 -22.33 -15.85
C GLU A 144 -0.66 -22.23 -17.17
N SER A 145 -0.13 -22.90 -18.19
CA SER A 145 -0.76 -22.87 -19.50
C SER A 145 -1.38 -24.22 -19.83
N VAL A 146 -2.50 -24.19 -20.54
CA VAL A 146 -3.19 -25.43 -20.91
C VAL A 146 -3.48 -25.46 -22.40
N ASP A 147 -3.41 -26.65 -22.99
CA ASP A 147 -3.65 -26.82 -24.41
C ASP A 147 -4.74 -27.86 -24.65
N PRO A 148 -5.98 -27.47 -24.52
CA PRO A 148 -7.14 -28.39 -24.72
C PRO A 148 -7.29 -28.81 -26.18
N VAL A 149 -7.84 -30.01 -26.39
CA VAL A 149 -8.05 -30.51 -27.74
C VAL A 149 -9.16 -31.55 -27.74
N GLY A 150 -8.80 -32.82 -27.78
CA GLY A 150 -9.80 -33.88 -27.76
C GLY A 150 -10.17 -34.21 -26.33
N GLN A 151 -11.39 -33.87 -25.94
CA GLN A 151 -11.86 -34.12 -24.59
C GLN A 151 -13.26 -34.71 -24.60
N PRO A 152 -13.37 -35.99 -24.84
CA PRO A 152 -14.69 -36.68 -24.88
C PRO A 152 -15.29 -36.85 -23.48
N ALA A 153 -15.77 -35.73 -22.92
CA ALA A 153 -16.37 -35.75 -21.60
C ALA A 153 -17.46 -34.70 -21.49
N LEU A 154 -18.39 -34.90 -20.56
CA LEU A 154 -19.48 -33.96 -20.37
C LEU A 154 -19.12 -32.90 -19.34
N LYS A 155 -19.46 -31.65 -19.62
CA LYS A 155 -19.16 -30.56 -18.71
C LYS A 155 -20.36 -29.63 -18.55
N THR A 156 -20.29 -28.74 -17.58
CA THR A 156 -21.38 -27.80 -17.33
C THR A 156 -20.89 -26.36 -17.47
N GLU A 157 -21.82 -25.44 -17.63
CA GLU A 157 -21.48 -24.03 -17.78
C GLU A 157 -21.90 -23.24 -16.54
N GLU A 158 -21.18 -22.15 -16.26
CA GLU A 158 -21.49 -21.32 -15.11
C GLU A 158 -21.89 -19.92 -15.55
N ARG A 159 -22.67 -19.24 -14.72
CA ARG A 159 -23.11 -17.89 -15.05
C ARG A 159 -22.68 -16.90 -13.97
N LYS A 160 -22.35 -15.68 -14.38
CA LYS A 160 -21.92 -14.66 -13.44
C LYS A 160 -22.86 -13.45 -13.50
N ALA A 161 -23.05 -12.80 -12.36
CA ALA A 161 -23.91 -11.63 -12.29
C ALA A 161 -23.43 -10.69 -11.19
N LYS A 162 -23.68 -9.40 -11.38
CA LYS A 162 -23.25 -8.41 -10.39
C LYS A 162 -24.42 -7.54 -9.97
N PRO A 163 -25.26 -8.04 -9.11
CA PRO A 163 -26.45 -7.29 -8.62
C PRO A 163 -26.05 -6.06 -7.81
N ALA A 164 -26.82 -4.99 -7.96
CA ALA A 164 -26.54 -3.75 -7.25
C ALA A 164 -27.78 -3.25 -6.52
N PRO A 165 -27.60 -2.39 -5.55
CA PRO A 165 -28.73 -1.83 -4.76
C PRO A 165 -29.84 -1.30 -5.66
N SER A 166 -29.50 -0.98 -6.91
CA SER A 166 -30.47 -0.47 -7.86
C SER A 166 -31.51 0.40 -7.16
N LYS A 167 -31.30 1.71 -7.19
CA LYS A 167 -32.23 2.65 -6.56
C LYS A 167 -33.39 2.97 -7.50
N THR A 168 -34.57 3.14 -6.92
CA THR A 168 -35.76 3.45 -7.72
C THR A 168 -35.54 4.72 -8.54
N GLN A 169 -34.85 5.69 -7.96
CA GLN A 169 -34.57 6.95 -8.65
C GLN A 169 -33.22 6.90 -9.33
N ALA A 170 -33.20 7.26 -10.61
CA ALA A 170 -31.97 7.26 -11.39
C ALA A 170 -31.45 8.68 -11.56
N ARG A 171 -30.12 8.82 -11.62
CA ARG A 171 -29.51 10.13 -11.77
C ARG A 171 -29.94 10.76 -13.10
N PRO A 172 -30.07 12.07 -13.15
CA PRO A 172 -30.48 12.78 -14.40
C PRO A 172 -29.64 12.37 -15.59
N VAL A 173 -30.26 12.34 -16.77
CA VAL A 173 -29.56 11.96 -17.99
C VAL A 173 -29.77 13.01 -19.07
N GLY A 174 -28.81 13.11 -19.99
CA GLY A 174 -28.90 14.08 -21.08
C GLY A 174 -27.53 14.41 -21.63
N VAL A 175 -27.46 15.47 -22.44
CA VAL A 175 -26.20 15.88 -23.03
C VAL A 175 -26.00 17.38 -22.80
N LYS A 176 -24.75 17.82 -22.86
CA LYS A 176 -24.44 19.23 -22.65
C LYS A 176 -25.16 20.07 -23.70
N ILE A 177 -26.47 20.13 -23.57
CA ILE A 177 -27.28 20.89 -24.52
C ILE A 177 -27.75 22.19 -23.88
N PRO A 178 -27.75 23.31 -24.59
CA PRO A 178 -28.23 24.59 -24.02
C PRO A 178 -29.58 24.37 -23.34
N THR A 179 -29.99 25.27 -22.46
CA THR A 179 -31.30 25.10 -21.83
C THR A 179 -31.82 26.42 -21.27
N CYS A 180 -33.13 26.46 -21.02
CA CYS A 180 -33.78 27.67 -20.50
C CYS A 180 -35.06 27.32 -19.74
N LYS A 181 -35.76 28.34 -19.25
CA LYS A 181 -36.97 28.10 -18.49
C LYS A 181 -38.22 28.54 -19.28
N ILE A 182 -39.27 27.72 -19.17
CA ILE A 182 -40.54 28.02 -19.86
C ILE A 182 -41.71 27.95 -18.88
N THR A 183 -41.72 28.85 -17.91
CA THR A 183 -42.80 28.88 -16.94
C THR A 183 -44.00 29.64 -17.50
N LEU A 184 -45.14 28.97 -17.53
CA LEU A 184 -46.37 29.58 -18.06
C LEU A 184 -47.48 29.55 -17.02
N LYS A 185 -48.22 30.65 -16.90
CA LYS A 185 -49.33 30.72 -15.97
C LYS A 185 -50.59 31.14 -16.69
N GLU A 186 -51.53 30.21 -16.85
CA GLU A 186 -52.78 30.51 -17.55
C GLU A 186 -53.99 30.08 -16.73
N THR A 187 -55.11 30.77 -16.95
CA THR A 187 -56.35 30.45 -16.25
C THR A 187 -57.28 29.65 -17.15
N PHE A 188 -57.94 28.65 -16.59
CA PHE A 188 -58.85 27.81 -17.37
C PHE A 188 -60.29 27.96 -16.92
N LEU A 189 -61.18 27.98 -17.90
CA LEU A 189 -62.60 28.10 -17.64
C LEU A 189 -63.18 26.78 -17.17
N THR A 190 -62.32 25.96 -16.55
CA THR A 190 -62.73 24.67 -16.04
C THR A 190 -62.18 24.45 -14.65
N SER A 191 -62.73 23.47 -13.94
CA SER A 191 -62.26 23.16 -12.59
C SER A 191 -60.91 22.44 -12.67
N PRO A 192 -60.09 22.56 -11.65
CA PRO A 192 -58.76 21.88 -11.64
C PRO A 192 -58.86 20.38 -11.88
N GLU A 193 -59.92 19.79 -11.36
CA GLU A 193 -60.14 18.36 -11.53
C GLU A 193 -60.31 17.99 -12.99
N GLU A 194 -61.04 18.81 -13.73
CA GLU A 194 -61.30 18.55 -15.14
C GLU A 194 -60.03 18.68 -15.98
N LEU A 195 -59.31 19.79 -15.79
CA LEU A 195 -58.08 20.03 -16.53
C LEU A 195 -57.07 18.92 -16.25
N TYR A 196 -57.07 18.46 -15.02
CA TYR A 196 -56.15 17.40 -14.58
C TYR A 196 -56.25 16.19 -15.49
N ARG A 197 -57.47 15.81 -15.82
CA ARG A 197 -57.71 14.64 -16.67
C ARG A 197 -57.13 14.88 -18.06
N VAL A 198 -57.24 16.12 -18.52
CA VAL A 198 -56.75 16.46 -19.85
C VAL A 198 -55.27 16.18 -19.96
N PHE A 199 -54.56 16.42 -18.87
CA PHE A 199 -53.13 16.19 -18.84
C PHE A 199 -52.82 14.77 -18.38
N THR A 200 -53.82 14.06 -17.88
CA THR A 200 -53.59 12.70 -17.40
C THR A 200 -54.52 11.69 -18.05
N THR A 201 -55.19 12.08 -19.13
CA THR A 201 -56.08 11.15 -19.83
C THR A 201 -55.72 11.13 -21.32
N GLN A 202 -55.29 9.98 -21.79
CA GLN A 202 -54.87 9.81 -23.18
C GLN A 202 -55.94 10.29 -24.16
N GLU A 203 -57.16 9.84 -23.97
CA GLU A 203 -58.26 10.23 -24.86
C GLU A 203 -58.38 11.74 -24.94
N LEU A 204 -58.32 12.37 -23.79
CA LEU A 204 -58.44 13.81 -23.70
C LEU A 204 -57.26 14.49 -24.39
N VAL A 205 -56.09 13.87 -24.26
CA VAL A 205 -54.90 14.43 -24.90
C VAL A 205 -55.06 14.33 -26.39
N GLN A 206 -55.58 13.20 -26.81
CA GLN A 206 -55.82 12.94 -28.21
C GLN A 206 -56.89 13.90 -28.73
N ALA A 207 -57.61 14.52 -27.80
CA ALA A 207 -58.68 15.44 -28.16
C ALA A 207 -58.13 16.81 -28.53
N PHE A 208 -57.36 17.43 -27.63
CA PHE A 208 -56.83 18.76 -27.91
C PHE A 208 -55.59 18.70 -28.79
N THR A 209 -55.04 17.50 -28.98
CA THR A 209 -53.87 17.35 -29.83
C THR A 209 -54.29 17.11 -31.26
N HIS A 210 -55.60 16.92 -31.45
CA HIS A 210 -56.14 16.67 -32.78
C HIS A 210 -55.26 15.68 -33.53
N ALA A 211 -54.53 14.88 -32.76
CA ALA A 211 -53.64 13.89 -33.33
C ALA A 211 -53.60 12.66 -32.42
N PRO A 212 -52.91 11.63 -32.83
CA PRO A 212 -52.79 10.39 -32.02
C PRO A 212 -51.89 10.62 -30.82
N ALA A 213 -52.38 10.24 -29.66
CA ALA A 213 -51.60 10.40 -28.44
C ALA A 213 -51.67 9.17 -27.57
N THR A 214 -50.60 8.96 -26.82
CA THR A 214 -50.49 7.84 -25.89
C THR A 214 -50.17 8.39 -24.52
N LEU A 215 -50.97 8.06 -23.52
CA LEU A 215 -50.72 8.59 -22.20
C LEU A 215 -50.92 7.58 -21.08
N GLU A 216 -49.95 7.56 -20.17
CA GLU A 216 -49.98 6.69 -19.03
C GLU A 216 -49.99 7.54 -17.77
N ALA A 217 -51.11 7.60 -17.08
CA ALA A 217 -51.19 8.42 -15.88
C ALA A 217 -50.70 7.65 -14.66
N ASP A 218 -49.39 7.68 -14.48
CA ASP A 218 -48.76 7.00 -13.36
C ASP A 218 -47.38 7.58 -13.12
N ARG A 219 -46.85 7.45 -11.91
CA ARG A 219 -45.52 7.98 -11.64
C ARG A 219 -44.52 7.25 -12.48
N GLY A 220 -44.06 7.93 -13.51
CA GLY A 220 -43.12 7.36 -14.46
C GLY A 220 -43.87 6.98 -15.71
N GLY A 221 -45.17 7.29 -15.71
CA GLY A 221 -46.00 7.00 -16.86
C GLY A 221 -45.44 7.69 -18.08
N LYS A 222 -45.55 7.04 -19.22
CA LYS A 222 -45.01 7.62 -20.44
C LYS A 222 -46.10 8.22 -21.30
N PHE A 223 -45.96 9.50 -21.60
CA PHE A 223 -46.92 10.18 -22.44
C PHE A 223 -46.29 10.59 -23.75
N HIS A 224 -46.99 10.26 -24.81
CA HIS A 224 -46.56 10.53 -26.16
C HIS A 224 -47.71 11.25 -26.86
N MET A 225 -47.43 12.34 -27.54
CA MET A 225 -48.51 13.08 -28.18
C MET A 225 -48.11 13.72 -29.50
N VAL A 226 -49.06 14.46 -30.07
CA VAL A 226 -48.85 15.15 -31.34
C VAL A 226 -48.18 14.21 -32.34
N ASP A 227 -48.94 13.23 -32.82
CA ASP A 227 -48.41 12.27 -33.77
C ASP A 227 -47.09 11.72 -33.26
N GLY A 228 -47.01 11.64 -31.94
CA GLY A 228 -45.83 11.11 -31.28
C GLY A 228 -44.65 12.06 -31.38
N ASN A 229 -44.91 13.32 -31.74
CA ASN A 229 -43.84 14.29 -31.85
C ASN A 229 -43.48 14.85 -30.48
N VAL A 230 -44.33 14.55 -29.49
CA VAL A 230 -44.09 14.98 -28.13
C VAL A 230 -44.07 13.77 -27.22
N SER A 231 -43.06 13.68 -26.38
CA SER A 231 -42.94 12.53 -25.49
C SER A 231 -42.35 12.94 -24.15
N GLY A 232 -42.53 12.08 -23.15
CA GLY A 232 -42.00 12.37 -21.82
C GLY A 232 -42.53 11.38 -20.78
N GLU A 233 -42.18 11.62 -19.53
CA GLU A 233 -42.60 10.75 -18.45
C GLU A 233 -43.14 11.56 -17.29
N PHE A 234 -43.96 10.94 -16.47
CA PHE A 234 -44.51 11.62 -15.32
C PHE A 234 -43.65 11.36 -14.10
N THR A 235 -43.02 12.41 -13.61
CA THR A 235 -42.18 12.30 -12.42
C THR A 235 -43.05 12.37 -11.17
N ASP A 236 -44.23 12.98 -11.31
CA ASP A 236 -45.15 13.11 -10.20
C ASP A 236 -46.56 13.35 -10.70
N LEU A 237 -47.53 12.78 -9.99
CA LEU A 237 -48.93 12.97 -10.36
C LEU A 237 -49.79 13.06 -9.11
N VAL A 238 -50.01 14.28 -8.65
CA VAL A 238 -50.84 14.50 -7.49
C VAL A 238 -52.28 14.71 -7.97
N PRO A 239 -53.24 13.94 -7.50
CA PRO A 239 -54.64 14.06 -7.97
C PRO A 239 -55.14 15.50 -8.04
N GLU A 240 -55.30 16.00 -9.28
CA GLU A 240 -55.81 17.35 -9.49
C GLU A 240 -55.06 18.39 -8.68
N LYS A 241 -53.87 18.06 -8.23
CA LYS A 241 -53.10 18.97 -7.41
C LYS A 241 -51.78 19.38 -8.03
N HIS A 242 -51.06 18.44 -8.62
CA HIS A 242 -49.75 18.78 -9.16
C HIS A 242 -49.16 17.65 -9.99
N ILE A 243 -48.48 18.02 -11.06
CA ILE A 243 -47.86 17.03 -11.92
C ILE A 243 -46.45 17.43 -12.32
N VAL A 244 -45.52 16.51 -12.12
CA VAL A 244 -44.16 16.73 -12.51
C VAL A 244 -43.84 15.74 -13.61
N MET A 245 -43.46 16.24 -14.77
CA MET A 245 -43.17 15.35 -15.88
C MET A 245 -42.01 15.87 -16.71
N LYS A 246 -41.38 14.95 -17.40
CA LYS A 246 -40.28 15.29 -18.29
C LYS A 246 -40.88 15.52 -19.66
N TRP A 247 -40.30 16.42 -20.46
CA TRP A 247 -40.92 16.74 -21.75
C TRP A 247 -39.92 16.95 -22.86
N ARG A 248 -40.35 16.68 -24.11
CA ARG A 248 -39.48 16.90 -25.27
C ARG A 248 -40.24 16.93 -26.57
N PHE A 249 -39.50 17.26 -27.63
CA PHE A 249 -40.03 17.31 -28.98
C PHE A 249 -39.37 16.22 -29.81
N LYS A 250 -39.98 15.88 -30.93
CA LYS A 250 -39.43 14.85 -31.80
C LYS A 250 -38.11 15.32 -32.41
N SER A 251 -37.88 16.63 -32.38
CA SER A 251 -36.67 17.19 -32.95
C SER A 251 -35.59 17.39 -31.90
N TRP A 252 -35.85 16.94 -30.68
CA TRP A 252 -34.88 17.10 -29.61
C TRP A 252 -33.88 15.95 -29.58
N PRO A 253 -32.71 16.19 -29.04
CA PRO A 253 -31.67 15.14 -28.93
C PRO A 253 -32.18 13.94 -28.15
N GLU A 254 -31.68 12.76 -28.49
CA GLU A 254 -32.09 11.55 -27.80
C GLU A 254 -31.65 11.62 -26.34
N GLY A 255 -32.59 11.41 -25.43
CA GLY A 255 -32.29 11.46 -24.01
C GLY A 255 -32.30 12.90 -23.50
N HIS A 256 -32.98 13.79 -24.23
CA HIS A 256 -33.04 15.19 -23.82
C HIS A 256 -34.47 15.63 -23.58
N PHE A 257 -34.78 15.88 -22.32
CA PHE A 257 -36.11 16.33 -21.95
C PHE A 257 -36.03 17.57 -21.08
N ALA A 258 -37.17 18.22 -20.94
CA ALA A 258 -37.26 19.42 -20.13
C ALA A 258 -38.13 19.12 -18.91
N THR A 259 -37.65 19.50 -17.73
CA THR A 259 -38.44 19.25 -16.53
C THR A 259 -39.61 20.21 -16.47
N ILE A 260 -40.82 19.65 -16.46
CA ILE A 260 -42.03 20.46 -16.41
C ILE A 260 -42.83 20.15 -15.17
N THR A 261 -43.36 21.19 -14.54
CA THR A 261 -44.17 20.99 -13.35
C THR A 261 -45.45 21.80 -13.45
N LEU A 262 -46.57 21.09 -13.36
CA LEU A 262 -47.86 21.72 -13.44
C LEU A 262 -48.58 21.68 -12.10
N THR A 263 -49.21 22.78 -11.73
CA THR A 263 -49.94 22.85 -10.47
C THR A 263 -51.39 23.23 -10.74
N PHE A 264 -52.30 22.66 -9.96
CA PHE A 264 -53.72 22.93 -10.16
C PHE A 264 -54.29 23.75 -9.00
N ILE A 265 -55.02 24.80 -9.37
CA ILE A 265 -55.62 25.70 -8.38
C ILE A 265 -57.09 25.95 -8.62
N ASP A 266 -57.83 25.94 -7.53
CA ASP A 266 -59.25 26.18 -7.56
C ASP A 266 -59.54 27.68 -7.45
N LYS A 267 -60.16 28.23 -8.49
CA LYS A 267 -60.47 29.65 -8.51
C LYS A 267 -61.97 29.91 -8.38
N ASN A 268 -62.70 28.90 -7.95
CA ASN A 268 -64.13 29.05 -7.75
C ASN A 268 -64.83 29.37 -9.06
N GLY A 269 -64.64 28.53 -10.05
CA GLY A 269 -65.25 28.72 -11.36
C GLY A 269 -64.30 28.34 -12.44
N GLU A 270 -63.03 28.69 -12.24
CA GLU A 270 -62.01 28.38 -13.20
C GLU A 270 -60.77 27.83 -12.50
N THR A 271 -59.69 27.62 -13.23
CA THR A 271 -58.48 27.07 -12.63
C THR A 271 -57.23 27.77 -13.12
N GLU A 272 -56.29 28.01 -12.20
CA GLU A 272 -55.03 28.64 -12.56
C GLU A 272 -53.94 27.57 -12.58
N LEU A 273 -53.49 27.24 -13.78
CA LEU A 273 -52.45 26.24 -13.93
C LEU A 273 -51.09 26.90 -13.82
N CYS A 274 -50.33 26.50 -12.83
CA CYS A 274 -49.01 27.06 -12.62
C CYS A 274 -47.94 26.14 -13.19
N MET A 275 -47.53 26.43 -14.42
CA MET A 275 -46.51 25.61 -15.08
C MET A 275 -45.11 26.09 -14.72
N GLU A 276 -44.14 25.21 -14.89
CA GLU A 276 -42.76 25.57 -14.59
C GLU A 276 -41.84 24.65 -15.38
N GLY A 277 -41.42 25.11 -16.54
CA GLY A 277 -40.56 24.32 -17.40
C GLY A 277 -39.11 24.77 -17.35
N ARG A 278 -38.22 23.80 -17.29
CA ARG A 278 -36.79 24.07 -17.26
C ARG A 278 -36.05 22.93 -17.94
N GLY A 279 -34.92 23.24 -18.55
CA GLY A 279 -34.15 22.22 -19.26
C GLY A 279 -34.44 22.31 -20.75
N ILE A 280 -35.43 23.12 -21.08
CA ILE A 280 -35.81 23.33 -22.47
C ILE A 280 -34.61 23.87 -23.25
N PRO A 281 -34.18 23.21 -24.29
CA PRO A 281 -33.03 23.69 -25.07
C PRO A 281 -33.21 25.11 -25.53
N ALA A 282 -32.18 25.92 -25.28
CA ALA A 282 -32.21 27.32 -25.66
C ALA A 282 -32.59 27.49 -27.14
N PRO A 283 -32.01 26.73 -28.04
CA PRO A 283 -32.35 26.86 -29.49
C PRO A 283 -33.82 26.56 -29.73
N GLU A 284 -34.33 25.62 -28.96
CA GLU A 284 -35.72 25.20 -29.09
C GLU A 284 -36.62 25.96 -28.12
N GLU A 285 -36.02 26.83 -27.31
CA GLU A 285 -36.78 27.60 -26.34
C GLU A 285 -37.98 28.30 -26.96
N GLU A 286 -37.73 29.07 -28.00
CA GLU A 286 -38.82 29.78 -28.64
C GLU A 286 -39.87 28.79 -29.13
N ARG A 287 -39.41 27.68 -29.69
CA ARG A 287 -40.32 26.65 -30.19
C ARG A 287 -41.16 26.02 -29.08
N THR A 288 -40.48 25.52 -28.06
CA THR A 288 -41.16 24.87 -26.95
C THR A 288 -42.30 25.72 -26.41
N ARG A 289 -42.00 26.93 -25.99
CA ARG A 289 -43.00 27.80 -25.44
C ARG A 289 -44.14 28.03 -26.43
N GLN A 290 -43.78 28.27 -27.68
CA GLN A 290 -44.79 28.51 -28.72
C GLN A 290 -45.62 27.27 -28.97
N GLY A 291 -44.95 26.12 -29.02
CA GLY A 291 -45.64 24.85 -29.26
C GLY A 291 -46.27 24.31 -27.99
N TRP A 292 -46.25 25.12 -26.94
CA TRP A 292 -46.83 24.68 -25.68
C TRP A 292 -48.30 25.09 -25.57
N GLN A 293 -48.56 26.29 -25.05
CA GLN A 293 -49.91 26.79 -24.89
C GLN A 293 -50.77 26.49 -26.12
N ARG A 294 -50.22 26.77 -27.30
CA ARG A 294 -50.95 26.54 -28.54
C ARG A 294 -51.51 25.12 -28.58
N TYR A 295 -50.68 24.14 -28.23
CA TYR A 295 -51.11 22.75 -28.24
C TYR A 295 -51.58 22.36 -26.84
N TYR A 296 -51.19 23.14 -25.84
CA TYR A 296 -51.56 22.83 -24.46
C TYR A 296 -52.79 23.60 -24.02
N PHE A 297 -52.55 24.77 -23.44
CA PHE A 297 -53.62 25.60 -22.92
C PHE A 297 -54.52 26.11 -24.05
N GLU A 298 -53.96 26.97 -24.88
CA GLU A 298 -54.72 27.52 -25.98
C GLU A 298 -55.39 26.40 -26.77
N GLY A 299 -54.76 25.23 -26.82
CA GLY A 299 -55.33 24.08 -27.52
C GLY A 299 -56.52 23.53 -26.74
N ILE A 300 -56.28 23.16 -25.49
CA ILE A 300 -57.34 22.63 -24.65
C ILE A 300 -58.48 23.63 -24.55
N LYS A 301 -58.11 24.87 -24.26
CA LYS A 301 -59.08 25.94 -24.15
C LYS A 301 -59.92 26.01 -25.41
N GLN A 302 -59.30 25.66 -26.53
CA GLN A 302 -59.98 25.68 -27.81
C GLN A 302 -60.82 24.42 -28.00
N THR A 303 -60.16 23.27 -27.86
CA THR A 303 -60.81 21.98 -28.02
C THR A 303 -61.84 21.71 -26.94
N PHE A 304 -61.45 21.90 -25.69
CA PHE A 304 -62.35 21.64 -24.57
C PHE A 304 -63.25 22.84 -24.32
N GLY A 305 -62.75 24.02 -24.61
CA GLY A 305 -63.52 25.23 -24.42
C GLY A 305 -63.30 25.80 -23.02
N TYR A 306 -62.09 25.61 -22.52
CA TYR A 306 -61.73 26.08 -21.20
C TYR A 306 -61.02 27.43 -21.24
N GLY A 307 -61.26 28.22 -22.27
CA GLY A 307 -60.65 29.53 -22.37
C GLY A 307 -61.62 30.63 -21.97
N ALA A 308 -61.13 31.86 -21.91
CA ALA A 308 -61.97 33.00 -21.56
C ALA A 308 -62.22 33.89 -22.76
N THR A 1 -8.66 -8.79 23.49
CA THR A 1 -8.37 -7.45 23.99
C THR A 1 -6.91 -7.10 23.76
N GLU A 2 -6.62 -6.55 22.58
CA GLU A 2 -5.25 -6.16 22.25
C GLU A 2 -5.08 -4.65 22.33
N ARG A 3 -3.93 -4.21 22.81
CA ARG A 3 -3.65 -2.79 22.93
C ARG A 3 -3.10 -2.25 21.61
N ASP A 4 -3.51 -1.05 21.25
CA ASP A 4 -3.03 -0.45 20.01
C ASP A 4 -1.69 0.21 20.24
N ALA A 5 -0.66 -0.32 19.59
CA ALA A 5 0.68 0.22 19.73
C ALA A 5 0.70 1.72 19.46
N SER A 6 0.44 2.50 20.50
CA SER A 6 0.42 3.95 20.36
C SER A 6 1.83 4.51 20.39
N ASN A 7 2.74 3.78 21.03
CA ASN A 7 4.13 4.21 21.14
C ASN A 7 4.77 4.37 19.76
N TRP A 8 4.55 3.40 18.87
CA TRP A 8 5.11 3.49 17.53
C TRP A 8 4.36 4.49 16.69
N SER A 9 3.10 4.74 17.03
CA SER A 9 2.28 5.68 16.28
C SER A 9 2.88 7.08 16.32
N THR A 10 2.71 7.76 17.43
CA THR A 10 3.25 9.10 17.57
C THR A 10 4.74 9.12 17.21
N ASP A 11 5.47 8.16 17.72
CA ASP A 11 6.91 8.08 17.47
C ASP A 11 7.25 8.20 15.99
N LYS A 12 6.55 7.45 15.14
CA LYS A 12 6.81 7.50 13.71
C LYS A 12 6.07 8.66 13.07
N LEU A 13 4.78 8.76 13.34
CA LEU A 13 3.97 9.83 12.78
C LEU A 13 4.56 11.19 13.14
N LYS A 14 4.98 11.35 14.39
CA LYS A 14 5.56 12.62 14.82
C LYS A 14 6.85 12.88 14.07
N THR A 15 7.68 11.85 13.98
CA THR A 15 8.96 11.96 13.28
C THR A 15 8.72 12.26 11.81
N LEU A 16 7.84 11.47 11.21
CA LEU A 16 7.50 11.64 9.81
C LEU A 16 6.94 13.03 9.57
N PHE A 17 6.26 13.56 10.58
CA PHE A 17 5.68 14.90 10.48
C PHE A 17 6.78 15.96 10.69
N LEU A 18 7.67 15.70 11.63
CA LEU A 18 8.76 16.64 11.91
C LEU A 18 9.89 16.39 10.93
N ALA A 19 9.63 15.49 9.98
CA ALA A 19 10.61 15.14 8.97
C ALA A 19 10.12 15.58 7.60
N VAL A 20 9.11 16.44 7.60
CA VAL A 20 8.58 16.92 6.34
C VAL A 20 9.72 17.42 5.47
N GLN A 21 9.74 16.97 4.23
CA GLN A 21 10.81 17.34 3.33
C GLN A 21 10.40 18.40 2.34
N VAL A 22 11.39 19.16 1.89
CA VAL A 22 11.18 20.24 0.95
C VAL A 22 11.80 19.93 -0.39
N GLN A 23 11.18 20.48 -1.44
CA GLN A 23 11.67 20.33 -2.79
C GLN A 23 12.28 21.65 -3.24
N ASN A 24 11.74 22.24 -4.29
CA ASN A 24 12.23 23.52 -4.80
C ASN A 24 11.38 24.65 -4.23
N GLU A 25 11.92 25.88 -4.28
CA GLU A 25 11.19 27.02 -3.76
C GLU A 25 9.80 27.08 -4.41
N GLU A 26 9.69 26.48 -5.59
CA GLU A 26 8.43 26.46 -6.31
C GLU A 26 7.36 25.80 -5.47
N GLY A 27 7.71 24.67 -4.91
CA GLY A 27 6.81 23.90 -4.06
C GLY A 27 7.58 23.16 -2.98
N LYS A 28 8.10 23.91 -2.03
CA LYS A 28 8.88 23.33 -0.94
C LYS A 28 8.02 23.14 0.30
N CYS A 29 8.49 22.28 1.21
CA CYS A 29 7.75 22.02 2.44
C CYS A 29 8.70 21.86 3.61
N GLU A 30 8.36 22.46 4.75
CA GLU A 30 9.20 22.37 5.93
C GLU A 30 8.35 22.30 7.19
N VAL A 31 8.75 21.49 8.15
CA VAL A 31 8.00 21.39 9.41
C VAL A 31 8.58 22.31 10.47
N THR A 32 7.71 23.01 11.20
CA THR A 32 8.16 23.91 12.25
C THR A 32 7.92 23.29 13.63
N GLU A 33 6.85 22.51 13.75
CA GLU A 33 6.51 21.87 15.01
C GLU A 33 5.28 20.99 14.87
N VAL A 34 5.35 19.79 15.43
CA VAL A 34 4.23 18.86 15.37
C VAL A 34 3.87 18.37 16.76
N SER A 35 2.57 18.35 17.07
CA SER A 35 2.14 17.88 18.37
C SER A 35 2.20 16.36 18.43
N LYS A 36 1.06 15.73 18.12
CA LYS A 36 0.95 14.26 18.10
C LYS A 36 -0.53 13.87 18.11
N LEU A 37 -0.84 12.69 17.58
CA LEU A 37 -2.22 12.22 17.55
C LEU A 37 -2.78 12.14 18.95
N ASP A 38 -3.56 13.14 19.34
CA ASP A 38 -4.14 13.18 20.68
C ASP A 38 -5.56 12.64 20.65
N GLY A 39 -5.77 11.54 21.34
CA GLY A 39 -7.09 10.94 21.38
C GLY A 39 -7.04 9.54 21.96
N GLU A 40 -8.14 8.81 21.83
CA GLU A 40 -8.20 7.45 22.36
C GLU A 40 -8.24 6.45 21.21
N ALA A 41 -7.40 5.42 21.30
CA ALA A 41 -7.36 4.40 20.24
C ALA A 41 -7.23 3.01 20.84
N SER A 42 -7.82 2.03 20.15
CA SER A 42 -7.77 0.65 20.62
C SER A 42 -8.14 -0.31 19.49
N ILE A 43 -7.35 -1.36 19.31
CA ILE A 43 -7.62 -2.35 18.28
C ILE A 43 -7.59 -3.75 18.88
N ASN A 44 -8.39 -4.65 18.31
CA ASN A 44 -8.43 -6.03 18.80
C ASN A 44 -7.94 -6.98 17.72
N ASN A 45 -7.06 -7.90 18.08
CA ASN A 45 -6.54 -8.85 17.10
C ASN A 45 -5.93 -10.06 17.79
N ARG A 46 -5.78 -11.13 17.02
CA ARG A 46 -5.19 -12.36 17.52
C ARG A 46 -4.77 -13.27 16.38
N LYS A 47 -3.95 -12.73 15.48
CA LYS A 47 -3.44 -13.50 14.35
C LYS A 47 -4.57 -14.21 13.60
N GLY A 48 -5.46 -13.43 12.97
CA GLY A 48 -6.56 -14.02 12.21
C GLY A 48 -7.91 -13.37 12.55
N LYS A 49 -7.86 -12.13 13.03
CA LYS A 49 -9.08 -11.40 13.35
C LYS A 49 -8.73 -9.94 13.67
N LEU A 50 -8.31 -9.21 12.64
CA LEU A 50 -7.92 -7.82 12.83
C LEU A 50 -9.10 -6.87 12.68
N ILE A 51 -9.35 -6.09 13.74
CA ILE A 51 -10.40 -5.09 13.73
C ILE A 51 -9.84 -3.79 14.29
N PHE A 52 -10.20 -2.66 13.70
CA PHE A 52 -9.66 -1.39 14.17
C PHE A 52 -10.75 -0.43 14.62
N PHE A 53 -10.57 0.15 15.80
CA PHE A 53 -11.52 1.12 16.34
C PHE A 53 -10.77 2.22 17.09
N TYR A 54 -10.81 3.43 16.56
CA TYR A 54 -10.11 4.55 17.19
C TYR A 54 -10.79 5.88 16.87
N GLU A 55 -10.45 6.90 17.67
CA GLU A 55 -11.01 8.23 17.47
C GLU A 55 -10.03 9.28 18.00
N TRP A 56 -9.14 9.74 17.12
CA TRP A 56 -8.15 10.74 17.53
C TRP A 56 -7.89 11.76 16.42
N SER A 57 -7.34 12.90 16.82
CA SER A 57 -7.03 13.97 15.88
C SER A 57 -5.58 14.40 16.04
N VAL A 58 -4.97 14.87 14.95
CA VAL A 58 -3.59 15.31 15.00
C VAL A 58 -3.48 16.77 14.55
N LYS A 59 -2.60 17.52 15.20
CA LYS A 59 -2.43 18.93 14.87
C LYS A 59 -0.96 19.29 14.69
N LEU A 60 -0.64 19.89 13.55
CA LEU A 60 0.75 20.29 13.30
C LEU A 60 0.79 21.53 12.40
N ASN A 61 1.99 22.07 12.20
CA ASN A 61 2.17 23.25 11.36
C ASN A 61 3.43 23.14 10.50
N TRP A 62 3.41 23.75 9.31
CA TRP A 62 4.57 23.71 8.42
C TRP A 62 4.75 25.04 7.70
N THR A 63 5.89 25.17 7.00
CA THR A 63 6.19 26.37 6.25
C THR A 63 6.46 26.04 4.80
N GLY A 64 6.01 26.91 3.90
CA GLY A 64 6.21 26.69 2.47
C GLY A 64 6.65 27.97 1.78
N THR A 65 7.80 27.91 1.11
CA THR A 65 8.32 29.08 0.39
C THR A 65 7.96 28.99 -1.07
N SER A 66 7.72 30.14 -1.68
CA SER A 66 7.37 30.18 -3.09
C SER A 66 8.47 30.83 -3.90
N LYS A 67 8.56 30.45 -5.17
CA LYS A 67 9.58 31.01 -6.04
C LYS A 67 9.47 32.52 -6.05
N SER A 68 8.27 33.03 -5.80
CA SER A 68 8.04 34.47 -5.75
C SER A 68 8.88 35.10 -4.66
N GLY A 69 9.22 34.30 -3.65
CA GLY A 69 10.03 34.77 -2.54
C GLY A 69 9.19 35.00 -1.30
N VAL A 70 8.04 34.31 -1.22
CA VAL A 70 7.16 34.47 -0.08
C VAL A 70 7.09 33.20 0.77
N GLN A 71 7.20 33.37 2.08
CA GLN A 71 7.12 32.25 3.00
C GLN A 71 5.86 32.38 3.84
N TYR A 72 5.20 31.27 4.11
CA TYR A 72 3.99 31.32 4.91
C TYR A 72 3.86 30.05 5.73
N LYS A 73 3.44 30.22 6.97
CA LYS A 73 3.28 29.09 7.86
C LYS A 73 1.80 28.77 8.02
N GLY A 74 1.37 27.66 7.44
CA GLY A 74 -0.02 27.25 7.51
C GLY A 74 -0.26 26.26 8.65
N HIS A 75 -1.54 25.94 8.86
CA HIS A 75 -1.92 25.01 9.90
C HIS A 75 -2.71 23.85 9.30
N VAL A 76 -2.52 22.66 9.84
CA VAL A 76 -3.22 21.48 9.36
C VAL A 76 -3.70 20.65 10.55
N GLU A 77 -4.92 20.16 10.46
CA GLU A 77 -5.47 19.36 11.55
C GLU A 77 -6.58 18.45 11.05
N ILE A 78 -6.50 17.18 11.40
CA ILE A 78 -7.52 16.23 10.97
C ILE A 78 -8.37 15.80 12.17
N PRO A 79 -9.67 15.96 12.13
CA PRO A 79 -10.55 15.58 13.26
C PRO A 79 -10.37 14.13 13.70
N ASN A 80 -11.42 13.57 14.30
CA ASN A 80 -11.39 12.20 14.80
C ASN A 80 -11.73 11.17 13.72
N LEU A 81 -11.33 11.43 12.48
CA LEU A 81 -11.62 10.49 11.41
C LEU A 81 -11.13 9.10 11.81
N SER A 82 -11.86 8.07 11.41
CA SER A 82 -11.49 6.70 11.75
C SER A 82 -10.67 6.07 10.64
N ASP A 83 -9.55 5.47 11.03
CA ASP A 83 -8.66 4.81 10.07
C ASP A 83 -9.18 3.42 9.71
N GLU A 84 -10.38 3.10 10.16
CA GLU A 84 -10.98 1.81 9.85
C GLU A 84 -11.16 1.68 8.35
N ASN A 85 -11.09 2.83 7.69
CA ASN A 85 -11.23 2.90 6.24
C ASN A 85 -9.94 3.40 5.62
N SER A 86 -9.94 3.62 4.31
CA SER A 86 -8.75 4.10 3.65
C SER A 86 -8.19 5.30 4.40
N VAL A 87 -7.08 5.08 5.09
CA VAL A 87 -6.45 6.14 5.87
C VAL A 87 -6.11 7.33 5.00
N ASP A 88 -5.59 7.05 3.81
CA ASP A 88 -5.21 8.10 2.87
C ASP A 88 -6.38 9.03 2.56
N GLU A 89 -7.58 8.47 2.50
CA GLU A 89 -8.77 9.27 2.19
C GLU A 89 -9.23 10.08 3.41
N VAL A 90 -8.52 9.91 4.52
CA VAL A 90 -8.87 10.64 5.74
C VAL A 90 -8.93 12.13 5.49
N GLU A 91 -9.96 12.75 6.04
CA GLU A 91 -10.15 14.19 5.87
C GLU A 91 -9.12 14.98 6.66
N ILE A 92 -8.28 15.69 5.92
CA ILE A 92 -7.24 16.51 6.51
C ILE A 92 -7.51 17.98 6.23
N SER A 93 -7.24 18.83 7.22
CA SER A 93 -7.46 20.25 7.04
C SER A 93 -6.16 20.93 6.65
N VAL A 94 -6.24 21.87 5.72
CA VAL A 94 -5.05 22.57 5.26
C VAL A 94 -5.28 24.08 5.19
N SER A 95 -4.30 24.83 5.69
CA SER A 95 -4.38 26.28 5.67
C SER A 95 -3.00 26.84 5.33
N LEU A 96 -2.49 26.46 4.17
CA LEU A 96 -1.18 26.91 3.72
C LEU A 96 -1.25 27.50 2.32
N ALA A 97 -0.47 28.56 2.11
CA ALA A 97 -0.41 29.21 0.81
C ALA A 97 -1.73 29.87 0.45
N LYS A 98 -2.83 29.37 1.00
CA LYS A 98 -4.14 29.93 0.69
C LYS A 98 -4.20 31.41 1.09
N ASP A 99 -3.51 31.75 2.17
CA ASP A 99 -3.49 33.13 2.65
C ASP A 99 -2.45 33.97 1.92
N GLU A 100 -1.48 33.31 1.29
CA GLU A 100 -0.42 34.05 0.57
C GLU A 100 -0.42 33.72 -0.92
N PRO A 101 0.12 34.60 -1.73
CA PRO A 101 0.19 34.40 -3.21
C PRO A 101 0.77 33.03 -3.58
N ASP A 102 1.33 32.34 -2.61
CA ASP A 102 1.93 31.04 -2.85
C ASP A 102 0.89 30.04 -3.37
N THR A 103 -0.30 30.06 -2.77
CA THR A 103 -1.41 29.17 -3.17
C THR A 103 -0.94 27.89 -3.86
N ASN A 104 -0.54 28.01 -5.13
CA ASN A 104 -0.10 26.85 -5.88
C ASN A 104 0.84 25.98 -5.05
N LEU A 105 1.63 26.62 -4.19
CA LEU A 105 2.57 25.89 -3.35
C LEU A 105 1.87 24.77 -2.59
N VAL A 106 0.77 25.11 -1.94
CA VAL A 106 0.03 24.10 -1.17
C VAL A 106 -0.52 23.02 -2.09
N ALA A 107 -0.82 23.38 -3.34
CA ALA A 107 -1.33 22.41 -4.29
C ALA A 107 -0.41 21.21 -4.34
N LEU A 108 0.89 21.49 -4.37
CA LEU A 108 1.88 20.41 -4.39
C LEU A 108 1.85 19.68 -3.06
N MET A 109 1.70 20.44 -1.98
CA MET A 109 1.65 19.86 -0.65
C MET A 109 0.48 18.89 -0.57
N LYS A 110 -0.59 19.22 -1.28
CA LYS A 110 -1.75 18.36 -1.30
C LYS A 110 -1.40 17.03 -1.97
N GLU A 111 -0.45 17.09 -2.91
CA GLU A 111 -0.04 15.89 -3.63
C GLU A 111 1.31 15.39 -3.12
N GLU A 112 1.91 16.13 -2.20
CA GLU A 112 3.21 15.76 -1.67
C GLU A 112 3.29 15.97 -0.16
N GLY A 113 2.66 17.03 0.32
CA GLY A 113 2.68 17.33 1.75
C GLY A 113 1.75 16.38 2.49
N VAL A 114 0.44 16.59 2.33
CA VAL A 114 -0.52 15.72 2.97
C VAL A 114 -0.21 14.29 2.57
N LYS A 115 0.22 14.12 1.32
CA LYS A 115 0.59 12.80 0.85
C LYS A 115 1.70 12.25 1.72
N LEU A 116 2.65 13.11 2.07
CA LEU A 116 3.74 12.68 2.91
C LEU A 116 3.15 11.90 4.08
N LEU A 117 2.01 12.38 4.54
CA LEU A 117 1.30 11.73 5.63
C LEU A 117 0.81 10.37 5.16
N ARG A 118 0.45 10.30 3.87
CA ARG A 118 -0.02 9.03 3.32
C ARG A 118 1.01 7.97 3.65
N GLU A 119 2.27 8.35 3.51
CA GLU A 119 3.35 7.43 3.84
C GLU A 119 3.25 7.08 5.31
N ALA A 120 2.81 8.06 6.11
CA ALA A 120 2.65 7.82 7.54
C ALA A 120 1.60 6.74 7.72
N MET A 121 0.70 6.63 6.76
CA MET A 121 -0.33 5.60 6.82
C MET A 121 0.32 4.23 6.65
N GLY A 122 1.40 4.19 5.88
CA GLY A 122 2.12 2.95 5.65
C GLY A 122 2.64 2.34 6.95
N ILE A 123 3.39 3.13 7.71
CA ILE A 123 3.94 2.64 8.97
C ILE A 123 2.83 2.45 10.01
N TYR A 124 1.89 3.38 10.03
CA TYR A 124 0.79 3.31 10.97
C TYR A 124 0.02 2.01 10.78
N ILE A 125 -0.22 1.66 9.53
CA ILE A 125 -0.95 0.43 9.24
C ILE A 125 -0.02 -0.77 9.39
N SER A 126 1.18 -0.63 8.87
CA SER A 126 2.17 -1.71 8.93
C SER A 126 2.72 -1.92 10.34
N THR A 127 3.39 -0.91 10.88
CA THR A 127 3.99 -1.05 12.20
C THR A 127 2.97 -1.35 13.29
N LEU A 128 1.86 -0.62 13.29
CA LEU A 128 0.85 -0.84 14.31
C LEU A 128 0.29 -2.26 14.25
N LYS A 129 0.14 -2.78 13.04
CA LYS A 129 -0.40 -4.12 12.86
C LYS A 129 0.70 -5.15 12.66
N THR A 130 1.96 -4.71 12.69
CA THR A 130 3.08 -5.63 12.51
C THR A 130 3.94 -5.70 13.77
N GLU A 131 3.30 -5.71 14.92
CA GLU A 131 4.02 -5.77 16.18
C GLU A 131 3.41 -6.81 17.11
N PHE A 132 2.24 -6.49 17.66
CA PHE A 132 1.57 -7.40 18.58
C PHE A 132 1.30 -8.76 17.92
N THR A 133 0.90 -8.73 16.64
CA THR A 133 0.62 -9.98 15.94
C THR A 133 1.18 -9.92 14.51
N GLN A 134 1.42 -11.10 13.94
CA GLN A 134 1.96 -11.17 12.59
C GLN A 134 1.12 -12.12 11.74
N GLY A 135 1.21 -11.95 10.41
CA GLY A 135 0.45 -12.80 9.51
C GLY A 135 -0.29 -11.96 8.46
N MET A 136 0.33 -10.86 8.04
CA MET A 136 -0.27 -10.00 7.05
C MET A 136 0.10 -10.46 5.64
N ILE A 137 -0.89 -10.94 4.90
CA ILE A 137 -0.65 -11.42 3.55
C ILE A 137 -1.44 -10.60 2.54
N LEU A 138 -0.93 -10.55 1.31
CA LEU A 138 -1.60 -9.80 0.24
C LEU A 138 -1.74 -10.66 -1.01
N PRO A 139 -2.75 -11.48 -1.07
CA PRO A 139 -3.00 -12.39 -2.23
C PRO A 139 -3.47 -11.62 -3.46
N THR A 140 -3.06 -12.08 -4.63
CA THR A 140 -3.46 -11.44 -5.88
C THR A 140 -4.00 -12.49 -6.84
N MET A 141 -4.85 -12.06 -7.77
CA MET A 141 -5.41 -12.99 -8.74
C MET A 141 -6.29 -12.24 -9.74
N ASN A 142 -6.47 -12.85 -10.91
CA ASN A 142 -7.29 -12.24 -11.96
C ASN A 142 -8.68 -12.84 -11.97
N GLY A 143 -9.69 -12.00 -11.81
CA GLY A 143 -11.08 -12.46 -11.82
C GLY A 143 -12.05 -11.29 -11.95
N GLU A 144 -13.34 -11.58 -11.87
CA GLU A 144 -14.36 -10.56 -11.99
C GLU A 144 -15.41 -10.77 -10.91
N SER A 145 -16.10 -9.70 -10.55
CA SER A 145 -17.14 -9.80 -9.53
C SER A 145 -18.50 -9.44 -10.10
N VAL A 146 -19.54 -10.08 -9.59
CA VAL A 146 -20.90 -9.81 -10.07
C VAL A 146 -21.85 -9.59 -8.89
N ASP A 147 -22.81 -8.70 -9.09
CA ASP A 147 -23.79 -8.40 -8.04
C ASP A 147 -25.21 -8.55 -8.57
N PRO A 148 -25.69 -9.77 -8.65
CA PRO A 148 -27.06 -10.06 -9.16
C PRO A 148 -28.15 -9.59 -8.19
N VAL A 149 -29.28 -9.17 -8.74
CA VAL A 149 -30.39 -8.70 -7.92
C VAL A 149 -31.71 -9.10 -8.56
N GLY A 150 -32.59 -8.12 -8.76
CA GLY A 150 -33.88 -8.39 -9.39
C GLY A 150 -33.75 -8.33 -10.90
N GLN A 151 -33.87 -9.48 -11.55
CA GLN A 151 -33.76 -9.55 -13.00
C GLN A 151 -34.62 -10.69 -13.55
N PRO A 152 -35.03 -10.60 -14.79
CA PRO A 152 -35.86 -11.64 -15.44
C PRO A 152 -35.31 -13.06 -15.15
N ALA A 153 -34.68 -13.71 -16.13
CA ALA A 153 -34.15 -15.05 -15.92
C ALA A 153 -32.78 -15.18 -16.59
N LEU A 154 -31.97 -16.10 -16.08
CA LEU A 154 -30.64 -16.32 -16.64
C LEU A 154 -30.64 -17.53 -17.56
N LYS A 155 -30.10 -17.35 -18.76
CA LYS A 155 -30.03 -18.44 -19.73
C LYS A 155 -28.63 -18.56 -20.30
N THR A 156 -28.12 -19.79 -20.38
CA THR A 156 -26.79 -20.02 -20.91
C THR A 156 -26.85 -20.94 -22.13
N GLU A 157 -26.09 -20.61 -23.16
CA GLU A 157 -26.06 -21.42 -24.37
C GLU A 157 -24.69 -22.07 -24.55
N GLU A 158 -24.69 -23.29 -25.08
CA GLU A 158 -23.44 -24.02 -25.30
C GLU A 158 -23.22 -24.27 -26.78
N ARG A 159 -21.96 -24.29 -27.20
CA ARG A 159 -21.62 -24.51 -28.60
C ARG A 159 -22.16 -25.85 -29.08
N LYS A 160 -22.16 -26.84 -28.18
CA LYS A 160 -22.64 -28.18 -28.53
C LYS A 160 -23.62 -28.69 -27.48
N ALA A 161 -24.74 -29.23 -27.94
CA ALA A 161 -25.75 -29.76 -27.03
C ALA A 161 -26.46 -30.94 -27.68
N LYS A 162 -26.95 -31.86 -26.87
CA LYS A 162 -27.64 -33.03 -27.39
C LYS A 162 -29.12 -33.01 -27.01
N PRO A 163 -29.42 -32.68 -25.79
CA PRO A 163 -30.82 -32.62 -25.30
C PRO A 163 -31.59 -31.43 -25.87
N ALA A 164 -32.85 -31.65 -26.20
CA ALA A 164 -33.69 -30.60 -26.76
C ALA A 164 -35.01 -30.50 -25.99
N PRO A 165 -35.00 -29.83 -24.87
CA PRO A 165 -36.22 -29.65 -24.03
C PRO A 165 -37.23 -28.69 -24.66
N SER A 166 -38.50 -28.95 -24.42
CA SER A 166 -39.56 -28.10 -24.98
C SER A 166 -40.39 -27.48 -23.85
N LYS A 167 -40.98 -26.32 -24.13
CA LYS A 167 -41.80 -25.64 -23.14
C LYS A 167 -43.27 -25.98 -23.32
N THR A 168 -43.97 -26.17 -22.21
CA THR A 168 -45.39 -26.50 -22.26
C THR A 168 -46.20 -25.49 -21.44
N GLN A 169 -47.37 -25.13 -21.95
CA GLN A 169 -48.23 -24.18 -21.26
C GLN A 169 -49.51 -24.85 -20.78
N ALA A 170 -50.06 -24.36 -19.67
CA ALA A 170 -51.27 -24.93 -19.11
C ALA A 170 -52.47 -24.04 -19.40
N ARG A 171 -53.63 -24.65 -19.59
CA ARG A 171 -54.85 -23.90 -19.88
C ARG A 171 -55.96 -24.28 -18.90
N PRO A 172 -55.91 -23.74 -17.72
CA PRO A 172 -56.92 -24.03 -16.67
C PRO A 172 -58.31 -23.50 -17.05
N VAL A 173 -59.35 -24.24 -16.65
CA VAL A 173 -60.71 -23.84 -16.95
C VAL A 173 -61.02 -22.49 -16.31
N GLY A 174 -60.52 -22.27 -15.11
CA GLY A 174 -60.76 -21.03 -14.40
C GLY A 174 -59.49 -20.56 -13.67
N VAL A 175 -59.63 -19.47 -12.92
CA VAL A 175 -58.49 -18.92 -12.18
C VAL A 175 -58.83 -18.87 -10.70
N LYS A 176 -57.80 -18.88 -9.86
CA LYS A 176 -58.01 -18.83 -8.42
C LYS A 176 -58.71 -17.54 -8.06
N ILE A 177 -59.95 -17.43 -8.48
CA ILE A 177 -60.74 -16.24 -8.23
C ILE A 177 -61.80 -16.53 -7.18
N PRO A 178 -62.07 -15.61 -6.26
CA PRO A 178 -63.13 -15.83 -5.23
C PRO A 178 -64.40 -16.30 -5.90
N THR A 179 -65.31 -16.94 -5.17
CA THR A 179 -66.56 -17.35 -5.78
C THR A 179 -67.66 -17.55 -4.75
N CYS A 180 -68.90 -17.58 -5.23
CA CYS A 180 -70.05 -17.73 -4.33
C CYS A 180 -71.24 -18.34 -5.06
N LYS A 181 -72.28 -18.68 -4.30
CA LYS A 181 -73.49 -19.27 -4.89
C LYS A 181 -74.60 -18.24 -5.07
N ILE A 182 -75.25 -18.29 -6.22
CA ILE A 182 -76.34 -17.35 -6.52
C ILE A 182 -77.62 -18.12 -6.86
N THR A 183 -78.11 -18.89 -5.90
CA THR A 183 -79.32 -19.67 -6.11
C THR A 183 -80.54 -18.76 -6.03
N LEU A 184 -81.34 -18.77 -7.08
CA LEU A 184 -82.55 -17.96 -7.14
C LEU A 184 -83.76 -18.83 -7.42
N LYS A 185 -84.88 -18.53 -6.78
CA LYS A 185 -86.12 -19.29 -7.00
C LYS A 185 -87.28 -18.34 -7.26
N GLU A 186 -87.57 -18.10 -8.54
CA GLU A 186 -88.65 -17.20 -8.91
C GLU A 186 -89.79 -17.94 -9.60
N THR A 187 -90.98 -17.36 -9.52
CA THR A 187 -92.16 -17.95 -10.16
C THR A 187 -92.55 -17.12 -11.37
N PHE A 188 -92.83 -17.78 -12.48
CA PHE A 188 -93.19 -17.08 -13.71
C PHE A 188 -94.65 -17.28 -14.06
N LEU A 189 -95.28 -16.19 -14.46
CA LEU A 189 -96.68 -16.21 -14.84
C LEU A 189 -96.83 -16.84 -16.21
N THR A 190 -95.90 -17.72 -16.55
CA THR A 190 -95.91 -18.41 -17.84
C THR A 190 -95.61 -19.88 -17.65
N SER A 191 -95.91 -20.68 -18.66
CA SER A 191 -95.64 -22.11 -18.60
C SER A 191 -94.13 -22.35 -18.75
N PRO A 192 -93.63 -23.43 -18.22
CA PRO A 192 -92.17 -23.75 -18.31
C PRO A 192 -91.68 -23.77 -19.75
N GLU A 193 -92.54 -24.21 -20.65
CA GLU A 193 -92.20 -24.27 -22.06
C GLU A 193 -91.94 -22.87 -22.63
N GLU A 194 -92.80 -21.92 -22.24
CA GLU A 194 -92.67 -20.55 -22.72
C GLU A 194 -91.38 -19.90 -22.22
N LEU A 195 -91.13 -20.03 -20.93
CA LEU A 195 -89.93 -19.43 -20.32
C LEU A 195 -88.67 -20.05 -20.92
N TYR A 196 -88.75 -21.34 -21.22
CA TYR A 196 -87.63 -22.08 -21.79
C TYR A 196 -87.10 -21.40 -23.05
N ARG A 197 -88.02 -21.00 -23.91
CA ARG A 197 -87.65 -20.35 -25.16
C ARG A 197 -86.94 -19.04 -24.91
N VAL A 198 -87.37 -18.34 -23.88
CA VAL A 198 -86.79 -17.05 -23.53
C VAL A 198 -85.30 -17.21 -23.24
N PHE A 199 -84.96 -18.34 -22.63
CA PHE A 199 -83.58 -18.61 -22.30
C PHE A 199 -82.87 -19.35 -23.43
N THR A 200 -83.63 -19.82 -24.41
CA THR A 200 -83.02 -20.56 -25.52
C THR A 200 -83.38 -19.97 -26.87
N THR A 201 -83.92 -18.75 -26.88
CA THR A 201 -84.26 -18.11 -28.14
C THR A 201 -83.65 -16.72 -28.17
N GLN A 202 -82.71 -16.53 -29.10
CA GLN A 202 -81.99 -15.27 -29.23
C GLN A 202 -82.94 -14.07 -29.31
N GLU A 203 -83.92 -14.16 -30.19
CA GLU A 203 -84.89 -13.08 -30.37
C GLU A 203 -85.53 -12.71 -29.04
N LEU A 204 -85.95 -13.72 -28.32
CA LEU A 204 -86.59 -13.52 -27.03
C LEU A 204 -85.61 -12.90 -26.05
N VAL A 205 -84.36 -13.30 -26.15
CA VAL A 205 -83.32 -12.76 -25.28
C VAL A 205 -83.12 -11.31 -25.61
N GLN A 206 -83.12 -11.03 -26.90
CA GLN A 206 -82.97 -9.68 -27.37
C GLN A 206 -84.17 -8.84 -26.96
N ALA A 207 -85.24 -9.53 -26.56
CA ALA A 207 -86.46 -8.86 -26.15
C ALA A 207 -86.36 -8.33 -24.73
N PHE A 208 -86.06 -9.21 -23.77
CA PHE A 208 -85.99 -8.77 -22.38
C PHE A 208 -84.64 -8.13 -22.06
N THR A 209 -83.68 -8.25 -22.96
CA THR A 209 -82.38 -7.63 -22.74
C THR A 209 -82.38 -6.20 -23.25
N HIS A 210 -83.46 -5.85 -23.94
CA HIS A 210 -83.59 -4.51 -24.49
C HIS A 210 -82.29 -4.08 -25.15
N ALA A 211 -81.50 -5.07 -25.51
CA ALA A 211 -80.21 -4.82 -26.16
C ALA A 211 -79.91 -5.93 -27.14
N PRO A 212 -78.85 -5.80 -27.89
CA PRO A 212 -78.46 -6.83 -28.89
C PRO A 212 -77.87 -8.05 -28.20
N ALA A 213 -78.41 -9.21 -28.52
CA ALA A 213 -77.93 -10.45 -27.94
C ALA A 213 -77.83 -11.53 -28.99
N THR A 214 -76.93 -12.47 -28.73
CA THR A 214 -76.69 -13.59 -29.61
C THR A 214 -76.86 -14.88 -28.82
N LEU A 215 -77.66 -15.80 -29.32
CA LEU A 215 -77.90 -17.02 -28.57
C LEU A 215 -77.92 -18.27 -29.45
N GLU A 216 -77.20 -19.29 -28.99
CA GLU A 216 -77.15 -20.57 -29.67
C GLU A 216 -77.77 -21.61 -28.75
N ALA A 217 -78.94 -22.12 -29.10
CA ALA A 217 -79.58 -23.11 -28.25
C ALA A 217 -79.10 -24.51 -28.60
N ASP A 218 -77.97 -24.87 -28.02
CA ASP A 218 -77.38 -26.19 -28.25
C ASP A 218 -76.38 -26.50 -27.16
N ARG A 219 -76.09 -27.77 -26.93
CA ARG A 219 -75.12 -28.13 -25.91
C ARG A 219 -73.76 -27.57 -26.29
N GLY A 220 -73.40 -26.52 -25.60
CA GLY A 220 -72.16 -25.84 -25.86
C GLY A 220 -72.44 -24.57 -26.65
N GLY A 221 -73.73 -24.33 -26.87
CA GLY A 221 -74.15 -23.14 -27.59
C GLY A 221 -73.61 -21.92 -26.91
N LYS A 222 -73.33 -20.87 -27.65
CA LYS A 222 -72.79 -19.67 -27.06
C LYS A 222 -73.83 -18.57 -26.99
N PHE A 223 -74.09 -18.09 -25.78
CA PHE A 223 -75.05 -17.03 -25.60
C PHE A 223 -74.35 -15.77 -25.11
N HIS A 224 -74.59 -14.72 -25.87
CA HIS A 224 -74.02 -13.41 -25.60
C HIS A 224 -75.17 -12.41 -25.55
N MET A 225 -75.31 -11.70 -24.43
CA MET A 225 -76.44 -10.77 -24.31
C MET A 225 -76.04 -9.42 -23.72
N VAL A 226 -77.04 -8.56 -23.57
CA VAL A 226 -76.83 -7.23 -23.01
C VAL A 226 -75.67 -6.56 -23.72
N ASP A 227 -75.87 -6.21 -24.99
CA ASP A 227 -74.81 -5.59 -25.77
C ASP A 227 -73.56 -6.42 -25.67
N GLY A 228 -73.76 -7.70 -25.40
CA GLY A 228 -72.68 -8.66 -25.31
C GLY A 228 -71.94 -8.54 -23.97
N ASN A 229 -72.48 -7.76 -23.05
CA ASN A 229 -71.85 -7.61 -21.76
C ASN A 229 -71.90 -8.94 -21.00
N VAL A 230 -72.85 -9.78 -21.39
CA VAL A 230 -73.02 -11.08 -20.78
C VAL A 230 -72.72 -12.17 -21.79
N SER A 231 -71.93 -13.15 -21.39
CA SER A 231 -71.57 -14.24 -22.28
C SER A 231 -71.46 -15.56 -21.54
N GLY A 232 -71.53 -16.66 -22.27
CA GLY A 232 -71.43 -17.98 -21.65
C GLY A 232 -71.76 -19.09 -22.64
N GLU A 233 -71.80 -20.32 -22.14
CA GLU A 233 -72.09 -21.46 -22.99
C GLU A 233 -73.10 -22.38 -22.32
N PHE A 234 -73.78 -23.16 -23.13
CA PHE A 234 -74.76 -24.09 -22.59
C PHE A 234 -74.12 -25.45 -22.35
N THR A 235 -74.04 -25.83 -21.09
CA THR A 235 -73.47 -27.12 -20.74
C THR A 235 -74.54 -28.20 -20.87
N ASP A 236 -75.80 -27.78 -20.78
CA ASP A 236 -76.91 -28.71 -20.90
C ASP A 236 -78.18 -27.98 -21.31
N LEU A 237 -78.99 -28.65 -22.11
CA LEU A 237 -80.27 -28.07 -22.53
C LEU A 237 -81.32 -29.15 -22.63
N VAL A 238 -82.13 -29.27 -21.59
CA VAL A 238 -83.19 -30.26 -21.59
C VAL A 238 -84.49 -29.54 -21.99
N PRO A 239 -85.19 -29.99 -23.02
CA PRO A 239 -86.42 -29.30 -23.50
C PRO A 239 -87.38 -28.91 -22.38
N GLU A 240 -87.39 -27.62 -22.04
CA GLU A 240 -88.31 -27.10 -21.04
C GLU A 240 -88.17 -27.82 -19.71
N LYS A 241 -87.05 -28.48 -19.50
CA LYS A 241 -86.86 -29.23 -18.29
C LYS A 241 -85.67 -28.74 -17.46
N HIS A 242 -84.56 -28.46 -18.12
CA HIS A 242 -83.37 -28.05 -17.36
C HIS A 242 -82.27 -27.55 -18.26
N ILE A 243 -81.57 -26.52 -17.81
CA ILE A 243 -80.47 -25.95 -18.57
C ILE A 243 -79.26 -25.68 -17.72
N VAL A 244 -78.12 -26.21 -18.16
CA VAL A 244 -76.88 -25.95 -17.46
C VAL A 244 -76.01 -25.12 -18.37
N MET A 245 -75.62 -23.95 -17.91
CA MET A 245 -74.81 -23.08 -18.73
C MET A 245 -73.78 -22.34 -17.90
N LYS A 246 -72.71 -21.96 -18.56
CA LYS A 246 -71.66 -21.21 -17.92
C LYS A 246 -72.00 -19.74 -18.09
N TRP A 247 -71.66 -18.90 -17.13
CA TRP A 247 -72.08 -17.50 -17.21
C TRP A 247 -71.01 -16.52 -16.74
N ARG A 248 -71.04 -15.29 -17.30
CA ARG A 248 -70.10 -14.26 -16.89
C ARG A 248 -70.51 -12.88 -17.36
N PHE A 249 -69.77 -11.90 -16.85
CA PHE A 249 -69.95 -10.51 -17.20
C PHE A 249 -68.75 -10.07 -18.02
N LYS A 250 -68.91 -9.06 -18.85
CA LYS A 250 -67.80 -8.59 -19.66
C LYS A 250 -66.71 -7.98 -18.78
N SER A 251 -67.04 -7.79 -17.50
CA SER A 251 -66.09 -7.22 -16.56
C SER A 251 -65.37 -8.32 -15.77
N TRP A 252 -65.68 -9.57 -16.08
CA TRP A 252 -65.08 -10.69 -15.39
C TRP A 252 -63.74 -11.08 -16.00
N PRO A 253 -62.88 -11.72 -15.22
CA PRO A 253 -61.56 -12.18 -15.73
C PRO A 253 -61.73 -13.10 -16.93
N GLU A 254 -60.76 -13.05 -17.85
CA GLU A 254 -60.83 -13.90 -19.02
C GLU A 254 -60.76 -15.37 -18.61
N GLY A 255 -61.71 -16.16 -19.10
CA GLY A 255 -61.75 -17.58 -18.77
C GLY A 255 -62.41 -17.81 -17.42
N HIS A 256 -63.21 -16.85 -16.97
CA HIS A 256 -63.89 -16.97 -15.68
C HIS A 256 -65.40 -16.90 -15.83
N PHE A 257 -66.05 -18.04 -15.59
CA PHE A 257 -67.49 -18.10 -15.69
C PHE A 257 -68.08 -18.71 -14.44
N ALA A 258 -69.38 -18.56 -14.29
CA ALA A 258 -70.09 -19.11 -13.17
C ALA A 258 -71.02 -20.22 -13.64
N THR A 259 -70.98 -21.35 -12.97
CA THR A 259 -71.84 -22.46 -13.37
C THR A 259 -73.27 -22.15 -12.97
N ILE A 260 -74.14 -22.05 -13.96
CA ILE A 260 -75.54 -21.76 -13.71
C ILE A 260 -76.40 -22.90 -14.17
N THR A 261 -77.34 -23.30 -13.33
CA THR A 261 -78.24 -24.37 -13.67
C THR A 261 -79.67 -23.92 -13.45
N LEU A 262 -80.44 -24.02 -14.51
CA LEU A 262 -81.84 -23.62 -14.47
C LEU A 262 -82.74 -24.83 -14.62
N THR A 263 -83.79 -24.88 -13.82
CA THR A 263 -84.74 -25.97 -13.89
C THR A 263 -86.14 -25.43 -14.13
N PHE A 264 -86.90 -26.14 -14.94
CA PHE A 264 -88.25 -25.72 -15.27
C PHE A 264 -89.28 -26.59 -14.59
N ILE A 265 -90.23 -25.93 -13.94
CA ILE A 265 -91.28 -26.64 -13.20
C ILE A 265 -92.67 -26.14 -13.53
N ASP A 266 -93.56 -27.10 -13.71
CA ASP A 266 -94.94 -26.82 -14.02
C ASP A 266 -95.74 -26.60 -12.73
N LYS A 267 -96.25 -25.38 -12.55
CA LYS A 267 -97.02 -25.06 -11.37
C LYS A 267 -98.51 -24.95 -11.66
N ASN A 268 -98.91 -25.45 -12.81
CA ASN A 268 -100.31 -25.42 -13.18
C ASN A 268 -100.83 -24.00 -13.29
N GLY A 269 -100.19 -23.22 -14.14
CA GLY A 269 -100.58 -21.83 -14.34
C GLY A 269 -99.35 -20.97 -14.50
N GLU A 270 -98.34 -21.28 -13.70
CA GLU A 270 -97.10 -20.54 -13.76
C GLU A 270 -95.93 -21.52 -13.70
N THR A 271 -94.72 -21.00 -13.62
CA THR A 271 -93.54 -21.86 -13.59
C THR A 271 -92.55 -21.42 -12.52
N GLU A 272 -91.97 -22.40 -11.83
CA GLU A 272 -90.98 -22.09 -10.81
C GLU A 272 -89.59 -22.41 -11.32
N LEU A 273 -88.87 -21.37 -11.73
CA LEU A 273 -87.53 -21.56 -12.23
C LEU A 273 -86.59 -21.67 -11.05
N CYS A 274 -86.19 -22.90 -10.74
CA CYS A 274 -85.30 -23.15 -9.63
C CYS A 274 -83.86 -23.06 -10.10
N MET A 275 -83.21 -21.95 -9.80
CA MET A 275 -81.84 -21.71 -10.22
C MET A 275 -80.82 -22.11 -9.15
N GLU A 276 -79.65 -22.53 -9.61
CA GLU A 276 -78.56 -22.91 -8.72
C GLU A 276 -77.24 -22.47 -9.33
N GLY A 277 -76.89 -21.22 -9.06
CA GLY A 277 -75.66 -20.64 -9.61
C GLY A 277 -74.49 -20.76 -8.64
N ARG A 278 -73.30 -21.05 -9.19
CA ARG A 278 -72.11 -21.16 -8.38
C ARG A 278 -70.88 -20.80 -9.22
N GLY A 279 -69.82 -20.34 -8.56
CA GLY A 279 -68.61 -19.95 -9.26
C GLY A 279 -68.57 -18.45 -9.46
N ILE A 280 -69.69 -17.81 -9.14
CA ILE A 280 -69.80 -16.37 -9.27
C ILE A 280 -68.76 -15.69 -8.39
N PRO A 281 -67.88 -14.88 -8.94
CA PRO A 281 -66.84 -14.22 -8.13
C PRO A 281 -67.44 -13.46 -6.96
N ALA A 282 -66.88 -13.71 -5.78
CA ALA A 282 -67.35 -13.07 -4.58
C ALA A 282 -67.41 -11.55 -4.74
N PRO A 283 -66.41 -10.91 -5.30
CA PRO A 283 -66.44 -9.43 -5.48
C PRO A 283 -67.60 -9.02 -6.37
N GLU A 284 -67.89 -9.87 -7.35
CA GLU A 284 -68.95 -9.60 -8.30
C GLU A 284 -70.26 -10.24 -7.87
N GLU A 285 -70.22 -10.95 -6.74
CA GLU A 285 -71.42 -11.62 -6.25
C GLU A 285 -72.60 -10.69 -6.16
N GLU A 286 -72.43 -9.57 -5.47
CA GLU A 286 -73.53 -8.63 -5.35
C GLU A 286 -74.00 -8.19 -6.73
N ARG A 287 -73.05 -7.93 -7.61
CA ARG A 287 -73.37 -7.50 -8.97
C ARG A 287 -74.14 -8.56 -9.74
N THR A 288 -73.57 -9.75 -9.80
CA THR A 288 -74.19 -10.86 -10.54
C THR A 288 -75.66 -11.02 -10.18
N ARG A 289 -75.92 -11.31 -8.91
CA ARG A 289 -77.29 -11.52 -8.47
C ARG A 289 -78.17 -10.32 -8.82
N GLN A 290 -77.66 -9.12 -8.58
CA GLN A 290 -78.42 -7.91 -8.86
C GLN A 290 -78.65 -7.75 -10.36
N GLY A 291 -77.61 -7.99 -11.14
CA GLY A 291 -77.69 -7.87 -12.59
C GLY A 291 -78.32 -9.11 -13.20
N TRP A 292 -78.80 -10.00 -12.36
CA TRP A 292 -79.42 -11.23 -12.85
C TRP A 292 -80.92 -11.03 -13.05
N GLN A 293 -81.71 -11.27 -12.00
CA GLN A 293 -83.16 -11.14 -12.07
C GLN A 293 -83.55 -9.88 -12.83
N ARG A 294 -82.97 -8.74 -12.46
CA ARG A 294 -83.27 -7.48 -13.10
C ARG A 294 -83.26 -7.62 -14.62
N TYR A 295 -82.24 -8.28 -15.14
CA TYR A 295 -82.14 -8.48 -16.59
C TYR A 295 -82.70 -9.86 -16.96
N TYR A 296 -82.84 -10.73 -15.97
CA TYR A 296 -83.34 -12.07 -16.23
C TYR A 296 -84.83 -12.19 -15.95
N PHE A 297 -85.13 -12.62 -14.73
CA PHE A 297 -86.49 -12.83 -14.29
C PHE A 297 -87.28 -11.53 -14.30
N GLU A 298 -86.87 -10.60 -13.45
CA GLU A 298 -87.54 -9.33 -13.36
C GLU A 298 -87.65 -8.69 -14.74
N GLY A 299 -86.64 -8.93 -15.58
CA GLY A 299 -86.64 -8.38 -16.93
C GLY A 299 -87.68 -9.08 -17.79
N ILE A 300 -87.57 -10.41 -17.89
CA ILE A 300 -88.53 -11.19 -18.66
C ILE A 300 -89.94 -10.94 -18.15
N LYS A 301 -90.08 -11.06 -16.84
CA LYS A 301 -91.36 -10.84 -16.20
C LYS A 301 -91.91 -9.48 -16.60
N GLN A 302 -91.01 -8.55 -16.86
CA GLN A 302 -91.39 -7.21 -17.25
C GLN A 302 -91.68 -7.16 -18.76
N THR A 303 -90.71 -7.56 -19.55
CA THR A 303 -90.83 -7.55 -21.00
C THR A 303 -91.90 -8.50 -21.49
N PHE A 304 -91.85 -9.74 -21.03
CA PHE A 304 -92.80 -10.75 -21.44
C PHE A 304 -94.08 -10.65 -20.64
N GLY A 305 -93.97 -10.22 -19.40
CA GLY A 305 -95.14 -10.09 -18.56
C GLY A 305 -95.40 -11.37 -17.79
N TYR A 306 -94.32 -12.06 -17.44
CA TYR A 306 -94.40 -13.32 -16.73
C TYR A 306 -94.21 -13.14 -15.22
N GLY A 307 -94.49 -11.94 -14.70
CA GLY A 307 -94.34 -11.70 -13.27
C GLY A 307 -95.67 -11.78 -12.56
N ALA A 308 -95.65 -11.60 -11.24
CA ALA A 308 -96.87 -11.64 -10.45
C ALA A 308 -97.10 -10.31 -9.75
N THR A 1 -8.22 -8.71 23.89
CA THR A 1 -7.89 -7.40 24.45
C THR A 1 -6.45 -7.02 24.09
N GLU A 2 -6.26 -6.46 22.91
CA GLU A 2 -4.94 -6.05 22.45
C GLU A 2 -4.78 -4.54 22.56
N ARG A 3 -3.58 -4.10 22.90
CA ARG A 3 -3.30 -2.66 23.03
C ARG A 3 -2.75 -2.11 21.72
N ASP A 4 -3.17 -0.89 21.39
CA ASP A 4 -2.70 -0.25 20.17
C ASP A 4 -1.33 0.39 20.40
N ALA A 5 -0.33 -0.14 19.71
CA ALA A 5 1.03 0.38 19.85
C ALA A 5 1.05 1.89 19.64
N SER A 6 0.81 2.64 20.72
CA SER A 6 0.81 4.09 20.64
C SER A 6 2.23 4.64 20.64
N ASN A 7 3.11 3.99 21.39
CA ASN A 7 4.50 4.42 21.47
C ASN A 7 5.16 4.45 20.10
N TRP A 8 4.92 3.42 19.30
CA TRP A 8 5.51 3.35 17.96
C TRP A 8 4.86 4.39 17.05
N SER A 9 3.62 4.76 17.37
CA SER A 9 2.92 5.73 16.55
C SER A 9 3.62 7.08 16.61
N THR A 10 3.40 7.82 17.68
CA THR A 10 4.04 9.12 17.81
C THR A 10 5.51 9.03 17.43
N ASP A 11 6.20 8.03 17.96
CA ASP A 11 7.62 7.86 17.68
C ASP A 11 7.93 7.97 16.18
N LYS A 12 7.19 7.24 15.37
CA LYS A 12 7.42 7.29 13.93
C LYS A 12 6.69 8.48 13.32
N LEU A 13 5.40 8.56 13.55
CA LEU A 13 4.61 9.66 13.00
C LEU A 13 5.27 11.00 13.33
N LYS A 14 5.65 11.19 14.60
CA LYS A 14 6.28 12.45 15.00
C LYS A 14 7.55 12.68 14.20
N THR A 15 8.35 11.62 14.06
CA THR A 15 9.58 11.73 13.30
C THR A 15 9.27 12.02 11.84
N LEU A 16 8.38 11.20 11.29
CA LEU A 16 7.97 11.37 9.90
C LEU A 16 7.29 12.72 9.71
N PHE A 17 6.65 13.20 10.77
CA PHE A 17 5.97 14.48 10.71
C PHE A 17 6.99 15.63 10.73
N LEU A 18 7.94 15.52 11.65
CA LEU A 18 8.98 16.56 11.79
C LEU A 18 10.05 16.35 10.73
N ALA A 19 9.89 15.32 9.92
CA ALA A 19 10.83 15.02 8.87
C ALA A 19 10.28 15.45 7.52
N VAL A 20 9.21 16.24 7.56
CA VAL A 20 8.61 16.72 6.34
C VAL A 20 9.71 17.29 5.45
N GLN A 21 9.74 16.83 4.21
CA GLN A 21 10.78 17.27 3.29
C GLN A 21 10.31 18.33 2.31
N VAL A 22 11.28 19.07 1.82
CA VAL A 22 11.03 20.15 0.89
C VAL A 22 11.60 19.84 -0.48
N GLN A 23 10.89 20.30 -1.51
CA GLN A 23 11.32 20.13 -2.88
C GLN A 23 11.90 21.45 -3.38
N ASN A 24 11.30 22.01 -4.41
CA ASN A 24 11.77 23.28 -4.96
C ASN A 24 10.97 24.43 -4.33
N GLU A 25 11.52 25.64 -4.40
CA GLU A 25 10.83 26.79 -3.83
C GLU A 25 9.42 26.87 -4.37
N GLU A 26 9.21 26.34 -5.56
CA GLU A 26 7.90 26.34 -6.19
C GLU A 26 6.90 25.58 -5.33
N GLY A 27 7.31 24.41 -4.87
CA GLY A 27 6.47 23.58 -4.02
C GLY A 27 7.30 22.89 -2.96
N LYS A 28 7.81 23.68 -2.03
CA LYS A 28 8.64 23.13 -0.96
C LYS A 28 7.82 22.91 0.30
N CYS A 29 8.38 22.16 1.25
CA CYS A 29 7.68 21.89 2.49
C CYS A 29 8.66 21.73 3.65
N GLU A 30 8.38 22.40 4.76
CA GLU A 30 9.24 22.30 5.93
C GLU A 30 8.41 22.34 7.19
N VAL A 31 8.65 21.42 8.11
CA VAL A 31 7.90 21.41 9.35
C VAL A 31 8.64 22.13 10.47
N THR A 32 7.90 22.91 11.26
CA THR A 32 8.53 23.66 12.35
C THR A 32 8.17 23.09 13.71
N GLU A 33 7.03 22.40 13.80
CA GLU A 33 6.63 21.82 15.07
C GLU A 33 5.40 20.93 14.92
N VAL A 34 5.46 19.75 15.54
CA VAL A 34 4.37 18.79 15.49
C VAL A 34 3.99 18.36 16.89
N SER A 35 2.70 18.32 17.18
CA SER A 35 2.25 17.90 18.49
C SER A 35 2.35 16.38 18.62
N LYS A 36 1.32 15.69 18.14
CA LYS A 36 1.27 14.24 18.18
C LYS A 36 -0.18 13.81 17.95
N LEU A 37 -0.37 12.63 17.39
CA LEU A 37 -1.72 12.16 17.13
C LEU A 37 -2.47 12.07 18.45
N ASP A 38 -3.35 13.03 18.70
CA ASP A 38 -4.12 13.04 19.93
C ASP A 38 -5.46 12.40 19.68
N GLY A 39 -5.66 11.21 20.21
CA GLY A 39 -6.91 10.54 19.98
C GLY A 39 -7.02 9.21 20.73
N GLU A 40 -8.14 8.51 20.49
CA GLU A 40 -8.37 7.23 21.13
C GLU A 40 -8.27 6.10 20.11
N ALA A 41 -7.11 5.45 20.07
CA ALA A 41 -6.90 4.34 19.15
C ALA A 41 -6.92 3.02 19.90
N SER A 42 -7.63 2.05 19.34
CA SER A 42 -7.71 0.74 19.98
C SER A 42 -7.95 -0.36 18.94
N ILE A 43 -7.22 -1.45 19.08
CA ILE A 43 -7.36 -2.57 18.16
C ILE A 43 -7.73 -3.83 18.93
N ASN A 44 -8.40 -4.76 18.27
CA ASN A 44 -8.81 -5.99 18.93
C ASN A 44 -8.36 -7.22 18.16
N ASN A 45 -8.68 -8.38 18.73
CA ASN A 45 -8.33 -9.71 18.18
C ASN A 45 -7.43 -9.62 16.97
N ARG A 46 -6.29 -10.29 17.07
CA ARG A 46 -5.31 -10.30 16.02
C ARG A 46 -5.17 -11.69 15.39
N LYS A 47 -4.22 -11.80 14.48
CA LYS A 47 -3.95 -13.06 13.78
C LYS A 47 -5.12 -13.45 12.88
N GLY A 48 -5.76 -12.45 12.29
CA GLY A 48 -6.88 -12.70 11.38
C GLY A 48 -8.10 -11.85 11.70
N LYS A 49 -8.18 -11.37 12.93
CA LYS A 49 -9.31 -10.54 13.34
C LYS A 49 -8.86 -9.12 13.67
N LEU A 50 -7.79 -8.66 13.02
CA LEU A 50 -7.29 -7.32 13.30
C LEU A 50 -8.30 -6.25 12.92
N ILE A 51 -8.81 -5.55 13.92
CA ILE A 51 -9.76 -4.47 13.67
C ILE A 51 -9.23 -3.18 14.29
N PHE A 52 -9.35 -2.08 13.56
CA PHE A 52 -8.83 -0.81 14.04
C PHE A 52 -9.94 0.18 14.37
N PHE A 53 -9.99 0.60 15.63
CA PHE A 53 -10.98 1.59 16.06
C PHE A 53 -10.28 2.87 16.55
N TYR A 54 -10.48 3.96 15.82
CA TYR A 54 -9.87 5.24 16.17
C TYR A 54 -10.84 6.38 15.97
N GLU A 55 -10.87 7.31 16.92
CA GLU A 55 -11.75 8.48 16.82
C GLU A 55 -11.13 9.68 17.50
N TRP A 56 -10.75 10.69 16.69
CA TRP A 56 -10.14 11.92 17.21
C TRP A 56 -9.34 12.65 16.13
N SER A 57 -8.44 13.56 16.53
CA SER A 57 -7.67 14.33 15.56
C SER A 57 -6.19 14.50 15.93
N VAL A 58 -5.39 14.77 14.90
CA VAL A 58 -3.95 15.01 15.08
C VAL A 58 -3.66 16.44 14.63
N LYS A 59 -2.68 17.10 15.24
CA LYS A 59 -2.41 18.50 14.88
C LYS A 59 -0.91 18.82 14.74
N LEU A 60 -0.58 19.57 13.69
CA LEU A 60 0.81 19.99 13.45
C LEU A 60 0.85 21.31 12.66
N ASN A 61 2.05 21.86 12.50
CA ASN A 61 2.24 23.11 11.77
C ASN A 61 3.49 23.08 10.90
N TRP A 62 3.43 23.72 9.72
CA TRP A 62 4.58 23.74 8.82
C TRP A 62 4.72 25.06 8.06
N THR A 63 5.79 25.14 7.25
CA THR A 63 6.07 26.35 6.47
C THR A 63 6.33 25.99 5.00
N GLY A 64 5.95 26.90 4.11
CA GLY A 64 6.15 26.70 2.69
C GLY A 64 6.64 27.97 2.02
N THR A 65 7.64 27.85 1.15
CA THR A 65 8.20 29.01 0.45
C THR A 65 7.84 28.99 -1.02
N SER A 66 7.67 30.18 -1.61
CA SER A 66 7.32 30.27 -3.01
C SER A 66 8.40 31.03 -3.78
N LYS A 67 8.54 30.71 -5.07
CA LYS A 67 9.53 31.39 -5.90
C LYS A 67 9.31 32.89 -5.86
N SER A 68 8.08 33.30 -5.61
CA SER A 68 7.76 34.72 -5.53
C SER A 68 8.58 35.37 -4.43
N GLY A 69 8.99 34.54 -3.47
CA GLY A 69 9.79 35.03 -2.35
C GLY A 69 8.94 35.17 -1.10
N VAL A 70 7.82 34.45 -1.06
CA VAL A 70 6.92 34.53 0.08
C VAL A 70 6.84 33.22 0.83
N GLN A 71 6.95 33.31 2.15
CA GLN A 71 6.85 32.14 3.02
C GLN A 71 5.60 32.27 3.87
N TYR A 72 4.95 31.16 4.17
CA TYR A 72 3.75 31.20 4.97
C TYR A 72 3.65 29.97 5.84
N LYS A 73 3.35 30.18 7.11
CA LYS A 73 3.21 29.07 8.03
C LYS A 73 1.76 28.71 8.18
N GLY A 74 1.38 27.57 7.63
CA GLY A 74 0.01 27.12 7.69
C GLY A 74 -0.21 26.11 8.79
N HIS A 75 -1.46 25.68 8.94
CA HIS A 75 -1.82 24.70 9.96
C HIS A 75 -2.59 23.56 9.33
N VAL A 76 -2.39 22.35 9.85
CA VAL A 76 -3.09 21.19 9.34
C VAL A 76 -3.61 20.36 10.50
N GLU A 77 -4.83 19.89 10.38
CA GLU A 77 -5.42 19.10 11.44
C GLU A 77 -6.52 18.22 10.87
N ILE A 78 -6.45 16.92 11.17
CA ILE A 78 -7.46 15.99 10.68
C ILE A 78 -8.50 15.75 11.78
N PRO A 79 -9.75 16.08 11.54
CA PRO A 79 -10.82 15.90 12.56
C PRO A 79 -10.98 14.47 13.08
N ASN A 80 -12.19 14.17 13.56
CA ASN A 80 -12.51 12.86 14.14
C ASN A 80 -12.49 11.73 13.10
N LEU A 81 -11.61 11.82 12.11
CA LEU A 81 -11.53 10.77 11.11
C LEU A 81 -11.15 9.44 11.77
N SER A 82 -11.78 8.37 11.31
CA SER A 82 -11.52 7.05 11.87
C SER A 82 -10.80 6.16 10.86
N ASP A 83 -9.87 5.36 11.35
CA ASP A 83 -9.10 4.46 10.50
C ASP A 83 -9.91 3.21 10.17
N GLU A 84 -11.20 3.21 10.53
CA GLU A 84 -12.06 2.07 10.26
C GLU A 84 -12.21 1.90 8.76
N ASN A 85 -11.81 2.94 8.03
CA ASN A 85 -11.89 2.95 6.57
C ASN A 85 -10.52 3.23 5.99
N SER A 86 -10.45 3.38 4.67
CA SER A 86 -9.17 3.66 4.04
C SER A 86 -8.49 4.81 4.75
N VAL A 87 -7.46 4.50 5.50
CA VAL A 87 -6.73 5.52 6.27
C VAL A 87 -6.24 6.65 5.37
N ASP A 88 -5.74 6.28 4.20
CA ASP A 88 -5.24 7.28 3.27
C ASP A 88 -6.33 8.27 2.83
N GLU A 89 -7.56 7.80 2.78
CA GLU A 89 -8.67 8.65 2.36
C GLU A 89 -9.09 9.60 3.48
N VAL A 90 -8.47 9.45 4.64
CA VAL A 90 -8.80 10.31 5.78
C VAL A 90 -8.82 11.77 5.36
N GLU A 91 -9.77 12.50 5.92
CA GLU A 91 -9.92 13.91 5.59
C GLU A 91 -8.96 14.75 6.41
N ILE A 92 -8.05 15.40 5.70
CA ILE A 92 -7.06 16.25 6.33
C ILE A 92 -7.33 17.71 5.98
N SER A 93 -7.06 18.60 6.93
CA SER A 93 -7.29 20.02 6.70
C SER A 93 -5.96 20.71 6.46
N VAL A 94 -5.95 21.65 5.53
CA VAL A 94 -4.72 22.37 5.21
C VAL A 94 -4.98 23.87 5.12
N SER A 95 -4.13 24.64 5.78
CA SER A 95 -4.24 26.08 5.74
C SER A 95 -2.86 26.68 5.47
N LEU A 96 -2.29 26.30 4.33
CA LEU A 96 -0.97 26.77 3.95
C LEU A 96 -0.97 27.42 2.58
N ALA A 97 -0.24 28.51 2.46
CA ALA A 97 -0.10 29.22 1.21
C ALA A 97 -1.44 29.76 0.70
N LYS A 98 -2.54 29.19 1.17
CA LYS A 98 -3.85 29.65 0.73
C LYS A 98 -4.01 31.14 1.02
N ASP A 99 -3.50 31.57 2.17
CA ASP A 99 -3.58 32.97 2.56
C ASP A 99 -2.60 33.84 1.77
N GLU A 100 -1.47 33.27 1.41
CA GLU A 100 -0.45 34.01 0.67
C GLU A 100 -0.48 33.67 -0.81
N PRO A 101 0.01 34.55 -1.65
CA PRO A 101 0.06 34.33 -3.12
C PRO A 101 0.63 32.96 -3.49
N ASP A 102 1.17 32.27 -2.48
CA ASP A 102 1.76 30.96 -2.71
C ASP A 102 0.72 29.97 -3.25
N THR A 103 -0.45 29.96 -2.61
CA THR A 103 -1.57 29.08 -3.00
C THR A 103 -1.10 27.85 -3.79
N ASN A 104 -0.76 28.05 -5.06
CA ASN A 104 -0.32 26.93 -5.89
C ASN A 104 0.56 25.99 -5.09
N LEU A 105 1.34 26.55 -4.18
CA LEU A 105 2.23 25.76 -3.35
C LEU A 105 1.42 24.74 -2.54
N VAL A 106 0.27 25.18 -2.03
CA VAL A 106 -0.59 24.31 -1.23
C VAL A 106 -1.09 23.14 -2.06
N ALA A 107 -1.33 23.38 -3.35
CA ALA A 107 -1.82 22.32 -4.22
C ALA A 107 -0.82 21.17 -4.29
N LEU A 108 0.41 21.49 -4.65
CA LEU A 108 1.44 20.46 -4.74
C LEU A 108 1.64 19.81 -3.38
N MET A 109 1.65 20.63 -2.34
CA MET A 109 1.79 20.13 -0.98
C MET A 109 0.67 19.15 -0.70
N LYS A 110 -0.45 19.36 -1.37
CA LYS A 110 -1.60 18.50 -1.21
C LYS A 110 -1.36 17.17 -1.92
N GLU A 111 -0.43 17.17 -2.89
CA GLU A 111 -0.10 15.95 -3.63
C GLU A 111 1.24 15.40 -3.16
N GLU A 112 1.89 16.12 -2.25
CA GLU A 112 3.19 15.71 -1.75
C GLU A 112 3.31 15.91 -0.25
N GLY A 113 2.70 16.98 0.26
CA GLY A 113 2.74 17.28 1.68
C GLY A 113 1.80 16.35 2.45
N VAL A 114 0.51 16.58 2.30
CA VAL A 114 -0.46 15.74 2.97
C VAL A 114 -0.21 14.30 2.57
N LYS A 115 0.23 14.12 1.34
CA LYS A 115 0.55 12.79 0.84
C LYS A 115 1.66 12.20 1.68
N LEU A 116 2.68 12.99 1.95
CA LEU A 116 3.80 12.52 2.75
C LEU A 116 3.25 11.81 3.96
N LEU A 117 2.18 12.37 4.51
CA LEU A 117 1.52 11.80 5.67
C LEU A 117 0.96 10.43 5.29
N ARG A 118 0.53 10.31 4.04
CA ARG A 118 0.00 9.04 3.58
C ARG A 118 0.99 7.96 3.94
N GLU A 119 2.27 8.30 3.78
CA GLU A 119 3.34 7.37 4.14
C GLU A 119 3.33 7.15 5.64
N ALA A 120 2.96 8.20 6.39
CA ALA A 120 2.89 8.10 7.84
C ALA A 120 1.87 7.06 8.23
N MET A 121 0.90 6.85 7.34
CA MET A 121 -0.13 5.86 7.57
C MET A 121 0.44 4.46 7.36
N GLY A 122 1.40 4.36 6.42
CA GLY A 122 2.02 3.08 6.11
C GLY A 122 2.64 2.45 7.34
N ILE A 123 3.44 3.23 8.07
CA ILE A 123 4.08 2.71 9.28
C ILE A 123 3.06 2.54 10.39
N TYR A 124 2.15 3.49 10.51
CA TYR A 124 1.12 3.43 11.53
C TYR A 124 0.38 2.11 11.42
N ILE A 125 -0.01 1.78 10.21
CA ILE A 125 -0.73 0.55 9.94
C ILE A 125 0.22 -0.65 9.93
N SER A 126 1.35 -0.48 9.27
CA SER A 126 2.33 -1.56 9.15
C SER A 126 3.07 -1.83 10.46
N THR A 127 3.73 -0.80 10.99
CA THR A 127 4.48 -0.98 12.23
C THR A 127 3.58 -1.45 13.35
N LEU A 128 2.42 -0.82 13.48
CA LEU A 128 1.49 -1.21 14.54
C LEU A 128 1.00 -2.64 14.37
N LYS A 129 0.78 -3.05 13.12
CA LYS A 129 0.28 -4.40 12.86
C LYS A 129 1.42 -5.38 12.54
N THR A 130 2.66 -4.90 12.53
CA THR A 130 3.79 -5.77 12.26
C THR A 130 4.63 -5.97 13.51
N GLU A 131 3.97 -6.07 14.66
CA GLU A 131 4.65 -6.28 15.93
C GLU A 131 3.82 -7.22 16.80
N PHE A 132 2.78 -6.68 17.42
CA PHE A 132 1.91 -7.49 18.27
C PHE A 132 1.21 -8.57 17.45
N THR A 133 1.07 -8.32 16.15
CA THR A 133 0.41 -9.27 15.26
C THR A 133 1.25 -9.50 14.00
N GLN A 134 1.03 -10.63 13.35
CA GLN A 134 1.76 -10.96 12.13
C GLN A 134 0.80 -11.11 10.96
N GLY A 135 1.27 -10.78 9.76
CA GLY A 135 0.43 -10.88 8.57
C GLY A 135 1.27 -10.98 7.31
N MET A 136 2.56 -10.70 7.44
CA MET A 136 3.46 -10.76 6.29
C MET A 136 4.02 -12.16 6.12
N ILE A 137 3.58 -12.85 5.07
CA ILE A 137 4.04 -14.20 4.80
C ILE A 137 4.73 -14.27 3.43
N LEU A 138 5.70 -15.17 3.32
CA LEU A 138 6.44 -15.33 2.06
C LEU A 138 6.59 -16.81 1.71
N PRO A 139 5.55 -17.42 1.22
CA PRO A 139 5.55 -18.85 0.84
C PRO A 139 6.34 -19.10 -0.44
N THR A 140 7.07 -20.21 -0.47
CA THR A 140 7.87 -20.56 -1.64
C THR A 140 7.61 -22.01 -2.03
N MET A 141 7.79 -22.33 -3.30
CA MET A 141 7.57 -23.69 -3.77
C MET A 141 7.94 -23.82 -5.24
N ASN A 142 8.35 -25.02 -5.64
CA ASN A 142 8.73 -25.27 -7.03
C ASN A 142 7.64 -26.04 -7.75
N GLY A 143 7.18 -25.50 -8.87
CA GLY A 143 6.13 -26.13 -9.65
C GLY A 143 6.50 -27.58 -9.98
N GLU A 144 7.79 -27.83 -10.19
CA GLU A 144 8.27 -29.16 -10.50
C GLU A 144 9.52 -29.45 -9.69
N SER A 145 9.71 -30.71 -9.32
CA SER A 145 10.87 -31.09 -8.53
C SER A 145 11.69 -32.14 -9.27
N VAL A 146 13.01 -32.02 -9.17
CA VAL A 146 13.90 -32.97 -9.83
C VAL A 146 14.98 -33.46 -8.87
N ASP A 147 15.34 -34.74 -8.99
CA ASP A 147 16.35 -35.33 -8.13
C ASP A 147 17.45 -35.97 -8.96
N PRO A 148 18.60 -36.17 -8.37
CA PRO A 148 19.76 -36.79 -9.07
C PRO A 148 19.38 -38.09 -9.77
N VAL A 149 20.04 -38.37 -10.90
CA VAL A 149 19.74 -39.58 -11.66
C VAL A 149 21.01 -40.07 -12.35
N GLY A 150 20.95 -40.16 -13.68
CA GLY A 150 22.11 -40.60 -14.44
C GLY A 150 23.00 -39.41 -14.75
N GLN A 151 24.17 -39.37 -14.12
CA GLN A 151 25.11 -38.28 -14.33
C GLN A 151 26.52 -38.80 -14.54
N PRO A 152 26.80 -39.30 -15.71
CA PRO A 152 28.15 -39.85 -16.04
C PRO A 152 29.18 -38.75 -16.26
N ALA A 153 29.28 -37.86 -15.27
CA ALA A 153 30.24 -36.75 -15.35
C ALA A 153 30.71 -36.38 -13.95
N LEU A 154 31.92 -35.83 -13.87
CA LEU A 154 32.47 -35.42 -12.59
C LEU A 154 32.28 -33.92 -12.36
N LYS A 155 31.77 -33.56 -11.20
CA LYS A 155 31.54 -32.15 -10.88
C LYS A 155 32.06 -31.83 -9.48
N THR A 156 32.55 -30.61 -9.30
CA THR A 156 33.07 -30.19 -8.00
C THR A 156 32.32 -28.97 -7.50
N GLU A 157 31.97 -28.98 -6.21
CA GLU A 157 31.24 -27.86 -5.62
C GLU A 157 32.11 -27.13 -4.60
N GLU A 158 32.08 -25.80 -4.64
CA GLU A 158 32.88 -25.00 -3.71
C GLU A 158 31.97 -24.12 -2.87
N ARG A 159 32.41 -23.82 -1.65
CA ARG A 159 31.63 -22.98 -0.74
C ARG A 159 32.54 -22.25 0.22
N LYS A 160 32.05 -21.14 0.75
CA LYS A 160 32.83 -20.34 1.70
C LYS A 160 32.03 -20.07 2.97
N ALA A 161 32.70 -20.14 4.11
CA ALA A 161 32.03 -19.89 5.39
C ALA A 161 33.04 -19.46 6.43
N LYS A 162 32.59 -18.64 7.38
CA LYS A 162 33.49 -18.18 8.43
C LYS A 162 32.86 -18.38 9.80
N PRO A 163 33.66 -18.47 10.83
CA PRO A 163 33.16 -18.66 12.22
C PRO A 163 32.05 -17.67 12.56
N ALA A 164 31.04 -18.14 13.29
CA ALA A 164 29.93 -17.28 13.68
C ALA A 164 30.39 -16.27 14.72
N PRO A 165 29.72 -15.14 14.82
CA PRO A 165 30.06 -14.08 15.79
C PRO A 165 30.21 -14.64 17.20
N SER A 166 29.48 -15.70 17.50
CA SER A 166 29.54 -16.33 18.82
C SER A 166 29.90 -17.81 18.69
N LYS A 167 30.60 -18.33 19.68
CA LYS A 167 30.99 -19.74 19.68
C LYS A 167 30.01 -20.56 20.48
N THR A 168 29.86 -21.83 20.11
CA THR A 168 28.93 -22.72 20.80
C THR A 168 29.24 -22.74 22.30
N GLN A 169 30.53 -22.76 22.63
CA GLN A 169 30.95 -22.77 24.03
C GLN A 169 31.70 -21.49 24.38
N ALA A 170 31.54 -21.03 25.61
CA ALA A 170 32.22 -19.81 26.05
C ALA A 170 32.50 -19.85 27.55
N ARG A 171 33.55 -19.16 27.96
CA ARG A 171 33.92 -19.12 29.38
C ARG A 171 34.12 -17.68 29.85
N PRO A 172 33.04 -16.98 30.09
CA PRO A 172 33.10 -15.57 30.54
C PRO A 172 33.61 -15.43 31.98
N VAL A 173 34.46 -14.45 32.20
CA VAL A 173 35.02 -14.21 33.53
C VAL A 173 33.92 -13.83 34.51
N GLY A 174 32.96 -13.06 34.03
CA GLY A 174 31.85 -12.60 34.88
C GLY A 174 30.73 -13.63 34.90
N VAL A 175 29.61 -13.28 35.53
CA VAL A 175 28.47 -14.17 35.64
C VAL A 175 27.23 -13.49 35.08
N LYS A 176 26.23 -14.27 34.71
CA LYS A 176 24.99 -13.71 34.18
C LYS A 176 24.34 -12.84 35.24
N ILE A 177 24.99 -11.73 35.56
CA ILE A 177 24.49 -10.82 36.57
C ILE A 177 23.75 -9.66 35.90
N PRO A 178 22.64 -9.20 36.45
CA PRO A 178 21.90 -8.05 35.86
C PRO A 178 22.87 -6.93 35.55
N THR A 179 22.50 -6.00 34.68
CA THR A 179 23.38 -4.87 34.40
C THR A 179 22.62 -3.69 33.81
N CYS A 180 23.25 -2.52 33.85
CA CYS A 180 22.63 -1.30 33.34
C CYS A 180 23.68 -0.28 32.93
N LYS A 181 23.23 0.89 32.48
CA LYS A 181 24.15 1.94 32.06
C LYS A 181 24.17 3.10 33.06
N ILE A 182 25.38 3.61 33.33
CA ILE A 182 25.54 4.73 34.25
C ILE A 182 26.30 5.87 33.58
N THR A 183 25.72 6.41 32.53
CA THR A 183 26.36 7.52 31.81
C THR A 183 26.15 8.82 32.57
N LEU A 184 27.26 9.50 32.85
CA LEU A 184 27.21 10.77 33.57
C LEU A 184 27.98 11.85 32.79
N LYS A 185 27.47 13.08 32.81
CA LYS A 185 28.15 14.17 32.11
C LYS A 185 28.26 15.37 33.05
N GLU A 186 29.46 15.55 33.60
CA GLU A 186 29.68 16.65 34.54
C GLU A 186 30.77 17.60 34.05
N THR A 187 30.62 18.88 34.39
CA THR A 187 31.61 19.89 34.01
C THR A 187 32.54 20.16 35.18
N PHE A 188 33.83 20.31 34.88
CA PHE A 188 34.81 20.57 35.93
C PHE A 188 35.45 21.92 35.79
N LEU A 189 35.60 22.58 36.93
CA LEU A 189 36.21 23.90 36.97
C LEU A 189 37.72 23.79 36.81
N THR A 190 38.15 22.75 36.12
CA THR A 190 39.57 22.52 35.89
C THR A 190 39.81 22.10 34.45
N SER A 191 41.05 22.19 34.01
CA SER A 191 41.39 21.79 32.64
C SER A 191 41.37 20.27 32.52
N PRO A 192 41.11 19.75 31.35
CA PRO A 192 41.07 18.28 31.14
C PRO A 192 42.36 17.59 31.58
N GLU A 193 43.47 18.28 31.39
CA GLU A 193 44.76 17.73 31.77
C GLU A 193 44.84 17.51 33.28
N GLU A 194 44.32 18.46 34.05
CA GLU A 194 44.37 18.36 35.51
C GLU A 194 43.47 17.23 36.02
N LEU A 195 42.24 17.18 35.53
CA LEU A 195 41.30 16.15 35.95
C LEU A 195 41.85 14.76 35.62
N TYR A 196 42.52 14.68 34.48
CA TYR A 196 43.10 13.44 34.02
C TYR A 196 43.99 12.81 35.09
N ARG A 197 44.79 13.65 35.72
CA ARG A 197 45.71 13.18 36.76
C ARG A 197 44.94 12.62 37.94
N VAL A 198 43.82 13.26 38.26
CA VAL A 198 43.01 12.84 39.38
C VAL A 198 42.53 11.42 39.20
N PHE A 199 42.29 11.04 37.96
CA PHE A 199 41.83 9.71 37.65
C PHE A 199 43.00 8.79 37.31
N THR A 200 44.19 9.36 37.15
CA THR A 200 45.35 8.54 36.81
C THR A 200 46.50 8.74 37.79
N THR A 201 46.24 9.44 38.90
CA THR A 201 47.27 9.65 39.90
C THR A 201 46.77 9.14 41.25
N GLN A 202 47.48 8.16 41.79
CA GLN A 202 47.10 7.53 43.05
C GLN A 202 46.94 8.55 44.19
N GLU A 203 47.94 9.40 44.36
CA GLU A 203 47.90 10.40 45.42
C GLU A 203 46.64 11.24 45.32
N LEU A 204 46.36 11.69 44.10
CA LEU A 204 45.20 12.50 43.84
C LEU A 204 43.93 11.72 44.14
N VAL A 205 43.97 10.43 43.84
CA VAL A 205 42.82 9.58 44.09
C VAL A 205 42.61 9.47 45.59
N GLN A 206 43.71 9.35 46.30
CA GLN A 206 43.70 9.27 47.75
C GLN A 206 43.25 10.60 48.33
N ALA A 207 43.29 11.64 47.50
CA ALA A 207 42.91 12.97 47.95
C ALA A 207 41.39 13.13 48.01
N PHE A 208 40.71 12.89 46.88
CA PHE A 208 39.27 13.06 46.86
C PHE A 208 38.55 11.85 47.46
N THR A 209 39.28 10.77 47.70
CA THR A 209 38.66 9.59 48.29
C THR A 209 38.73 9.66 49.80
N HIS A 210 39.44 10.66 50.30
CA HIS A 210 39.60 10.84 51.74
C HIS A 210 39.87 9.51 52.40
N ALA A 211 40.39 8.58 51.61
CA ALA A 211 40.72 7.25 52.11
C ALA A 211 41.95 6.71 51.37
N PRO A 212 42.41 5.56 51.75
CA PRO A 212 43.59 4.94 51.10
C PRO A 212 43.25 4.44 49.72
N ALA A 213 44.09 4.77 48.76
CA ALA A 213 43.85 4.34 47.39
C ALA A 213 45.14 3.88 46.72
N THR A 214 44.98 2.97 45.78
CA THR A 214 46.10 2.44 45.01
C THR A 214 45.79 2.60 43.54
N LEU A 215 46.68 3.23 42.79
CA LEU A 215 46.41 3.44 41.38
C LEU A 215 47.63 3.24 40.50
N GLU A 216 47.39 2.52 39.40
CA GLU A 216 48.41 2.25 38.42
C GLU A 216 47.97 2.83 37.09
N ALA A 217 48.61 3.91 36.66
CA ALA A 217 48.21 4.53 35.40
C ALA A 217 48.91 3.86 34.23
N ASP A 218 48.30 2.78 33.75
CA ASP A 218 48.84 2.03 32.64
C ASP A 218 47.75 1.17 32.02
N ARG A 219 47.91 0.80 30.76
CA ARG A 219 46.91 -0.05 30.12
C ARG A 219 46.87 -1.38 30.84
N GLY A 220 45.84 -1.55 31.64
CA GLY A 220 45.68 -2.75 32.43
C GLY A 220 46.07 -2.45 33.86
N GLY A 221 46.40 -1.18 34.09
CA GLY A 221 46.78 -0.73 35.42
C GLY A 221 45.66 -1.03 36.38
N LYS A 222 45.99 -1.39 37.61
CA LYS A 222 44.97 -1.71 38.58
C LYS A 222 44.77 -0.57 39.56
N PHE A 223 43.53 -0.11 39.66
CA PHE A 223 43.21 0.96 40.58
C PHE A 223 42.27 0.46 41.65
N HIS A 224 42.63 0.77 42.88
CA HIS A 224 41.87 0.38 44.05
C HIS A 224 41.65 1.62 44.89
N MET A 225 40.43 1.89 45.30
CA MET A 225 40.17 3.10 46.04
C MET A 225 39.14 2.93 47.16
N VAL A 226 38.86 4.05 47.83
CA VAL A 226 37.90 4.07 48.93
C VAL A 226 38.17 2.89 49.87
N ASP A 227 39.25 2.98 50.62
CA ASP A 227 39.61 1.91 51.54
C ASP A 227 39.59 0.59 50.80
N GLY A 228 39.86 0.67 49.51
CA GLY A 228 39.91 -0.49 48.65
C GLY A 228 38.52 -1.05 48.35
N ASN A 229 37.49 -0.28 48.68
CA ASN A 229 36.13 -0.73 48.43
C ASN A 229 35.84 -0.70 46.93
N VAL A 230 36.64 0.08 46.20
CA VAL A 230 36.49 0.20 44.76
C VAL A 230 37.73 -0.33 44.08
N SER A 231 37.54 -1.14 43.05
CA SER A 231 38.66 -1.71 42.33
C SER A 231 38.34 -1.86 40.84
N GLY A 232 39.39 -1.97 40.03
CA GLY A 232 39.20 -2.12 38.59
C GLY A 232 40.52 -2.03 37.85
N GLU A 233 40.45 -2.06 36.52
CA GLU A 233 41.64 -1.98 35.69
C GLU A 233 41.45 -0.98 34.57
N PHE A 234 42.56 -0.49 34.05
CA PHE A 234 42.50 0.47 32.96
C PHE A 234 42.59 -0.26 31.63
N THR A 235 41.51 -0.21 30.86
CA THR A 235 41.50 -0.84 29.55
C THR A 235 42.12 0.09 28.52
N ASP A 236 42.09 1.39 28.81
CA ASP A 236 42.67 2.38 27.92
C ASP A 236 43.01 3.65 28.67
N LEU A 237 44.08 4.28 28.26
CA LEU A 237 44.50 5.53 28.88
C LEU A 237 45.09 6.46 27.84
N VAL A 238 44.28 7.39 27.37
CA VAL A 238 44.74 8.36 26.39
C VAL A 238 45.10 9.66 27.14
N PRO A 239 46.31 10.16 27.01
CA PRO A 239 46.74 11.38 27.75
C PRO A 239 45.72 12.51 27.73
N GLU A 240 45.03 12.70 28.85
CA GLU A 240 44.06 13.78 28.99
C GLU A 240 43.01 13.76 27.88
N LYS A 241 42.83 12.61 27.27
CA LYS A 241 41.88 12.52 26.18
C LYS A 241 40.77 11.50 26.43
N HIS A 242 41.13 10.33 26.96
CA HIS A 242 40.11 9.30 27.15
C HIS A 242 40.64 8.13 27.95
N ILE A 243 39.78 7.60 28.81
CA ILE A 243 40.16 6.47 29.63
C ILE A 243 39.10 5.40 29.67
N VAL A 244 39.49 4.17 29.38
CA VAL A 244 38.58 3.06 29.44
C VAL A 244 39.05 2.16 30.57
N MET A 245 38.18 1.95 31.55
CA MET A 245 38.56 1.12 32.67
C MET A 245 37.40 0.28 33.14
N LYS A 246 37.74 -0.82 33.78
CA LYS A 246 36.74 -1.72 34.33
C LYS A 246 36.50 -1.26 35.77
N TRP A 247 35.28 -1.40 36.27
CA TRP A 247 35.00 -0.87 37.61
C TRP A 247 34.08 -1.75 38.43
N ARG A 248 34.22 -1.67 39.76
CA ARG A 248 33.37 -2.45 40.66
C ARG A 248 33.46 -1.99 42.10
N PHE A 249 32.56 -2.55 42.89
CA PHE A 249 32.50 -2.29 44.32
C PHE A 249 32.96 -3.56 45.03
N LYS A 250 33.51 -3.41 46.22
CA LYS A 250 33.98 -4.58 46.95
C LYS A 250 32.80 -5.50 47.31
N SER A 251 31.59 -5.01 47.08
CA SER A 251 30.40 -5.80 47.38
C SER A 251 29.89 -6.52 46.14
N TRP A 252 30.61 -6.37 45.04
CA TRP A 252 30.21 -6.98 43.78
C TRP A 252 30.69 -8.42 43.67
N PRO A 253 30.04 -9.22 42.85
CA PRO A 253 30.45 -10.63 42.64
C PRO A 253 31.88 -10.71 42.13
N GLU A 254 32.57 -11.79 42.48
CA GLU A 254 33.95 -11.96 42.04
C GLU A 254 34.00 -12.08 40.52
N GLY A 255 34.84 -11.28 39.89
CA GLY A 255 34.97 -11.30 38.44
C GLY A 255 33.85 -10.50 37.77
N HIS A 256 33.27 -9.57 38.51
CA HIS A 256 32.19 -8.75 37.95
C HIS A 256 32.54 -7.28 38.01
N PHE A 257 32.73 -6.69 36.83
CA PHE A 257 33.05 -5.28 36.74
C PHE A 257 32.16 -4.60 35.73
N ALA A 258 32.17 -3.28 35.77
CA ALA A 258 31.39 -2.49 34.86
C ALA A 258 32.31 -1.73 33.93
N THR A 259 32.03 -1.79 32.63
CA THR A 259 32.88 -1.09 31.68
C THR A 259 32.63 0.41 31.79
N ILE A 260 33.67 1.15 32.16
CA ILE A 260 33.55 2.59 32.30
C ILE A 260 34.48 3.28 31.33
N THR A 261 33.96 4.30 30.67
CA THR A 261 34.76 5.06 29.73
C THR A 261 34.64 6.54 30.01
N LEU A 262 35.78 7.15 30.25
CA LEU A 262 35.82 8.57 30.53
C LEU A 262 36.46 9.33 29.38
N THR A 263 35.89 10.48 29.05
CA THR A 263 36.42 11.30 27.98
C THR A 263 36.70 12.70 28.50
N PHE A 264 37.79 13.30 28.02
CA PHE A 264 38.17 14.62 28.46
C PHE A 264 37.97 15.67 27.37
N ILE A 265 37.32 16.76 27.75
CA ILE A 265 37.02 17.84 26.81
C ILE A 265 37.41 19.20 27.32
N ASP A 266 38.01 19.96 26.43
CA ASP A 266 38.44 21.32 26.74
C ASP A 266 37.30 22.30 26.50
N LYS A 267 36.84 22.94 27.57
CA LYS A 267 35.74 23.90 27.46
C LYS A 267 36.23 25.32 27.59
N ASN A 268 37.52 25.52 27.46
CA ASN A 268 38.09 26.86 27.53
C ASN A 268 37.85 27.50 28.90
N GLY A 269 38.28 26.80 29.93
CA GLY A 269 38.09 27.28 31.29
C GLY A 269 37.79 26.13 32.21
N GLU A 270 36.96 25.22 31.73
CA GLU A 270 36.59 24.06 32.50
C GLU A 270 36.64 22.82 31.61
N THR A 271 36.21 21.68 32.15
CA THR A 271 36.25 20.45 31.37
C THR A 271 34.96 19.65 31.48
N GLU A 272 34.53 19.09 30.36
CA GLU A 272 33.33 18.27 30.36
C GLU A 272 33.72 16.81 30.28
N LEU A 273 33.54 16.09 31.39
CA LEU A 273 33.89 14.68 31.43
C LEU A 273 32.70 13.85 30.96
N CYS A 274 32.89 13.14 29.87
CA CYS A 274 31.84 12.30 29.32
C CYS A 274 32.00 10.87 29.80
N MET A 275 31.14 10.47 30.73
CA MET A 275 31.20 9.13 31.31
C MET A 275 30.17 8.20 30.67
N GLU A 276 30.62 7.03 30.25
CA GLU A 276 29.75 6.04 29.66
C GLU A 276 29.93 4.71 30.36
N GLY A 277 29.25 4.57 31.49
CA GLY A 277 29.34 3.36 32.29
C GLY A 277 28.30 2.32 31.89
N ARG A 278 28.73 1.08 31.78
CA ARG A 278 27.84 -0.02 31.43
C ARG A 278 28.33 -1.31 32.05
N GLY A 279 27.40 -2.24 32.29
CA GLY A 279 27.74 -3.51 32.91
C GLY A 279 27.49 -3.45 34.40
N ILE A 280 27.16 -2.26 34.88
CA ILE A 280 26.87 -2.04 36.28
C ILE A 280 25.68 -2.89 36.69
N PRO A 281 25.81 -3.74 37.67
CA PRO A 281 24.69 -4.59 38.10
C PRO A 281 23.45 -3.78 38.41
N ALA A 282 22.34 -4.20 37.82
CA ALA A 282 21.07 -3.52 38.02
C ALA A 282 20.77 -3.32 39.51
N PRO A 283 20.95 -4.31 40.36
CA PRO A 283 20.68 -4.14 41.82
C PRO A 283 21.57 -3.07 42.41
N GLU A 284 22.78 -2.99 41.88
CA GLU A 284 23.76 -2.03 42.37
C GLU A 284 23.75 -0.75 41.53
N GLU A 285 22.88 -0.70 40.53
CA GLU A 285 22.81 0.45 39.65
C GLU A 285 22.59 1.74 40.42
N GLU A 286 21.57 1.79 41.25
CA GLU A 286 21.31 3.01 42.01
C GLU A 286 22.53 3.35 42.87
N ARG A 287 23.13 2.34 43.46
CA ARG A 287 24.30 2.52 44.30
C ARG A 287 25.49 3.06 43.51
N THR A 288 25.79 2.40 42.41
CA THR A 288 26.93 2.78 41.58
C THR A 288 26.88 4.26 41.19
N ARG A 289 25.76 4.67 40.63
CA ARG A 289 25.62 6.06 40.20
C ARG A 289 25.75 7.00 41.39
N GLN A 290 25.08 6.65 42.49
CA GLN A 290 25.13 7.48 43.68
C GLN A 290 26.52 7.51 44.29
N GLY A 291 27.18 6.34 44.30
CA GLY A 291 28.52 6.24 44.87
C GLY A 291 29.58 6.68 43.88
N TRP A 292 29.16 7.21 42.73
CA TRP A 292 30.11 7.66 41.74
C TRP A 292 30.45 9.14 41.92
N GLN A 293 29.66 10.02 41.31
CA GLN A 293 29.89 11.45 41.39
C GLN A 293 30.26 11.87 42.82
N ARG A 294 29.50 11.38 43.79
CA ARG A 294 29.75 11.71 45.19
C ARG A 294 31.22 11.52 45.54
N TYR A 295 31.77 10.38 45.15
CA TYR A 295 33.18 10.10 45.43
C TYR A 295 34.03 10.46 44.22
N TYR A 296 33.40 10.64 43.07
CA TYR A 296 34.14 10.97 41.87
C TYR A 296 34.12 12.46 41.59
N PHE A 297 33.13 12.89 40.82
CA PHE A 297 33.00 14.28 40.43
C PHE A 297 32.73 15.16 41.63
N GLU A 298 31.57 14.98 42.24
CA GLU A 298 31.19 15.77 43.38
C GLU A 298 32.30 15.70 44.45
N GLY A 299 33.00 14.57 44.51
CA GLY A 299 34.09 14.42 45.46
C GLY A 299 35.28 15.27 45.04
N ILE A 300 35.77 15.03 43.83
CA ILE A 300 36.91 15.79 43.31
C ILE A 300 36.58 17.27 43.33
N LYS A 301 35.41 17.60 42.80
CA LYS A 301 34.97 18.99 42.77
C LYS A 301 35.01 19.58 44.15
N GLN A 302 34.78 18.73 45.14
CA GLN A 302 34.80 19.17 46.53
C GLN A 302 36.22 19.25 47.07
N THR A 303 36.93 18.13 46.95
CA THR A 303 38.30 18.04 47.42
C THR A 303 39.26 18.94 46.63
N PHE A 304 39.20 18.84 45.31
CA PHE A 304 40.08 19.63 44.45
C PHE A 304 39.52 21.03 44.25
N GLY A 305 38.20 21.13 44.27
CA GLY A 305 37.57 22.42 44.09
C GLY A 305 37.28 22.69 42.61
N TYR A 306 37.00 21.61 41.89
CA TYR A 306 36.73 21.70 40.46
C TYR A 306 35.23 21.75 40.17
N GLY A 307 34.43 22.20 41.12
CA GLY A 307 33.00 22.29 40.90
C GLY A 307 32.59 23.73 40.56
N ALA A 308 31.30 23.92 40.28
CA ALA A 308 30.79 25.25 39.94
C ALA A 308 29.83 25.73 41.02
N THR A 1 -8.63 -7.83 25.88
CA THR A 1 -8.33 -6.41 25.76
C THR A 1 -6.91 -6.22 25.23
N GLU A 2 -6.80 -5.51 24.10
CA GLU A 2 -5.50 -5.26 23.50
C GLU A 2 -5.19 -3.77 23.51
N ARG A 3 -3.94 -3.43 23.21
CA ARG A 3 -3.52 -2.03 23.19
C ARG A 3 -3.07 -1.62 21.79
N ASP A 4 -3.47 -0.43 21.38
CA ASP A 4 -3.09 0.07 20.08
C ASP A 4 -1.69 0.68 20.16
N ALA A 5 -0.70 -0.09 19.73
CA ALA A 5 0.68 0.37 19.78
C ALA A 5 0.80 1.82 19.30
N SER A 6 0.58 2.74 20.23
CA SER A 6 0.67 4.16 19.92
C SER A 6 2.11 4.65 19.97
N ASN A 7 2.93 4.00 20.78
CA ASN A 7 4.33 4.39 20.93
C ASN A 7 5.02 4.48 19.58
N TRP A 8 4.80 3.49 18.72
CA TRP A 8 5.41 3.50 17.40
C TRP A 8 4.72 4.52 16.51
N SER A 9 3.45 4.79 16.80
CA SER A 9 2.69 5.74 16.00
C SER A 9 3.32 7.11 16.05
N THR A 10 3.08 7.85 17.12
CA THR A 10 3.65 9.18 17.23
C THR A 10 5.13 9.15 16.89
N ASP A 11 5.86 8.20 17.45
CA ASP A 11 7.28 8.08 17.18
C ASP A 11 7.60 8.15 15.69
N LYS A 12 6.86 7.40 14.89
CA LYS A 12 7.08 7.39 13.46
C LYS A 12 6.35 8.55 12.78
N LEU A 13 5.05 8.66 13.01
CA LEU A 13 4.27 9.73 12.40
C LEU A 13 4.87 11.09 12.75
N LYS A 14 5.29 11.27 13.99
CA LYS A 14 5.87 12.55 14.40
C LYS A 14 7.17 12.79 13.64
N THR A 15 8.03 11.77 13.58
CA THR A 15 9.28 11.90 12.86
C THR A 15 9.00 12.08 11.38
N LEU A 16 8.16 11.21 10.87
CA LEU A 16 7.77 11.25 9.47
C LEU A 16 7.09 12.58 9.17
N PHE A 17 6.40 13.12 10.17
CA PHE A 17 5.71 14.39 10.00
C PHE A 17 6.72 15.53 10.02
N LEU A 18 7.69 15.44 10.92
CA LEU A 18 8.74 16.46 11.02
C LEU A 18 9.78 16.18 9.96
N ALA A 19 9.47 15.23 9.10
CA ALA A 19 10.38 14.86 8.03
C ALA A 19 9.87 15.37 6.70
N VAL A 20 8.84 16.21 6.76
CA VAL A 20 8.28 16.76 5.54
C VAL A 20 9.40 17.34 4.70
N GLN A 21 9.43 16.97 3.43
CA GLN A 21 10.50 17.42 2.54
C GLN A 21 10.14 18.69 1.80
N VAL A 22 11.18 19.30 1.23
CA VAL A 22 11.06 20.52 0.46
C VAL A 22 11.78 20.37 -0.88
N GLN A 23 11.31 21.13 -1.87
CA GLN A 23 11.91 21.11 -3.19
C GLN A 23 12.60 22.44 -3.46
N ASN A 24 12.17 23.13 -4.51
CA ASN A 24 12.75 24.42 -4.86
C ASN A 24 11.86 25.56 -4.36
N GLU A 25 12.40 26.77 -4.33
CA GLU A 25 11.64 27.93 -3.87
C GLU A 25 10.30 28.01 -4.62
N GLU A 26 10.26 27.40 -5.80
CA GLU A 26 9.06 27.40 -6.61
C GLU A 26 7.91 26.74 -5.85
N GLY A 27 8.21 25.61 -5.24
CA GLY A 27 7.21 24.87 -4.49
C GLY A 27 7.89 23.97 -3.46
N LYS A 28 8.44 24.57 -2.41
CA LYS A 28 9.13 23.80 -1.38
C LYS A 28 8.20 23.56 -0.20
N CYS A 29 8.64 22.73 0.74
CA CYS A 29 7.82 22.42 1.90
C CYS A 29 8.66 21.96 3.09
N GLU A 30 8.56 22.68 4.20
CA GLU A 30 9.32 22.32 5.39
C GLU A 30 8.40 22.27 6.61
N VAL A 31 8.65 21.33 7.51
CA VAL A 31 7.82 21.23 8.72
C VAL A 31 8.30 22.23 9.77
N THR A 32 7.36 22.89 10.46
CA THR A 32 7.73 23.85 11.49
C THR A 32 7.71 23.18 12.87
N GLU A 33 6.71 22.34 13.09
CA GLU A 33 6.57 21.64 14.37
C GLU A 33 5.38 20.70 14.33
N VAL A 34 5.52 19.55 14.97
CA VAL A 34 4.45 18.57 15.03
C VAL A 34 4.16 18.16 16.46
N SER A 35 2.88 18.11 16.82
CA SER A 35 2.50 17.73 18.17
C SER A 35 2.52 16.21 18.31
N LYS A 36 1.42 15.59 17.87
CA LYS A 36 1.28 14.14 17.94
C LYS A 36 -0.20 13.80 17.77
N LEU A 37 -0.49 12.63 17.21
CA LEU A 37 -1.87 12.24 17.01
C LEU A 37 -2.55 12.11 18.36
N ASP A 38 -3.41 13.07 18.68
CA ASP A 38 -4.12 13.05 19.95
C ASP A 38 -5.49 12.44 19.75
N GLY A 39 -5.70 11.25 20.29
CA GLY A 39 -6.98 10.60 20.12
C GLY A 39 -7.10 9.30 20.89
N GLU A 40 -8.23 8.63 20.70
CA GLU A 40 -8.47 7.35 21.38
C GLU A 40 -8.38 6.20 20.39
N ALA A 41 -7.27 5.47 20.45
CA ALA A 41 -7.08 4.33 19.56
C ALA A 41 -7.09 3.02 20.34
N SER A 42 -7.78 2.02 19.80
CA SER A 42 -7.86 0.72 20.45
C SER A 42 -8.16 -0.37 19.43
N ILE A 43 -7.57 -1.54 19.62
CA ILE A 43 -7.78 -2.66 18.72
C ILE A 43 -8.25 -3.87 19.51
N ASN A 44 -8.98 -4.76 18.85
CA ASN A 44 -9.50 -5.95 19.52
C ASN A 44 -8.90 -7.22 18.92
N ASN A 45 -9.16 -8.35 19.60
CA ASN A 45 -8.68 -9.68 19.20
C ASN A 45 -7.77 -9.63 17.98
N ARG A 46 -6.59 -10.22 18.11
CA ARG A 46 -5.64 -10.27 17.02
C ARG A 46 -5.47 -11.68 16.49
N LYS A 47 -4.47 -11.86 15.63
CA LYS A 47 -4.18 -13.15 15.04
C LYS A 47 -5.35 -13.64 14.17
N GLY A 48 -5.99 -12.70 13.48
CA GLY A 48 -7.09 -13.04 12.58
C GLY A 48 -8.33 -12.18 12.81
N LYS A 49 -8.44 -11.60 14.00
CA LYS A 49 -9.60 -10.75 14.30
C LYS A 49 -9.15 -9.35 14.67
N LEU A 50 -7.99 -8.93 14.16
CA LEU A 50 -7.47 -7.62 14.48
C LEU A 50 -8.28 -6.51 13.81
N ILE A 51 -8.77 -5.61 14.64
CA ILE A 51 -9.55 -4.49 14.17
C ILE A 51 -9.01 -3.20 14.78
N PHE A 52 -9.10 -2.10 14.06
CA PHE A 52 -8.58 -0.83 14.56
C PHE A 52 -9.67 0.23 14.70
N PHE A 53 -9.87 0.72 15.92
CA PHE A 53 -10.85 1.76 16.17
C PHE A 53 -10.17 3.03 16.68
N TYR A 54 -10.37 4.14 15.98
CA TYR A 54 -9.78 5.42 16.38
C TYR A 54 -10.79 6.54 16.21
N GLU A 55 -10.82 7.45 17.17
CA GLU A 55 -11.75 8.57 17.10
C GLU A 55 -11.16 9.83 17.74
N TRP A 56 -10.72 10.77 16.89
CA TRP A 56 -10.15 12.04 17.34
C TRP A 56 -9.40 12.76 16.21
N SER A 57 -8.49 13.66 16.56
CA SER A 57 -7.76 14.41 15.54
C SER A 57 -6.28 14.61 15.88
N VAL A 58 -5.49 14.85 14.82
CA VAL A 58 -4.06 15.10 14.97
C VAL A 58 -3.77 16.54 14.57
N LYS A 59 -2.76 17.16 15.16
CA LYS A 59 -2.47 18.56 14.84
C LYS A 59 -0.98 18.85 14.63
N LEU A 60 -0.67 19.45 13.47
CA LEU A 60 0.71 19.83 13.15
C LEU A 60 0.71 21.09 12.28
N ASN A 61 1.91 21.55 11.94
CA ASN A 61 2.05 22.75 11.11
C ASN A 61 3.26 22.65 10.17
N TRP A 62 3.24 23.43 9.09
CA TRP A 62 4.35 23.43 8.12
C TRP A 62 4.59 24.83 7.56
N THR A 63 5.64 24.97 6.75
CA THR A 63 5.97 26.25 6.15
C THR A 63 5.98 26.16 4.64
N GLY A 64 5.43 27.19 3.99
CA GLY A 64 5.38 27.24 2.53
C GLY A 64 6.08 28.50 2.02
N THR A 65 7.32 28.34 1.60
CA THR A 65 8.09 29.46 1.07
C THR A 65 7.74 29.71 -0.39
N SER A 66 7.75 30.97 -0.79
CA SER A 66 7.41 31.32 -2.17
C SER A 66 8.59 31.98 -2.88
N LYS A 67 8.73 31.68 -4.16
CA LYS A 67 9.80 32.27 -4.95
C LYS A 67 9.66 33.78 -4.92
N SER A 68 8.42 34.23 -4.73
CA SER A 68 8.15 35.66 -4.65
C SER A 68 8.91 36.26 -3.48
N GLY A 69 9.23 35.42 -2.50
CA GLY A 69 9.97 35.85 -1.32
C GLY A 69 9.05 35.92 -0.10
N VAL A 70 7.97 35.15 -0.12
CA VAL A 70 7.04 35.15 1.00
C VAL A 70 6.99 33.79 1.69
N GLN A 71 7.07 33.81 3.02
CA GLN A 71 6.99 32.59 3.80
C GLN A 71 5.72 32.61 4.64
N TYR A 72 5.04 31.48 4.71
CA TYR A 72 3.82 31.41 5.49
C TYR A 72 3.70 30.05 6.14
N LYS A 73 3.24 30.04 7.38
CA LYS A 73 3.09 28.78 8.09
C LYS A 73 1.62 28.43 8.23
N GLY A 74 1.22 27.38 7.53
CA GLY A 74 -0.17 26.94 7.56
C GLY A 74 -0.39 25.92 8.68
N HIS A 75 -1.66 25.58 8.90
CA HIS A 75 -2.02 24.61 9.93
C HIS A 75 -2.84 23.48 9.34
N VAL A 76 -2.55 22.26 9.76
CA VAL A 76 -3.28 21.09 9.26
C VAL A 76 -3.75 20.22 10.41
N GLU A 77 -5.02 19.86 10.38
CA GLU A 77 -5.59 19.01 11.42
C GLU A 77 -6.64 18.07 10.83
N ILE A 78 -6.55 16.79 11.16
CA ILE A 78 -7.53 15.83 10.66
C ILE A 78 -8.61 15.63 11.72
N PRO A 79 -9.86 15.92 11.42
CA PRO A 79 -10.96 15.80 12.41
C PRO A 79 -11.10 14.40 13.02
N ASN A 80 -12.31 14.11 13.50
CA ASN A 80 -12.61 12.84 14.16
C ASN A 80 -12.57 11.64 13.21
N LEU A 81 -11.68 11.68 12.22
CA LEU A 81 -11.57 10.56 11.29
C LEU A 81 -11.12 9.32 12.05
N SER A 82 -11.65 8.16 11.65
CA SER A 82 -11.31 6.91 12.32
C SER A 82 -10.53 5.97 11.40
N ASP A 83 -9.62 5.20 12.00
CA ASP A 83 -8.80 4.26 11.24
C ASP A 83 -9.58 3.00 10.91
N GLU A 84 -10.88 3.01 11.21
CA GLU A 84 -11.73 1.86 10.93
C GLU A 84 -11.71 1.57 9.44
N ASN A 85 -11.26 2.57 8.68
CA ASN A 85 -11.17 2.46 7.24
C ASN A 85 -9.77 2.83 6.78
N SER A 86 -9.52 2.77 5.48
CA SER A 86 -8.20 3.11 4.95
C SER A 86 -7.77 4.47 5.48
N VAL A 87 -6.54 4.54 5.98
CA VAL A 87 -6.02 5.79 6.51
C VAL A 87 -5.89 6.85 5.43
N ASP A 88 -5.43 6.42 4.26
CA ASP A 88 -5.25 7.34 3.13
C ASP A 88 -6.54 8.10 2.83
N GLU A 89 -7.68 7.45 3.07
CA GLU A 89 -8.97 8.07 2.79
C GLU A 89 -9.34 9.11 3.84
N VAL A 90 -8.57 9.15 4.94
CA VAL A 90 -8.87 10.11 5.99
C VAL A 90 -8.84 11.53 5.46
N GLU A 91 -9.78 12.34 5.92
CA GLU A 91 -9.86 13.72 5.50
C GLU A 91 -8.92 14.58 6.32
N ILE A 92 -7.93 15.14 5.65
CA ILE A 92 -6.95 15.99 6.32
C ILE A 92 -7.18 17.45 5.97
N SER A 93 -7.15 18.30 6.98
CA SER A 93 -7.37 19.73 6.75
C SER A 93 -6.05 20.43 6.46
N VAL A 94 -6.07 21.33 5.49
CA VAL A 94 -4.87 22.06 5.10
C VAL A 94 -5.14 23.55 5.03
N SER A 95 -4.24 24.34 5.60
CA SER A 95 -4.38 25.79 5.58
C SER A 95 -3.04 26.45 5.31
N LEU A 96 -2.47 26.15 4.15
CA LEU A 96 -1.17 26.69 3.76
C LEU A 96 -1.27 27.49 2.48
N ALA A 97 -0.57 28.62 2.44
CA ALA A 97 -0.54 29.47 1.25
C ALA A 97 -1.92 30.01 0.90
N LYS A 98 -2.96 29.43 1.48
CA LYS A 98 -4.32 29.90 1.19
C LYS A 98 -4.39 31.41 1.38
N ASP A 99 -3.64 31.90 2.36
CA ASP A 99 -3.62 33.32 2.65
C ASP A 99 -2.41 33.99 2.00
N GLU A 100 -1.45 33.17 1.56
CA GLU A 100 -0.24 33.71 0.94
C GLU A 100 -0.24 33.47 -0.58
N PRO A 101 0.33 34.39 -1.34
CA PRO A 101 0.38 34.31 -2.84
C PRO A 101 0.96 33.00 -3.39
N ASP A 102 1.63 32.22 -2.56
CA ASP A 102 2.24 30.97 -3.04
C ASP A 102 1.18 30.00 -3.57
N THR A 103 0.05 29.93 -2.87
CA THR A 103 -1.06 29.05 -3.26
C THR A 103 -0.60 27.78 -3.98
N ASN A 104 -0.24 27.91 -5.26
CA ASN A 104 0.19 26.74 -6.02
C ASN A 104 1.09 25.86 -5.17
N LEU A 105 1.85 26.49 -4.30
CA LEU A 105 2.74 25.75 -3.41
C LEU A 105 1.97 24.72 -2.59
N VAL A 106 0.87 25.16 -1.99
CA VAL A 106 0.06 24.25 -1.19
C VAL A 106 -0.42 23.08 -2.03
N ALA A 107 -0.63 23.33 -3.33
CA ALA A 107 -1.06 22.27 -4.22
C ALA A 107 -0.04 21.15 -4.16
N LEU A 108 1.23 21.53 -4.06
CA LEU A 108 2.29 20.53 -3.96
C LEU A 108 2.16 19.76 -2.66
N MET A 109 1.87 20.49 -1.59
CA MET A 109 1.70 19.85 -0.28
C MET A 109 0.59 18.83 -0.36
N LYS A 110 -0.42 19.12 -1.15
CA LYS A 110 -1.53 18.20 -1.33
C LYS A 110 -1.03 16.93 -2.01
N GLU A 111 0.03 17.06 -2.79
CA GLU A 111 0.60 15.91 -3.50
C GLU A 111 1.92 15.47 -2.88
N GLU A 112 2.37 16.20 -1.87
CA GLU A 112 3.64 15.88 -1.21
C GLU A 112 3.53 15.97 0.29
N GLY A 113 2.75 16.93 0.77
CA GLY A 113 2.56 17.11 2.20
C GLY A 113 1.55 16.09 2.71
N VAL A 114 0.32 16.25 2.28
CA VAL A 114 -0.73 15.34 2.67
C VAL A 114 -0.33 13.94 2.23
N LYS A 115 0.22 13.87 1.03
CA LYS A 115 0.67 12.60 0.47
C LYS A 115 1.65 11.93 1.41
N LEU A 116 2.59 12.70 1.95
CA LEU A 116 3.56 12.13 2.87
C LEU A 116 2.82 11.39 3.98
N LEU A 117 1.69 11.94 4.39
CA LEU A 117 0.89 11.31 5.43
C LEU A 117 0.50 9.92 4.95
N ARG A 118 0.24 9.81 3.64
CA ARG A 118 -0.10 8.51 3.10
C ARG A 118 0.96 7.52 3.51
N GLU A 119 2.20 7.99 3.51
CA GLU A 119 3.30 7.14 3.95
C GLU A 119 3.06 6.75 5.39
N ALA A 120 2.39 7.65 6.13
CA ALA A 120 2.07 7.38 7.52
C ALA A 120 1.23 6.12 7.60
N MET A 121 0.38 5.92 6.60
CA MET A 121 -0.46 4.73 6.56
C MET A 121 0.42 3.50 6.43
N GLY A 122 1.53 3.63 5.70
CA GLY A 122 2.44 2.51 5.50
C GLY A 122 2.92 1.93 6.83
N ILE A 123 3.49 2.79 7.68
CA ILE A 123 4.01 2.34 8.97
C ILE A 123 2.87 2.10 9.97
N TYR A 124 1.86 2.95 9.92
CA TYR A 124 0.73 2.83 10.84
C TYR A 124 0.11 1.44 10.71
N ILE A 125 -0.07 0.99 9.48
CA ILE A 125 -0.64 -0.33 9.23
C ILE A 125 0.39 -1.41 9.49
N SER A 126 1.57 -1.21 8.93
CA SER A 126 2.65 -2.19 9.05
C SER A 126 3.19 -2.29 10.48
N THR A 127 3.70 -1.18 11.00
CA THR A 127 4.28 -1.19 12.35
C THR A 127 3.27 -1.56 13.42
N LEU A 128 2.09 -0.97 13.37
CA LEU A 128 1.07 -1.26 14.38
C LEU A 128 0.73 -2.74 14.40
N LYS A 129 0.64 -3.35 13.22
CA LYS A 129 0.30 -4.77 13.14
C LYS A 129 1.54 -5.66 13.03
N THR A 130 2.72 -5.06 13.05
CA THR A 130 3.95 -5.82 12.95
C THR A 130 4.65 -5.89 14.32
N GLU A 131 3.85 -6.03 15.36
CA GLU A 131 4.39 -6.10 16.72
C GLU A 131 3.50 -7.00 17.59
N PHE A 132 2.40 -6.44 18.07
CA PHE A 132 1.47 -7.19 18.91
C PHE A 132 0.90 -8.39 18.16
N THR A 133 0.79 -8.26 16.84
CA THR A 133 0.24 -9.34 16.02
C THR A 133 1.17 -9.63 14.84
N GLN A 134 1.09 -10.84 14.31
CA GLN A 134 1.93 -11.23 13.19
C GLN A 134 1.08 -11.91 12.11
N GLY A 135 -0.01 -11.25 11.71
CA GLY A 135 -0.88 -11.80 10.69
C GLY A 135 -0.10 -12.14 9.42
N MET A 136 0.90 -11.32 9.12
CA MET A 136 1.72 -11.57 7.94
C MET A 136 2.98 -12.35 8.31
N ILE A 137 3.02 -13.61 7.91
CA ILE A 137 4.16 -14.46 8.22
C ILE A 137 4.84 -14.93 6.93
N LEU A 138 6.14 -15.17 7.01
CA LEU A 138 6.90 -15.63 5.85
C LEU A 138 7.77 -16.83 6.22
N PRO A 139 7.19 -17.99 6.32
CA PRO A 139 7.91 -19.24 6.66
C PRO A 139 8.79 -19.73 5.51
N THR A 140 9.92 -20.33 5.85
CA THR A 140 10.83 -20.85 4.84
C THR A 140 11.20 -22.29 5.17
N MET A 141 11.50 -23.07 4.14
CA MET A 141 11.86 -24.47 4.34
C MET A 141 12.24 -25.12 3.02
N ASN A 142 13.15 -26.09 3.07
CA ASN A 142 13.59 -26.78 1.87
C ASN A 142 12.95 -28.17 1.79
N GLY A 143 11.98 -28.32 0.90
CA GLY A 143 11.30 -29.61 0.74
C GLY A 143 12.02 -30.47 -0.30
N GLU A 144 11.46 -31.65 -0.56
CA GLU A 144 12.03 -32.56 -1.53
C GLU A 144 10.93 -33.11 -2.43
N SER A 145 11.29 -33.42 -3.67
CA SER A 145 10.30 -33.95 -4.60
C SER A 145 10.73 -35.32 -5.12
N VAL A 146 9.75 -36.14 -5.50
CA VAL A 146 10.04 -37.47 -6.02
C VAL A 146 9.23 -37.73 -7.28
N ASP A 147 9.84 -38.45 -8.22
CA ASP A 147 9.17 -38.76 -9.48
C ASP A 147 8.07 -39.79 -9.25
N PRO A 148 7.05 -39.79 -10.08
CA PRO A 148 5.92 -40.75 -9.97
C PRO A 148 6.41 -42.19 -9.86
N VAL A 149 5.70 -43.01 -9.10
CA VAL A 149 6.06 -44.40 -8.92
C VAL A 149 4.82 -45.27 -8.92
N GLY A 150 4.84 -46.36 -8.15
CA GLY A 150 3.68 -47.22 -8.07
C GLY A 150 2.73 -46.68 -7.02
N GLN A 151 1.59 -46.17 -7.47
CA GLN A 151 0.61 -45.60 -6.56
C GLN A 151 -0.79 -46.10 -6.89
N PRO A 152 -1.09 -47.33 -6.52
CA PRO A 152 -2.42 -47.95 -6.77
C PRO A 152 -3.48 -47.43 -5.79
N ALA A 153 -3.62 -46.11 -5.72
CA ALA A 153 -4.60 -45.50 -4.83
C ALA A 153 -5.90 -45.21 -5.58
N LEU A 154 -7.02 -45.50 -4.92
CA LEU A 154 -8.33 -45.27 -5.54
C LEU A 154 -8.93 -43.95 -5.04
N LYS A 155 -9.56 -43.22 -5.96
CA LYS A 155 -10.17 -41.94 -5.60
C LYS A 155 -11.63 -42.13 -5.22
N THR A 156 -12.04 -41.55 -4.10
CA THR A 156 -13.42 -41.67 -3.65
C THR A 156 -14.04 -40.29 -3.47
N GLU A 157 -15.36 -40.23 -3.46
CA GLU A 157 -16.07 -38.97 -3.29
C GLU A 157 -16.91 -38.98 -2.02
N GLU A 158 -17.10 -37.81 -1.42
CA GLU A 158 -17.88 -37.70 -0.20
C GLU A 158 -19.11 -36.82 -0.43
N ARG A 159 -20.17 -37.06 0.32
CA ARG A 159 -21.40 -36.30 0.18
C ARG A 159 -21.11 -34.81 0.39
N LYS A 160 -20.19 -34.51 1.31
CA LYS A 160 -19.84 -33.14 1.61
C LYS A 160 -18.38 -32.87 1.25
N ALA A 161 -18.09 -31.65 0.82
CA ALA A 161 -16.73 -31.28 0.45
C ALA A 161 -16.54 -29.78 0.58
N LYS A 162 -15.39 -29.36 1.08
CA LYS A 162 -15.11 -27.94 1.25
C LYS A 162 -15.03 -27.25 -0.11
N PRO A 163 -14.38 -27.86 -1.05
CA PRO A 163 -14.22 -27.29 -2.42
C PRO A 163 -15.53 -27.29 -3.21
N ALA A 164 -15.73 -26.27 -4.03
CA ALA A 164 -16.94 -26.17 -4.84
C ALA A 164 -16.58 -25.99 -6.31
N PRO A 165 -16.29 -27.06 -6.99
CA PRO A 165 -15.93 -27.02 -8.43
C PRO A 165 -17.11 -26.61 -9.31
N SER A 166 -18.32 -26.80 -8.79
CA SER A 166 -19.52 -26.44 -9.53
C SER A 166 -20.36 -25.43 -8.75
N LYS A 167 -21.03 -24.55 -9.48
CA LYS A 167 -21.86 -23.52 -8.84
C LYS A 167 -23.31 -23.99 -8.74
N THR A 168 -23.93 -23.73 -7.60
CA THR A 168 -25.32 -24.13 -7.40
C THR A 168 -26.17 -22.94 -7.00
N GLN A 169 -27.49 -23.07 -7.16
CA GLN A 169 -28.40 -22.00 -6.81
C GLN A 169 -29.33 -22.43 -5.68
N ALA A 170 -29.77 -21.47 -4.88
CA ALA A 170 -30.66 -21.76 -3.75
C ALA A 170 -32.09 -21.42 -4.10
N ARG A 171 -33.02 -22.28 -3.70
CA ARG A 171 -34.43 -22.06 -3.97
C ARG A 171 -35.26 -22.23 -2.71
N PRO A 172 -35.25 -21.25 -1.85
CA PRO A 172 -36.01 -21.29 -0.57
C PRO A 172 -37.52 -21.17 -0.80
N VAL A 173 -38.28 -21.91 0.00
CA VAL A 173 -39.74 -21.90 -0.13
C VAL A 173 -40.38 -21.56 1.22
N GLY A 174 -41.53 -20.91 1.16
CA GLY A 174 -42.25 -20.53 2.37
C GLY A 174 -43.14 -21.68 2.86
N VAL A 175 -43.86 -21.43 3.95
CA VAL A 175 -44.76 -22.44 4.50
C VAL A 175 -46.14 -21.85 4.71
N LYS A 176 -47.16 -22.71 4.72
CA LYS A 176 -48.52 -22.23 4.91
C LYS A 176 -48.63 -21.61 6.30
N ILE A 177 -47.93 -20.50 6.47
CA ILE A 177 -47.92 -19.80 7.75
C ILE A 177 -48.94 -18.66 7.73
N PRO A 178 -49.68 -18.44 8.80
CA PRO A 178 -50.66 -17.31 8.85
C PRO A 178 -50.00 -16.04 8.37
N THR A 179 -50.78 -15.04 7.98
CA THR A 179 -50.17 -13.78 7.55
C THR A 179 -51.17 -12.62 7.62
N CYS A 180 -50.65 -11.40 7.62
CA CYS A 180 -51.50 -10.21 7.69
C CYS A 180 -50.79 -9.00 7.08
N LYS A 181 -51.50 -7.87 7.04
CA LYS A 181 -50.93 -6.64 6.48
C LYS A 181 -50.47 -5.69 7.57
N ILE A 182 -49.30 -5.09 7.36
CA ILE A 182 -48.74 -4.14 8.32
C ILE A 182 -48.44 -2.81 7.65
N THR A 183 -49.47 -2.19 7.09
CA THR A 183 -49.30 -0.91 6.41
C THR A 183 -49.18 0.22 7.44
N LEU A 184 -48.12 1.00 7.31
CA LEU A 184 -47.88 2.11 8.22
C LEU A 184 -47.61 3.40 7.43
N LYS A 185 -48.15 4.52 7.90
CA LYS A 185 -47.91 5.80 7.22
C LYS A 185 -47.43 6.82 8.24
N GLU A 186 -46.12 7.07 8.24
CA GLU A 186 -45.54 8.01 9.18
C GLU A 186 -44.85 9.17 8.47
N THR A 187 -44.89 10.35 9.10
CA THR A 187 -44.26 11.53 8.53
C THR A 187 -42.91 11.75 9.19
N PHE A 188 -41.91 12.10 8.39
CA PHE A 188 -40.56 12.32 8.91
C PHE A 188 -40.13 13.77 8.78
N LEU A 189 -39.51 14.25 9.84
CA LEU A 189 -39.02 15.62 9.88
C LEU A 189 -37.76 15.76 9.03
N THR A 190 -37.65 14.90 8.03
CA THR A 190 -36.50 14.92 7.13
C THR A 190 -36.95 14.77 5.69
N SER A 191 -36.06 15.09 4.76
CA SER A 191 -36.39 14.98 3.35
C SER A 191 -36.39 13.51 2.95
N PRO A 192 -37.13 13.15 1.92
CA PRO A 192 -37.19 11.74 1.45
C PRO A 192 -35.81 11.17 1.15
N GLU A 193 -34.94 12.02 0.63
CA GLU A 193 -33.58 11.60 0.30
C GLU A 193 -32.83 11.17 1.56
N GLU A 194 -32.98 11.95 2.63
CA GLU A 194 -32.30 11.65 3.88
C GLU A 194 -32.80 10.33 4.50
N LEU A 195 -34.12 10.17 4.55
CA LEU A 195 -34.70 8.96 5.11
C LEU A 195 -34.30 7.73 4.30
N TYR A 196 -34.20 7.93 3.00
CA TYR A 196 -33.84 6.85 2.08
C TYR A 196 -32.52 6.19 2.47
N ARG A 197 -31.55 7.02 2.79
CA ARG A 197 -30.22 6.53 3.18
C ARG A 197 -30.31 5.69 4.45
N VAL A 198 -31.19 6.11 5.36
CA VAL A 198 -31.35 5.42 6.62
C VAL A 198 -31.78 3.99 6.37
N PHE A 199 -32.58 3.79 5.35
CA PHE A 199 -33.05 2.47 5.00
C PHE A 199 -32.13 1.78 4.01
N THR A 200 -31.19 2.53 3.44
CA THR A 200 -30.28 1.93 2.47
C THR A 200 -28.81 2.16 2.84
N THR A 201 -28.56 2.56 4.09
CA THR A 201 -27.19 2.77 4.53
C THR A 201 -26.96 2.00 5.82
N GLN A 202 -26.07 1.02 5.74
CA GLN A 202 -25.77 0.15 6.88
C GLN A 202 -25.43 0.94 8.14
N GLU A 203 -24.51 1.89 8.02
CA GLU A 203 -24.10 2.69 9.17
C GLU A 203 -25.30 3.35 9.82
N LEU A 204 -26.13 3.94 8.98
CA LEU A 204 -27.33 4.64 9.45
C LEU A 204 -28.28 3.66 10.12
N VAL A 205 -28.34 2.45 9.60
CA VAL A 205 -29.21 1.43 10.18
C VAL A 205 -28.67 1.06 11.54
N GLN A 206 -27.36 0.94 11.60
CA GLN A 206 -26.69 0.62 12.84
C GLN A 206 -26.87 1.76 13.83
N ALA A 207 -27.28 2.91 13.31
CA ALA A 207 -27.48 4.09 14.14
C ALA A 207 -28.80 4.03 14.89
N PHE A 208 -29.92 3.91 14.17
CA PHE A 208 -31.20 3.87 14.83
C PHE A 208 -31.51 2.50 15.42
N THR A 209 -30.71 1.49 15.08
CA THR A 209 -30.92 0.16 15.62
C THR A 209 -30.14 0.00 16.91
N HIS A 210 -29.32 0.99 17.22
CA HIS A 210 -28.51 0.97 18.43
C HIS A 210 -27.89 -0.42 18.62
N ALA A 211 -27.76 -1.12 17.51
CA ALA A 211 -27.18 -2.45 17.52
C ALA A 211 -26.41 -2.70 16.22
N PRO A 212 -25.75 -3.82 16.11
CA PRO A 212 -24.98 -4.16 14.90
C PRO A 212 -25.90 -4.48 13.74
N ALA A 213 -25.64 -3.86 12.61
CA ALA A 213 -26.47 -4.10 11.43
C ALA A 213 -25.61 -4.24 10.18
N THR A 214 -26.14 -5.03 9.25
CA THR A 214 -25.49 -5.27 7.97
C THR A 214 -26.47 -4.93 6.87
N LEU A 215 -26.06 -4.07 5.94
CA LEU A 215 -26.98 -3.68 4.89
C LEU A 215 -26.33 -3.57 3.51
N GLU A 216 -27.01 -4.14 2.52
CA GLU A 216 -26.57 -4.09 1.15
C GLU A 216 -27.61 -3.32 0.35
N ALA A 217 -27.27 -2.12 -0.10
CA ALA A 217 -28.23 -1.34 -0.85
C ALA A 217 -28.17 -1.66 -2.34
N ASP A 218 -28.84 -2.75 -2.71
CA ASP A 218 -28.88 -3.20 -4.08
C ASP A 218 -30.07 -4.12 -4.29
N ARG A 219 -30.52 -4.26 -5.53
CA ARG A 219 -31.65 -5.13 -5.79
C ARG A 219 -31.29 -6.55 -5.43
N GLY A 220 -31.81 -6.99 -4.30
CA GLY A 220 -31.54 -8.32 -3.80
C GLY A 220 -30.53 -8.19 -2.67
N GLY A 221 -30.18 -6.95 -2.34
CA GLY A 221 -29.24 -6.70 -1.27
C GLY A 221 -29.75 -7.34 0.00
N LYS A 222 -28.84 -7.76 0.86
CA LYS A 222 -29.26 -8.41 2.10
C LYS A 222 -29.08 -7.48 3.28
N PHE A 223 -30.16 -7.22 3.98
CA PHE A 223 -30.10 -6.37 5.16
C PHE A 223 -30.40 -7.16 6.40
N HIS A 224 -29.48 -7.04 7.34
CA HIS A 224 -29.56 -7.73 8.62
C HIS A 224 -29.43 -6.68 9.71
N MET A 225 -30.32 -6.67 10.68
CA MET A 225 -30.25 -5.64 11.70
C MET A 225 -30.62 -6.15 13.08
N VAL A 226 -30.61 -5.21 14.04
CA VAL A 226 -30.94 -5.52 15.43
C VAL A 226 -30.21 -6.77 15.88
N ASP A 227 -28.90 -6.64 16.06
CA ASP A 227 -28.09 -7.78 16.48
C ASP A 227 -28.38 -8.96 15.58
N GLY A 228 -28.75 -8.65 14.35
CA GLY A 228 -29.04 -9.65 13.35
C GLY A 228 -30.37 -10.34 13.59
N ASN A 229 -31.18 -9.80 14.50
CA ASN A 229 -32.47 -10.38 14.79
C ASN A 229 -33.44 -10.13 13.64
N VAL A 230 -33.10 -9.13 12.82
CA VAL A 230 -33.92 -8.79 11.67
C VAL A 230 -33.13 -9.02 10.40
N SER A 231 -33.76 -9.65 9.43
CA SER A 231 -33.09 -9.93 8.16
C SER A 231 -34.07 -9.87 7.00
N GLY A 232 -33.53 -9.73 5.79
CA GLY A 232 -34.37 -9.67 4.60
C GLY A 232 -33.57 -9.26 3.37
N GLU A 233 -34.26 -9.06 2.25
CA GLU A 233 -33.61 -8.67 1.03
C GLU A 233 -34.36 -7.55 0.35
N PHE A 234 -33.66 -6.81 -0.50
CA PHE A 234 -34.28 -5.73 -1.23
C PHE A 234 -34.77 -6.22 -2.59
N THR A 235 -36.07 -6.21 -2.77
CA THR A 235 -36.65 -6.64 -4.04
C THR A 235 -36.60 -5.48 -5.03
N ASP A 236 -36.56 -4.26 -4.50
CA ASP A 236 -36.50 -3.07 -5.34
C ASP A 236 -35.90 -1.91 -4.56
N LEU A 237 -35.17 -1.06 -5.26
CA LEU A 237 -34.59 0.11 -4.63
C LEU A 237 -34.58 1.28 -5.61
N VAL A 238 -35.57 2.15 -5.48
CA VAL A 238 -35.65 3.31 -6.34
C VAL A 238 -35.06 4.50 -5.58
N PRO A 239 -34.07 5.18 -6.12
CA PRO A 239 -33.41 6.31 -5.42
C PRO A 239 -34.38 7.29 -4.76
N GLU A 240 -34.48 7.19 -3.43
CA GLU A 240 -35.34 8.09 -2.67
C GLU A 240 -36.77 8.11 -3.18
N LYS A 241 -37.16 7.06 -3.87
CA LYS A 241 -38.49 7.02 -4.43
C LYS A 241 -39.31 5.83 -3.93
N HIS A 242 -38.70 4.65 -3.87
CA HIS A 242 -39.46 3.47 -3.46
C HIS A 242 -38.57 2.26 -3.23
N ILE A 243 -38.91 1.49 -2.22
CA ILE A 243 -38.15 0.30 -1.90
C ILE A 243 -39.04 -0.89 -1.63
N VAL A 244 -38.76 -1.99 -2.32
CA VAL A 244 -39.50 -3.22 -2.10
C VAL A 244 -38.53 -4.21 -1.48
N MET A 245 -38.88 -4.72 -0.31
CA MET A 245 -37.99 -5.64 0.35
C MET A 245 -38.75 -6.72 1.11
N LYS A 246 -38.04 -7.81 1.36
CA LYS A 246 -38.58 -8.93 2.11
C LYS A 246 -38.12 -8.73 3.56
N TRP A 247 -38.93 -9.12 4.52
CA TRP A 247 -38.56 -8.86 5.91
C TRP A 247 -38.94 -9.99 6.86
N ARG A 248 -38.17 -10.13 7.95
CA ARG A 248 -38.46 -11.15 8.94
C ARG A 248 -37.73 -10.93 10.27
N PHE A 249 -38.13 -11.73 11.24
CA PHE A 249 -37.54 -11.72 12.56
C PHE A 249 -36.74 -13.00 12.73
N LYS A 250 -35.75 -12.99 13.59
CA LYS A 250 -34.96 -14.19 13.81
C LYS A 250 -35.81 -15.29 14.43
N SER A 251 -37.00 -14.92 14.88
CA SER A 251 -37.91 -15.89 15.49
C SER A 251 -38.91 -16.44 14.47
N TRP A 252 -38.78 -16.00 13.24
CA TRP A 252 -39.68 -16.44 12.18
C TRP A 252 -39.21 -17.74 11.54
N PRO A 253 -40.11 -18.48 10.93
CA PRO A 253 -39.73 -19.75 10.27
C PRO A 253 -38.65 -19.51 9.22
N GLU A 254 -37.70 -20.43 9.15
CA GLU A 254 -36.57 -20.34 8.23
C GLU A 254 -36.87 -19.49 7.00
N GLY A 255 -37.55 -20.07 6.01
CA GLY A 255 -37.86 -19.36 4.78
C GLY A 255 -39.17 -18.59 4.87
N HIS A 256 -39.29 -17.72 5.87
CA HIS A 256 -40.52 -16.94 6.03
C HIS A 256 -40.24 -15.45 6.16
N PHE A 257 -40.63 -14.71 5.14
CA PHE A 257 -40.46 -13.27 5.15
C PHE A 257 -41.76 -12.58 4.81
N ALA A 258 -41.78 -11.30 5.06
CA ALA A 258 -42.93 -10.48 4.76
C ALA A 258 -42.60 -9.52 3.62
N THR A 259 -43.51 -9.37 2.68
CA THR A 259 -43.26 -8.47 1.57
C THR A 259 -43.52 -7.04 2.01
N ILE A 260 -42.47 -6.25 2.12
CA ILE A 260 -42.61 -4.86 2.56
C ILE A 260 -42.24 -3.90 1.44
N THR A 261 -43.03 -2.84 1.30
CA THR A 261 -42.78 -1.84 0.29
C THR A 261 -42.84 -0.45 0.91
N LEU A 262 -41.76 0.29 0.71
CA LEU A 262 -41.67 1.64 1.24
C LEU A 262 -41.66 2.66 0.11
N THR A 263 -42.39 3.75 0.31
CA THR A 263 -42.44 4.80 -0.69
C THR A 263 -42.03 6.13 -0.07
N PHE A 264 -41.31 6.93 -0.84
CA PHE A 264 -40.82 8.21 -0.35
C PHE A 264 -41.57 9.38 -0.99
N ILE A 265 -42.01 10.30 -0.14
CA ILE A 265 -42.76 11.47 -0.60
C ILE A 265 -42.23 12.76 -0.03
N ASP A 266 -42.15 13.75 -0.91
CA ASP A 266 -41.70 15.06 -0.55
C ASP A 266 -42.85 15.91 -0.04
N LYS A 267 -42.80 16.29 1.23
CA LYS A 267 -43.85 17.09 1.84
C LYS A 267 -43.42 18.54 2.04
N ASN A 268 -42.34 18.92 1.39
CA ASN A 268 -41.87 20.30 1.48
C ASN A 268 -41.48 20.65 2.90
N GLY A 269 -40.56 19.87 3.46
CA GLY A 269 -40.10 20.10 4.82
C GLY A 269 -39.90 18.77 5.52
N GLU A 270 -40.83 17.86 5.25
CA GLU A 270 -40.75 16.54 5.86
C GLU A 270 -41.06 15.48 4.81
N THR A 271 -41.15 14.23 5.22
CA THR A 271 -41.42 13.16 4.26
C THR A 271 -42.46 12.19 4.77
N GLU A 272 -43.35 11.75 3.88
CA GLU A 272 -44.36 10.79 4.25
C GLU A 272 -43.98 9.42 3.70
N LEU A 273 -43.58 8.53 4.59
CA LEU A 273 -43.20 7.19 4.18
C LEU A 273 -44.42 6.30 4.13
N CYS A 274 -44.72 5.80 2.95
CA CYS A 274 -45.87 4.94 2.78
C CYS A 274 -45.44 3.47 2.81
N MET A 275 -45.73 2.83 3.93
CA MET A 275 -45.35 1.43 4.13
C MET A 275 -46.53 0.49 3.87
N GLU A 276 -46.28 -0.53 3.07
CA GLU A 276 -47.31 -1.53 2.76
C GLU A 276 -46.77 -2.91 3.02
N GLY A 277 -46.82 -3.30 4.28
CA GLY A 277 -46.31 -4.59 4.70
C GLY A 277 -47.36 -5.69 4.60
N ARG A 278 -46.94 -6.84 4.09
CA ARG A 278 -47.84 -7.98 3.95
C ARG A 278 -47.04 -9.28 4.02
N GLY A 279 -47.70 -10.34 4.47
CA GLY A 279 -47.04 -11.64 4.61
C GLY A 279 -46.59 -11.84 6.04
N ILE A 280 -46.69 -10.78 6.82
CA ILE A 280 -46.31 -10.83 8.22
C ILE A 280 -47.15 -11.88 8.94
N PRO A 281 -46.55 -12.86 9.56
CA PRO A 281 -47.32 -13.91 10.26
C PRO A 281 -48.30 -13.34 11.25
N ALA A 282 -49.53 -13.81 11.15
CA ALA A 282 -50.59 -13.35 12.04
C ALA A 282 -50.16 -13.43 13.51
N PRO A 283 -49.58 -14.52 13.96
CA PRO A 283 -49.16 -14.63 15.38
C PRO A 283 -48.13 -13.57 15.73
N GLU A 284 -47.29 -13.26 14.75
CA GLU A 284 -46.23 -12.28 14.93
C GLU A 284 -46.68 -10.90 14.48
N GLU A 285 -47.91 -10.80 13.98
CA GLU A 285 -48.42 -9.52 13.49
C GLU A 285 -48.28 -8.43 14.53
N GLU A 286 -48.80 -8.66 15.72
CA GLU A 286 -48.70 -7.65 16.76
C GLU A 286 -47.24 -7.31 17.00
N ARG A 287 -46.39 -8.33 17.02
CA ARG A 287 -44.96 -8.13 17.25
C ARG A 287 -44.31 -7.31 16.15
N THR A 288 -44.48 -7.77 14.92
CA THR A 288 -43.87 -7.09 13.77
C THR A 288 -44.16 -5.60 13.77
N ARG A 289 -45.44 -5.24 13.79
CA ARG A 289 -45.81 -3.84 13.76
C ARG A 289 -45.21 -3.09 14.95
N GLN A 290 -45.28 -3.70 16.13
CA GLN A 290 -44.74 -3.08 17.33
C GLN A 290 -43.23 -2.94 17.24
N GLY A 291 -42.58 -3.99 16.74
CA GLY A 291 -41.12 -3.99 16.61
C GLY A 291 -40.70 -3.23 15.36
N TRP A 292 -41.66 -2.63 14.67
CA TRP A 292 -41.35 -1.89 13.46
C TRP A 292 -41.06 -0.43 13.77
N GLN A 293 -42.09 0.41 13.78
CA GLN A 293 -41.92 1.84 14.04
C GLN A 293 -40.95 2.07 15.19
N ARG A 294 -41.14 1.35 16.29
CA ARG A 294 -40.28 1.49 17.46
C ARG A 294 -38.80 1.40 17.06
N TYR A 295 -38.47 0.41 16.24
CA TYR A 295 -37.11 0.24 15.79
C TYR A 295 -36.91 0.91 14.44
N TYR A 296 -38.01 1.27 13.79
CA TYR A 296 -37.93 1.90 12.47
C TYR A 296 -38.14 3.41 12.56
N PHE A 297 -39.39 3.81 12.37
CA PHE A 297 -39.75 5.21 12.37
C PHE A 297 -39.48 5.85 13.73
N GLU A 298 -40.22 5.42 14.73
CA GLU A 298 -40.04 5.95 16.06
C GLU A 298 -38.57 5.85 16.47
N GLY A 299 -37.88 4.85 15.93
CA GLY A 299 -36.45 4.68 16.22
C GLY A 299 -35.63 5.76 15.51
N ILE A 300 -35.74 5.79 14.20
CA ILE A 300 -35.02 6.77 13.40
C ILE A 300 -35.37 8.18 13.85
N LYS A 301 -36.67 8.41 14.03
CA LYS A 301 -37.14 9.71 14.44
C LYS A 301 -36.46 10.18 15.72
N GLN A 302 -36.10 9.24 16.58
CA GLN A 302 -35.44 9.59 17.83
C GLN A 302 -33.93 9.63 17.65
N THR A 303 -33.39 8.64 16.96
CA THR A 303 -31.96 8.55 16.72
C THR A 303 -31.50 9.66 15.79
N PHE A 304 -32.22 9.84 14.70
CA PHE A 304 -31.88 10.85 13.72
C PHE A 304 -32.55 12.17 14.05
N GLY A 305 -33.69 12.10 14.73
CA GLY A 305 -34.40 13.30 15.10
C GLY A 305 -35.36 13.72 14.00
N TYR A 306 -35.89 12.74 13.31
CA TYR A 306 -36.81 13.00 12.20
C TYR A 306 -38.27 12.87 12.64
N GLY A 307 -38.54 13.04 13.92
CA GLY A 307 -39.91 12.96 14.41
C GLY A 307 -40.51 14.35 14.58
N ALA A 308 -41.78 14.40 14.97
CA ALA A 308 -42.46 15.67 15.18
C ALA A 308 -42.84 15.84 16.65
#